data_6O8Y
#
_entry.id   6O8Y
#
_cell.length_a   1.00
_cell.length_b   1.00
_cell.length_c   1.00
_cell.angle_alpha   90.00
_cell.angle_beta   90.00
_cell.angle_gamma   90.00
#
_symmetry.space_group_name_H-M   'P 1'
#
loop_
_entity.id
_entity.type
_entity.pdbx_description
1 polymer '16S rRNA'
2 polymer '30S ribosomal protein S3'
3 polymer '30S ribosomal protein S4'
4 polymer '30S ribosomal protein S5'
5 polymer '30S ribosomal protein S6'
6 polymer '30S ribosomal protein S7'
7 polymer '30S ribosomal protein S8'
8 polymer '30S ribosomal protein S9'
9 polymer '30S ribosomal protein S10'
10 polymer '30S ribosomal protein S11'
11 polymer '30S ribosomal protein S12'
12 polymer '30S ribosomal protein S13'
13 polymer '30S ribosomal protein S14 type Z'
14 polymer '30S ribosomal protein S15'
15 polymer '30S ribosomal protein S16'
16 polymer '30S ribosomal protein S17'
17 polymer '30S ribosomal protein S18'
18 polymer '30S ribosomal protein S19'
19 polymer '30S ribosomal protein S20'
20 polymer '23S rRNA'
21 polymer '5S rRNA'
22 polymer '50S ribosomal protein L2'
23 polymer '50S ribosomal protein L3'
24 polymer '50S ribosomal protein L4'
25 polymer '50S ribosomal protein L5'
26 polymer '50S ribosomal protein L6'
27 polymer '50S ribosomal protein L13'
28 polymer '50S ribosomal protein L14'
29 polymer '50S ribosomal protein L15'
30 polymer '50S ribosomal protein L16'
31 polymer '50S ribosomal protein L17'
32 polymer '50S ribosomal protein L18'
33 polymer '50S ribosomal protein L19'
34 polymer '50S ribosomal protein L20'
35 polymer '50S ribosomal protein L21'
36 polymer '50S ribosomal protein L22'
37 polymer '50S ribosomal protein L23'
38 polymer '50S ribosomal protein L24'
39 polymer '50S ribosomal protein L25'
40 polymer '50S ribosomal protein L27'
41 polymer '50S ribosomal protein L28'
42 polymer '50S ribosomal protein L29'
43 polymer '50S ribosomal protein L30'
44 polymer '50S ribosomal protein L31 type B'
45 polymer '50S ribosomal protein L32'
46 polymer '50S ribosomal protein L33'
47 polymer '50S ribosomal protein L34'
48 polymer '50S ribosomal protein L35'
49 polymer '50S ribosomal protein L36'
50 non-polymer 'ZINC ION'
#
loop_
_entity_poly.entity_id
_entity_poly.type
_entity_poly.pdbx_seq_one_letter_code
_entity_poly.pdbx_strand_id
1 'polyribonucleotide'
;UGAGAGUUUGAUCCUGGCUCAGGACGAACGCUGGCGGCGUGCCUAAUACAUGCAAGUCGAACGCUUCUUUCCUUGGAAAG
AGGAGUGGCGGACGGGUGAGUAACACGUGGGUAACCUACCCAUCAGAGGGGGAUAACACUUGGAAACAGGUGCUAAUACC
GCAUAACAGUUUAUGCCGCAUGGCAUAAGAGUGAAAGGCGCUUUCGGGUGUCGCUGAUGGAUGGACCCGCGGUGCAUUAG
CUAGUUGGUGAGGUAACGGCUCACCAAGGCCACGAUGCAUAGCCGACCUGAGAGGGUGAUCGGCCACACUGGGACUGAGA
CACGGCCCAGACUCCUACGGGAGGCAGCAGUAGGGAAUCUUCGGCAAUGGACGAAAGUCUGACCGAGCAACGCCGCGUGA
GUGAAGAAGGUUUUCGGAUCGUAAAACUCUGUUGUUAGAGAAGAACAAGGACGUUAGUAACUGAACGUCCCCUGACGGUA
UCUAACCAGAAAGCCACGGCUAACUACGUGCCAGCAGCCGCGGUAAUACGUAGGUGGCAAGCGUUGUCCGGAUUUAUUGG
GCGUAAAGCGAGCGCAGGCGGUUUCUUAAGUCUGAUGUGAAAGCCCCCGGCUCAACCGGGGAGGGUCAUUGGAAACUGGG
AGACUUGAGUGCAGAAGAGGAGAGUGGAAUUCCAUGUGUAGCGGUGAAAUGCGUAGAUAUAUGGAGGAACACCAGUGGCG
AAGGCGGCUCUCUGGUCUGUAACUGACGCUGAGGCUCGAAAGCGUGGGGAGCAAACAGGAUUAGAUACCCUGGUAGUCCA
CGCCGUAAACGAUGAGUGCUAAGUGUUGGAGGGUUUCCGCCCUUCAGUGCUGCAGCAAACGCAUUAAGCACUCCGCCUGG
GGAGUACGACCGCAAGGUUGAAACUCAAAGGAAUUGACGGGGGCCCGCACAAGCGGUGGAGCAUGUGGUUUAAUUCGAAG
CAACGCGAAGAACCUUACCAGGUCUUGACAUCCUUUGACCACUCUAGAGAUAGAGCUUUCCCUUCGGGGACAAAGUGACA
GGUGGUGCAUGGUUGUCGUCAGCUCGUGUCGUGAGAUGUUGGGUUAAGUCCCGCAACGAGCGCAACCCUUAUUGUUAGUU
GCCAUCAUUUAGUUGGGCACUCUAGCGAGACUGCCGGUGACAAACCGGAGGAAGGUGGGGAUGACGUCAAAUCAUCAUGC
CCCUUAUGACCUGGGCUACACACGUGCUACAAUGGGAAGUACAACGAGUCGCUAGACCGCGAGGUCAUGCAAAUCUCUUA
AAGCUUCUCUCAGUUCGGAUUGCAGGCUGCAACUCGCCUGCAUGAAGCCGGAAUCGCUAGUAAUCGCGGAUCAGCACGCC
GCGGUGAAUACGUUCCCGGGCCUUGUACACACCGCCCGUCACACCACGAGAGUUUGUAACACCCGAAGUCGGUGAGGUAA
CCUUUUUGGAGCCAGCCGCCUAAGGUGGGAUAGAUGAUUGGGGUGAAGUCGUAACAAGGUAGCCGUAUCGGAAGGUGCGG
CUGGAUCA
;
a
2 'polypeptide(L)'
;GQKVHPIGMRVGIIRDWDAKWYAEKEYAEFLHEDLRIRKFIATKLADAAVSTIEIERAANRVNISIHTAKPGMVIGKGGS
EVENLRKELNKLTGKRVHINIVEIKKPDLDAKLVGEGIARQLENRVAFRRAQKQAIQRAMRAGAKGIKTQVSGRLNGADI
ARSEGYSEGTVPLHTLRADIDYAWEEADTTYGKLGVKVWIYRGE
;
c
3 'polypeptide(L)'
;SRYTGPSWKVSRRLGISLSGTGKELARRPYKPGQHGPNSRGKVSEYGMQLTEKQKLRHMYGMNERQFRTLFIKASKIKEG
KHGVNFMVLLEQRLDNVVYRLGLATTRRQARQLVNHGHITVDGKRVDIPSYHVEVGQVIGVREKSQNISTIKEAVEATVG
RPAFVSFDTEKLEGSFTRLPERDELYPEIDEALVVEYYNQK
;
d
4 'polypeptide(L)'
;YIDPKHLELEDRVVAINRVTKVVKGGRRLRFAALVVVGDKNGHVGFGTGKAQEVPEAIRKAIEDAKKNLVEVPMVGSTIP
HEVIGVFGGGRILMKPAVEGSGVAAGGPVRAVLELAGVADITSKSLGSNTPINVVRATVEGLKQLKRAEEVAALRGKSVE
EII
;
e
5 'polypeptide(L)'
;QDTKYEIMYIIRPNIDEEAKTALVERFDTILKDNGAEVIESKDWEKRRLAYEMNGFREGIYHIVNVTSPSTAGAINEFDR
LAKINDDIIRHMIVKVE
;
f
6 'polypeptide(L)'
;PRKGPVAKRDVLPDPIYNSKLVTRLINRVMVDGKRGIAANIIYNSFDIIKESTGNDPLEVFEQAMKNVMPVLEVKARRVG
GSNYQVPVEVRPERRTTLGLRWVVNYARLRGEHTMEERLAKEIMDAANNTGASVKKREDTHKMADANRAFAHYR
;
g
7 'polypeptide(L)'
;VMTDPIADFLTRIRNANMVKHETLEVPASKIKRDIAEILKREGFIRDVEYIEDDKQGVIRVFLKYGKNEERVITNLKRIS
KPGLRAYVKADEVPKVLNGLGIAIISTSEGVITDKEARAKNIGGEVIAYVW
;
h
8 'polypeptide(L)'
;QVQYSGTGRRKNAVARVRLVPGTGKITVNKKDVEEYIPHADLREVINQPFGVTETKGAYDVIVNVNGGGYAGQSGAIRHG
IARALLQVDPDFRSALKRAGLLTRDARMVERKKPGLKKARKASQFSKR
;
i
9 'polypeptide(L)'
;QKIRIRLKAYEHRILDQSADKIVETAKRTGADVSGPIPLPTERSLYTVIRATHKYKDSREQFEMRTHKRLIDIVNPTPKT
VDALMKLDLPSGVNIEIKL
;
j
10 'polypeptide(L)'
;KKNIESGVAHIHSTFNNTIVMITDTHGNALAWSSAGSLGFKGSKKSTPFAAQMAAEAATKVAMEHGLKTVDVTVKGPGSG
REAAIRSLQATGLEVTAIRDVTPVPHNGCRPPKRRRV
;
k
11 'polypeptide(L)'
;PTINQLVRKPRKSKVEKSDSPALNKGYNSFKKTQTNVNSPQKRGVCTRVGTMTPKKPNSALRKYARVRLSNLIEVTAYIP
GIGHNLQEHSVVLLRGGRVKDLPGVRYHIVRGALDTAGVNDRKQSRSKYGTKRPKA
;
l
12 'polypeptide(L)'
;ARIAGVDIPRDKRVVVSLTYIYGIGNTTAKKVLANVGVSEDVRVRDLTNEQTDAIRAEIDKLKVEGDLRREVNLNIKRLM
EIGSYRGIRHRRGLPTRGQNTKNNARTRKGPT
;
m
13 'polypeptide(L)' AKKSMIAKNKRPAKHSTQAYTRCERCGRPHSVYRKFHLCRICFRELAYKGQIPGVKKASW n
14 'polypeptide(L)'
;AISQERKNEIIKEYARHEGDTGSPEVQIAVLTEDINQLNEHARTHKKDHHSYRGLMKKIGHRRNLLAYLRKTDIQRYREL
IQRLGLRR
;
o
15 'polypeptide(L)'
;AVKIRLKRMGSKKSPFYRIVVADSRSPRDGRFIETVGTYNPLKDPAEVVLKEDLVLDWLSKGAQPSDTVRNILSKEGVMK
KHHEAKNVK
;
p
16 'polypeptide(L)'
;ERNQRKVYQGRVVSDKMDKTITVVVETKKNHPIYGKRMKYSKKYKAHDENNTAKVGDIVKIMETRPLSATKRFRLLEVVE
EAV
;
q
17 'polypeptide(L)' KVDYIAANHIEYIDYKDTELLKRFISERGKILPRRVTGTGAKNQRKLTIAIKRARIMGLLPFVSDE r
18 'polypeptide(L)' SLKKGPFVDDHLMKKVEAQQGAEKKKVIKTWSRRSTIFPSFVGFTIAVYDGRKHVPVYIQEDMVGHKLGEFAPTRTYR s
19 'polypeptide(L)'
;NIESAIKRVRTSANANAKNSSQTNAMRTAIKKFEEAVAAGADNVDALYNEAVKAVDMAATKGLIHKNKANRDKIRLSKLA
K
;
t
20 'polyribonucleotide'
;UUAAGUGAAUAAGGGCGCACGGUGGAUGCCUUGGCACUAGGAGCCGAUGAAGGACGGGACUAACACCGAUAUGCUUUGGG
GAGCUGUAAGUAAGCUAUGAUCCAGAGAUUUCCGAAUGGGGGAACCCAAUAUCUUUUAUAGGAUAUUACUUUUCAGUGAA
UACAUAGCUGAUUAGAGGUAGACGCAGAGAACUGAAACAUCUUAGUACCUGCAGGAAGAGAAAGAAAAUUCGAUUCCCUG
AGUAGCGGCGAGCGAAACGGGAAGAGCCCAAACCAACAAGCUUGCUUGUUGGGGUUGUAGGACUCCGAUAUGGUAGUCUG
UUAGUAUAGUUGAAGGAUUUGGAAAAUUCCGCUAAAGAGGGUGAAAGCCCCGUAGACGAAAUGCUGACAACACCUAGGAG
GAUCCUGAGUACGGCGGAACACGAGAAAUUCCGUCGGAAUCCGCGGGGACCAUCCCGCAAGGCUAAAUACUCCCUAGUGA
CCGAUAGUGAACCAGUACCGUGAGGGAAAGGUGAAAAGCACCCCGGAAGGGGAGUGAAAUAGAUCCUGAAACCGUGUGCC
UACAACAAGUCAAAGCUCGUUAAUGAGUGAUGGCGUGCCUUUUGUAGAAUGAACCGGCGAGUUACGAUUGCAUGCGAGGU
UAAGUCGAAGAGACGGAGCCGCAGCGAAAGCGAGUCUGAAUAGGGCGAAUGAGUAUGUAGUCGUAGACCCGAAACCAUGU
GAUCUACCCAUGUCCAGGUUGAAGGUGCGGUAAAACGCACUGGAGGACCGAACCCACGUACGUUGAAAAGUGCGGGGAUG
AGGUGUGGGUAGCGGAGAAAUUCCAAACGAACUUGGAGAUAGCUGGUUCUCUCCGAAAUAGCUUUAGGGCUAGCCUCGGA
AUUGAGAAUGAUGGAGGUAGAGCACUGUUUGGACUAGGGGCCCAUCGGGUUACCGAAUUCAGAUAAACUCCGAAUGCCAU
UCAUUUAUAUCCGGGAGUCAGACUGCGAGUGAUAAGAUCCGUAGUCGAAAGGGAAACAGCCCAGACCACCAGCUAAGGUC
CCAAAAUAUAUGUUAAGUGGAAAAGGAUGUGGGGUUGCACAGACAACUAGGAUGUUGGCUUAGAAGCAGCCACCAUUUAA
AGAGUGCGUAAUAGCUCACUAGUCGAGUGACCCUGCGCCGAAAAUGUACCGGGGCUAAACAUAUUACCGAAGCUGUGGAC
UACACCAUUAGGUGUAGUGGUAGGAGAGCGUUCUAAGGGCGUUGAAGGUCGAUCGUGAGGACGGCUGGAGCGCUUAGAAG
UGAGAAUGCCGGUAUGAGUAGCGAAAGACAGGUGAGAAUCCUGUCCACCGUAUGACUAAGGUUUCCUGGGGAAGGCUCGU
CCGCCCAGGGUUAGUCGGGACCUAAGCCGAGGCCGAUAGGCGUAGGCGAUGGACAACAGGUUGAUAUUCCUGUACCAGUU
GUUUUUGUUUGAGCAAUGGAGGGACGCAGUAGGCUAAGGAAUGCAUGCGAUUGGAAGUGCAUGUCCAAGCAAUGAGUCUU
GAGUAGAGUUAAAUGCUUUACUCUUUAAGGACAAGUUGUGACGGGGAGCGAAAUAGUAGCGAAGUUCCUGACGUCACACU
GCCAAGAAAAGCUUCUAGUGAGAAAACAACUGCCCGUACCGUAAACCGACACAGGUAGUCGAGGAGAGUAUCCUAAGGUG
AGCGAGCGAACUCUCGUUAAGGAACUCGGCAAAAUGACCCCGUAACUUCGGGAGAAGGGGUGCUGACUUCGGUCAGCCGC
AGUGAAUAGGCCCAAGCGACUGUUUAUCAAAAACACAGGUCUCUGCAAAAUCGUAAGAUGAAGUAUAGGGGCUGACGCCU
GCCCGGUGCUGGAAGGUUAAGAGGAUGGGUUAGCUUCGGCGAAGCUCAGAAUUGAAGCCCCAGUAAACGGCGGCCGUAAC
UAUAACGGUCCUAAGGUAGCGAAAUUCCUUGUCGGGUAAGUUCCGACCCGCACGAAAGGCGUAACGAUUUGGGCACUGUC
UCAACGAGAGACUCGGUGAAAUUUUAGUACCUGUGAAGAUGCAGGUUACCCGCGACAGGACGGAAAGACCCCAUGGAGCU
UUACUGUAGUUUGAUAUUGAGUGUUUGUACCACAUGUACAGGAUAGGUAGGAGCCGAUGAGACCGGAACGCUAGUUUCGG
AGGAGGCGCUGGUGGGAUACUACCCUUGUGUUAUGAACCCUCUAACCCGCACCACUAAUCGUGGUGGGAGACAGUGUCAG
AUGGGCAGUUUGACUGGGGCGGUCGCCUCCUAAAAGGUAACGGAGGCGCCCAAAGGUUCCCUCAGAAUGGUUGGAAAUCA
UUCGAAGAGUGUAAAGGCAGAAGGGAGCUUGACUGCGAGACCUACAAGUCGAGCAGGGACGAAAGUCGGGCUUAGUGAUC
CGGUGGUUCCGCAUGGAAGGGCCAUCGCUCAACGGAUAAAAGCUACCCUGGGGAUAACAGGCUUAUCUCCCCCAAGAGUC
CACAUCGACGGGGAGGUUUGGCACCUCGAUGUCGGCUCGUCGCAUCCUGGGGCUGUAGUCGGUCCCAAGGGUUGGGCUGU
UCGCCCAUUAAAGCGGCACGCGAGCUGGGUUCAGAACGUCGUGAGACAGUUCGGUCCCUAUCCGUCGCGGGCGUUGGAAA
UUUGAGAGGAGCUGUCCUUAGUACGAGAGGACCGGGAUGGACUUACCGCUGGUGUACCAGUUGUUCUGCCAAGGGCAUUG
CUGGGUAGCUAUGUAGGGAAGGGAUAAACGCUGAAAGCAUCUAAGUGUGAAGCCCACCUCAAGAUGAGAUUUCCCAUUUC
UUUAAGAAAGUAAGACCCCUGAGAGAUGAUCAGGUAGAUAGGUUGGAAGUGGAAGGCUAGUGAUAGUUGGAGCGGACCAA
UACUAAUCGGUCGAGGACUUAAC
;
A
21 'polyribonucleotide'
;UGUGGUGGCGAUAGCGAGAAGGAUACACCUGUUCCCAUGCCGAACACAGAAGUUAAGCUUCUUAGCGCCGAUUGUAGUGA
AGGGUUUCCCUUUGUGAGAGUAGGACGUCGCCACGC
;
B
22 'polypeptide(L)'
;AIKKYKPTTNGRRNMTSSDFAEITTSTPEKSLLQPLKNNAGRNNNGRITVRHQGGGHKRQYRVIDFKRNKDNVAAVVKTI
EYDPNRSANIALVHYEDGVKAYILAPKGLEVGMRLVSGPEADIKVGNALPLENIPVGTVIHNIEMKPGKGGQLIRSAGTS
AQVLGKEGKYVLIRLNSGEVRMILATCRATIGSVGNEQHELINIGKAGRSRWMRKRPTVRGSVMNPNDHPHGGGEGKTPI
GRKAPVSPWGQPAIGYKTRNKKAKSDKLIVRRRTK
;
C
23 'polypeptide(L)'
;TKGILGKKVGMTQIFTESGELIPVTVVEATPNVVLQVKTVETDGYEAIQVGYQDKREVLSNKPAKGHVAKANTAPKRFIK
EFKNVELGEYEVGKEIKVDVFQAGDVVDVTGTTKGKGFQGAIKRHGQSRGPMSHGSRYHRRPGSMGPVAPNRVFKNKRLA
GRMGGDRVTIQNLEVVKVDVERNVILIKGNIPGAKKSLITIKSAVKA
;
D
24 'polypeptide(L)'
;PNVALFKQDGTQNGEITLNEEIFGIEPNESVVYDAIIMQRASLRQGTHAVKNRSAVRGGGRKPWRQKGTGRARQGSIRSP
QWRGGGVVFGPTPRSYSYKLPKKVRRLAMKSVLSDKVAENNLVAVEGLSFDAPKTKEFKQVLANLSIDTKVLVVLENGND
FAALSARNLPNVSVVTSDNVSVLDVVSANKVLATQTALTQIEEVLA
;
E
25 'polypeptide(L)'
;NRLKEKYIKEVTPSLVEKFNYSSVMQTPKVDKIVINMGVGDAVSNAKNLDKAVEELALITGQKPLITKAKKSIAGFRLRE
GMPIGAKVTLRGERMYEFLDKLVTVSLPRVRDFHGVSKKAFDGRGNYTLGIKEQLIFPEVDYDLVDKVRGMDIVIVTTAN
TDEESRELLAQLGMPFQ
;
F
26 'polypeptide(L)'
;SRIGNKVVVLPAGVEIKQDGNNITVKGPKGELTREFSSDIKMNIEGNEVTFTRPNDSKEMKTIHGTTRANFNNMVVGVSE
GFQKALELIGVGYRAQVQGNKLTLNVGYSHPVEMTAPEGVTFEVPANTQVIVKGINKEVVGELAANIRGVRPPEPYKGKG
IRYVGEFVRRKEGKTG
;
G
27 'polypeptide(L)'
;MRTTYMAKAGEVERKWYVVDATDVPLGRLSAVVASVLRGKNKPTFTPHVDTGDFVIVINADKVKLTGKKATDKIYYRHSM
YPGGLKSVTAGELRDKNSRRLIETSVKGMLPKNTLGRKQFTKLNVYGGAEHPHAAQQPEVLDITN
;
K
28 'polypeptide(L)'
;MIQQESRLRVADNSGAREILTIKVLGGSGRKTANIGDVIVATVKQATPGGVVKKGEVVKAVIVRTKSGARRADGSYIKFD
ENAAVIIRDDKSPRGTRIFGPVARELRENNFMKIVSLAPEVL
;
L
29 'polypeptide(L)'
;MKLHELKPAEGSRQVRNRVGRGTSSGNGKTAGRGQKGQKARSGGGVRLGFEGGQTPLFRRLPKRGFTNINRKDYAVVNLD
TLNRFEDGTEVTPVVLKEAGIVKNEKAGIKVLADGELTKKLTVKAAKFSKSAQEAIEAAGGSIEVI
;
M
30 'polypeptide(L)'
;MLVPKRVKHRREFRGKMRGEAKGGKEVAFGEWGLQATESHWITNRQIEAARIAMTRYMKRGGKVWIKIFPHKSYTSKAIG
VRMGKGKGAPEGWVSPVKRGKIMFEIAGVPEEVAREALRLASHKLPVKTKIVKREEMGGES
;
N
31 'polypeptide(L)'
;RKLGRTSSQRKAMLRDITTDLIINERIVTTEARAKEVRSTVEKMITLGKRGDLHARRQAATFVRNEVASVREEDESIVVE
SALQKLFNDLGPRFAERQGGYTRILKTEPRRGDAAPMVVIEFV
;
O
32 'polypeptide(L)'
;ITKPDKNKTRQKRHRRVRNKISGTAECPRLNIFRSNKNIYAQVIDDVAGVTLASASALDKEISGGTKTETAAAVGKLVAE
RAAEKGIKKVVFDRGGYLYHGRVQALAEAARENGLEF
;
P
33 'polypeptide(L)'
;NPLIQELTQEQLRTDIPAFRPGDTVRVHAKVVEGTRERIQLFEGVVIKRRGAGISETYTVRKVSNGVGVERTFPLHTPRV
AQIEVVRYGKVRRAKLYYLRALHGKAARIKEIRR
;
Q
34 'polypeptide(L)'
;ARVKGGTVTRKRRKKVLKLAKGYYGSKHTLFKSAKEQVMNSYYYAFRDRRQKKRDFRKLWIARINAAARMNGLSYSKLMH
GLKLAEIDINRKMLADLAVNDAAAFTALAEQAKDALSK
;
R
35 'polypeptide(L)'
;MYAIIKTGGKQVKVEVGQAIYVEKLNVEAGEKVVFDEVILVGGESTKVGAPTVAGATVEGTVEKHGKQKKVVTFQYKPKK
HSHRKQGHRQPYTKVMIEAINA
;
S
36 'polypeptide(L)'
;QITSAKATAKTVRTSPRKARLVIDLIRGKSVADAISILKFTPNKSAGIIEKVLMSAVANAENNFDLDVESLVVSEAFVNE
GPTMKRFRPRAKGSASPINKRTSHITVVVTEK
;
T
37 'polypeptide(L)'
;ELLDVIKRPVITEKSMLAMDEKKYTFEVDTRANKTLVKQAVESAFDVKVANVNILNVRPKFKRMGKYAGYTKKRRKAIVT
LTEDSKEIQ
;
U
38 'polypeptide(L)'
;MFVKKGDKVKVITGKDKNKEGVVLAAFPKQDKVIVEGVNVVKKHQKPNQAAPQGGILEVEAPIHVSNVMVIDPSNGEATK
VAFKEVDGKKVRVSKKTGEVL
;
V
39 'polypeptide(L)'
;VQLEVKERAIRPRSLRNQLRHEGKVPAIVYGYQIESTPIYFEEKDLSKILREHGANTVIKMTVDGKNINTLMSKAQLDTF
TGQMLHVEFLSVNM
;
W
40 'polypeptide(L)' STSNGRDSESKRLGAKSADGQTVTGGSILYRQRGTKIYPGVNVGIGGDDTLFAKVDGVVRFERKGRDKKQVSVYPV X
41 'polypeptide(L)' AKVCYFTGRKTSSGNNRSHAMNSTKRTVKPNLQKVRVLIDGKPKKVWVSARALK Y
42 'polypeptide(L)' KVKEIRELTTAEMLDKEKQLKEELFNLRFQLATGQLENTARIKEVRQSIARIKTVLREQAN Z
43 'polypeptide(L)' AELKITLKRSVIGRPQNQRATVKALGLGKVNSTVTKPANEAIKGMVNTISHLVDVEEV 0
44 'polypeptide(L)' MKQDIHPNYQPVVFMDSTTGFKFLSGSTKGSSETVEWEDGNTYPLLRVEVTSDSHPFYTG 1
45 'polypeptide(L)' AVPARRTSKAKKAKRRTHYKLTIKGLNACSNCGEMKKSHHVCPACGHYDGKDVMSK 2
46 'polypeptide(L)' MRVNITLECTSCKERNYLTNKNKRNNPDRLEKQKYCPRERKVTLHRETK 3
47 'polypeptide(L)' MKRTYQPNKRKRQKVHGFRKRMSTKNGRRVLASRRRKGRKVISA 4
48 'polypeptide(L)' PKQKTHRGLAKRVKRTGGGGLKRGRAFTSHRFHGKTKKQRRQLRKASMVAKGDYKRIRQQLARM 5
49 'polypeptide(L)' MKVRPSVKPMCEHCKVIRRKGRVMVICPANPKHKQRQG 6
#
loop_
_chem_comp.id
_chem_comp.type
_chem_comp.name
_chem_comp.formula
A RNA linking ADENOSINE-5'-MONOPHOSPHATE 'C10 H14 N5 O7 P'
C RNA linking CYTIDINE-5'-MONOPHOSPHATE 'C9 H14 N3 O8 P'
G RNA linking GUANOSINE-5'-MONOPHOSPHATE 'C10 H14 N5 O8 P'
U RNA linking URIDINE-5'-MONOPHOSPHATE 'C9 H13 N2 O9 P'
ZN non-polymer 'ZINC ION' 'Zn 2'
#
# COMPACT_ATOMS: atom_id res chain seq x y z
N GLY B 1 32.62 -67.93 30.14
CA GLY B 1 33.01 -69.16 30.79
C GLY B 1 33.48 -70.22 29.82
N GLN B 2 34.74 -70.65 29.98
CA GLN B 2 35.33 -71.61 29.07
C GLN B 2 36.14 -72.69 29.74
N LYS B 3 36.37 -72.64 31.04
CA LYS B 3 37.24 -73.60 31.70
C LYS B 3 36.54 -74.96 31.84
N VAL B 4 37.37 -76.00 31.97
CA VAL B 4 36.90 -77.37 32.10
C VAL B 4 37.44 -77.92 33.42
N HIS B 5 36.60 -78.69 34.12
CA HIS B 5 36.97 -79.41 35.33
C HIS B 5 38.20 -80.28 35.13
N PRO B 6 39.29 -80.04 35.86
CA PRO B 6 40.35 -81.06 35.92
C PRO B 6 39.88 -82.33 36.61
N ILE B 7 38.92 -82.21 37.53
CA ILE B 7 38.27 -83.38 38.11
C ILE B 7 37.36 -84.09 37.13
N GLY B 8 37.01 -83.45 36.01
CA GLY B 8 36.31 -84.08 34.94
C GLY B 8 37.27 -84.50 33.84
N MET B 9 38.40 -83.80 33.75
CA MET B 9 39.41 -84.19 32.78
C MET B 9 40.25 -85.37 33.23
N ARG B 10 40.26 -85.68 34.53
CA ARG B 10 41.05 -86.79 35.04
C ARG B 10 40.21 -87.84 35.73
N VAL B 11 38.88 -87.77 35.60
CA VAL B 11 38.01 -88.78 36.20
C VAL B 11 38.17 -90.10 35.45
N GLY B 12 38.18 -91.20 36.19
CA GLY B 12 38.46 -92.49 35.61
C GLY B 12 39.90 -92.67 35.16
N ILE B 13 40.80 -91.76 35.53
CA ILE B 13 42.20 -91.85 35.12
C ILE B 13 43.05 -92.06 36.36
N ILE B 14 43.02 -91.11 37.29
CA ILE B 14 43.67 -91.29 38.58
C ILE B 14 42.66 -91.43 39.72
N ARG B 15 41.39 -91.21 39.46
CA ARG B 15 40.36 -91.40 40.47
C ARG B 15 39.31 -92.38 39.94
N ASP B 16 38.31 -92.65 40.76
CA ASP B 16 37.38 -93.73 40.52
C ASP B 16 35.96 -93.21 40.45
N TRP B 17 35.08 -94.02 39.85
CA TRP B 17 33.67 -93.68 39.78
C TRP B 17 33.04 -93.84 41.16
N ASP B 18 32.00 -93.03 41.42
CA ASP B 18 31.16 -93.25 42.59
C ASP B 18 30.45 -94.59 42.50
N ALA B 19 29.57 -94.75 41.52
CA ALA B 19 28.76 -95.95 41.37
C ALA B 19 29.63 -97.06 40.79
N LYS B 20 30.40 -97.70 41.68
CA LYS B 20 31.31 -98.78 41.30
C LYS B 20 30.48 -100.02 40.97
N TRP B 21 29.96 -100.03 39.75
CA TRP B 21 28.93 -100.97 39.32
C TRP B 21 29.31 -101.59 37.99
N TYR B 22 28.51 -102.57 37.58
CA TYR B 22 28.33 -102.92 36.18
C TYR B 22 26.92 -103.47 36.08
N ALA B 23 26.02 -102.66 35.53
CA ALA B 23 24.58 -102.92 35.65
C ALA B 23 24.00 -103.06 34.24
N GLU B 24 24.05 -104.26 33.70
CA GLU B 24 23.54 -104.56 32.38
C GLU B 24 22.01 -104.58 32.42
N LYS B 25 21.38 -103.69 31.65
CA LYS B 25 19.94 -103.57 31.36
C LYS B 25 19.14 -103.10 32.58
N GLU B 26 19.77 -102.98 33.75
CA GLU B 26 19.10 -102.43 34.93
C GLU B 26 20.05 -101.37 35.47
N TYR B 27 20.05 -100.21 34.85
CA TYR B 27 21.18 -99.29 35.02
C TYR B 27 20.77 -97.94 35.58
N ALA B 28 19.82 -97.26 34.95
CA ALA B 28 19.48 -95.90 35.33
C ALA B 28 18.56 -95.83 36.53
N GLU B 29 17.85 -96.91 36.83
CA GLU B 29 17.01 -96.96 38.03
C GLU B 29 17.84 -96.79 39.28
N PHE B 30 18.95 -97.53 39.37
CA PHE B 30 19.81 -97.44 40.54
C PHE B 30 20.53 -96.10 40.60
N LEU B 31 20.77 -95.46 39.46
CA LEU B 31 21.45 -94.17 39.51
C LEU B 31 20.49 -93.04 39.84
N HIS B 32 19.23 -93.15 39.45
CA HIS B 32 18.25 -92.19 39.98
C HIS B 32 17.93 -92.49 41.44
N GLU B 33 18.07 -93.74 41.88
CA GLU B 33 18.03 -94.02 43.31
C GLU B 33 19.21 -93.37 44.03
N ASP B 34 20.38 -93.39 43.40
CA ASP B 34 21.55 -92.69 43.92
C ASP B 34 21.28 -91.19 44.04
N LEU B 35 20.57 -90.63 43.07
CA LEU B 35 20.11 -89.25 43.16
C LEU B 35 19.18 -89.04 44.36
N ARG B 36 18.25 -89.97 44.57
CA ARG B 36 17.32 -89.89 45.69
C ARG B 36 18.03 -89.90 47.02
N ILE B 37 19.00 -90.80 47.18
CA ILE B 37 19.73 -90.90 48.44
C ILE B 37 20.68 -89.71 48.59
N ARG B 38 21.17 -89.19 47.47
CA ARG B 38 22.00 -87.98 47.49
C ARG B 38 21.20 -86.77 47.94
N LYS B 39 19.89 -86.76 47.70
CA LYS B 39 19.04 -85.72 48.27
C LYS B 39 18.91 -85.84 49.80
N PHE B 40 19.17 -87.02 50.36
CA PHE B 40 18.90 -87.30 51.76
C PHE B 40 20.09 -87.03 52.67
N ILE B 41 21.24 -86.65 52.11
CA ILE B 41 22.49 -86.59 52.88
C ILE B 41 22.58 -85.34 53.74
N ALA B 42 21.52 -84.52 53.78
CA ALA B 42 21.57 -83.27 54.53
C ALA B 42 21.61 -83.50 56.03
N THR B 43 21.13 -84.65 56.50
CA THR B 43 21.10 -84.92 57.94
C THR B 43 22.50 -85.16 58.48
N LYS B 44 23.29 -85.98 57.78
CA LYS B 44 24.67 -86.23 58.21
C LYS B 44 25.54 -85.01 58.01
N LEU B 45 25.33 -84.28 56.91
CA LEU B 45 26.09 -83.09 56.57
C LEU B 45 25.77 -81.91 57.50
N ALA B 46 24.68 -82.02 58.27
CA ALA B 46 24.33 -80.97 59.23
C ALA B 46 25.38 -80.82 60.32
N ASP B 47 25.68 -81.91 61.02
CA ASP B 47 26.71 -81.86 62.06
C ASP B 47 28.10 -82.15 61.48
N ALA B 48 28.26 -83.32 60.86
CA ALA B 48 29.58 -83.87 60.59
C ALA B 48 30.36 -83.12 59.50
N ALA B 49 29.66 -82.42 58.61
CA ALA B 49 30.24 -81.68 57.48
C ALA B 49 31.10 -82.60 56.61
N VAL B 50 30.43 -83.56 55.98
CA VAL B 50 31.12 -84.58 55.19
C VAL B 50 31.68 -83.96 53.91
N SER B 51 32.59 -84.69 53.27
CA SER B 51 33.17 -84.25 52.01
C SER B 51 32.81 -85.20 50.87
N THR B 52 33.12 -86.48 50.98
CA THR B 52 32.85 -87.45 49.93
C THR B 52 31.95 -88.55 50.47
N ILE B 53 31.10 -89.09 49.58
CA ILE B 53 30.23 -90.22 49.90
C ILE B 53 30.35 -91.24 48.77
N GLU B 54 30.82 -92.44 49.11
CA GLU B 54 31.17 -93.47 48.13
C GLU B 54 30.23 -94.66 48.30
N ILE B 55 29.64 -95.11 47.20
CA ILE B 55 28.53 -96.07 47.23
C ILE B 55 28.86 -97.24 46.31
N GLU B 56 28.75 -98.46 46.84
CA GLU B 56 28.81 -99.68 46.04
C GLU B 56 27.54 -100.49 46.26
N ARG B 57 27.55 -101.73 45.78
CA ARG B 57 26.38 -102.57 45.83
C ARG B 57 26.80 -104.02 46.06
N ALA B 58 26.22 -104.64 47.07
CA ALA B 58 26.30 -106.09 47.24
C ALA B 58 25.09 -106.72 46.55
N ALA B 59 24.77 -107.97 46.89
CA ALA B 59 23.56 -108.61 46.41
C ALA B 59 22.32 -107.80 46.80
N ASN B 60 22.11 -107.62 48.10
CA ASN B 60 21.07 -106.73 48.58
C ASN B 60 21.57 -105.61 49.47
N ARG B 61 22.76 -105.74 50.05
CA ARG B 61 23.32 -104.73 50.93
C ARG B 61 23.76 -103.53 50.11
N VAL B 62 23.05 -102.41 50.22
CA VAL B 62 23.44 -101.22 49.50
C VAL B 62 24.63 -100.62 50.23
N ASN B 63 25.82 -100.93 49.73
CA ASN B 63 27.06 -100.58 50.43
C ASN B 63 27.34 -99.11 50.19
N ILE B 64 27.07 -98.28 51.19
CA ILE B 64 27.36 -96.85 51.12
C ILE B 64 28.41 -96.53 52.17
N SER B 65 29.23 -95.51 51.89
CA SER B 65 30.34 -95.15 52.77
C SER B 65 30.61 -93.67 52.69
N ILE B 66 30.66 -93.01 53.84
CA ILE B 66 30.86 -91.56 53.91
C ILE B 66 32.23 -91.27 54.52
N HIS B 67 32.57 -89.97 54.53
CA HIS B 67 33.86 -89.53 55.05
C HIS B 67 33.67 -88.19 55.76
N THR B 68 34.06 -88.13 57.03
CA THR B 68 33.96 -86.90 57.81
C THR B 68 34.94 -86.96 58.97
N ALA B 69 34.94 -85.90 59.78
CA ALA B 69 35.83 -85.79 60.92
C ALA B 69 35.21 -86.24 62.24
N LYS B 70 33.89 -86.21 62.36
CA LYS B 70 33.22 -86.47 63.64
C LYS B 70 32.36 -87.72 63.55
N PRO B 71 32.82 -88.84 64.10
CA PRO B 71 31.95 -90.04 64.14
C PRO B 71 30.78 -89.89 65.08
N GLY B 72 30.99 -89.38 66.28
CA GLY B 72 29.92 -89.21 67.26
C GLY B 72 28.83 -88.24 66.85
N MET B 73 29.12 -87.36 65.90
CA MET B 73 28.09 -86.54 65.30
C MET B 73 27.37 -87.24 64.16
N VAL B 74 27.79 -88.43 63.78
CA VAL B 74 27.10 -89.20 62.76
C VAL B 74 26.83 -90.64 63.17
N ILE B 75 27.52 -91.20 64.19
CA ILE B 75 27.14 -92.51 64.72
C ILE B 75 26.16 -92.41 65.87
N GLY B 76 25.86 -91.21 66.36
CA GLY B 76 25.22 -91.12 67.67
C GLY B 76 26.27 -91.44 68.72
N LYS B 77 25.94 -92.36 69.63
CA LYS B 77 26.93 -92.92 70.54
C LYS B 77 26.90 -94.43 70.63
N GLY B 78 25.75 -95.07 70.42
CA GLY B 78 25.67 -96.52 70.49
C GLY B 78 24.72 -97.07 69.45
N GLY B 79 24.30 -96.20 68.52
CA GLY B 79 23.36 -96.57 67.49
C GLY B 79 22.07 -95.78 67.49
N SER B 80 22.00 -94.67 68.23
CA SER B 80 20.78 -93.86 68.24
C SER B 80 20.59 -93.14 66.91
N GLU B 81 21.66 -92.56 66.37
CA GLU B 81 21.59 -91.97 65.04
C GLU B 81 21.47 -93.07 63.97
N VAL B 82 22.15 -94.19 64.19
CA VAL B 82 22.36 -95.17 63.13
C VAL B 82 21.08 -95.92 62.80
N GLU B 83 20.32 -96.34 63.82
CA GLU B 83 19.08 -97.05 63.55
C GLU B 83 17.99 -96.14 63.01
N ASN B 84 17.96 -94.87 63.45
CA ASN B 84 17.01 -93.92 62.88
C ASN B 84 17.30 -93.65 61.41
N LEU B 85 18.59 -93.58 61.05
CA LEU B 85 18.94 -93.45 59.64
C LEU B 85 18.66 -94.73 58.87
N ARG B 86 18.80 -95.90 59.51
CA ARG B 86 18.41 -97.15 58.87
C ARG B 86 16.92 -97.17 58.56
N LYS B 87 16.09 -96.69 59.49
CA LYS B 87 14.64 -96.67 59.27
C LYS B 87 14.27 -95.67 58.18
N GLU B 88 14.78 -94.44 58.28
CA GLU B 88 14.46 -93.42 57.28
C GLU B 88 15.05 -93.72 55.92
N LEU B 89 16.11 -94.50 55.84
CA LEU B 89 16.73 -94.87 54.58
C LEU B 89 16.12 -96.14 54.02
N ASN B 90 15.64 -97.03 54.89
CA ASN B 90 14.87 -98.18 54.49
C ASN B 90 13.53 -97.76 53.91
N LYS B 91 12.98 -96.65 54.43
CA LYS B 91 11.79 -96.06 53.81
C LYS B 91 12.11 -95.48 52.44
N LEU B 92 13.37 -95.12 52.19
CA LEU B 92 13.77 -94.72 50.86
C LEU B 92 14.08 -95.91 49.95
N THR B 93 14.46 -97.04 50.53
CA THR B 93 15.04 -98.12 49.75
C THR B 93 14.22 -99.40 49.78
N GLY B 94 13.85 -99.89 50.96
CA GLY B 94 13.12 -101.14 51.06
C GLY B 94 13.99 -102.36 50.84
N LYS B 95 15.19 -102.37 51.43
CA LYS B 95 16.22 -103.33 51.07
C LYS B 95 17.28 -103.29 52.18
N ARG B 96 18.22 -104.24 52.12
CA ARG B 96 19.37 -104.21 53.01
C ARG B 96 20.22 -102.96 52.75
N VAL B 97 20.78 -102.40 53.81
CA VAL B 97 21.58 -101.19 53.70
C VAL B 97 22.60 -101.18 54.83
N HIS B 98 23.76 -100.58 54.57
CA HIS B 98 24.85 -100.51 55.54
C HIS B 98 25.58 -99.18 55.36
N ILE B 99 25.51 -98.33 56.35
CA ILE B 99 26.30 -97.10 56.34
C ILE B 99 27.71 -97.44 56.79
N ASN B 100 28.66 -96.63 56.33
CA ASN B 100 30.06 -96.80 56.69
C ASN B 100 30.65 -95.41 56.89
N ILE B 101 31.38 -95.24 57.99
CA ILE B 101 31.82 -93.94 58.45
C ILE B 101 33.32 -94.02 58.74
N VAL B 102 34.10 -93.16 58.08
CA VAL B 102 35.56 -93.19 58.20
C VAL B 102 36.02 -91.82 58.67
N GLU B 103 37.03 -91.81 59.54
CA GLU B 103 37.64 -90.56 59.98
C GLU B 103 38.36 -89.85 58.83
N ILE B 104 38.17 -88.53 58.74
CA ILE B 104 38.82 -87.76 57.71
C ILE B 104 40.29 -87.53 58.10
N LYS B 105 41.10 -87.16 57.11
CA LYS B 105 42.53 -86.98 57.30
C LYS B 105 42.86 -85.55 56.87
N LYS B 106 43.28 -84.72 57.84
CA LYS B 106 43.45 -83.27 57.71
C LYS B 106 42.18 -82.62 57.17
N PRO B 107 41.19 -82.37 58.03
CA PRO B 107 40.00 -81.61 57.58
C PRO B 107 40.29 -80.17 57.16
N ASP B 108 41.48 -79.65 57.46
CA ASP B 108 41.93 -78.37 56.92
C ASP B 108 42.02 -78.42 55.39
N LEU B 109 42.42 -79.57 54.84
CA LEU B 109 42.71 -79.70 53.41
C LEU B 109 41.45 -79.79 52.56
N ASP B 110 40.31 -80.12 53.15
CA ASP B 110 39.09 -80.48 52.41
C ASP B 110 38.53 -79.27 51.69
N ALA B 111 38.71 -79.26 50.35
CA ALA B 111 38.36 -78.12 49.53
C ALA B 111 36.86 -77.88 49.46
N LYS B 112 36.05 -78.91 49.68
CA LYS B 112 34.63 -78.68 49.89
C LYS B 112 34.40 -77.93 51.18
N LEU B 113 35.10 -78.31 52.24
CA LEU B 113 34.87 -77.70 53.55
C LEU B 113 35.49 -76.30 53.65
N VAL B 114 36.55 -76.02 52.90
CA VAL B 114 37.13 -74.68 52.89
C VAL B 114 36.17 -73.68 52.26
N GLY B 115 35.60 -74.06 51.11
CA GLY B 115 34.59 -73.23 50.48
C GLY B 115 33.33 -73.13 51.32
N GLU B 116 32.99 -74.23 52.02
CA GLU B 116 31.86 -74.20 52.95
C GLU B 116 32.09 -73.22 54.08
N GLY B 117 33.31 -73.18 54.61
CA GLY B 117 33.61 -72.29 55.71
C GLY B 117 33.65 -70.83 55.30
N ILE B 118 34.21 -70.53 54.12
CA ILE B 118 34.24 -69.14 53.71
C ILE B 118 32.85 -68.68 53.26
N ALA B 119 32.02 -69.60 52.75
CA ALA B 119 30.62 -69.26 52.52
C ALA B 119 29.87 -69.08 53.82
N ARG B 120 30.27 -69.83 54.87
CA ARG B 120 29.69 -69.66 56.20
C ARG B 120 29.99 -68.29 56.75
N GLN B 121 31.21 -67.79 56.56
CA GLN B 121 31.47 -66.40 56.93
C GLN B 121 30.74 -65.43 56.03
N LEU B 122 30.49 -65.79 54.77
CA LEU B 122 29.64 -64.96 53.93
C LEU B 122 28.17 -65.03 54.30
N GLU B 123 27.75 -66.01 55.10
CA GLU B 123 26.36 -66.06 55.53
C GLU B 123 26.05 -65.01 56.59
N ASN B 124 27.07 -64.53 57.30
CA ASN B 124 26.85 -63.72 58.49
C ASN B 124 27.63 -62.40 58.45
N ARG B 125 27.82 -61.85 57.25
CA ARG B 125 28.42 -60.53 57.02
C ARG B 125 29.84 -60.44 57.59
N VAL B 126 30.73 -61.19 56.94
CA VAL B 126 32.16 -61.07 57.15
C VAL B 126 32.79 -60.65 55.82
N ALA B 127 33.75 -59.72 55.88
CA ALA B 127 34.39 -59.20 54.68
C ALA B 127 35.15 -60.30 53.95
N PHE B 128 35.14 -60.23 52.61
CA PHE B 128 35.73 -61.30 51.81
C PHE B 128 37.24 -61.29 51.86
N ARG B 129 37.83 -60.10 52.05
CA ARG B 129 39.28 -59.94 52.00
C ARG B 129 39.96 -60.72 53.10
N ARG B 130 39.65 -60.39 54.36
CA ARG B 130 40.24 -61.08 55.50
C ARG B 130 39.84 -62.55 55.54
N ALA B 131 38.68 -62.90 54.98
CA ALA B 131 38.24 -64.29 54.98
C ALA B 131 39.07 -65.13 54.05
N GLN B 132 39.27 -64.66 52.81
CA GLN B 132 40.06 -65.45 51.87
C GLN B 132 41.55 -65.36 52.19
N LYS B 133 41.99 -64.28 52.83
CA LYS B 133 43.37 -64.23 53.27
C LYS B 133 43.64 -65.17 54.45
N GLN B 134 42.70 -65.30 55.39
CA GLN B 134 42.92 -66.30 56.43
C GLN B 134 42.67 -67.71 55.93
N ALA B 135 41.92 -67.84 54.82
CA ALA B 135 41.86 -69.13 54.13
C ALA B 135 43.21 -69.51 53.55
N ILE B 136 43.92 -68.57 52.93
CA ILE B 136 45.25 -68.95 52.45
C ILE B 136 46.26 -69.05 53.59
N GLN B 137 46.00 -68.38 54.72
CA GLN B 137 46.83 -68.56 55.91
C GLN B 137 46.71 -69.99 56.44
N ARG B 138 45.48 -70.47 56.62
CA ARG B 138 45.29 -71.84 57.08
C ARG B 138 45.63 -72.86 56.01
N ALA B 139 45.60 -72.47 54.74
CA ALA B 139 46.10 -73.36 53.69
C ALA B 139 47.60 -73.51 53.75
N MET B 140 48.30 -72.40 54.05
CA MET B 140 49.72 -72.49 54.38
C MET B 140 49.93 -73.32 55.64
N ARG B 141 49.00 -73.23 56.58
CA ARG B 141 49.04 -74.10 57.76
C ARG B 141 48.50 -75.49 57.45
N ALA B 142 47.73 -75.65 56.37
CA ALA B 142 47.45 -76.99 55.90
C ALA B 142 48.69 -77.61 55.28
N GLY B 143 49.50 -76.81 54.60
CA GLY B 143 50.71 -77.28 53.98
C GLY B 143 50.48 -77.63 52.54
N ALA B 144 50.91 -76.75 51.64
CA ALA B 144 50.67 -76.94 50.21
C ALA B 144 51.73 -76.18 49.44
N LYS B 145 51.52 -76.02 48.13
CA LYS B 145 52.50 -75.42 47.24
C LYS B 145 51.99 -74.18 46.53
N GLY B 146 50.74 -74.16 46.09
CA GLY B 146 50.17 -73.00 45.43
C GLY B 146 48.66 -73.06 45.39
N ILE B 147 48.00 -71.99 45.82
CA ILE B 147 46.55 -71.98 46.00
C ILE B 147 45.97 -70.77 45.29
N LYS B 148 45.01 -71.00 44.39
CA LYS B 148 44.18 -69.97 43.83
C LYS B 148 42.77 -70.14 44.37
N THR B 149 42.08 -69.03 44.64
CA THR B 149 40.71 -69.10 45.13
C THR B 149 39.95 -67.87 44.66
N GLN B 150 38.88 -68.08 43.91
CA GLN B 150 38.15 -67.02 43.23
C GLN B 150 36.72 -66.94 43.77
N VAL B 151 36.22 -65.71 43.91
CA VAL B 151 34.82 -65.45 44.18
C VAL B 151 34.31 -64.53 43.06
N SER B 152 33.01 -64.62 42.78
CA SER B 152 32.42 -63.87 41.68
C SER B 152 31.02 -63.42 42.05
N GLY B 153 30.64 -62.22 41.59
CA GLY B 153 29.26 -61.80 41.62
C GLY B 153 28.95 -60.51 42.34
N ARG B 154 27.75 -60.42 42.91
CA ARG B 154 27.33 -59.30 43.74
C ARG B 154 28.04 -59.39 45.08
N LEU B 155 29.28 -58.90 45.09
CA LEU B 155 30.03 -58.85 46.34
C LEU B 155 29.46 -57.78 47.25
N ASN B 156 29.65 -57.97 48.57
CA ASN B 156 29.31 -57.01 49.62
C ASN B 156 27.80 -56.78 49.70
N GLY B 157 27.04 -57.77 49.22
CA GLY B 157 25.58 -57.72 49.18
C GLY B 157 25.05 -56.51 48.44
N ALA B 158 25.37 -56.40 47.15
CA ALA B 158 25.28 -55.10 46.50
C ALA B 158 24.94 -55.30 45.03
N ASP B 159 25.21 -54.27 44.23
CA ASP B 159 24.86 -54.15 42.82
C ASP B 159 25.82 -54.94 41.93
N ILE B 160 25.87 -54.55 40.65
CA ILE B 160 26.38 -55.33 39.51
C ILE B 160 27.77 -55.92 39.74
N ALA B 161 28.04 -57.04 39.06
CA ALA B 161 28.92 -58.08 39.59
C ALA B 161 30.38 -57.67 39.59
N ARG B 162 31.09 -58.14 40.62
CA ARG B 162 32.54 -58.14 40.66
C ARG B 162 33.02 -59.58 40.73
N SER B 163 34.27 -59.80 40.34
CA SER B 163 34.86 -61.14 40.41
C SER B 163 36.37 -60.97 40.55
N GLU B 164 36.88 -61.07 41.78
CA GLU B 164 38.31 -61.11 42.01
C GLU B 164 38.62 -62.22 42.98
N GLY B 165 39.86 -62.70 42.91
CA GLY B 165 40.24 -63.86 43.68
C GLY B 165 41.71 -63.93 43.97
N TYR B 166 42.06 -64.54 45.09
CA TYR B 166 43.44 -64.53 45.55
C TYR B 166 44.22 -65.71 44.99
N SER B 167 45.54 -65.57 45.01
CA SER B 167 46.45 -66.53 44.40
C SER B 167 47.77 -66.48 45.13
N GLU B 168 48.37 -67.65 45.35
CA GLU B 168 49.70 -67.71 45.94
C GLU B 168 50.42 -68.94 45.40
N GLY B 169 51.74 -68.94 45.60
CA GLY B 169 52.55 -70.11 45.29
C GLY B 169 52.68 -70.36 43.80
N THR B 170 52.58 -71.63 43.42
CA THR B 170 52.65 -72.05 42.04
C THR B 170 51.58 -73.11 41.77
N VAL B 171 50.82 -72.91 40.70
CA VAL B 171 49.74 -73.84 40.36
C VAL B 171 49.49 -73.88 38.86
N PRO B 172 49.91 -74.93 38.18
CA PRO B 172 49.53 -75.10 36.78
C PRO B 172 48.31 -75.98 36.62
N LEU B 173 47.66 -75.88 35.45
CA LEU B 173 46.56 -76.76 35.08
C LEU B 173 46.91 -77.69 33.93
N HIS B 174 47.92 -77.32 33.14
CA HIS B 174 48.32 -78.10 31.97
C HIS B 174 48.88 -79.47 32.33
N THR B 175 49.40 -79.63 33.55
CA THR B 175 49.95 -80.92 33.96
C THR B 175 48.84 -81.93 34.22
N LEU B 176 49.08 -83.17 33.79
CA LEU B 176 48.12 -84.24 34.02
C LEU B 176 48.35 -84.98 35.31
N ARG B 177 49.57 -84.99 35.82
CA ARG B 177 49.89 -85.64 37.09
C ARG B 177 49.91 -84.58 38.19
N ALA B 178 48.73 -84.03 38.47
CA ALA B 178 48.59 -82.93 39.42
C ALA B 178 47.76 -83.30 40.63
N ASP B 179 46.55 -83.83 40.41
CA ASP B 179 45.56 -84.15 41.44
C ASP B 179 45.25 -82.93 42.30
N ILE B 180 44.68 -81.93 41.66
CA ILE B 180 44.32 -80.67 42.30
C ILE B 180 42.85 -80.73 42.69
N ASP B 181 42.53 -80.09 43.82
CA ASP B 181 41.17 -80.15 44.35
C ASP B 181 40.36 -78.96 43.85
N TYR B 182 39.04 -79.14 43.82
CA TYR B 182 38.15 -78.14 43.25
C TYR B 182 36.77 -78.27 43.86
N ALA B 183 36.14 -77.13 44.10
CA ALA B 183 34.79 -77.09 44.66
C ALA B 183 34.15 -75.76 44.35
N TRP B 184 32.92 -75.80 43.84
CA TRP B 184 32.09 -74.61 43.70
C TRP B 184 31.00 -74.64 44.75
N GLU B 185 30.99 -73.63 45.61
CA GLU B 185 29.98 -73.52 46.65
C GLU B 185 28.97 -72.48 46.25
N GLU B 186 28.04 -72.21 47.16
CA GLU B 186 27.19 -71.04 47.01
C GLU B 186 27.89 -69.82 47.59
N ALA B 187 27.27 -68.66 47.37
CA ALA B 187 27.53 -67.48 48.19
C ALA B 187 26.22 -66.69 48.21
N ASP B 188 25.38 -66.99 49.20
CA ASP B 188 24.02 -66.49 49.16
C ASP B 188 23.48 -66.42 50.57
N THR B 189 23.20 -65.21 51.04
CA THR B 189 22.46 -64.99 52.27
C THR B 189 21.03 -64.54 51.98
N THR B 190 20.88 -63.48 51.17
CA THR B 190 19.55 -63.06 50.73
C THR B 190 19.52 -62.55 49.28
N TYR B 191 20.62 -62.61 48.55
CA TYR B 191 20.73 -61.95 47.25
C TYR B 191 21.11 -62.96 46.16
N GLY B 192 20.10 -63.48 45.46
CA GLY B 192 20.29 -64.20 44.23
C GLY B 192 21.06 -65.50 44.29
N LYS B 193 22.25 -65.51 43.69
CA LYS B 193 23.09 -66.71 43.61
C LYS B 193 24.50 -66.28 43.27
N LEU B 194 25.46 -66.66 44.12
CA LEU B 194 26.87 -66.45 43.84
C LEU B 194 27.61 -67.71 44.28
N GLY B 195 28.94 -67.63 44.35
CA GLY B 195 29.70 -68.78 44.78
C GLY B 195 31.18 -68.47 44.86
N VAL B 196 31.91 -69.43 45.42
CA VAL B 196 33.36 -69.39 45.50
C VAL B 196 33.91 -70.59 44.74
N LYS B 197 35.13 -70.44 44.24
CA LYS B 197 35.81 -71.50 43.51
C LYS B 197 37.26 -71.53 43.93
N VAL B 198 37.79 -72.75 44.09
CA VAL B 198 39.10 -72.96 44.71
C VAL B 198 39.99 -73.77 43.76
N TRP B 199 41.29 -73.46 43.81
CA TRP B 199 42.29 -74.10 42.95
C TRP B 199 43.57 -74.21 43.78
N ILE B 200 43.76 -75.36 44.41
CA ILE B 200 44.93 -75.63 45.24
C ILE B 200 45.93 -76.46 44.43
N TYR B 201 47.18 -76.47 44.88
CA TYR B 201 48.14 -77.41 44.33
C TYR B 201 48.89 -78.09 45.46
N ARG B 202 49.12 -79.39 45.30
CA ARG B 202 49.71 -80.22 46.32
C ARG B 202 50.79 -81.16 45.79
N GLY B 203 50.90 -81.32 44.47
CA GLY B 203 51.75 -82.34 43.89
C GLY B 203 51.05 -83.68 43.75
N GLU B 204 51.58 -84.51 42.87
CA GLU B 204 50.95 -85.81 42.60
C GLU B 204 51.22 -86.80 43.72
N SER C 1 33.36 -24.99 86.49
CA SER C 1 34.12 -26.13 86.99
C SER C 1 35.05 -25.75 88.13
N ARG C 2 34.81 -26.28 89.33
CA ARG C 2 35.80 -26.25 90.39
C ARG C 2 36.25 -27.64 90.80
N TYR C 3 35.34 -28.47 91.30
CA TYR C 3 35.67 -29.84 91.71
C TYR C 3 34.37 -30.64 91.78
N THR C 4 34.25 -31.65 90.92
CA THR C 4 33.15 -32.59 90.94
C THR C 4 33.59 -34.04 90.89
N GLY C 5 34.80 -34.32 90.43
CA GLY C 5 35.26 -35.68 90.29
C GLY C 5 35.55 -36.34 91.62
N PRO C 6 35.31 -37.65 91.71
CA PRO C 6 35.67 -38.39 92.92
C PRO C 6 37.09 -38.92 92.90
N SER C 7 37.92 -38.29 92.05
CA SER C 7 39.30 -38.70 91.75
C SER C 7 39.34 -40.10 91.16
N TRP C 8 38.27 -40.45 90.45
CA TRP C 8 38.09 -41.77 89.87
C TRP C 8 38.41 -41.78 88.38
N LYS C 9 37.68 -40.97 87.63
CA LYS C 9 37.54 -41.16 86.19
C LYS C 9 38.58 -40.42 85.39
N VAL C 10 39.06 -39.27 85.88
CA VAL C 10 40.22 -38.66 85.24
C VAL C 10 41.49 -39.38 85.68
N SER C 11 41.49 -39.90 86.91
CA SER C 11 42.56 -40.79 87.36
C SER C 11 42.63 -42.04 86.50
N ARG C 12 41.46 -42.62 86.21
CA ARG C 12 41.32 -43.67 85.20
C ARG C 12 41.82 -43.20 83.85
N ARG C 13 41.50 -41.96 83.47
CA ARG C 13 41.84 -41.44 82.17
C ARG C 13 43.32 -41.15 82.04
N LEU C 14 43.92 -40.56 83.07
CA LEU C 14 45.32 -40.17 82.98
C LEU C 14 46.27 -41.30 83.37
N GLY C 15 45.88 -42.09 84.36
CA GLY C 15 46.66 -43.27 84.69
C GLY C 15 47.33 -43.23 86.04
N ILE C 16 47.13 -42.15 86.78
CA ILE C 16 47.66 -42.01 88.12
C ILE C 16 46.47 -41.60 89.00
N SER C 17 46.39 -42.18 90.23
CA SER C 17 45.31 -41.86 91.18
C SER C 17 45.47 -40.47 91.86
N LEU C 18 46.38 -39.65 91.32
CA LEU C 18 46.49 -38.22 91.58
C LEU C 18 46.76 -37.92 93.06
N SER C 19 47.96 -38.23 93.55
CA SER C 19 49.09 -38.82 92.83
C SER C 19 49.76 -39.80 93.77
N GLY C 20 49.15 -39.97 94.95
CA GLY C 20 49.69 -40.80 96.01
C GLY C 20 49.51 -42.28 95.85
N THR C 21 48.99 -42.71 94.69
CA THR C 21 48.71 -44.12 94.34
C THR C 21 47.83 -44.80 95.37
N GLY C 22 46.89 -44.05 95.94
CA GLY C 22 45.81 -44.65 96.69
C GLY C 22 44.96 -45.42 95.72
N LYS C 23 44.98 -46.74 95.83
CA LYS C 23 44.43 -47.57 94.77
C LYS C 23 42.91 -47.54 94.75
N GLU C 24 42.39 -47.64 93.55
CA GLU C 24 40.97 -47.74 93.29
C GLU C 24 40.73 -48.71 92.14
N LEU C 25 41.62 -49.70 92.01
CA LEU C 25 41.72 -50.58 90.84
C LEU C 25 40.83 -51.79 91.04
N ALA C 26 39.60 -51.73 90.53
CA ALA C 26 38.76 -52.91 90.40
C ALA C 26 38.40 -53.17 88.94
N ARG C 27 37.82 -52.19 88.25
CA ARG C 27 37.64 -52.18 86.81
C ARG C 27 38.11 -50.86 86.22
N ARG C 28 39.13 -50.27 86.84
CA ARG C 28 39.71 -49.03 86.34
C ARG C 28 40.35 -49.07 84.95
N PRO C 29 41.14 -50.12 84.50
CA PRO C 29 42.12 -49.87 83.42
C PRO C 29 41.62 -49.49 82.04
N TYR C 30 40.31 -49.30 81.86
CA TYR C 30 39.78 -48.72 80.64
C TYR C 30 38.82 -47.59 80.98
N LYS C 31 38.89 -46.52 80.19
CA LYS C 31 38.01 -45.36 80.36
C LYS C 31 36.56 -45.78 80.09
N PRO C 32 35.56 -45.12 80.74
CA PRO C 32 34.20 -45.67 80.72
C PRO C 32 33.50 -45.60 79.38
N GLY C 33 32.28 -46.11 79.31
CA GLY C 33 31.48 -46.05 78.12
C GLY C 33 31.41 -47.39 77.41
N GLN C 34 30.63 -47.42 76.34
CA GLN C 34 30.43 -48.63 75.56
C GLN C 34 31.31 -48.69 74.33
N HIS C 35 32.35 -47.87 74.26
CA HIS C 35 33.51 -48.13 73.42
C HIS C 35 34.78 -47.99 74.25
N GLY C 36 34.66 -48.27 75.54
CA GLY C 36 35.73 -48.14 76.50
C GLY C 36 36.70 -49.31 76.63
N PRO C 37 36.22 -50.52 76.98
CA PRO C 37 37.16 -51.64 77.18
C PRO C 37 37.83 -52.12 75.91
N ASN C 38 37.36 -51.72 74.74
CA ASN C 38 38.12 -51.95 73.53
C ASN C 38 39.37 -51.09 73.53
N SER C 39 40.38 -51.55 72.80
CA SER C 39 41.53 -50.71 72.51
C SER C 39 41.33 -50.02 71.17
N ARG C 40 42.16 -49.02 70.91
CA ARG C 40 42.10 -48.30 69.64
C ARG C 40 43.50 -47.80 69.32
N GLY C 41 43.60 -46.93 68.32
CA GLY C 41 44.87 -46.50 67.79
C GLY C 41 45.64 -45.57 68.72
N LYS C 42 46.73 -45.04 68.18
CA LYS C 42 47.57 -44.13 68.94
C LYS C 42 46.94 -42.75 68.98
N VAL C 43 47.61 -41.84 69.67
CA VAL C 43 47.11 -40.48 69.89
C VAL C 43 47.82 -39.55 68.93
N SER C 44 47.06 -38.63 68.33
CA SER C 44 47.64 -37.57 67.51
C SER C 44 48.53 -36.68 68.37
N GLU C 45 49.56 -36.10 67.74
CA GLU C 45 50.49 -35.25 68.48
C GLU C 45 49.87 -33.93 68.89
N TYR C 46 48.71 -33.58 68.35
CA TYR C 46 47.88 -32.58 69.00
C TYR C 46 47.35 -33.13 70.33
N GLY C 47 46.81 -34.35 70.31
CA GLY C 47 46.19 -34.91 71.50
C GLY C 47 47.19 -35.26 72.58
N MET C 48 48.43 -35.59 72.21
CA MET C 48 49.45 -35.87 73.21
C MET C 48 49.81 -34.62 74.00
N GLN C 49 50.02 -33.49 73.32
CA GLN C 49 50.27 -32.23 74.01
C GLN C 49 49.04 -31.77 74.78
N LEU C 50 47.86 -32.11 74.28
CA LEU C 50 46.62 -31.78 75.00
C LEU C 50 46.54 -32.52 76.32
N THR C 51 46.75 -33.84 76.30
CA THR C 51 46.68 -34.62 77.53
C THR C 51 47.86 -34.34 78.45
N GLU C 52 48.99 -33.91 77.88
CA GLU C 52 50.08 -33.33 78.67
C GLU C 52 49.61 -32.13 79.49
N LYS C 53 48.99 -31.16 78.82
CA LYS C 53 48.46 -29.97 79.49
C LYS C 53 47.40 -30.34 80.52
N GLN C 54 46.53 -31.29 80.18
CA GLN C 54 45.51 -31.78 81.10
C GLN C 54 46.15 -32.38 82.35
N LYS C 55 47.11 -33.27 82.16
CA LYS C 55 47.67 -34.04 83.27
C LYS C 55 48.58 -33.19 84.14
N LEU C 56 49.13 -32.09 83.62
CA LEU C 56 49.67 -31.09 84.54
C LEU C 56 48.56 -30.37 85.28
N ARG C 57 47.51 -29.96 84.56
CA ARG C 57 46.55 -29.02 85.11
C ARG C 57 45.59 -29.67 86.09
N HIS C 58 45.22 -30.93 85.86
CA HIS C 58 44.26 -31.61 86.73
C HIS C 58 44.76 -31.88 88.13
N MET C 59 46.06 -31.73 88.39
CA MET C 59 46.58 -31.93 89.74
C MET C 59 46.27 -30.79 90.69
N TYR C 60 45.64 -29.74 90.22
CA TYR C 60 45.42 -28.57 91.06
C TYR C 60 43.96 -28.15 91.04
N GLY C 61 43.31 -28.36 89.90
CA GLY C 61 41.94 -27.91 89.72
C GLY C 61 41.81 -26.47 89.29
N MET C 62 42.92 -25.79 89.04
CA MET C 62 42.88 -24.41 88.59
C MET C 62 42.43 -24.33 87.14
N ASN C 63 42.11 -23.12 86.70
CA ASN C 63 41.38 -22.95 85.45
C ASN C 63 42.24 -22.39 84.33
N GLU C 64 41.58 -22.14 83.20
CA GLU C 64 42.23 -22.11 81.90
C GLU C 64 43.06 -20.85 81.72
N ARG C 65 42.40 -19.68 81.80
CA ARG C 65 43.13 -18.42 81.72
C ARG C 65 44.05 -18.24 82.92
N GLN C 66 43.69 -18.84 84.05
CA GLN C 66 44.52 -18.82 85.24
C GLN C 66 45.81 -19.60 84.99
N PHE C 67 45.69 -20.71 84.27
CA PHE C 67 46.85 -21.50 83.90
C PHE C 67 47.76 -20.71 82.96
N ARG C 68 47.14 -19.98 82.02
CA ARG C 68 47.85 -19.11 81.11
C ARG C 68 48.65 -18.06 81.86
N THR C 69 47.97 -17.34 82.77
CA THR C 69 48.61 -16.27 83.51
C THR C 69 49.71 -16.79 84.42
N LEU C 70 49.55 -18.00 84.94
CA LEU C 70 50.62 -18.58 85.74
C LEU C 70 51.82 -18.89 84.86
N PHE C 71 51.57 -19.32 83.62
CA PHE C 71 52.66 -19.74 82.74
C PHE C 71 53.53 -18.57 82.34
N ILE C 72 52.93 -17.41 82.10
CA ILE C 72 53.66 -16.26 81.59
C ILE C 72 54.58 -15.69 82.66
N LYS C 73 54.26 -15.94 83.92
CA LYS C 73 55.10 -15.46 85.01
C LYS C 73 56.48 -16.10 85.01
N ALA C 74 56.64 -17.29 84.45
CA ALA C 74 57.96 -17.87 84.33
C ALA C 74 58.81 -17.19 83.27
N SER C 75 58.21 -16.35 82.43
CA SER C 75 58.94 -15.73 81.33
C SER C 75 59.94 -14.70 81.80
N LYS C 76 59.65 -14.01 82.91
CA LYS C 76 60.45 -12.86 83.29
C LYS C 76 61.82 -13.26 83.84
N ILE C 77 61.96 -14.50 84.33
CA ILE C 77 63.14 -14.90 85.09
C ILE C 77 64.37 -14.93 84.21
N LYS C 78 64.32 -15.68 83.10
CA LYS C 78 65.42 -15.88 82.15
C LYS C 78 66.67 -16.45 82.81
N GLU C 79 66.50 -17.27 83.84
CA GLU C 79 67.55 -18.16 84.32
C GLU C 79 66.92 -19.52 84.54
N GLY C 80 67.58 -20.57 84.07
CA GLY C 80 67.00 -21.89 84.04
C GLY C 80 66.03 -22.05 82.88
N LYS C 81 65.57 -23.28 82.68
CA LYS C 81 64.61 -23.52 81.62
C LYS C 81 63.25 -22.96 82.02
N HIS C 82 62.46 -22.63 81.00
CA HIS C 82 61.19 -21.95 81.22
C HIS C 82 60.18 -22.87 81.88
N GLY C 83 60.08 -24.11 81.39
CA GLY C 83 59.22 -25.09 82.04
C GLY C 83 59.73 -25.51 83.39
N VAL C 84 61.06 -25.48 83.58
CA VAL C 84 61.64 -25.69 84.89
C VAL C 84 61.21 -24.60 85.85
N ASN C 85 61.36 -23.33 85.44
CA ASN C 85 60.94 -22.22 86.28
C ASN C 85 59.44 -22.19 86.45
N PHE C 86 58.69 -22.65 85.44
CA PHE C 86 57.25 -22.88 85.57
C PHE C 86 56.94 -23.84 86.69
N MET C 87 57.63 -24.98 86.73
CA MET C 87 57.27 -25.98 87.70
C MET C 87 57.74 -25.59 89.10
N VAL C 88 58.84 -24.82 89.17
CA VAL C 88 59.28 -24.24 90.44
C VAL C 88 58.23 -23.27 90.97
N LEU C 89 57.66 -22.45 90.08
CA LEU C 89 56.58 -21.55 90.47
C LEU C 89 55.33 -22.31 90.89
N LEU C 90 55.05 -23.42 90.20
CA LEU C 90 53.83 -24.17 90.48
C LEU C 90 53.90 -24.90 91.81
N GLU C 91 55.11 -25.28 92.24
CA GLU C 91 55.25 -25.93 93.53
C GLU C 91 55.10 -24.95 94.70
N GLN C 92 55.13 -23.64 94.44
CA GLN C 92 55.07 -22.64 95.50
C GLN C 92 53.66 -22.11 95.72
N ARG C 93 52.63 -22.86 95.36
CA ARG C 93 51.28 -22.53 95.79
C ARG C 93 51.16 -22.77 97.29
N LEU C 94 50.38 -21.90 97.96
CA LEU C 94 49.95 -22.14 99.34
C LEU C 94 49.37 -23.54 99.53
N ASP C 95 48.48 -23.97 98.64
CA ASP C 95 47.86 -25.27 98.81
C ASP C 95 48.80 -26.42 98.50
N ASN C 96 49.85 -26.20 97.70
CA ASN C 96 50.95 -27.16 97.67
C ASN C 96 51.61 -27.28 99.03
N VAL C 97 51.81 -26.15 99.72
CA VAL C 97 52.39 -26.23 101.06
C VAL C 97 51.31 -26.55 102.09
N VAL C 98 50.06 -26.76 101.65
CA VAL C 98 49.09 -27.44 102.51
C VAL C 98 49.24 -28.95 102.37
N TYR C 99 49.07 -29.45 101.15
CA TYR C 99 48.94 -30.90 100.99
C TYR C 99 50.29 -31.61 100.93
N ARG C 100 51.31 -30.97 100.36
CA ARG C 100 52.65 -31.53 100.47
C ARG C 100 53.16 -31.48 101.91
N LEU C 101 52.66 -30.53 102.70
CA LEU C 101 52.88 -30.61 104.14
C LEU C 101 52.10 -31.77 104.74
N GLY C 102 50.94 -32.09 104.17
CA GLY C 102 50.20 -33.25 104.59
C GLY C 102 49.14 -32.99 105.61
N LEU C 103 48.69 -31.75 105.77
CA LEU C 103 47.67 -31.46 106.77
C LEU C 103 46.29 -31.93 106.33
N ALA C 104 46.10 -32.18 105.04
CA ALA C 104 44.85 -32.69 104.51
C ALA C 104 45.09 -34.04 103.84
N THR C 105 44.04 -34.87 103.82
CA THR C 105 44.16 -36.16 103.15
C THR C 105 44.17 -36.00 101.65
N THR C 106 43.60 -34.92 101.14
CA THR C 106 43.52 -34.70 99.70
C THR C 106 43.43 -33.21 99.44
N ARG C 107 43.54 -32.85 98.17
CA ARG C 107 43.44 -31.45 97.76
C ARG C 107 42.02 -30.93 97.94
N ARG C 108 41.00 -31.79 97.83
CA ARG C 108 39.63 -31.38 98.13
C ARG C 108 39.48 -30.99 99.59
N GLN C 109 40.04 -31.80 100.48
CA GLN C 109 40.10 -31.45 101.88
C GLN C 109 40.98 -30.23 102.12
N ALA C 110 42.00 -30.04 101.28
CA ALA C 110 42.85 -28.85 101.40
C ALA C 110 42.10 -27.58 101.05
N ARG C 111 41.24 -27.62 100.03
CA ARG C 111 40.48 -26.41 99.69
C ARG C 111 39.34 -26.17 100.67
N GLN C 112 38.68 -27.24 101.13
CA GLN C 112 37.66 -27.12 102.16
C GLN C 112 38.26 -26.59 103.45
N LEU C 113 39.52 -26.90 103.72
CA LEU C 113 40.28 -26.26 104.77
C LEU C 113 40.46 -24.77 104.50
N VAL C 114 41.06 -24.43 103.36
CA VAL C 114 41.65 -23.11 103.25
C VAL C 114 40.62 -22.04 102.88
N ASN C 115 39.51 -22.39 102.23
CA ASN C 115 38.57 -21.35 101.83
C ASN C 115 37.70 -20.89 102.99
N HIS C 116 37.19 -21.84 103.79
CA HIS C 116 36.36 -21.49 104.93
C HIS C 116 37.12 -20.79 106.05
N GLY C 117 38.44 -20.71 105.96
CA GLY C 117 39.22 -20.04 106.97
C GLY C 117 39.70 -20.94 108.09
N HIS C 118 39.78 -22.24 107.85
CA HIS C 118 40.21 -23.16 108.89
C HIS C 118 41.70 -23.09 109.19
N ILE C 119 42.48 -22.29 108.46
CA ILE C 119 43.87 -22.03 108.79
C ILE C 119 44.13 -20.54 108.69
N THR C 120 45.31 -20.13 109.15
CA THR C 120 45.84 -18.81 108.89
C THR C 120 47.23 -18.93 108.32
N VAL C 121 47.94 -17.82 108.22
CA VAL C 121 49.37 -17.81 107.91
C VAL C 121 49.99 -16.61 108.61
N ASP C 122 51.07 -16.87 109.34
CA ASP C 122 51.78 -15.89 110.17
C ASP C 122 50.83 -15.24 111.19
N GLY C 123 49.84 -16.01 111.63
CA GLY C 123 48.71 -15.51 112.40
C GLY C 123 47.56 -14.96 111.57
N LYS C 124 47.88 -14.27 110.48
CA LYS C 124 46.91 -13.48 109.75
C LYS C 124 46.01 -14.38 108.91
N ARG C 125 44.71 -14.12 108.95
CA ARG C 125 43.74 -15.00 108.32
C ARG C 125 43.78 -14.87 106.81
N VAL C 126 43.68 -16.01 106.11
CA VAL C 126 43.57 -16.02 104.66
C VAL C 126 42.22 -16.61 104.30
N ASP C 127 41.71 -16.18 103.16
CA ASP C 127 40.49 -16.69 102.55
C ASP C 127 40.75 -17.33 101.20
N ILE C 128 41.62 -16.72 100.40
CA ILE C 128 41.91 -17.19 99.05
C ILE C 128 42.72 -18.48 99.12
N PRO C 129 42.39 -19.48 98.31
CA PRO C 129 43.22 -20.69 98.29
C PRO C 129 44.56 -20.49 97.59
N SER C 130 44.62 -19.62 96.60
CA SER C 130 45.77 -19.58 95.70
C SER C 130 46.76 -18.48 96.06
N TYR C 131 46.98 -18.23 97.35
CA TYR C 131 47.91 -17.20 97.75
C TYR C 131 49.34 -17.59 97.42
N HIS C 132 50.03 -16.72 96.68
CA HIS C 132 51.44 -16.94 96.39
C HIS C 132 52.28 -16.84 97.65
N VAL C 133 53.15 -17.84 97.86
CA VAL C 133 53.91 -17.98 99.11
C VAL C 133 55.39 -18.06 98.77
N GLU C 134 56.19 -17.20 99.40
CA GLU C 134 57.64 -17.25 99.27
C GLU C 134 58.22 -18.15 100.37
N VAL C 135 59.54 -18.06 100.58
CA VAL C 135 60.25 -18.94 101.48
C VAL C 135 60.42 -18.27 102.83
N GLY C 136 60.09 -18.98 103.90
CA GLY C 136 60.50 -18.61 105.23
C GLY C 136 59.42 -18.11 106.16
N GLN C 137 58.15 -18.38 105.87
CA GLN C 137 57.07 -17.88 106.70
C GLN C 137 56.33 -19.04 107.34
N VAL C 138 56.14 -18.95 108.65
CA VAL C 138 55.45 -19.99 109.39
C VAL C 138 53.96 -19.94 109.07
N ILE C 139 53.41 -21.09 108.70
CA ILE C 139 51.98 -21.17 108.44
C ILE C 139 51.22 -21.13 109.77
N GLY C 140 49.95 -20.75 109.69
CA GLY C 140 49.07 -20.75 110.83
C GLY C 140 48.05 -21.88 110.77
N VAL C 141 47.43 -22.14 111.91
CA VAL C 141 46.56 -23.30 112.08
C VAL C 141 45.22 -22.95 112.72
N ARG C 142 44.94 -21.65 112.87
CA ARG C 142 43.63 -21.11 113.27
C ARG C 142 43.21 -21.63 114.65
N GLU C 143 43.88 -21.07 115.67
CA GLU C 143 43.71 -21.44 117.08
C GLU C 143 42.30 -21.44 117.64
N LYS C 144 41.35 -20.80 116.95
CA LYS C 144 39.97 -20.75 117.42
C LYS C 144 39.35 -22.14 117.47
N SER C 145 39.60 -22.94 116.44
CA SER C 145 39.10 -24.31 116.40
C SER C 145 40.18 -25.22 115.81
N GLN C 146 41.42 -25.06 116.28
CA GLN C 146 42.50 -25.92 115.85
C GLN C 146 42.50 -27.28 116.55
N ASN C 147 41.53 -27.55 117.42
CA ASN C 147 41.43 -28.81 118.13
C ASN C 147 40.38 -29.73 117.52
N ILE C 148 40.07 -29.55 116.25
CA ILE C 148 39.19 -30.48 115.56
C ILE C 148 39.98 -31.76 115.29
N SER C 149 39.40 -32.90 115.66
CA SER C 149 40.17 -34.14 115.82
C SER C 149 40.63 -34.72 114.49
N THR C 150 39.87 -34.51 113.42
CA THR C 150 40.22 -35.11 112.13
C THR C 150 41.48 -34.48 111.53
N ILE C 151 41.72 -33.20 111.80
CA ILE C 151 42.99 -32.58 111.41
C ILE C 151 44.13 -33.21 112.18
N LYS C 152 43.99 -33.32 113.50
CA LYS C 152 44.98 -34.00 114.32
C LYS C 152 45.02 -35.49 114.04
N GLU C 153 43.94 -36.06 113.49
CA GLU C 153 44.02 -37.42 112.98
C GLU C 153 44.90 -37.48 111.74
N ALA C 154 44.89 -36.44 110.92
CA ALA C 154 45.65 -36.46 109.67
C ALA C 154 47.09 -35.98 109.83
N VAL C 155 47.42 -35.29 110.92
CA VAL C 155 48.79 -34.81 111.09
C VAL C 155 49.72 -35.97 111.38
N GLU C 156 49.38 -36.79 112.36
CA GLU C 156 50.28 -37.86 112.80
C GLU C 156 50.34 -39.00 111.80
N ALA C 157 49.26 -39.23 111.05
CA ALA C 157 49.28 -40.26 110.01
C ALA C 157 50.06 -39.72 108.84
N THR C 158 51.37 -39.92 108.86
CA THR C 158 52.24 -39.35 107.85
C THR C 158 52.10 -40.14 106.56
N VAL C 159 51.61 -39.48 105.51
CA VAL C 159 51.61 -40.09 104.20
C VAL C 159 53.03 -40.21 103.66
N GLY C 160 53.73 -39.09 103.55
CA GLY C 160 55.12 -39.06 103.16
C GLY C 160 55.66 -37.65 103.19
N ARG C 161 56.82 -37.45 103.82
CA ARG C 161 57.29 -36.09 104.05
C ARG C 161 58.58 -35.82 103.28
N PRO C 162 58.52 -35.00 102.22
CA PRO C 162 59.68 -34.78 101.35
C PRO C 162 60.77 -33.93 101.96
N ALA C 163 61.75 -33.57 101.14
CA ALA C 163 62.96 -32.90 101.59
C ALA C 163 62.95 -31.41 101.33
N PHE C 164 61.81 -30.73 101.53
CA PHE C 164 61.79 -29.30 101.31
C PHE C 164 61.04 -28.50 102.37
N VAL C 165 60.40 -29.14 103.35
CA VAL C 165 59.70 -28.45 104.43
C VAL C 165 59.99 -29.20 105.73
N SER C 166 60.51 -28.48 106.73
CA SER C 166 60.63 -29.02 108.08
C SER C 166 59.37 -28.72 108.87
N PHE C 167 58.89 -29.73 109.59
CA PHE C 167 57.55 -29.69 110.15
C PHE C 167 57.52 -30.33 111.52
N ASP C 168 56.75 -29.73 112.43
CA ASP C 168 56.54 -30.27 113.77
C ASP C 168 55.06 -30.56 113.96
N THR C 169 54.75 -31.79 114.39
CA THR C 169 53.36 -32.17 114.58
C THR C 169 52.75 -31.47 115.79
N GLU C 170 53.57 -31.18 116.80
CA GLU C 170 53.08 -30.60 118.04
C GLU C 170 53.11 -29.08 118.04
N LYS C 171 54.08 -28.49 117.34
CA LYS C 171 54.06 -27.04 117.19
C LYS C 171 53.07 -26.58 116.13
N LEU C 172 52.65 -27.49 115.25
CA LEU C 172 51.75 -27.22 114.12
C LEU C 172 52.32 -26.12 113.22
N GLU C 173 53.60 -26.28 112.87
CA GLU C 173 54.38 -25.25 112.19
C GLU C 173 55.09 -25.85 110.99
N GLY C 174 54.45 -25.81 109.83
CA GLY C 174 55.14 -26.22 108.63
C GLY C 174 55.78 -25.04 107.95
N SER C 175 57.06 -24.81 108.23
CA SER C 175 57.80 -23.69 107.66
C SER C 175 58.45 -24.15 106.36
N PHE C 176 58.30 -23.32 105.32
CA PHE C 176 58.76 -23.69 103.98
C PHE C 176 60.28 -23.62 103.96
N THR C 177 60.92 -24.78 104.05
CA THR C 177 62.36 -24.83 104.32
C THR C 177 63.18 -24.58 103.07
N ARG C 178 62.92 -25.35 102.02
CA ARG C 178 63.84 -25.40 100.88
C ARG C 178 63.17 -25.12 99.55
N LEU C 179 63.89 -25.42 98.48
CA LEU C 179 63.44 -25.19 97.11
C LEU C 179 63.35 -26.52 96.38
N PRO C 180 62.19 -27.16 96.34
CA PRO C 180 62.07 -28.40 95.56
C PRO C 180 62.05 -28.07 94.08
N GLU C 181 62.52 -29.02 93.27
CA GLU C 181 62.63 -28.76 91.83
C GLU C 181 62.33 -30.05 91.07
N ARG C 182 62.66 -30.03 89.78
CA ARG C 182 62.20 -31.04 88.82
C ARG C 182 62.78 -32.42 89.15
N ASP C 183 64.11 -32.53 89.09
CA ASP C 183 64.73 -33.83 89.35
C ASP C 183 64.73 -34.16 90.84
N GLU C 184 64.64 -33.15 91.71
CA GLU C 184 64.45 -33.41 93.13
C GLU C 184 63.08 -33.98 93.40
N LEU C 185 62.04 -33.21 93.12
CA LEU C 185 60.70 -33.56 93.56
C LEU C 185 59.75 -33.72 92.40
N TYR C 186 58.74 -34.53 92.66
CA TYR C 186 57.70 -35.01 91.76
C TYR C 186 58.24 -35.52 90.43
N PRO C 187 58.78 -36.74 90.40
CA PRO C 187 58.73 -37.52 89.16
C PRO C 187 57.30 -37.57 88.62
N GLU C 188 57.16 -37.66 87.29
CA GLU C 188 58.23 -37.91 86.34
C GLU C 188 58.17 -37.16 85.02
N ILE C 189 57.01 -36.61 84.70
CA ILE C 189 56.50 -36.82 83.34
C ILE C 189 57.22 -36.05 82.23
N ASP C 190 57.03 -34.74 82.11
CA ASP C 190 57.42 -34.06 80.88
C ASP C 190 57.35 -32.55 81.03
N GLU C 191 58.02 -31.90 80.10
CA GLU C 191 57.99 -30.46 79.91
C GLU C 191 57.91 -30.06 78.45
N ALA C 192 58.18 -30.98 77.51
CA ALA C 192 58.38 -30.59 76.12
C ALA C 192 57.06 -30.35 75.42
N LEU C 193 56.05 -31.16 75.69
CA LEU C 193 54.76 -30.91 75.06
C LEU C 193 54.04 -29.73 75.72
N VAL C 194 54.43 -29.38 76.94
CA VAL C 194 53.98 -28.14 77.56
C VAL C 194 54.45 -26.95 76.76
N VAL C 195 55.77 -26.85 76.57
CA VAL C 195 56.35 -25.69 75.89
C VAL C 195 56.02 -25.72 74.40
N GLU C 196 55.76 -26.91 73.85
CA GLU C 196 55.26 -26.95 72.48
C GLU C 196 53.80 -26.52 72.40
N TYR C 197 53.02 -26.77 73.44
CA TYR C 197 51.61 -26.40 73.38
C TYR C 197 51.43 -24.89 73.41
N TYR C 198 52.36 -24.18 74.03
CA TYR C 198 52.24 -22.74 74.23
C TYR C 198 53.16 -21.96 73.31
N ASN C 199 53.29 -22.38 72.07
CA ASN C 199 53.95 -21.54 71.08
C ASN C 199 53.08 -21.23 69.89
N GLN C 200 52.14 -22.10 69.56
CA GLN C 200 50.99 -21.81 68.72
C GLN C 200 49.74 -22.32 69.41
N LYS C 201 49.61 -21.92 70.67
CA LYS C 201 48.45 -22.10 71.56
C LYS C 201 47.05 -22.16 70.94
N TYR D 1 76.61 -42.29 54.46
CA TYR D 1 77.29 -43.44 53.86
C TYR D 1 77.31 -44.61 54.84
N ILE D 2 78.19 -45.58 54.58
CA ILE D 2 78.23 -46.82 55.34
C ILE D 2 78.90 -46.56 56.69
N ASP D 3 78.17 -46.78 57.77
CA ASP D 3 78.64 -46.69 59.14
C ASP D 3 78.11 -47.89 59.90
N PRO D 4 78.84 -48.38 60.90
CA PRO D 4 78.43 -49.61 61.60
C PRO D 4 77.14 -49.44 62.39
N LYS D 5 76.11 -50.19 61.99
CA LYS D 5 74.74 -50.02 62.49
C LYS D 5 74.43 -51.07 63.54
N HIS D 6 74.95 -50.84 64.74
CA HIS D 6 74.57 -51.62 65.90
C HIS D 6 73.76 -50.83 66.90
N LEU D 7 73.58 -49.53 66.66
CA LEU D 7 72.90 -48.66 67.62
C LEU D 7 71.41 -48.97 67.67
N GLU D 8 70.84 -48.89 68.85
CA GLU D 8 69.40 -49.04 68.98
C GLU D 8 68.71 -47.83 68.41
N LEU D 9 67.69 -48.08 67.60
CA LEU D 9 67.04 -47.03 66.82
C LEU D 9 65.54 -47.10 67.06
N GLU D 10 64.85 -46.00 66.75
CA GLU D 10 63.43 -45.88 67.05
C GLU D 10 62.65 -45.59 65.78
N ASP D 11 61.50 -46.25 65.63
CA ASP D 11 60.66 -46.10 64.47
C ASP D 11 59.92 -44.77 64.51
N ARG D 12 59.66 -44.22 63.33
CA ARG D 12 58.70 -43.11 63.21
C ARG D 12 58.18 -43.13 61.77
N VAL D 13 56.97 -43.66 61.60
CA VAL D 13 56.31 -43.70 60.30
C VAL D 13 55.71 -42.32 60.04
N VAL D 14 56.28 -41.59 59.08
CA VAL D 14 55.77 -40.26 58.78
C VAL D 14 54.47 -40.33 57.99
N ALA D 15 54.52 -40.93 56.80
CA ALA D 15 53.36 -40.90 55.92
C ALA D 15 53.38 -42.08 54.98
N ILE D 16 52.21 -42.63 54.71
CA ILE D 16 52.02 -43.60 53.64
C ILE D 16 51.00 -43.07 52.66
N ASN D 17 51.26 -43.26 51.38
CA ASN D 17 50.32 -42.89 50.34
C ASN D 17 49.46 -44.10 50.00
N ARG D 18 48.67 -43.99 48.95
CA ARG D 18 48.23 -45.15 48.21
C ARG D 18 48.20 -44.76 46.74
N VAL D 19 48.87 -45.55 45.92
CA VAL D 19 49.26 -45.14 44.58
C VAL D 19 48.81 -46.20 43.60
N THR D 20 48.10 -45.80 42.57
CA THR D 20 47.61 -46.73 41.55
C THR D 20 48.53 -46.69 40.34
N LYS D 21 49.16 -47.81 40.06
CA LYS D 21 49.64 -48.11 38.72
C LYS D 21 48.44 -48.52 37.87
N VAL D 22 48.58 -48.47 36.55
CA VAL D 22 47.47 -48.86 35.68
C VAL D 22 47.97 -49.65 34.49
N VAL D 23 47.58 -50.91 34.43
CA VAL D 23 47.47 -51.65 33.19
C VAL D 23 45.99 -51.61 32.83
N LYS D 24 45.66 -51.94 31.58
CA LYS D 24 44.25 -51.93 31.21
C LYS D 24 43.53 -53.08 31.92
N GLY D 25 42.23 -52.90 32.10
CA GLY D 25 41.54 -53.72 33.08
C GLY D 25 41.44 -52.97 34.39
N GLY D 26 42.35 -53.26 35.32
CA GLY D 26 42.29 -52.70 36.66
C GLY D 26 43.41 -51.72 36.95
N ARG D 27 43.14 -50.80 37.86
CA ARG D 27 44.15 -49.86 38.33
C ARG D 27 44.97 -50.57 39.43
N ARG D 28 46.24 -50.82 39.15
CA ARG D 28 47.10 -51.59 40.05
C ARG D 28 47.42 -50.74 41.28
N LEU D 29 46.71 -51.02 42.36
CA LEU D 29 46.86 -50.24 43.59
C LEU D 29 48.10 -50.68 44.37
N ARG D 30 48.77 -49.71 44.98
CA ARG D 30 49.99 -49.95 45.74
C ARG D 30 49.95 -49.10 46.99
N PHE D 31 50.61 -49.57 48.05
CA PHE D 31 50.82 -48.78 49.26
C PHE D 31 52.31 -48.47 49.38
N ALA D 32 52.63 -47.20 49.50
CA ALA D 32 54.00 -46.80 49.71
C ALA D 32 54.25 -46.56 51.19
N ALA D 33 55.43 -46.08 51.53
CA ALA D 33 55.79 -45.80 52.91
C ALA D 33 56.92 -44.79 52.96
N LEU D 34 56.73 -43.72 53.72
CA LEU D 34 57.77 -42.74 54.02
C LEU D 34 58.04 -42.81 55.51
N VAL D 35 59.12 -43.47 55.91
CA VAL D 35 59.44 -43.68 57.32
C VAL D 35 60.86 -43.17 57.56
N VAL D 36 61.05 -42.44 58.66
CA VAL D 36 62.38 -42.02 59.09
C VAL D 36 62.68 -42.64 60.45
N VAL D 37 63.95 -42.92 60.67
CA VAL D 37 64.43 -43.67 61.83
C VAL D 37 65.78 -43.09 62.23
N GLY D 38 65.97 -42.84 63.53
CA GLY D 38 67.25 -42.41 64.03
C GLY D 38 67.58 -42.89 65.43
N ASP D 39 68.60 -42.29 66.04
CA ASP D 39 69.07 -42.70 67.37
C ASP D 39 68.68 -41.74 68.48
N LYS D 40 68.17 -40.55 68.13
CA LYS D 40 68.02 -39.36 68.95
C LYS D 40 69.21 -39.10 69.86
N ASN D 41 70.41 -39.32 69.33
CA ASN D 41 71.64 -38.95 70.01
C ASN D 41 72.69 -38.39 69.06
N GLY D 42 72.35 -38.20 67.79
CA GLY D 42 73.29 -37.60 66.87
C GLY D 42 73.25 -38.10 65.44
N HIS D 43 72.69 -39.29 65.18
CA HIS D 43 72.81 -39.86 63.84
C HIS D 43 71.49 -40.45 63.38
N VAL D 44 70.96 -39.89 62.29
CA VAL D 44 69.59 -40.14 61.86
C VAL D 44 69.62 -40.46 60.38
N GLY D 45 68.57 -41.15 59.92
CA GLY D 45 68.41 -41.43 58.51
C GLY D 45 66.96 -41.39 58.10
N PHE D 46 66.75 -41.41 56.80
CA PHE D 46 65.42 -41.43 56.20
C PHE D 46 65.34 -42.63 55.26
N GLY D 47 64.20 -42.76 54.57
CA GLY D 47 64.05 -43.86 53.64
C GLY D 47 62.69 -43.85 52.98
N THR D 48 62.45 -44.89 52.19
CA THR D 48 61.18 -45.08 51.49
C THR D 48 60.87 -46.55 51.40
N GLY D 49 59.62 -46.86 51.10
CA GLY D 49 59.19 -48.24 50.95
C GLY D 49 57.97 -48.32 50.06
N LYS D 50 57.74 -49.52 49.52
CA LYS D 50 56.61 -49.75 48.63
C LYS D 50 56.27 -51.23 48.60
N ALA D 51 54.99 -51.56 48.78
CA ALA D 51 54.53 -52.94 48.90
C ALA D 51 53.02 -52.97 48.68
N GLN D 52 52.40 -54.10 49.02
CA GLN D 52 50.96 -54.25 48.89
C GLN D 52 50.25 -54.45 50.22
N GLU D 53 50.94 -54.25 51.34
CA GLU D 53 50.27 -54.04 52.62
C GLU D 53 51.13 -53.15 53.49
N VAL D 54 50.53 -52.67 54.57
CA VAL D 54 51.17 -51.70 55.46
C VAL D 54 52.34 -52.29 56.25
N PRO D 55 52.28 -53.47 56.88
CA PRO D 55 53.49 -53.94 57.60
C PRO D 55 54.63 -54.27 56.68
N GLU D 56 54.35 -54.84 55.50
CA GLU D 56 55.41 -55.11 54.54
C GLU D 56 56.00 -53.81 54.01
N ALA D 57 55.16 -52.81 53.80
CA ALA D 57 55.62 -51.53 53.30
C ALA D 57 56.52 -50.83 54.32
N ILE D 58 56.12 -50.82 55.59
CA ILE D 58 56.94 -50.17 56.59
C ILE D 58 58.17 -51.00 56.89
N ARG D 59 58.09 -52.31 56.69
CA ARG D 59 59.26 -53.16 56.87
C ARG D 59 60.31 -52.86 55.81
N LYS D 60 59.87 -52.72 54.56
CA LYS D 60 60.78 -52.35 53.49
C LYS D 60 61.29 -50.94 53.66
N ALA D 61 60.47 -50.06 54.24
CA ALA D 61 60.90 -48.70 54.49
C ALA D 61 61.98 -48.66 55.57
N ILE D 62 61.77 -49.40 56.66
CA ILE D 62 62.75 -49.47 57.75
C ILE D 62 64.05 -50.08 57.25
N GLU D 63 63.94 -51.18 56.50
CA GLU D 63 65.13 -51.86 56.02
C GLU D 63 65.85 -51.04 54.97
N ASP D 64 65.11 -50.19 54.26
CA ASP D 64 65.74 -49.13 53.48
C ASP D 64 66.42 -48.12 54.40
N ALA D 65 65.76 -47.77 55.51
CA ALA D 65 66.13 -46.60 56.28
C ALA D 65 67.47 -46.73 57.00
N LYS D 66 68.07 -47.91 57.02
CA LYS D 66 69.32 -48.04 57.77
C LYS D 66 70.51 -47.54 56.96
N LYS D 67 70.51 -47.76 55.64
CA LYS D 67 71.74 -47.72 54.84
C LYS D 67 72.38 -46.34 54.70
N ASN D 68 71.85 -45.29 55.31
CA ASN D 68 72.53 -44.01 55.35
C ASN D 68 72.41 -43.40 56.73
N LEU D 69 73.49 -42.78 57.20
CA LEU D 69 73.54 -42.15 58.50
C LEU D 69 74.20 -40.78 58.37
N VAL D 70 73.76 -39.83 59.20
CA VAL D 70 74.12 -38.43 59.09
C VAL D 70 74.84 -38.00 60.36
N GLU D 71 75.87 -37.15 60.21
CA GLU D 71 76.72 -36.81 61.34
C GLU D 71 76.03 -35.93 62.36
N VAL D 72 75.40 -34.84 61.91
CA VAL D 72 74.71 -33.82 62.71
C VAL D 72 75.61 -33.26 63.80
N PRO D 73 76.55 -32.39 63.50
CA PRO D 73 77.42 -31.83 64.55
C PRO D 73 76.63 -30.96 65.52
N MET D 74 76.83 -31.20 66.81
CA MET D 74 76.02 -30.61 67.87
C MET D 74 76.90 -29.80 68.82
N VAL D 75 76.28 -28.80 69.45
CA VAL D 75 76.88 -28.13 70.60
C VAL D 75 75.78 -27.60 71.52
N GLY D 76 75.83 -28.03 72.78
CA GLY D 76 74.82 -27.63 73.75
C GLY D 76 73.43 -28.11 73.43
N SER D 77 73.31 -29.25 72.74
CA SER D 77 72.06 -29.77 72.16
C SER D 77 71.40 -28.74 71.25
N THR D 78 72.23 -27.97 70.54
CA THR D 78 71.79 -26.86 69.73
C THR D 78 72.69 -26.82 68.49
N ILE D 79 72.17 -26.23 67.42
CA ILE D 79 72.87 -25.97 66.17
C ILE D 79 74.09 -25.09 66.43
N PRO D 80 75.15 -25.20 65.63
CA PRO D 80 76.17 -24.13 65.65
C PRO D 80 75.63 -22.77 65.27
N HIS D 81 74.98 -22.63 64.12
CA HIS D 81 74.59 -21.29 63.67
C HIS D 81 73.44 -21.37 62.69
N GLU D 82 73.25 -20.26 61.95
CA GLU D 82 72.22 -20.12 60.94
C GLU D 82 72.35 -21.18 59.86
N VAL D 83 71.21 -21.72 59.43
CA VAL D 83 71.14 -22.81 58.46
C VAL D 83 70.10 -22.46 57.42
N ILE D 84 70.49 -22.47 56.15
CA ILE D 84 69.57 -22.28 55.02
C ILE D 84 69.44 -23.60 54.29
N GLY D 85 68.25 -24.19 54.32
CA GLY D 85 68.06 -25.50 53.75
C GLY D 85 67.22 -25.53 52.50
N VAL D 86 67.85 -25.85 51.36
CA VAL D 86 67.23 -25.76 50.04
C VAL D 86 67.47 -27.06 49.29
N PHE D 87 66.40 -27.72 48.86
CA PHE D 87 66.52 -28.85 47.94
C PHE D 87 65.20 -29.02 47.20
N GLY D 88 65.20 -28.70 45.91
CA GLY D 88 64.09 -29.01 45.05
C GLY D 88 62.80 -28.28 45.34
N GLY D 89 62.88 -27.13 46.00
CA GLY D 89 61.70 -26.34 46.32
C GLY D 89 61.39 -26.23 47.80
N GLY D 90 61.98 -27.07 48.62
CA GLY D 90 61.76 -26.96 50.05
C GLY D 90 62.75 -26.04 50.71
N ARG D 91 62.59 -24.73 50.52
CA ARG D 91 63.42 -23.76 51.24
C ARG D 91 63.09 -23.82 52.73
N ILE D 92 64.06 -24.18 53.55
CA ILE D 92 63.84 -24.36 54.98
C ILE D 92 64.82 -23.47 55.72
N LEU D 93 64.30 -22.67 56.64
CA LEU D 93 65.09 -21.70 57.38
C LEU D 93 65.23 -22.17 58.82
N MET D 94 66.40 -22.71 59.15
CA MET D 94 66.68 -23.26 60.46
C MET D 94 67.60 -22.34 61.22
N LYS D 95 67.42 -22.28 62.54
CA LYS D 95 68.13 -21.29 63.31
C LYS D 95 68.18 -21.75 64.76
N PRO D 96 69.29 -21.56 65.47
CA PRO D 96 69.37 -21.98 66.86
C PRO D 96 68.42 -21.19 67.74
N ALA D 97 68.00 -21.81 68.83
CA ALA D 97 66.98 -21.23 69.70
C ALA D 97 67.49 -21.08 71.13
N VAL D 98 66.60 -20.61 72.00
CA VAL D 98 66.90 -20.42 73.41
C VAL D 98 66.86 -21.78 74.09
N GLU D 99 67.77 -22.00 75.03
CA GLU D 99 67.92 -23.29 75.69
C GLU D 99 66.71 -23.63 76.54
N GLY D 100 66.10 -24.77 76.26
CA GLY D 100 64.89 -25.18 76.93
C GLY D 100 63.62 -24.66 76.32
N SER D 101 63.71 -23.68 75.42
CA SER D 101 62.52 -23.10 74.81
C SER D 101 61.87 -24.02 73.80
N GLY D 102 62.51 -25.12 73.43
CA GLY D 102 61.88 -26.15 72.64
C GLY D 102 62.22 -26.07 71.17
N VAL D 103 61.41 -26.75 70.38
CA VAL D 103 61.55 -26.83 68.94
C VAL D 103 60.38 -26.09 68.29
N ALA D 104 60.70 -25.08 67.48
CA ALA D 104 59.71 -24.30 66.76
C ALA D 104 59.80 -24.73 65.30
N ALA D 105 59.09 -25.79 64.95
CA ALA D 105 59.23 -26.35 63.61
C ALA D 105 57.97 -27.13 63.28
N GLY D 106 57.73 -27.26 61.97
CA GLY D 106 56.55 -27.92 61.46
C GLY D 106 56.63 -29.44 61.57
N GLY D 107 55.60 -30.08 61.02
CA GLY D 107 55.37 -31.51 61.20
C GLY D 107 56.45 -32.44 60.68
N PRO D 108 56.62 -32.50 59.36
CA PRO D 108 57.65 -33.38 58.80
C PRO D 108 59.08 -32.90 59.00
N VAL D 109 59.31 -31.80 59.70
CA VAL D 109 60.67 -31.47 60.10
C VAL D 109 60.90 -31.71 61.60
N ARG D 110 59.89 -31.51 62.45
CA ARG D 110 60.03 -31.89 63.85
C ARG D 110 60.10 -33.39 64.01
N ALA D 111 59.41 -34.13 63.14
CA ALA D 111 59.54 -35.59 63.14
C ALA D 111 60.94 -36.05 62.77
N VAL D 112 61.72 -35.21 62.09
CA VAL D 112 63.15 -35.46 61.96
C VAL D 112 63.87 -35.07 63.23
N LEU D 113 63.66 -33.84 63.69
CA LEU D 113 64.54 -33.22 64.68
C LEU D 113 64.40 -33.88 66.05
N GLU D 114 63.17 -34.19 66.44
CA GLU D 114 62.94 -34.92 67.69
C GLU D 114 63.53 -36.31 67.61
N LEU D 115 63.44 -36.94 66.44
CA LEU D 115 64.05 -38.23 66.21
C LEU D 115 65.55 -38.10 65.97
N ALA D 116 66.03 -36.94 65.55
CA ALA D 116 67.45 -36.68 65.56
C ALA D 116 67.95 -36.22 66.92
N GLY D 117 67.05 -36.06 67.89
CA GLY D 117 67.43 -35.65 69.23
C GLY D 117 67.95 -34.23 69.27
N VAL D 118 67.11 -33.28 68.86
CA VAL D 118 67.48 -31.88 68.78
C VAL D 118 66.61 -31.11 69.76
N ALA D 119 67.23 -30.22 70.53
CA ALA D 119 66.53 -29.51 71.60
C ALA D 119 66.09 -28.10 71.20
N ASP D 120 67.00 -27.26 70.72
CA ASP D 120 66.80 -25.82 70.66
C ASP D 120 66.87 -25.35 69.21
N ILE D 121 65.73 -25.27 68.53
CA ILE D 121 65.75 -25.06 67.09
C ILE D 121 64.46 -24.37 66.66
N THR D 122 64.58 -23.46 65.69
CA THR D 122 63.45 -22.78 65.09
C THR D 122 63.46 -23.04 63.59
N SER D 123 62.29 -23.37 63.04
CA SER D 123 62.18 -23.66 61.61
C SER D 123 60.78 -23.34 61.10
N LYS D 124 60.70 -22.86 59.87
CA LYS D 124 59.45 -22.53 59.23
C LYS D 124 59.45 -23.07 57.81
N SER D 125 58.34 -23.71 57.42
CA SER D 125 58.18 -24.14 56.04
C SER D 125 58.11 -22.93 55.12
N LEU D 126 58.79 -23.03 53.98
CA LEU D 126 58.83 -21.93 53.02
C LEU D 126 58.93 -22.57 51.63
N GLY D 127 57.79 -22.79 51.00
CA GLY D 127 57.80 -23.48 49.73
C GLY D 127 57.07 -24.80 49.71
N SER D 128 57.81 -25.90 49.64
CA SER D 128 57.21 -27.21 49.48
C SER D 128 56.44 -27.63 50.72
N ASN D 129 55.29 -28.23 50.51
CA ASN D 129 54.48 -28.81 51.57
C ASN D 129 54.41 -30.32 51.50
N THR D 130 54.96 -30.92 50.45
CA THR D 130 54.96 -32.37 50.30
C THR D 130 56.00 -33.00 51.22
N PRO D 131 55.66 -34.08 51.92
CA PRO D 131 56.52 -34.54 53.03
C PRO D 131 57.83 -35.15 52.60
N ILE D 132 57.92 -35.62 51.35
CA ILE D 132 59.16 -36.23 50.90
C ILE D 132 60.23 -35.17 50.71
N ASN D 133 59.89 -34.11 49.98
CA ASN D 133 60.86 -33.05 49.69
C ASN D 133 61.26 -32.30 50.95
N VAL D 134 60.35 -32.23 51.93
CA VAL D 134 60.67 -31.64 53.23
C VAL D 134 61.80 -32.40 53.90
N VAL D 135 61.69 -33.73 53.94
CA VAL D 135 62.69 -34.54 54.62
C VAL D 135 64.01 -34.51 53.86
N ARG D 136 63.95 -34.55 52.52
CA ARG D 136 65.18 -34.54 51.74
C ARG D 136 65.90 -33.20 51.87
N ALA D 137 65.15 -32.11 51.88
CA ALA D 137 65.77 -30.80 52.09
C ALA D 137 66.25 -30.65 53.52
N THR D 138 65.60 -31.31 54.47
CA THR D 138 66.05 -31.26 55.85
C THR D 138 67.40 -31.94 56.00
N VAL D 139 67.55 -33.09 55.35
CA VAL D 139 68.83 -33.80 55.35
C VAL D 139 69.88 -32.97 54.64
N GLU D 140 69.49 -32.28 53.57
CA GLU D 140 70.45 -31.45 52.85
C GLU D 140 70.88 -30.26 53.68
N GLY D 141 69.95 -29.66 54.42
CA GLY D 141 70.29 -28.51 55.23
C GLY D 141 71.15 -28.87 56.43
N LEU D 142 70.85 -30.01 57.06
CA LEU D 142 71.70 -30.47 58.15
C LEU D 142 73.07 -30.93 57.63
N LYS D 143 73.13 -31.37 56.37
CA LYS D 143 74.43 -31.78 55.83
C LYS D 143 75.33 -30.59 55.58
N GLN D 144 74.75 -29.45 55.21
CA GLN D 144 75.52 -28.24 54.97
C GLN D 144 76.14 -27.69 56.24
N LEU D 145 75.58 -28.07 57.39
CA LEU D 145 75.99 -27.55 58.68
C LEU D 145 77.42 -27.96 59.01
N LYS D 146 78.21 -27.00 59.47
CA LYS D 146 79.61 -27.21 59.78
C LYS D 146 79.80 -27.40 61.28
N ARG D 147 81.06 -27.37 61.72
CA ARG D 147 81.39 -27.53 63.12
C ARG D 147 82.63 -26.70 63.41
N ALA D 148 82.62 -26.04 64.57
CA ALA D 148 83.52 -24.92 64.82
C ALA D 148 84.98 -25.37 64.94
N GLU D 149 85.22 -26.42 65.72
CA GLU D 149 86.58 -26.92 65.89
C GLU D 149 87.11 -27.52 64.62
N GLU D 150 86.23 -28.10 63.79
CA GLU D 150 86.62 -28.59 62.49
C GLU D 150 87.10 -27.45 61.61
N VAL D 151 86.31 -26.39 61.52
CA VAL D 151 86.65 -25.24 60.70
C VAL D 151 87.87 -24.52 61.25
N ALA D 152 87.99 -24.47 62.58
CA ALA D 152 89.19 -23.91 63.20
C ALA D 152 90.42 -24.76 62.92
N ALA D 153 90.22 -26.05 62.68
CA ALA D 153 91.30 -26.87 62.14
C ALA D 153 91.38 -26.75 60.62
N LEU D 154 90.24 -26.57 59.95
CA LEU D 154 90.26 -26.34 58.51
C LEU D 154 90.96 -25.04 58.17
N ARG D 155 90.68 -23.98 58.92
CA ARG D 155 91.52 -22.81 58.83
C ARG D 155 92.85 -23.13 59.50
N GLY D 156 93.92 -22.53 58.97
CA GLY D 156 95.24 -22.90 59.41
C GLY D 156 95.52 -22.51 60.85
N LYS D 157 95.14 -21.30 61.24
CA LYS D 157 95.47 -20.83 62.58
C LYS D 157 94.52 -21.43 63.61
N SER D 158 94.79 -21.14 64.87
CA SER D 158 94.22 -21.90 65.97
C SER D 158 92.77 -21.49 66.24
N VAL D 159 92.16 -22.23 67.15
CA VAL D 159 90.88 -21.89 67.75
C VAL D 159 91.16 -20.90 68.87
N GLU D 160 90.10 -20.32 69.44
CA GLU D 160 90.07 -19.48 70.65
C GLU D 160 90.63 -18.09 70.42
N GLU D 161 91.27 -17.87 69.28
CA GLU D 161 91.67 -16.54 68.88
C GLU D 161 90.71 -15.91 67.90
N ILE D 162 90.03 -16.73 67.10
CA ILE D 162 88.96 -16.27 66.21
C ILE D 162 87.80 -17.23 66.43
N ILE D 163 86.89 -16.87 67.32
CA ILE D 163 85.60 -17.52 67.45
C ILE D 163 84.55 -16.42 67.51
N GLN E 1 92.23 9.04 -7.55
CA GLN E 1 92.60 9.08 -8.95
C GLN E 1 91.38 8.96 -9.85
N ASP E 2 91.50 8.14 -10.89
CA ASP E 2 90.44 7.98 -11.86
C ASP E 2 90.08 6.51 -12.04
N THR E 3 89.28 6.22 -13.05
CA THR E 3 88.81 4.87 -13.33
C THR E 3 89.53 4.32 -14.55
N LYS E 4 89.25 3.05 -14.85
CA LYS E 4 89.69 2.41 -16.09
C LYS E 4 88.54 1.59 -16.64
N TYR E 5 88.35 1.65 -17.95
CA TYR E 5 87.18 1.09 -18.59
C TYR E 5 87.56 0.34 -19.86
N GLU E 6 87.06 -0.89 -20.00
CA GLU E 6 87.04 -1.57 -21.28
C GLU E 6 85.75 -1.23 -21.99
N ILE E 7 85.84 -1.01 -23.29
CA ILE E 7 84.66 -0.82 -24.13
C ILE E 7 84.82 -1.74 -25.32
N MET E 8 83.99 -2.78 -25.39
CA MET E 8 84.05 -3.77 -26.46
C MET E 8 82.70 -3.80 -27.17
N TYR E 9 82.66 -3.21 -28.36
CA TYR E 9 81.42 -3.14 -29.12
C TYR E 9 81.45 -4.07 -30.32
N ILE E 10 80.25 -4.47 -30.75
CA ILE E 10 80.06 -5.45 -31.80
C ILE E 10 79.59 -4.73 -33.05
N ILE E 11 80.34 -4.83 -34.13
CA ILE E 11 80.09 -4.09 -35.35
C ILE E 11 79.39 -5.00 -36.35
N ARG E 12 78.63 -4.41 -37.28
CA ARG E 12 78.14 -5.16 -38.42
C ARG E 12 79.30 -5.66 -39.27
N PRO E 13 79.32 -6.93 -39.66
CA PRO E 13 80.36 -7.40 -40.58
C PRO E 13 80.14 -6.99 -42.02
N ASN E 14 78.93 -6.65 -42.43
CA ASN E 14 78.65 -6.35 -43.84
C ASN E 14 79.13 -4.98 -44.28
N ILE E 15 79.69 -4.18 -43.37
CA ILE E 15 80.20 -2.86 -43.72
C ILE E 15 81.54 -3.03 -44.41
N ASP E 16 82.05 -1.93 -44.96
CA ASP E 16 83.35 -1.93 -45.61
C ASP E 16 84.46 -1.85 -44.56
N GLU E 17 85.67 -1.57 -45.00
CA GLU E 17 86.70 -1.18 -44.03
C GLU E 17 86.73 0.33 -43.84
N GLU E 18 86.35 1.09 -44.89
CA GLU E 18 86.28 2.54 -44.79
C GLU E 18 85.26 2.98 -43.76
N ALA E 19 84.12 2.30 -43.72
CA ALA E 19 83.13 2.57 -42.68
C ALA E 19 83.63 2.16 -41.30
N LYS E 20 84.41 1.08 -41.24
CA LYS E 20 84.99 0.63 -39.98
C LYS E 20 85.97 1.67 -39.44
N THR E 21 86.85 2.17 -40.31
CA THR E 21 87.80 3.20 -39.89
C THR E 21 87.10 4.50 -39.57
N ALA E 22 86.04 4.83 -40.31
CA ALA E 22 85.28 6.05 -40.03
C ALA E 22 84.58 5.97 -38.68
N LEU E 23 84.05 4.80 -38.33
CA LEU E 23 83.37 4.64 -37.05
C LEU E 23 84.36 4.69 -35.90
N VAL E 24 85.54 4.06 -36.09
CA VAL E 24 86.59 4.12 -35.08
C VAL E 24 87.05 5.56 -34.86
N GLU E 25 87.26 6.30 -35.97
CA GLU E 25 87.61 7.71 -35.89
C GLU E 25 86.55 8.52 -35.16
N ARG E 26 85.28 8.26 -35.46
CA ARG E 26 84.20 9.07 -34.93
C ARG E 26 84.05 8.88 -33.42
N PHE E 27 83.99 7.64 -32.97
CA PHE E 27 83.85 7.43 -31.53
C PHE E 27 85.12 7.79 -30.77
N ASP E 28 86.29 7.64 -31.38
CA ASP E 28 87.50 8.08 -30.69
C ASP E 28 87.56 9.59 -30.58
N THR E 29 87.14 10.32 -31.61
CA THR E 29 87.16 11.77 -31.54
C THR E 29 86.10 12.31 -30.61
N ILE E 30 84.94 11.66 -30.50
CA ILE E 30 83.94 12.21 -29.60
C ILE E 30 84.22 11.83 -28.15
N LEU E 31 84.90 10.71 -27.90
CA LEU E 31 85.15 10.36 -26.52
C LEU E 31 86.28 11.18 -25.90
N LYS E 32 87.24 11.62 -26.70
CA LYS E 32 88.31 12.47 -26.18
C LYS E 32 87.83 13.87 -25.82
N ASP E 33 86.62 14.25 -26.22
CA ASP E 33 86.15 15.61 -26.00
C ASP E 33 85.77 15.84 -24.54
N ASN E 34 85.25 14.82 -23.86
CA ASN E 34 84.77 14.96 -22.50
C ASN E 34 85.82 14.55 -21.47
N GLY E 35 87.09 14.77 -21.76
CA GLY E 35 88.12 14.52 -20.77
C GLY E 35 88.48 13.07 -20.61
N ALA E 36 88.08 12.20 -21.53
CA ALA E 36 88.53 10.82 -21.48
C ALA E 36 89.91 10.71 -22.10
N GLU E 37 90.68 9.75 -21.61
CA GLU E 37 92.05 9.56 -22.03
C GLU E 37 92.15 8.28 -22.85
N VAL E 38 92.62 8.40 -24.09
CA VAL E 38 92.80 7.24 -24.94
C VAL E 38 93.99 6.43 -24.44
N ILE E 39 93.82 5.11 -24.36
CA ILE E 39 94.89 4.20 -24.00
C ILE E 39 95.29 3.35 -25.20
N GLU E 40 94.37 2.58 -25.74
CA GLU E 40 94.70 1.57 -26.73
C GLU E 40 93.43 1.30 -27.53
N SER E 41 93.63 0.98 -28.81
CA SER E 41 92.52 0.67 -29.70
C SER E 41 92.83 -0.63 -30.42
N LYS E 42 92.31 -1.74 -29.89
CA LYS E 42 92.57 -3.06 -30.45
C LYS E 42 91.35 -3.57 -31.17
N ASP E 43 91.56 -4.12 -32.36
CA ASP E 43 90.57 -4.92 -33.03
C ASP E 43 90.74 -6.35 -32.54
N TRP E 44 89.82 -6.79 -31.67
CA TRP E 44 89.97 -8.05 -30.95
C TRP E 44 89.99 -9.28 -31.83
N GLU E 45 88.86 -9.63 -32.44
CA GLU E 45 88.75 -10.83 -33.27
C GLU E 45 87.63 -10.63 -34.29
N LYS E 46 87.91 -10.99 -35.53
CA LYS E 46 86.83 -11.30 -36.45
C LYS E 46 86.23 -12.60 -35.96
N ARG E 47 85.17 -12.53 -35.16
CA ARG E 47 84.65 -13.72 -34.51
C ARG E 47 83.18 -13.89 -34.87
N ARG E 48 82.75 -15.13 -35.01
CA ARG E 48 81.34 -15.43 -35.20
C ARG E 48 80.64 -15.43 -33.84
N LEU E 49 79.38 -15.84 -33.84
CA LEU E 49 78.53 -15.77 -32.66
C LEU E 49 77.95 -17.13 -32.34
N ALA E 50 77.87 -17.44 -31.05
CA ALA E 50 77.28 -18.71 -30.63
C ALA E 50 75.77 -18.74 -30.84
N TYR E 51 75.13 -17.58 -30.89
CA TYR E 51 73.75 -17.46 -31.34
C TYR E 51 73.57 -16.07 -31.89
N GLU E 52 72.52 -15.88 -32.67
CA GLU E 52 72.31 -14.65 -33.40
C GLU E 52 71.78 -13.56 -32.47
N MET E 53 72.10 -12.30 -32.81
CA MET E 53 71.82 -11.18 -31.93
C MET E 53 70.76 -10.25 -32.51
N ASN E 54 71.03 -9.63 -33.66
CA ASN E 54 70.00 -8.86 -34.35
C ASN E 54 69.74 -9.38 -35.75
N GLY E 55 70.77 -9.45 -36.58
CA GLY E 55 70.60 -9.97 -37.92
C GLY E 55 71.84 -10.70 -38.37
N PHE E 56 72.67 -11.11 -37.41
CA PHE E 56 73.98 -11.65 -37.75
C PHE E 56 74.30 -12.83 -36.85
N ARG E 57 75.17 -13.70 -37.35
CA ARG E 57 75.87 -14.65 -36.50
C ARG E 57 77.37 -14.44 -36.57
N GLU E 58 77.81 -13.34 -37.17
CA GLU E 58 79.17 -12.87 -37.02
C GLU E 58 79.17 -11.41 -36.59
N GLY E 59 80.35 -10.81 -36.65
CA GLY E 59 80.51 -9.42 -36.27
C GLY E 59 81.99 -9.14 -36.12
N ILE E 60 82.27 -7.94 -35.65
CA ILE E 60 83.64 -7.51 -35.37
C ILE E 60 83.71 -7.18 -33.89
N TYR E 61 84.76 -7.65 -33.24
CA TYR E 61 85.01 -7.30 -31.85
C TYR E 61 86.16 -6.30 -31.82
N HIS E 62 85.88 -5.11 -31.29
CA HIS E 62 86.88 -4.08 -31.12
C HIS E 62 86.84 -3.60 -29.69
N ILE E 63 87.98 -3.67 -29.01
CA ILE E 63 88.07 -3.28 -27.61
C ILE E 63 88.97 -2.04 -27.52
N VAL E 64 88.57 -1.09 -26.67
CA VAL E 64 89.43 0.02 -26.32
C VAL E 64 89.51 0.13 -24.80
N ASN E 65 90.54 0.82 -24.35
CA ASN E 65 90.72 1.11 -22.94
C ASN E 65 90.83 2.61 -22.76
N VAL E 66 90.37 3.07 -21.60
CA VAL E 66 90.17 4.50 -21.39
C VAL E 66 90.16 4.77 -19.89
N THR E 67 90.83 5.86 -19.50
CA THR E 67 90.77 6.38 -18.15
C THR E 67 90.12 7.75 -18.16
N SER E 68 89.40 8.05 -17.08
CA SER E 68 88.58 9.26 -17.02
C SER E 68 88.19 9.50 -15.57
N PRO E 69 88.03 10.77 -15.18
CA PRO E 69 87.39 11.06 -13.89
C PRO E 69 85.95 10.56 -13.89
N SER E 70 85.53 10.06 -12.74
CA SER E 70 84.31 9.24 -12.66
C SER E 70 83.05 10.04 -12.92
N THR E 71 83.07 11.33 -12.58
CA THR E 71 81.87 12.15 -12.64
C THR E 71 81.95 13.22 -13.74
N ALA E 72 82.64 12.91 -14.83
CA ALA E 72 82.65 13.77 -16.01
C ALA E 72 81.55 13.32 -16.96
N GLY E 73 81.58 13.79 -18.20
CA GLY E 73 80.60 13.39 -19.19
C GLY E 73 81.15 12.45 -20.24
N ALA E 74 82.22 11.73 -19.88
CA ALA E 74 82.90 10.86 -20.82
C ALA E 74 82.41 9.43 -20.76
N ILE E 75 81.21 9.20 -20.25
CA ILE E 75 80.66 7.85 -20.21
C ILE E 75 79.31 7.89 -20.89
N ASN E 76 78.42 8.74 -20.38
CA ASN E 76 77.05 8.76 -20.83
C ASN E 76 76.90 9.37 -22.20
N GLU E 77 77.90 10.14 -22.65
CA GLU E 77 77.95 10.57 -24.04
C GLU E 77 78.04 9.38 -24.97
N PHE E 78 78.97 8.47 -24.68
CA PHE E 78 79.09 7.23 -25.45
C PHE E 78 77.86 6.35 -25.27
N ASP E 79 77.30 6.30 -24.07
CA ASP E 79 76.11 5.50 -23.83
C ASP E 79 74.94 5.99 -24.66
N ARG E 80 74.86 7.31 -24.84
CA ARG E 80 73.83 7.89 -25.67
C ARG E 80 74.09 7.62 -27.15
N LEU E 81 75.34 7.73 -27.57
CA LEU E 81 75.63 7.65 -28.99
C LEU E 81 75.89 6.23 -29.49
N ALA E 82 75.92 5.24 -28.61
CA ALA E 82 76.19 3.88 -29.05
C ALA E 82 74.95 3.24 -29.67
N LYS E 83 73.89 3.11 -28.89
CA LYS E 83 72.72 2.35 -29.30
C LYS E 83 71.78 3.12 -30.21
N ILE E 84 72.21 4.24 -30.78
CA ILE E 84 71.45 4.89 -31.82
C ILE E 84 72.04 4.64 -33.20
N ASN E 85 73.28 4.16 -33.28
CA ASN E 85 73.84 3.82 -34.57
C ASN E 85 73.42 2.42 -35.00
N ASP E 86 73.45 2.20 -36.30
CA ASP E 86 73.12 0.89 -36.84
C ASP E 86 74.27 -0.08 -36.67
N ASP E 87 75.50 0.42 -36.80
CA ASP E 87 76.68 -0.42 -36.92
C ASP E 87 77.27 -0.80 -35.57
N ILE E 88 76.46 -0.78 -34.52
CA ILE E 88 76.84 -1.28 -33.22
C ILE E 88 75.80 -2.28 -32.77
N ILE E 89 76.19 -3.53 -32.61
CA ILE E 89 75.24 -4.57 -32.25
C ILE E 89 75.05 -4.62 -30.74
N ARG E 90 76.10 -4.96 -29.99
CA ARG E 90 76.09 -4.80 -28.54
C ARG E 90 77.42 -4.26 -28.08
N HIS E 91 77.45 -3.80 -26.82
CA HIS E 91 78.64 -3.21 -26.24
C HIS E 91 78.51 -3.27 -24.72
N MET E 92 79.65 -3.18 -24.06
CA MET E 92 79.68 -3.32 -22.61
C MET E 92 80.81 -2.47 -22.06
N ILE E 93 80.56 -1.80 -20.93
CA ILE E 93 81.56 -1.01 -20.25
C ILE E 93 81.66 -1.53 -18.83
N VAL E 94 82.86 -1.93 -18.43
CA VAL E 94 83.11 -2.46 -17.10
C VAL E 94 84.25 -1.65 -16.50
N LYS E 95 84.19 -1.39 -15.19
CA LYS E 95 85.32 -0.84 -14.48
C LYS E 95 86.48 -1.84 -14.51
N VAL E 96 87.70 -1.32 -14.65
CA VAL E 96 88.87 -2.16 -14.84
C VAL E 96 89.87 -1.84 -13.74
N GLU E 97 90.27 -2.86 -12.99
CA GLU E 97 91.48 -2.79 -12.20
C GLU E 97 92.30 -4.06 -12.39
N PRO F 1 54.37 -71.15 0.92
CA PRO F 1 53.46 -70.07 0.52
C PRO F 1 54.11 -68.72 0.79
N ARG F 2 54.07 -68.34 2.07
CA ARG F 2 54.72 -67.15 2.56
C ARG F 2 56.13 -67.43 3.06
N LYS F 3 56.32 -68.56 3.72
CA LYS F 3 57.58 -68.82 4.40
C LYS F 3 58.70 -69.17 3.43
N GLY F 4 58.53 -70.26 2.67
CA GLY F 4 59.54 -70.68 1.74
C GLY F 4 59.00 -71.52 0.59
N PRO F 5 59.89 -72.00 -0.27
CA PRO F 5 59.44 -72.85 -1.39
C PRO F 5 58.98 -74.21 -0.90
N VAL F 6 57.83 -74.62 -1.40
CA VAL F 6 57.14 -75.81 -0.91
C VAL F 6 57.74 -77.04 -1.58
N ALA F 7 57.67 -78.18 -0.90
CA ALA F 7 58.19 -79.45 -1.42
C ALA F 7 57.42 -79.87 -2.66
N LYS F 8 58.07 -80.68 -3.51
CA LYS F 8 57.68 -80.72 -4.92
C LYS F 8 56.47 -81.62 -5.19
N ARG F 9 56.32 -82.74 -4.45
CA ARG F 9 55.18 -83.65 -4.56
C ARG F 9 55.03 -84.20 -5.98
N ASP F 10 55.98 -85.05 -6.34
CA ASP F 10 56.10 -85.52 -7.72
C ASP F 10 55.05 -86.58 -8.06
N VAL F 11 55.28 -87.27 -9.18
CA VAL F 11 54.34 -88.23 -9.75
C VAL F 11 55.01 -89.61 -9.81
N LEU F 12 54.26 -90.59 -10.36
CA LEU F 12 54.64 -91.98 -10.45
C LEU F 12 54.63 -92.46 -11.91
N PRO F 13 55.51 -93.39 -12.28
CA PRO F 13 55.53 -93.87 -13.66
C PRO F 13 54.46 -94.92 -13.92
N ASP F 14 54.06 -95.02 -15.18
CA ASP F 14 53.13 -96.05 -15.58
C ASP F 14 53.84 -97.41 -15.54
N PRO F 15 53.11 -98.49 -15.33
CA PRO F 15 53.71 -99.82 -15.48
C PRO F 15 53.79 -100.25 -16.94
N ILE F 16 52.79 -99.88 -17.74
CA ILE F 16 52.71 -100.37 -19.11
C ILE F 16 53.42 -99.41 -20.04
N TYR F 17 52.90 -98.19 -20.16
CA TYR F 17 53.46 -97.23 -21.08
C TYR F 17 54.74 -96.59 -20.54
N ASN F 18 54.96 -96.69 -19.22
CA ASN F 18 56.20 -96.32 -18.54
C ASN F 18 56.55 -94.85 -18.74
N SER F 19 55.65 -93.99 -18.28
CA SER F 19 55.87 -92.55 -18.40
C SER F 19 55.16 -91.83 -17.26
N LYS F 20 55.46 -90.55 -17.13
CA LYS F 20 54.98 -89.73 -16.04
C LYS F 20 54.25 -88.47 -16.47
N LEU F 21 54.69 -87.83 -17.55
CA LEU F 21 53.88 -86.79 -18.17
C LEU F 21 52.57 -87.38 -18.68
N VAL F 22 52.65 -88.59 -19.23
CA VAL F 22 51.47 -89.38 -19.51
C VAL F 22 50.65 -89.58 -18.25
N THR F 23 51.30 -89.95 -17.14
CA THR F 23 50.59 -90.21 -15.89
C THR F 23 49.98 -88.93 -15.32
N ARG F 24 50.68 -87.80 -15.47
CA ARG F 24 50.11 -86.52 -15.04
C ARG F 24 48.91 -86.14 -15.88
N LEU F 25 48.93 -86.47 -17.18
CA LEU F 25 47.74 -86.26 -17.98
C LEU F 25 46.62 -87.23 -17.62
N ILE F 26 46.98 -88.46 -17.23
CA ILE F 26 46.01 -89.43 -16.72
C ILE F 26 45.28 -88.88 -15.51
N ASN F 27 46.03 -88.27 -14.60
CA ASN F 27 45.42 -87.65 -13.43
C ASN F 27 44.63 -86.40 -13.81
N ARG F 28 45.06 -85.67 -14.85
CA ARG F 28 44.39 -84.42 -15.21
C ARG F 28 43.04 -84.68 -15.85
N VAL F 29 42.88 -85.81 -16.53
CA VAL F 29 41.58 -86.17 -17.10
C VAL F 29 40.70 -86.88 -16.07
N MET F 30 41.30 -87.55 -15.09
CA MET F 30 40.56 -88.41 -14.15
C MET F 30 39.63 -87.60 -13.26
N VAL F 31 38.36 -88.01 -13.24
CA VAL F 31 37.33 -87.35 -12.45
C VAL F 31 36.85 -88.33 -11.37
N ASP F 32 36.72 -87.84 -10.15
CA ASP F 32 36.31 -88.59 -8.94
C ASP F 32 37.27 -89.73 -8.60
N GLY F 33 38.48 -89.70 -9.15
CA GLY F 33 39.44 -90.76 -8.94
C GLY F 33 39.03 -92.12 -9.45
N LYS F 34 38.08 -92.17 -10.38
CA LYS F 34 37.63 -93.44 -10.94
C LYS F 34 38.58 -93.79 -12.07
N ARG F 35 39.44 -94.78 -11.81
CA ARG F 35 40.53 -95.08 -12.73
C ARG F 35 40.05 -95.93 -13.90
N GLY F 36 39.24 -96.97 -13.60
CA GLY F 36 39.06 -98.07 -14.54
C GLY F 36 38.36 -97.68 -15.82
N ILE F 37 37.30 -96.87 -15.71
CA ILE F 37 36.64 -96.33 -16.90
C ILE F 37 37.57 -95.37 -17.63
N ALA F 38 38.26 -94.52 -16.86
CA ALA F 38 39.27 -93.66 -17.43
C ALA F 38 40.44 -94.47 -17.99
N ALA F 39 40.79 -95.61 -17.37
CA ALA F 39 41.84 -96.46 -17.93
C ALA F 39 41.45 -97.03 -19.28
N ASN F 40 40.21 -97.50 -19.40
CA ASN F 40 39.71 -98.03 -20.67
C ASN F 40 39.70 -96.97 -21.74
N ILE F 41 39.29 -95.74 -21.41
CA ILE F 41 39.32 -94.72 -22.47
C ILE F 41 40.75 -94.25 -22.76
N ILE F 42 41.69 -94.43 -21.83
CA ILE F 42 43.10 -94.16 -22.13
C ILE F 42 43.63 -95.15 -23.14
N TYR F 43 43.45 -96.45 -22.87
CA TYR F 43 43.96 -97.47 -23.80
C TYR F 43 43.24 -97.40 -25.14
N ASN F 44 41.96 -97.04 -25.13
CA ASN F 44 41.24 -96.87 -26.38
C ASN F 44 41.71 -95.63 -27.14
N SER F 45 42.10 -94.56 -26.45
CA SER F 45 42.60 -93.38 -27.15
C SER F 45 43.99 -93.65 -27.75
N PHE F 46 44.85 -94.38 -27.02
CA PHE F 46 46.14 -94.77 -27.59
C PHE F 46 45.98 -95.77 -28.72
N ASP F 47 44.93 -96.58 -28.70
CA ASP F 47 44.70 -97.48 -29.83
C ASP F 47 44.03 -96.78 -31.01
N ILE F 48 43.32 -95.68 -30.78
CA ILE F 48 42.85 -94.88 -31.92
C ILE F 48 44.01 -94.11 -32.54
N ILE F 49 44.99 -93.69 -31.72
CA ILE F 49 46.21 -93.10 -32.27
C ILE F 49 46.99 -94.12 -33.09
N LYS F 50 47.30 -95.27 -32.48
CA LYS F 50 48.27 -96.23 -33.03
C LYS F 50 47.88 -96.76 -34.40
N GLU F 51 46.58 -96.95 -34.62
CA GLU F 51 46.14 -97.56 -35.87
C GLU F 51 45.80 -96.51 -36.93
N SER F 52 45.09 -95.45 -36.52
CA SER F 52 44.68 -94.42 -37.47
C SER F 52 45.82 -93.42 -37.66
N THR F 53 46.56 -93.60 -38.77
CA THR F 53 47.69 -92.77 -39.20
C THR F 53 48.75 -92.65 -38.10
N GLY F 54 48.99 -93.75 -37.39
CA GLY F 54 49.85 -93.70 -36.24
C GLY F 54 51.09 -94.55 -36.34
N ASN F 55 52.25 -93.93 -36.14
CA ASN F 55 53.49 -94.67 -36.06
C ASN F 55 53.70 -95.23 -34.66
N ASP F 56 53.82 -94.35 -33.67
CA ASP F 56 54.15 -94.75 -32.31
C ASP F 56 53.51 -93.78 -31.32
N PRO F 57 53.12 -94.26 -30.13
CA PRO F 57 52.48 -93.36 -29.15
C PRO F 57 53.46 -92.44 -28.43
N LEU F 58 54.72 -92.84 -28.28
CA LEU F 58 55.73 -91.91 -27.79
C LEU F 58 56.05 -90.87 -28.84
N GLU F 59 56.02 -91.29 -30.10
CA GLU F 59 56.34 -90.40 -31.21
C GLU F 59 55.23 -89.36 -31.40
N VAL F 60 53.96 -89.76 -31.21
CA VAL F 60 52.87 -88.80 -31.40
C VAL F 60 52.85 -87.78 -30.26
N PHE F 61 53.32 -88.15 -29.07
CA PHE F 61 53.41 -87.19 -27.98
C PHE F 61 54.61 -86.29 -28.13
N GLU F 62 55.69 -86.80 -28.72
CA GLU F 62 56.82 -85.93 -29.04
C GLU F 62 56.45 -84.95 -30.15
N GLN F 63 55.63 -85.39 -31.12
CA GLN F 63 55.11 -84.48 -32.14
C GLN F 63 54.13 -83.48 -31.56
N ALA F 64 53.40 -83.87 -30.51
CA ALA F 64 52.61 -82.91 -29.76
C ALA F 64 53.49 -81.86 -29.12
N MET F 65 54.45 -82.30 -28.30
CA MET F 65 55.34 -81.39 -27.58
C MET F 65 56.23 -80.56 -28.49
N LYS F 66 56.39 -80.95 -29.75
CA LYS F 66 56.87 -80.02 -30.76
C LYS F 66 55.91 -78.84 -30.93
N ASN F 67 54.64 -79.13 -31.16
CA ASN F 67 53.68 -78.09 -31.51
C ASN F 67 52.87 -77.58 -30.33
N VAL F 68 52.82 -78.32 -29.22
CA VAL F 68 52.04 -77.89 -28.07
C VAL F 68 52.72 -76.73 -27.36
N MET F 69 54.05 -76.82 -27.19
CA MET F 69 54.89 -76.22 -26.16
C MET F 69 54.55 -74.79 -25.74
N PRO F 70 54.19 -74.60 -24.48
CA PRO F 70 54.10 -73.25 -23.93
C PRO F 70 55.48 -72.65 -23.85
N VAL F 71 55.64 -71.45 -24.40
CA VAL F 71 56.95 -70.85 -24.52
C VAL F 71 57.14 -69.63 -23.63
N LEU F 72 56.07 -68.86 -23.36
CA LEU F 72 56.19 -67.65 -22.56
C LEU F 72 54.99 -67.58 -21.61
N GLU F 73 54.99 -66.55 -20.78
CA GLU F 73 54.09 -66.50 -19.63
C GLU F 73 53.89 -65.05 -19.22
N VAL F 74 52.71 -64.50 -19.50
CA VAL F 74 52.37 -63.17 -19.00
C VAL F 74 51.87 -63.28 -17.57
N LYS F 75 52.18 -62.26 -16.76
CA LYS F 75 51.93 -62.33 -15.32
C LYS F 75 51.44 -60.97 -14.82
N ALA F 76 50.14 -60.87 -14.56
CA ALA F 76 49.53 -59.62 -14.12
C ALA F 76 49.75 -59.44 -12.62
N ARG F 77 50.93 -58.90 -12.27
CA ARG F 77 51.27 -58.70 -10.88
C ARG F 77 51.90 -57.32 -10.67
N ARG F 78 51.61 -56.73 -9.52
CA ARG F 78 52.17 -55.46 -9.08
C ARG F 78 53.23 -55.70 -8.00
N VAL F 79 54.18 -54.79 -7.93
CA VAL F 79 55.07 -54.63 -6.78
C VAL F 79 54.95 -53.16 -6.38
N GLY F 80 54.99 -52.27 -7.37
CA GLY F 80 54.76 -50.86 -7.12
C GLY F 80 53.34 -50.53 -6.75
N GLY F 81 52.38 -51.32 -7.23
CA GLY F 81 51.01 -51.16 -6.78
C GLY F 81 49.98 -50.75 -7.82
N SER F 82 50.15 -51.17 -9.07
CA SER F 82 49.23 -50.72 -10.13
C SER F 82 48.96 -51.89 -11.07
N ASN F 83 48.14 -51.63 -12.09
CA ASN F 83 47.73 -52.66 -13.04
C ASN F 83 48.91 -52.99 -13.94
N TYR F 84 49.75 -53.89 -13.46
CA TYR F 84 51.02 -54.21 -14.07
C TYR F 84 51.02 -55.69 -14.47
N GLN F 85 51.38 -55.97 -15.71
CA GLN F 85 51.43 -57.33 -16.23
C GLN F 85 52.75 -57.57 -16.97
N VAL F 86 53.49 -58.57 -16.52
CA VAL F 86 54.84 -58.85 -17.01
C VAL F 86 54.82 -60.15 -17.81
N PRO F 87 55.31 -60.16 -19.04
CA PRO F 87 55.62 -61.44 -19.70
C PRO F 87 56.94 -61.96 -19.17
N VAL F 88 56.95 -63.23 -18.78
CA VAL F 88 58.12 -63.87 -18.18
C VAL F 88 58.25 -65.25 -18.81
N GLU F 89 59.39 -65.88 -18.61
CA GLU F 89 59.61 -67.23 -19.11
C GLU F 89 58.77 -68.24 -18.33
N VAL F 90 58.49 -69.37 -18.95
CA VAL F 90 57.63 -70.39 -18.38
C VAL F 90 58.50 -71.47 -17.72
N ARG F 91 58.10 -71.87 -16.53
CA ARG F 91 58.82 -72.90 -15.80
C ARG F 91 58.61 -74.24 -16.48
N PRO F 92 59.60 -75.14 -16.41
CA PRO F 92 59.49 -76.41 -17.17
C PRO F 92 58.39 -77.34 -16.68
N GLU F 93 58.20 -77.47 -15.36
CA GLU F 93 57.04 -78.19 -14.87
C GLU F 93 55.76 -77.45 -15.21
N ARG F 94 55.80 -76.12 -15.14
CA ARG F 94 54.64 -75.33 -15.52
C ARG F 94 54.43 -75.37 -17.03
N ARG F 95 55.49 -75.62 -17.80
CA ARG F 95 55.34 -75.80 -19.25
C ARG F 95 54.56 -77.06 -19.57
N THR F 96 54.94 -78.18 -18.95
CA THR F 96 54.17 -79.42 -19.10
C THR F 96 52.77 -79.28 -18.52
N THR F 97 52.64 -78.51 -17.45
CA THR F 97 51.35 -78.27 -16.81
C THR F 97 50.39 -77.55 -17.75
N LEU F 98 50.87 -76.46 -18.36
CA LEU F 98 50.07 -75.71 -19.31
C LEU F 98 49.82 -76.49 -20.59
N GLY F 99 50.77 -77.33 -21.01
CA GLY F 99 50.54 -78.16 -22.19
C GLY F 99 49.43 -79.18 -22.00
N LEU F 100 49.50 -79.95 -20.90
CA LEU F 100 48.45 -80.91 -20.60
C LEU F 100 47.13 -80.20 -20.30
N ARG F 101 47.20 -78.99 -19.72
CA ARG F 101 46.00 -78.20 -19.47
C ARG F 101 45.31 -77.80 -20.77
N TRP F 102 46.09 -77.39 -21.77
CA TRP F 102 45.52 -77.05 -23.08
C TRP F 102 44.95 -78.27 -23.77
N VAL F 103 45.60 -79.42 -23.58
CA VAL F 103 45.09 -80.69 -24.11
C VAL F 103 43.71 -81.00 -23.53
N VAL F 104 43.56 -80.88 -22.20
CA VAL F 104 42.27 -81.16 -21.60
C VAL F 104 41.25 -80.05 -21.93
N ASN F 105 41.73 -78.81 -22.12
CA ASN F 105 40.86 -77.70 -22.47
C ASN F 105 40.20 -77.87 -23.83
N TYR F 106 40.96 -78.31 -24.83
CA TYR F 106 40.34 -78.45 -26.14
C TYR F 106 39.85 -79.86 -26.43
N ALA F 107 40.39 -80.89 -25.78
CA ALA F 107 39.82 -82.22 -25.90
C ALA F 107 38.54 -82.37 -25.10
N ARG F 108 38.34 -81.51 -24.10
CA ARG F 108 37.12 -81.57 -23.30
C ARG F 108 35.94 -81.01 -24.06
N LEU F 109 36.12 -79.88 -24.72
CA LEU F 109 35.02 -79.14 -25.33
C LEU F 109 35.28 -78.88 -26.81
N ARG F 110 35.77 -79.90 -27.53
CA ARG F 110 35.88 -79.79 -28.98
C ARG F 110 34.50 -79.75 -29.63
N GLY F 111 33.62 -80.67 -29.24
CA GLY F 111 32.26 -80.69 -29.73
C GLY F 111 31.84 -81.93 -30.49
N GLU F 112 32.66 -82.98 -30.50
CA GLU F 112 32.29 -84.21 -31.18
C GLU F 112 31.48 -85.09 -30.22
N HIS F 113 30.64 -85.95 -30.80
CA HIS F 113 29.51 -86.49 -30.07
C HIS F 113 29.93 -87.55 -29.04
N THR F 114 30.58 -88.62 -29.48
CA THR F 114 31.00 -89.66 -28.55
C THR F 114 32.20 -89.16 -27.77
N MET F 115 32.33 -89.63 -26.51
CA MET F 115 33.12 -88.95 -25.49
C MET F 115 34.62 -88.95 -25.80
N GLU F 116 35.12 -89.94 -26.53
CA GLU F 116 36.54 -90.02 -26.84
C GLU F 116 36.82 -89.84 -28.32
N GLU F 117 35.80 -89.52 -29.12
CA GLU F 117 36.04 -88.94 -30.43
C GLU F 117 36.89 -87.70 -30.31
N ARG F 118 36.39 -86.72 -29.54
CA ARG F 118 37.11 -85.46 -29.38
C ARG F 118 38.43 -85.64 -28.67
N LEU F 119 38.49 -86.56 -27.70
CA LEU F 119 39.72 -86.84 -26.96
C LEU F 119 40.78 -87.43 -27.88
N ALA F 120 40.45 -88.54 -28.55
CA ALA F 120 41.42 -89.25 -29.38
C ALA F 120 41.78 -88.45 -30.62
N LYS F 121 40.81 -87.75 -31.20
CA LYS F 121 41.11 -86.94 -32.37
C LYS F 121 41.91 -85.70 -32.00
N GLU F 122 41.74 -85.16 -30.78
CA GLU F 122 42.56 -84.02 -30.43
C GLU F 122 43.96 -84.42 -30.02
N ILE F 123 44.13 -85.60 -29.41
CA ILE F 123 45.51 -86.06 -29.17
C ILE F 123 46.16 -86.58 -30.43
N MET F 124 45.39 -86.79 -31.51
CA MET F 124 45.97 -86.83 -32.85
C MET F 124 46.31 -85.43 -33.35
N ASP F 125 45.43 -84.46 -33.09
CA ASP F 125 45.54 -83.14 -33.71
C ASP F 125 46.67 -82.31 -33.15
N ALA F 126 47.00 -82.47 -31.86
CA ALA F 126 48.06 -81.68 -31.25
C ALA F 126 49.44 -82.05 -31.77
N ALA F 127 49.57 -83.21 -32.40
CA ALA F 127 50.84 -83.67 -32.94
C ALA F 127 51.27 -82.93 -34.20
N ASN F 128 50.34 -82.27 -34.91
CA ASN F 128 50.62 -81.75 -36.25
C ASN F 128 50.04 -80.35 -36.44
N ASN F 129 50.32 -79.45 -35.50
CA ASN F 129 49.97 -78.01 -35.58
C ASN F 129 48.47 -77.75 -35.66
N THR F 130 47.67 -78.55 -34.95
CA THR F 130 46.23 -78.33 -34.86
C THR F 130 45.76 -78.48 -33.42
N GLY F 131 44.56 -77.99 -33.14
CA GLY F 131 44.01 -77.92 -31.81
C GLY F 131 44.19 -76.54 -31.20
N ALA F 132 43.46 -76.31 -30.10
CA ALA F 132 43.57 -75.01 -29.42
C ALA F 132 44.83 -74.87 -28.58
N SER F 133 45.62 -75.95 -28.45
CA SER F 133 46.98 -75.81 -27.95
C SER F 133 47.82 -74.97 -28.90
N VAL F 134 47.53 -75.05 -30.20
CA VAL F 134 48.19 -74.21 -31.19
C VAL F 134 47.61 -72.80 -31.19
N LYS F 135 46.31 -72.69 -30.93
CA LYS F 135 45.67 -71.37 -30.82
C LYS F 135 46.21 -70.60 -29.63
N LYS F 136 46.33 -71.27 -28.48
CA LYS F 136 46.92 -70.62 -27.32
C LYS F 136 48.42 -70.41 -27.51
N ARG F 137 49.06 -71.23 -28.35
CA ARG F 137 50.44 -70.98 -28.73
C ARG F 137 50.56 -69.70 -29.54
N GLU F 138 49.59 -69.44 -30.41
CA GLU F 138 49.54 -68.18 -31.14
C GLU F 138 49.27 -67.02 -30.19
N ASP F 139 48.41 -67.23 -29.19
CA ASP F 139 48.14 -66.22 -28.17
C ASP F 139 49.42 -65.87 -27.41
N THR F 140 50.20 -66.90 -27.07
CA THR F 140 51.47 -66.72 -26.39
C THR F 140 52.48 -66.00 -27.27
N HIS F 141 52.50 -66.35 -28.56
CA HIS F 141 53.43 -65.70 -29.48
C HIS F 141 53.02 -64.27 -29.80
N LYS F 142 51.75 -63.93 -29.63
CA LYS F 142 51.26 -62.60 -30.00
C LYS F 142 51.29 -61.61 -28.85
N MET F 143 50.61 -61.94 -27.74
CA MET F 143 50.45 -60.93 -26.69
C MET F 143 51.72 -60.68 -25.91
N ALA F 144 52.71 -61.58 -26.00
CA ALA F 144 54.03 -61.30 -25.48
C ALA F 144 54.73 -60.26 -26.36
N ASP F 145 55.79 -59.66 -25.79
CA ASP F 145 56.59 -58.57 -26.37
C ASP F 145 55.77 -57.32 -26.65
N ALA F 146 54.59 -57.20 -26.05
CA ALA F 146 53.67 -56.10 -26.28
C ALA F 146 53.39 -55.31 -25.02
N ASN F 147 53.00 -55.99 -23.94
CA ASN F 147 52.76 -55.34 -22.64
C ASN F 147 53.93 -55.56 -21.70
N ARG F 148 55.15 -55.48 -22.23
CA ARG F 148 56.35 -55.80 -21.48
C ARG F 148 56.94 -54.60 -20.74
N ALA F 149 57.14 -53.48 -21.45
CA ALA F 149 58.11 -52.47 -21.04
C ALA F 149 57.67 -51.65 -19.83
N PHE F 150 56.38 -51.65 -19.49
CA PHE F 150 56.00 -50.96 -18.26
C PHE F 150 56.26 -51.85 -17.05
N ALA F 151 56.00 -53.14 -17.19
CA ALA F 151 56.29 -54.13 -16.16
C ALA F 151 57.59 -54.84 -16.46
N HIS F 152 58.55 -54.12 -17.04
CA HIS F 152 59.82 -54.71 -17.44
C HIS F 152 60.72 -55.02 -16.27
N TYR F 153 60.43 -54.50 -15.08
CA TYR F 153 61.27 -54.73 -13.91
C TYR F 153 60.82 -55.94 -13.09
N ARG F 154 60.53 -57.04 -13.77
CA ARG F 154 60.04 -58.27 -13.13
C ARG F 154 60.57 -59.50 -13.85
N VAL G 1 80.14 -2.00 30.64
CA VAL G 1 81.26 -1.17 31.08
C VAL G 1 81.36 -1.27 32.59
N MET G 2 82.58 -1.48 33.09
CA MET G 2 82.79 -1.75 34.50
C MET G 2 82.56 -0.50 35.35
N THR G 3 81.34 -0.32 35.81
CA THR G 3 81.07 0.69 36.83
C THR G 3 81.65 0.30 38.17
N ASP G 4 81.86 -0.98 38.41
CA ASP G 4 82.42 -1.50 39.64
C ASP G 4 83.64 -2.37 39.34
N PRO G 5 84.71 -2.14 40.04
CA PRO G 5 85.87 -3.03 39.87
C PRO G 5 85.90 -4.21 40.84
N ILE G 6 85.10 -4.15 41.91
CA ILE G 6 85.36 -5.05 43.04
C ILE G 6 84.68 -6.40 42.84
N ALA G 7 83.46 -6.39 42.30
CA ALA G 7 82.69 -7.63 42.26
C ALA G 7 83.27 -8.66 41.29
N ASP G 8 84.00 -8.20 40.26
CA ASP G 8 84.70 -9.12 39.38
C ASP G 8 85.76 -9.91 40.14
N PHE G 9 86.43 -9.25 41.08
CA PHE G 9 87.45 -9.91 41.90
C PHE G 9 86.85 -11.03 42.73
N LEU G 10 85.73 -10.74 43.40
CA LEU G 10 85.09 -11.73 44.25
C LEU G 10 84.48 -12.86 43.43
N THR G 11 83.93 -12.54 42.27
CA THR G 11 83.40 -13.61 41.44
C THR G 11 84.49 -14.44 40.80
N ARG G 12 85.65 -13.85 40.51
CA ARG G 12 86.77 -14.66 40.05
C ARG G 12 87.25 -15.60 41.14
N ILE G 13 87.18 -15.16 42.40
CA ILE G 13 87.53 -16.04 43.51
C ILE G 13 86.54 -17.21 43.60
N ARG G 14 85.24 -16.91 43.54
CA ARG G 14 84.27 -18.01 43.64
C ARG G 14 84.33 -18.93 42.44
N ASN G 15 84.57 -18.39 41.25
CA ASN G 15 84.61 -19.21 40.06
C ASN G 15 85.84 -20.11 40.05
N ALA G 16 87.00 -19.53 40.39
CA ALA G 16 88.22 -20.33 40.47
C ALA G 16 88.16 -21.33 41.60
N ASN G 17 87.43 -21.02 42.67
CA ASN G 17 87.28 -22.00 43.73
C ASN G 17 86.32 -23.09 43.34
N MET G 18 85.39 -22.80 42.42
CA MET G 18 84.40 -23.80 42.07
C MET G 18 84.99 -24.85 41.13
N VAL G 19 85.86 -24.43 40.21
CA VAL G 19 86.59 -25.38 39.38
C VAL G 19 87.87 -25.82 40.06
N LYS G 20 88.16 -25.29 41.26
CA LYS G 20 89.09 -25.86 42.23
C LYS G 20 90.53 -25.92 41.72
N HIS G 21 91.12 -24.75 41.49
CA HIS G 21 92.55 -24.72 41.21
C HIS G 21 93.24 -23.65 42.02
N GLU G 22 94.48 -23.32 41.66
CA GLU G 22 95.40 -22.69 42.60
C GLU G 22 95.83 -21.27 42.27
N THR G 23 95.68 -20.80 41.03
CA THR G 23 96.19 -19.48 40.68
C THR G 23 95.05 -18.56 40.26
N LEU G 24 95.28 -17.26 40.45
CA LEU G 24 94.32 -16.23 40.05
C LEU G 24 95.04 -14.89 40.02
N GLU G 25 94.87 -14.16 38.93
CA GLU G 25 95.42 -12.80 38.83
C GLU G 25 94.34 -11.83 38.43
N VAL G 26 94.34 -10.67 39.09
CA VAL G 26 93.39 -9.61 38.85
C VAL G 26 94.20 -8.31 38.82
N PRO G 27 93.89 -7.37 37.92
CA PRO G 27 94.48 -6.04 38.00
C PRO G 27 94.07 -5.36 39.31
N ALA G 28 95.01 -4.61 39.88
CA ALA G 28 94.98 -4.25 41.28
C ALA G 28 94.47 -2.83 41.47
N SER G 29 93.56 -2.66 42.41
CA SER G 29 93.22 -1.36 42.96
C SER G 29 94.17 -1.08 44.11
N LYS G 30 93.90 -0.03 44.89
CA LYS G 30 94.57 0.02 46.17
C LYS G 30 93.90 -0.92 47.16
N ILE G 31 92.58 -0.83 47.28
CA ILE G 31 91.90 -1.54 48.35
C ILE G 31 91.80 -3.03 48.07
N LYS G 32 91.96 -3.46 46.82
CA LYS G 32 92.02 -4.89 46.53
C LYS G 32 93.24 -5.51 47.19
N ARG G 33 94.36 -4.80 47.12
CA ARG G 33 95.55 -5.22 47.84
C ARG G 33 95.30 -5.23 49.33
N ASP G 34 94.50 -4.29 49.82
CA ASP G 34 94.28 -4.19 51.25
C ASP G 34 93.42 -5.32 51.77
N ILE G 35 92.37 -5.69 51.03
CA ILE G 35 91.59 -6.83 51.46
C ILE G 35 92.31 -8.14 51.17
N ALA G 36 93.27 -8.16 50.25
CA ALA G 36 94.13 -9.32 50.14
C ALA G 36 95.00 -9.47 51.37
N GLU G 37 95.49 -8.35 51.91
CA GLU G 37 96.23 -8.39 53.16
C GLU G 37 95.35 -8.86 54.30
N ILE G 38 94.07 -8.45 54.30
CA ILE G 38 93.12 -8.93 55.29
C ILE G 38 92.93 -10.43 55.18
N LEU G 39 92.80 -10.93 53.96
CA LEU G 39 92.61 -12.37 53.78
C LEU G 39 93.89 -13.15 54.03
N LYS G 40 95.04 -12.47 54.03
CA LYS G 40 96.27 -13.14 54.45
C LYS G 40 96.44 -13.09 55.97
N ARG G 41 95.84 -12.09 56.64
CA ARG G 41 95.76 -12.12 58.09
C ARG G 41 94.99 -13.33 58.56
N GLU G 42 93.76 -13.49 58.05
CA GLU G 42 93.03 -14.72 58.24
C GLU G 42 93.68 -15.90 57.56
N GLY G 43 94.53 -15.64 56.56
CA GLY G 43 95.32 -16.70 55.98
C GLY G 43 94.52 -17.60 55.07
N PHE G 44 93.56 -17.06 54.34
CA PHE G 44 92.87 -17.87 53.36
C PHE G 44 93.66 -18.01 52.08
N ILE G 45 94.63 -17.14 51.84
CA ILE G 45 95.48 -17.23 50.67
C ILE G 45 96.85 -17.70 51.14
N ARG G 46 97.42 -18.64 50.41
CA ARG G 46 98.75 -19.13 50.77
C ARG G 46 99.80 -18.04 50.64
N ASP G 47 99.75 -17.28 49.54
CA ASP G 47 100.64 -16.15 49.36
C ASP G 47 100.05 -15.26 48.28
N VAL G 48 100.35 -13.96 48.37
CA VAL G 48 100.14 -13.05 47.26
C VAL G 48 101.44 -12.31 46.98
N GLU G 49 101.62 -11.97 45.71
CA GLU G 49 102.76 -11.19 45.26
C GLU G 49 102.24 -10.13 44.31
N TYR G 50 103.00 -9.05 44.16
CA TYR G 50 102.54 -7.96 43.33
C TYR G 50 103.64 -7.50 42.39
N ILE G 51 103.33 -7.53 41.09
CA ILE G 51 104.22 -7.06 40.04
C ILE G 51 103.52 -5.93 39.32
N GLU G 52 104.20 -4.80 39.18
CA GLU G 52 103.62 -3.66 38.49
C GLU G 52 104.61 -3.13 37.47
N ASP G 53 104.11 -2.76 36.29
CA ASP G 53 104.96 -2.24 35.23
C ASP G 53 104.70 -0.78 34.88
N ASP G 54 103.50 -0.44 34.39
CA ASP G 54 103.11 0.96 34.27
C ASP G 54 101.63 1.16 34.50
N LYS G 55 100.92 0.17 35.03
CA LYS G 55 99.47 0.12 34.97
C LYS G 55 98.97 -0.36 36.32
N GLN G 56 97.70 -0.72 36.38
CA GLN G 56 97.24 -1.46 37.52
C GLN G 56 97.72 -2.90 37.42
N GLY G 57 97.88 -3.52 38.57
CA GLY G 57 98.00 -4.95 38.63
C GLY G 57 99.35 -5.48 38.21
N VAL G 58 99.56 -6.77 38.48
CA VAL G 58 98.53 -7.64 39.05
C VAL G 58 98.94 -8.28 40.35
N ILE G 59 97.96 -8.59 41.16
CA ILE G 59 98.17 -9.40 42.35
C ILE G 59 97.87 -10.84 42.00
N ARG G 60 98.77 -11.74 42.35
CA ARG G 60 98.61 -13.15 42.06
C ARG G 60 98.13 -13.85 43.31
N VAL G 61 97.11 -14.70 43.15
CA VAL G 61 96.39 -15.28 44.27
C VAL G 61 96.67 -16.77 44.30
N PHE G 62 97.04 -17.29 45.46
CA PHE G 62 97.40 -18.70 45.63
C PHE G 62 96.37 -19.33 46.56
N LEU G 63 95.38 -20.01 45.99
CA LEU G 63 94.31 -20.58 46.81
C LEU G 63 94.81 -21.78 47.62
N LYS G 64 93.99 -22.16 48.60
CA LYS G 64 94.42 -22.99 49.71
C LYS G 64 93.38 -24.07 49.96
N TYR G 65 93.84 -25.29 50.26
CA TYR G 65 92.94 -26.41 50.43
C TYR G 65 93.40 -27.25 51.61
N GLY G 66 92.56 -28.20 52.00
CA GLY G 66 92.79 -29.03 53.17
C GLY G 66 93.50 -30.33 52.84
N LYS G 67 93.15 -31.37 53.60
CA LYS G 67 93.74 -32.71 53.45
C LYS G 67 93.46 -33.32 52.08
N ASN G 68 92.20 -33.59 51.83
CA ASN G 68 91.76 -34.39 50.70
C ASN G 68 90.82 -33.59 49.81
N GLU G 69 91.28 -32.38 49.44
CA GLU G 69 90.64 -31.43 48.52
C GLU G 69 89.37 -30.81 49.11
N GLU G 70 89.19 -30.90 50.42
CA GLU G 70 88.20 -30.07 51.09
C GLU G 70 88.59 -28.61 51.00
N ARG G 71 87.59 -27.73 50.92
CA ARG G 71 87.82 -26.34 50.60
C ARG G 71 87.46 -25.43 51.77
N VAL G 72 88.18 -24.33 51.89
CA VAL G 72 88.11 -23.50 53.08
C VAL G 72 86.92 -22.54 53.01
N ILE G 73 86.83 -21.73 51.97
CA ILE G 73 85.85 -20.66 51.88
C ILE G 73 84.80 -21.05 50.86
N THR G 74 83.53 -20.87 51.23
CA THR G 74 82.45 -21.46 50.47
C THR G 74 81.44 -20.46 49.92
N ASN G 75 81.57 -19.17 50.24
CA ASN G 75 80.80 -18.10 49.58
C ASN G 75 81.53 -16.78 49.74
N LEU G 76 81.15 -15.83 48.89
CA LEU G 76 81.81 -14.53 48.87
C LEU G 76 80.92 -13.56 48.10
N LYS G 77 80.40 -12.52 48.77
CA LYS G 77 79.59 -11.54 48.06
C LYS G 77 79.66 -10.19 48.75
N ARG G 78 79.29 -9.16 47.99
CA ARG G 78 79.41 -7.77 48.41
C ARG G 78 78.17 -7.28 49.14
N ILE G 79 78.32 -6.12 49.77
CA ILE G 79 77.26 -5.52 50.57
C ILE G 79 76.91 -4.15 50.03
N SER G 80 77.88 -3.23 50.04
CA SER G 80 77.65 -1.84 49.64
C SER G 80 78.16 -1.66 48.22
N LYS G 81 77.38 -2.14 47.27
CA LYS G 81 77.69 -1.93 45.88
C LYS G 81 77.39 -0.48 45.48
N PRO G 82 77.95 0.00 44.37
CA PRO G 82 77.42 1.21 43.75
C PRO G 82 75.97 1.00 43.35
N GLY G 83 75.21 2.08 43.35
CA GLY G 83 73.78 1.95 43.23
C GLY G 83 73.08 1.96 44.57
N LEU G 84 73.46 1.06 45.49
CA LEU G 84 72.96 1.09 46.86
C LEU G 84 74.15 0.99 47.80
N ARG G 85 74.68 2.14 48.18
CA ARG G 85 75.75 2.15 49.16
C ARG G 85 75.17 1.84 50.54
N ALA G 86 76.06 1.50 51.48
CA ALA G 86 75.59 1.09 52.80
C ALA G 86 76.58 1.54 53.87
N TYR G 87 76.07 1.73 55.08
CA TYR G 87 76.88 2.16 56.22
C TYR G 87 76.32 1.49 57.47
N VAL G 88 77.22 1.22 58.42
CA VAL G 88 76.85 0.51 59.64
C VAL G 88 77.52 1.18 60.82
N LYS G 89 76.74 1.54 61.84
CA LYS G 89 77.27 2.22 63.00
C LYS G 89 77.88 1.23 63.99
N ALA G 90 78.35 1.78 65.12
CA ALA G 90 79.33 1.09 65.95
C ALA G 90 78.75 -0.11 66.66
N ASP G 91 77.63 0.06 67.36
CA ASP G 91 76.92 -1.08 67.93
C ASP G 91 75.88 -1.63 66.98
N GLU G 92 76.09 -1.45 65.70
CA GLU G 92 75.27 -2.07 64.67
C GLU G 92 76.06 -3.10 63.88
N VAL G 93 77.30 -3.34 64.25
CA VAL G 93 78.23 -4.13 63.41
C VAL G 93 77.80 -5.58 63.40
N PRO G 94 77.62 -6.19 62.24
CA PRO G 94 77.08 -7.54 62.17
C PRO G 94 78.12 -8.59 62.54
N LYS G 95 77.64 -9.82 62.63
CA LYS G 95 78.46 -10.90 63.16
C LYS G 95 77.84 -12.20 62.62
N VAL G 96 78.49 -12.78 61.61
CA VAL G 96 77.84 -13.79 60.77
C VAL G 96 78.32 -15.18 61.20
N LEU G 97 77.42 -16.17 61.01
CA LEU G 97 77.64 -17.58 61.37
C LEU G 97 78.02 -17.76 62.83
N ASN G 98 77.40 -16.95 63.69
CA ASN G 98 77.77 -16.76 65.08
C ASN G 98 79.27 -16.46 65.21
N GLY G 99 79.68 -15.38 64.55
CA GLY G 99 81.03 -14.91 64.64
C GLY G 99 82.05 -15.67 63.84
N LEU G 100 81.64 -16.67 63.07
CA LEU G 100 82.61 -17.52 62.39
C LEU G 100 83.19 -16.82 61.16
N GLY G 101 82.34 -16.48 60.20
CA GLY G 101 82.80 -15.69 59.08
C GLY G 101 83.01 -14.24 59.47
N ILE G 102 83.88 -13.56 58.71
CA ILE G 102 84.22 -12.19 59.02
C ILE G 102 83.67 -11.29 57.92
N ALA G 103 83.78 -9.99 58.14
CA ALA G 103 83.39 -8.99 57.16
C ALA G 103 84.45 -7.90 57.10
N ILE G 104 84.16 -6.88 56.30
CA ILE G 104 85.11 -5.83 55.98
C ILE G 104 84.47 -4.50 56.34
N ILE G 105 85.22 -3.64 57.04
CA ILE G 105 84.72 -2.33 57.42
C ILE G 105 85.82 -1.31 57.19
N SER G 106 85.49 -0.24 56.46
CA SER G 106 86.41 0.87 56.21
C SER G 106 86.10 1.99 57.19
N THR G 107 86.84 2.05 58.29
CA THR G 107 86.66 3.12 59.26
C THR G 107 87.28 4.41 58.76
N SER G 108 87.15 5.46 59.56
CA SER G 108 87.71 6.76 59.22
C SER G 108 89.24 6.75 59.20
N GLU G 109 89.87 5.77 59.84
CA GLU G 109 91.32 5.65 59.86
C GLU G 109 91.84 4.58 58.91
N GLY G 110 90.96 3.71 58.41
CA GLY G 110 91.42 2.68 57.49
C GLY G 110 90.43 1.53 57.45
N VAL G 111 90.91 0.40 56.93
CA VAL G 111 90.09 -0.78 56.72
C VAL G 111 90.62 -1.88 57.63
N ILE G 112 89.73 -2.49 58.40
CA ILE G 112 90.08 -3.46 59.42
C ILE G 112 89.10 -4.63 59.36
N THR G 113 89.24 -5.55 60.30
CA THR G 113 88.24 -6.59 60.47
C THR G 113 87.20 -6.15 61.51
N ASP G 114 86.18 -6.97 61.65
CA ASP G 114 85.03 -6.58 62.47
C ASP G 114 85.26 -6.80 63.96
N LYS G 115 86.10 -7.76 64.35
CA LYS G 115 86.51 -7.80 65.74
C LYS G 115 87.36 -6.60 66.10
N GLU G 116 88.15 -6.12 65.13
CA GLU G 116 88.87 -4.88 65.32
C GLU G 116 87.91 -3.69 65.39
N ALA G 117 86.76 -3.80 64.73
CA ALA G 117 85.77 -2.75 64.80
C ALA G 117 85.12 -2.70 66.17
N ARG G 118 84.51 -3.82 66.59
CA ARG G 118 83.80 -3.84 67.87
C ARG G 118 84.73 -3.75 69.07
N ALA G 119 86.01 -4.08 68.89
CA ALA G 119 87.01 -3.80 69.91
C ALA G 119 87.37 -2.33 69.97
N LYS G 120 87.05 -1.56 68.93
CA LYS G 120 87.19 -0.11 68.96
C LYS G 120 85.86 0.62 69.07
N ASN G 121 84.76 -0.04 68.70
CA ASN G 121 83.40 0.51 68.71
C ASN G 121 83.31 1.78 67.87
N ILE G 122 83.57 1.59 66.59
CA ILE G 122 83.52 2.64 65.58
C ILE G 122 82.54 2.20 64.51
N GLY G 123 81.71 3.12 64.04
CA GLY G 123 80.84 2.82 62.93
C GLY G 123 81.52 3.03 61.59
N GLY G 124 81.08 2.27 60.60
CA GLY G 124 81.73 2.30 59.31
C GLY G 124 80.92 1.81 58.14
N GLU G 125 81.61 1.30 57.13
CA GLU G 125 81.08 1.01 55.81
C GLU G 125 81.37 -0.46 55.50
N VAL G 126 80.32 -1.27 55.38
CA VAL G 126 80.46 -2.71 55.26
C VAL G 126 80.55 -3.09 53.79
N ILE G 127 81.63 -3.78 53.43
CA ILE G 127 81.95 -4.08 52.04
C ILE G 127 81.39 -5.44 51.64
N ALA G 128 81.78 -6.49 52.36
CA ALA G 128 81.53 -7.85 51.90
C ALA G 128 81.59 -8.81 53.06
N TYR G 129 81.06 -10.01 52.83
CA TYR G 129 81.22 -11.12 53.74
C TYR G 129 82.13 -12.18 53.13
N VAL G 130 82.54 -13.11 53.97
CA VAL G 130 83.25 -14.32 53.55
C VAL G 130 83.02 -15.40 54.60
N TRP G 131 82.65 -16.60 54.14
CA TRP G 131 82.54 -17.77 55.02
C TRP G 131 82.58 -19.03 54.18
N GLN H 1 54.50 -131.09 4.74
CA GLN H 1 55.05 -130.55 3.51
C GLN H 1 55.77 -129.24 3.77
N VAL H 2 56.23 -128.61 2.69
CA VAL H 2 56.94 -127.34 2.76
C VAL H 2 55.96 -126.21 2.48
N GLN H 3 56.07 -125.12 3.25
CA GLN H 3 55.36 -123.89 2.98
C GLN H 3 56.16 -122.75 3.62
N TYR H 4 56.01 -121.55 3.07
CA TYR H 4 56.81 -120.40 3.46
C TYR H 4 55.91 -119.31 4.02
N SER H 5 56.35 -118.68 5.10
CA SER H 5 55.51 -117.74 5.82
C SER H 5 55.43 -116.39 5.10
N GLY H 6 54.28 -115.73 5.26
CA GLY H 6 54.04 -114.43 4.66
C GLY H 6 52.67 -113.85 4.99
N THR H 7 52.63 -112.56 5.30
CA THR H 7 51.36 -111.90 5.56
C THR H 7 51.49 -110.42 5.22
N GLY H 8 50.37 -109.78 4.90
CA GLY H 8 50.36 -108.39 4.56
C GLY H 8 49.36 -107.62 5.40
N ARG H 9 49.57 -106.31 5.47
CA ARG H 9 48.82 -105.48 6.41
C ARG H 9 48.84 -104.03 5.92
N ARG H 10 47.75 -103.57 5.29
CA ARG H 10 47.55 -102.17 4.93
C ARG H 10 46.09 -101.92 4.53
N LYS H 11 45.51 -100.86 5.11
CA LYS H 11 44.23 -100.26 4.70
C LYS H 11 43.08 -101.28 4.80
N ASN H 12 42.81 -101.71 6.04
CA ASN H 12 41.68 -102.57 6.40
C ASN H 12 41.71 -103.89 5.62
N ALA H 13 42.91 -104.38 5.33
CA ALA H 13 43.08 -105.54 4.45
C ALA H 13 44.29 -106.33 4.93
N VAL H 14 44.06 -107.58 5.33
CA VAL H 14 45.11 -108.44 5.84
C VAL H 14 45.27 -109.62 4.88
N ALA H 15 46.50 -110.08 4.72
CA ALA H 15 46.85 -111.09 3.73
C ALA H 15 47.42 -112.34 4.40
N ARG H 16 47.33 -113.45 3.69
CA ARG H 16 48.01 -114.70 4.07
C ARG H 16 48.78 -115.17 2.85
N VAL H 17 50.08 -114.89 2.83
CA VAL H 17 50.97 -115.25 1.74
C VAL H 17 51.66 -116.55 2.10
N ARG H 18 51.68 -117.51 1.18
CA ARG H 18 52.15 -118.86 1.46
C ARG H 18 52.90 -119.36 0.23
N LEU H 19 54.23 -119.23 0.27
CA LEU H 19 55.07 -119.46 -0.90
C LEU H 19 55.56 -120.90 -0.96
N VAL H 20 55.58 -121.44 -2.17
CA VAL H 20 56.28 -122.68 -2.51
C VAL H 20 57.15 -122.35 -3.72
N PRO H 21 58.36 -122.88 -3.83
CA PRO H 21 59.16 -122.60 -5.03
C PRO H 21 58.58 -123.25 -6.28
N GLY H 22 58.05 -122.42 -7.18
CA GLY H 22 57.35 -122.95 -8.33
C GLY H 22 57.46 -122.10 -9.59
N THR H 23 56.34 -121.94 -10.29
CA THR H 23 56.30 -121.26 -11.58
C THR H 23 55.49 -119.98 -11.58
N GLY H 24 54.68 -119.73 -10.56
CA GLY H 24 53.80 -118.59 -10.55
C GLY H 24 52.34 -118.99 -10.54
N LYS H 25 51.75 -118.98 -9.35
CA LYS H 25 50.32 -119.16 -9.15
C LYS H 25 49.84 -118.06 -8.22
N ILE H 26 48.81 -117.33 -8.65
CA ILE H 26 48.28 -116.22 -7.87
C ILE H 26 46.76 -116.33 -7.93
N THR H 27 46.18 -117.02 -6.94
CA THR H 27 44.72 -117.17 -6.82
C THR H 27 44.35 -116.94 -5.36
N VAL H 28 43.84 -115.76 -5.04
CA VAL H 28 43.36 -115.48 -3.69
C VAL H 28 42.01 -116.15 -3.48
N ASN H 29 41.97 -117.11 -2.55
CA ASN H 29 40.83 -117.98 -2.28
C ASN H 29 40.34 -118.65 -3.55
N LYS H 30 41.31 -119.21 -4.29
CA LYS H 30 41.13 -119.84 -5.61
C LYS H 30 40.58 -118.88 -6.65
N LYS H 31 40.93 -117.59 -6.57
CA LYS H 31 40.50 -116.62 -7.56
C LYS H 31 41.68 -115.80 -8.06
N ASP H 32 41.93 -115.90 -9.37
CA ASP H 32 43.10 -115.33 -10.04
C ASP H 32 43.02 -113.81 -10.11
N VAL H 33 44.13 -113.19 -10.51
CA VAL H 33 44.22 -111.74 -10.75
C VAL H 33 43.27 -111.28 -11.84
N GLU H 34 42.92 -112.16 -12.78
CA GLU H 34 41.90 -111.82 -13.75
C GLU H 34 40.54 -112.38 -13.37
N GLU H 35 40.46 -113.21 -12.33
CA GLU H 35 39.20 -113.68 -11.80
C GLU H 35 38.71 -112.79 -10.67
N TYR H 36 39.58 -112.50 -9.69
CA TYR H 36 39.18 -111.64 -8.59
C TYR H 36 39.19 -110.18 -9.03
N ILE H 37 40.33 -109.70 -9.49
CA ILE H 37 40.52 -108.28 -9.77
C ILE H 37 39.96 -107.99 -11.17
N PRO H 38 39.24 -106.89 -11.36
CA PRO H 38 38.82 -106.51 -12.72
C PRO H 38 39.97 -105.96 -13.56
N HIS H 39 39.62 -105.40 -14.73
CA HIS H 39 40.55 -105.16 -15.84
C HIS H 39 41.75 -104.28 -15.47
N ALA H 40 41.64 -103.45 -14.44
CA ALA H 40 42.80 -102.77 -13.88
C ALA H 40 43.43 -103.73 -12.87
N ASP H 41 44.24 -104.64 -13.40
CA ASP H 41 44.89 -105.65 -12.59
C ASP H 41 46.38 -105.71 -12.90
N LEU H 42 47.03 -104.56 -12.85
CA LEU H 42 48.42 -104.34 -13.29
C LEU H 42 49.42 -105.29 -12.65
N ARG H 43 50.10 -106.08 -13.50
CA ARG H 43 51.01 -107.11 -13.04
C ARG H 43 52.25 -106.50 -12.41
N GLU H 44 52.79 -105.43 -12.99
CA GLU H 44 54.00 -104.81 -12.46
C GLU H 44 53.73 -104.10 -11.14
N VAL H 45 52.51 -103.62 -10.93
CA VAL H 45 52.13 -103.10 -9.62
C VAL H 45 52.14 -104.22 -8.59
N ILE H 46 51.67 -105.40 -8.98
CA ILE H 46 51.62 -106.52 -8.04
C ILE H 46 52.98 -107.20 -7.94
N ASN H 47 53.55 -107.58 -9.09
CA ASN H 47 54.83 -108.30 -9.14
C ASN H 47 56.02 -107.36 -9.33
N GLN H 48 55.91 -106.12 -8.88
CA GLN H 48 57.03 -105.20 -8.85
C GLN H 48 58.11 -105.58 -7.82
N PRO H 49 57.81 -106.19 -6.65
CA PRO H 49 58.91 -106.79 -5.88
C PRO H 49 59.65 -107.90 -6.62
N PHE H 50 58.98 -108.63 -7.50
CA PHE H 50 59.73 -109.45 -8.46
C PHE H 50 60.31 -108.58 -9.57
N GLY H 51 59.53 -107.62 -10.07
CA GLY H 51 59.86 -106.87 -11.27
C GLY H 51 61.01 -105.89 -11.13
N VAL H 52 61.51 -105.66 -9.92
CA VAL H 52 62.68 -104.81 -9.74
C VAL H 52 63.84 -105.55 -9.06
N THR H 53 63.61 -106.71 -8.46
CA THR H 53 64.66 -107.52 -7.87
C THR H 53 64.26 -108.97 -8.00
N GLU H 54 65.18 -109.80 -8.52
CA GLU H 54 64.96 -111.21 -8.84
C GLU H 54 63.77 -111.36 -9.79
N THR H 55 63.98 -110.89 -11.00
CA THR H 55 62.93 -110.85 -12.02
C THR H 55 63.05 -112.04 -12.97
N LYS H 56 62.00 -112.88 -13.01
CA LYS H 56 60.88 -112.84 -12.08
C LYS H 56 60.54 -114.23 -11.56
N GLY H 57 60.88 -115.26 -12.33
CA GLY H 57 60.40 -116.60 -12.05
C GLY H 57 59.26 -116.98 -12.97
N ALA H 58 58.02 -116.97 -12.49
CA ALA H 58 57.68 -116.59 -11.13
C ALA H 58 57.72 -117.81 -10.22
N TYR H 59 57.20 -117.67 -9.00
CA TYR H 59 57.10 -118.75 -8.02
C TYR H 59 55.66 -118.88 -7.58
N ASP H 60 55.23 -120.12 -7.32
CA ASP H 60 53.83 -120.38 -7.00
C ASP H 60 53.49 -119.87 -5.60
N VAL H 61 52.31 -119.25 -5.47
CA VAL H 61 51.90 -118.61 -4.23
C VAL H 61 50.50 -119.07 -3.87
N ILE H 62 50.33 -119.67 -2.69
CA ILE H 62 49.03 -119.75 -2.03
C ILE H 62 48.83 -118.40 -1.36
N VAL H 63 47.78 -117.69 -1.72
CA VAL H 63 47.55 -116.34 -1.24
C VAL H 63 46.12 -116.23 -0.73
N ASN H 64 45.96 -115.57 0.42
CA ASN H 64 44.64 -115.38 1.04
C ASN H 64 44.61 -113.98 1.66
N VAL H 65 44.09 -113.01 0.91
CA VAL H 65 43.92 -111.64 1.37
C VAL H 65 42.44 -111.32 1.34
N ASN H 66 42.00 -110.48 2.28
CA ASN H 66 40.61 -110.06 2.35
C ASN H 66 40.51 -108.67 2.94
N GLY H 67 39.57 -107.88 2.43
CA GLY H 67 39.26 -106.60 3.02
C GLY H 67 39.31 -105.41 2.07
N GLY H 68 38.19 -104.71 1.97
CA GLY H 68 38.16 -103.45 1.25
C GLY H 68 38.25 -103.63 -0.26
N GLY H 69 38.34 -102.50 -0.96
CA GLY H 69 38.38 -102.46 -2.41
C GLY H 69 39.66 -103.05 -2.97
N TYR H 70 39.72 -103.06 -4.30
CA TYR H 70 40.73 -103.86 -5.00
C TYR H 70 42.13 -103.29 -4.81
N ALA H 71 42.27 -101.98 -4.78
CA ALA H 71 43.60 -101.39 -4.62
C ALA H 71 44.13 -101.56 -3.21
N GLY H 72 43.23 -101.53 -2.23
CA GLY H 72 43.67 -101.59 -0.83
C GLY H 72 44.17 -102.96 -0.44
N GLN H 73 43.49 -104.01 -0.89
CA GLN H 73 44.00 -105.36 -0.68
C GLN H 73 44.93 -105.80 -1.80
N SER H 74 45.37 -104.87 -2.65
CA SER H 74 46.53 -105.10 -3.51
C SER H 74 47.78 -104.50 -2.91
N GLY H 75 47.65 -103.37 -2.23
CA GLY H 75 48.78 -102.77 -1.56
C GLY H 75 49.21 -103.46 -0.29
N ALA H 76 48.40 -104.39 0.21
CA ALA H 76 48.70 -105.13 1.44
C ALA H 76 49.21 -106.53 1.12
N ILE H 77 50.03 -106.67 0.09
CA ILE H 77 50.51 -107.99 -0.32
C ILE H 77 52.02 -108.03 -0.15
N ARG H 78 52.66 -106.86 -0.29
CA ARG H 78 54.10 -106.75 -0.43
C ARG H 78 54.86 -107.05 0.85
N HIS H 79 54.18 -107.08 2.00
CA HIS H 79 54.85 -107.45 3.24
C HIS H 79 55.17 -108.94 3.26
N GLY H 80 54.19 -109.77 2.89
CA GLY H 80 54.43 -111.20 2.80
C GLY H 80 55.38 -111.57 1.68
N ILE H 81 55.36 -110.79 0.59
CA ILE H 81 56.33 -110.98 -0.47
C ILE H 81 57.74 -110.70 0.02
N ALA H 82 57.91 -109.65 0.82
CA ALA H 82 59.21 -109.33 1.37
C ALA H 82 59.63 -110.33 2.43
N ARG H 83 58.67 -110.91 3.15
CA ARG H 83 59.00 -111.98 4.09
C ARG H 83 59.44 -113.23 3.36
N ALA H 84 58.79 -113.54 2.24
CA ALA H 84 59.11 -114.76 1.50
C ALA H 84 60.45 -114.63 0.78
N LEU H 85 60.69 -113.48 0.14
CA LEU H 85 62.00 -113.23 -0.45
C LEU H 85 63.07 -113.01 0.61
N LEU H 86 62.68 -112.64 1.82
CA LEU H 86 63.61 -112.57 2.93
C LEU H 86 64.01 -113.96 3.38
N GLN H 87 63.07 -114.91 3.35
CA GLN H 87 63.39 -116.30 3.64
C GLN H 87 64.30 -116.91 2.59
N VAL H 88 64.32 -116.36 1.39
CA VAL H 88 65.38 -116.66 0.45
C VAL H 88 66.70 -116.06 0.94
N ASP H 89 66.75 -114.73 1.02
CA ASP H 89 67.94 -114.02 1.46
C ASP H 89 67.53 -112.66 1.99
N PRO H 90 68.21 -112.16 3.03
CA PRO H 90 68.25 -110.72 3.29
C PRO H 90 69.23 -109.99 2.40
N ASP H 91 69.91 -110.69 1.50
CA ASP H 91 70.85 -110.05 0.59
C ASP H 91 70.12 -109.18 -0.40
N PHE H 92 68.91 -109.58 -0.79
CA PHE H 92 68.12 -108.77 -1.71
C PHE H 92 67.41 -107.65 -0.98
N ARG H 93 67.39 -107.71 0.35
CA ARG H 93 66.62 -106.75 1.14
C ARG H 93 67.29 -105.38 1.16
N SER H 94 68.61 -105.33 1.03
CA SER H 94 69.26 -104.04 0.88
C SER H 94 68.89 -103.39 -0.43
N ALA H 95 68.72 -104.19 -1.48
CA ALA H 95 68.21 -103.67 -2.74
C ALA H 95 66.75 -103.27 -2.61
N LEU H 96 65.98 -103.99 -1.80
CA LEU H 96 64.60 -103.59 -1.51
C LEU H 96 64.54 -102.27 -0.77
N LYS H 97 65.47 -102.06 0.16
CA LYS H 97 65.57 -100.81 0.90
C LYS H 97 65.94 -99.67 -0.04
N ARG H 98 66.87 -99.92 -0.97
CA ARG H 98 67.23 -98.90 -1.93
C ARG H 98 66.16 -98.68 -3.00
N ALA H 99 65.29 -99.66 -3.21
CA ALA H 99 64.21 -99.51 -4.18
C ALA H 99 62.86 -99.28 -3.52
N GLY H 100 62.79 -99.28 -2.20
CA GLY H 100 61.55 -98.99 -1.54
C GLY H 100 60.56 -100.15 -1.64
N LEU H 101 59.28 -99.77 -1.66
CA LEU H 101 58.13 -100.68 -1.56
C LEU H 101 58.17 -101.53 -0.29
N LEU H 102 58.78 -101.01 0.76
CA LEU H 102 58.90 -101.69 2.03
C LEU H 102 58.37 -100.87 3.19
N THR H 103 58.64 -99.57 3.20
CA THR H 103 58.11 -98.69 4.24
C THR H 103 56.61 -98.56 4.03
N ARG H 104 55.84 -99.07 4.99
CA ARG H 104 54.39 -99.10 4.84
C ARG H 104 53.82 -97.70 4.90
N ASP H 105 53.15 -97.29 3.81
CA ASP H 105 52.48 -96.00 3.77
C ASP H 105 51.27 -96.07 4.70
N ALA H 106 51.34 -95.33 5.81
CA ALA H 106 50.30 -95.35 6.83
C ALA H 106 49.15 -94.41 6.53
N ARG H 107 49.10 -93.86 5.33
CA ARG H 107 48.11 -92.84 5.00
C ARG H 107 46.74 -93.49 4.86
N MET H 108 45.97 -93.43 5.93
CA MET H 108 44.59 -93.84 5.90
C MET H 108 43.71 -92.59 5.80
N VAL H 109 42.40 -92.79 5.87
CA VAL H 109 41.48 -91.68 5.95
C VAL H 109 41.70 -90.95 7.26
N GLU H 110 41.87 -89.63 7.19
CA GLU H 110 41.98 -88.82 8.38
C GLU H 110 40.67 -88.81 9.15
N ARG H 111 40.77 -88.90 10.47
CA ARG H 111 39.60 -88.95 11.34
C ARG H 111 38.80 -87.66 11.25
N LYS H 112 37.48 -87.78 11.13
CA LYS H 112 36.63 -86.61 11.17
C LYS H 112 36.55 -86.03 12.57
N LYS H 113 36.01 -84.85 12.63
CA LYS H 113 35.78 -84.16 13.88
C LYS H 113 34.29 -83.94 14.04
N PRO H 114 33.70 -84.22 15.20
CA PRO H 114 32.30 -83.86 15.43
C PRO H 114 32.15 -82.34 15.56
N GLY H 115 31.51 -81.75 14.56
CA GLY H 115 31.42 -80.31 14.47
C GLY H 115 31.50 -79.84 13.04
N LEU H 116 31.96 -80.72 12.15
CA LEU H 116 31.99 -80.41 10.72
C LEU H 116 31.27 -81.52 9.96
N LYS H 117 31.44 -81.54 8.63
CA LYS H 117 30.80 -82.56 7.80
C LYS H 117 31.78 -83.52 7.14
N LYS H 118 33.05 -83.17 7.02
CA LYS H 118 34.10 -84.10 6.59
C LYS H 118 35.30 -83.86 7.48
N ALA H 119 36.46 -84.38 7.06
CA ALA H 119 37.67 -84.15 7.82
C ALA H 119 38.13 -82.71 7.72
N ARG H 120 37.86 -82.05 6.58
CA ARG H 120 38.24 -80.65 6.44
C ARG H 120 37.19 -79.79 5.72
N LYS H 121 36.13 -80.40 5.16
CA LYS H 121 35.14 -79.65 4.40
C LYS H 121 34.31 -78.76 5.31
N ALA H 122 34.41 -77.45 5.10
CA ALA H 122 33.74 -76.48 5.96
C ALA H 122 32.36 -76.16 5.41
N SER H 123 31.74 -75.11 5.95
CA SER H 123 30.46 -74.64 5.44
C SER H 123 30.68 -73.85 4.16
N GLN H 124 29.72 -73.95 3.24
CA GLN H 124 29.72 -73.07 2.08
C GLN H 124 29.31 -71.70 2.57
N PHE H 125 30.31 -70.88 2.91
CA PHE H 125 30.08 -69.69 3.69
C PHE H 125 29.58 -68.56 2.80
N SER H 126 28.65 -67.77 3.34
CA SER H 126 28.01 -66.67 2.62
C SER H 126 28.90 -65.43 2.67
N LYS H 127 28.33 -64.27 2.37
CA LYS H 127 29.00 -63.02 2.68
C LYS H 127 29.18 -62.86 4.18
N ARG H 128 28.12 -63.11 4.94
CA ARG H 128 28.20 -63.22 6.40
C ARG H 128 27.08 -64.13 6.89
N GLN I 1 33.93 -128.14 29.23
CA GLN I 1 32.72 -128.93 29.43
C GLN I 1 32.02 -128.58 30.73
N LYS I 2 30.74 -128.23 30.58
CA LYS I 2 29.71 -127.90 31.59
C LYS I 2 30.11 -126.85 32.63
N ILE I 3 31.24 -126.16 32.40
CA ILE I 3 31.54 -124.88 33.04
C ILE I 3 32.46 -124.06 32.14
N ARG I 4 31.96 -122.91 31.69
CA ARG I 4 32.76 -121.92 30.99
C ARG I 4 32.11 -120.57 31.19
N ILE I 5 32.91 -119.57 31.52
CA ILE I 5 32.43 -118.33 32.10
C ILE I 5 32.86 -117.15 31.25
N ARG I 6 32.00 -116.13 31.16
CA ARG I 6 32.32 -114.83 30.62
C ARG I 6 32.57 -113.87 31.78
N LEU I 7 33.48 -112.92 31.57
CA LEU I 7 33.98 -112.07 32.65
C LEU I 7 33.95 -110.63 32.15
N LYS I 8 32.99 -109.83 32.63
CA LYS I 8 32.78 -108.48 32.12
C LYS I 8 33.10 -107.45 33.19
N ALA I 9 34.11 -106.62 32.96
CA ALA I 9 34.38 -105.47 33.80
C ALA I 9 35.00 -104.36 32.94
N TYR I 10 35.52 -103.32 33.59
CA TYR I 10 35.83 -102.09 32.86
C TYR I 10 37.26 -102.04 32.36
N GLU I 11 38.22 -102.06 33.27
CA GLU I 11 39.58 -101.66 32.98
C GLU I 11 40.53 -102.83 33.16
N HIS I 12 41.83 -102.54 33.13
CA HIS I 12 42.83 -103.59 33.03
C HIS I 12 42.96 -104.38 34.32
N ARG I 13 42.70 -103.75 35.47
CA ARG I 13 43.14 -104.35 36.72
C ARG I 13 42.15 -105.41 37.21
N ILE I 14 40.85 -105.19 37.01
CA ILE I 14 39.86 -105.97 37.73
C ILE I 14 39.73 -107.35 37.12
N LEU I 15 39.61 -107.40 35.79
CA LEU I 15 39.44 -108.67 35.09
C LEU I 15 40.64 -109.59 35.26
N ASP I 16 41.85 -109.05 35.10
CA ASP I 16 42.97 -109.98 35.14
C ASP I 16 43.33 -110.37 36.57
N GLN I 17 43.15 -109.47 37.56
CA GLN I 17 43.47 -109.95 38.91
C GLN I 17 42.39 -110.88 39.46
N SER I 18 41.12 -110.65 39.12
CA SER I 18 40.09 -111.57 39.56
C SER I 18 40.15 -112.89 38.79
N ALA I 19 40.60 -112.84 37.52
CA ALA I 19 40.81 -114.05 36.76
C ALA I 19 41.97 -114.86 37.33
N ASP I 20 43.02 -114.18 37.80
CA ASP I 20 44.10 -114.86 38.49
C ASP I 20 43.61 -115.52 39.77
N LYS I 21 42.75 -114.82 40.53
CA LYS I 21 42.19 -115.41 41.74
C LYS I 21 41.34 -116.64 41.46
N ILE I 22 40.48 -116.57 40.45
CA ILE I 22 39.58 -117.70 40.23
C ILE I 22 40.29 -118.86 39.53
N VAL I 23 41.26 -118.61 38.66
CA VAL I 23 42.00 -119.71 38.06
C VAL I 23 42.94 -120.33 39.09
N GLU I 24 43.40 -119.53 40.07
CA GLU I 24 44.23 -120.08 41.12
C GLU I 24 43.42 -120.89 42.12
N THR I 25 42.18 -120.49 42.43
CA THR I 25 41.30 -121.36 43.19
C THR I 25 40.81 -122.55 42.36
N ALA I 26 40.89 -122.46 41.03
CA ALA I 26 40.50 -123.57 40.18
C ALA I 26 41.56 -124.67 40.17
N LYS I 27 42.76 -124.35 39.70
CA LYS I 27 43.83 -125.34 39.64
C LYS I 27 44.63 -125.42 40.94
N ARG I 28 44.19 -124.74 41.98
CA ARG I 28 44.69 -125.03 43.31
C ARG I 28 44.07 -126.30 43.85
N THR I 29 42.74 -126.38 43.78
CA THR I 29 42.05 -127.58 44.20
C THR I 29 41.91 -128.58 43.07
N GLY I 30 42.17 -128.16 41.83
CA GLY I 30 42.00 -129.04 40.70
C GLY I 30 42.93 -128.80 39.53
N ALA I 31 42.38 -128.83 38.32
CA ALA I 31 43.13 -128.69 37.09
C ALA I 31 42.16 -128.26 35.98
N ASP I 32 42.58 -128.43 34.73
CA ASP I 32 41.73 -128.37 33.54
C ASP I 32 41.12 -127.00 33.33
N VAL I 33 41.98 -126.02 33.06
CA VAL I 33 41.53 -124.66 32.75
C VAL I 33 42.45 -124.08 31.68
N SER I 34 41.85 -123.34 30.75
CA SER I 34 42.59 -122.60 29.74
C SER I 34 42.97 -121.22 30.29
N GLY I 35 43.40 -120.32 29.42
CA GLY I 35 43.67 -118.96 29.82
C GLY I 35 42.45 -118.08 29.74
N PRO I 36 42.47 -116.95 30.45
CA PRO I 36 41.41 -115.95 30.28
C PRO I 36 41.55 -115.17 28.98
N ILE I 37 41.01 -115.73 27.91
CA ILE I 37 41.10 -115.17 26.56
C ILE I 37 40.37 -113.84 26.50
N PRO I 38 41.02 -112.75 26.07
CA PRO I 38 40.35 -111.45 26.01
C PRO I 38 39.33 -111.37 24.89
N LEU I 39 38.45 -110.38 25.00
CA LEU I 39 37.36 -110.12 24.09
C LEU I 39 37.40 -108.65 23.64
N PRO I 40 36.77 -108.32 22.49
CA PRO I 40 37.05 -107.01 21.88
C PRO I 40 36.47 -105.74 22.50
N THR I 41 36.01 -105.77 23.76
CA THR I 41 35.77 -104.56 24.57
C THR I 41 34.72 -103.61 23.97
N GLU I 42 33.44 -103.98 24.14
CA GLU I 42 32.32 -103.24 23.55
C GLU I 42 32.33 -101.77 23.93
N ARG I 43 31.83 -100.95 23.00
CA ARG I 43 31.94 -99.50 23.06
C ARG I 43 30.81 -98.89 22.24
N SER I 44 30.18 -97.84 22.78
CA SER I 44 29.28 -97.01 21.99
C SER I 44 29.32 -95.60 22.54
N LEU I 45 29.17 -94.62 21.65
CA LEU I 45 29.52 -93.25 21.93
C LEU I 45 28.30 -92.42 22.32
N TYR I 46 28.56 -91.18 22.76
CA TYR I 46 27.52 -90.26 23.18
C TYR I 46 27.87 -88.86 22.71
N THR I 47 26.89 -87.96 22.80
CA THR I 47 26.99 -86.65 22.17
C THR I 47 26.14 -85.65 22.94
N VAL I 48 26.75 -84.56 23.40
CA VAL I 48 26.07 -83.50 24.15
C VAL I 48 26.56 -82.16 23.63
N ILE I 49 25.63 -81.21 23.44
CA ILE I 49 25.99 -79.89 22.94
C ILE I 49 26.78 -79.10 24.00
N ARG I 50 27.43 -78.03 23.55
CA ARG I 50 28.24 -77.17 24.42
C ARG I 50 27.53 -75.83 24.57
N ALA I 51 26.50 -75.79 25.40
CA ALA I 51 25.74 -74.59 25.72
C ALA I 51 24.76 -74.93 26.82
N THR I 52 23.91 -73.97 27.16
CA THR I 52 22.75 -74.20 28.00
C THR I 52 21.45 -73.75 27.36
N HIS I 53 21.48 -72.92 26.31
CA HIS I 53 20.28 -72.36 25.73
C HIS I 53 20.23 -72.41 24.21
N LYS I 54 21.37 -72.55 23.52
CA LYS I 54 21.50 -72.28 22.09
C LYS I 54 22.55 -73.25 21.55
N TYR I 55 23.14 -72.91 20.39
CA TYR I 55 24.44 -73.42 19.93
C TYR I 55 24.42 -74.93 19.70
N LYS I 56 23.68 -75.35 18.66
CA LYS I 56 23.79 -76.73 18.20
C LYS I 56 25.16 -77.00 17.59
N ASP I 57 25.83 -75.95 17.09
CA ASP I 57 27.07 -76.02 16.33
C ASP I 57 28.31 -76.35 17.16
N SER I 58 28.19 -76.73 18.42
CA SER I 58 29.33 -77.15 19.22
C SER I 58 28.92 -78.29 20.13
N ARG I 59 29.43 -79.48 19.86
CA ARG I 59 29.06 -80.69 20.56
C ARG I 59 30.18 -81.11 21.51
N GLU I 60 29.89 -82.15 22.29
CA GLU I 60 30.90 -82.80 23.12
C GLU I 60 30.58 -84.29 23.22
N GLN I 61 31.61 -85.11 23.07
CA GLN I 61 31.48 -86.54 22.90
C GLN I 61 31.85 -87.31 24.17
N PHE I 62 31.35 -88.54 24.25
CA PHE I 62 31.62 -89.43 25.37
C PHE I 62 31.78 -90.85 24.83
N GLU I 63 32.29 -91.73 25.68
CA GLU I 63 32.58 -93.10 25.27
C GLU I 63 32.29 -94.07 26.41
N MET I 64 32.52 -95.35 26.14
CA MET I 64 32.42 -96.43 27.10
C MET I 64 33.52 -97.44 26.81
N ARG I 65 34.21 -97.89 27.85
CA ARG I 65 35.15 -98.99 27.74
C ARG I 65 34.78 -100.07 28.75
N THR I 66 34.61 -101.30 28.26
CA THR I 66 34.21 -102.42 29.10
C THR I 66 34.83 -103.68 28.50
N HIS I 67 35.97 -104.08 29.04
CA HIS I 67 36.67 -105.26 28.55
C HIS I 67 35.94 -106.53 28.95
N LYS I 68 36.18 -107.60 28.20
CA LYS I 68 35.54 -108.88 28.49
C LYS I 68 36.57 -110.01 28.35
N ARG I 69 36.37 -111.09 29.10
CA ARG I 69 37.29 -112.23 29.13
C ARG I 69 36.52 -113.50 28.80
N LEU I 70 37.24 -114.63 28.82
CA LEU I 70 36.65 -115.95 28.59
C LEU I 70 37.52 -117.02 29.21
N ILE I 71 36.94 -117.83 30.10
CA ILE I 71 37.67 -118.89 30.80
C ILE I 71 36.89 -120.19 30.63
N ASP I 72 37.53 -121.20 30.07
CA ASP I 72 36.96 -122.53 29.92
C ASP I 72 37.51 -123.45 31.00
N ILE I 73 36.67 -124.36 31.48
CA ILE I 73 37.07 -125.43 32.39
C ILE I 73 36.40 -126.72 31.93
N VAL I 74 37.20 -127.72 31.59
CA VAL I 74 36.69 -128.95 30.98
C VAL I 74 36.69 -130.05 32.02
N ASN I 75 35.47 -130.47 32.44
CA ASN I 75 35.20 -131.54 33.41
C ASN I 75 35.97 -131.38 34.71
N PRO I 76 35.58 -130.45 35.57
CA PRO I 76 36.39 -130.12 36.75
C PRO I 76 36.25 -131.18 37.85
N THR I 77 36.95 -130.91 38.94
CA THR I 77 36.86 -131.69 40.17
C THR I 77 35.80 -131.05 41.07
N PRO I 78 35.21 -131.80 42.01
CA PRO I 78 34.23 -131.19 42.92
C PRO I 78 34.80 -130.19 43.93
N LYS I 79 36.12 -130.05 44.05
CA LYS I 79 36.68 -129.08 44.97
C LYS I 79 36.84 -127.70 44.35
N THR I 80 37.13 -127.62 43.06
CA THR I 80 36.96 -126.34 42.41
C THR I 80 35.48 -126.01 42.18
N VAL I 81 34.59 -127.00 42.27
CA VAL I 81 33.17 -126.69 42.39
C VAL I 81 32.90 -125.97 43.71
N ASP I 82 33.59 -126.37 44.78
CA ASP I 82 33.52 -125.65 46.04
C ASP I 82 34.10 -124.25 45.91
N ALA I 83 35.16 -124.10 45.11
CA ALA I 83 35.70 -122.77 44.86
C ALA I 83 34.75 -121.91 44.02
N LEU I 84 33.97 -122.54 43.13
CA LEU I 84 33.01 -121.81 42.32
C LEU I 84 31.83 -121.32 43.15
N MET I 85 31.22 -122.23 43.91
CA MET I 85 29.92 -121.96 44.51
C MET I 85 29.95 -121.01 45.70
N LYS I 86 31.14 -120.57 46.14
CA LYS I 86 31.22 -119.76 47.35
C LYS I 86 31.97 -118.45 47.10
N LEU I 87 32.97 -118.49 46.22
CA LEU I 87 33.72 -117.29 45.85
C LEU I 87 32.93 -116.55 44.78
N ASP I 88 32.26 -115.47 45.19
CA ASP I 88 31.39 -114.70 44.30
C ASP I 88 31.59 -113.20 44.48
N LEU I 89 32.84 -112.78 44.62
CA LEU I 89 33.19 -111.39 44.82
C LEU I 89 34.50 -111.10 44.10
N PRO I 90 34.71 -109.85 43.62
CA PRO I 90 33.81 -108.68 43.59
C PRO I 90 32.77 -108.75 42.48
N SER I 91 31.81 -107.81 42.51
CA SER I 91 30.74 -107.76 41.53
C SER I 91 31.06 -106.86 40.34
N GLY I 92 32.31 -106.38 40.24
CA GLY I 92 32.74 -105.65 39.07
C GLY I 92 32.76 -106.57 37.87
N VAL I 93 33.57 -107.62 37.95
CA VAL I 93 33.37 -108.77 37.09
C VAL I 93 32.05 -109.43 37.47
N ASN I 94 31.30 -109.88 36.47
CA ASN I 94 29.99 -110.46 36.74
C ASN I 94 30.11 -111.88 37.25
N ILE I 95 29.35 -112.18 38.31
CA ILE I 95 29.15 -113.57 38.70
C ILE I 95 28.30 -114.25 37.63
N GLU I 96 28.88 -115.22 36.94
CA GLU I 96 28.33 -115.67 35.67
C GLU I 96 28.89 -117.03 35.35
N ILE I 97 28.05 -118.06 35.32
CA ILE I 97 28.41 -119.37 34.81
C ILE I 97 27.39 -119.78 33.74
N LYS I 98 27.88 -120.41 32.68
CA LYS I 98 27.04 -120.82 31.55
C LYS I 98 27.55 -122.15 31.00
N LEU I 99 27.06 -122.50 29.82
CA LEU I 99 27.50 -123.66 29.07
C LEU I 99 28.41 -123.26 27.91
N LYS J 1 52.62 -38.39 -51.11
CA LYS J 1 53.22 -37.90 -52.34
C LYS J 1 54.66 -37.45 -52.13
N LYS J 2 55.35 -37.27 -53.25
CA LYS J 2 56.60 -36.52 -53.43
C LYS J 2 57.84 -37.25 -52.87
N ASN J 3 57.61 -38.35 -52.14
CA ASN J 3 58.64 -39.32 -51.73
C ASN J 3 59.76 -38.66 -50.91
N ILE J 4 59.39 -38.14 -49.74
CA ILE J 4 60.31 -37.28 -49.01
C ILE J 4 61.32 -38.10 -48.22
N GLU J 5 60.83 -39.01 -47.37
CA GLU J 5 61.64 -39.92 -46.54
C GLU J 5 62.62 -39.20 -45.63
N SER J 6 62.27 -37.98 -45.20
CA SER J 6 63.16 -37.21 -44.33
C SER J 6 62.27 -36.20 -43.60
N GLY J 7 61.93 -36.49 -42.35
CA GLY J 7 61.00 -35.63 -41.65
C GLY J 7 61.23 -35.55 -40.16
N VAL J 8 60.22 -35.06 -39.44
CA VAL J 8 60.26 -34.87 -38.00
C VAL J 8 58.96 -35.38 -37.41
N ALA J 9 59.06 -36.24 -36.39
CA ALA J 9 57.92 -36.64 -35.58
C ALA J 9 57.84 -35.79 -34.33
N HIS J 10 56.70 -35.80 -33.67
CA HIS J 10 56.51 -35.06 -32.43
C HIS J 10 55.76 -35.93 -31.43
N ILE J 11 56.29 -36.00 -30.21
CA ILE J 11 55.66 -36.74 -29.12
C ILE J 11 55.31 -35.75 -28.04
N HIS J 12 54.09 -35.86 -27.52
CA HIS J 12 53.56 -34.88 -26.59
C HIS J 12 52.58 -35.61 -25.69
N SER J 13 52.81 -35.59 -24.38
CA SER J 13 52.00 -36.41 -23.50
C SER J 13 51.75 -35.69 -22.19
N THR J 14 50.64 -36.05 -21.55
CA THR J 14 50.30 -35.57 -20.24
C THR J 14 50.26 -36.73 -19.26
N PHE J 15 49.79 -36.46 -18.05
CA PHE J 15 49.47 -37.54 -17.13
C PHE J 15 48.20 -38.27 -17.54
N ASN J 16 47.32 -37.64 -18.31
CA ASN J 16 46.06 -38.26 -18.67
C ASN J 16 45.95 -38.65 -20.14
N ASN J 17 46.76 -38.09 -21.02
CA ASN J 17 46.59 -38.34 -22.45
C ASN J 17 47.93 -38.11 -23.15
N THR J 18 47.99 -38.46 -24.43
CA THR J 18 49.16 -38.21 -25.25
C THR J 18 48.77 -37.85 -26.67
N ILE J 19 49.77 -37.39 -27.43
CA ILE J 19 49.61 -36.95 -28.82
C ILE J 19 50.88 -37.32 -29.57
N VAL J 20 50.71 -37.92 -30.76
CA VAL J 20 51.80 -38.14 -31.70
C VAL J 20 51.44 -37.50 -33.03
N MET J 21 52.41 -36.85 -33.67
CA MET J 21 52.24 -36.29 -35.00
C MET J 21 53.60 -36.23 -35.69
N ILE J 22 53.61 -36.55 -36.98
CA ILE J 22 54.82 -36.53 -37.79
C ILE J 22 54.68 -35.45 -38.84
N THR J 23 55.69 -34.58 -38.95
CA THR J 23 55.67 -33.49 -39.90
C THR J 23 56.91 -33.54 -40.78
N ASP J 24 57.16 -32.47 -41.51
CA ASP J 24 58.31 -32.39 -42.39
C ASP J 24 59.51 -31.86 -41.62
N THR J 25 60.56 -31.48 -42.34
CA THR J 25 61.69 -30.76 -41.76
C THR J 25 61.50 -29.27 -41.83
N HIS J 26 60.28 -28.83 -41.77
CA HIS J 26 59.80 -27.45 -41.82
C HIS J 26 58.81 -27.02 -40.73
N GLY J 27 57.85 -27.84 -40.29
CA GLY J 27 57.34 -29.10 -40.81
C GLY J 27 55.85 -29.06 -40.99
N ASN J 28 55.42 -29.20 -42.24
CA ASN J 28 54.00 -29.24 -42.51
C ASN J 28 53.43 -30.57 -42.06
N ALA J 29 52.24 -30.52 -41.47
CA ALA J 29 51.70 -31.69 -40.79
C ALA J 29 51.19 -32.72 -41.78
N LEU J 30 51.36 -33.99 -41.41
CA LEU J 30 51.03 -35.10 -42.29
C LEU J 30 49.92 -35.98 -41.74
N ALA J 31 50.11 -36.58 -40.58
CA ALA J 31 49.18 -37.56 -40.02
C ALA J 31 49.50 -37.74 -38.55
N TRP J 32 48.45 -37.91 -37.75
CA TRP J 32 48.57 -37.86 -36.30
C TRP J 32 47.66 -38.88 -35.65
N SER J 33 47.87 -39.11 -34.36
CA SER J 33 47.08 -40.07 -33.61
C SER J 33 47.12 -39.71 -32.14
N SER J 34 46.14 -40.24 -31.41
CA SER J 34 46.07 -40.13 -29.96
C SER J 34 45.17 -41.25 -29.46
N ALA J 35 45.23 -41.48 -28.15
CA ALA J 35 44.42 -42.54 -27.54
C ALA J 35 42.94 -42.19 -27.60
N GLY J 36 42.61 -40.90 -27.51
CA GLY J 36 41.26 -40.48 -27.80
C GLY J 36 40.93 -40.57 -29.27
N SER J 37 41.93 -40.40 -30.13
CA SER J 37 41.69 -40.45 -31.57
C SER J 37 41.38 -41.87 -32.01
N LEU J 38 42.07 -42.84 -31.43
CA LEU J 38 41.76 -44.23 -31.66
C LEU J 38 40.56 -44.71 -30.87
N GLY J 39 40.02 -43.88 -29.97
CA GLY J 39 38.75 -44.13 -29.36
C GLY J 39 38.78 -44.57 -27.91
N PHE J 40 39.95 -44.65 -27.29
CA PHE J 40 39.98 -44.98 -25.88
C PHE J 40 39.57 -43.78 -25.03
N LYS J 41 39.05 -44.08 -23.83
CA LYS J 41 38.19 -43.19 -23.07
C LYS J 41 38.94 -42.60 -21.88
N GLY J 42 39.12 -41.28 -21.90
CA GLY J 42 39.35 -40.49 -20.70
C GLY J 42 40.53 -40.86 -19.83
N SER J 43 40.21 -41.50 -18.71
CA SER J 43 41.21 -41.98 -17.78
C SER J 43 42.10 -43.06 -18.36
N LYS J 44 41.63 -43.79 -19.38
CA LYS J 44 42.38 -44.88 -19.96
C LYS J 44 43.42 -44.43 -20.98
N LYS J 45 43.53 -43.13 -21.23
CA LYS J 45 44.41 -42.62 -22.27
C LYS J 45 45.84 -42.44 -21.81
N SER J 46 46.27 -43.13 -20.76
CA SER J 46 47.63 -43.06 -20.28
C SER J 46 48.40 -44.35 -20.44
N THR J 47 47.73 -45.44 -20.82
CA THR J 47 48.39 -46.72 -20.92
C THR J 47 49.34 -46.72 -22.11
N PRO J 48 50.56 -47.23 -21.94
CA PRO J 48 51.51 -47.27 -23.07
C PRO J 48 51.08 -48.21 -24.19
N PHE J 49 50.19 -49.17 -23.92
CA PHE J 49 49.60 -49.97 -24.99
C PHE J 49 48.79 -49.09 -25.94
N ALA J 50 48.04 -48.13 -25.39
CA ALA J 50 47.35 -47.16 -26.23
C ALA J 50 48.35 -46.32 -27.01
N ALA J 51 49.49 -46.01 -26.40
CA ALA J 51 50.54 -45.31 -27.12
C ALA J 51 51.14 -46.18 -28.22
N GLN J 52 51.24 -47.49 -27.98
CA GLN J 52 51.70 -48.42 -29.00
C GLN J 52 50.79 -48.42 -30.21
N MET J 53 49.49 -48.62 -29.99
CA MET J 53 48.57 -48.69 -31.11
C MET J 53 48.36 -47.33 -31.76
N ALA J 54 48.56 -46.23 -31.02
CA ALA J 54 48.51 -44.91 -31.64
C ALA J 54 49.71 -44.70 -32.56
N ALA J 55 50.90 -45.16 -32.14
CA ALA J 55 52.07 -45.07 -33.01
C ALA J 55 51.90 -45.93 -34.25
N GLU J 56 51.27 -47.10 -34.09
CA GLU J 56 50.91 -47.96 -35.21
C GLU J 56 50.04 -47.22 -36.22
N ALA J 57 48.94 -46.64 -35.73
CA ALA J 57 47.98 -46.00 -36.62
C ALA J 57 48.56 -44.72 -37.23
N ALA J 58 49.50 -44.08 -36.56
CA ALA J 58 50.14 -42.92 -37.15
C ALA J 58 51.08 -43.32 -38.27
N THR J 59 51.93 -44.32 -38.01
CA THR J 59 52.95 -44.67 -38.99
C THR J 59 52.38 -45.36 -40.23
N LYS J 60 51.32 -46.16 -40.06
CA LYS J 60 50.76 -46.89 -41.19
C LYS J 60 50.10 -45.95 -42.19
N VAL J 61 49.68 -44.78 -41.74
CA VAL J 61 49.22 -43.76 -42.67
C VAL J 61 50.40 -42.91 -43.15
N ALA J 62 51.40 -42.70 -42.28
CA ALA J 62 52.45 -41.74 -42.57
C ALA J 62 53.39 -42.22 -43.66
N MET J 63 53.88 -43.46 -43.54
CA MET J 63 54.92 -43.92 -44.46
C MET J 63 54.39 -44.19 -45.86
N GLU J 64 53.08 -44.30 -46.03
CA GLU J 64 52.51 -44.60 -47.34
C GLU J 64 52.56 -43.44 -48.30
N HIS J 65 52.88 -42.24 -47.84
CA HIS J 65 53.09 -41.13 -48.74
C HIS J 65 54.53 -41.00 -49.16
N GLY J 66 55.37 -41.93 -48.72
CA GLY J 66 56.77 -41.97 -49.05
C GLY J 66 57.55 -41.39 -47.89
N LEU J 67 58.00 -42.26 -47.00
CA LEU J 67 58.61 -41.83 -45.76
C LEU J 67 59.33 -42.98 -45.08
N LYS J 68 60.64 -42.86 -44.89
CA LYS J 68 61.38 -43.88 -44.16
C LYS J 68 62.14 -43.32 -42.97
N THR J 69 62.89 -42.25 -43.17
CA THR J 69 63.69 -41.67 -42.10
C THR J 69 63.00 -40.44 -41.53
N VAL J 70 63.22 -40.21 -40.23
CA VAL J 70 62.47 -39.22 -39.48
C VAL J 70 63.26 -38.93 -38.22
N ASP J 71 63.01 -37.77 -37.61
CA ASP J 71 63.56 -37.45 -36.31
C ASP J 71 62.45 -37.37 -35.27
N VAL J 72 62.84 -37.46 -34.01
CA VAL J 72 61.93 -37.65 -32.89
C VAL J 72 62.02 -36.46 -31.95
N THR J 73 60.86 -35.90 -31.61
CA THR J 73 60.75 -34.77 -30.70
C THR J 73 59.90 -35.16 -29.52
N VAL J 74 60.45 -35.07 -28.31
CA VAL J 74 59.78 -35.52 -27.10
C VAL J 74 59.46 -34.30 -26.26
N LYS J 75 58.24 -33.80 -26.39
CA LYS J 75 57.66 -32.86 -25.45
C LYS J 75 56.76 -33.62 -24.49
N GLY J 76 56.40 -32.95 -23.40
CA GLY J 76 55.30 -33.39 -22.57
C GLY J 76 55.60 -34.67 -21.81
N PRO J 77 56.42 -34.59 -20.76
CA PRO J 77 56.72 -35.81 -19.99
C PRO J 77 55.50 -36.40 -19.30
N GLY J 78 55.08 -37.56 -19.81
CA GLY J 78 53.96 -38.31 -19.28
C GLY J 78 54.41 -39.71 -18.90
N SER J 79 53.77 -40.73 -19.48
CA SER J 79 54.10 -42.11 -19.13
C SER J 79 54.69 -42.90 -20.28
N GLY J 80 53.97 -43.06 -21.38
CA GLY J 80 54.23 -44.15 -22.30
C GLY J 80 55.33 -43.93 -23.30
N ARG J 81 56.20 -42.95 -23.07
CA ARG J 81 57.26 -42.63 -24.02
C ARG J 81 58.35 -43.69 -24.08
N GLU J 82 58.40 -44.60 -23.10
CA GLU J 82 59.22 -45.80 -23.25
C GLU J 82 58.69 -46.66 -24.39
N ALA J 83 57.37 -46.82 -24.47
CA ALA J 83 56.78 -47.74 -25.42
C ALA J 83 56.49 -47.09 -26.76
N ALA J 84 56.32 -45.77 -26.80
CA ALA J 84 55.90 -45.10 -28.02
C ALA J 84 56.98 -45.16 -29.09
N ILE J 85 58.23 -44.98 -28.71
CA ILE J 85 59.31 -44.97 -29.71
C ILE J 85 59.65 -46.38 -30.16
N ARG J 86 59.51 -47.39 -29.28
CA ARG J 86 59.79 -48.74 -29.73
C ARG J 86 58.67 -49.27 -30.61
N SER J 87 57.41 -48.93 -30.30
CA SER J 87 56.32 -49.26 -31.21
C SER J 87 56.35 -48.41 -32.47
N LEU J 88 57.02 -47.26 -32.42
CA LEU J 88 57.32 -46.52 -33.63
C LEU J 88 58.31 -47.29 -34.50
N GLN J 89 59.31 -47.93 -33.88
CA GLN J 89 60.21 -48.78 -34.65
C GLN J 89 59.56 -50.09 -35.06
N ALA J 90 58.51 -50.50 -34.37
CA ALA J 90 57.91 -51.81 -34.63
C ALA J 90 57.13 -51.85 -35.94
N THR J 91 56.76 -50.69 -36.49
CA THR J 91 56.21 -50.63 -37.82
C THR J 91 57.26 -50.36 -38.88
N GLY J 92 58.53 -50.50 -38.53
CA GLY J 92 59.59 -50.49 -39.51
C GLY J 92 59.94 -49.12 -40.03
N LEU J 93 60.43 -48.24 -39.17
CA LEU J 93 60.97 -46.97 -39.64
C LEU J 93 62.36 -46.72 -39.06
N GLU J 94 62.89 -45.51 -39.27
CA GLU J 94 64.31 -45.27 -39.11
C GLU J 94 64.60 -44.23 -38.05
N VAL J 95 64.02 -44.45 -36.87
CA VAL J 95 64.21 -43.65 -35.67
C VAL J 95 65.68 -43.48 -35.33
N THR J 96 66.14 -42.23 -35.28
CA THR J 96 67.55 -41.94 -35.09
C THR J 96 67.80 -40.75 -34.16
N ALA J 97 66.79 -40.31 -33.42
CA ALA J 97 66.90 -39.10 -32.61
C ALA J 97 66.38 -39.36 -31.20
N ILE J 98 67.21 -39.09 -30.21
CA ILE J 98 66.81 -39.12 -28.80
C ILE J 98 67.23 -37.75 -28.23
N ARG J 99 66.33 -36.79 -28.27
CA ARG J 99 66.59 -35.48 -27.71
C ARG J 99 65.63 -35.23 -26.55
N ASP J 100 65.70 -34.02 -26.01
CA ASP J 100 64.78 -33.60 -24.98
C ASP J 100 64.63 -32.09 -25.12
N VAL J 101 63.57 -31.67 -25.80
CA VAL J 101 63.09 -30.30 -25.68
C VAL J 101 61.88 -30.31 -24.77
N THR J 102 62.00 -29.62 -23.63
CA THR J 102 61.02 -29.66 -22.60
C THR J 102 61.03 -28.25 -22.03
N PRO J 103 59.89 -27.59 -21.94
CA PRO J 103 59.88 -26.19 -21.51
C PRO J 103 60.18 -26.03 -20.03
N VAL J 104 61.39 -25.61 -19.73
CA VAL J 104 61.73 -25.08 -18.42
C VAL J 104 61.75 -23.56 -18.51
N PRO J 105 61.14 -22.87 -17.60
CA PRO J 105 61.27 -21.43 -17.59
C PRO J 105 62.50 -21.03 -16.79
N HIS J 106 62.72 -19.74 -16.62
CA HIS J 106 63.70 -19.28 -15.65
C HIS J 106 63.00 -18.52 -14.53
N ASN J 107 61.86 -19.06 -14.10
CA ASN J 107 60.97 -18.50 -13.07
C ASN J 107 60.49 -17.09 -13.46
N GLY J 108 59.70 -17.05 -14.52
CA GLY J 108 59.14 -15.81 -14.99
C GLY J 108 57.69 -15.63 -14.61
N CYS J 109 56.93 -16.72 -14.57
CA CYS J 109 55.52 -16.64 -14.26
C CYS J 109 55.18 -17.67 -13.20
N ARG J 110 53.92 -17.71 -12.83
CA ARG J 110 53.55 -18.44 -11.65
C ARG J 110 52.74 -19.68 -11.97
N PRO J 111 53.00 -20.78 -11.29
CA PRO J 111 52.20 -21.98 -11.48
C PRO J 111 50.86 -21.83 -10.78
N PRO J 112 49.96 -22.78 -10.96
CA PRO J 112 48.78 -22.83 -10.08
C PRO J 112 49.11 -23.32 -8.69
N LYS J 113 48.06 -23.53 -7.90
CA LYS J 113 48.19 -23.77 -6.47
C LYS J 113 48.49 -25.23 -6.18
N ARG J 114 48.40 -25.61 -4.91
CA ARG J 114 48.35 -27.01 -4.53
C ARG J 114 46.98 -27.58 -4.84
N ARG J 115 46.83 -28.88 -4.61
CA ARG J 115 45.54 -29.54 -4.75
C ARG J 115 45.11 -29.98 -3.36
N ARG J 116 44.10 -29.32 -2.82
CA ARG J 116 43.58 -29.67 -1.49
C ARG J 116 42.45 -30.68 -1.60
N VAL J 117 42.69 -31.78 -2.31
CA VAL J 117 41.65 -32.77 -2.58
C VAL J 117 41.24 -33.54 -1.32
N PRO K 1 62.86 -5.72 40.61
CA PRO K 1 63.33 -4.66 39.72
C PRO K 1 64.53 -3.96 40.29
N THR K 2 65.19 -3.14 39.48
CA THR K 2 66.28 -2.32 40.00
C THR K 2 65.73 -1.26 40.92
N ILE K 3 66.60 -0.71 41.75
CA ILE K 3 66.14 -0.09 42.98
C ILE K 3 65.57 1.32 42.78
N ASN K 4 66.10 2.14 41.86
CA ASN K 4 65.49 3.46 41.73
C ASN K 4 64.17 3.37 40.98
N GLN K 5 64.03 2.34 40.15
CA GLN K 5 62.73 1.98 39.64
C GLN K 5 61.81 1.51 40.77
N LEU K 6 62.37 0.83 41.77
CA LEU K 6 61.61 0.49 42.96
C LEU K 6 61.37 1.70 43.84
N VAL K 7 62.20 2.74 43.74
CA VAL K 7 61.98 3.94 44.54
C VAL K 7 60.72 4.65 44.07
N ARG K 8 60.66 4.96 42.78
CA ARG K 8 59.49 5.63 42.22
C ARG K 8 58.41 4.65 41.82
N LYS K 9 58.37 3.45 42.42
CA LYS K 9 57.27 2.56 42.12
C LYS K 9 56.13 2.80 43.09
N PRO K 10 54.91 2.43 42.71
CA PRO K 10 53.84 2.47 43.71
C PRO K 10 53.96 1.39 44.75
N ARG K 11 54.40 0.19 44.36
CA ARG K 11 54.40 -1.01 45.19
C ARG K 11 52.99 -1.26 45.73
N LYS K 12 52.11 -1.58 44.78
CA LYS K 12 50.68 -1.57 45.01
C LYS K 12 50.26 -2.72 45.92
N SER K 13 48.98 -2.72 46.26
CA SER K 13 48.42 -3.71 47.15
C SER K 13 47.23 -4.39 46.49
N LYS K 14 46.60 -5.28 47.24
CA LYS K 14 45.64 -6.26 46.73
C LYS K 14 44.33 -6.16 47.50
N VAL K 15 43.79 -4.94 47.57
CA VAL K 15 42.58 -4.60 48.32
C VAL K 15 41.41 -5.47 47.93
N GLU K 16 40.89 -6.21 48.90
CA GLU K 16 39.91 -7.25 48.64
C GLU K 16 38.51 -6.71 48.84
N LYS K 17 37.54 -7.61 48.81
CA LYS K 17 36.12 -7.31 48.87
C LYS K 17 35.56 -7.83 50.17
N SER K 18 34.24 -7.77 50.30
CA SER K 18 33.53 -8.38 51.42
C SER K 18 32.57 -9.42 50.88
N ASP K 19 32.61 -10.62 51.47
CA ASP K 19 31.66 -11.65 51.08
C ASP K 19 30.24 -11.30 51.48
N SER K 20 30.09 -10.44 52.49
CA SER K 20 28.79 -9.98 52.98
C SER K 20 28.74 -8.47 52.82
N PRO K 21 28.46 -7.98 51.61
CA PRO K 21 28.49 -6.52 51.42
C PRO K 21 27.22 -5.82 51.84
N ALA K 22 26.10 -6.52 51.99
CA ALA K 22 24.84 -5.88 52.30
C ALA K 22 24.71 -5.46 53.76
N LEU K 23 25.70 -5.74 54.60
CA LEU K 23 25.74 -5.23 55.96
C LEU K 23 26.37 -3.85 56.04
N ASN K 24 26.35 -3.12 54.93
CA ASN K 24 26.88 -1.76 54.87
C ASN K 24 25.83 -0.93 54.16
N LYS K 25 25.12 -0.09 54.91
CA LYS K 25 23.83 0.44 54.52
C LYS K 25 23.95 1.67 53.63
N GLY K 26 23.43 1.58 52.41
CA GLY K 26 23.35 2.71 51.50
C GLY K 26 22.18 3.62 51.79
N TYR K 27 22.36 4.52 52.78
CA TYR K 27 21.32 5.27 53.47
C TYR K 27 20.32 6.06 52.63
N ASN K 28 19.24 6.46 53.29
CA ASN K 28 18.19 7.25 52.65
C ASN K 28 17.66 8.35 53.55
N SER K 29 18.43 8.78 54.56
CA SER K 29 17.97 9.83 55.45
C SER K 29 19.17 10.69 55.87
N PHE K 30 19.00 12.02 55.82
CA PHE K 30 17.82 12.69 55.31
C PHE K 30 17.95 12.98 53.83
N LYS K 31 19.09 12.62 53.26
CA LYS K 31 19.43 13.09 51.93
C LYS K 31 20.11 12.03 51.07
N LYS K 32 19.89 10.74 51.37
CA LYS K 32 20.24 9.60 50.52
C LYS K 32 21.75 9.53 50.25
N THR K 33 22.46 9.18 51.31
CA THR K 33 23.90 9.00 51.36
C THR K 33 24.19 7.52 51.63
N GLN K 34 25.42 7.19 51.99
CA GLN K 34 25.80 5.78 52.08
C GLN K 34 26.58 5.50 53.36
N THR K 35 27.23 4.34 53.38
CA THR K 35 27.57 3.59 54.60
C THR K 35 28.91 3.95 55.21
N ASN K 36 28.95 3.81 56.53
CA ASN K 36 30.18 3.51 57.25
C ASN K 36 29.85 2.62 58.46
N VAL K 37 28.87 1.73 58.29
CA VAL K 37 28.08 1.20 59.39
C VAL K 37 28.36 -0.30 59.56
N ASN K 38 29.65 -0.64 59.62
CA ASN K 38 30.11 -2.03 59.60
C ASN K 38 29.61 -2.76 60.82
N SER K 39 28.45 -3.34 60.67
CA SER K 39 27.46 -3.97 61.51
C SER K 39 27.76 -5.45 61.73
N PRO K 40 27.38 -6.00 62.85
CA PRO K 40 27.40 -7.45 62.98
C PRO K 40 26.22 -8.05 62.26
N GLN K 41 25.12 -7.30 62.17
CA GLN K 41 23.88 -7.78 61.61
C GLN K 41 22.95 -6.61 61.37
N LYS K 42 21.91 -6.88 60.59
CA LYS K 42 20.86 -5.91 60.30
C LYS K 42 19.53 -6.64 60.29
N ARG K 43 18.44 -5.87 60.38
CA ARG K 43 17.11 -6.43 60.27
C ARG K 43 16.50 -6.05 58.92
N GLY K 44 15.39 -6.69 58.60
CA GLY K 44 14.73 -6.41 57.35
C GLY K 44 13.31 -6.92 57.36
N VAL K 45 12.60 -6.63 56.28
CA VAL K 45 11.21 -7.03 56.14
C VAL K 45 11.04 -7.90 54.91
N CYS K 46 10.03 -8.76 54.96
CA CYS K 46 9.77 -9.75 53.93
C CYS K 46 9.25 -9.10 52.65
N THR K 47 9.43 -9.82 51.55
CA THR K 47 8.73 -9.46 50.32
C THR K 47 8.07 -10.69 49.71
N ARG K 48 8.63 -11.88 49.94
CA ARG K 48 8.05 -13.15 49.51
C ARG K 48 8.73 -14.28 50.25
N VAL K 49 8.01 -15.40 50.37
CA VAL K 49 8.53 -16.59 51.01
C VAL K 49 8.13 -17.81 50.18
N GLY K 50 9.04 -18.75 50.02
CA GLY K 50 8.81 -19.90 49.17
C GLY K 50 9.96 -20.89 49.20
N THR K 51 10.13 -21.66 48.12
CA THR K 51 11.11 -22.74 48.10
C THR K 51 11.85 -22.74 46.77
N MET K 52 12.73 -23.72 46.64
CA MET K 52 13.59 -23.89 45.48
C MET K 52 14.02 -25.35 45.43
N THR K 53 14.99 -25.64 44.56
CA THR K 53 15.66 -26.91 44.56
C THR K 53 17.09 -26.65 44.10
N PRO K 54 18.08 -27.27 44.74
CA PRO K 54 19.46 -26.78 44.59
C PRO K 54 20.16 -27.20 43.31
N LYS K 55 21.45 -26.90 43.25
CA LYS K 55 22.30 -27.39 42.17
C LYS K 55 22.54 -28.89 42.30
N LYS K 56 22.87 -29.50 41.18
CA LYS K 56 23.31 -30.88 41.18
C LYS K 56 24.71 -30.97 41.78
N PRO K 57 25.06 -32.11 42.41
CA PRO K 57 24.36 -33.39 42.59
C PRO K 57 23.46 -33.50 43.82
N ASN K 58 23.31 -32.43 44.59
CA ASN K 58 22.45 -32.50 45.77
C ASN K 58 20.99 -32.39 45.35
N SER K 59 20.20 -33.39 45.72
CA SER K 59 18.77 -33.45 45.38
C SER K 59 17.97 -33.49 46.66
N ALA K 60 17.41 -32.32 47.03
CA ALA K 60 16.51 -32.18 48.16
C ALA K 60 15.69 -30.91 47.92
N LEU K 61 15.02 -30.43 48.96
CA LEU K 61 14.32 -29.15 48.87
C LEU K 61 14.92 -28.17 49.87
N ARG K 62 14.92 -26.90 49.47
CA ARG K 62 15.48 -25.81 50.27
C ARG K 62 14.45 -24.71 50.37
N LYS K 63 14.24 -24.20 51.59
CA LYS K 63 13.18 -23.24 51.88
C LYS K 63 13.82 -21.91 52.23
N TYR K 64 13.44 -20.87 51.50
CA TYR K 64 14.15 -19.61 51.54
C TYR K 64 13.17 -18.48 51.81
N ALA K 65 13.70 -17.27 51.86
CA ALA K 65 12.91 -16.06 51.82
C ALA K 65 13.75 -14.95 51.22
N ARG K 66 13.10 -13.96 50.63
CA ARG K 66 13.79 -12.74 50.23
C ARG K 66 13.34 -11.60 51.12
N VAL K 67 14.32 -10.84 51.61
CA VAL K 67 14.06 -9.81 52.61
C VAL K 67 14.27 -8.45 51.95
N ARG K 68 13.79 -7.40 52.60
CA ARG K 68 14.12 -6.03 52.22
C ARG K 68 14.61 -5.29 53.45
N LEU K 69 15.80 -4.71 53.35
CA LEU K 69 16.48 -4.12 54.49
C LEU K 69 15.94 -2.73 54.80
N SER K 70 16.65 -2.00 55.65
CA SER K 70 16.21 -0.68 56.08
C SER K 70 16.56 0.41 55.08
N ASN K 71 17.50 0.14 54.18
CA ASN K 71 17.82 1.04 53.07
C ASN K 71 17.09 0.67 51.80
N LEU K 72 15.93 0.02 51.92
CA LEU K 72 14.96 -0.28 50.87
C LEU K 72 15.47 -1.31 49.85
N ILE K 73 16.73 -1.71 49.94
CA ILE K 73 17.27 -2.69 49.00
C ILE K 73 16.90 -4.09 49.48
N GLU K 74 16.84 -5.02 48.53
CA GLU K 74 16.35 -6.35 48.81
C GLU K 74 17.45 -7.37 48.61
N VAL K 75 17.55 -8.31 49.56
CA VAL K 75 18.45 -9.44 49.43
C VAL K 75 17.64 -10.70 49.70
N THR K 76 17.92 -11.76 48.96
CA THR K 76 17.39 -13.07 49.30
C THR K 76 18.11 -13.64 50.52
N ALA K 77 17.44 -14.53 51.23
CA ALA K 77 18.01 -15.11 52.43
C ALA K 77 17.53 -16.53 52.58
N TYR K 78 17.79 -17.11 53.75
CA TYR K 78 17.54 -18.51 54.02
C TYR K 78 17.00 -18.67 55.43
N ILE K 79 16.09 -19.62 55.60
CA ILE K 79 15.59 -20.01 56.92
C ILE K 79 16.07 -21.42 57.22
N PRO K 80 16.75 -21.65 58.33
CA PRO K 80 17.12 -23.02 58.71
C PRO K 80 16.13 -23.64 59.68
N GLY K 81 16.27 -24.93 59.94
CA GLY K 81 15.46 -25.62 60.91
C GLY K 81 14.33 -26.43 60.28
N ILE K 82 13.84 -27.40 61.05
CA ILE K 82 12.73 -28.24 60.60
C ILE K 82 11.48 -27.38 60.66
N GLY K 83 11.05 -26.86 59.51
CA GLY K 83 9.96 -25.90 59.48
C GLY K 83 10.42 -24.52 59.89
N HIS K 84 9.47 -23.59 59.87
CA HIS K 84 9.76 -22.21 60.21
C HIS K 84 8.49 -21.57 60.73
N ASN K 85 8.48 -20.24 60.79
CA ASN K 85 7.34 -19.49 61.28
C ASN K 85 6.98 -18.29 60.43
N LEU K 86 7.84 -17.88 59.50
CA LEU K 86 7.69 -16.60 58.83
C LEU K 86 6.64 -16.64 57.74
N GLN K 87 5.95 -15.51 57.60
CA GLN K 87 5.06 -15.27 56.47
C GLN K 87 5.31 -13.87 55.91
N GLU K 88 4.42 -13.42 55.06
CA GLU K 88 4.60 -12.15 54.37
C GLU K 88 4.42 -10.98 55.33
N HIS K 89 5.23 -9.94 55.13
CA HIS K 89 5.22 -8.68 55.89
C HIS K 89 5.48 -8.92 57.38
N SER K 90 6.70 -9.35 57.67
CA SER K 90 7.16 -9.44 59.04
C SER K 90 8.61 -8.97 59.10
N VAL K 91 9.04 -8.61 60.28
CA VAL K 91 10.41 -8.15 60.48
C VAL K 91 11.26 -9.34 60.89
N VAL K 92 12.53 -9.35 60.44
CA VAL K 92 13.45 -10.41 60.80
C VAL K 92 14.88 -9.86 60.74
N LEU K 93 15.73 -10.36 61.62
CA LEU K 93 17.14 -10.06 61.70
C LEU K 93 17.92 -11.05 60.85
N LEU K 94 19.14 -10.66 60.47
CA LEU K 94 19.91 -11.42 59.48
C LEU K 94 21.32 -11.72 59.97
N ARG K 95 21.63 -13.00 60.16
CA ARG K 95 23.01 -13.40 60.38
C ARG K 95 23.75 -13.38 59.05
N GLY K 96 25.05 -13.13 59.11
CA GLY K 96 25.86 -13.16 57.92
C GLY K 96 26.44 -14.52 57.63
N GLY K 97 25.94 -15.21 56.60
CA GLY K 97 26.46 -16.51 56.24
C GLY K 97 25.87 -17.08 54.97
N ARG K 98 26.72 -17.61 54.09
CA ARG K 98 26.33 -17.97 52.73
C ARG K 98 26.01 -19.45 52.62
N VAL K 99 24.92 -19.76 51.95
CA VAL K 99 24.57 -21.13 51.58
C VAL K 99 24.99 -21.36 50.13
N LYS K 100 25.55 -22.55 49.86
CA LYS K 100 26.07 -22.90 48.53
C LYS K 100 25.15 -23.85 47.78
N ASP K 101 23.85 -23.76 48.00
CA ASP K 101 22.95 -24.60 47.22
C ASP K 101 22.60 -23.98 45.88
N LEU K 102 22.32 -22.68 45.86
CA LEU K 102 22.09 -21.89 44.66
C LEU K 102 22.76 -20.54 44.85
N PRO K 103 23.26 -19.93 43.77
CA PRO K 103 24.04 -18.69 43.92
C PRO K 103 23.15 -17.50 44.24
N GLY K 104 23.81 -16.40 44.58
CA GLY K 104 23.12 -15.18 44.92
C GLY K 104 22.86 -15.04 46.40
N VAL K 105 22.14 -16.00 46.97
CA VAL K 105 21.75 -15.92 48.38
C VAL K 105 22.98 -16.13 49.26
N ARG K 106 23.23 -15.19 50.16
CA ARG K 106 24.42 -15.26 50.98
C ARG K 106 24.18 -14.83 52.42
N TYR K 107 22.92 -14.79 52.88
CA TYR K 107 22.61 -14.50 54.27
C TYR K 107 21.54 -15.46 54.74
N HIS K 108 21.47 -15.66 56.05
CA HIS K 108 20.38 -16.41 56.62
C HIS K 108 20.00 -15.81 57.97
N ILE K 109 18.71 -15.92 58.30
CA ILE K 109 18.11 -15.21 59.41
C ILE K 109 18.48 -15.85 60.74
N VAL K 110 18.13 -15.19 61.83
CA VAL K 110 18.16 -15.78 63.16
C VAL K 110 16.72 -16.08 63.55
N ARG K 111 16.55 -17.06 64.44
CA ARG K 111 15.24 -17.51 64.90
C ARG K 111 15.05 -17.13 66.36
N GLY K 112 13.80 -16.89 66.74
CA GLY K 112 13.45 -16.70 68.13
C GLY K 112 13.62 -15.30 68.68
N ALA K 113 14.59 -14.55 68.14
CA ALA K 113 14.86 -13.21 68.62
C ALA K 113 13.80 -12.22 68.18
N LEU K 114 13.05 -12.53 67.13
CA LEU K 114 12.11 -11.59 66.51
C LEU K 114 10.85 -12.37 66.16
N ASP K 115 10.09 -11.84 65.19
CA ASP K 115 8.78 -12.38 64.80
C ASP K 115 8.78 -13.87 64.50
N THR K 116 9.87 -14.40 63.96
CA THR K 116 9.96 -15.84 63.80
C THR K 116 10.18 -16.52 65.15
N ALA K 117 9.44 -17.59 65.40
CA ALA K 117 9.61 -18.26 66.66
C ALA K 117 10.82 -19.18 66.60
N GLY K 118 11.23 -19.67 67.74
CA GLY K 118 12.27 -20.66 67.80
C GLY K 118 11.77 -22.01 67.31
N VAL K 119 12.72 -22.92 67.12
CA VAL K 119 12.35 -24.28 66.74
C VAL K 119 11.71 -24.95 67.94
N ASN K 120 10.72 -25.80 67.68
CA ASN K 120 9.89 -26.36 68.73
C ASN K 120 10.30 -27.75 69.19
N ASP K 121 11.36 -28.33 68.61
CA ASP K 121 11.70 -29.70 68.98
C ASP K 121 13.19 -29.93 69.19
N ARG K 122 14.09 -29.10 68.66
CA ARG K 122 15.52 -29.37 68.77
C ARG K 122 15.99 -29.14 70.19
N LYS K 123 16.78 -30.08 70.70
CA LYS K 123 17.17 -30.08 72.10
C LYS K 123 18.68 -30.17 72.29
N GLN K 124 19.45 -30.11 71.22
CA GLN K 124 20.85 -30.50 71.30
C GLN K 124 21.82 -29.39 70.94
N SER K 125 21.48 -28.56 69.97
CA SER K 125 22.34 -27.46 69.58
C SER K 125 21.58 -26.16 69.85
N ARG K 126 21.00 -26.07 71.03
CA ARG K 126 19.96 -25.10 71.33
C ARG K 126 20.46 -23.66 71.44
N SER K 127 21.77 -23.40 71.38
CA SER K 127 22.25 -22.02 71.33
C SER K 127 21.81 -21.34 70.05
N LYS K 128 21.72 -22.08 68.96
CA LYS K 128 21.13 -21.56 67.75
C LYS K 128 19.62 -21.78 67.77
N TYR K 129 18.95 -21.16 66.80
CA TYR K 129 17.51 -21.08 66.62
C TYR K 129 16.78 -20.35 67.75
N GLY K 130 17.51 -19.66 68.64
CA GLY K 130 16.87 -19.02 69.77
C GLY K 130 16.24 -19.97 70.76
N THR K 131 16.70 -21.21 70.79
CA THR K 131 15.96 -22.32 71.40
C THR K 131 16.02 -22.22 72.91
N LYS K 132 14.91 -21.75 73.49
CA LYS K 132 14.78 -21.64 74.93
C LYS K 132 14.80 -23.02 75.57
N ARG K 133 15.30 -23.09 76.79
CA ARG K 133 15.62 -24.38 77.39
C ARG K 133 14.33 -25.08 77.82
N PRO K 134 14.13 -26.35 77.44
CA PRO K 134 13.01 -27.11 78.00
C PRO K 134 13.26 -27.46 79.45
N LYS K 135 12.45 -26.89 80.34
CA LYS K 135 12.78 -26.82 81.77
C LYS K 135 12.04 -27.85 82.60
N ALA K 136 11.89 -29.06 82.06
CA ALA K 136 11.39 -30.25 82.76
C ALA K 136 10.00 -30.09 83.36
N ALA L 1 -5.29 -91.68 -34.92
CA ALA L 1 -3.96 -91.69 -35.51
C ALA L 1 -2.96 -92.27 -34.51
N ARG L 2 -2.13 -93.22 -34.93
CA ARG L 2 -2.12 -93.75 -36.30
C ARG L 2 -2.22 -95.26 -36.31
N ILE L 3 -1.52 -95.89 -35.37
CA ILE L 3 -1.47 -97.34 -35.27
C ILE L 3 -2.23 -97.87 -34.06
N ALA L 4 -2.46 -97.05 -33.04
CA ALA L 4 -3.32 -97.45 -31.92
C ALA L 4 -3.88 -96.17 -31.29
N GLY L 5 -5.14 -95.87 -31.59
CA GLY L 5 -5.86 -94.82 -30.91
C GLY L 5 -5.37 -93.40 -31.14
N VAL L 6 -4.92 -92.74 -30.07
CA VAL L 6 -4.56 -91.33 -30.10
C VAL L 6 -3.14 -91.20 -29.54
N ASP L 7 -2.51 -90.08 -29.88
CA ASP L 7 -1.20 -89.64 -29.36
C ASP L 7 -0.09 -90.61 -29.77
N ILE L 8 -0.02 -90.90 -31.06
CA ILE L 8 0.96 -91.83 -31.62
C ILE L 8 2.07 -91.01 -32.28
N PRO L 9 3.31 -91.08 -31.79
CA PRO L 9 4.44 -90.64 -32.63
C PRO L 9 4.63 -91.63 -33.77
N ARG L 10 4.40 -91.15 -34.99
CA ARG L 10 4.29 -92.04 -36.14
C ARG L 10 5.66 -92.53 -36.60
N ASP L 11 5.73 -93.85 -36.85
CA ASP L 11 6.90 -94.54 -37.39
C ASP L 11 8.15 -94.34 -36.51
N LYS L 12 7.99 -94.65 -35.24
CA LYS L 12 9.12 -94.66 -34.32
C LYS L 12 9.34 -96.09 -33.82
N ARG L 13 10.40 -96.26 -33.06
CA ARG L 13 10.61 -97.51 -32.35
C ARG L 13 9.54 -97.65 -31.27
N VAL L 14 9.15 -98.90 -31.00
CA VAL L 14 7.86 -99.24 -30.42
C VAL L 14 7.72 -98.73 -28.99
N VAL L 15 8.79 -98.82 -28.20
CA VAL L 15 8.73 -98.35 -26.82
C VAL L 15 8.60 -96.84 -26.76
N VAL L 16 9.22 -96.13 -27.72
CA VAL L 16 8.96 -94.71 -27.86
C VAL L 16 7.57 -94.48 -28.45
N SER L 17 7.13 -95.38 -29.33
CA SER L 17 5.85 -95.22 -30.00
C SER L 17 4.67 -95.38 -29.05
N LEU L 18 4.82 -96.15 -27.97
CA LEU L 18 3.68 -96.44 -27.11
C LEU L 18 3.88 -96.10 -25.64
N THR L 19 5.10 -95.76 -25.19
CA THR L 19 5.27 -95.25 -23.84
C THR L 19 4.71 -93.83 -23.73
N TYR L 20 4.69 -93.10 -24.84
CA TYR L 20 4.27 -91.72 -24.85
C TYR L 20 2.76 -91.54 -24.88
N ILE L 21 2.00 -92.57 -25.22
CA ILE L 21 0.61 -92.38 -25.62
C ILE L 21 -0.28 -92.14 -24.43
N TYR L 22 -1.54 -91.81 -24.73
CA TYR L 22 -2.55 -91.46 -23.74
C TYR L 22 -2.94 -92.69 -22.93
N GLY L 23 -2.29 -92.90 -21.78
CA GLY L 23 -2.70 -93.95 -20.86
C GLY L 23 -1.77 -95.15 -20.80
N ILE L 24 -0.83 -95.30 -21.73
CA ILE L 24 0.15 -96.37 -21.66
C ILE L 24 1.52 -95.72 -21.50
N GLY L 25 2.11 -95.90 -20.33
CA GLY L 25 3.41 -95.34 -20.04
C GLY L 25 4.45 -96.39 -19.66
N ASN L 26 4.77 -96.46 -18.37
CA ASN L 26 6.08 -96.92 -17.92
C ASN L 26 6.21 -98.45 -17.92
N THR L 27 5.48 -99.14 -17.05
CA THR L 27 5.44 -100.60 -17.15
C THR L 27 4.36 -101.09 -18.08
N THR L 28 3.50 -100.18 -18.55
CA THR L 28 2.42 -100.57 -19.42
C THR L 28 2.90 -100.77 -20.85
N ALA L 29 4.00 -100.12 -21.23
CA ALA L 29 4.61 -100.43 -22.52
C ALA L 29 5.57 -101.61 -22.42
N LYS L 30 6.00 -101.95 -21.20
CA LYS L 30 6.77 -103.17 -21.00
C LYS L 30 5.95 -104.40 -21.35
N LYS L 31 4.67 -104.38 -21.00
CA LYS L 31 3.76 -105.47 -21.37
C LYS L 31 3.53 -105.48 -22.88
N VAL L 32 3.61 -104.32 -23.53
CA VAL L 32 3.51 -104.26 -24.99
C VAL L 32 4.71 -104.94 -25.63
N LEU L 33 5.91 -104.65 -25.12
CA LEU L 33 7.10 -105.36 -25.60
C LEU L 33 7.12 -106.82 -25.16
N ALA L 34 6.33 -107.19 -24.16
CA ALA L 34 6.31 -108.56 -23.67
C ALA L 34 5.33 -109.44 -24.42
N ASN L 35 4.22 -108.88 -24.90
CA ASN L 35 3.16 -109.70 -25.48
C ASN L 35 3.57 -110.26 -26.85
N VAL L 36 3.98 -109.40 -27.78
CA VAL L 36 4.44 -109.87 -29.07
C VAL L 36 5.88 -110.36 -28.99
N GLY L 37 6.71 -109.65 -28.24
CA GLY L 37 8.08 -110.09 -28.00
C GLY L 37 8.96 -109.92 -29.21
N VAL L 38 9.22 -108.67 -29.60
CA VAL L 38 9.99 -108.36 -30.79
C VAL L 38 11.03 -107.30 -30.46
N SER L 39 11.82 -106.94 -31.47
CA SER L 39 12.82 -105.89 -31.41
C SER L 39 12.26 -104.63 -32.07
N GLU L 40 13.11 -103.63 -32.27
CA GLU L 40 12.64 -102.36 -32.83
C GLU L 40 12.87 -102.30 -34.33
N ASP L 41 14.13 -102.40 -34.75
CA ASP L 41 14.58 -102.47 -36.15
C ASP L 41 14.10 -101.27 -36.99
N VAL L 42 14.67 -100.09 -36.75
CA VAL L 42 15.67 -99.76 -35.73
C VAL L 42 15.11 -98.58 -34.95
N ARG L 43 14.91 -97.49 -35.69
CA ARG L 43 14.36 -96.25 -35.17
C ARG L 43 13.09 -95.82 -35.89
N VAL L 44 12.88 -96.26 -37.12
CA VAL L 44 11.63 -96.07 -37.84
C VAL L 44 10.91 -97.42 -37.86
N ARG L 45 9.58 -97.39 -37.78
CA ARG L 45 8.80 -98.62 -37.71
C ARG L 45 8.89 -99.36 -39.03
N ASP L 46 9.49 -100.54 -39.00
CA ASP L 46 9.74 -101.34 -40.20
C ASP L 46 9.14 -102.72 -40.04
N LEU L 47 7.96 -102.79 -39.44
CA LEU L 47 7.33 -104.04 -39.01
C LEU L 47 6.04 -104.28 -39.80
N THR L 48 5.57 -105.52 -39.77
CA THR L 48 4.37 -105.86 -40.51
C THR L 48 3.14 -105.27 -39.83
N ASN L 49 2.12 -105.00 -40.64
CA ASN L 49 1.02 -104.16 -40.20
C ASN L 49 -0.17 -104.94 -39.65
N GLU L 50 -0.19 -106.27 -39.79
CA GLU L 50 -1.14 -107.02 -39.01
C GLU L 50 -0.69 -107.19 -37.56
N GLN L 51 0.61 -107.00 -37.30
CA GLN L 51 1.06 -106.87 -35.92
C GLN L 51 0.54 -105.59 -35.29
N THR L 52 0.35 -104.55 -36.10
CA THR L 52 -0.25 -103.32 -35.58
C THR L 52 -1.70 -103.54 -35.20
N ASP L 53 -2.41 -104.35 -35.98
CA ASP L 53 -3.78 -104.69 -35.60
C ASP L 53 -3.80 -105.67 -34.43
N ALA L 54 -2.76 -106.50 -34.31
CA ALA L 54 -2.65 -107.41 -33.17
C ALA L 54 -2.48 -106.65 -31.87
N ILE L 55 -1.52 -105.71 -31.83
CA ILE L 55 -1.37 -104.88 -30.66
C ILE L 55 -2.51 -103.88 -30.52
N ARG L 56 -3.22 -103.59 -31.60
CA ARG L 56 -4.39 -102.73 -31.52
C ARG L 56 -5.53 -103.45 -30.83
N ALA L 57 -5.66 -104.76 -31.06
CA ALA L 57 -6.60 -105.58 -30.31
C ALA L 57 -6.12 -105.81 -28.88
N GLU L 58 -4.80 -105.79 -28.67
CA GLU L 58 -4.26 -105.91 -27.32
C GLU L 58 -4.56 -104.67 -26.49
N ILE L 59 -4.43 -103.48 -27.08
CA ILE L 59 -4.76 -102.24 -26.40
C ILE L 59 -6.29 -102.05 -26.33
N ASP L 60 -7.02 -102.79 -27.18
CA ASP L 60 -8.47 -102.62 -27.32
C ASP L 60 -9.22 -102.96 -26.03
N LYS L 61 -8.71 -103.90 -25.23
CA LYS L 61 -9.32 -104.17 -23.94
C LYS L 61 -9.02 -103.08 -22.91
N LEU L 62 -7.97 -102.29 -23.13
CA LEU L 62 -7.52 -101.33 -22.13
C LEU L 62 -8.34 -100.06 -22.20
N LYS L 63 -7.89 -99.02 -21.50
CA LYS L 63 -8.66 -97.79 -21.37
C LYS L 63 -7.92 -96.57 -21.93
N VAL L 64 -7.35 -96.71 -23.13
CA VAL L 64 -6.85 -95.54 -23.83
C VAL L 64 -8.04 -94.73 -24.31
N GLU L 65 -8.10 -93.48 -23.89
CA GLU L 65 -9.32 -92.69 -24.06
C GLU L 65 -9.07 -91.39 -24.80
N GLY L 66 -10.06 -90.51 -24.76
CA GLY L 66 -9.85 -89.11 -25.01
C GLY L 66 -10.36 -88.37 -23.79
N ASP L 67 -11.03 -89.12 -22.90
CA ASP L 67 -11.75 -88.53 -21.79
C ASP L 67 -11.48 -89.24 -20.47
N LEU L 68 -10.33 -89.90 -20.33
CA LEU L 68 -9.84 -90.28 -19.01
C LEU L 68 -9.57 -89.05 -18.16
N ARG L 69 -9.10 -87.98 -18.81
CA ARG L 69 -9.02 -86.66 -18.19
C ARG L 69 -10.39 -86.20 -17.71
N ARG L 70 -11.44 -86.52 -18.47
CA ARG L 70 -12.79 -86.15 -18.04
C ARG L 70 -13.31 -87.03 -16.91
N GLU L 71 -12.88 -88.30 -16.85
CA GLU L 71 -13.23 -89.13 -15.71
C GLU L 71 -12.56 -88.62 -14.43
N VAL L 72 -11.28 -88.26 -14.52
CA VAL L 72 -10.59 -87.60 -13.42
C VAL L 72 -11.26 -86.27 -13.10
N ASN L 73 -11.78 -85.58 -14.12
CA ASN L 73 -12.47 -84.32 -13.93
C ASN L 73 -13.78 -84.49 -13.16
N LEU L 74 -14.53 -85.55 -13.43
CA LEU L 74 -15.78 -85.73 -12.70
C LEU L 74 -15.51 -86.17 -11.26
N ASN L 75 -14.46 -86.97 -11.06
CA ASN L 75 -14.12 -87.38 -9.70
C ASN L 75 -13.59 -86.21 -8.88
N ILE L 76 -12.78 -85.33 -9.47
CA ILE L 76 -12.35 -84.15 -8.73
C ILE L 76 -13.48 -83.13 -8.62
N LYS L 77 -14.45 -83.15 -9.55
CA LYS L 77 -15.64 -82.31 -9.44
C LYS L 77 -16.44 -82.68 -8.21
N ARG L 78 -16.55 -83.98 -7.92
CA ARG L 78 -17.14 -84.41 -6.66
C ARG L 78 -16.27 -84.00 -5.48
N LEU L 79 -14.99 -84.39 -5.50
CA LEU L 79 -14.16 -84.33 -4.30
C LEU L 79 -13.80 -82.91 -3.89
N MET L 80 -13.61 -82.00 -4.84
CA MET L 80 -13.31 -80.62 -4.47
C MET L 80 -14.54 -79.85 -4.04
N GLU L 81 -15.72 -80.48 -4.06
CA GLU L 81 -16.97 -79.79 -3.78
C GLU L 81 -17.78 -80.43 -2.67
N ILE L 82 -17.21 -81.36 -1.90
CA ILE L 82 -17.96 -81.96 -0.81
C ILE L 82 -17.71 -81.21 0.49
N GLY L 83 -16.46 -81.23 0.96
CA GLY L 83 -16.12 -80.54 2.19
C GLY L 83 -16.16 -79.02 2.03
N SER L 84 -15.19 -78.43 1.32
CA SER L 84 -13.95 -79.08 0.89
C SER L 84 -12.75 -78.18 1.10
N TYR L 85 -11.89 -78.56 2.03
CA TYR L 85 -10.60 -77.88 2.12
C TYR L 85 -9.61 -78.41 1.08
N ARG L 86 -9.96 -79.47 0.39
CA ARG L 86 -9.27 -79.87 -0.84
C ARG L 86 -9.81 -79.16 -2.06
N GLY L 87 -10.73 -78.21 -1.91
CA GLY L 87 -11.39 -77.59 -3.05
C GLY L 87 -10.53 -76.68 -3.88
N ILE L 88 -10.16 -75.52 -3.32
CA ILE L 88 -9.24 -74.62 -3.99
C ILE L 88 -7.85 -75.24 -4.02
N ARG L 89 -7.56 -76.07 -3.01
CA ARG L 89 -6.29 -76.75 -2.86
C ARG L 89 -5.99 -77.68 -4.03
N HIS L 90 -7.03 -78.28 -4.61
CA HIS L 90 -6.82 -79.12 -5.78
C HIS L 90 -6.46 -78.29 -7.00
N ARG L 91 -7.29 -77.31 -7.34
CA ARG L 91 -7.10 -76.53 -8.55
C ARG L 91 -5.93 -75.56 -8.47
N ARG L 92 -5.44 -75.24 -7.27
CA ARG L 92 -4.17 -74.56 -7.11
C ARG L 92 -2.99 -75.54 -7.12
N GLY L 93 -3.23 -76.79 -7.51
CA GLY L 93 -2.17 -77.75 -7.70
C GLY L 93 -1.49 -78.22 -6.43
N LEU L 94 -2.06 -77.94 -5.28
CA LEU L 94 -1.54 -78.53 -4.07
C LEU L 94 -2.06 -79.97 -3.97
N PRO L 95 -1.26 -80.90 -3.44
CA PRO L 95 -1.68 -82.30 -3.41
C PRO L 95 -2.80 -82.53 -2.40
N THR L 96 -3.30 -83.77 -2.40
CA THR L 96 -4.33 -84.16 -1.44
C THR L 96 -3.79 -84.11 -0.03
N ARG L 97 -2.67 -84.78 0.23
CA ARG L 97 -2.07 -84.76 1.56
C ARG L 97 -1.26 -83.50 1.82
N GLY L 98 -1.27 -82.53 0.90
CA GLY L 98 -0.80 -81.20 1.17
C GLY L 98 0.71 -81.06 1.10
N GLN L 99 1.19 -80.07 0.36
CA GLN L 99 2.63 -79.84 0.41
C GLN L 99 3.00 -79.05 1.66
N ASN L 100 2.09 -78.16 2.09
CA ASN L 100 2.13 -77.49 3.40
C ASN L 100 3.43 -76.72 3.63
N THR L 101 4.02 -76.20 2.56
CA THR L 101 5.22 -75.40 2.65
C THR L 101 4.84 -73.93 2.73
N LYS L 102 5.82 -73.04 2.55
CA LYS L 102 5.57 -71.61 2.62
C LYS L 102 6.12 -70.84 1.43
N ASN L 103 7.00 -71.42 0.63
CA ASN L 103 7.65 -70.68 -0.44
C ASN L 103 7.78 -71.51 -1.71
N ASN L 104 6.83 -72.39 -1.99
CA ASN L 104 6.99 -73.27 -3.14
C ASN L 104 5.65 -73.57 -3.79
N ALA L 105 5.46 -73.03 -4.99
CA ALA L 105 4.63 -73.62 -6.04
C ALA L 105 5.29 -73.38 -7.39
N ARG L 106 6.62 -73.36 -7.41
CA ARG L 106 7.38 -72.74 -8.49
C ARG L 106 7.29 -73.53 -9.79
N THR L 107 6.98 -74.83 -9.71
CA THR L 107 6.81 -75.61 -10.92
C THR L 107 5.54 -75.21 -11.65
N ARG L 108 4.40 -75.34 -10.98
CA ARG L 108 3.11 -75.25 -11.65
C ARG L 108 2.80 -73.83 -12.05
N LYS L 109 2.69 -72.94 -11.06
CA LYS L 109 2.33 -71.56 -11.32
C LYS L 109 3.51 -70.60 -11.26
N GLY L 110 4.53 -70.92 -10.46
CA GLY L 110 5.55 -69.96 -10.13
C GLY L 110 4.93 -68.74 -9.50
N PRO L 111 4.40 -68.89 -8.27
CA PRO L 111 3.46 -67.88 -7.74
C PRO L 111 4.12 -66.54 -7.45
N THR L 112 5.41 -66.53 -7.15
CA THR L 112 6.14 -65.29 -6.94
C THR L 112 6.43 -64.60 -8.27
N ALA M 1 1.87 -75.66 36.85
CA ALA M 1 2.01 -75.77 35.42
C ALA M 1 2.72 -77.06 35.03
N LYS M 2 4.03 -77.09 35.25
CA LYS M 2 4.82 -78.28 34.92
C LYS M 2 4.68 -79.38 35.95
N LYS M 3 4.23 -79.06 37.17
CA LYS M 3 3.96 -80.08 38.18
C LYS M 3 2.79 -80.97 37.79
N SER M 4 1.77 -80.41 37.12
CA SER M 4 0.77 -81.25 36.49
C SER M 4 1.38 -82.05 35.35
N MET M 5 2.32 -81.47 34.62
CA MET M 5 2.97 -82.14 33.51
C MET M 5 3.95 -83.22 33.95
N ILE M 6 4.64 -83.02 35.07
CA ILE M 6 5.44 -84.11 35.63
C ILE M 6 4.53 -85.22 36.13
N ALA M 7 3.39 -84.86 36.71
CA ALA M 7 2.41 -85.85 37.14
C ALA M 7 1.70 -86.52 35.97
N LYS M 8 1.82 -85.97 34.75
CA LYS M 8 1.15 -86.55 33.59
C LYS M 8 1.76 -87.90 33.21
N ASN M 9 3.09 -88.01 33.22
CA ASN M 9 3.73 -89.29 32.94
C ASN M 9 3.49 -90.32 34.04
N LYS M 10 3.25 -89.86 35.28
CA LYS M 10 2.95 -90.79 36.36
C LYS M 10 1.53 -91.34 36.28
N ARG M 11 0.63 -90.61 35.62
CA ARG M 11 -0.71 -91.10 35.38
C ARG M 11 -0.70 -92.01 34.16
N PRO M 12 -1.55 -93.06 34.16
CA PRO M 12 -1.51 -94.02 33.04
C PRO M 12 -2.06 -93.42 31.75
N ALA M 13 -1.58 -93.98 30.63
CA ALA M 13 -1.83 -93.41 29.32
C ALA M 13 -3.27 -93.67 28.86
N LYS M 14 -3.81 -92.72 28.09
CA LYS M 14 -5.18 -92.82 27.60
C LYS M 14 -5.28 -93.80 26.43
N HIS M 15 -4.30 -93.79 25.53
CA HIS M 15 -4.10 -94.88 24.59
C HIS M 15 -2.62 -94.99 24.30
N SER M 16 -2.27 -95.69 23.21
CA SER M 16 -0.89 -96.05 22.94
C SER M 16 -0.02 -94.83 22.63
N THR M 17 -0.42 -94.02 21.66
CA THR M 17 0.39 -92.86 21.25
C THR M 17 0.06 -91.62 22.07
N GLN M 18 0.11 -91.77 23.40
CA GLN M 18 0.17 -90.62 24.29
C GLN M 18 1.34 -90.74 25.24
N ALA M 19 2.04 -91.87 25.23
CA ALA M 19 3.16 -92.10 26.14
C ALA M 19 4.35 -91.30 25.61
N TYR M 20 4.79 -90.34 26.40
CA TYR M 20 5.97 -89.55 26.08
C TYR M 20 6.98 -89.68 27.22
N THR M 21 8.18 -89.17 26.97
CA THR M 21 9.29 -89.31 27.89
C THR M 21 9.82 -87.95 28.27
N ARG M 22 10.25 -87.81 29.53
CA ARG M 22 10.97 -86.65 30.00
C ARG M 22 12.01 -87.08 31.00
N CYS M 23 12.82 -86.12 31.45
CA CYS M 23 13.83 -86.38 32.46
C CYS M 23 13.18 -86.65 33.81
N GLU M 24 14.00 -87.08 34.76
CA GLU M 24 13.50 -87.31 36.11
C GLU M 24 13.68 -86.08 36.98
N ARG M 25 14.92 -85.60 37.08
CA ARG M 25 15.19 -84.51 38.01
C ARG M 25 14.71 -83.16 37.47
N CYS M 26 14.94 -82.88 36.20
CA CYS M 26 14.16 -81.88 35.50
C CYS M 26 13.11 -82.63 34.70
N GLY M 27 12.42 -81.95 33.81
CA GLY M 27 11.36 -82.64 33.08
C GLY M 27 11.37 -82.39 31.60
N ARG M 28 12.56 -82.26 31.02
CA ARG M 28 12.67 -81.84 29.63
C ARG M 28 12.25 -82.97 28.70
N PRO M 29 11.24 -82.77 27.85
CA PRO M 29 10.84 -83.86 26.95
C PRO M 29 11.71 -83.95 25.70
N HIS M 30 12.50 -82.92 25.41
CA HIS M 30 13.43 -82.96 24.29
C HIS M 30 14.78 -83.49 24.76
N SER M 31 15.43 -84.27 23.90
CA SER M 31 16.78 -84.81 24.09
C SER M 31 16.89 -85.63 25.37
N VAL M 32 15.85 -86.42 25.62
CA VAL M 32 15.80 -87.28 26.80
C VAL M 32 16.16 -88.70 26.39
N TYR M 33 17.17 -89.24 27.06
CA TYR M 33 17.52 -90.64 26.87
C TYR M 33 16.46 -91.53 27.51
N ARG M 34 16.14 -92.61 26.81
CA ARG M 34 15.33 -93.67 27.40
C ARG M 34 16.18 -94.70 28.11
N LYS M 35 17.50 -94.61 27.96
CA LYS M 35 18.44 -95.45 28.68
C LYS M 35 18.93 -94.83 29.97
N PHE M 36 18.87 -93.50 30.09
CA PHE M 36 19.41 -92.79 31.23
C PHE M 36 18.36 -92.07 32.06
N HIS M 37 17.18 -91.80 31.49
CA HIS M 37 16.09 -91.02 32.11
C HIS M 37 16.57 -89.64 32.55
N LEU M 38 17.47 -89.06 31.75
CA LEU M 38 18.02 -87.74 31.98
C LEU M 38 17.73 -86.86 30.77
N CYS M 39 17.90 -85.56 30.93
CA CYS M 39 17.93 -84.72 29.75
C CYS M 39 19.38 -84.59 29.32
N ARG M 40 19.64 -83.71 28.35
CA ARG M 40 20.97 -83.58 27.78
C ARG M 40 21.93 -82.89 28.74
N ILE M 41 21.62 -81.65 29.10
CA ILE M 41 22.55 -80.82 29.85
C ILE M 41 22.69 -81.26 31.30
N CYS M 42 21.67 -81.92 31.85
CA CYS M 42 21.84 -82.47 33.19
C CYS M 42 22.74 -83.69 33.17
N PHE M 43 22.65 -84.50 32.10
CA PHE M 43 23.64 -85.55 31.88
C PHE M 43 25.03 -84.96 31.69
N ARG M 44 25.11 -83.77 31.07
CA ARG M 44 26.39 -83.11 30.87
C ARG M 44 27.05 -82.78 32.20
N GLU M 45 26.31 -82.13 33.10
CA GLU M 45 26.87 -81.73 34.38
C GLU M 45 27.12 -82.94 35.28
N LEU M 46 26.23 -83.94 35.23
CA LEU M 46 26.46 -85.15 36.01
C LEU M 46 27.61 -85.98 35.46
N ALA M 47 27.97 -85.79 34.18
CA ALA M 47 29.20 -86.36 33.68
C ALA M 47 30.41 -85.60 34.20
N TYR M 48 30.29 -84.27 34.38
CA TYR M 48 31.37 -83.53 35.02
C TYR M 48 31.49 -83.90 36.50
N LYS M 49 30.39 -84.32 37.12
CA LYS M 49 30.45 -84.89 38.46
C LYS M 49 31.23 -86.19 38.50
N GLY M 50 31.14 -86.98 37.44
CA GLY M 50 31.73 -88.30 37.42
C GLY M 50 30.97 -89.27 38.30
N GLN M 51 29.71 -88.96 38.59
CA GLN M 51 28.87 -89.85 39.38
C GLN M 51 28.16 -90.87 38.52
N ILE M 52 28.14 -90.67 37.21
CA ILE M 52 27.64 -91.67 36.26
C ILE M 52 28.73 -92.72 36.05
N PRO M 53 28.47 -93.99 36.31
CA PRO M 53 29.48 -95.01 36.04
C PRO M 53 29.70 -95.21 34.56
N GLY M 54 30.94 -95.53 34.20
CA GLY M 54 31.23 -95.73 32.81
C GLY M 54 31.77 -94.49 32.11
N VAL M 55 30.83 -93.73 31.54
CA VAL M 55 31.03 -92.59 30.65
C VAL M 55 32.12 -91.63 31.10
N LYS M 56 33.07 -91.35 30.21
CA LYS M 56 34.09 -90.34 30.40
C LYS M 56 34.18 -89.52 29.11
N LYS M 57 34.90 -88.40 29.17
CA LYS M 57 35.22 -87.70 27.95
C LYS M 57 36.18 -88.52 27.11
N ALA M 58 36.06 -88.37 25.80
CA ALA M 58 36.77 -89.21 24.84
C ALA M 58 37.57 -88.31 23.91
N SER M 59 38.72 -88.81 23.45
CA SER M 59 39.53 -88.13 22.45
C SER M 59 40.49 -89.11 21.80
N TRP M 60 40.32 -89.33 20.51
CA TRP M 60 41.30 -90.06 19.72
C TRP M 60 41.35 -89.49 18.32
N ALA N 1 82.94 9.48 2.53
CA ALA N 1 82.52 10.04 1.25
C ALA N 1 83.55 11.02 0.72
N ILE N 2 84.19 11.76 1.62
CA ILE N 2 85.04 12.86 1.18
C ILE N 2 86.37 12.33 0.68
N SER N 3 87.07 13.19 -0.05
CA SER N 3 88.35 12.84 -0.64
C SER N 3 89.45 12.92 0.41
N GLN N 4 90.45 12.05 0.27
CA GLN N 4 91.51 11.98 1.25
C GLN N 4 92.46 13.17 1.18
N GLU N 5 92.35 14.03 0.18
CA GLU N 5 93.13 15.25 0.15
C GLU N 5 92.67 16.21 1.23
N ARG N 6 91.40 16.60 1.17
CA ARG N 6 90.87 17.56 2.14
C ARG N 6 90.71 16.91 3.51
N LYS N 7 90.46 15.61 3.53
CA LYS N 7 90.50 14.81 4.75
C LYS N 7 91.84 14.95 5.46
N ASN N 8 92.92 14.97 4.70
CA ASN N 8 94.24 15.14 5.29
C ASN N 8 94.69 16.59 5.31
N GLU N 9 93.86 17.50 4.82
CA GLU N 9 94.22 18.91 4.76
C GLU N 9 93.60 19.75 5.86
N ILE N 10 92.31 19.54 6.15
CA ILE N 10 91.69 20.30 7.22
C ILE N 10 92.24 19.88 8.57
N ILE N 11 92.76 18.66 8.68
CA ILE N 11 93.48 18.27 9.88
C ILE N 11 94.81 18.97 9.97
N LYS N 12 95.32 19.48 8.84
CA LYS N 12 96.58 20.19 8.84
C LYS N 12 96.40 21.70 8.82
N GLU N 13 95.17 22.18 8.82
CA GLU N 13 94.94 23.60 9.06
C GLU N 13 94.34 23.88 10.42
N TYR N 14 93.82 22.86 11.12
CA TYR N 14 93.15 23.06 12.40
C TYR N 14 93.87 22.33 13.53
N ALA N 15 95.09 21.88 13.32
CA ALA N 15 95.79 21.13 14.34
C ALA N 15 96.34 22.06 15.42
N ARG N 16 96.37 21.57 16.66
CA ARG N 16 96.98 22.33 17.75
C ARG N 16 98.49 22.27 17.67
N HIS N 17 99.04 21.07 17.73
CA HIS N 17 100.45 20.83 17.46
C HIS N 17 100.55 19.78 16.34
N GLU N 18 101.75 19.26 16.13
CA GLU N 18 101.97 18.37 15.00
C GLU N 18 101.42 16.98 15.28
N GLY N 19 100.70 16.44 14.29
CA GLY N 19 100.17 15.10 14.40
C GLY N 19 98.94 15.01 15.27
N ASP N 20 97.99 15.91 15.07
CA ASP N 20 96.84 16.04 15.96
C ASP N 20 95.59 15.41 15.41
N THR N 21 95.70 14.19 14.89
CA THR N 21 94.54 13.42 14.45
C THR N 21 93.49 13.17 15.54
N GLY N 22 93.80 13.41 16.82
CA GLY N 22 92.78 13.50 17.84
C GLY N 22 92.28 14.93 17.91
N SER N 23 92.49 15.60 19.06
CA SER N 23 92.31 17.05 19.24
C SER N 23 90.92 17.53 18.84
N PRO N 24 89.91 17.32 19.68
CA PRO N 24 88.51 17.33 19.24
C PRO N 24 87.95 18.63 18.66
N GLU N 25 88.78 19.64 18.44
CA GLU N 25 88.50 20.61 17.40
C GLU N 25 88.50 19.92 16.03
N VAL N 26 89.50 19.07 15.81
CA VAL N 26 89.77 18.54 14.49
C VAL N 26 88.73 17.49 14.10
N GLN N 27 88.36 16.63 15.06
CA GLN N 27 87.40 15.58 14.78
C GLN N 27 86.03 16.15 14.47
N ILE N 28 85.64 17.23 15.14
CA ILE N 28 84.35 17.81 14.82
C ILE N 28 84.41 18.64 13.55
N ALA N 29 85.57 19.15 13.15
CA ALA N 29 85.66 19.77 11.83
C ALA N 29 85.49 18.75 10.72
N VAL N 30 86.12 17.57 10.89
CA VAL N 30 85.99 16.49 9.92
C VAL N 30 84.54 16.01 9.83
N LEU N 31 83.93 15.78 11.00
CA LEU N 31 82.53 15.41 11.04
C LEU N 31 81.63 16.48 10.47
N THR N 32 82.02 17.75 10.58
CA THR N 32 81.23 18.84 10.03
C THR N 32 81.17 18.76 8.50
N GLU N 33 82.33 18.63 7.86
CA GLU N 33 82.31 18.54 6.41
C GLU N 33 81.66 17.25 5.93
N ASP N 34 81.84 16.17 6.70
CA ASP N 34 81.20 14.90 6.36
C ASP N 34 79.68 14.99 6.43
N ILE N 35 79.15 15.63 7.47
CA ILE N 35 77.70 15.70 7.55
C ILE N 35 77.14 16.69 6.55
N ASN N 36 77.94 17.69 6.14
CA ASN N 36 77.52 18.54 5.02
C ASN N 36 77.31 17.72 3.75
N GLN N 37 78.31 16.96 3.35
CA GLN N 37 78.14 16.25 2.08
C GLN N 37 77.20 15.04 2.19
N LEU N 38 77.11 14.41 3.35
CA LEU N 38 76.12 13.36 3.52
C LEU N 38 74.71 13.91 3.51
N ASN N 39 74.52 15.13 4.02
CA ASN N 39 73.20 15.72 3.93
C ASN N 39 72.93 16.16 2.50
N GLU N 40 73.99 16.51 1.74
CA GLU N 40 73.83 16.76 0.32
C GLU N 40 73.38 15.51 -0.42
N HIS N 41 73.90 14.35 -0.01
CA HIS N 41 73.40 13.08 -0.54
C HIS N 41 71.95 12.86 -0.14
N ALA N 42 71.62 13.17 1.11
CA ALA N 42 70.26 12.97 1.61
C ALA N 42 69.27 13.87 0.89
N ARG N 43 69.74 14.98 0.32
CA ARG N 43 68.94 15.71 -0.63
C ARG N 43 68.65 14.86 -1.86
N THR N 44 69.66 14.16 -2.36
CA THR N 44 69.55 13.54 -3.67
C THR N 44 68.76 12.25 -3.61
N HIS N 45 69.28 11.26 -2.88
CA HIS N 45 68.62 9.97 -2.76
C HIS N 45 67.88 9.97 -1.42
N LYS N 46 66.78 10.71 -1.38
CA LYS N 46 66.11 10.88 -0.09
C LYS N 46 65.24 9.68 0.29
N LYS N 47 65.17 8.66 -0.55
CA LYS N 47 64.56 7.40 -0.15
C LYS N 47 65.57 6.43 0.44
N ASP N 48 66.85 6.80 0.44
CA ASP N 48 67.89 5.96 1.02
C ASP N 48 67.78 6.04 2.55
N HIS N 49 67.30 4.96 3.17
CA HIS N 49 67.29 4.93 4.62
C HIS N 49 68.69 4.75 5.18
N HIS N 50 69.50 3.95 4.51
CA HIS N 50 70.73 3.45 5.11
C HIS N 50 71.91 4.39 4.93
N SER N 51 71.65 5.67 4.74
CA SER N 51 72.67 6.70 4.97
C SER N 51 72.18 7.84 5.86
N TYR N 52 70.87 8.08 5.96
CA TYR N 52 70.39 9.09 6.90
C TYR N 52 70.56 8.60 8.33
N ARG N 53 70.54 7.27 8.53
CA ARG N 53 70.91 6.68 9.81
C ARG N 53 72.36 7.01 10.15
N GLY N 54 73.24 7.04 9.15
CA GLY N 54 74.61 7.44 9.38
C GLY N 54 74.75 8.92 9.66
N LEU N 55 73.89 9.75 9.05
CA LEU N 55 73.79 11.15 9.46
C LEU N 55 73.42 11.28 10.93
N MET N 56 72.44 10.48 11.37
CA MET N 56 72.06 10.48 12.78
C MET N 56 73.24 10.12 13.68
N LYS N 57 74.02 9.12 13.27
CA LYS N 57 75.17 8.71 14.07
C LYS N 57 76.25 9.78 14.12
N LYS N 58 76.55 10.41 12.99
CA LYS N 58 77.62 11.41 13.00
C LYS N 58 77.20 12.67 13.75
N ILE N 59 75.93 13.04 13.64
CA ILE N 59 75.41 14.19 14.37
C ILE N 59 75.44 13.92 15.87
N GLY N 60 74.98 12.75 16.31
CA GLY N 60 74.99 12.43 17.72
C GLY N 60 76.39 12.33 18.29
N HIS N 61 77.33 11.79 17.51
CA HIS N 61 78.68 11.66 18.02
C HIS N 61 79.40 13.01 18.08
N ARG N 62 79.13 13.89 17.11
CA ARG N 62 79.69 15.24 17.18
C ARG N 62 79.09 16.02 18.34
N ARG N 63 77.80 15.78 18.61
CA ARG N 63 77.17 16.32 19.82
C ARG N 63 77.90 15.87 21.07
N ASN N 64 78.24 14.59 21.14
CA ASN N 64 78.87 14.05 22.35
C ASN N 64 80.26 14.61 22.55
N LEU N 65 81.05 14.66 21.48
CA LEU N 65 82.40 15.20 21.61
C LEU N 65 82.37 16.69 21.90
N LEU N 66 81.43 17.40 21.31
CA LEU N 66 81.33 18.83 21.54
C LEU N 66 80.88 19.12 22.96
N ALA N 67 80.00 18.28 23.51
CA ALA N 67 79.56 18.45 24.88
C ALA N 67 80.69 18.16 25.86
N TYR N 68 81.53 17.17 25.54
CA TYR N 68 82.68 16.93 26.39
C TYR N 68 83.73 18.02 26.26
N LEU N 69 83.75 18.75 25.14
CA LEU N 69 84.75 19.80 24.95
C LEU N 69 84.61 20.92 25.96
N ARG N 70 83.37 21.33 26.25
CA ARG N 70 83.20 22.53 27.06
C ARG N 70 83.55 22.30 28.52
N LYS N 71 83.29 21.11 29.05
CA LYS N 71 83.37 20.87 30.48
C LYS N 71 84.79 20.78 31.02
N THR N 72 85.80 21.12 30.23
CA THR N 72 87.12 21.44 30.76
C THR N 72 87.66 22.79 30.28
N ASP N 73 87.10 23.36 29.23
CA ASP N 73 87.57 24.65 28.71
C ASP N 73 86.45 25.26 27.88
N ILE N 74 86.32 26.57 27.96
CA ILE N 74 85.32 27.27 27.16
C ILE N 74 85.92 28.16 26.08
N GLN N 75 87.20 28.51 26.19
CA GLN N 75 87.78 29.45 25.23
C GLN N 75 87.98 28.78 23.89
N ARG N 76 88.47 27.53 23.90
CA ARG N 76 88.42 26.67 22.73
C ARG N 76 87.01 26.54 22.21
N TYR N 77 86.06 26.36 23.13
CA TYR N 77 84.66 26.14 22.79
C TYR N 77 84.08 27.37 22.13
N ARG N 78 84.31 28.55 22.73
CA ARG N 78 83.83 29.80 22.15
C ARG N 78 84.49 30.09 20.81
N GLU N 79 85.78 29.81 20.68
CA GLU N 79 86.48 30.06 19.44
C GLU N 79 85.96 29.17 18.32
N LEU N 80 85.67 27.91 18.63
CA LEU N 80 85.14 27.00 17.60
C LEU N 80 83.72 27.36 17.21
N ILE N 81 82.87 27.69 18.19
CA ILE N 81 81.49 27.99 17.81
C ILE N 81 81.38 29.33 17.13
N GLN N 82 82.36 30.23 17.34
CA GLN N 82 82.46 31.37 16.45
C GLN N 82 83.13 31.00 15.14
N ARG N 83 83.78 29.85 15.07
CA ARG N 83 84.61 29.55 13.93
C ARG N 83 83.90 28.68 12.90
N LEU N 84 83.05 27.76 13.32
CA LEU N 84 82.50 26.79 12.38
C LEU N 84 81.00 26.93 12.14
N GLY N 85 80.34 27.94 12.70
CA GLY N 85 78.97 28.23 12.31
C GLY N 85 77.94 27.23 12.76
N LEU N 86 77.65 27.21 14.06
CA LEU N 86 76.82 26.17 14.64
C LEU N 86 76.15 26.73 15.89
N ARG N 87 75.71 25.83 16.77
CA ARG N 87 75.22 26.16 18.12
C ARG N 87 73.96 27.03 18.06
N ARG N 88 72.88 26.37 17.69
CA ARG N 88 71.54 26.92 17.86
C ARG N 88 70.79 26.19 18.96
N ALA O 1 50.47 34.85 87.99
CA ALA O 1 49.29 34.27 88.59
C ALA O 1 49.51 32.79 88.86
N VAL O 2 50.62 32.49 89.50
CA VAL O 2 51.02 31.12 89.78
C VAL O 2 50.59 30.76 91.19
N LYS O 3 50.34 29.47 91.40
CA LYS O 3 49.61 29.02 92.57
C LYS O 3 49.83 27.52 92.73
N ILE O 4 50.50 27.10 93.81
CA ILE O 4 50.78 25.68 94.01
C ILE O 4 49.72 25.11 94.94
N ARG O 5 49.31 23.88 94.69
CA ARG O 5 48.12 23.29 95.29
C ARG O 5 48.15 21.79 94.97
N LEU O 6 47.04 21.11 95.24
CA LEU O 6 47.02 19.65 95.20
C LEU O 6 46.63 19.10 93.84
N LYS O 7 46.70 17.77 93.73
CA LYS O 7 46.28 17.03 92.54
C LYS O 7 46.02 15.58 92.94
N ARG O 8 44.82 15.09 92.68
CA ARG O 8 44.41 13.78 93.16
C ARG O 8 44.74 12.72 92.12
N MET O 9 45.19 11.55 92.60
CA MET O 9 45.61 10.47 91.70
C MET O 9 45.08 9.12 92.17
N GLY O 10 43.95 9.10 92.87
CA GLY O 10 43.46 7.90 93.51
C GLY O 10 42.37 7.20 92.71
N SER O 11 41.95 6.04 93.24
CA SER O 11 41.12 5.17 92.42
C SER O 11 39.63 5.30 92.66
N LYS O 12 39.16 4.82 93.78
CA LYS O 12 37.73 4.80 94.03
C LYS O 12 37.37 5.29 95.42
N LYS O 13 38.18 4.95 96.41
CA LYS O 13 38.00 5.47 97.76
C LYS O 13 39.27 6.05 98.34
N SER O 14 40.43 5.68 97.83
CA SER O 14 41.70 6.06 98.43
C SER O 14 42.44 6.98 97.49
N PRO O 15 42.49 8.26 97.78
CA PRO O 15 43.27 9.17 96.96
C PRO O 15 44.75 9.11 97.32
N PHE O 16 45.52 9.95 96.63
CA PHE O 16 46.90 10.21 96.90
C PHE O 16 47.24 11.50 96.18
N TYR O 17 48.08 12.33 96.79
CA TYR O 17 48.29 13.66 96.26
C TYR O 17 49.74 13.89 95.87
N ARG O 18 49.94 14.91 95.03
CA ARG O 18 51.24 15.47 94.73
C ARG O 18 51.12 16.99 94.70
N ILE O 19 52.06 17.67 95.32
CA ILE O 19 52.08 19.12 95.29
C ILE O 19 52.64 19.56 93.95
N VAL O 20 51.94 20.48 93.30
CA VAL O 20 52.20 20.80 91.91
C VAL O 20 51.85 22.26 91.66
N VAL O 21 52.63 22.91 90.80
CA VAL O 21 52.40 24.30 90.43
C VAL O 21 51.61 24.34 89.12
N ALA O 22 50.46 25.00 89.17
CA ALA O 22 49.58 25.11 88.01
C ALA O 22 49.32 26.59 87.71
N ASP O 23 48.40 26.83 86.78
CA ASP O 23 47.81 28.14 86.57
C ASP O 23 46.30 28.03 86.70
N SER O 24 45.68 29.09 87.22
CA SER O 24 44.27 29.04 87.60
C SER O 24 43.33 28.95 86.40
N ARG O 25 43.81 29.21 85.18
CA ARG O 25 42.99 28.94 84.00
C ARG O 25 42.78 27.45 83.81
N SER O 26 43.73 26.63 84.24
CA SER O 26 43.72 25.18 84.04
C SER O 26 42.86 24.51 85.10
N PRO O 27 42.30 23.33 84.79
CA PRO O 27 41.51 22.61 85.79
C PRO O 27 42.35 21.96 86.88
N ARG O 28 41.68 21.16 87.72
CA ARG O 28 42.37 20.45 88.81
C ARG O 28 43.38 19.47 88.27
N ASP O 29 42.92 18.47 87.55
CA ASP O 29 43.79 17.44 87.01
C ASP O 29 44.34 17.78 85.64
N GLY O 30 44.25 19.05 85.22
CA GLY O 30 44.75 19.47 83.93
C GLY O 30 46.26 19.59 83.89
N ARG O 31 46.73 20.45 83.00
CA ARG O 31 48.16 20.60 82.82
C ARG O 31 48.75 21.37 83.99
N PHE O 32 50.07 21.48 83.97
CA PHE O 32 50.79 22.20 85.00
C PHE O 32 52.13 22.61 84.43
N ILE O 33 53.06 22.98 85.30
CA ILE O 33 54.39 23.40 84.90
C ILE O 33 55.44 22.39 85.33
N GLU O 34 55.37 21.92 86.57
CA GLU O 34 56.24 20.89 87.11
C GLU O 34 55.65 20.42 88.43
N THR O 35 56.03 19.22 88.85
CA THR O 35 55.62 18.70 90.13
C THR O 35 56.73 18.93 91.15
N VAL O 36 56.34 19.36 92.34
CA VAL O 36 57.29 19.59 93.44
C VAL O 36 56.76 18.80 94.63
N GLY O 37 57.26 17.58 94.80
CA GLY O 37 56.97 16.82 95.99
C GLY O 37 55.55 16.26 96.07
N THR O 38 55.25 15.65 97.20
CA THR O 38 53.99 14.94 97.37
C THR O 38 53.61 14.88 98.85
N TYR O 39 52.60 14.07 99.15
CA TYR O 39 51.78 14.17 100.36
C TYR O 39 50.82 13.00 100.38
N ASN O 40 50.46 12.55 101.59
CA ASN O 40 49.40 11.57 101.74
C ASN O 40 48.47 12.02 102.86
N PRO O 41 47.19 12.22 102.60
CA PRO O 41 46.23 12.33 103.70
C PRO O 41 46.08 11.03 104.45
N LEU O 42 46.02 9.92 103.73
CA LEU O 42 45.82 8.64 104.39
C LEU O 42 47.06 8.21 105.16
N LYS O 43 46.85 7.22 106.02
CA LYS O 43 47.87 6.62 106.87
C LYS O 43 48.55 7.68 107.73
N ASP O 44 47.77 8.27 108.62
CA ASP O 44 48.28 9.29 109.52
C ASP O 44 49.28 8.67 110.48
N PRO O 45 50.46 9.29 110.72
CA PRO O 45 50.96 10.62 110.36
C PRO O 45 51.29 10.82 108.88
N ALA O 46 51.12 12.06 108.41
CA ALA O 46 51.06 12.36 106.99
C ALA O 46 52.34 12.00 106.26
N GLU O 47 52.20 11.16 105.24
CA GLU O 47 53.34 10.65 104.48
C GLU O 47 53.69 11.68 103.42
N VAL O 48 54.76 12.43 103.67
CA VAL O 48 55.07 13.64 102.94
C VAL O 48 56.48 13.55 102.40
N VAL O 49 56.64 13.75 101.10
CA VAL O 49 57.94 13.90 100.47
C VAL O 49 57.91 15.20 99.67
N LEU O 50 58.90 16.06 99.90
CA LEU O 50 58.98 17.33 99.16
C LEU O 50 60.39 17.55 98.65
N LYS O 51 60.48 18.34 97.58
CA LYS O 51 61.77 18.72 97.03
C LYS O 51 62.45 19.77 97.90
N GLU O 52 61.64 20.55 98.62
CA GLU O 52 61.99 21.50 99.70
C GLU O 52 63.08 22.51 99.32
N ASP O 53 63.35 22.70 98.04
CA ASP O 53 64.16 23.81 97.57
C ASP O 53 63.39 24.66 96.58
N LEU O 54 62.70 24.00 95.65
CA LEU O 54 61.98 24.67 94.57
C LEU O 54 60.87 25.54 95.10
N VAL O 55 60.30 25.19 96.25
CA VAL O 55 59.23 25.99 96.83
C VAL O 55 59.77 27.34 97.29
N LEU O 56 60.92 27.35 97.95
CA LEU O 56 61.50 28.62 98.35
C LEU O 56 62.04 29.37 97.14
N ASP O 57 62.54 28.65 96.15
CA ASP O 57 62.98 29.25 94.90
C ASP O 57 61.82 29.87 94.14
N TRP O 58 60.63 29.37 94.37
CA TRP O 58 59.45 29.65 93.59
C TRP O 58 58.64 30.76 94.23
N LEU O 59 58.57 30.76 95.56
CA LEU O 59 58.05 31.90 96.29
C LEU O 59 58.98 33.09 96.19
N SER O 60 60.29 32.84 96.04
CA SER O 60 61.19 33.95 95.80
C SER O 60 60.94 34.57 94.43
N LYS O 61 60.47 33.77 93.47
CA LYS O 61 59.94 34.34 92.25
C LYS O 61 58.58 34.98 92.49
N GLY O 62 57.91 34.62 93.57
CA GLY O 62 56.57 35.09 93.82
C GLY O 62 55.57 34.02 93.43
N ALA O 63 54.84 33.51 94.41
CA ALA O 63 53.78 32.56 94.16
C ALA O 63 52.78 32.64 95.29
N GLN O 64 51.53 32.31 95.01
CA GLN O 64 50.53 32.30 96.06
C GLN O 64 50.03 30.88 96.26
N PRO O 65 50.56 30.13 97.23
CA PRO O 65 50.07 28.78 97.49
C PRO O 65 48.68 28.78 98.09
N SER O 66 48.11 27.59 98.20
CA SER O 66 46.80 27.44 98.80
C SER O 66 46.97 27.13 100.27
N ASP O 67 45.85 26.83 100.93
CA ASP O 67 45.82 26.75 102.38
C ASP O 67 46.47 25.47 102.91
N THR O 68 46.18 24.33 102.28
CA THR O 68 46.66 23.06 102.80
C THR O 68 48.18 22.96 102.65
N VAL O 69 48.70 23.52 101.57
CA VAL O 69 50.14 23.63 101.39
C VAL O 69 50.76 24.51 102.47
N ARG O 70 50.05 25.56 102.88
CA ARG O 70 50.56 26.45 103.92
C ARG O 70 50.63 25.72 105.26
N ASN O 71 49.60 24.92 105.57
CA ASN O 71 49.62 24.16 106.82
C ASN O 71 50.72 23.13 106.81
N ILE O 72 50.87 22.39 105.72
CA ILE O 72 51.88 21.34 105.72
C ILE O 72 53.28 21.87 105.48
N LEU O 73 53.44 23.12 105.08
CA LEU O 73 54.77 23.70 104.94
C LEU O 73 55.19 24.50 106.14
N SER O 74 54.22 25.04 106.89
CA SER O 74 54.51 25.45 108.25
C SER O 74 54.72 24.24 109.16
N LYS O 75 54.25 23.05 108.76
CA LYS O 75 54.68 21.82 109.43
C LYS O 75 56.18 21.60 109.32
N GLU O 76 56.79 22.06 108.23
CA GLU O 76 58.23 21.95 108.08
C GLU O 76 58.90 23.31 108.10
N GLY O 77 58.16 24.36 108.42
CA GLY O 77 58.74 25.68 108.54
C GLY O 77 59.20 26.28 107.24
N VAL O 78 58.63 25.85 106.12
CA VAL O 78 59.02 26.40 104.83
C VAL O 78 58.54 27.83 104.72
N MET O 79 57.33 28.09 105.23
CA MET O 79 56.86 29.46 105.37
C MET O 79 57.74 30.24 106.33
N LYS O 80 58.14 29.58 107.43
CA LYS O 80 59.03 30.19 108.42
C LYS O 80 60.37 30.54 107.79
N LYS O 81 60.95 29.61 107.04
CA LYS O 81 62.17 29.88 106.29
C LYS O 81 61.97 30.97 105.24
N HIS O 82 60.78 31.03 104.65
CA HIS O 82 60.52 32.04 103.61
C HIS O 82 60.53 33.45 104.19
N HIS O 83 59.67 33.71 105.18
CA HIS O 83 59.61 35.06 105.71
C HIS O 83 60.80 35.36 106.58
N GLU O 84 61.51 34.33 107.04
CA GLU O 84 62.80 34.55 107.67
C GLU O 84 63.82 35.02 106.65
N ALA O 85 63.83 34.40 105.45
CA ALA O 85 64.74 34.81 104.40
C ALA O 85 64.37 36.18 103.84
N LYS O 86 63.10 36.55 103.91
CA LYS O 86 62.73 37.92 103.58
C LYS O 86 63.20 38.88 104.66
N ASN O 87 63.31 38.40 105.89
CA ASN O 87 63.87 39.19 106.97
C ASN O 87 65.39 39.11 107.05
N VAL O 88 66.00 38.25 106.24
CA VAL O 88 67.47 38.23 106.14
C VAL O 88 67.97 39.52 105.48
N LYS O 89 67.36 39.87 104.33
CA LYS O 89 67.68 41.04 103.47
C LYS O 89 69.15 41.39 103.31
N GLU P 1 72.40 39.36 70.94
CA GLU P 1 73.49 38.67 70.25
C GLU P 1 73.63 37.26 70.84
N ARG P 2 72.81 36.35 70.36
CA ARG P 2 72.92 34.95 70.73
C ARG P 2 73.06 34.03 69.54
N ASN P 3 72.57 34.43 68.37
CA ASN P 3 72.69 33.61 67.17
C ASN P 3 72.51 34.52 65.98
N GLN P 4 73.09 34.14 64.87
CA GLN P 4 72.68 34.64 63.57
C GLN P 4 71.63 33.68 63.02
N ARG P 5 71.28 33.79 61.76
CA ARG P 5 70.24 32.93 61.20
C ARG P 5 70.88 31.71 60.54
N LYS P 6 70.04 30.74 60.21
CA LYS P 6 70.48 29.54 59.51
C LYS P 6 70.73 29.89 58.06
N VAL P 7 71.93 30.39 57.79
CA VAL P 7 72.28 30.91 56.48
C VAL P 7 72.55 29.76 55.53
N TYR P 8 72.16 29.93 54.27
CA TYR P 8 72.27 28.89 53.27
C TYR P 8 73.11 29.42 52.12
N GLN P 9 74.00 28.59 51.59
CA GLN P 9 74.76 28.92 50.39
C GLN P 9 74.08 28.28 49.18
N GLY P 10 74.09 28.99 48.06
CA GLY P 10 73.40 28.48 46.89
C GLY P 10 73.66 29.30 45.66
N ARG P 11 72.94 28.95 44.60
CA ARG P 11 73.09 29.57 43.29
C ARG P 11 71.76 30.17 42.85
N VAL P 12 71.83 30.99 41.81
CA VAL P 12 70.77 31.94 41.47
C VAL P 12 70.09 31.50 40.19
N VAL P 13 68.77 31.73 40.11
CA VAL P 13 68.08 31.54 38.84
C VAL P 13 67.49 32.83 38.32
N SER P 14 66.52 33.39 39.05
CA SER P 14 65.73 34.52 38.55
C SER P 14 66.18 35.80 39.23
N ASP P 15 66.56 36.78 38.43
CA ASP P 15 67.01 38.05 38.97
C ASP P 15 66.52 39.21 38.11
N LYS P 16 65.39 39.03 37.44
CA LYS P 16 64.79 40.14 36.70
C LYS P 16 64.25 41.20 37.63
N MET P 17 63.78 40.80 38.82
CA MET P 17 63.04 41.70 39.68
C MET P 17 63.95 42.73 40.33
N ASP P 18 63.40 43.90 40.56
CA ASP P 18 64.16 44.98 41.15
C ASP P 18 64.43 44.68 42.62
N LYS P 19 65.68 44.92 43.01
CA LYS P 19 66.20 44.72 44.37
C LYS P 19 66.09 43.28 44.86
N THR P 20 65.93 42.31 43.96
CA THR P 20 65.51 40.98 44.40
C THR P 20 66.00 39.94 43.41
N ILE P 21 66.62 38.88 43.93
CA ILE P 21 67.01 37.72 43.14
C ILE P 21 66.33 36.48 43.69
N THR P 22 66.60 35.32 43.09
CA THR P 22 66.01 34.06 43.53
C THR P 22 67.11 32.99 43.56
N VAL P 23 67.28 32.35 44.72
CA VAL P 23 68.43 31.50 44.98
C VAL P 23 67.96 30.06 45.16
N VAL P 24 68.58 29.15 44.44
CA VAL P 24 68.34 27.73 44.59
C VAL P 24 69.28 27.17 45.65
N VAL P 25 68.71 26.48 46.63
CA VAL P 25 69.47 25.80 47.64
C VAL P 25 69.54 24.33 47.24
N GLU P 26 70.44 23.58 47.89
CA GLU P 26 70.81 22.22 47.52
C GLU P 26 70.37 21.25 48.61
N THR P 27 70.12 19.99 48.25
CA THR P 27 69.72 19.00 49.23
C THR P 27 70.20 17.60 48.83
N LYS P 28 70.30 16.73 49.84
CA LYS P 28 70.56 15.30 49.68
C LYS P 28 69.79 14.55 50.76
N LYS P 29 68.91 13.63 50.37
CA LYS P 29 68.03 12.95 51.32
C LYS P 29 68.11 11.45 51.16
N ASN P 30 67.32 10.75 51.98
CA ASN P 30 67.20 9.30 51.94
C ASN P 30 65.74 8.92 51.92
N HIS P 31 65.45 7.85 51.24
CA HIS P 31 64.08 7.40 51.10
C HIS P 31 63.65 6.72 52.40
N PRO P 32 62.36 6.73 52.73
CA PRO P 32 61.91 5.97 53.91
C PRO P 32 62.08 4.47 53.84
N ILE P 33 61.45 3.81 52.88
CA ILE P 33 61.54 2.36 52.79
C ILE P 33 62.79 1.94 52.02
N TYR P 34 63.00 2.57 50.88
CA TYR P 34 64.19 2.34 50.09
C TYR P 34 65.30 3.23 50.63
N GLY P 35 66.46 3.22 50.00
CA GLY P 35 67.57 3.81 50.72
C GLY P 35 68.66 4.58 50.00
N LYS P 36 68.53 4.86 48.72
CA LYS P 36 69.66 5.53 48.10
C LYS P 36 69.60 7.02 48.40
N ARG P 37 70.73 7.70 48.14
CA ARG P 37 70.90 9.11 48.46
C ARG P 37 70.07 9.91 47.46
N MET P 38 68.77 10.03 47.74
CA MET P 38 67.89 10.83 46.91
C MET P 38 68.24 12.30 47.00
N LYS P 39 67.94 13.04 45.93
CA LYS P 39 68.12 14.48 45.98
C LYS P 39 67.08 15.16 45.10
N TYR P 40 66.86 16.43 45.41
CA TYR P 40 65.88 17.28 44.75
C TYR P 40 66.40 18.71 44.79
N SER P 41 65.52 19.69 44.64
CA SER P 41 65.92 21.08 44.72
C SER P 41 64.85 21.90 45.44
N LYS P 42 65.25 23.08 45.88
CA LYS P 42 64.33 24.10 46.38
C LYS P 42 64.75 25.46 45.86
N LYS P 43 63.82 26.41 45.91
CA LYS P 43 64.08 27.78 45.49
C LYS P 43 63.72 28.74 46.61
N TYR P 44 64.63 29.66 46.91
CA TYR P 44 64.40 30.74 47.86
C TYR P 44 64.61 32.08 47.17
N LYS P 45 63.90 33.10 47.65
CA LYS P 45 63.98 34.44 47.07
C LYS P 45 64.52 35.41 48.10
N ALA P 46 65.55 36.16 47.71
CA ALA P 46 66.20 37.11 48.60
C ALA P 46 66.23 38.49 47.97
N HIS P 47 66.31 39.49 48.84
CA HIS P 47 66.27 40.89 48.45
C HIS P 47 67.68 41.45 48.38
N ASP P 48 68.00 42.11 47.27
CA ASP P 48 69.30 42.70 47.05
C ASP P 48 69.20 44.21 47.22
N GLU P 49 70.35 44.84 47.44
CA GLU P 49 70.38 46.30 47.54
C GLU P 49 70.10 46.94 46.19
N ASN P 50 70.99 46.72 45.22
CA ASN P 50 70.88 47.38 43.94
C ASN P 50 71.18 46.42 42.79
N ASN P 51 70.68 45.18 42.91
CA ASN P 51 70.77 44.13 41.89
C ASN P 51 72.22 43.83 41.50
N THR P 52 72.97 43.31 42.47
CA THR P 52 74.40 43.13 42.29
C THR P 52 74.70 41.93 41.39
N ALA P 53 74.32 40.74 41.84
CA ALA P 53 74.87 39.51 41.30
C ALA P 53 74.16 39.12 40.00
N LYS P 54 74.47 37.92 39.51
CA LYS P 54 73.90 37.41 38.27
C LYS P 54 73.27 36.04 38.46
N VAL P 55 72.88 35.40 37.36
CA VAL P 55 72.26 34.09 37.41
C VAL P 55 73.32 33.03 37.73
N GLY P 56 72.97 32.10 38.61
CA GLY P 56 73.91 31.05 38.95
C GLY P 56 75.02 31.48 39.86
N ASP P 57 74.87 32.64 40.49
CA ASP P 57 75.92 33.16 41.35
C ASP P 57 75.99 32.35 42.62
N ILE P 58 77.15 31.75 42.89
CA ILE P 58 77.35 31.06 44.16
C ILE P 58 77.45 32.12 45.25
N VAL P 59 76.47 32.10 46.16
CA VAL P 59 76.19 33.22 47.03
C VAL P 59 75.56 32.64 48.30
N LYS P 60 75.56 33.42 49.36
CA LYS P 60 74.81 33.04 50.55
C LYS P 60 73.93 34.19 51.01
N ILE P 61 72.94 33.83 51.82
CA ILE P 61 71.85 34.71 52.23
C ILE P 61 71.50 34.47 53.69
N MET P 62 70.85 35.45 54.31
CA MET P 62 70.45 35.36 55.70
C MET P 62 68.99 35.74 55.84
N GLU P 63 68.28 35.02 56.70
CA GLU P 63 66.94 35.43 57.09
C GLU P 63 66.97 36.77 57.83
N THR P 64 65.89 37.54 57.70
CA THR P 64 65.70 38.65 58.62
C THR P 64 64.41 38.53 59.43
N ARG P 65 63.25 38.57 58.77
CA ARG P 65 61.93 38.68 59.33
C ARG P 65 60.99 38.65 58.13
N PRO P 66 59.68 38.55 58.30
CA PRO P 66 58.81 38.89 57.17
C PRO P 66 59.02 40.31 56.68
N LEU P 67 59.49 40.43 55.44
CA LEU P 67 59.94 41.69 54.87
C LEU P 67 59.13 42.16 53.68
N SER P 68 58.41 41.26 53.03
CA SER P 68 57.57 41.58 51.89
C SER P 68 56.51 40.48 51.82
N ALA P 69 55.84 40.38 50.69
CA ALA P 69 54.86 39.32 50.51
C ALA P 69 55.62 38.04 50.19
N THR P 70 55.94 37.28 51.24
CA THR P 70 56.50 35.93 51.17
C THR P 70 57.82 35.87 50.42
N LYS P 71 58.65 36.89 50.59
CA LYS P 71 60.08 36.71 50.45
C LYS P 71 60.69 36.99 51.81
N ARG P 72 61.75 36.27 52.14
CA ARG P 72 62.12 36.21 53.55
C ARG P 72 63.62 36.32 53.80
N PHE P 73 64.48 36.14 52.80
CA PHE P 73 65.92 36.19 53.00
C PHE P 73 66.50 37.54 52.62
N ARG P 74 67.69 37.80 53.14
CA ARG P 74 68.50 38.94 52.73
C ARG P 74 69.89 38.48 52.36
N LEU P 75 70.47 39.20 51.41
CA LEU P 75 71.78 38.89 50.86
C LEU P 75 72.85 39.00 51.93
N LEU P 76 73.90 38.19 51.79
CA LEU P 76 75.09 38.34 52.61
C LEU P 76 76.33 38.68 51.79
N GLU P 77 76.70 37.83 50.85
CA GLU P 77 78.07 37.84 50.34
C GLU P 77 78.21 37.03 49.06
N VAL P 78 78.88 37.61 48.07
CA VAL P 78 79.27 36.85 46.88
C VAL P 78 80.31 35.82 47.31
N VAL P 79 79.90 34.55 47.33
CA VAL P 79 80.85 33.48 47.62
C VAL P 79 81.79 33.28 46.44
N GLU P 80 81.23 33.16 45.24
CA GLU P 80 82.03 33.13 44.02
C GLU P 80 81.16 33.60 42.87
N GLU P 81 81.73 34.43 42.01
CA GLU P 81 80.94 35.06 40.96
C GLU P 81 80.77 34.11 39.79
N ALA P 82 79.51 33.93 39.38
CA ALA P 82 79.22 33.20 38.16
C ALA P 82 79.67 34.01 36.95
N VAL P 83 80.13 33.31 35.93
CA VAL P 83 80.59 33.96 34.70
C VAL P 83 80.39 33.03 33.51
N LYS Q 1 93.29 -33.72 -1.51
CA LYS Q 1 92.44 -34.78 -2.05
C LYS Q 1 91.71 -34.29 -3.30
N VAL Q 2 91.65 -32.97 -3.48
CA VAL Q 2 90.98 -32.38 -4.61
C VAL Q 2 91.91 -31.32 -5.19
N ASP Q 3 91.74 -31.04 -6.48
CA ASP Q 3 92.57 -30.07 -7.17
C ASP Q 3 92.06 -28.66 -6.90
N TYR Q 4 92.57 -27.69 -7.66
CA TYR Q 4 92.30 -26.28 -7.46
C TYR Q 4 92.78 -25.52 -8.69
N ILE Q 5 92.42 -24.24 -8.75
CA ILE Q 5 92.73 -23.44 -9.92
C ILE Q 5 93.82 -22.42 -9.65
N ALA Q 6 94.55 -22.56 -8.56
CA ALA Q 6 95.49 -21.53 -8.16
C ALA Q 6 96.94 -21.87 -8.42
N ALA Q 7 97.26 -23.13 -8.76
CA ALA Q 7 98.63 -23.50 -9.10
C ALA Q 7 99.08 -22.77 -10.36
N ASN Q 8 98.35 -22.97 -11.45
CA ASN Q 8 98.20 -21.91 -12.41
C ASN Q 8 97.69 -20.68 -11.67
N HIS Q 9 98.53 -19.65 -11.54
CA HIS Q 9 98.25 -18.59 -10.59
C HIS Q 9 97.09 -17.70 -11.02
N ILE Q 10 95.89 -18.03 -10.53
CA ILE Q 10 94.71 -17.26 -10.84
C ILE Q 10 94.78 -15.92 -10.13
N GLU Q 11 94.77 -14.87 -10.89
CA GLU Q 11 94.87 -13.54 -10.32
C GLU Q 11 93.80 -12.60 -10.84
N TYR Q 12 93.46 -12.71 -12.12
CA TYR Q 12 92.53 -11.78 -12.75
C TYR Q 12 91.95 -12.48 -13.97
N ILE Q 13 90.63 -12.63 -14.02
CA ILE Q 13 90.03 -13.53 -14.99
C ILE Q 13 89.86 -12.87 -16.36
N ASP Q 14 89.53 -11.57 -16.37
CA ASP Q 14 89.44 -10.73 -17.57
C ASP Q 14 88.50 -11.29 -18.63
N TYR Q 15 87.35 -11.82 -18.19
CA TYR Q 15 86.11 -11.70 -18.96
C TYR Q 15 86.03 -12.52 -20.25
N LYS Q 16 87.14 -13.10 -20.71
CA LYS Q 16 87.22 -13.68 -22.05
C LYS Q 16 87.92 -15.03 -22.14
N ASP Q 17 88.66 -15.45 -21.12
CA ASP Q 17 89.64 -16.52 -21.26
C ASP Q 17 88.97 -17.88 -21.36
N THR Q 18 88.94 -18.42 -22.57
CA THR Q 18 88.35 -19.73 -22.85
C THR Q 18 89.05 -20.86 -22.11
N GLU Q 19 90.31 -20.68 -21.71
CA GLU Q 19 91.06 -21.75 -21.06
C GLU Q 19 90.56 -22.02 -19.66
N LEU Q 20 89.86 -21.07 -19.06
CA LEU Q 20 89.19 -21.30 -17.79
C LEU Q 20 87.68 -21.23 -17.93
N LEU Q 21 87.19 -20.52 -18.95
CA LEU Q 21 85.76 -20.41 -19.21
C LEU Q 21 85.16 -21.78 -19.51
N LYS Q 22 85.82 -22.54 -20.36
CA LYS Q 22 85.25 -23.81 -20.77
C LYS Q 22 85.39 -24.91 -19.73
N ARG Q 23 86.21 -24.69 -18.70
CA ARG Q 23 86.49 -25.77 -17.75
C ARG Q 23 85.30 -26.07 -16.86
N PHE Q 24 84.52 -25.06 -16.50
CA PHE Q 24 83.54 -25.20 -15.43
C PHE Q 24 82.09 -25.04 -15.88
N ILE Q 25 81.84 -25.04 -17.18
CA ILE Q 25 80.48 -25.14 -17.68
C ILE Q 25 80.09 -26.61 -17.68
N SER Q 26 78.80 -26.89 -17.83
CA SER Q 26 78.44 -28.29 -18.00
C SER Q 26 78.57 -28.65 -19.46
N GLU Q 27 78.24 -29.90 -19.77
CA GLU Q 27 78.20 -30.34 -21.15
C GLU Q 27 77.04 -29.70 -21.89
N ARG Q 28 75.87 -29.66 -21.25
CA ARG Q 28 74.72 -28.99 -21.83
C ARG Q 28 74.89 -27.48 -21.80
N GLY Q 29 75.66 -26.97 -20.83
CA GLY Q 29 75.94 -25.54 -20.73
C GLY Q 29 75.61 -24.95 -19.37
N LYS Q 30 75.37 -25.79 -18.37
CA LYS Q 30 75.00 -25.34 -17.04
C LYS Q 30 76.25 -24.96 -16.25
N ILE Q 31 76.12 -24.77 -14.95
CA ILE Q 31 77.25 -24.46 -14.06
C ILE Q 31 77.56 -25.68 -13.22
N LEU Q 32 78.85 -26.00 -13.10
CA LEU Q 32 79.27 -27.08 -12.23
C LEU Q 32 79.35 -26.59 -10.78
N PRO Q 33 78.64 -27.21 -9.84
CA PRO Q 33 78.67 -26.75 -8.46
C PRO Q 33 79.99 -27.10 -7.78
N ARG Q 34 80.20 -26.49 -6.61
CA ARG Q 34 81.47 -26.59 -5.91
C ARG Q 34 81.67 -27.95 -5.24
N ARG Q 35 80.65 -28.81 -5.25
CA ARG Q 35 80.88 -30.22 -5.01
C ARG Q 35 81.80 -30.82 -6.06
N VAL Q 36 81.75 -30.29 -7.28
CA VAL Q 36 82.37 -30.91 -8.43
C VAL Q 36 83.64 -30.16 -8.80
N THR Q 37 83.67 -28.85 -8.55
CA THR Q 37 84.78 -28.03 -9.02
C THR Q 37 86.06 -28.30 -8.26
N GLY Q 38 85.98 -28.26 -6.93
CA GLY Q 38 87.20 -28.23 -6.15
C GLY Q 38 87.90 -26.91 -6.31
N THR Q 39 87.33 -25.85 -5.76
CA THR Q 39 87.95 -24.53 -5.84
C THR Q 39 87.61 -23.72 -4.60
N GLY Q 40 88.22 -22.54 -4.52
CA GLY Q 40 87.96 -21.65 -3.40
C GLY Q 40 86.56 -21.07 -3.45
N ALA Q 41 86.09 -20.69 -2.26
CA ALA Q 41 84.69 -20.27 -2.11
C ALA Q 41 84.44 -18.92 -2.76
N LYS Q 42 85.41 -18.01 -2.69
CA LYS Q 42 85.30 -16.75 -3.39
C LYS Q 42 85.47 -16.92 -4.89
N ASN Q 43 86.18 -17.96 -5.31
CA ASN Q 43 86.40 -18.20 -6.72
C ASN Q 43 85.13 -18.64 -7.41
N GLN Q 44 84.24 -19.30 -6.65
CA GLN Q 44 82.89 -19.56 -7.11
C GLN Q 44 82.20 -18.28 -7.54
N ARG Q 45 82.30 -17.24 -6.72
CA ARG Q 45 81.67 -15.96 -7.05
C ARG Q 45 82.36 -15.30 -8.23
N LYS Q 46 83.69 -15.35 -8.25
CA LYS Q 46 84.46 -14.77 -9.35
C LYS Q 46 84.06 -15.37 -10.70
N LEU Q 47 84.07 -16.70 -10.79
CA LEU Q 47 83.79 -17.36 -12.04
C LEU Q 47 82.31 -17.31 -12.38
N THR Q 48 81.45 -17.26 -11.36
CA THR Q 48 80.02 -17.13 -11.63
C THR Q 48 79.72 -15.79 -12.28
N ILE Q 49 80.28 -14.72 -11.75
CA ILE Q 49 80.09 -13.41 -12.36
C ILE Q 49 80.83 -13.34 -13.70
N ALA Q 50 81.95 -14.05 -13.83
CA ALA Q 50 82.70 -14.07 -15.07
C ALA Q 50 81.91 -14.70 -16.20
N ILE Q 51 81.24 -15.81 -15.93
CA ILE Q 51 80.47 -16.44 -17.00
C ILE Q 51 79.10 -15.81 -17.17
N LYS Q 52 78.60 -15.09 -16.17
CA LYS Q 52 77.41 -14.31 -16.41
C LYS Q 52 77.71 -13.09 -17.28
N ARG Q 53 78.94 -12.59 -17.22
CA ARG Q 53 79.39 -11.66 -18.26
C ARG Q 53 79.49 -12.33 -19.62
N ALA Q 54 79.80 -13.63 -19.66
CA ALA Q 54 80.04 -14.27 -20.93
C ALA Q 54 78.76 -14.50 -21.69
N ARG Q 55 77.64 -14.64 -20.99
CA ARG Q 55 76.40 -15.03 -21.66
C ARG Q 55 75.71 -13.87 -22.39
N ILE Q 56 76.30 -12.69 -22.43
CA ILE Q 56 75.71 -11.56 -23.16
C ILE Q 56 76.35 -11.39 -24.52
N MET Q 57 77.67 -11.26 -24.57
CA MET Q 57 78.37 -10.92 -25.80
C MET Q 57 78.64 -12.12 -26.69
N GLY Q 58 77.90 -13.21 -26.53
CA GLY Q 58 77.97 -14.33 -27.44
C GLY Q 58 79.11 -15.28 -27.21
N LEU Q 59 79.98 -15.03 -26.23
CA LEU Q 59 81.15 -15.87 -26.08
C LEU Q 59 80.87 -17.21 -25.41
N LEU Q 60 79.61 -17.49 -25.11
CA LEU Q 60 79.11 -18.77 -24.62
C LEU Q 60 77.59 -18.73 -24.77
N PRO Q 61 76.96 -19.76 -25.33
CA PRO Q 61 75.51 -19.75 -25.49
C PRO Q 61 74.79 -20.20 -24.23
N PHE Q 62 73.50 -19.89 -24.20
CA PHE Q 62 72.67 -20.33 -23.08
C PHE Q 62 72.38 -21.82 -23.17
N VAL Q 63 71.67 -22.23 -24.21
CA VAL Q 63 71.16 -23.59 -24.32
C VAL Q 63 71.85 -24.25 -25.50
N SER Q 64 72.40 -25.44 -25.29
CA SER Q 64 73.20 -26.09 -26.34
C SER Q 64 73.14 -27.60 -26.18
N ASP Q 65 72.29 -28.24 -26.97
CA ASP Q 65 72.34 -29.67 -27.29
C ASP Q 65 72.12 -29.87 -28.77
N GLU Q 66 72.77 -29.04 -29.58
CA GLU Q 66 72.51 -29.02 -31.02
C GLU Q 66 73.76 -28.63 -31.79
N SER R 1 -3.65 -98.37 7.72
CA SER R 1 -4.32 -99.63 8.01
C SER R 1 -5.75 -99.39 8.44
N LEU R 2 -6.50 -98.69 7.59
CA LEU R 2 -7.94 -98.54 7.72
C LEU R 2 -8.60 -98.94 6.40
N LYS R 3 -8.20 -100.10 5.89
CA LYS R 3 -8.73 -100.63 4.64
C LYS R 3 -10.05 -101.35 4.82
N LYS R 4 -10.47 -101.57 6.06
CA LYS R 4 -11.70 -102.32 6.33
C LYS R 4 -12.91 -101.39 6.45
N GLY R 5 -13.06 -100.52 5.45
CA GLY R 5 -14.28 -99.78 5.23
C GLY R 5 -14.63 -98.75 6.29
N PRO R 6 -15.79 -98.94 6.92
CA PRO R 6 -16.32 -97.91 7.83
C PRO R 6 -15.53 -97.80 9.13
N PHE R 7 -15.45 -96.57 9.63
CA PHE R 7 -14.69 -96.26 10.83
C PHE R 7 -15.31 -95.01 11.46
N VAL R 8 -16.19 -95.23 12.43
CA VAL R 8 -16.74 -94.16 13.25
C VAL R 8 -16.64 -94.61 14.69
N ASP R 9 -16.03 -93.78 15.54
CA ASP R 9 -15.70 -94.20 16.88
C ASP R 9 -16.95 -94.24 17.76
N ASP R 10 -16.85 -94.99 18.87
CA ASP R 10 -18.01 -95.67 19.46
C ASP R 10 -19.02 -94.70 20.07
N HIS R 11 -18.59 -93.82 20.96
CA HIS R 11 -19.57 -92.90 21.55
C HIS R 11 -19.88 -91.70 20.65
N LEU R 12 -19.45 -91.76 19.39
CA LEU R 12 -20.09 -91.09 18.27
C LEU R 12 -20.86 -92.06 17.39
N MET R 13 -20.43 -93.32 17.31
CA MET R 13 -21.08 -94.30 16.44
C MET R 13 -22.46 -94.68 16.96
N LYS R 14 -22.62 -94.78 18.28
CA LYS R 14 -23.96 -95.07 18.81
C LYS R 14 -24.88 -93.88 18.62
N LYS R 15 -24.34 -92.67 18.67
CA LYS R 15 -25.11 -91.46 18.38
C LYS R 15 -25.58 -91.45 16.92
N VAL R 16 -24.69 -91.80 16.01
CA VAL R 16 -25.09 -91.76 14.60
C VAL R 16 -25.94 -92.99 14.23
N GLU R 17 -25.84 -94.09 15.00
CA GLU R 17 -26.80 -95.17 14.85
C GLU R 17 -28.18 -94.73 15.31
N ALA R 18 -28.25 -93.96 16.40
CA ALA R 18 -29.52 -93.39 16.82
C ALA R 18 -30.03 -92.37 15.83
N GLN R 19 -29.12 -91.71 15.11
CA GLN R 19 -29.54 -90.84 14.01
C GLN R 19 -30.10 -91.63 12.85
N GLN R 20 -29.57 -92.82 12.58
CA GLN R 20 -30.09 -93.64 11.48
C GLN R 20 -31.52 -94.12 11.73
N GLY R 21 -31.88 -94.37 12.98
CA GLY R 21 -33.23 -94.79 13.30
C GLY R 21 -34.22 -93.66 13.46
N ALA R 22 -33.74 -92.42 13.57
CA ALA R 22 -34.59 -91.26 13.82
C ALA R 22 -34.46 -90.27 12.65
N GLU R 23 -35.05 -89.09 12.83
CA GLU R 23 -35.02 -88.04 11.82
C GLU R 23 -33.78 -87.16 12.04
N LYS R 24 -33.31 -86.56 10.96
CA LYS R 24 -31.94 -86.07 10.88
C LYS R 24 -31.79 -84.73 11.60
N LYS R 25 -31.10 -84.76 12.74
CA LYS R 25 -30.76 -83.57 13.51
C LYS R 25 -29.41 -83.04 13.05
N LYS R 26 -28.85 -82.08 13.78
CA LYS R 26 -27.72 -81.33 13.23
C LYS R 26 -26.44 -81.40 14.06
N VAL R 27 -26.46 -81.06 15.34
CA VAL R 27 -25.24 -80.70 16.07
C VAL R 27 -24.72 -81.88 16.88
N ILE R 28 -23.43 -82.16 16.74
CA ILE R 28 -22.67 -83.04 17.63
C ILE R 28 -21.36 -82.35 17.95
N LYS R 29 -21.08 -82.15 19.24
CA LYS R 29 -19.89 -81.43 19.68
C LYS R 29 -18.82 -82.44 20.04
N THR R 30 -17.87 -82.65 19.13
CA THR R 30 -17.02 -83.82 19.18
C THR R 30 -15.69 -83.50 18.49
N TRP R 31 -14.88 -84.54 18.26
CA TRP R 31 -13.60 -84.35 17.58
C TRP R 31 -13.77 -83.92 16.13
N SER R 32 -14.70 -84.55 15.41
CA SER R 32 -14.99 -84.32 13.98
C SER R 32 -13.74 -84.44 13.10
N ARG R 33 -12.85 -85.39 13.43
CA ARG R 33 -11.64 -85.58 12.64
C ARG R 33 -11.47 -87.03 12.24
N ARG R 34 -12.01 -87.93 13.06
CA ARG R 34 -11.68 -89.35 13.02
C ARG R 34 -12.70 -90.19 12.28
N SER R 35 -13.98 -89.86 12.42
CA SER R 35 -15.04 -90.70 11.89
C SER R 35 -15.13 -90.55 10.37
N THR R 36 -14.88 -91.64 9.63
CA THR R 36 -14.94 -91.57 8.19
C THR R 36 -16.38 -91.77 7.70
N ILE R 37 -16.58 -91.50 6.42
CA ILE R 37 -17.92 -91.42 5.85
C ILE R 37 -18.10 -92.60 4.89
N PHE R 38 -19.31 -93.16 4.87
CA PHE R 38 -19.61 -94.39 4.16
C PHE R 38 -21.13 -94.43 3.92
N PRO R 39 -21.60 -95.09 2.80
CA PRO R 39 -22.90 -94.71 2.21
C PRO R 39 -24.17 -94.99 2.99
N SER R 40 -24.11 -95.41 4.25
CA SER R 40 -25.32 -95.50 5.06
C SER R 40 -25.64 -94.20 5.77
N PHE R 41 -24.98 -93.10 5.39
CA PHE R 41 -25.14 -91.80 6.04
C PHE R 41 -25.67 -90.74 5.08
N VAL R 42 -26.43 -91.13 4.06
CA VAL R 42 -26.80 -90.19 3.00
C VAL R 42 -27.89 -89.25 3.51
N GLY R 43 -27.59 -87.95 3.53
CA GLY R 43 -28.57 -86.92 3.81
C GLY R 43 -28.54 -86.34 5.21
N PHE R 44 -27.65 -86.82 6.07
CA PHE R 44 -27.66 -86.45 7.49
C PHE R 44 -27.00 -85.09 7.71
N THR R 45 -26.74 -84.76 8.97
CA THR R 45 -26.11 -83.50 9.35
C THR R 45 -25.41 -83.72 10.69
N ILE R 46 -24.08 -83.56 10.71
CA ILE R 46 -23.28 -83.70 11.93
C ILE R 46 -22.33 -82.52 12.02
N ALA R 47 -22.25 -81.89 13.20
CA ALA R 47 -21.47 -80.68 13.38
C ALA R 47 -19.98 -80.95 13.32
N VAL R 48 -19.28 -80.21 12.48
CA VAL R 48 -17.84 -80.36 12.28
C VAL R 48 -17.13 -79.25 13.04
N TYR R 49 -16.23 -79.62 13.93
CA TYR R 49 -15.56 -78.66 14.81
C TYR R 49 -14.19 -78.32 14.20
N ASP R 50 -14.04 -77.09 13.72
CA ASP R 50 -12.78 -76.65 13.13
C ASP R 50 -11.68 -76.47 14.16
N GLY R 51 -12.06 -76.19 15.40
CA GLY R 51 -11.13 -75.72 16.41
C GLY R 51 -11.70 -74.50 17.09
N ARG R 52 -12.37 -73.63 16.34
CA ARG R 52 -13.11 -72.51 16.94
C ARG R 52 -14.48 -72.97 17.43
N LYS R 53 -15.35 -73.30 16.48
CA LYS R 53 -16.76 -73.55 16.73
C LYS R 53 -17.19 -74.71 15.86
N HIS R 54 -18.11 -75.51 16.37
CA HIS R 54 -18.65 -76.61 15.60
C HIS R 54 -19.47 -76.05 14.45
N VAL R 55 -19.37 -76.68 13.29
CA VAL R 55 -20.08 -76.23 12.11
C VAL R 55 -21.15 -77.28 11.81
N PRO R 56 -22.41 -77.06 12.22
CA PRO R 56 -23.47 -78.01 11.86
C PRO R 56 -23.74 -77.93 10.37
N VAL R 57 -23.21 -78.92 9.66
CA VAL R 57 -23.20 -78.91 8.21
C VAL R 57 -23.72 -80.25 7.74
N TYR R 58 -24.55 -80.22 6.70
CA TYR R 58 -25.27 -81.41 6.29
C TYR R 58 -24.36 -82.41 5.61
N ILE R 59 -24.59 -83.68 5.92
CA ILE R 59 -23.88 -84.76 5.28
C ILE R 59 -24.53 -85.00 3.93
N GLN R 60 -23.71 -84.99 2.89
CA GLN R 60 -24.19 -84.87 1.52
C GLN R 60 -24.72 -86.19 0.97
N GLU R 61 -24.91 -86.24 -0.34
CA GLU R 61 -25.41 -87.42 -1.00
C GLU R 61 -24.31 -88.29 -1.60
N ASP R 62 -23.11 -87.75 -1.82
CA ASP R 62 -22.04 -88.48 -2.49
C ASP R 62 -20.71 -88.27 -1.78
N MET R 63 -20.72 -88.35 -0.45
CA MET R 63 -19.49 -88.30 0.35
C MET R 63 -19.17 -89.70 0.87
N VAL R 64 -18.10 -90.30 0.34
CA VAL R 64 -17.55 -91.52 0.91
C VAL R 64 -16.04 -91.49 1.06
N GLY R 65 -15.31 -90.64 0.35
CA GLY R 65 -13.87 -90.72 0.23
C GLY R 65 -13.06 -89.96 1.27
N HIS R 66 -13.69 -89.46 2.33
CA HIS R 66 -13.01 -88.71 3.37
C HIS R 66 -13.87 -88.75 4.62
N LYS R 67 -13.61 -87.84 5.55
CA LYS R 67 -14.17 -87.86 6.89
C LYS R 67 -14.92 -86.55 7.13
N LEU R 68 -15.27 -86.27 8.39
CA LEU R 68 -16.00 -85.06 8.72
C LEU R 68 -15.18 -83.80 8.51
N GLY R 69 -13.88 -83.86 8.74
CA GLY R 69 -13.10 -82.65 8.84
C GLY R 69 -12.66 -81.98 7.54
N GLU R 70 -13.44 -82.13 6.47
CA GLU R 70 -13.14 -81.41 5.24
C GLU R 70 -14.04 -80.19 5.06
N PHE R 71 -15.22 -80.19 5.68
CA PHE R 71 -16.11 -79.03 5.63
C PHE R 71 -15.47 -77.82 6.28
N ALA R 72 -15.21 -77.91 7.58
CA ALA R 72 -14.63 -76.81 8.32
C ALA R 72 -13.12 -76.83 8.16
N PRO R 73 -12.50 -75.77 7.64
CA PRO R 73 -11.04 -75.75 7.48
C PRO R 73 -10.33 -75.71 8.82
N THR R 74 -9.03 -76.04 8.77
CA THR R 74 -8.18 -75.95 9.93
C THR R 74 -7.34 -74.68 9.94
N ARG R 75 -7.48 -73.83 8.92
CA ARG R 75 -6.71 -72.59 8.88
C ARG R 75 -7.56 -71.33 8.75
N THR R 76 -8.66 -71.39 7.98
CA THR R 76 -9.59 -70.28 7.74
C THR R 76 -8.85 -69.05 7.19
N TYR R 77 -8.33 -69.23 5.97
CA TYR R 77 -7.53 -68.20 5.34
C TYR R 77 -8.41 -67.03 4.93
N ARG R 78 -8.08 -65.85 5.45
CA ARG R 78 -8.67 -64.63 4.93
C ARG R 78 -7.69 -63.48 5.00
N ASN S 1 19.49 32.29 79.42
CA ASN S 1 19.42 33.62 78.80
C ASN S 1 20.02 34.69 79.69
N ILE S 2 19.51 35.91 79.54
CA ILE S 2 20.01 37.07 80.26
C ILE S 2 19.64 36.94 81.74
N GLU S 3 20.67 36.89 82.59
CA GLU S 3 20.46 36.65 84.01
C GLU S 3 21.07 37.72 84.91
N SER S 4 22.33 38.08 84.66
CA SER S 4 23.01 39.03 85.52
C SER S 4 23.92 40.01 84.79
N ALA S 5 23.95 39.99 83.46
CA ALA S 5 24.84 40.85 82.69
C ALA S 5 24.08 41.86 81.85
N ILE S 6 22.81 42.08 82.15
CA ILE S 6 22.09 43.18 81.53
C ILE S 6 22.63 44.51 82.03
N LYS S 7 23.09 44.54 83.29
CA LYS S 7 23.87 45.64 83.84
C LYS S 7 25.10 45.90 82.98
N ARG S 8 25.77 44.83 82.53
CA ARG S 8 26.93 44.95 81.66
C ARG S 8 26.55 45.56 80.31
N VAL S 9 25.35 45.24 79.81
CA VAL S 9 24.89 45.79 78.54
C VAL S 9 24.66 47.29 78.66
N ARG S 10 24.01 47.70 79.75
CA ARG S 10 23.78 49.13 79.97
C ARG S 10 25.07 49.89 80.17
N THR S 11 26.00 49.29 80.92
CA THR S 11 27.30 49.90 81.20
C THR S 11 28.09 50.08 79.90
N SER S 12 28.11 49.04 79.07
CA SER S 12 28.78 49.11 77.79
C SER S 12 28.14 50.13 76.87
N ALA S 13 26.82 50.29 76.92
CA ALA S 13 26.16 51.28 76.08
C ALA S 13 26.54 52.70 76.49
N ASN S 14 26.57 52.95 77.80
CA ASN S 14 26.95 54.28 78.29
C ASN S 14 28.42 54.56 78.00
N ALA S 15 29.26 53.53 78.13
CA ALA S 15 30.66 53.63 77.77
C ALA S 15 30.83 53.93 76.29
N ASN S 16 29.97 53.34 75.45
CA ASN S 16 30.01 53.62 74.03
C ASN S 16 29.66 55.05 73.72
N ALA S 17 28.66 55.58 74.42
CA ALA S 17 28.27 56.98 74.23
C ALA S 17 29.41 57.93 74.57
N LYS S 18 30.01 57.75 75.75
CA LYS S 18 31.05 58.69 76.16
C LYS S 18 32.34 58.49 75.37
N ASN S 19 32.65 57.24 74.99
CA ASN S 19 33.86 56.99 74.20
C ASN S 19 33.72 57.56 72.81
N SER S 20 32.53 57.41 72.21
CA SER S 20 32.24 58.00 70.92
C SER S 20 32.40 59.50 70.96
N SER S 21 31.90 60.12 72.03
CA SER S 21 32.00 61.58 72.15
C SER S 21 33.45 62.03 72.25
N GLN S 22 34.24 61.36 73.11
CA GLN S 22 35.62 61.76 73.32
C GLN S 22 36.47 61.50 72.08
N THR S 23 36.20 60.40 71.38
CA THR S 23 36.98 60.08 70.19
C THR S 23 36.62 60.99 69.02
N ASN S 24 35.35 61.35 68.89
CA ASN S 24 34.98 62.27 67.82
C ASN S 24 35.55 63.66 68.07
N ALA S 25 35.59 64.08 69.34
CA ALA S 25 36.24 65.34 69.67
C ALA S 25 37.73 65.31 69.36
N MET S 26 38.38 64.18 69.67
CA MET S 26 39.79 64.00 69.34
C MET S 26 40.04 64.07 67.83
N ARG S 27 39.22 63.35 67.06
CA ARG S 27 39.40 63.31 65.61
C ARG S 27 39.15 64.67 64.98
N THR S 28 38.16 65.40 65.47
CA THR S 28 37.93 66.75 64.94
C THR S 28 39.02 67.71 65.39
N ALA S 29 39.67 67.46 66.52
CA ALA S 29 40.82 68.27 66.90
C ALA S 29 41.99 68.04 65.94
N ILE S 30 42.25 66.79 65.61
CA ILE S 30 43.31 66.46 64.65
C ILE S 30 42.96 67.02 63.28
N LYS S 31 41.67 67.01 62.94
CA LYS S 31 41.23 67.53 61.65
C LYS S 31 41.39 69.03 61.56
N LYS S 32 41.08 69.73 62.65
CA LYS S 32 41.28 71.18 62.71
C LYS S 32 42.76 71.53 62.71
N PHE S 33 43.61 70.62 63.20
CA PHE S 33 45.04 70.77 63.00
C PHE S 33 45.41 70.67 61.53
N GLU S 34 44.97 69.59 60.88
CA GLU S 34 45.42 69.25 59.53
C GLU S 34 44.98 70.29 58.51
N GLU S 35 43.75 70.80 58.64
CA GLU S 35 43.27 71.79 57.68
C GLU S 35 44.01 73.10 57.81
N ALA S 36 44.45 73.44 59.02
CA ALA S 36 45.28 74.63 59.19
C ALA S 36 46.68 74.40 58.63
N VAL S 37 47.21 73.18 58.75
CA VAL S 37 48.52 72.89 58.18
C VAL S 37 48.44 72.88 56.65
N ALA S 38 47.26 72.56 56.11
CA ALA S 38 47.09 72.37 54.66
C ALA S 38 47.39 73.63 53.88
N ALA S 39 46.75 74.74 54.24
CA ALA S 39 47.13 76.03 53.67
C ALA S 39 48.32 76.64 54.39
N GLY S 40 48.79 76.02 55.46
CA GLY S 40 49.78 76.64 56.32
C GLY S 40 49.18 77.85 56.99
N ALA S 41 48.16 77.64 57.81
CA ALA S 41 47.43 78.77 58.40
C ALA S 41 48.26 79.45 59.48
N ASP S 42 47.97 80.72 59.71
CA ASP S 42 48.73 81.50 60.66
C ASP S 42 48.44 81.04 62.08
N ASN S 43 49.48 81.12 62.92
CA ASN S 43 49.53 80.53 64.25
C ASN S 43 49.15 79.06 64.20
N VAL S 44 49.99 78.30 63.49
CA VAL S 44 49.84 76.86 63.52
C VAL S 44 50.29 76.29 64.86
N ASP S 45 51.12 77.03 65.59
CA ASP S 45 51.84 76.49 66.74
C ASP S 45 50.90 76.25 67.92
N ALA S 46 49.93 77.15 68.12
CA ALA S 46 49.06 77.04 69.27
C ALA S 46 48.13 75.83 69.14
N LEU S 47 47.49 75.68 67.98
CA LEU S 47 46.66 74.53 67.74
C LEU S 47 47.49 73.25 67.64
N TYR S 48 48.77 73.36 67.27
CA TYR S 48 49.69 72.23 67.32
C TYR S 48 49.89 71.73 68.74
N ASN S 49 50.20 72.65 69.66
CA ASN S 49 50.45 72.25 71.04
C ASN S 49 49.18 71.78 71.73
N GLU S 50 48.03 72.37 71.35
CA GLU S 50 46.75 71.86 71.84
C GLU S 50 46.49 70.46 71.32
N ALA S 51 46.89 70.18 70.08
CA ALA S 51 46.74 68.83 69.54
C ALA S 51 47.63 67.83 70.27
N VAL S 52 48.86 68.27 70.62
CA VAL S 52 49.78 67.41 71.36
C VAL S 52 49.22 67.05 72.73
N LYS S 53 48.78 68.04 73.48
CA LYS S 53 48.22 67.79 74.79
C LYS S 53 46.90 67.04 74.69
N ALA S 54 46.16 67.22 73.59
CA ALA S 54 44.93 66.47 73.38
C ALA S 54 45.22 65.00 73.13
N VAL S 55 46.29 64.70 72.38
CA VAL S 55 46.70 63.31 72.18
C VAL S 55 47.13 62.69 73.49
N ASP S 56 47.82 63.45 74.33
CA ASP S 56 48.27 62.93 75.60
C ASP S 56 47.11 62.65 76.55
N MET S 57 46.13 63.56 76.57
CA MET S 57 44.93 63.33 77.36
C MET S 57 44.10 62.19 76.79
N ALA S 58 44.12 62.00 75.47
CA ALA S 58 43.43 60.87 74.88
C ALA S 58 44.14 59.57 75.20
N ALA S 59 45.44 59.63 75.43
CA ALA S 59 46.18 58.45 75.84
C ALA S 59 45.83 58.07 77.26
N THR S 60 46.12 58.95 78.21
CA THR S 60 45.97 58.58 79.61
C THR S 60 44.52 58.65 80.08
N LYS S 61 43.85 59.77 79.81
CA LYS S 61 42.43 59.93 80.09
C LYS S 61 41.61 58.88 79.36
N GLY S 62 41.72 58.85 78.03
CA GLY S 62 41.05 57.84 77.25
C GLY S 62 41.90 56.60 77.10
N LEU S 63 41.96 56.05 75.89
CA LEU S 63 42.65 54.78 75.65
C LEU S 63 42.98 54.60 74.18
N ILE S 64 44.21 54.14 73.91
CA ILE S 64 44.46 53.42 72.67
C ILE S 64 44.89 52.01 73.08
N HIS S 65 46.15 51.85 73.48
CA HIS S 65 46.48 51.33 74.80
C HIS S 65 47.74 52.08 75.24
N LYS S 66 48.73 52.18 74.34
CA LYS S 66 49.97 52.90 74.57
C LYS S 66 50.49 53.65 73.35
N ASN S 67 50.40 53.00 72.20
CA ASN S 67 51.47 53.10 71.21
C ASN S 67 51.18 53.97 70.00
N LYS S 68 49.91 54.09 69.60
CA LYS S 68 49.58 54.98 68.49
C LYS S 68 49.97 56.41 68.81
N ALA S 69 49.69 56.83 70.05
CA ALA S 69 50.00 58.19 70.50
C ALA S 69 51.47 58.49 70.41
N ASN S 70 52.32 57.49 70.65
CA ASN S 70 53.74 57.64 70.41
C ASN S 70 54.02 57.87 68.94
N ARG S 71 53.53 56.99 68.08
CA ARG S 71 53.76 57.11 66.65
C ARG S 71 53.07 58.34 66.07
N ASP S 72 51.89 58.68 66.58
CA ASP S 72 51.18 59.82 66.04
C ASP S 72 51.85 61.13 66.42
N LYS S 73 52.38 61.22 67.64
CA LYS S 73 53.12 62.43 67.99
C LYS S 73 54.46 62.51 67.25
N ILE S 74 55.09 61.36 66.98
CA ILE S 74 56.34 61.38 66.23
C ILE S 74 56.11 61.86 64.80
N ARG S 75 55.13 61.25 64.11
CA ARG S 75 54.84 61.72 62.75
C ARG S 75 54.16 63.07 62.74
N LEU S 76 53.62 63.51 63.88
CA LEU S 76 52.94 64.78 63.98
C LEU S 76 53.92 65.93 64.12
N SER S 77 54.98 65.71 64.91
CA SER S 77 56.13 66.59 64.87
C SER S 77 56.79 66.54 63.50
N LYS S 78 56.78 65.37 62.85
CA LYS S 78 57.18 65.31 61.45
C LYS S 78 56.18 66.04 60.56
N LEU S 79 54.91 66.08 60.96
CA LEU S 79 53.91 66.75 60.15
C LEU S 79 54.06 68.26 60.25
N ALA S 80 54.72 68.75 61.30
CA ALA S 80 54.81 70.18 61.55
C ALA S 80 55.71 70.87 60.54
N LYS S 81 56.98 70.48 60.48
CA LYS S 81 57.89 71.08 59.53
C LYS S 81 58.53 70.00 58.67
N ALA V 1 53.50 24.20 -9.76
CA ALA V 1 52.61 23.13 -9.33
C ALA V 1 51.24 23.70 -9.05
N ILE V 2 50.58 23.21 -8.00
CA ILE V 2 49.18 23.48 -7.74
C ILE V 2 49.05 24.19 -6.41
N LYS V 3 48.38 25.34 -6.40
CA LYS V 3 47.97 26.00 -5.17
C LYS V 3 46.66 25.39 -4.69
N LYS V 4 46.43 25.50 -3.38
CA LYS V 4 45.13 25.17 -2.80
C LYS V 4 44.72 26.33 -1.91
N TYR V 5 43.67 27.03 -2.30
CA TYR V 5 43.22 28.19 -1.55
C TYR V 5 42.52 27.75 -0.28
N LYS V 6 42.75 28.48 0.80
CA LYS V 6 42.12 28.14 2.06
C LYS V 6 40.64 28.48 2.00
N PRO V 7 39.77 27.62 2.55
CA PRO V 7 38.33 27.82 2.37
C PRO V 7 37.79 29.00 3.16
N THR V 8 37.54 30.09 2.44
CA THR V 8 36.96 31.29 3.04
C THR V 8 35.45 31.28 2.91
N THR V 9 34.96 31.23 1.69
CA THR V 9 33.54 31.26 1.40
C THR V 9 32.99 29.84 1.39
N ASN V 10 31.82 29.64 0.83
CA ASN V 10 31.35 28.32 0.45
C ASN V 10 31.63 28.00 -1.02
N GLY V 11 32.08 28.98 -1.79
CA GLY V 11 32.30 28.75 -3.20
C GLY V 11 33.75 28.55 -3.53
N ARG V 12 34.63 29.13 -2.73
CA ARG V 12 36.08 28.99 -2.87
C ARG V 12 36.60 27.68 -2.23
N ARG V 13 35.70 26.74 -1.89
CA ARG V 13 36.05 25.50 -1.20
C ARG V 13 36.98 24.61 -2.00
N ASN V 14 36.54 24.15 -3.15
CA ASN V 14 37.19 23.05 -3.85
C ASN V 14 38.10 23.54 -4.96
N MET V 15 38.76 24.68 -4.74
CA MET V 15 39.50 25.38 -5.79
C MET V 15 40.92 24.87 -5.92
N THR V 16 41.39 24.82 -7.17
CA THR V 16 42.75 24.43 -7.52
C THR V 16 43.21 25.28 -8.70
N SER V 17 44.48 25.67 -8.68
CA SER V 17 45.01 26.48 -9.76
C SER V 17 46.52 26.34 -9.79
N SER V 18 47.10 26.72 -10.92
CA SER V 18 48.52 26.49 -11.11
C SER V 18 49.35 27.54 -10.39
N ASP V 19 50.66 27.37 -10.46
CA ASP V 19 51.59 28.30 -9.85
C ASP V 19 52.13 29.32 -10.82
N PHE V 20 52.30 28.91 -12.07
CA PHE V 20 53.08 29.64 -13.08
C PHE V 20 54.46 29.99 -12.55
N ALA V 21 55.10 28.99 -11.94
CA ALA V 21 56.43 29.21 -11.38
C ALA V 21 57.47 29.38 -12.48
N GLU V 22 57.24 28.79 -13.65
CA GLU V 22 58.27 28.69 -14.69
C GLU V 22 58.03 29.66 -15.83
N ILE V 23 57.61 30.88 -15.52
CA ILE V 23 57.45 31.94 -16.49
C ILE V 23 58.40 33.06 -16.13
N THR V 24 59.25 33.45 -17.08
CA THR V 24 60.22 34.49 -16.79
C THR V 24 59.57 35.87 -16.78
N THR V 25 59.08 36.33 -17.93
CA THR V 25 58.51 37.66 -18.04
C THR V 25 57.10 37.56 -18.60
N SER V 26 56.42 38.70 -18.69
CA SER V 26 55.08 38.72 -19.25
C SER V 26 54.83 39.96 -20.09
N THR V 27 55.86 40.52 -20.71
CA THR V 27 55.73 41.66 -21.62
C THR V 27 56.18 41.24 -23.00
N PRO V 28 55.30 40.66 -23.80
CA PRO V 28 55.72 40.15 -25.12
C PRO V 28 56.03 41.24 -26.12
N GLU V 29 56.52 40.85 -27.30
CA GLU V 29 56.92 41.81 -28.31
C GLU V 29 55.71 42.38 -29.03
N LYS V 30 55.97 43.33 -29.93
CA LYS V 30 54.92 43.84 -30.80
C LYS V 30 54.66 42.88 -31.94
N SER V 31 55.70 42.59 -32.72
CA SER V 31 55.56 42.14 -34.10
C SER V 31 54.90 40.78 -34.22
N LEU V 32 55.02 39.94 -33.20
CA LEU V 32 54.50 38.59 -33.30
C LEU V 32 53.00 38.53 -33.04
N LEU V 33 52.39 39.62 -32.60
CA LEU V 33 50.98 39.62 -32.25
C LEU V 33 50.11 39.72 -33.48
N GLN V 34 48.90 39.18 -33.37
CA GLN V 34 47.81 39.54 -34.28
C GLN V 34 46.51 39.64 -33.49
N PRO V 35 45.59 40.50 -33.93
CA PRO V 35 44.27 40.56 -33.28
C PRO V 35 43.35 39.40 -33.59
N LEU V 36 42.13 39.46 -33.09
CA LEU V 36 41.20 38.36 -33.15
C LEU V 36 39.78 38.86 -33.00
N LYS V 37 38.85 37.93 -33.05
CA LYS V 37 37.47 38.15 -32.71
C LYS V 37 37.03 37.02 -31.81
N ASN V 38 35.77 37.06 -31.43
CA ASN V 38 35.08 35.89 -30.92
C ASN V 38 33.88 35.67 -31.80
N ASN V 39 33.86 34.56 -32.52
CA ASN V 39 32.77 34.32 -33.42
C ASN V 39 31.50 33.95 -32.68
N ALA V 40 31.63 33.49 -31.43
CA ALA V 40 30.53 33.01 -30.59
C ALA V 40 29.71 31.95 -31.31
N GLY V 41 30.40 31.12 -32.07
CA GLY V 41 29.78 30.06 -32.85
C GLY V 41 28.88 30.54 -33.96
N ARG V 42 29.11 31.73 -34.50
CA ARG V 42 28.19 32.32 -35.46
C ARG V 42 28.91 32.64 -36.77
N ASN V 43 28.27 32.29 -37.89
CA ASN V 43 28.88 32.29 -39.22
C ASN V 43 28.95 33.67 -39.84
N ASN V 44 29.22 33.68 -41.15
CA ASN V 44 28.86 34.81 -41.98
C ASN V 44 27.36 35.01 -42.00
N ASN V 45 26.59 33.93 -41.88
CA ASN V 45 25.15 33.97 -41.99
C ASN V 45 24.47 34.25 -40.67
N GLY V 46 25.21 34.68 -39.65
CA GLY V 46 24.62 35.19 -38.43
C GLY V 46 23.83 34.17 -37.63
N ARG V 47 24.25 32.92 -37.65
CA ARG V 47 23.50 31.88 -36.96
C ARG V 47 24.45 30.99 -36.19
N ILE V 48 23.93 30.42 -35.10
CA ILE V 48 24.73 29.68 -34.13
C ILE V 48 25.10 28.34 -34.75
N THR V 49 26.38 28.11 -34.99
CA THR V 49 26.80 26.84 -35.58
C THR V 49 26.86 25.75 -34.52
N VAL V 50 27.77 25.89 -33.57
CA VAL V 50 27.95 24.96 -32.46
C VAL V 50 27.62 25.73 -31.20
N ARG V 51 26.79 25.13 -30.35
CA ARG V 51 26.30 25.81 -29.17
C ARG V 51 27.41 26.08 -28.15
N HIS V 52 27.05 26.86 -27.13
CA HIS V 52 27.78 26.99 -25.88
C HIS V 52 29.19 27.56 -26.07
N GLN V 53 29.26 28.80 -26.56
CA GLN V 53 30.53 29.50 -26.70
C GLN V 53 30.38 30.97 -26.33
N GLY V 54 31.53 31.62 -26.09
CA GLY V 54 31.62 33.07 -26.09
C GLY V 54 31.66 33.68 -24.70
N GLY V 55 31.72 35.01 -24.69
CA GLY V 55 31.51 35.78 -23.49
C GLY V 55 32.63 35.79 -22.48
N GLY V 56 33.77 36.36 -22.83
CA GLY V 56 34.86 36.41 -21.89
C GLY V 56 35.82 37.52 -22.19
N HIS V 57 36.95 37.49 -21.49
CA HIS V 57 38.00 38.49 -21.56
C HIS V 57 38.65 38.50 -22.95
N LYS V 58 39.36 39.59 -23.25
CA LYS V 58 40.00 39.74 -24.55
C LYS V 58 41.21 38.81 -24.70
N ARG V 59 41.50 38.46 -25.95
CA ARG V 59 42.67 37.66 -26.30
C ARG V 59 43.28 38.21 -27.59
N GLN V 60 44.43 37.66 -27.99
CA GLN V 60 45.08 38.01 -29.25
C GLN V 60 45.77 36.79 -29.85
N TYR V 61 45.95 36.80 -31.17
CA TYR V 61 46.83 35.80 -31.75
C TYR V 61 48.29 36.14 -31.54
N ARG V 62 49.11 35.10 -31.66
CA ARG V 62 50.52 35.24 -31.92
C ARG V 62 50.89 34.28 -33.04
N VAL V 63 52.07 34.50 -33.61
CA VAL V 63 52.54 33.74 -34.76
C VAL V 63 53.56 32.72 -34.27
N ILE V 64 53.21 31.45 -34.37
CA ILE V 64 54.01 30.37 -33.84
C ILE V 64 54.45 29.48 -34.99
N ASP V 65 55.73 29.10 -34.99
CA ASP V 65 56.26 28.21 -36.02
C ASP V 65 55.57 26.86 -36.04
N PHE V 66 55.54 26.28 -37.22
CA PHE V 66 55.20 24.89 -37.40
C PHE V 66 56.09 24.21 -38.42
N LYS V 67 56.83 24.96 -39.21
CA LYS V 67 57.65 24.44 -40.30
C LYS V 67 59.11 24.32 -39.91
N ARG V 68 59.66 25.41 -39.37
CA ARG V 68 61.08 25.59 -39.08
C ARG V 68 61.93 25.30 -40.31
N ASN V 69 61.76 26.15 -41.30
CA ASN V 69 62.50 25.99 -42.53
C ASN V 69 63.87 26.64 -42.48
N LYS V 70 64.09 27.59 -41.57
CA LYS V 70 65.43 28.10 -41.36
C LYS V 70 66.27 27.02 -40.70
N ASP V 71 67.27 26.54 -41.41
CA ASP V 71 68.10 25.46 -40.92
C ASP V 71 69.55 25.89 -40.90
N ASN V 72 70.35 25.10 -40.18
CA ASN V 72 71.79 25.29 -40.00
C ASN V 72 72.13 26.62 -39.36
N VAL V 73 71.21 27.15 -38.56
CA VAL V 73 71.43 28.38 -37.80
C VAL V 73 71.11 28.06 -36.34
N ALA V 74 72.02 28.40 -35.43
CA ALA V 74 71.79 28.16 -34.02
C ALA V 74 70.69 29.09 -33.51
N ALA V 75 69.84 28.55 -32.64
CA ALA V 75 68.63 29.24 -32.19
C ALA V 75 68.72 29.50 -30.70
N VAL V 76 68.99 30.74 -30.31
CA VAL V 76 69.05 31.12 -28.91
C VAL V 76 67.62 31.21 -28.38
N VAL V 77 67.38 30.62 -27.21
CA VAL V 77 66.09 30.72 -26.55
C VAL V 77 66.28 31.41 -25.22
N LYS V 78 65.51 32.47 -24.99
CA LYS V 78 65.65 33.30 -23.80
C LYS V 78 64.51 33.16 -22.82
N THR V 79 63.26 33.33 -23.26
CA THR V 79 62.15 33.42 -22.33
C THR V 79 61.06 32.42 -22.65
N ILE V 80 60.31 32.05 -21.63
CA ILE V 80 59.09 31.26 -21.74
C ILE V 80 57.95 32.10 -21.21
N GLU V 81 56.91 32.26 -22.00
CA GLU V 81 55.79 33.07 -21.57
C GLU V 81 54.53 32.22 -21.51
N TYR V 82 53.40 32.90 -21.33
CA TYR V 82 52.08 32.29 -21.39
C TYR V 82 51.29 32.95 -22.50
N ASP V 83 50.55 32.15 -23.24
CA ASP V 83 49.68 32.74 -24.23
C ASP V 83 48.24 32.37 -23.96
N PRO V 84 47.30 33.27 -24.27
CA PRO V 84 45.89 32.94 -24.08
C PRO V 84 45.38 31.88 -25.01
N ASN V 85 46.08 31.62 -26.10
CA ASN V 85 45.53 30.80 -27.17
C ASN V 85 45.49 29.34 -26.77
N ARG V 86 46.63 28.78 -26.38
CA ARG V 86 46.79 27.34 -26.31
C ARG V 86 47.04 26.91 -24.88
N SER V 87 46.79 25.64 -24.62
CA SER V 87 46.95 25.11 -23.25
C SER V 87 48.40 25.06 -22.84
N ALA V 88 49.31 24.97 -23.79
CA ALA V 88 50.71 24.83 -23.48
C ALA V 88 51.41 26.17 -23.55
N ASN V 89 52.39 26.36 -22.68
CA ASN V 89 53.21 27.56 -22.73
C ASN V 89 54.17 27.50 -23.90
N ILE V 90 54.70 28.67 -24.24
CA ILE V 90 55.31 28.96 -25.53
C ILE V 90 56.58 29.77 -25.23
N ALA V 91 57.57 29.70 -26.12
CA ALA V 91 58.83 30.39 -25.87
C ALA V 91 59.23 31.25 -27.07
N LEU V 92 59.94 32.34 -26.79
CA LEU V 92 60.51 33.17 -27.83
C LEU V 92 61.67 32.51 -28.53
N VAL V 93 62.15 33.19 -29.56
CA VAL V 93 63.13 32.68 -30.49
C VAL V 93 64.17 33.76 -30.70
N HIS V 94 65.43 33.38 -30.81
CA HIS V 94 66.47 34.25 -31.33
C HIS V 94 67.38 33.51 -32.28
N TYR V 95 67.51 34.05 -33.48
CA TYR V 95 68.41 33.53 -34.48
C TYR V 95 69.64 34.42 -34.56
N GLU V 96 70.75 33.82 -34.93
CA GLU V 96 71.99 34.58 -35.02
C GLU V 96 71.97 35.52 -36.21
N ASP V 97 71.19 35.23 -37.23
CA ASP V 97 70.89 36.23 -38.24
C ASP V 97 70.10 37.38 -37.65
N GLY V 98 69.16 37.08 -36.76
CA GLY V 98 68.37 38.11 -36.14
C GLY V 98 66.90 38.06 -36.45
N VAL V 99 66.35 36.86 -36.62
CA VAL V 99 64.93 36.68 -36.91
C VAL V 99 64.26 36.07 -35.69
N LYS V 100 63.09 36.58 -35.34
CA LYS V 100 62.41 36.23 -34.10
C LYS V 100 61.02 35.67 -34.40
N ALA V 101 60.59 34.71 -33.58
CA ALA V 101 59.25 34.13 -33.68
C ALA V 101 58.92 33.49 -32.34
N TYR V 102 57.90 32.62 -32.33
CA TYR V 102 57.60 31.80 -31.17
C TYR V 102 57.68 30.32 -31.51
N ILE V 103 57.97 29.52 -30.49
CA ILE V 103 58.15 28.08 -30.60
C ILE V 103 57.56 27.41 -29.38
N LEU V 104 56.87 26.29 -29.59
CA LEU V 104 56.27 25.52 -28.52
C LEU V 104 57.31 25.02 -27.51
N ALA V 105 56.83 24.64 -26.34
CA ALA V 105 57.69 24.32 -25.20
C ALA V 105 57.54 22.89 -24.76
N PRO V 106 58.46 22.01 -25.13
CA PRO V 106 58.54 20.71 -24.49
C PRO V 106 59.13 20.83 -23.10
N LYS V 107 59.02 19.74 -22.36
CA LYS V 107 59.63 19.65 -21.03
C LYS V 107 61.14 19.69 -21.14
N GLY V 108 61.76 20.65 -20.46
CA GLY V 108 63.20 20.71 -20.41
C GLY V 108 63.83 21.83 -21.22
N LEU V 109 63.04 22.69 -21.85
CA LEU V 109 63.62 23.87 -22.45
C LEU V 109 64.11 24.82 -21.37
N GLU V 110 65.24 25.47 -21.63
CA GLU V 110 65.82 26.37 -20.65
C GLU V 110 66.26 27.66 -21.31
N VAL V 111 66.63 28.61 -20.47
CA VAL V 111 67.20 29.85 -20.95
C VAL V 111 68.60 29.56 -21.47
N GLY V 112 68.96 30.16 -22.60
CA GLY V 112 70.29 30.00 -23.12
C GLY V 112 70.55 28.73 -23.87
N MET V 113 69.52 27.91 -24.11
CA MET V 113 69.68 26.74 -24.93
C MET V 113 69.89 27.15 -26.38
N ARG V 114 70.43 26.24 -27.17
CA ARG V 114 70.61 26.46 -28.60
C ARG V 114 70.07 25.26 -29.35
N LEU V 115 68.95 25.44 -30.04
CA LEU V 115 68.32 24.36 -30.80
C LEU V 115 68.69 24.43 -32.26
N VAL V 116 68.72 23.26 -32.89
CA VAL V 116 69.11 23.12 -34.30
C VAL V 116 67.93 22.51 -35.04
N SER V 117 67.62 23.06 -36.21
CA SER V 117 66.45 22.65 -36.98
C SER V 117 66.79 21.93 -38.27
N GLY V 118 68.07 21.74 -38.58
CA GLY V 118 68.45 21.13 -39.83
C GLY V 118 68.24 19.63 -39.86
N PRO V 119 68.52 19.03 -41.02
CA PRO V 119 68.38 17.58 -41.16
C PRO V 119 69.52 16.79 -40.53
N GLU V 120 70.53 17.48 -40.03
CA GLU V 120 71.71 16.86 -39.46
C GLU V 120 71.84 17.21 -37.99
N ALA V 121 70.72 17.52 -37.35
CA ALA V 121 70.75 18.03 -35.99
C ALA V 121 71.05 16.92 -35.00
N ASP V 122 71.74 17.30 -33.93
CA ASP V 122 72.00 16.38 -32.83
C ASP V 122 70.68 16.05 -32.16
N ILE V 123 70.50 14.78 -31.84
CA ILE V 123 69.19 14.30 -31.38
C ILE V 123 69.02 14.72 -29.94
N LYS V 124 68.32 15.83 -29.72
CA LYS V 124 67.94 16.31 -28.40
C LYS V 124 66.51 16.82 -28.46
N VAL V 125 65.94 17.02 -27.28
CA VAL V 125 64.57 17.50 -27.20
C VAL V 125 64.53 18.98 -27.58
N GLY V 126 63.64 19.32 -28.51
CA GLY V 126 63.49 20.66 -29.01
C GLY V 126 63.97 20.84 -30.44
N ASN V 127 64.85 19.95 -30.91
CA ASN V 127 65.37 20.06 -32.25
C ASN V 127 64.33 19.66 -33.27
N ALA V 128 64.54 20.07 -34.52
CA ALA V 128 63.62 19.78 -35.61
C ALA V 128 64.33 18.95 -36.67
N LEU V 129 63.72 17.82 -37.02
CA LEU V 129 64.33 16.85 -37.92
C LEU V 129 63.31 16.30 -38.89
N PRO V 130 63.67 16.16 -40.16
CA PRO V 130 62.91 15.28 -41.04
C PRO V 130 63.00 13.84 -40.52
N LEU V 131 61.90 13.11 -40.70
CA LEU V 131 61.66 11.89 -39.91
C LEU V 131 62.68 10.79 -40.21
N GLU V 132 63.23 10.77 -41.43
CA GLU V 132 64.14 9.70 -41.79
C GLU V 132 65.47 9.79 -41.07
N ASN V 133 65.81 10.96 -40.54
CA ASN V 133 67.04 11.08 -39.77
C ASN V 133 66.87 10.65 -38.33
N ILE V 134 65.73 10.05 -37.97
CA ILE V 134 65.37 9.80 -36.58
C ILE V 134 65.28 8.31 -36.37
N PRO V 135 65.99 7.76 -35.38
CA PRO V 135 65.89 6.33 -35.09
C PRO V 135 64.62 6.01 -34.33
N VAL V 136 64.48 4.75 -33.96
CA VAL V 136 63.28 4.23 -33.33
C VAL V 136 63.41 4.36 -31.82
N GLY V 137 62.41 4.97 -31.19
CA GLY V 137 62.33 4.99 -29.75
C GLY V 137 61.95 6.33 -29.15
N THR V 138 62.18 7.40 -29.89
CA THR V 138 62.08 8.73 -29.33
C THR V 138 60.63 9.16 -29.20
N VAL V 139 60.45 10.37 -28.68
CA VAL V 139 59.15 11.02 -28.57
C VAL V 139 59.20 12.27 -29.42
N ILE V 140 58.20 12.44 -30.27
CA ILE V 140 58.28 13.35 -31.40
C ILE V 140 56.96 14.09 -31.54
N HIS V 141 57.02 15.41 -31.72
CA HIS V 141 55.81 16.19 -31.95
C HIS V 141 56.06 17.25 -33.02
N ASN V 142 55.05 18.09 -33.20
CA ASN V 142 54.83 18.86 -34.43
C ASN V 142 54.94 17.95 -35.65
N ILE V 143 54.28 16.81 -35.58
CA ILE V 143 54.37 15.83 -36.65
C ILE V 143 53.54 16.31 -37.83
N GLU V 144 54.21 16.51 -38.96
CA GLU V 144 53.50 16.94 -40.17
C GLU V 144 52.69 15.81 -40.75
N MET V 145 51.44 16.10 -41.08
CA MET V 145 50.64 15.17 -41.87
C MET V 145 51.18 15.09 -43.29
N LYS V 146 51.25 16.24 -43.97
CA LYS V 146 51.64 16.34 -45.37
C LYS V 146 52.66 17.47 -45.47
N PRO V 147 53.75 17.28 -46.20
CA PRO V 147 54.93 18.13 -46.00
C PRO V 147 54.75 19.52 -46.58
N GLY V 148 55.41 20.48 -45.94
CA GLY V 148 55.28 21.88 -46.29
C GLY V 148 54.27 22.64 -45.44
N LYS V 149 53.29 21.95 -44.85
CA LYS V 149 52.34 22.62 -43.98
N GLY V 150 53.49 22.14 -41.92
CA GLY V 150 53.79 22.34 -40.53
C GLY V 150 52.97 21.39 -39.67
N GLY V 151 52.98 21.67 -38.37
CA GLY V 151 52.30 20.80 -37.45
C GLY V 151 50.79 20.90 -37.58
N GLN V 152 50.14 19.74 -37.63
CA GLN V 152 48.71 19.63 -37.39
C GLN V 152 48.36 18.52 -36.41
N LEU V 153 49.26 17.58 -36.15
CA LEU V 153 49.11 16.64 -35.05
C LEU V 153 49.55 17.28 -33.76
N ILE V 154 49.81 16.45 -32.75
CA ILE V 154 49.74 16.74 -31.32
C ILE V 154 50.42 18.04 -30.90
N ARG V 155 49.63 18.94 -30.31
CA ARG V 155 50.05 20.29 -29.95
C ARG V 155 49.78 20.65 -28.51
N SER V 156 48.66 20.21 -27.95
CA SER V 156 48.21 20.68 -26.66
C SER V 156 49.03 20.05 -25.54
N ALA V 157 48.78 20.53 -24.32
CA ALA V 157 49.67 20.28 -23.20
C ALA V 157 49.63 18.84 -22.75
N GLY V 158 50.81 18.30 -22.46
CA GLY V 158 50.88 16.92 -22.08
C GLY V 158 51.29 15.99 -23.20
N THR V 159 50.29 15.42 -23.88
CA THR V 159 50.32 14.15 -24.60
C THR V 159 51.51 13.83 -25.49
N SER V 160 51.78 12.54 -25.67
CA SER V 160 53.02 12.03 -26.24
C SER V 160 52.75 11.25 -27.53
N ALA V 161 53.85 10.77 -28.14
CA ALA V 161 53.82 9.97 -29.35
C ALA V 161 55.08 9.14 -29.45
N GLN V 162 54.99 7.99 -30.12
CA GLN V 162 56.10 7.07 -30.32
C GLN V 162 56.41 6.84 -31.78
N VAL V 163 57.46 6.05 -32.01
CA VAL V 163 57.85 5.56 -33.32
C VAL V 163 57.98 4.05 -33.21
N LEU V 164 57.09 3.32 -33.89
CA LEU V 164 57.15 1.87 -33.78
C LEU V 164 58.18 1.30 -34.74
N GLY V 165 57.98 1.47 -36.04
CA GLY V 165 58.87 0.81 -36.99
C GLY V 165 58.92 1.42 -38.38
N LYS V 166 60.12 1.57 -38.91
CA LYS V 166 60.28 2.08 -40.26
C LYS V 166 59.81 1.07 -41.29
N GLU V 167 59.42 1.59 -42.45
CA GLU V 167 59.36 0.83 -43.67
C GLU V 167 60.10 1.65 -44.72
N GLY V 168 60.00 1.28 -45.98
CA GLY V 168 60.56 2.14 -47.01
C GLY V 168 59.68 3.36 -47.12
N LYS V 169 58.44 3.12 -47.51
CA LYS V 169 57.34 4.03 -47.33
C LYS V 169 56.18 3.17 -46.87
N TYR V 170 55.42 3.62 -45.87
CA TYR V 170 55.49 4.91 -45.18
C TYR V 170 56.16 4.68 -43.83
N VAL V 171 56.11 5.66 -42.93
CA VAL V 171 56.63 5.50 -41.58
C VAL V 171 55.46 5.19 -40.64
N LEU V 172 55.62 4.17 -39.80
CA LEU V 172 54.66 3.92 -38.72
C LEU V 172 54.91 4.86 -37.56
N ILE V 173 53.83 5.37 -36.98
CA ILE V 173 53.88 6.26 -35.82
C ILE V 173 52.74 5.89 -34.87
N ARG V 174 53.05 5.73 -33.59
CA ARG V 174 52.03 5.50 -32.57
C ARG V 174 51.59 6.81 -31.93
N LEU V 175 50.31 7.13 -32.07
CA LEU V 175 49.75 8.33 -31.48
C LEU V 175 49.14 8.02 -30.12
N ASN V 176 48.35 8.97 -29.61
CA ASN V 176 47.54 8.74 -28.43
C ASN V 176 46.42 7.77 -28.72
N SER V 177 45.85 7.23 -27.65
CA SER V 177 44.89 6.13 -27.64
C SER V 177 45.40 4.87 -28.33
N GLY V 178 46.71 4.76 -28.55
CA GLY V 178 47.32 3.56 -29.10
C GLY V 178 46.93 3.21 -30.51
N GLU V 179 46.60 4.20 -31.34
CA GLU V 179 46.06 3.95 -32.66
C GLU V 179 47.10 4.38 -33.68
N VAL V 180 47.56 3.44 -34.49
CA VAL V 180 48.84 3.55 -35.20
C VAL V 180 48.58 3.52 -36.70
N ARG V 181 49.13 4.50 -37.42
CA ARG V 181 48.90 4.52 -38.86
C ARG V 181 50.15 4.66 -39.72
N MET V 182 49.91 4.85 -41.02
CA MET V 182 50.94 5.06 -42.02
C MET V 182 51.07 6.56 -42.28
N ILE V 183 52.27 7.09 -42.10
CA ILE V 183 52.53 8.52 -42.27
C ILE V 183 53.80 8.67 -43.10
N LEU V 184 53.80 9.65 -44.01
CA LEU V 184 54.82 9.80 -45.04
C LEU V 184 56.20 10.01 -44.46
N ALA V 185 57.20 9.70 -45.28
CA ALA V 185 58.58 9.67 -44.84
C ALA V 185 59.35 10.94 -45.22
N THR V 186 58.67 11.97 -45.70
CA THR V 186 59.37 13.22 -45.96
C THR V 186 58.75 14.34 -45.13
N CYS V 187 58.55 14.07 -43.84
CA CYS V 187 57.87 14.99 -42.95
C CYS V 187 58.83 15.53 -41.90
N ARG V 188 58.59 16.76 -41.44
CA ARG V 188 59.42 17.45 -40.47
C ARG V 188 58.70 17.49 -39.12
N ALA V 189 59.43 17.32 -38.02
CA ALA V 189 58.81 17.29 -36.71
C ALA V 189 59.84 17.64 -35.64
N THR V 190 59.41 17.67 -34.37
CA THR V 190 60.24 18.07 -33.24
C THR V 190 60.24 17.02 -32.15
N ILE V 191 61.38 16.86 -31.50
CA ILE V 191 61.59 15.80 -30.51
C ILE V 191 61.03 16.21 -29.16
N GLY V 192 60.34 15.30 -28.49
CA GLY V 192 60.03 15.48 -27.09
C GLY V 192 58.56 15.79 -26.88
N SER V 193 58.01 15.27 -25.80
CA SER V 193 56.60 15.49 -25.48
C SER V 193 56.41 16.90 -24.93
N VAL V 194 55.14 17.27 -24.73
CA VAL V 194 54.73 18.65 -24.48
C VAL V 194 55.08 18.98 -23.02
N GLY V 195 54.93 20.25 -22.62
CA GLY V 195 55.47 20.78 -21.39
C GLY V 195 54.54 20.60 -20.20
N ASN V 196 53.73 21.62 -19.90
CA ASN V 196 52.80 21.63 -18.76
C ASN V 196 51.95 20.37 -18.69
N GLU V 197 51.58 20.01 -17.50
CA GLU V 197 51.01 18.69 -17.28
C GLU V 197 49.65 18.72 -16.60
N GLN V 198 49.44 19.65 -15.69
CA GLN V 198 48.50 19.47 -14.61
C GLN V 198 47.13 20.04 -14.92
N HIS V 199 46.81 20.21 -16.20
CA HIS V 199 45.51 20.69 -16.61
C HIS V 199 44.44 19.62 -16.46
N GLU V 200 44.85 18.39 -16.21
CA GLU V 200 43.94 17.36 -15.73
C GLU V 200 43.61 17.56 -14.26
N LEU V 201 44.38 18.38 -13.55
CA LEU V 201 44.27 18.51 -12.10
C LEU V 201 44.07 19.96 -11.70
N ILE V 202 43.12 20.65 -12.33
CA ILE V 202 42.74 22.02 -11.98
C ILE V 202 41.22 22.11 -12.01
N ASN V 203 40.63 22.55 -10.91
CA ASN V 203 39.20 22.75 -10.89
C ASN V 203 38.84 24.16 -11.34
N ILE V 204 37.55 24.37 -11.52
CA ILE V 204 37.02 25.67 -11.88
C ILE V 204 36.38 26.36 -10.70
N GLY V 205 35.46 25.67 -10.03
CA GLY V 205 34.85 26.19 -8.83
C GLY V 205 33.64 27.06 -9.08
N LYS V 206 33.86 28.28 -9.55
CA LYS V 206 32.74 29.19 -9.80
C LYS V 206 32.13 28.95 -11.16
N ALA V 207 30.86 29.33 -11.28
CA ALA V 207 30.29 29.58 -12.59
C ALA V 207 31.06 30.69 -13.28
N GLY V 208 31.53 31.68 -12.53
CA GLY V 208 32.23 32.81 -13.11
C GLY V 208 33.55 32.44 -13.74
N ARG V 209 34.24 31.43 -13.22
CA ARG V 209 35.58 31.19 -13.72
C ARG V 209 35.57 30.47 -15.06
N SER V 210 34.68 29.51 -15.26
CA SER V 210 34.54 28.96 -16.60
C SER V 210 33.85 29.94 -17.53
N ARG V 211 33.16 30.93 -16.99
CA ARG V 211 32.66 32.05 -17.77
C ARG V 211 33.76 33.06 -18.06
N TRP V 212 34.84 33.04 -17.28
CA TRP V 212 36.04 33.78 -17.71
C TRP V 212 36.66 33.12 -18.92
N MET V 213 36.62 31.80 -18.97
CA MET V 213 36.84 31.11 -20.22
C MET V 213 35.66 31.34 -21.14
N ARG V 214 35.86 31.12 -22.43
CA ARG V 214 34.82 31.55 -23.37
C ARG V 214 33.70 30.54 -23.54
N LYS V 215 33.09 30.09 -22.45
CA LYS V 215 32.11 29.03 -22.50
C LYS V 215 30.76 29.55 -22.03
N ARG V 216 29.80 28.63 -21.90
CA ARG V 216 28.42 28.99 -21.61
C ARG V 216 27.71 27.78 -21.04
N PRO V 217 26.88 27.94 -20.02
CA PRO V 217 26.13 26.81 -19.50
C PRO V 217 25.08 26.31 -20.46
N THR V 218 24.91 25.00 -20.47
CA THR V 218 23.97 24.29 -21.34
C THR V 218 22.65 24.12 -20.61
N VAL V 219 21.81 23.22 -21.11
CA VAL V 219 20.61 22.74 -20.44
C VAL V 219 20.61 21.23 -20.58
N ARG V 220 20.15 20.52 -19.54
CA ARG V 220 19.97 19.08 -19.58
C ARG V 220 18.97 18.68 -20.69
N GLY V 221 18.96 17.39 -20.97
CA GLY V 221 18.17 16.87 -22.07
C GLY V 221 16.68 16.93 -21.87
N SER V 222 16.14 16.15 -20.94
CA SER V 222 14.69 16.15 -20.77
C SER V 222 14.19 17.37 -20.04
N VAL V 223 15.10 18.18 -19.48
CA VAL V 223 14.70 19.45 -18.92
C VAL V 223 14.28 20.42 -20.02
N MET V 224 14.74 20.20 -21.25
CA MET V 224 14.22 20.92 -22.41
C MET V 224 12.72 20.69 -22.59
N ASN V 225 12.13 21.55 -23.42
CA ASN V 225 10.72 21.49 -23.74
C ASN V 225 10.38 20.16 -24.42
N PRO V 226 9.11 19.79 -24.49
CA PRO V 226 8.75 18.62 -25.30
C PRO V 226 8.83 18.82 -26.80
N ASN V 227 9.43 19.91 -27.29
CA ASN V 227 9.63 20.05 -28.71
C ASN V 227 11.06 20.30 -29.12
N ASP V 228 11.80 21.14 -28.43
CA ASP V 228 13.11 21.51 -28.94
C ASP V 228 14.18 20.49 -28.64
N HIS V 229 13.83 19.37 -28.06
CA HIS V 229 14.69 18.22 -27.86
C HIS V 229 13.80 17.02 -27.62
N PRO V 230 14.05 15.89 -28.29
CA PRO V 230 13.03 14.84 -28.33
C PRO V 230 12.83 14.10 -27.02
N HIS V 231 13.69 14.28 -26.02
CA HIS V 231 13.40 13.63 -24.73
C HIS V 231 12.33 14.35 -23.94
N GLY V 232 12.04 15.60 -24.29
CA GLY V 232 11.54 16.58 -23.35
C GLY V 232 10.11 16.35 -22.89
N GLY V 233 9.61 17.34 -22.16
CA GLY V 233 8.34 17.19 -21.49
C GLY V 233 8.50 16.36 -20.24
N GLY V 234 7.63 15.37 -20.10
CA GLY V 234 7.69 14.51 -18.94
C GLY V 234 7.00 15.13 -17.73
N GLU V 235 6.14 14.37 -17.08
CA GLU V 235 5.39 14.87 -15.94
C GLU V 235 6.02 14.39 -14.64
N GLY V 236 6.50 15.35 -13.84
CA GLY V 236 7.40 15.06 -12.76
C GLY V 236 8.79 14.89 -13.34
N LYS V 237 9.50 13.84 -12.92
CA LYS V 237 10.66 13.37 -13.63
C LYS V 237 10.30 12.06 -14.31
N THR V 238 10.76 11.88 -15.54
CA THR V 238 10.46 10.69 -16.34
C THR V 238 11.74 10.14 -16.94
N PRO V 239 11.89 8.82 -16.99
CA PRO V 239 13.04 8.24 -17.68
C PRO V 239 12.82 8.29 -19.19
N ILE V 240 13.89 8.01 -19.92
CA ILE V 240 13.87 8.10 -21.37
C ILE V 240 13.04 6.97 -21.95
N GLY V 241 12.11 7.31 -22.84
CA GLY V 241 11.34 6.31 -23.54
C GLY V 241 11.89 5.98 -24.90
N ARG V 242 12.34 6.99 -25.64
CA ARG V 242 12.94 6.76 -26.95
C ARG V 242 14.31 6.15 -26.72
N LYS V 243 14.40 4.85 -26.94
CA LYS V 243 15.55 4.02 -26.64
C LYS V 243 16.79 4.50 -27.39
N ALA V 244 17.97 4.14 -26.86
CA ALA V 244 19.28 4.52 -27.35
C ALA V 244 19.39 6.05 -27.44
N PRO V 245 19.72 6.70 -26.32
CA PRO V 245 19.44 8.13 -26.14
C PRO V 245 20.08 9.05 -27.18
N VAL V 246 19.35 10.12 -27.47
CA VAL V 246 19.38 10.79 -28.77
C VAL V 246 19.91 12.20 -28.58
N SER V 247 20.68 12.66 -29.55
CA SER V 247 21.05 14.07 -29.65
C SER V 247 19.87 14.84 -30.24
N PRO V 248 19.87 16.20 -30.19
CA PRO V 248 18.74 16.92 -30.80
C PRO V 248 18.73 17.00 -32.33
N TRP V 249 19.52 16.17 -32.98
CA TRP V 249 19.58 16.15 -34.42
C TRP V 249 19.60 14.72 -34.92
N GLY V 250 18.74 13.87 -34.33
CA GLY V 250 18.90 12.45 -34.53
C GLY V 250 20.14 11.97 -33.81
N GLN V 251 20.86 11.02 -34.42
CA GLN V 251 22.21 10.60 -34.02
C GLN V 251 22.34 10.17 -32.57
N PRO V 252 21.91 8.96 -32.22
CA PRO V 252 22.06 8.48 -30.83
C PRO V 252 23.51 8.47 -30.36
N ALA V 253 23.70 8.70 -29.07
CA ALA V 253 25.01 9.09 -28.56
C ALA V 253 25.65 8.06 -27.65
N ILE V 254 25.49 6.77 -27.97
CA ILE V 254 26.27 5.71 -27.33
C ILE V 254 26.76 4.78 -28.44
N GLY V 255 28.05 4.85 -28.75
CA GLY V 255 28.67 3.90 -29.64
C GLY V 255 28.26 3.95 -31.11
N TYR V 256 28.62 5.04 -31.79
CA TYR V 256 28.56 5.13 -33.25
C TYR V 256 29.94 5.49 -33.81
N LYS V 257 30.70 4.48 -34.18
CA LYS V 257 31.93 4.70 -34.94
C LYS V 257 31.54 5.21 -36.32
N THR V 258 31.67 6.51 -36.52
CA THR V 258 31.05 7.20 -37.64
C THR V 258 32.01 8.07 -38.41
N ARG V 259 33.15 7.52 -38.79
CA ARG V 259 33.87 8.19 -39.87
C ARG V 259 33.13 7.92 -41.18
N ASN V 260 33.36 8.77 -42.19
CA ASN V 260 32.96 8.45 -43.56
C ASN V 260 33.58 7.15 -44.01
N LYS V 261 32.73 6.23 -44.45
CA LYS V 261 33.10 4.81 -44.57
C LYS V 261 34.13 4.54 -45.65
N LYS V 262 34.34 5.48 -46.57
CA LYS V 262 35.21 5.24 -47.71
C LYS V 262 36.26 6.32 -47.81
N ALA V 263 36.87 6.70 -46.70
CA ALA V 263 37.83 7.80 -46.71
C ALA V 263 39.16 7.35 -47.30
N LYS V 264 39.94 8.33 -47.74
CA LYS V 264 41.23 8.07 -48.37
C LYS V 264 42.37 8.00 -47.38
N SER V 265 42.08 7.69 -46.13
CA SER V 265 43.13 7.30 -45.21
C SER V 265 42.87 5.91 -44.66
N ASP V 266 41.73 5.30 -45.00
CA ASP V 266 41.27 4.05 -44.39
C ASP V 266 42.20 2.89 -44.70
N LYS V 267 42.97 2.99 -45.76
CA LYS V 267 43.96 1.98 -46.12
C LYS V 267 45.33 2.27 -45.52
N LEU V 268 45.37 3.05 -44.44
CA LEU V 268 46.64 3.41 -43.82
C LEU V 268 46.67 3.22 -42.33
N ILE V 269 45.61 2.71 -41.72
CA ILE V 269 45.35 2.88 -40.30
C ILE V 269 45.14 1.52 -39.65
N VAL V 270 45.90 1.26 -38.59
CA VAL V 270 45.85 0.01 -37.86
C VAL V 270 45.37 0.27 -36.44
N ARG V 271 44.45 -0.58 -35.95
CA ARG V 271 44.07 -0.67 -34.53
C ARG V 271 43.44 0.62 -34.01
N ARG V 272 42.23 0.88 -34.46
CA ARG V 272 41.44 1.90 -33.78
C ARG V 272 40.99 1.37 -32.42
N ARG V 273 41.77 1.66 -31.38
CA ARG V 273 41.50 1.10 -30.06
C ARG V 273 40.31 1.78 -29.40
N THR V 274 40.46 3.06 -29.09
CA THR V 274 39.51 3.77 -28.22
C THR V 274 39.31 5.19 -28.74
N LYS V 275 38.12 5.46 -29.27
CA LYS V 275 37.65 6.83 -29.46
C LYS V 275 36.20 6.96 -29.03
N THR W 1 -50.92 62.35 41.51
CA THR W 1 -50.86 63.01 42.80
C THR W 1 -49.66 63.95 42.85
N LYS W 2 -48.59 63.49 43.50
CA LYS W 2 -47.43 64.31 43.78
C LYS W 2 -46.63 64.58 42.52
N GLY W 3 -46.91 65.67 41.83
CA GLY W 3 -46.21 65.94 40.59
C GLY W 3 -45.62 67.32 40.51
N ILE W 4 -44.29 67.44 40.42
CA ILE W 4 -43.60 68.72 40.42
C ILE W 4 -42.53 68.71 39.33
N LEU W 5 -42.53 69.73 38.50
CA LEU W 5 -41.60 69.87 37.40
C LEU W 5 -40.34 70.60 37.89
N GLY W 6 -39.48 71.05 36.99
CA GLY W 6 -38.33 71.83 37.46
C GLY W 6 -37.25 72.03 36.41
N LYS W 7 -36.00 72.04 36.89
CA LYS W 7 -34.82 72.36 36.10
C LYS W 7 -33.62 71.54 36.54
N LYS W 8 -32.87 71.01 35.58
CA LYS W 8 -31.64 70.28 35.88
C LYS W 8 -30.50 71.26 36.11
N VAL W 9 -29.64 70.97 37.07
CA VAL W 9 -28.51 71.86 37.31
C VAL W 9 -27.17 71.12 37.18
N GLY W 10 -26.91 70.15 38.04
CA GLY W 10 -25.60 69.52 38.04
C GLY W 10 -25.52 68.28 38.90
N MET W 11 -24.29 67.87 39.19
CA MET W 11 -24.00 66.61 39.87
C MET W 11 -23.19 66.89 41.12
N THR W 12 -23.64 66.39 42.26
CA THR W 12 -23.01 66.65 43.55
C THR W 12 -22.85 65.37 44.35
N GLN W 13 -22.07 65.49 45.42
CA GLN W 13 -21.89 64.43 46.40
C GLN W 13 -22.17 64.98 47.78
N ILE W 14 -22.98 64.26 48.56
CA ILE W 14 -23.33 64.67 49.92
C ILE W 14 -23.22 63.46 50.84
N PHE W 15 -22.42 63.59 51.90
CA PHE W 15 -22.21 62.51 52.87
C PHE W 15 -23.49 62.20 53.62
N THR W 16 -23.50 61.05 54.26
CA THR W 16 -24.73 60.55 54.85
C THR W 16 -24.66 60.58 56.38
N GLU W 17 -25.69 59.99 57.00
CA GLU W 17 -25.66 59.73 58.44
C GLU W 17 -24.52 58.79 58.78
N SER W 18 -24.41 57.69 58.04
CA SER W 18 -23.24 56.86 58.13
C SER W 18 -22.03 57.47 57.42
N GLY W 19 -22.20 58.60 56.74
CA GLY W 19 -21.10 59.26 56.08
C GLY W 19 -20.65 58.52 54.84
N GLU W 20 -21.51 58.50 53.82
CA GLU W 20 -21.21 57.80 52.59
C GLU W 20 -21.36 58.74 51.40
N LEU W 21 -20.46 58.60 50.44
CA LEU W 21 -20.55 59.39 49.22
C LEU W 21 -21.69 58.90 48.35
N ILE W 22 -22.57 59.80 47.95
CA ILE W 22 -23.60 59.46 46.97
C ILE W 22 -23.60 60.52 45.88
N PRO W 23 -23.50 60.15 44.62
CA PRO W 23 -23.68 61.13 43.55
C PRO W 23 -25.12 61.59 43.48
N VAL W 24 -25.32 62.89 43.58
CA VAL W 24 -26.65 63.47 43.72
C VAL W 24 -26.82 64.57 42.68
N THR W 25 -27.91 64.49 41.93
CA THR W 25 -28.29 65.51 40.96
C THR W 25 -28.86 66.73 41.66
N VAL W 26 -29.08 67.80 40.91
CA VAL W 26 -29.68 69.02 41.46
C VAL W 26 -30.86 69.43 40.61
N VAL W 27 -32.06 69.38 41.19
CA VAL W 27 -33.29 69.73 40.50
C VAL W 27 -33.91 70.93 41.20
N GLU W 28 -34.20 71.99 40.44
CA GLU W 28 -34.82 73.17 41.01
C GLU W 28 -36.34 73.11 40.96
N ALA W 29 -36.94 74.18 41.48
CA ALA W 29 -38.35 74.51 41.27
C ALA W 29 -38.50 76.01 41.53
N THR W 30 -39.70 76.51 41.26
CA THR W 30 -40.12 77.88 41.48
C THR W 30 -41.50 77.78 42.11
N PRO W 31 -42.21 78.86 42.43
CA PRO W 31 -43.65 78.70 42.68
C PRO W 31 -44.41 78.28 41.43
N ASN W 32 -45.55 77.60 41.66
CA ASN W 32 -46.09 76.63 40.71
C ASN W 32 -47.60 76.73 40.55
N VAL W 33 -48.05 77.52 39.59
CA VAL W 33 -49.45 77.88 39.49
C VAL W 33 -50.22 76.80 38.74
N VAL W 34 -51.31 76.31 39.36
CA VAL W 34 -52.28 75.50 38.64
C VAL W 34 -52.98 76.35 37.59
N LEU W 35 -53.02 75.86 36.36
CA LEU W 35 -53.59 76.66 35.28
C LEU W 35 -54.97 76.22 34.85
N GLN W 36 -55.26 74.92 34.76
CA GLN W 36 -56.60 74.49 34.40
C GLN W 36 -57.00 73.25 35.18
N VAL W 37 -58.31 73.07 35.29
CA VAL W 37 -58.92 71.89 35.87
C VAL W 37 -59.82 71.27 34.83
N LYS W 38 -59.51 70.05 34.41
CA LYS W 38 -60.29 69.36 33.39
C LYS W 38 -61.01 68.19 34.03
N THR W 39 -62.33 68.18 33.92
CA THR W 39 -63.18 67.27 34.67
C THR W 39 -63.93 66.34 33.72
N VAL W 40 -64.88 65.61 34.29
CA VAL W 40 -65.57 64.57 33.53
C VAL W 40 -66.64 65.17 32.62
N GLU W 41 -67.30 66.24 33.05
CA GLU W 41 -68.38 66.82 32.26
C GLU W 41 -67.87 67.49 30.99
N THR W 42 -66.72 68.16 31.07
CA THR W 42 -66.21 68.88 29.92
C THR W 42 -65.29 68.03 29.06
N ASP W 43 -64.55 67.13 29.67
CA ASP W 43 -63.46 66.44 28.99
C ASP W 43 -63.44 64.95 29.21
N GLY W 44 -64.27 64.42 30.11
CA GLY W 44 -64.33 63.00 30.34
C GLY W 44 -63.25 62.44 31.23
N TYR W 45 -62.15 63.16 31.45
CA TYR W 45 -61.09 62.66 32.29
C TYR W 45 -60.71 63.73 33.30
N GLU W 46 -59.81 63.37 34.21
CA GLU W 46 -59.54 64.16 35.41
C GLU W 46 -58.06 64.51 35.45
N ALA W 47 -57.74 65.77 35.15
CA ALA W 47 -56.34 66.17 35.03
C ALA W 47 -56.22 67.65 35.36
N ILE W 48 -54.98 68.10 35.51
CA ILE W 48 -54.67 69.45 35.95
C ILE W 48 -53.53 70.00 35.10
N GLN W 49 -53.79 71.09 34.38
CA GLN W 49 -52.71 71.74 33.65
C GLN W 49 -51.89 72.61 34.59
N VAL W 50 -50.58 72.38 34.59
CA VAL W 50 -49.65 73.01 35.53
C VAL W 50 -48.54 73.66 34.71
N GLY W 51 -48.04 74.80 35.15
CA GLY W 51 -46.99 75.49 34.42
C GLY W 51 -45.83 76.02 35.23
N TYR W 52 -44.59 75.85 34.78
CA TYR W 52 -43.40 76.31 35.53
C TYR W 52 -42.48 77.12 34.64
N GLN W 53 -42.58 78.45 34.69
CA GLN W 53 -41.47 79.41 34.79
C GLN W 53 -41.98 80.83 34.77
N ASP W 54 -41.09 81.77 34.52
CA ASP W 54 -41.48 83.15 34.26
C ASP W 54 -41.03 83.55 32.87
N LYS W 55 -41.97 83.95 32.03
CA LYS W 55 -41.62 84.64 30.79
C LYS W 55 -41.51 86.13 31.05
N ARG W 56 -41.30 86.89 30.00
CA ARG W 56 -41.54 88.31 30.03
C ARG W 56 -42.97 88.56 29.58
N GLU W 57 -43.31 89.80 29.26
CA GLU W 57 -44.47 90.09 28.45
C GLU W 57 -44.09 90.78 27.15
N VAL W 58 -42.79 90.83 26.84
CA VAL W 58 -42.37 91.15 25.50
C VAL W 58 -42.74 89.99 24.57
N LEU W 59 -42.73 88.77 25.09
CA LEU W 59 -42.69 87.57 24.28
C LEU W 59 -43.84 86.64 24.63
N SER W 60 -45.06 87.17 24.65
CA SER W 60 -46.21 86.30 24.86
C SER W 60 -47.29 86.56 23.82
N ASN W 61 -48.45 85.96 24.01
CA ASN W 61 -49.54 86.06 23.06
C ASN W 61 -50.84 86.32 23.79
N LYS W 62 -51.76 86.98 23.09
CA LYS W 62 -53.10 87.17 23.61
C LYS W 62 -53.87 85.89 23.95
N PRO W 63 -53.73 84.75 23.25
CA PRO W 63 -54.32 83.53 23.81
C PRO W 63 -53.62 83.06 25.07
N ALA W 64 -52.31 83.25 25.15
CA ALA W 64 -51.58 82.89 26.36
C ALA W 64 -52.06 83.73 27.54
N LYS W 65 -52.31 85.01 27.31
CA LYS W 65 -52.88 85.83 28.36
C LYS W 65 -54.32 85.46 28.64
N GLY W 66 -55.02 84.92 27.65
CA GLY W 66 -56.34 84.39 27.90
C GLY W 66 -56.34 83.16 28.79
N HIS W 67 -55.26 82.40 28.76
CA HIS W 67 -55.11 81.32 29.74
C HIS W 67 -54.66 81.83 31.10
N VAL W 68 -53.73 82.78 31.12
CA VAL W 68 -53.15 83.21 32.39
C VAL W 68 -54.17 84.00 33.22
N ALA W 69 -55.05 84.75 32.56
CA ALA W 69 -55.96 85.71 33.21
C ALA W 69 -56.97 85.06 34.16
N LYS W 70 -57.04 83.76 34.43
CA LYS W 70 -57.86 83.25 35.52
C LYS W 70 -57.02 82.82 36.69
N ALA W 71 -55.73 83.09 36.68
CA ALA W 71 -54.86 82.75 37.78
C ALA W 71 -53.95 83.91 38.18
N ASN W 72 -54.00 85.02 37.45
CA ASN W 72 -53.49 86.33 37.88
C ASN W 72 -51.98 86.37 38.01
N THR W 73 -51.27 85.80 37.04
CA THR W 73 -49.81 85.77 37.12
C THR W 73 -49.14 86.36 35.88
N ALA W 74 -47.85 86.16 35.80
CA ALA W 74 -47.09 86.38 34.59
C ALA W 74 -47.15 85.12 33.73
N PRO W 75 -47.05 85.24 32.41
CA PRO W 75 -47.10 84.05 31.55
C PRO W 75 -45.86 83.17 31.69
N LYS W 76 -46.05 81.89 31.39
CA LYS W 76 -45.05 80.87 31.69
C LYS W 76 -44.67 80.10 30.42
N ARG W 77 -43.48 79.49 30.44
CA ARG W 77 -43.05 78.73 29.27
C ARG W 77 -43.69 77.35 29.23
N PHE W 78 -43.38 76.51 30.20
CA PHE W 78 -43.59 75.09 30.07
C PHE W 78 -44.90 74.72 30.74
N ILE W 79 -45.84 74.17 29.99
CA ILE W 79 -47.15 73.81 30.51
C ILE W 79 -47.38 72.33 30.23
N LYS W 80 -47.64 71.55 31.29
CA LYS W 80 -47.93 70.13 31.13
C LYS W 80 -49.12 69.78 32.02
N GLU W 81 -49.37 68.48 32.16
CA GLU W 81 -50.54 67.98 32.86
C GLU W 81 -50.10 66.91 33.86
N PHE W 82 -51.05 66.50 34.70
CA PHE W 82 -50.86 65.34 35.58
C PHE W 82 -52.18 64.62 35.72
N LYS W 83 -52.09 63.34 36.08
CA LYS W 83 -53.28 62.49 36.12
C LYS W 83 -53.29 61.66 37.41
N ASN W 84 -54.24 60.72 37.50
CA ASN W 84 -54.31 59.68 38.53
C ASN W 84 -54.34 60.26 39.94
N VAL W 85 -55.36 61.07 40.20
CA VAL W 85 -55.45 61.77 41.47
C VAL W 85 -56.92 62.02 41.79
N GLU W 86 -57.34 61.60 42.98
CA GLU W 86 -58.59 62.07 43.54
C GLU W 86 -58.37 63.52 43.91
N LEU W 87 -58.93 64.43 43.10
CA LEU W 87 -58.57 65.83 43.14
C LEU W 87 -58.93 66.50 44.45
N GLY W 88 -60.22 66.75 44.65
CA GLY W 88 -60.70 67.73 45.61
C GLY W 88 -59.88 69.00 45.54
N GLU W 89 -59.64 69.60 46.70
CA GLU W 89 -58.33 70.09 47.16
C GLU W 89 -57.48 70.82 46.11
N TYR W 90 -58.11 71.44 45.10
CA TYR W 90 -57.34 72.06 44.03
C TYR W 90 -58.12 73.23 43.46
N GLU W 91 -57.44 74.37 43.36
CA GLU W 91 -58.09 75.61 43.00
C GLU W 91 -57.38 76.21 41.80
N VAL W 92 -58.12 77.01 41.05
CA VAL W 92 -57.58 77.70 39.89
C VAL W 92 -56.65 78.79 40.38
N GLY W 93 -55.36 78.56 40.29
CA GLY W 93 -54.40 79.56 40.72
C GLY W 93 -53.86 79.35 42.11
N LYS W 94 -53.65 78.09 42.50
CA LYS W 94 -52.92 77.79 43.71
C LYS W 94 -51.42 77.93 43.48
N GLU W 95 -50.64 77.40 44.41
CA GLU W 95 -49.26 77.02 44.14
C GLU W 95 -49.04 75.62 44.67
N ILE W 96 -48.10 74.92 44.07
CA ILE W 96 -47.65 73.63 44.58
C ILE W 96 -46.16 73.77 44.82
N LYS W 97 -45.77 74.08 46.06
CA LYS W 97 -44.38 74.24 46.37
C LYS W 97 -43.72 72.88 46.56
N VAL W 98 -42.43 72.93 46.91
CA VAL W 98 -41.57 71.76 46.90
C VAL W 98 -41.93 70.75 47.98
N ASP W 99 -42.60 71.19 49.03
CA ASP W 99 -42.90 70.47 50.27
C ASP W 99 -43.74 69.23 50.09
N VAL W 100 -44.17 68.84 48.89
CA VAL W 100 -45.05 67.69 48.77
C VAL W 100 -44.27 66.39 48.82
N PHE W 101 -42.95 66.44 48.75
CA PHE W 101 -42.15 65.23 48.64
C PHE W 101 -41.34 64.97 49.89
N GLN W 102 -41.96 65.06 51.06
CA GLN W 102 -41.27 64.99 52.34
C GLN W 102 -40.56 63.67 52.60
N ALA W 103 -41.34 62.59 52.72
CA ALA W 103 -40.79 61.32 53.21
C ALA W 103 -41.10 60.16 52.28
N GLY W 104 -41.58 60.43 51.06
CA GLY W 104 -41.85 59.39 50.11
C GLY W 104 -40.57 58.78 49.59
N ASP W 105 -39.77 59.62 48.93
CA ASP W 105 -38.42 59.30 48.47
C ASP W 105 -38.40 58.12 47.49
N VAL W 106 -39.49 57.91 46.76
CA VAL W 106 -39.55 56.95 45.66
C VAL W 106 -40.13 57.69 44.48
N VAL W 107 -39.29 57.99 43.50
CA VAL W 107 -39.55 59.03 42.50
C VAL W 107 -39.24 58.47 41.12
N ASP W 108 -40.17 58.67 40.19
CA ASP W 108 -40.02 58.25 38.81
C ASP W 108 -39.67 59.46 37.95
N VAL W 109 -38.46 59.47 37.44
CA VAL W 109 -37.90 60.63 36.75
C VAL W 109 -38.02 60.40 35.25
N THR W 110 -38.68 61.33 34.54
CA THR W 110 -38.89 61.21 33.10
C THR W 110 -38.33 62.45 32.40
N GLY W 111 -37.05 62.46 32.09
CA GLY W 111 -36.42 63.59 31.43
C GLY W 111 -36.66 63.58 29.94
N THR W 112 -35.73 64.21 29.21
CA THR W 112 -35.56 64.00 27.77
C THR W 112 -34.06 63.93 27.50
N THR W 113 -33.65 63.02 26.63
CA THR W 113 -32.25 62.73 26.42
C THR W 113 -31.60 63.78 25.54
N LYS W 114 -30.31 63.62 25.29
CA LYS W 114 -29.58 64.56 24.46
C LYS W 114 -29.89 64.32 22.98
N GLY W 115 -29.13 65.00 22.12
CA GLY W 115 -29.18 64.77 20.69
C GLY W 115 -27.77 64.72 20.15
N LYS W 116 -27.46 63.74 19.31
CA LYS W 116 -26.08 63.46 18.96
C LYS W 116 -25.78 63.44 17.47
N GLY W 117 -26.78 63.58 16.61
CA GLY W 117 -26.52 63.72 15.18
C GLY W 117 -26.65 62.45 14.37
N PHE W 118 -25.82 62.32 13.34
CA PHE W 118 -25.75 61.08 12.58
C PHE W 118 -24.67 60.16 13.09
N GLN W 119 -24.99 58.87 13.13
CA GLN W 119 -24.08 57.81 13.54
C GLN W 119 -24.29 56.61 12.64
N GLY W 120 -23.30 55.72 12.61
CA GLY W 120 -23.48 54.40 12.05
C GLY W 120 -24.30 53.52 12.97
N ALA W 121 -24.64 52.34 12.47
CA ALA W 121 -25.61 51.51 13.18
C ALA W 121 -24.98 50.62 14.25
N ILE W 122 -23.80 50.98 14.75
CA ILE W 122 -23.26 50.32 15.92
C ILE W 122 -23.83 50.92 17.20
N LYS W 123 -23.68 52.24 17.35
CA LYS W 123 -23.98 52.91 18.60
C LYS W 123 -25.46 52.96 18.93
N ARG W 124 -26.33 52.65 17.98
CA ARG W 124 -27.73 52.61 18.32
C ARG W 124 -28.12 51.31 18.97
N HIS W 125 -27.40 50.22 18.67
CA HIS W 125 -27.82 48.92 19.15
C HIS W 125 -26.68 48.05 19.67
N GLY W 126 -25.44 48.54 19.64
CA GLY W 126 -24.35 47.74 20.13
C GLY W 126 -23.99 46.59 19.23
N GLN W 127 -24.27 46.70 17.93
CA GLN W 127 -23.86 45.66 17.01
C GLN W 127 -22.36 45.74 16.77
N SER W 128 -21.66 44.66 17.08
CA SER W 128 -20.21 44.69 17.11
C SER W 128 -19.64 44.63 15.70
N ARG W 129 -18.33 44.79 15.63
CA ARG W 129 -17.64 44.99 14.36
C ARG W 129 -17.49 43.67 13.61
N GLY W 130 -16.63 43.69 12.59
CA GLY W 130 -16.00 42.50 12.08
C GLY W 130 -14.52 42.59 12.39
N PRO W 131 -13.70 41.78 11.75
CA PRO W 131 -12.26 41.84 12.02
C PRO W 131 -11.60 43.09 11.47
N MET W 132 -10.30 43.24 11.71
CA MET W 132 -9.60 44.45 11.32
C MET W 132 -8.34 44.20 10.52
N SER W 133 -7.90 42.95 10.41
CA SER W 133 -6.79 42.59 9.55
C SER W 133 -7.08 41.17 9.08
N HIS W 134 -6.02 40.47 8.68
CA HIS W 134 -6.08 39.21 7.96
C HIS W 134 -6.85 39.41 6.65
N GLY W 135 -6.48 40.48 5.95
CA GLY W 135 -6.91 40.73 4.59
C GLY W 135 -8.27 41.38 4.44
N SER W 136 -9.01 41.58 5.52
CA SER W 136 -10.41 41.92 5.35
C SER W 136 -10.58 43.41 5.10
N ARG W 137 -11.78 43.76 4.61
CA ARG W 137 -12.17 45.12 4.28
C ARG W 137 -13.57 45.38 4.80
N TYR W 138 -13.81 45.04 6.07
CA TYR W 138 -15.16 45.05 6.61
C TYR W 138 -15.17 45.71 7.96
N HIS W 139 -14.64 46.93 8.00
CA HIS W 139 -14.33 47.57 9.26
C HIS W 139 -15.60 47.93 10.05
N ARG W 140 -16.43 48.84 9.52
CA ARG W 140 -17.50 49.45 10.30
C ARG W 140 -18.81 49.50 9.49
N ARG W 141 -19.27 48.34 9.03
CA ARG W 141 -20.51 48.22 8.28
C ARG W 141 -21.65 47.73 9.17
N PRO W 142 -22.91 47.95 8.79
CA PRO W 142 -24.02 47.48 9.62
C PRO W 142 -24.54 46.09 9.33
N GLY W 143 -23.81 45.26 8.62
CA GLY W 143 -24.27 43.90 8.47
C GLY W 143 -24.78 43.54 7.09
N SER W 144 -25.72 42.60 7.01
CA SER W 144 -26.41 42.28 5.77
C SER W 144 -27.90 42.29 6.04
N MET W 145 -28.68 42.57 5.00
CA MET W 145 -30.09 42.87 5.19
C MET W 145 -30.91 41.63 5.51
N GLY W 146 -30.41 40.45 5.20
CA GLY W 146 -31.14 39.24 5.48
C GLY W 146 -31.24 38.31 4.31
N PRO W 147 -32.39 37.66 4.15
CA PRO W 147 -32.50 36.58 3.17
C PRO W 147 -32.82 37.01 1.76
N VAL W 148 -32.96 36.02 0.87
CA VAL W 148 -33.23 36.23 -0.54
C VAL W 148 -34.61 35.73 -0.91
N ALA W 149 -35.05 34.64 -0.29
CA ALA W 149 -36.36 34.02 -0.54
C ALA W 149 -37.58 34.95 -0.50
N PRO W 150 -37.75 35.91 0.42
CA PRO W 150 -38.99 36.71 0.37
C PRO W 150 -38.99 37.80 -0.67
N ASN W 151 -37.85 38.07 -1.32
CA ASN W 151 -37.70 39.09 -2.37
C ASN W 151 -38.10 40.48 -1.91
N ARG W 152 -37.85 40.79 -0.65
CA ARG W 152 -38.02 42.14 -0.16
C ARG W 152 -36.97 42.35 0.92
N VAL W 153 -37.17 43.37 1.75
CA VAL W 153 -36.46 43.49 3.01
C VAL W 153 -37.53 43.58 4.08
N PHE W 154 -37.34 42.85 5.18
CA PHE W 154 -38.20 43.03 6.33
C PHE W 154 -38.02 44.42 6.92
N LYS W 155 -38.91 44.78 7.84
CA LYS W 155 -38.67 45.96 8.64
C LYS W 155 -37.75 45.59 9.81
N ASN W 156 -37.50 46.58 10.67
CA ASN W 156 -36.79 46.49 11.94
C ASN W 156 -35.29 46.23 11.81
N LYS W 157 -34.76 46.02 10.62
CA LYS W 157 -33.31 45.90 10.50
C LYS W 157 -32.80 47.33 10.63
N ARG W 158 -32.54 47.72 11.86
CA ARG W 158 -32.35 49.13 12.16
C ARG W 158 -30.95 49.58 11.83
N LEU W 159 -30.87 50.82 11.33
CA LEU W 159 -29.69 51.37 10.66
C LEU W 159 -29.51 52.79 11.18
N ALA W 160 -28.78 53.60 10.41
CA ALA W 160 -28.54 55.00 10.78
C ALA W 160 -29.85 55.78 10.92
N GLY W 161 -29.83 56.79 11.77
CA GLY W 161 -31.00 57.56 12.15
C GLY W 161 -30.81 58.19 13.51
N ARG W 162 -31.18 59.46 13.65
CA ARG W 162 -30.67 60.38 14.66
C ARG W 162 -30.88 59.90 16.09
N MET W 163 -30.07 60.45 16.99
CA MET W 163 -29.87 59.92 18.33
C MET W 163 -30.58 60.72 19.39
N GLY W 164 -31.17 60.01 20.34
CA GLY W 164 -31.71 60.60 21.54
C GLY W 164 -32.91 61.49 21.25
N GLY W 165 -33.13 62.43 22.16
CA GLY W 165 -34.20 63.39 21.99
C GLY W 165 -35.58 62.78 22.11
N ASP W 166 -35.81 62.03 23.19
CA ASP W 166 -37.10 61.42 23.46
C ASP W 166 -37.16 61.10 24.95
N ARG W 167 -38.37 61.16 25.50
CA ARG W 167 -38.52 61.11 26.94
C ARG W 167 -38.34 59.68 27.45
N VAL W 168 -37.57 59.54 28.52
CA VAL W 168 -37.19 58.24 29.08
C VAL W 168 -37.47 58.26 30.58
N THR W 169 -38.35 57.36 31.03
CA THR W 169 -38.59 57.24 32.45
C THR W 169 -37.42 56.53 33.12
N ILE W 170 -37.24 56.78 34.41
CA ILE W 170 -36.42 55.94 35.27
C ILE W 170 -37.24 55.66 36.50
N GLN W 171 -37.43 54.40 36.82
CA GLN W 171 -38.36 54.03 37.88
C GLN W 171 -37.63 53.78 39.18
N ASN W 172 -38.22 54.27 40.28
CA ASN W 172 -37.84 53.99 41.66
C ASN W 172 -36.41 54.46 41.99
N LEU W 173 -36.22 55.77 41.94
CA LEU W 173 -35.06 56.39 42.54
C LEU W 173 -35.44 57.11 43.82
N GLU W 174 -34.43 57.54 44.56
CA GLU W 174 -34.62 58.01 45.92
C GLU W 174 -34.11 59.44 46.09
N VAL W 175 -34.67 60.10 47.10
CA VAL W 175 -34.48 61.52 47.34
C VAL W 175 -33.89 61.71 48.73
N VAL W 176 -32.83 62.52 48.82
CA VAL W 176 -32.10 62.66 50.07
C VAL W 176 -32.66 63.81 50.90
N LYS W 177 -32.52 65.04 50.43
CA LYS W 177 -32.99 66.21 51.14
C LYS W 177 -34.11 66.89 50.37
N VAL W 178 -34.94 67.59 51.10
CA VAL W 178 -36.00 68.40 50.52
C VAL W 178 -35.68 69.84 50.94
N ASP W 179 -34.90 70.54 50.13
CA ASP W 179 -34.40 71.85 50.54
C ASP W 179 -35.44 72.89 50.17
N VAL W 180 -36.15 73.37 51.19
CA VAL W 180 -37.34 74.20 50.95
C VAL W 180 -36.93 75.60 50.55
N GLU W 181 -35.96 76.17 51.25
CA GLU W 181 -35.66 77.58 51.17
C GLU W 181 -35.03 77.98 49.85
N ARG W 182 -34.57 77.03 49.06
CA ARG W 182 -34.03 77.31 47.75
C ARG W 182 -34.70 76.48 46.67
N ASN W 183 -35.75 75.73 47.03
CA ASN W 183 -36.61 74.99 46.11
C ASN W 183 -35.83 73.93 45.33
N VAL W 184 -35.01 73.17 46.03
CA VAL W 184 -34.15 72.20 45.40
C VAL W 184 -34.46 70.83 45.96
N ILE W 185 -34.71 69.87 45.08
CA ILE W 185 -34.81 68.47 45.46
C ILE W 185 -33.49 67.80 45.10
N LEU W 186 -33.05 66.87 45.94
CA LEU W 186 -31.79 66.17 45.78
C LEU W 186 -32.04 64.68 45.64
N ILE W 187 -31.63 64.10 44.51
CA ILE W 187 -31.99 62.75 44.09
C ILE W 187 -30.74 61.92 43.87
N LYS W 188 -30.81 60.64 44.24
CA LYS W 188 -29.76 59.70 43.85
C LYS W 188 -29.79 59.46 42.35
N GLY W 189 -28.71 58.87 41.85
CA GLY W 189 -28.70 58.36 40.49
C GLY W 189 -28.49 59.44 39.44
N ASN W 190 -28.87 59.10 38.22
CA ASN W 190 -28.69 59.98 37.09
C ASN W 190 -30.01 60.31 36.42
N ILE W 191 -30.04 61.47 35.79
CA ILE W 191 -31.24 62.00 35.15
C ILE W 191 -30.91 62.34 33.71
N PRO W 192 -31.68 61.81 32.75
CA PRO W 192 -31.49 62.19 31.35
C PRO W 192 -31.92 63.63 31.11
N GLY W 193 -30.98 64.46 30.70
CA GLY W 193 -31.25 65.84 30.36
C GLY W 193 -29.96 66.59 30.22
N ALA W 194 -30.07 67.79 29.68
CA ALA W 194 -28.93 68.69 29.62
C ALA W 194 -29.12 69.82 30.63
N LYS W 195 -28.17 70.76 30.63
CA LYS W 195 -28.36 71.99 31.39
C LYS W 195 -29.54 72.76 30.84
N LYS W 196 -30.30 73.37 31.74
CA LYS W 196 -31.44 74.23 31.43
C LYS W 196 -32.50 73.45 30.65
N SER W 197 -33.04 72.42 31.29
CA SER W 197 -33.93 71.51 30.60
C SER W 197 -34.98 70.99 31.57
N LEU W 198 -36.12 70.58 31.02
CA LEU W 198 -37.22 70.15 31.86
C LEU W 198 -36.96 68.80 32.50
N ILE W 199 -37.56 68.60 33.66
CA ILE W 199 -37.58 67.33 34.37
C ILE W 199 -38.95 67.22 35.01
N THR W 200 -39.61 66.08 34.85
CA THR W 200 -40.83 65.81 35.59
C THR W 200 -40.52 64.86 36.72
N ILE W 201 -41.18 65.04 37.86
CA ILE W 201 -40.92 64.27 39.06
C ILE W 201 -42.24 63.84 39.66
N LYS W 202 -42.42 62.54 39.85
CA LYS W 202 -43.67 62.04 40.41
C LYS W 202 -43.40 61.06 41.54
N SER W 203 -44.45 60.37 41.97
CA SER W 203 -44.38 59.44 43.08
C SER W 203 -44.08 58.03 42.54
N ALA W 204 -44.28 57.01 43.36
CA ALA W 204 -44.11 55.64 42.93
C ALA W 204 -45.26 55.21 42.02
N VAL W 205 -45.04 54.09 41.32
CA VAL W 205 -46.13 53.43 40.61
C VAL W 205 -46.24 52.00 41.08
N LYS W 206 -45.14 51.24 40.95
CA LYS W 206 -45.15 49.85 41.37
C LYS W 206 -45.07 49.69 42.88
N ALA W 207 -44.67 50.74 43.59
CA ALA W 207 -44.66 50.83 45.05
C ALA W 207 -43.87 49.72 45.75
N PRO X 1 -58.01 46.87 -103.68
CA PRO X 1 -57.12 47.98 -103.35
C PRO X 1 -56.98 48.99 -104.49
N ASN X 2 -57.58 50.17 -104.33
CA ASN X 2 -57.61 51.18 -105.37
C ASN X 2 -57.58 52.56 -104.74
N VAL X 3 -56.57 53.35 -105.11
CA VAL X 3 -56.46 54.73 -104.66
C VAL X 3 -56.37 55.60 -105.91
N ALA X 4 -57.18 56.65 -105.96
CA ALA X 4 -57.13 57.58 -107.07
C ALA X 4 -55.82 58.37 -107.06
N LEU X 5 -55.26 58.56 -108.23
CA LEU X 5 -53.98 59.22 -108.38
C LEU X 5 -54.12 60.73 -108.27
N PHE X 6 -53.17 61.35 -107.55
CA PHE X 6 -53.10 62.80 -107.40
C PHE X 6 -51.78 63.27 -107.97
N LYS X 7 -51.80 64.28 -108.83
CA LYS X 7 -50.61 64.61 -109.60
C LYS X 7 -49.63 65.46 -108.81
N GLN X 8 -49.96 66.72 -108.67
CA GLN X 8 -49.41 67.71 -107.78
C GLN X 8 -50.52 68.41 -107.05
N ASP X 9 -51.56 68.77 -107.78
CA ASP X 9 -52.90 69.01 -107.30
C ASP X 9 -53.92 68.37 -108.20
N GLY X 10 -53.50 67.83 -109.35
CA GLY X 10 -54.34 67.16 -110.33
C GLY X 10 -55.07 65.99 -109.72
N THR X 11 -56.36 66.17 -109.51
CA THR X 11 -57.10 65.40 -108.54
C THR X 11 -57.93 64.33 -109.23
N GLN X 12 -57.83 63.11 -108.73
CA GLN X 12 -58.69 61.98 -109.05
C GLN X 12 -58.63 61.61 -110.53
N ASN X 13 -57.43 61.17 -110.91
CA ASN X 13 -57.24 60.40 -112.13
C ASN X 13 -57.61 58.95 -111.90
N GLY X 14 -57.18 58.07 -112.78
CA GLY X 14 -57.44 56.65 -112.61
C GLY X 14 -56.77 56.07 -111.38
N GLU X 15 -57.34 54.97 -110.92
CA GLU X 15 -56.85 54.26 -109.75
C GLU X 15 -55.80 53.23 -110.14
N ILE X 16 -55.15 52.67 -109.14
CA ILE X 16 -54.18 51.60 -109.34
C ILE X 16 -54.64 50.41 -108.52
N THR X 17 -54.74 49.25 -109.16
CA THR X 17 -54.97 48.03 -108.41
C THR X 17 -53.68 47.58 -107.74
N LEU X 18 -53.82 46.98 -106.58
CA LEU X 18 -52.68 46.43 -105.86
C LEU X 18 -52.94 44.95 -105.61
N ASN X 19 -51.99 44.31 -104.95
CA ASN X 19 -52.05 42.86 -104.80
C ASN X 19 -53.00 42.48 -103.68
N GLU X 20 -54.09 41.80 -104.04
CA GLU X 20 -55.01 41.26 -103.04
C GLU X 20 -54.37 40.13 -102.24
N GLU X 21 -53.33 39.51 -102.79
CA GLU X 21 -52.46 38.64 -102.00
C GLU X 21 -51.85 39.38 -100.83
N ILE X 22 -51.57 40.66 -101.00
CA ILE X 22 -51.02 41.47 -99.93
C ILE X 22 -52.13 42.13 -99.13
N PHE X 23 -52.94 42.95 -99.79
CA PHE X 23 -53.71 43.97 -99.09
C PHE X 23 -55.14 43.53 -98.80
N GLY X 24 -55.37 42.26 -98.55
CA GLY X 24 -56.71 41.83 -98.18
C GLY X 24 -56.79 40.74 -97.14
N ILE X 25 -55.82 40.69 -96.21
CA ILE X 25 -55.52 39.45 -95.50
C ILE X 25 -55.97 39.44 -94.05
N GLU X 26 -56.82 40.41 -93.63
CA GLU X 26 -57.43 40.48 -92.29
C GLU X 26 -56.42 40.43 -91.15
N PRO X 27 -55.76 41.57 -90.83
CA PRO X 27 -54.64 41.61 -89.87
C PRO X 27 -54.83 40.94 -88.50
N ASN X 28 -53.93 40.02 -88.16
CA ASN X 28 -53.89 39.43 -86.81
C ASN X 28 -53.07 40.34 -85.91
N GLU X 29 -53.73 40.95 -84.93
CA GLU X 29 -53.13 42.07 -84.23
C GLU X 29 -52.06 41.62 -83.25
N SER X 30 -52.17 40.38 -82.73
CA SER X 30 -51.20 39.88 -81.77
C SER X 30 -49.81 39.76 -82.39
N VAL X 31 -49.77 39.37 -83.66
CA VAL X 31 -48.54 39.36 -84.43
C VAL X 31 -47.96 40.76 -84.51
N VAL X 32 -48.83 41.73 -84.78
CA VAL X 32 -48.41 43.13 -84.88
C VAL X 32 -47.92 43.63 -83.53
N TYR X 33 -48.59 43.19 -82.46
CA TYR X 33 -48.20 43.55 -81.10
C TYR X 33 -46.79 43.10 -80.78
N ASP X 34 -46.49 41.83 -81.04
CA ASP X 34 -45.18 41.33 -80.70
C ASP X 34 -44.11 41.91 -81.61
N ALA X 35 -44.46 42.20 -82.87
CA ALA X 35 -43.50 42.81 -83.78
C ALA X 35 -43.15 44.22 -83.34
N ILE X 36 -44.16 44.97 -82.88
CA ILE X 36 -43.95 46.33 -82.41
C ILE X 36 -43.06 46.33 -81.18
N ILE X 37 -43.31 45.41 -80.24
CA ILE X 37 -42.48 45.37 -79.03
C ILE X 37 -41.05 44.97 -79.38
N MET X 38 -40.89 43.92 -80.20
CA MET X 38 -39.58 43.41 -80.54
C MET X 38 -38.77 44.44 -81.30
N GLN X 39 -39.42 45.22 -82.14
CA GLN X 39 -38.69 46.27 -82.82
C GLN X 39 -38.37 47.40 -81.86
N ARG X 40 -39.31 47.75 -80.97
CA ARG X 40 -39.04 48.83 -80.03
C ARG X 40 -37.99 48.40 -79.02
N ALA X 41 -38.05 47.17 -78.57
CA ALA X 41 -37.07 46.68 -77.61
C ALA X 41 -35.72 46.39 -78.24
N SER X 42 -35.57 46.53 -79.55
CA SER X 42 -34.30 46.31 -80.21
C SER X 42 -33.34 47.47 -80.10
N LEU X 43 -33.58 48.39 -79.16
CA LEU X 43 -32.87 49.65 -79.12
C LEU X 43 -32.10 49.89 -77.85
N ARG X 44 -32.26 49.06 -76.81
CA ARG X 44 -31.63 49.32 -75.53
C ARG X 44 -30.14 49.08 -75.65
N GLN X 45 -29.36 50.16 -75.73
CA GLN X 45 -27.92 50.03 -75.57
C GLN X 45 -27.64 49.88 -74.08
N GLY X 46 -27.80 48.65 -73.59
CA GLY X 46 -27.75 48.43 -72.16
C GLY X 46 -26.35 48.51 -71.60
N THR X 47 -25.76 49.70 -71.60
CA THR X 47 -24.37 49.86 -71.21
C THR X 47 -24.29 50.37 -69.78
N HIS X 48 -24.77 49.56 -68.85
CA HIS X 48 -24.88 49.96 -67.46
C HIS X 48 -24.32 48.88 -66.54
N ALA X 49 -23.46 49.29 -65.61
CA ALA X 49 -22.68 48.38 -64.79
C ALA X 49 -22.67 48.83 -63.35
N VAL X 50 -22.57 47.85 -62.46
CA VAL X 50 -22.66 48.04 -61.01
C VAL X 50 -21.51 47.30 -60.37
N LYS X 51 -20.72 47.99 -59.56
CA LYS X 51 -19.64 47.32 -58.87
C LYS X 51 -20.18 46.49 -57.70
N ASN X 52 -19.40 45.48 -57.31
CA ASN X 52 -19.77 44.56 -56.24
C ASN X 52 -18.69 44.55 -55.16
N ARG X 53 -18.76 43.52 -54.30
CA ARG X 53 -17.85 43.38 -53.17
C ARG X 53 -16.40 43.34 -53.63
N SER X 54 -16.09 42.48 -54.59
CA SER X 54 -14.72 42.35 -55.04
C SER X 54 -14.28 43.49 -55.95
N ALA X 55 -15.19 44.37 -56.35
CA ALA X 55 -14.83 45.47 -57.22
C ALA X 55 -14.55 46.77 -56.48
N VAL X 56 -15.11 46.95 -55.28
CA VAL X 56 -14.94 48.18 -54.55
C VAL X 56 -13.50 48.29 -54.05
N ARG X 57 -12.84 49.40 -54.39
CA ARG X 57 -11.43 49.55 -54.07
C ARG X 57 -11.29 49.81 -52.58
N GLY X 58 -11.26 48.74 -51.81
CA GLY X 58 -11.10 48.82 -50.37
C GLY X 58 -10.50 47.54 -49.85
N GLY X 59 -9.90 47.63 -48.67
CA GLY X 59 -9.25 46.48 -48.08
C GLY X 59 -10.27 45.45 -47.61
N GLY X 60 -9.97 44.19 -47.85
CA GLY X 60 -10.77 43.10 -47.36
C GLY X 60 -10.31 42.58 -46.02
N ARG X 61 -9.42 43.31 -45.36
CA ARG X 61 -8.93 42.93 -44.05
C ARG X 61 -10.04 43.03 -43.02
N LYS X 62 -10.05 42.12 -42.05
CA LYS X 62 -11.05 42.21 -40.99
C LYS X 62 -10.76 43.41 -40.10
N PRO X 63 -11.79 44.11 -39.65
CA PRO X 63 -11.55 45.34 -38.87
C PRO X 63 -11.34 45.08 -37.39
N TRP X 64 -11.89 43.99 -36.87
CA TRP X 64 -11.98 43.76 -35.45
C TRP X 64 -11.46 42.38 -35.10
N ARG X 65 -11.21 42.17 -33.81
CA ARG X 65 -11.13 40.81 -33.34
C ARG X 65 -12.55 40.29 -33.07
N GLN X 66 -12.65 38.97 -32.87
CA GLN X 66 -13.96 38.35 -32.71
C GLN X 66 -14.57 38.69 -31.36
N LYS X 67 -13.79 38.57 -30.30
CA LYS X 67 -14.25 38.94 -28.97
C LYS X 67 -13.38 40.06 -28.42
N GLY X 68 -13.62 40.42 -27.19
CA GLY X 68 -12.96 41.58 -26.61
C GLY X 68 -13.78 42.83 -26.69
N THR X 69 -14.50 43.01 -27.79
CA THR X 69 -15.38 44.17 -27.91
C THR X 69 -16.80 43.89 -27.45
N GLY X 70 -17.19 42.62 -27.34
CA GLY X 70 -18.55 42.28 -26.98
C GLY X 70 -19.56 42.77 -27.99
N ARG X 71 -19.25 42.63 -29.27
CA ARG X 71 -19.87 43.41 -30.33
C ARG X 71 -20.13 42.48 -31.50
N ALA X 72 -21.03 42.89 -32.40
CA ALA X 72 -21.39 42.09 -33.57
C ALA X 72 -20.21 41.91 -34.52
N ARG X 73 -20.05 40.68 -34.99
CA ARG X 73 -18.89 40.29 -35.77
C ARG X 73 -18.94 40.86 -37.18
N GLN X 74 -17.77 41.25 -37.68
CA GLN X 74 -17.61 41.82 -39.00
C GLN X 74 -16.60 40.98 -39.79
N GLY X 75 -16.59 41.17 -41.11
CA GLY X 75 -15.63 40.48 -41.94
C GLY X 75 -14.80 41.38 -42.84
N SER X 76 -15.36 42.53 -43.19
CA SER X 76 -14.71 43.41 -44.14
C SER X 76 -15.24 44.82 -43.96
N ILE X 77 -14.47 45.79 -44.47
CA ILE X 77 -14.84 47.19 -44.32
C ILE X 77 -16.08 47.48 -45.14
N ARG X 78 -16.05 47.12 -46.41
CA ARG X 78 -17.09 47.45 -47.35
C ARG X 78 -17.79 46.17 -47.78
N SER X 79 -19.10 46.23 -47.84
CA SER X 79 -19.88 45.01 -47.78
C SER X 79 -21.26 45.44 -48.26
N PRO X 80 -22.28 44.58 -48.30
CA PRO X 80 -23.63 45.14 -48.53
C PRO X 80 -24.11 46.12 -47.47
N GLN X 81 -23.92 45.80 -46.20
CA GLN X 81 -24.60 46.54 -45.15
C GLN X 81 -24.00 47.92 -44.90
N TRP X 82 -22.71 48.09 -45.17
CA TRP X 82 -22.03 49.35 -44.92
C TRP X 82 -22.44 50.39 -45.95
N ARG X 83 -22.15 51.65 -45.65
CA ARG X 83 -22.30 52.65 -46.67
C ARG X 83 -21.13 52.55 -47.63
N GLY X 84 -21.38 52.85 -48.89
CA GLY X 84 -20.35 52.85 -49.91
C GLY X 84 -20.04 51.51 -50.53
N GLY X 85 -20.38 50.40 -49.88
CA GLY X 85 -19.95 49.09 -50.32
C GLY X 85 -20.60 48.63 -51.60
N GLY X 86 -20.15 47.47 -52.07
CA GLY X 86 -20.70 46.88 -53.27
C GLY X 86 -22.13 46.39 -53.05
N VAL X 87 -22.92 46.46 -54.10
CA VAL X 87 -24.36 46.29 -54.01
C VAL X 87 -24.74 44.96 -54.64
N VAL X 88 -25.64 44.22 -53.99
CA VAL X 88 -26.03 42.92 -54.49
C VAL X 88 -26.92 43.06 -55.70
N PHE X 89 -26.61 42.30 -56.76
CA PHE X 89 -27.47 42.05 -57.91
C PHE X 89 -27.81 43.32 -58.69
N GLY X 90 -26.82 44.16 -58.94
CA GLY X 90 -27.02 45.35 -59.70
C GLY X 90 -27.24 45.05 -61.17
N PRO X 91 -27.78 46.00 -61.93
CA PRO X 91 -27.93 45.79 -63.37
C PRO X 91 -26.60 45.86 -64.10
N THR X 92 -26.26 44.76 -64.79
CA THR X 92 -25.12 44.41 -65.63
C THR X 92 -25.47 44.60 -67.10
N PRO X 93 -24.49 44.75 -67.99
CA PRO X 93 -24.83 44.87 -69.42
C PRO X 93 -25.36 43.57 -69.98
N ARG X 94 -26.42 43.68 -70.79
CA ARG X 94 -27.13 42.52 -71.31
C ARG X 94 -27.43 42.65 -72.79
N SER X 95 -28.33 41.80 -73.28
CA SER X 95 -28.55 41.62 -74.71
C SER X 95 -29.79 42.36 -75.22
N TYR X 96 -30.96 42.02 -74.66
CA TYR X 96 -32.29 42.57 -74.93
C TYR X 96 -32.85 42.30 -76.33
N SER X 97 -32.06 41.73 -77.23
CA SER X 97 -32.43 41.72 -78.64
C SER X 97 -32.71 40.30 -79.08
N TYR X 98 -33.97 39.98 -79.33
CA TYR X 98 -34.32 38.67 -79.84
C TYR X 98 -34.99 38.80 -81.20
N LYS X 99 -35.13 37.66 -81.89
CA LYS X 99 -35.66 37.62 -83.25
C LYS X 99 -36.87 36.69 -83.32
N LEU X 100 -37.39 36.51 -84.52
CA LEU X 100 -38.64 35.83 -84.78
C LEU X 100 -38.53 35.04 -86.07
N PRO X 101 -39.43 34.08 -86.32
CA PRO X 101 -39.45 33.43 -87.63
C PRO X 101 -39.82 34.39 -88.74
N LYS X 102 -39.36 34.06 -89.95
CA LYS X 102 -39.53 34.92 -91.10
C LYS X 102 -40.98 35.02 -91.55
N LYS X 103 -41.80 34.05 -91.22
CA LYS X 103 -43.16 34.03 -91.73
C LYS X 103 -44.01 35.10 -91.06
N VAL X 104 -43.89 35.22 -89.73
CA VAL X 104 -44.73 36.18 -89.02
C VAL X 104 -44.31 37.61 -89.29
N ARG X 105 -43.06 37.82 -89.71
CA ARG X 105 -42.60 39.15 -90.09
C ARG X 105 -43.37 39.67 -91.31
N ARG X 106 -43.38 38.88 -92.38
CA ARG X 106 -44.10 39.28 -93.57
C ARG X 106 -45.61 39.25 -93.35
N LEU X 107 -46.08 38.38 -92.45
CA LEU X 107 -47.49 38.40 -92.08
C LEU X 107 -47.87 39.72 -91.43
N ALA X 108 -46.98 40.26 -90.59
CA ALA X 108 -47.26 41.52 -89.92
C ALA X 108 -47.22 42.69 -90.90
N MET X 109 -46.25 42.69 -91.82
CA MET X 109 -46.19 43.80 -92.77
C MET X 109 -47.40 43.83 -93.68
N LYS X 110 -47.82 42.65 -94.18
CA LYS X 110 -49.06 42.56 -94.94
C LYS X 110 -50.25 42.99 -94.11
N SER X 111 -50.23 42.69 -92.81
CA SER X 111 -51.35 43.00 -91.94
C SER X 111 -51.54 44.50 -91.80
N VAL X 112 -50.46 45.22 -91.53
CA VAL X 112 -50.58 46.66 -91.29
C VAL X 112 -50.82 47.41 -92.59
N LEU X 113 -50.24 46.95 -93.71
CA LEU X 113 -50.52 47.62 -94.96
C LEU X 113 -51.94 47.38 -95.44
N SER X 114 -52.50 46.20 -95.15
CA SER X 114 -53.92 45.97 -95.41
C SER X 114 -54.78 46.88 -94.55
N ASP X 115 -54.33 47.17 -93.32
CA ASP X 115 -55.05 48.13 -92.49
C ASP X 115 -55.04 49.53 -93.09
N LYS X 116 -53.89 49.96 -93.64
CA LYS X 116 -53.86 51.29 -94.24
C LYS X 116 -54.65 51.38 -95.54
N VAL X 117 -54.68 50.31 -96.33
CA VAL X 117 -55.49 50.33 -97.54
C VAL X 117 -56.97 50.35 -97.20
N ALA X 118 -57.38 49.57 -96.19
CA ALA X 118 -58.79 49.44 -95.85
C ALA X 118 -59.39 50.70 -95.24
N GLU X 119 -58.59 51.73 -94.95
CA GLU X 119 -59.11 52.98 -94.40
C GLU X 119 -58.62 54.18 -95.18
N ASN X 120 -58.25 53.99 -96.45
CA ASN X 120 -58.04 55.04 -97.44
C ASN X 120 -56.87 55.95 -97.10
N ASN X 121 -55.95 55.50 -96.26
CA ASN X 121 -54.93 56.37 -95.71
C ASN X 121 -53.70 56.49 -96.59
N LEU X 122 -53.80 56.13 -97.86
CA LEU X 122 -52.69 56.27 -98.77
C LEU X 122 -52.90 57.49 -99.65
N VAL X 123 -51.79 58.05 -100.13
CA VAL X 123 -51.81 59.24 -100.98
C VAL X 123 -51.07 58.88 -102.25
N ALA X 124 -51.80 58.77 -103.36
CA ALA X 124 -51.26 58.24 -104.60
C ALA X 124 -50.64 59.38 -105.43
N VAL X 125 -49.42 59.74 -105.10
CA VAL X 125 -48.66 60.68 -105.90
C VAL X 125 -48.08 59.94 -107.09
N GLU X 126 -48.23 60.49 -108.28
CA GLU X 126 -47.60 59.85 -109.43
C GLU X 126 -46.09 60.07 -109.42
N GLY X 127 -45.65 61.25 -109.02
CA GLY X 127 -44.22 61.51 -109.00
C GLY X 127 -43.95 62.91 -108.50
N LEU X 128 -42.70 63.11 -108.05
CA LEU X 128 -42.23 64.38 -107.50
C LEU X 128 -40.77 64.55 -107.87
N SER X 129 -40.45 65.57 -108.65
CA SER X 129 -39.05 65.83 -109.01
C SER X 129 -38.91 67.29 -109.34
N PHE X 130 -38.14 68.03 -108.53
CA PHE X 130 -38.13 69.48 -108.61
C PHE X 130 -36.70 69.96 -108.53
N ASP X 131 -36.50 71.23 -108.88
CA ASP X 131 -35.16 71.70 -109.18
C ASP X 131 -34.37 72.03 -107.92
N ALA X 132 -34.81 72.94 -107.22
CA ALA X 132 -34.16 73.35 -105.99
C ALA X 132 -34.83 72.71 -104.80
N PRO X 133 -34.09 72.40 -103.75
CA PRO X 133 -34.72 71.81 -102.56
C PRO X 133 -35.48 72.84 -101.73
N LYS X 134 -36.74 73.08 -102.06
CA LYS X 134 -37.53 74.09 -101.37
C LYS X 134 -38.59 73.42 -100.51
N THR X 135 -38.42 73.53 -99.19
CA THR X 135 -39.30 72.85 -98.26
C THR X 135 -40.70 73.44 -98.25
N LYS X 136 -40.79 74.74 -98.53
CA LYS X 136 -42.06 75.46 -98.50
C LYS X 136 -43.01 74.94 -99.56
N GLU X 137 -42.45 74.61 -100.73
CA GLU X 137 -43.23 74.03 -101.82
C GLU X 137 -43.79 72.68 -101.42
N PHE X 138 -43.02 71.90 -100.68
CA PHE X 138 -43.48 70.60 -100.22
C PHE X 138 -44.63 70.75 -99.23
N LYS X 139 -44.55 71.76 -98.38
CA LYS X 139 -45.66 72.09 -97.49
C LYS X 139 -46.89 72.48 -98.27
N GLN X 140 -46.71 73.22 -99.36
CA GLN X 140 -47.83 73.57 -100.22
C GLN X 140 -48.42 72.35 -100.88
N VAL X 141 -47.58 71.37 -101.21
CA VAL X 141 -48.05 70.12 -101.81
C VAL X 141 -48.94 69.38 -100.82
N LEU X 142 -48.49 69.29 -99.57
CA LEU X 142 -49.33 68.65 -98.55
C LEU X 142 -50.58 69.44 -98.25
N ALA X 143 -50.51 70.76 -98.42
CA ALA X 143 -51.71 71.58 -98.29
C ALA X 143 -52.69 71.28 -99.42
N ASN X 144 -52.17 71.01 -100.61
CA ASN X 144 -53.03 70.71 -101.73
C ASN X 144 -53.69 69.35 -101.60
N LEU X 145 -53.05 68.44 -100.87
CA LEU X 145 -53.59 67.11 -100.70
C LEU X 145 -54.35 66.95 -99.40
N SER X 146 -54.50 68.03 -98.64
CA SER X 146 -55.24 68.08 -97.37
C SER X 146 -54.69 67.06 -96.37
N ILE X 147 -53.45 67.28 -95.96
CA ILE X 147 -52.72 66.38 -95.08
C ILE X 147 -52.36 67.14 -93.80
N ASP X 148 -52.72 66.57 -92.65
CA ASP X 148 -52.49 67.20 -91.35
C ASP X 148 -51.48 66.45 -90.50
N THR X 149 -51.75 65.18 -90.22
CA THR X 149 -51.07 64.45 -89.18
C THR X 149 -49.71 63.94 -89.61
N LYS X 150 -49.19 63.00 -88.84
CA LYS X 150 -47.99 62.26 -89.20
C LYS X 150 -48.16 61.58 -90.54
N VAL X 151 -47.11 61.65 -91.37
CA VAL X 151 -47.20 61.11 -92.72
C VAL X 151 -45.86 60.53 -93.11
N LEU X 152 -45.91 59.43 -93.86
CA LEU X 152 -44.72 58.83 -94.45
C LEU X 152 -44.48 59.40 -95.84
N VAL X 153 -43.32 60.02 -96.01
CA VAL X 153 -42.87 60.44 -97.33
C VAL X 153 -42.07 59.28 -97.90
N VAL X 154 -42.62 58.63 -98.91
CA VAL X 154 -42.00 57.44 -99.49
C VAL X 154 -41.41 57.82 -100.83
N LEU X 155 -40.09 57.76 -100.93
CA LEU X 155 -39.45 57.91 -102.23
C LEU X 155 -39.34 56.57 -102.94
N GLU X 156 -38.98 56.62 -104.21
CA GLU X 156 -38.87 55.43 -105.02
C GLU X 156 -37.43 54.93 -105.04
N ASN X 157 -36.50 55.81 -105.40
CA ASN X 157 -35.07 55.56 -105.39
C ASN X 157 -34.39 56.87 -105.05
N GLY X 158 -33.13 57.00 -105.44
CA GLY X 158 -32.32 58.13 -104.99
C GLY X 158 -32.74 59.48 -105.53
N ASN X 159 -33.91 59.93 -105.10
CA ASN X 159 -34.44 61.26 -105.41
C ASN X 159 -33.83 62.19 -104.38
N ASP X 160 -32.86 63.00 -104.80
CA ASP X 160 -32.23 63.92 -103.87
C ASP X 160 -33.17 65.09 -103.53
N PHE X 161 -33.63 65.80 -104.55
CA PHE X 161 -34.41 67.00 -104.34
C PHE X 161 -35.84 66.71 -103.93
N ALA X 162 -36.26 65.45 -103.91
CA ALA X 162 -37.49 65.06 -103.26
C ALA X 162 -37.24 64.49 -101.88
N ALA X 163 -36.04 64.68 -101.35
CA ALA X 163 -35.69 64.25 -100.00
C ALA X 163 -35.20 65.39 -99.13
N LEU X 164 -34.46 66.35 -99.72
CA LEU X 164 -33.94 67.46 -98.93
C LEU X 164 -35.02 68.40 -98.45
N SER X 165 -36.19 68.38 -99.07
CA SER X 165 -37.24 69.33 -98.73
C SER X 165 -38.17 68.80 -97.65
N ALA X 166 -37.66 67.97 -96.74
CA ALA X 166 -38.52 67.21 -95.85
C ALA X 166 -37.96 67.17 -94.43
N ARG X 167 -37.51 68.31 -93.92
CA ARG X 167 -37.08 68.39 -92.52
C ARG X 167 -37.94 69.39 -91.79
N ASN X 168 -39.24 69.25 -91.99
CA ASN X 168 -40.29 70.07 -91.42
C ASN X 168 -40.60 69.58 -90.01
N LEU X 169 -41.74 69.99 -89.48
CA LEU X 169 -42.31 69.40 -88.29
C LEU X 169 -42.53 67.90 -88.53
N PRO X 170 -42.39 67.06 -87.47
CA PRO X 170 -42.23 65.62 -87.69
C PRO X 170 -43.49 64.87 -88.12
N ASN X 171 -44.53 65.61 -88.52
CA ASN X 171 -45.53 65.05 -89.41
C ASN X 171 -44.87 64.44 -90.63
N VAL X 172 -43.89 65.15 -91.19
CA VAL X 172 -43.03 64.62 -92.22
C VAL X 172 -42.19 63.48 -91.66
N SER X 173 -42.10 62.39 -92.41
CA SER X 173 -41.18 61.31 -92.10
C SER X 173 -40.66 60.70 -93.39
N VAL X 174 -39.34 60.60 -93.49
CA VAL X 174 -38.63 60.49 -94.77
C VAL X 174 -38.02 59.10 -94.87
N VAL X 175 -38.70 58.18 -95.54
CA VAL X 175 -38.22 56.82 -95.71
C VAL X 175 -38.19 56.51 -97.21
N THR X 176 -37.13 55.84 -97.66
CA THR X 176 -37.05 55.41 -99.05
C THR X 176 -37.88 54.15 -99.25
N SER X 177 -37.71 53.51 -100.40
CA SER X 177 -38.36 52.23 -100.66
C SER X 177 -37.71 51.09 -99.92
N ASP X 178 -36.54 51.32 -99.34
CA ASP X 178 -35.66 50.25 -98.90
C ASP X 178 -35.73 50.03 -97.40
N ASN X 179 -35.72 51.11 -96.61
CA ASN X 179 -35.64 51.05 -95.16
C ASN X 179 -37.00 51.04 -94.50
N VAL X 180 -38.03 50.51 -95.16
CA VAL X 180 -39.36 50.54 -94.59
C VAL X 180 -39.44 49.51 -93.49
N SER X 181 -39.47 49.97 -92.26
CA SER X 181 -39.58 49.12 -91.09
C SER X 181 -41.06 48.93 -90.76
N VAL X 182 -41.36 48.46 -89.56
CA VAL X 182 -42.75 48.20 -89.21
C VAL X 182 -43.39 49.40 -88.53
N LEU X 183 -42.68 49.98 -87.55
CA LEU X 183 -43.27 50.97 -86.65
C LEU X 183 -43.72 52.23 -87.38
N ASP X 184 -43.03 52.58 -88.46
CA ASP X 184 -43.43 53.73 -89.25
C ASP X 184 -44.75 53.48 -89.93
N VAL X 185 -45.01 52.25 -90.34
CA VAL X 185 -46.31 51.89 -90.87
C VAL X 185 -47.33 51.80 -89.74
N VAL X 186 -46.90 51.62 -88.50
CA VAL X 186 -47.87 51.69 -87.42
C VAL X 186 -48.20 53.13 -87.10
N SER X 187 -47.20 54.01 -87.20
CA SER X 187 -47.28 55.32 -86.58
C SER X 187 -48.22 56.25 -87.34
N ALA X 188 -47.89 56.56 -88.60
CA ALA X 188 -48.53 57.67 -89.29
C ALA X 188 -49.97 57.36 -89.70
N ASN X 189 -50.78 58.40 -89.78
CA ASN X 189 -52.16 58.26 -90.23
C ASN X 189 -52.30 58.39 -91.72
N LYS X 190 -51.28 58.89 -92.42
CA LYS X 190 -51.31 58.98 -93.86
C LYS X 190 -49.96 58.55 -94.40
N VAL X 191 -49.94 58.13 -95.66
CA VAL X 191 -48.74 57.68 -96.34
C VAL X 191 -48.74 58.18 -97.78
N LEU X 192 -47.67 58.89 -98.16
CA LEU X 192 -47.44 59.17 -99.56
C LEU X 192 -47.08 57.89 -100.30
N ALA X 193 -47.78 57.63 -101.39
CA ALA X 193 -47.51 56.46 -102.24
C ALA X 193 -47.05 56.98 -103.59
N THR X 194 -45.75 57.07 -103.77
CA THR X 194 -45.21 57.27 -105.10
C THR X 194 -45.18 55.94 -105.84
N GLN X 195 -45.27 56.03 -107.18
CA GLN X 195 -45.76 54.89 -107.96
C GLN X 195 -44.78 53.74 -108.01
N THR X 196 -43.54 53.98 -108.41
CA THR X 196 -42.66 52.82 -108.54
C THR X 196 -42.14 52.35 -107.20
N ALA X 197 -42.27 53.19 -106.17
CA ALA X 197 -42.06 52.71 -104.82
C ALA X 197 -43.09 51.67 -104.45
N LEU X 198 -44.34 51.85 -104.92
CA LEU X 198 -45.36 50.83 -104.72
C LEU X 198 -44.99 49.55 -105.45
N THR X 199 -44.38 49.66 -106.63
CA THR X 199 -43.96 48.47 -107.35
C THR X 199 -42.85 47.76 -106.62
N GLN X 200 -41.85 48.50 -106.15
CA GLN X 200 -40.71 47.90 -105.47
C GLN X 200 -41.12 47.29 -104.14
N ILE X 201 -42.11 47.87 -103.47
CA ILE X 201 -42.68 47.23 -102.29
C ILE X 201 -43.45 45.99 -102.71
N GLU X 202 -44.12 46.00 -103.87
CA GLU X 202 -44.76 44.78 -104.33
C GLU X 202 -43.77 43.73 -104.80
N GLU X 203 -42.51 44.09 -105.02
CA GLU X 203 -41.53 43.15 -105.54
C GLU X 203 -40.57 42.63 -104.47
N VAL X 204 -40.04 43.51 -103.62
CA VAL X 204 -39.15 43.06 -102.56
C VAL X 204 -39.91 42.22 -101.55
N LEU X 205 -41.14 42.62 -101.24
CA LEU X 205 -42.01 41.77 -100.46
C LEU X 205 -42.63 40.65 -101.30
N ALA X 206 -42.48 40.72 -102.62
CA ALA X 206 -43.03 39.78 -103.60
C ALA X 206 -44.54 39.64 -103.47
N ASN Y 1 -46.10 -85.88 -35.09
CA ASN Y 1 -45.96 -87.31 -35.34
C ASN Y 1 -46.79 -88.10 -34.37
N ARG Y 2 -46.16 -88.48 -33.26
CA ARG Y 2 -46.85 -89.27 -32.24
C ARG Y 2 -47.93 -88.45 -31.56
N LEU Y 3 -47.58 -87.26 -31.12
CA LEU Y 3 -48.46 -86.50 -30.24
C LEU Y 3 -49.60 -85.84 -31.01
N LYS Y 4 -49.47 -85.71 -32.33
CA LYS Y 4 -50.63 -85.47 -33.17
C LYS Y 4 -51.62 -86.61 -33.02
N GLU Y 5 -51.10 -87.83 -33.10
CA GLU Y 5 -51.95 -89.00 -33.06
C GLU Y 5 -52.46 -89.28 -31.66
N LYS Y 6 -51.78 -88.80 -30.63
CA LYS Y 6 -52.38 -88.88 -29.29
C LYS Y 6 -53.55 -87.92 -29.16
N TYR Y 7 -53.46 -86.75 -29.81
CA TYR Y 7 -54.59 -85.83 -29.87
C TYR Y 7 -55.74 -86.48 -30.61
N ILE Y 8 -55.42 -87.24 -31.65
CA ILE Y 8 -56.43 -87.99 -32.39
C ILE Y 8 -57.06 -89.05 -31.49
N LYS Y 9 -56.23 -89.81 -30.78
CA LYS Y 9 -56.72 -90.92 -29.98
C LYS Y 9 -57.40 -90.45 -28.71
N GLU Y 10 -56.66 -89.80 -27.85
CA GLU Y 10 -57.07 -89.75 -26.45
C GLU Y 10 -57.13 -88.35 -25.86
N VAL Y 11 -56.23 -87.45 -26.27
CA VAL Y 11 -56.11 -86.15 -25.61
C VAL Y 11 -57.34 -85.30 -25.86
N THR Y 12 -57.63 -85.03 -27.13
CA THR Y 12 -58.78 -84.20 -27.46
C THR Y 12 -60.14 -84.76 -27.03
N PRO Y 13 -60.43 -86.08 -27.06
CA PRO Y 13 -61.66 -86.51 -26.40
C PRO Y 13 -61.62 -86.39 -24.90
N SER Y 14 -60.45 -86.54 -24.26
CA SER Y 14 -60.38 -86.28 -22.83
C SER Y 14 -60.59 -84.80 -22.54
N LEU Y 15 -60.12 -83.93 -23.43
CA LEU Y 15 -60.36 -82.51 -23.27
C LEU Y 15 -61.83 -82.17 -23.48
N VAL Y 16 -62.53 -82.92 -24.33
CA VAL Y 16 -63.97 -82.75 -24.43
C VAL Y 16 -64.66 -83.26 -23.17
N GLU Y 17 -64.23 -84.43 -22.68
CA GLU Y 17 -64.84 -85.02 -21.49
C GLU Y 17 -64.56 -84.23 -20.22
N LYS Y 18 -63.55 -83.36 -20.23
CA LYS Y 18 -63.36 -82.43 -19.13
C LYS Y 18 -64.08 -81.11 -19.38
N PHE Y 19 -63.77 -80.45 -20.48
CA PHE Y 19 -64.12 -79.04 -20.63
C PHE Y 19 -65.44 -78.82 -21.33
N ASN Y 20 -65.97 -79.85 -22.01
CA ASN Y 20 -67.38 -79.96 -22.42
C ASN Y 20 -67.78 -78.84 -23.38
N TYR Y 21 -67.16 -78.88 -24.57
CA TYR Y 21 -67.33 -77.84 -25.55
C TYR Y 21 -68.65 -78.00 -26.31
N SER Y 22 -68.88 -77.13 -27.29
CA SER Y 22 -69.95 -77.32 -28.25
C SER Y 22 -69.42 -77.62 -29.64
N SER Y 23 -68.11 -77.62 -29.83
CA SER Y 23 -67.48 -78.10 -31.05
C SER Y 23 -66.04 -78.45 -30.75
N VAL Y 24 -65.43 -79.21 -31.65
CA VAL Y 24 -63.99 -79.40 -31.64
C VAL Y 24 -63.29 -78.16 -32.19
N MET Y 25 -64.03 -77.26 -32.82
CA MET Y 25 -63.45 -75.96 -33.12
C MET Y 25 -63.35 -75.05 -31.89
N GLN Y 26 -63.76 -75.52 -30.71
CA GLN Y 26 -63.55 -74.79 -29.46
C GLN Y 26 -62.32 -75.30 -28.72
N THR Y 27 -61.41 -75.99 -29.39
CA THR Y 27 -60.39 -76.72 -28.67
C THR Y 27 -59.03 -76.01 -28.69
N PRO Y 28 -58.26 -76.12 -27.61
CA PRO Y 28 -56.94 -75.48 -27.57
C PRO Y 28 -55.88 -76.32 -28.26
N LYS Y 29 -54.91 -75.62 -28.84
CA LYS Y 29 -53.88 -76.20 -29.68
C LYS Y 29 -52.52 -75.77 -29.15
N VAL Y 30 -51.47 -76.21 -29.84
CA VAL Y 30 -50.10 -75.80 -29.57
C VAL Y 30 -49.52 -75.29 -30.88
N ASP Y 31 -48.93 -74.09 -30.86
CA ASP Y 31 -48.50 -73.52 -32.13
C ASP Y 31 -47.01 -73.22 -32.22
N LYS Y 32 -46.44 -72.45 -31.30
CA LYS Y 32 -45.12 -71.90 -31.53
C LYS Y 32 -44.14 -72.27 -30.43
N ILE Y 33 -42.88 -72.40 -30.84
CA ILE Y 33 -41.75 -72.54 -29.94
C ILE Y 33 -40.72 -71.50 -30.33
N VAL Y 34 -40.49 -70.52 -29.45
CA VAL Y 34 -39.60 -69.41 -29.73
C VAL Y 34 -38.36 -69.57 -28.87
N ILE Y 35 -37.19 -69.45 -29.50
CA ILE Y 35 -35.92 -69.80 -28.88
C ILE Y 35 -35.02 -68.57 -28.91
N ASN Y 36 -34.29 -68.33 -27.83
CA ASN Y 36 -33.45 -67.15 -27.74
C ASN Y 36 -32.08 -67.52 -27.19
N MET Y 37 -31.04 -66.96 -27.81
CA MET Y 37 -29.67 -67.12 -27.34
C MET Y 37 -28.94 -65.79 -27.49
N GLY Y 38 -28.82 -65.06 -26.38
CA GLY Y 38 -28.04 -63.84 -26.34
C GLY Y 38 -26.62 -64.11 -25.90
N VAL Y 39 -25.77 -63.10 -26.12
CA VAL Y 39 -24.38 -63.23 -25.69
C VAL Y 39 -24.03 -62.12 -24.72
N GLY Y 40 -24.06 -60.88 -25.17
CA GLY Y 40 -23.65 -59.78 -24.31
C GLY Y 40 -22.15 -59.53 -24.31
N ASP Y 41 -21.38 -60.62 -24.38
CA ASP Y 41 -19.94 -60.58 -24.55
C ASP Y 41 -19.55 -60.31 -26.00
N ALA Y 42 -20.53 -60.20 -26.90
CA ALA Y 42 -20.27 -59.81 -28.28
C ALA Y 42 -19.82 -58.36 -28.40
N VAL Y 43 -19.94 -57.58 -27.32
CA VAL Y 43 -19.15 -56.37 -27.15
C VAL Y 43 -17.68 -56.69 -27.41
N SER Y 44 -17.18 -57.76 -26.79
CA SER Y 44 -15.82 -58.20 -27.06
C SER Y 44 -15.75 -59.00 -28.36
N ASN Y 45 -16.41 -60.15 -28.41
CA ASN Y 45 -16.29 -61.03 -29.57
C ASN Y 45 -17.60 -61.73 -29.86
N ALA Y 46 -18.00 -61.69 -31.13
CA ALA Y 46 -19.16 -62.38 -31.62
C ALA Y 46 -18.86 -63.81 -32.06
N LYS Y 47 -17.71 -64.36 -31.66
CA LYS Y 47 -17.43 -65.76 -31.97
C LYS Y 47 -18.19 -66.68 -31.05
N ASN Y 48 -18.64 -66.17 -29.90
CA ASN Y 48 -19.64 -66.85 -29.10
C ASN Y 48 -20.97 -66.92 -29.86
N LEU Y 49 -21.33 -65.82 -30.53
CA LEU Y 49 -22.48 -65.86 -31.43
C LEU Y 49 -22.27 -66.83 -32.57
N ASP Y 50 -21.04 -66.94 -33.05
CA ASP Y 50 -20.73 -67.83 -34.17
C ASP Y 50 -20.98 -69.29 -33.81
N LYS Y 51 -20.32 -69.76 -32.76
CA LYS Y 51 -20.51 -71.13 -32.33
C LYS Y 51 -21.88 -71.35 -31.71
N ALA Y 52 -22.53 -70.30 -31.21
CA ALA Y 52 -23.88 -70.44 -30.70
C ALA Y 52 -24.87 -70.70 -31.83
N VAL Y 53 -24.74 -69.97 -32.93
CA VAL Y 53 -25.54 -70.23 -34.13
C VAL Y 53 -25.21 -71.61 -34.69
N GLU Y 54 -23.94 -72.02 -34.58
CA GLU Y 54 -23.57 -73.38 -34.96
C GLU Y 54 -24.29 -74.42 -34.12
N GLU Y 55 -24.36 -74.20 -32.81
CA GLU Y 55 -25.07 -75.11 -31.92
C GLU Y 55 -26.55 -75.14 -32.21
N LEU Y 56 -27.15 -73.98 -32.47
CA LEU Y 56 -28.58 -73.92 -32.72
C LEU Y 56 -28.94 -74.57 -34.05
N ALA Y 57 -28.11 -74.36 -35.07
CA ALA Y 57 -28.29 -75.01 -36.35
C ALA Y 57 -28.07 -76.51 -36.24
N LEU Y 58 -27.26 -76.95 -35.28
CA LEU Y 58 -27.19 -78.39 -35.01
C LEU Y 58 -28.32 -78.87 -34.11
N ILE Y 59 -29.04 -77.96 -33.43
CA ILE Y 59 -30.23 -78.39 -32.70
C ILE Y 59 -31.37 -78.65 -33.67
N THR Y 60 -31.79 -77.62 -34.39
CA THR Y 60 -32.86 -77.74 -35.37
C THR Y 60 -32.38 -77.23 -36.72
N GLY Y 61 -33.12 -77.58 -37.76
CA GLY Y 61 -32.75 -77.25 -39.12
C GLY Y 61 -33.08 -75.83 -39.52
N GLN Y 62 -32.54 -74.86 -38.79
CA GLN Y 62 -32.67 -73.45 -39.11
C GLN Y 62 -31.34 -72.77 -38.87
N LYS Y 63 -31.30 -71.49 -39.26
CA LYS Y 63 -30.36 -70.57 -38.68
C LYS Y 63 -31.14 -69.39 -38.13
N PRO Y 64 -30.80 -68.91 -36.95
CA PRO Y 64 -31.57 -67.84 -36.31
C PRO Y 64 -31.28 -66.48 -36.94
N LEU Y 65 -31.92 -65.46 -36.38
CA LEU Y 65 -31.61 -64.08 -36.72
C LEU Y 65 -30.43 -63.61 -35.86
N ILE Y 66 -30.12 -62.32 -35.95
CA ILE Y 66 -29.08 -61.70 -35.13
C ILE Y 66 -29.72 -60.45 -34.54
N THR Y 67 -30.27 -60.55 -33.34
CA THR Y 67 -31.10 -59.47 -32.81
C THR Y 67 -30.23 -58.38 -32.24
N LYS Y 68 -30.53 -57.15 -32.61
CA LYS Y 68 -29.72 -56.00 -32.21
C LYS Y 68 -30.23 -55.45 -30.88
N ALA Y 69 -29.79 -54.25 -30.53
CA ALA Y 69 -29.97 -53.75 -29.18
C ALA Y 69 -31.35 -53.14 -28.96
N LYS Y 70 -31.78 -52.23 -29.83
CA LYS Y 70 -33.00 -51.41 -29.73
C LYS Y 70 -33.03 -50.53 -28.47
N LYS Y 71 -31.88 -50.26 -27.86
CA LYS Y 71 -31.80 -49.42 -26.67
C LYS Y 71 -30.50 -48.63 -26.78
N SER Y 72 -30.08 -48.03 -25.66
CA SER Y 72 -28.71 -47.54 -25.52
C SER Y 72 -28.41 -47.49 -24.03
N ILE Y 73 -27.71 -48.50 -23.52
CA ILE Y 73 -27.43 -48.62 -22.09
C ILE Y 73 -25.93 -48.61 -21.89
N ALA Y 74 -25.42 -47.57 -21.23
CA ALA Y 74 -24.00 -47.52 -20.89
C ALA Y 74 -23.65 -48.52 -19.80
N GLY Y 75 -24.62 -48.92 -18.97
CA GLY Y 75 -24.34 -49.91 -17.95
C GLY Y 75 -24.05 -51.28 -18.53
N PHE Y 76 -24.75 -51.64 -19.59
CA PHE Y 76 -24.40 -52.84 -20.34
C PHE Y 76 -23.43 -52.56 -21.48
N ARG Y 77 -22.98 -51.30 -21.61
CA ARG Y 77 -22.21 -50.79 -22.75
C ARG Y 77 -22.93 -51.02 -24.07
N LEU Y 78 -24.09 -50.36 -24.21
CA LEU Y 78 -24.94 -50.54 -25.38
C LEU Y 78 -25.19 -49.21 -26.07
N ARG Y 79 -25.05 -49.21 -27.39
CA ARG Y 79 -25.62 -48.20 -28.27
C ARG Y 79 -26.89 -48.75 -28.87
N GLU Y 80 -27.42 -48.06 -29.86
CA GLU Y 80 -28.36 -48.71 -30.74
C GLU Y 80 -27.63 -49.67 -31.68
N GLY Y 81 -28.37 -50.65 -32.18
CA GLY Y 81 -27.90 -51.51 -33.24
C GLY Y 81 -26.87 -52.56 -32.86
N MET Y 82 -26.51 -52.66 -31.59
CA MET Y 82 -25.52 -53.64 -31.20
C MET Y 82 -26.15 -55.02 -31.17
N PRO Y 83 -25.65 -55.98 -31.96
CA PRO Y 83 -26.30 -57.29 -32.03
C PRO Y 83 -26.10 -58.09 -30.75
N ILE Y 84 -27.18 -58.68 -30.25
CA ILE Y 84 -27.15 -59.36 -28.96
C ILE Y 84 -27.55 -60.82 -29.06
N GLY Y 85 -28.76 -61.10 -29.57
CA GLY Y 85 -29.34 -62.42 -29.50
C GLY Y 85 -29.71 -63.02 -30.86
N ALA Y 86 -30.35 -64.18 -30.79
CA ALA Y 86 -30.63 -64.99 -31.97
C ALA Y 86 -31.91 -65.78 -31.76
N LYS Y 87 -32.75 -65.86 -32.79
CA LYS Y 87 -34.12 -66.33 -32.63
C LYS Y 87 -34.41 -67.51 -33.54
N VAL Y 88 -34.81 -68.64 -32.94
CA VAL Y 88 -35.21 -69.83 -33.66
C VAL Y 88 -36.68 -70.09 -33.37
N THR Y 89 -37.45 -70.41 -34.40
CA THR Y 89 -38.84 -70.80 -34.27
C THR Y 89 -39.02 -72.24 -34.74
N LEU Y 90 -40.18 -72.82 -34.43
CA LEU Y 90 -40.47 -74.21 -34.80
C LEU Y 90 -41.89 -74.35 -35.29
N ARG Y 91 -42.07 -75.15 -36.35
CA ARG Y 91 -43.37 -75.56 -36.87
C ARG Y 91 -43.30 -77.02 -37.29
N GLY Y 92 -44.45 -77.59 -37.65
CA GLY Y 92 -44.49 -78.89 -38.29
C GLY Y 92 -44.11 -80.02 -37.36
N GLU Y 93 -43.38 -81.00 -37.91
CA GLU Y 93 -42.84 -82.08 -37.08
C GLU Y 93 -41.79 -81.56 -36.12
N ARG Y 94 -41.11 -80.47 -36.50
CA ARG Y 94 -40.05 -79.91 -35.66
C ARG Y 94 -40.60 -79.35 -34.36
N MET Y 95 -41.90 -79.07 -34.30
CA MET Y 95 -42.57 -79.04 -33.02
C MET Y 95 -42.43 -80.39 -32.37
N TYR Y 96 -43.06 -81.40 -32.97
CA TYR Y 96 -43.33 -82.66 -32.29
C TYR Y 96 -42.07 -83.50 -32.12
N GLU Y 97 -41.15 -83.44 -33.06
CA GLU Y 97 -39.88 -84.12 -32.89
C GLU Y 97 -39.10 -83.53 -31.73
N PHE Y 98 -39.15 -82.21 -31.58
CA PHE Y 98 -38.47 -81.58 -30.45
C PHE Y 98 -39.20 -81.87 -29.14
N LEU Y 99 -40.53 -82.01 -29.21
CA LEU Y 99 -41.31 -82.41 -28.04
C LEU Y 99 -40.89 -83.79 -27.56
N ASP Y 100 -40.76 -84.72 -28.49
CA ASP Y 100 -40.36 -86.07 -28.12
C ASP Y 100 -38.88 -86.11 -27.74
N LYS Y 101 -38.07 -85.18 -28.26
CA LYS Y 101 -36.70 -85.04 -27.75
C LYS Y 101 -36.69 -84.63 -26.29
N LEU Y 102 -37.53 -83.66 -25.92
CA LEU Y 102 -37.65 -83.26 -24.53
C LEU Y 102 -38.23 -84.37 -23.66
N VAL Y 103 -39.09 -85.21 -24.23
CA VAL Y 103 -39.59 -86.37 -23.49
C VAL Y 103 -38.47 -87.37 -23.24
N THR Y 104 -37.72 -87.70 -24.28
CA THR Y 104 -36.87 -88.87 -24.28
C THR Y 104 -35.42 -88.59 -23.89
N VAL Y 105 -34.76 -87.67 -24.57
CA VAL Y 105 -33.30 -87.64 -24.50
C VAL Y 105 -32.80 -86.59 -23.51
N SER Y 106 -33.19 -85.34 -23.72
CA SER Y 106 -32.51 -84.23 -23.07
C SER Y 106 -32.85 -84.15 -21.58
N LEU Y 107 -34.12 -83.98 -21.27
CA LEU Y 107 -34.57 -83.65 -19.91
C LEU Y 107 -34.36 -84.74 -18.87
N PRO Y 108 -34.43 -86.06 -19.19
CA PRO Y 108 -33.89 -87.03 -18.22
C PRO Y 108 -32.38 -87.25 -18.30
N ARG Y 109 -31.63 -86.31 -18.88
CA ARG Y 109 -30.17 -86.27 -18.77
C ARG Y 109 -29.69 -84.92 -18.24
N VAL Y 110 -30.38 -84.39 -17.23
CA VAL Y 110 -30.06 -83.10 -16.64
C VAL Y 110 -29.81 -83.31 -15.16
N ARG Y 111 -28.63 -82.88 -14.70
CA ARG Y 111 -28.18 -83.10 -13.32
C ARG Y 111 -29.13 -82.47 -12.31
N ASP Y 112 -29.04 -82.98 -11.08
CA ASP Y 112 -30.02 -82.75 -10.01
C ASP Y 112 -31.43 -83.09 -10.50
N PHE Y 113 -31.58 -84.40 -10.74
CA PHE Y 113 -32.78 -84.96 -11.34
C PHE Y 113 -33.98 -84.83 -10.41
N HIS Y 114 -34.93 -83.97 -10.78
CA HIS Y 114 -36.18 -83.86 -10.06
C HIS Y 114 -37.40 -83.96 -10.96
N GLY Y 115 -37.33 -83.38 -12.15
CA GLY Y 115 -38.48 -83.33 -13.03
C GLY Y 115 -38.59 -82.03 -13.80
N VAL Y 116 -39.75 -81.38 -13.72
CA VAL Y 116 -40.00 -80.12 -14.39
C VAL Y 116 -40.56 -79.12 -13.38
N SER Y 117 -39.92 -77.95 -13.29
CA SER Y 117 -40.45 -76.85 -12.48
C SER Y 117 -41.78 -76.38 -13.05
N LYS Y 118 -42.72 -76.11 -12.15
CA LYS Y 118 -44.10 -75.88 -12.57
C LYS Y 118 -44.36 -74.42 -12.93
N LYS Y 119 -43.99 -73.50 -12.06
CA LYS Y 119 -44.51 -72.14 -12.06
C LYS Y 119 -43.95 -71.28 -13.19
N ALA Y 120 -44.37 -71.54 -14.42
CA ALA Y 120 -43.98 -70.74 -15.58
C ALA Y 120 -45.19 -70.13 -16.26
N PHE Y 121 -46.17 -69.76 -15.44
CA PHE Y 121 -47.57 -69.84 -15.83
C PHE Y 121 -47.96 -68.73 -16.81
N ASP Y 122 -47.59 -67.48 -16.51
CA ASP Y 122 -48.02 -66.26 -17.19
C ASP Y 122 -49.54 -66.08 -17.20
N GLY Y 123 -50.28 -66.78 -16.36
CA GLY Y 123 -51.72 -66.71 -16.40
C GLY Y 123 -52.36 -67.49 -17.53
N ARG Y 124 -51.91 -67.23 -18.75
CA ARG Y 124 -52.53 -67.76 -19.96
C ARG Y 124 -51.74 -68.91 -20.56
N GLY Y 125 -50.93 -69.59 -19.74
CA GLY Y 125 -50.21 -70.77 -20.17
C GLY Y 125 -49.08 -70.51 -21.14
N ASN Y 126 -48.03 -69.84 -20.69
CA ASN Y 126 -46.89 -69.49 -21.55
C ASN Y 126 -45.62 -69.93 -20.82
N TYR Y 127 -45.26 -71.20 -20.96
CA TYR Y 127 -44.21 -71.79 -20.12
C TYR Y 127 -42.85 -71.53 -20.75
N THR Y 128 -42.08 -70.65 -20.13
CA THR Y 128 -40.72 -70.36 -20.55
C THR Y 128 -39.76 -70.92 -19.53
N LEU Y 129 -38.89 -71.82 -19.96
CA LEU Y 129 -37.96 -72.49 -19.07
C LEU Y 129 -36.56 -72.08 -19.46
N GLY Y 130 -35.95 -71.21 -18.66
CA GLY Y 130 -34.60 -70.81 -18.93
C GLY Y 130 -33.67 -71.94 -18.56
N ILE Y 131 -33.18 -72.65 -19.55
CA ILE Y 131 -32.47 -73.91 -19.33
C ILE Y 131 -31.08 -73.61 -18.78
N LYS Y 132 -30.61 -74.45 -17.86
CA LYS Y 132 -29.32 -74.24 -17.22
C LYS Y 132 -28.16 -74.50 -18.18
N GLU Y 133 -28.16 -75.66 -18.84
CA GLU Y 133 -26.96 -76.18 -19.48
C GLU Y 133 -27.05 -76.10 -21.00
N GLN Y 134 -25.88 -76.19 -21.63
CA GLN Y 134 -25.71 -76.31 -23.07
C GLN Y 134 -25.38 -77.72 -23.52
N LEU Y 135 -24.74 -78.51 -22.67
CA LEU Y 135 -24.20 -79.82 -23.04
C LEU Y 135 -25.21 -80.94 -22.92
N ILE Y 136 -26.50 -80.62 -22.82
CA ILE Y 136 -27.51 -81.64 -22.53
C ILE Y 136 -27.77 -82.50 -23.76
N PHE Y 137 -27.91 -81.87 -24.91
CA PHE Y 137 -28.46 -82.49 -26.09
C PHE Y 137 -27.44 -83.44 -26.72
N PRO Y 138 -27.90 -84.51 -27.39
CA PRO Y 138 -26.94 -85.48 -27.96
C PRO Y 138 -26.21 -84.95 -29.17
N GLU Y 139 -26.69 -83.86 -29.75
CA GLU Y 139 -26.09 -83.18 -30.88
C GLU Y 139 -24.95 -82.25 -30.48
N VAL Y 140 -24.54 -82.29 -29.21
CA VAL Y 140 -23.61 -81.32 -28.64
C VAL Y 140 -22.24 -81.96 -28.52
N ASP Y 141 -21.23 -81.28 -29.07
CA ASP Y 141 -19.84 -81.70 -28.92
C ASP Y 141 -19.28 -81.06 -27.66
N TYR Y 142 -18.75 -81.89 -26.76
CA TYR Y 142 -18.04 -81.40 -25.59
C TYR Y 142 -16.80 -80.61 -25.99
N ASP Y 143 -16.18 -80.98 -27.11
CA ASP Y 143 -14.95 -80.38 -27.58
C ASP Y 143 -15.18 -79.13 -28.39
N LEU Y 144 -16.36 -78.51 -28.27
CA LEU Y 144 -16.60 -77.24 -28.93
C LEU Y 144 -17.18 -76.23 -27.94
N VAL Y 145 -17.90 -76.72 -26.95
CA VAL Y 145 -18.59 -75.86 -26.00
C VAL Y 145 -17.58 -75.26 -25.03
N ASP Y 146 -17.63 -73.93 -24.89
CA ASP Y 146 -16.65 -73.21 -24.10
C ASP Y 146 -17.25 -72.42 -22.95
N LYS Y 147 -18.57 -72.31 -22.88
CA LYS Y 147 -19.25 -71.66 -21.79
C LYS Y 147 -20.28 -72.60 -21.18
N VAL Y 148 -20.83 -72.18 -20.04
CA VAL Y 148 -21.69 -73.05 -19.25
C VAL Y 148 -23.07 -72.39 -19.25
N ARG Y 149 -23.44 -71.81 -20.38
CA ARG Y 149 -24.75 -71.18 -20.52
C ARG Y 149 -25.84 -72.24 -20.69
N GLY Y 150 -27.05 -71.78 -20.95
CA GLY Y 150 -28.14 -72.68 -21.26
C GLY Y 150 -29.04 -72.13 -22.35
N MET Y 151 -30.35 -72.28 -22.21
CA MET Y 151 -31.28 -71.95 -23.29
C MET Y 151 -32.45 -71.12 -22.79
N ASP Y 152 -32.81 -70.10 -23.57
CA ASP Y 152 -34.07 -69.40 -23.44
C ASP Y 152 -35.04 -69.92 -24.48
N ILE Y 153 -36.12 -70.54 -24.03
CA ILE Y 153 -37.13 -71.11 -24.91
C ILE Y 153 -38.51 -70.61 -24.49
N VAL Y 154 -39.18 -69.93 -25.40
CA VAL Y 154 -40.58 -69.55 -25.23
C VAL Y 154 -41.44 -70.58 -25.94
N ILE Y 155 -42.40 -71.16 -25.22
CA ILE Y 155 -43.34 -72.11 -25.77
C ILE Y 155 -44.71 -71.46 -25.71
N VAL Y 156 -45.38 -71.35 -26.86
CA VAL Y 156 -46.68 -70.71 -26.94
C VAL Y 156 -47.66 -71.68 -27.54
N THR Y 157 -48.77 -71.87 -26.84
CA THR Y 157 -49.88 -72.72 -27.25
C THR Y 157 -51.11 -71.85 -27.43
N THR Y 158 -52.26 -72.47 -27.64
CA THR Y 158 -53.54 -71.79 -27.50
C THR Y 158 -54.31 -72.33 -26.31
N ALA Y 159 -53.61 -72.92 -25.35
CA ALA Y 159 -54.21 -73.28 -24.08
C ALA Y 159 -54.65 -72.02 -23.35
N ASN Y 160 -55.93 -71.96 -22.98
CA ASN Y 160 -56.52 -70.73 -22.48
C ASN Y 160 -56.36 -70.56 -20.98
N THR Y 161 -56.18 -71.65 -20.24
CA THR Y 161 -55.86 -71.57 -18.82
C THR Y 161 -54.50 -72.21 -18.57
N ASP Y 162 -53.94 -71.85 -17.42
CA ASP Y 162 -52.78 -72.56 -16.91
C ASP Y 162 -53.09 -74.01 -16.66
N GLU Y 163 -54.33 -74.33 -16.27
CA GLU Y 163 -54.76 -75.71 -16.16
C GLU Y 163 -54.71 -76.42 -17.50
N GLU Y 164 -55.12 -75.74 -18.57
CA GLU Y 164 -55.05 -76.33 -19.90
C GLU Y 164 -53.61 -76.57 -20.31
N SER Y 165 -52.72 -75.62 -20.03
CA SER Y 165 -51.31 -75.78 -20.37
C SER Y 165 -50.67 -76.91 -19.57
N ARG Y 166 -51.03 -77.02 -18.28
CA ARG Y 166 -50.59 -78.12 -17.43
C ARG Y 166 -51.02 -79.46 -17.99
N GLU Y 167 -52.32 -79.60 -18.30
CA GLU Y 167 -52.84 -80.89 -18.73
C GLU Y 167 -52.30 -81.28 -20.10
N LEU Y 168 -52.10 -80.29 -20.99
CA LEU Y 168 -51.53 -80.60 -22.30
C LEU Y 168 -50.09 -81.04 -22.18
N LEU Y 169 -49.24 -80.26 -21.49
CA LEU Y 169 -47.83 -80.64 -21.42
C LEU Y 169 -47.61 -81.88 -20.57
N ALA Y 170 -48.47 -82.13 -19.59
CA ALA Y 170 -48.41 -83.40 -18.87
C ALA Y 170 -48.80 -84.55 -19.78
N GLN Y 171 -49.73 -84.32 -20.71
CA GLN Y 171 -50.01 -85.32 -21.73
C GLN Y 171 -49.07 -85.22 -22.91
N LEU Y 172 -48.04 -84.35 -22.84
CA LEU Y 172 -46.94 -84.37 -23.78
C LEU Y 172 -45.62 -84.60 -23.05
N GLY Y 173 -45.63 -85.41 -22.01
CA GLY Y 173 -44.45 -85.66 -21.20
C GLY Y 173 -44.40 -84.72 -20.01
N MET Y 174 -43.28 -84.00 -19.88
CA MET Y 174 -43.06 -82.89 -18.95
C MET Y 174 -43.35 -83.26 -17.49
N PRO Y 175 -42.46 -84.00 -16.81
CA PRO Y 175 -42.75 -84.44 -15.45
C PRO Y 175 -42.70 -83.32 -14.42
N PHE Y 176 -43.83 -82.61 -14.25
CA PHE Y 176 -43.94 -81.60 -13.21
C PHE Y 176 -43.79 -82.24 -11.83
N GLN Y 177 -43.13 -81.51 -10.94
CA GLN Y 177 -42.60 -82.10 -9.71
C GLN Y 177 -43.60 -82.12 -8.57
N SER Z 1 -88.52 5.82 32.07
CA SER Z 1 -87.77 6.76 32.89
C SER Z 1 -87.99 6.45 34.36
N ARG Z 2 -87.28 5.43 34.86
CA ARG Z 2 -87.49 4.93 36.21
C ARG Z 2 -87.05 5.93 37.27
N ILE Z 3 -86.14 6.84 36.95
CA ILE Z 3 -85.94 8.02 37.77
C ILE Z 3 -86.84 9.15 37.29
N GLY Z 4 -87.03 9.28 35.98
CA GLY Z 4 -87.84 10.35 35.46
C GLY Z 4 -89.33 10.18 35.57
N ASN Z 5 -89.79 9.29 36.45
CA ASN Z 5 -91.21 9.19 36.82
C ASN Z 5 -91.35 9.03 38.33
N LYS Z 6 -90.66 9.86 39.10
CA LYS Z 6 -90.77 9.82 40.55
C LYS Z 6 -92.15 10.27 41.02
N VAL Z 7 -92.39 10.04 42.29
CA VAL Z 7 -93.59 10.48 42.98
C VAL Z 7 -93.12 11.35 44.12
N VAL Z 8 -93.03 12.66 43.91
CA VAL Z 8 -92.40 13.56 44.87
C VAL Z 8 -93.37 13.83 46.00
N VAL Z 9 -93.06 13.31 47.19
CA VAL Z 9 -93.93 13.35 48.35
C VAL Z 9 -93.54 14.54 49.22
N LEU Z 10 -94.50 15.40 49.50
CA LEU Z 10 -94.10 16.50 50.37
C LEU Z 10 -94.49 16.23 51.81
N PRO Z 11 -93.74 16.75 52.77
CA PRO Z 11 -94.27 16.89 54.13
C PRO Z 11 -94.98 18.23 54.24
N ALA Z 12 -95.45 18.57 55.43
CA ALA Z 12 -96.14 19.83 55.61
C ALA Z 12 -95.16 21.01 55.55
N GLY Z 13 -95.70 22.19 55.31
CA GLY Z 13 -94.89 23.39 55.28
C GLY Z 13 -94.06 23.49 54.02
N VAL Z 14 -94.72 23.43 52.87
CA VAL Z 14 -94.05 23.56 51.58
C VAL Z 14 -94.76 24.64 50.79
N GLU Z 15 -94.04 25.68 50.39
CA GLU Z 15 -94.60 26.74 49.58
C GLU Z 15 -94.09 26.62 48.15
N ILE Z 16 -95.01 26.60 47.20
CA ILE Z 16 -94.71 26.37 45.80
C ILE Z 16 -95.40 27.47 45.00
N LYS Z 17 -94.61 28.35 44.39
CA LYS Z 17 -95.15 29.45 43.58
C LYS Z 17 -94.42 29.48 42.25
N GLN Z 18 -95.18 29.47 41.15
CA GLN Z 18 -94.64 29.24 39.82
C GLN Z 18 -95.07 30.37 38.90
N ASP Z 19 -94.12 31.24 38.54
CA ASP Z 19 -94.37 32.35 37.63
C ASP Z 19 -93.38 32.23 36.47
N GLY Z 20 -93.81 31.63 35.36
CA GLY Z 20 -92.92 31.40 34.25
C GLY Z 20 -91.87 30.37 34.58
N ASN Z 21 -90.63 30.82 34.78
CA ASN Z 21 -89.54 29.95 35.17
C ASN Z 21 -89.30 29.91 36.67
N ASN Z 22 -89.60 31.01 37.37
CA ASN Z 22 -89.33 31.11 38.79
C ASN Z 22 -90.24 30.18 39.57
N ILE Z 23 -89.64 29.20 40.25
CA ILE Z 23 -90.37 28.26 41.08
C ILE Z 23 -89.76 28.31 42.48
N THR Z 24 -90.60 28.66 43.46
CA THR Z 24 -90.15 28.91 44.82
C THR Z 24 -90.29 27.66 45.67
N VAL Z 25 -89.30 27.40 46.51
CA VAL Z 25 -89.38 26.33 47.50
C VAL Z 25 -89.01 26.91 48.86
N LYS Z 26 -89.94 26.85 49.79
CA LYS Z 26 -89.70 27.33 51.15
C LYS Z 26 -90.14 26.26 52.14
N GLY Z 27 -89.89 26.53 53.41
CA GLY Z 27 -90.28 25.65 54.48
C GLY Z 27 -89.64 26.04 55.79
N PRO Z 28 -89.08 25.07 56.51
CA PRO Z 28 -88.57 25.37 57.86
C PRO Z 28 -87.25 26.12 57.83
N LYS Z 29 -86.37 25.83 56.89
CA LYS Z 29 -85.01 26.37 56.96
C LYS Z 29 -84.60 27.14 55.73
N GLY Z 30 -84.91 26.64 54.54
CA GLY Z 30 -84.46 27.23 53.30
C GLY Z 30 -85.61 27.89 52.57
N GLU Z 31 -85.29 28.91 51.77
CA GLU Z 31 -86.29 29.71 51.07
C GLU Z 31 -85.85 29.95 49.64
N LEU Z 32 -85.42 28.89 48.96
CA LEU Z 32 -84.72 29.05 47.70
C LEU Z 32 -85.62 28.82 46.50
N THR Z 33 -85.25 29.46 45.40
CA THR Z 33 -85.94 29.35 44.12
C THR Z 33 -84.96 28.84 43.08
N ARG Z 34 -85.49 28.34 41.97
CA ARG Z 34 -84.69 27.95 40.82
C ARG Z 34 -85.55 28.07 39.59
N GLU Z 35 -84.94 28.50 38.48
CA GLU Z 35 -85.61 28.50 37.19
C GLU Z 35 -85.37 27.19 36.47
N PHE Z 36 -86.35 26.80 35.66
CA PHE Z 36 -86.40 25.48 35.05
C PHE Z 36 -86.79 25.60 33.59
N SER Z 37 -86.70 24.49 32.87
CA SER Z 37 -86.81 24.52 31.42
C SER Z 37 -88.26 24.63 30.98
N SER Z 38 -88.46 24.59 29.67
CA SER Z 38 -89.76 24.92 29.08
C SER Z 38 -90.70 23.73 29.04
N ASP Z 39 -90.19 22.55 28.69
CA ASP Z 39 -91.04 21.38 28.47
C ASP Z 39 -91.62 20.81 29.75
N ILE Z 40 -91.17 21.27 30.91
CA ILE Z 40 -91.67 20.76 32.18
C ILE Z 40 -93.10 21.23 32.39
N LYS Z 41 -93.97 20.32 32.82
CA LYS Z 41 -95.31 20.68 33.27
C LYS Z 41 -95.46 20.23 34.71
N MET Z 42 -95.59 21.19 35.62
CA MET Z 42 -95.60 20.94 37.04
C MET Z 42 -96.97 20.42 37.48
N ASN Z 43 -97.09 20.14 38.77
CA ASN Z 43 -98.34 19.62 39.31
C ASN Z 43 -98.62 20.20 40.69
N ILE Z 44 -99.91 20.17 41.02
CA ILE Z 44 -100.54 20.64 42.24
C ILE Z 44 -101.28 19.36 42.62
N GLU Z 45 -102.29 19.44 43.51
CA GLU Z 45 -103.06 18.28 43.99
C GLU Z 45 -102.12 17.37 44.74
N GLY Z 46 -101.86 17.74 46.00
CA GLY Z 46 -100.57 17.85 46.63
C GLY Z 46 -99.77 16.59 46.85
N ASN Z 47 -99.42 16.30 48.10
CA ASN Z 47 -98.07 15.87 48.46
C ASN Z 47 -97.71 14.45 48.01
N GLU Z 48 -97.95 14.18 46.73
CA GLU Z 48 -97.33 13.11 45.95
C GLU Z 48 -97.28 13.67 44.54
N VAL Z 49 -96.19 14.33 44.18
CA VAL Z 49 -96.11 15.12 42.97
C VAL Z 49 -95.36 14.33 41.89
N THR Z 50 -95.94 14.28 40.70
CA THR Z 50 -95.28 13.70 39.54
C THR Z 50 -95.13 14.78 38.48
N PHE Z 51 -94.24 14.51 37.53
CA PHE Z 51 -93.92 15.45 36.45
C PHE Z 51 -94.23 14.79 35.12
N THR Z 52 -95.38 15.10 34.56
CA THR Z 52 -95.70 14.70 33.19
C THR Z 52 -95.31 15.83 32.25
N ARG Z 53 -94.89 15.44 31.05
CA ARG Z 53 -94.42 16.37 30.04
C ARG Z 53 -94.85 15.82 28.68
N PRO Z 54 -94.94 16.68 27.66
CA PRO Z 54 -95.06 16.16 26.29
C PRO Z 54 -93.74 15.51 25.90
N ASN Z 55 -93.73 14.19 25.97
CA ASN Z 55 -92.47 13.48 25.99
C ASN Z 55 -91.98 13.26 24.56
N ASP Z 56 -90.95 12.41 24.44
CA ASP Z 56 -90.23 12.10 23.20
C ASP Z 56 -89.63 13.38 22.58
N SER Z 57 -88.65 13.92 23.31
CA SER Z 57 -87.82 15.03 22.83
C SER Z 57 -86.82 14.51 21.80
N LYS Z 58 -85.89 15.35 21.36
CA LYS Z 58 -84.81 14.84 20.51
C LYS Z 58 -83.85 13.97 21.31
N GLU Z 59 -83.71 14.26 22.59
CA GLU Z 59 -82.99 13.39 23.49
C GLU Z 59 -83.88 12.33 24.08
N MET Z 60 -85.21 12.51 23.94
CA MET Z 60 -86.30 11.57 24.14
C MET Z 60 -86.62 11.20 25.58
N LYS Z 61 -85.64 11.32 26.48
CA LYS Z 61 -85.80 10.74 27.81
C LYS Z 61 -85.08 11.49 28.91
N THR Z 62 -84.42 12.59 28.63
CA THR Z 62 -83.30 12.99 29.48
C THR Z 62 -83.65 13.97 30.58
N ILE Z 63 -84.48 14.96 30.31
CA ILE Z 63 -84.56 16.07 31.24
C ILE Z 63 -85.49 15.75 32.42
N HIS Z 64 -86.26 14.65 32.33
CA HIS Z 64 -87.18 14.25 33.40
C HIS Z 64 -86.46 13.99 34.72
N GLY Z 65 -85.55 13.01 34.74
CA GLY Z 65 -84.91 12.62 35.99
C GLY Z 65 -84.00 13.70 36.56
N THR Z 66 -83.44 14.54 35.68
CA THR Z 66 -82.58 15.64 36.13
C THR Z 66 -83.38 16.66 36.93
N THR Z 67 -84.53 17.09 36.41
CA THR Z 67 -85.29 18.09 37.12
C THR Z 67 -86.00 17.51 38.34
N ARG Z 68 -86.30 16.21 38.33
CA ARG Z 68 -86.84 15.59 39.54
C ARG Z 68 -85.78 15.55 40.64
N ALA Z 69 -84.53 15.26 40.27
CA ALA Z 69 -83.44 15.36 41.24
C ALA Z 69 -83.25 16.79 41.71
N ASN Z 70 -83.46 17.76 40.82
CA ASN Z 70 -83.33 19.17 41.18
C ASN Z 70 -84.38 19.59 42.21
N PHE Z 71 -85.65 19.33 41.91
CA PHE Z 71 -86.71 19.67 42.86
C PHE Z 71 -86.62 18.87 44.14
N ASN Z 72 -86.09 17.65 44.11
CA ASN Z 72 -85.94 16.94 45.36
C ASN Z 72 -84.79 17.49 46.19
N ASN Z 73 -83.74 18.00 45.54
CA ASN Z 73 -82.74 18.78 46.26
C ASN Z 73 -83.35 20.03 46.87
N MET Z 74 -84.22 20.71 46.11
CA MET Z 74 -84.93 21.90 46.58
C MET Z 74 -85.76 21.58 47.82
N VAL Z 75 -86.43 20.44 47.83
CA VAL Z 75 -87.28 20.07 48.96
C VAL Z 75 -86.42 19.69 50.16
N VAL Z 76 -85.44 18.82 49.95
CA VAL Z 76 -84.76 18.22 51.10
C VAL Z 76 -83.81 19.21 51.76
N GLY Z 77 -83.10 20.03 50.97
CA GLY Z 77 -82.22 21.03 51.55
C GLY Z 77 -82.94 22.10 52.35
N VAL Z 78 -84.19 22.39 51.98
CA VAL Z 78 -85.03 23.22 52.81
C VAL Z 78 -85.45 22.47 54.06
N SER Z 79 -85.85 21.20 53.92
CA SER Z 79 -86.45 20.46 55.01
C SER Z 79 -85.41 20.10 56.07
N GLU Z 80 -84.39 19.34 55.67
CA GLU Z 80 -83.44 18.80 56.64
C GLU Z 80 -82.05 19.40 56.59
N GLY Z 81 -81.55 19.80 55.41
CA GLY Z 81 -80.20 20.30 55.34
C GLY Z 81 -79.18 19.19 55.29
N PHE Z 82 -78.00 19.45 54.73
CA PHE Z 82 -77.07 18.37 54.43
C PHE Z 82 -75.79 18.50 55.23
N GLN Z 83 -75.01 17.43 55.17
CA GLN Z 83 -73.67 17.35 55.73
C GLN Z 83 -72.75 16.74 54.70
N LYS Z 84 -71.51 17.19 54.67
CA LYS Z 84 -70.45 16.48 53.94
C LYS Z 84 -69.27 16.42 54.90
N ALA Z 85 -69.25 15.36 55.71
CA ALA Z 85 -68.37 15.27 56.87
C ALA Z 85 -66.98 14.80 56.47
N LEU Z 86 -65.96 15.44 57.02
CA LEU Z 86 -64.57 15.18 56.70
C LEU Z 86 -63.85 14.65 57.92
N GLU Z 87 -62.67 14.06 57.69
CA GLU Z 87 -61.87 13.49 58.76
C GLU Z 87 -60.40 13.82 58.55
N LEU Z 88 -59.65 13.88 59.65
CA LEU Z 88 -58.23 14.18 59.61
C LEU Z 88 -57.45 13.11 60.33
N ILE Z 89 -56.45 12.56 59.65
CA ILE Z 89 -55.44 11.71 60.27
C ILE Z 89 -54.12 12.40 59.93
N GLY Z 90 -52.98 11.84 60.34
CA GLY Z 90 -51.71 12.50 60.06
C GLY Z 90 -51.27 13.38 61.21
N VAL Z 91 -51.16 12.76 62.40
CA VAL Z 91 -51.18 13.36 63.73
C VAL Z 91 -50.37 14.64 63.90
N GLY Z 92 -51.04 15.69 64.37
CA GLY Z 92 -50.46 17.01 64.52
C GLY Z 92 -51.33 18.04 63.85
N TYR Z 93 -52.55 17.67 63.50
CA TYR Z 93 -53.42 18.50 62.66
C TYR Z 93 -54.67 18.85 63.43
N ARG Z 94 -55.08 20.12 63.35
CA ARG Z 94 -56.18 20.64 64.14
C ARG Z 94 -57.12 21.47 63.28
N ALA Z 95 -58.27 21.82 63.85
CA ALA Z 95 -59.31 22.58 63.16
C ALA Z 95 -60.11 23.37 64.18
N GLN Z 96 -60.17 24.69 63.99
CA GLN Z 96 -60.76 25.59 64.97
C GLN Z 96 -61.57 26.66 64.25
N VAL Z 97 -62.71 27.02 64.83
CA VAL Z 97 -63.69 27.90 64.19
C VAL Z 97 -63.90 29.15 65.04
N GLN Z 98 -63.76 30.32 64.42
CA GLN Z 98 -64.35 31.56 64.91
C GLN Z 98 -65.19 32.11 63.77
N GLY Z 99 -66.43 31.64 63.68
CA GLY Z 99 -67.31 32.07 62.62
C GLY Z 99 -66.86 31.62 61.25
N ASN Z 100 -66.35 32.56 60.46
CA ASN Z 100 -66.01 32.29 59.08
C ASN Z 100 -64.71 31.54 58.91
N LYS Z 101 -63.75 31.69 59.81
CA LYS Z 101 -62.42 31.16 59.57
C LYS Z 101 -62.31 29.71 60.03
N LEU Z 102 -61.34 29.02 59.43
CA LEU Z 102 -61.10 27.60 59.66
C LEU Z 102 -59.58 27.43 59.79
N THR Z 103 -59.07 27.56 61.01
CA THR Z 103 -57.63 27.47 61.21
C THR Z 103 -57.20 26.02 61.11
N LEU Z 104 -56.23 25.74 60.24
CA LEU Z 104 -55.85 24.36 59.95
C LEU Z 104 -54.36 24.18 60.13
N ASN Z 105 -53.98 23.32 61.07
CA ASN Z 105 -52.65 22.73 61.09
C ASN Z 105 -52.61 21.70 59.97
N VAL Z 106 -51.86 21.99 58.91
CA VAL Z 106 -51.81 21.11 57.75
C VAL Z 106 -50.46 20.42 57.64
N GLY Z 107 -49.46 20.87 58.37
CA GLY Z 107 -48.14 20.29 58.27
C GLY Z 107 -47.18 21.06 57.40
N TYR Z 108 -47.64 22.15 56.79
CA TYR Z 108 -46.73 23.00 56.03
C TYR Z 108 -45.94 23.88 57.00
N SER Z 109 -45.07 24.70 56.44
CA SER Z 109 -44.37 25.69 57.26
C SER Z 109 -45.22 26.89 57.61
N HIS Z 110 -46.51 26.90 57.26
CA HIS Z 110 -47.44 27.96 57.59
C HIS Z 110 -48.81 27.37 57.80
N PRO Z 111 -49.60 27.93 58.70
CA PRO Z 111 -50.98 27.45 58.86
C PRO Z 111 -51.85 27.93 57.70
N VAL Z 112 -53.03 27.33 57.62
CA VAL Z 112 -53.97 27.61 56.55
C VAL Z 112 -55.32 27.96 57.19
N GLU Z 113 -55.91 29.05 56.74
CA GLU Z 113 -57.21 29.50 57.22
C GLU Z 113 -58.16 29.64 56.04
N MET Z 114 -59.36 29.10 56.19
CA MET Z 114 -60.37 29.09 55.14
C MET Z 114 -61.54 29.98 55.53
N THR Z 115 -61.95 30.87 54.63
CA THR Z 115 -63.07 31.77 54.86
C THR Z 115 -64.39 31.02 54.62
N ALA Z 116 -65.50 31.74 54.51
CA ALA Z 116 -66.79 31.07 54.50
C ALA Z 116 -67.80 31.83 53.67
N PRO Z 117 -68.77 31.15 53.10
CA PRO Z 117 -70.02 31.79 52.70
C PRO Z 117 -71.01 31.74 53.85
N GLU Z 118 -72.22 32.23 53.63
CA GLU Z 118 -73.18 32.35 54.73
C GLU Z 118 -74.15 31.18 54.80
N GLY Z 119 -74.74 30.80 53.65
CA GLY Z 119 -75.73 29.75 53.62
C GLY Z 119 -75.21 28.39 54.02
N VAL Z 120 -73.89 28.20 53.97
CA VAL Z 120 -73.24 27.02 54.47
C VAL Z 120 -72.24 27.48 55.53
N THR Z 121 -72.30 26.86 56.71
CA THR Z 121 -71.41 27.17 57.81
C THR Z 121 -70.64 25.90 58.19
N PHE Z 122 -69.93 25.97 59.31
CA PHE Z 122 -69.00 24.93 59.70
C PHE Z 122 -69.23 24.54 61.15
N GLU Z 123 -68.80 23.33 61.48
CA GLU Z 123 -68.88 22.80 62.83
C GLU Z 123 -67.62 22.01 63.13
N VAL Z 124 -67.14 22.10 64.37
CA VAL Z 124 -65.99 21.35 64.83
C VAL Z 124 -66.31 20.73 66.18
N PRO Z 125 -66.36 19.43 66.31
CA PRO Z 125 -66.42 18.81 67.64
C PRO Z 125 -65.04 18.56 68.25
N ALA Z 126 -64.03 18.37 67.41
CA ALA Z 126 -62.67 18.11 67.90
C ALA Z 126 -61.68 18.40 66.79
N ASN Z 127 -60.40 18.29 67.11
CA ASN Z 127 -59.34 18.70 66.20
C ASN Z 127 -59.09 17.73 65.04
N THR Z 128 -59.80 16.61 64.96
CA THR Z 128 -59.61 15.69 63.85
N GLN Z 129 -61.92 16.23 63.26
CA GLN Z 129 -63.15 16.11 62.49
C GLN Z 129 -63.68 17.48 62.14
N VAL Z 130 -64.21 17.61 60.92
CA VAL Z 130 -64.92 18.81 60.48
C VAL Z 130 -66.21 18.35 59.83
N ILE Z 131 -67.32 18.97 60.24
CA ILE Z 131 -68.61 18.74 59.60
C ILE Z 131 -69.07 20.05 58.97
N VAL Z 132 -69.44 19.98 57.70
CA VAL Z 132 -69.81 21.15 56.91
C VAL Z 132 -71.28 21.03 56.55
N LYS Z 133 -72.08 22.03 56.93
CA LYS Z 133 -73.52 21.95 56.80
C LYS Z 133 -74.09 23.18 56.13
N GLY Z 134 -75.06 22.95 55.25
CA GLY Z 134 -75.80 24.02 54.61
C GLY Z 134 -77.10 23.54 54.02
N ILE Z 135 -77.43 24.03 52.82
CA ILE Z 135 -78.69 23.72 52.15
C ILE Z 135 -78.45 23.04 50.81
N ASN Z 136 -77.52 23.56 50.03
CA ASN Z 136 -77.28 23.06 48.68
C ASN Z 136 -76.10 22.10 48.65
N LYS Z 137 -76.36 20.90 48.11
CA LYS Z 137 -75.31 19.91 47.90
C LYS Z 137 -74.19 20.45 47.03
N GLU Z 138 -74.53 21.29 46.05
CA GLU Z 138 -73.55 21.92 45.18
C GLU Z 138 -72.57 22.76 45.99
N VAL Z 139 -73.09 23.58 46.88
CA VAL Z 139 -72.24 24.51 47.61
C VAL Z 139 -71.42 23.77 48.65
N VAL Z 140 -72.03 22.79 49.33
CA VAL Z 140 -71.27 22.05 50.34
C VAL Z 140 -70.22 21.18 49.67
N GLY Z 141 -70.50 20.71 48.45
CA GLY Z 141 -69.49 19.98 47.71
C GLY Z 141 -68.36 20.87 47.22
N GLU Z 142 -68.68 22.12 46.84
CA GLU Z 142 -67.63 23.05 46.46
C GLU Z 142 -66.70 23.33 47.62
N LEU Z 143 -67.27 23.52 48.80
CA LEU Z 143 -66.42 23.79 49.96
C LEU Z 143 -65.62 22.57 50.37
N ALA Z 144 -66.23 21.39 50.30
CA ALA Z 144 -65.52 20.16 50.67
C ALA Z 144 -64.40 19.86 49.69
N ALA Z 145 -64.62 20.13 48.40
CA ALA Z 145 -63.56 19.94 47.41
C ALA Z 145 -62.48 20.99 47.57
N ASN Z 146 -62.84 22.19 48.03
CA ASN Z 146 -61.82 23.17 48.37
C ASN Z 146 -60.99 22.70 49.56
N ILE Z 147 -61.59 21.97 50.48
CA ILE Z 147 -60.85 21.52 51.65
C ILE Z 147 -59.92 20.37 51.29
N ARG Z 148 -60.47 19.31 50.66
CA ARG Z 148 -59.79 18.01 50.60
C ARG Z 148 -58.49 18.05 49.83
N GLY Z 149 -58.41 18.88 48.79
CA GLY Z 149 -57.23 18.89 47.96
C GLY Z 149 -56.03 19.56 48.57
N VAL Z 150 -56.22 20.26 49.69
CA VAL Z 150 -55.10 20.96 50.30
C VAL Z 150 -54.15 19.95 50.95
N ARG Z 151 -54.68 18.83 51.44
CA ARG Z 151 -53.83 17.70 51.81
C ARG Z 151 -54.58 16.42 51.49
N PRO Z 152 -54.47 15.94 50.25
CA PRO Z 152 -55.17 14.72 49.86
C PRO Z 152 -54.44 13.49 50.34
N PRO Z 153 -55.12 12.35 50.46
CA PRO Z 153 -54.46 11.15 51.01
C PRO Z 153 -53.46 10.55 50.05
N GLU Z 154 -52.71 9.58 50.56
CA GLU Z 154 -51.70 8.85 49.82
C GLU Z 154 -51.73 7.39 50.22
N PRO Z 155 -51.33 6.48 49.34
CA PRO Z 155 -51.33 5.05 49.70
C PRO Z 155 -50.06 4.57 50.38
N TYR Z 156 -49.25 5.45 50.95
CA TYR Z 156 -48.16 4.91 51.75
C TYR Z 156 -48.54 4.79 53.22
N LYS Z 157 -48.88 5.90 53.86
CA LYS Z 157 -49.29 5.85 55.25
C LYS Z 157 -50.75 6.20 55.47
N GLY Z 158 -51.49 6.49 54.41
CA GLY Z 158 -52.88 6.86 54.58
C GLY Z 158 -53.08 8.20 55.22
N LYS Z 159 -52.23 9.17 54.88
CA LYS Z 159 -52.29 10.49 55.48
C LYS Z 159 -53.41 11.31 54.87
N GLY Z 160 -53.39 12.61 55.10
CA GLY Z 160 -54.26 13.54 54.39
C GLY Z 160 -55.69 13.54 54.91
N ILE Z 161 -56.47 14.48 54.38
CA ILE Z 161 -57.86 14.59 54.74
C ILE Z 161 -58.63 13.44 54.12
N ARG Z 162 -59.71 13.01 54.76
CA ARG Z 162 -60.46 11.86 54.26
C ARG Z 162 -61.95 12.15 54.23
N TYR Z 163 -62.69 11.13 53.79
CA TYR Z 163 -64.13 11.07 53.93
C TYR Z 163 -64.48 10.61 55.34
N VAL Z 164 -65.75 10.23 55.51
CA VAL Z 164 -66.09 9.25 56.53
C VAL Z 164 -65.88 7.85 55.98
N GLY Z 165 -66.24 7.62 54.73
CA GLY Z 165 -66.23 6.29 54.15
C GLY Z 165 -65.29 6.06 52.98
N GLU Z 166 -64.03 6.50 53.07
CA GLU Z 166 -63.07 6.21 52.01
C GLU Z 166 -62.80 4.72 51.86
N PHE Z 167 -62.31 4.34 50.69
CA PHE Z 167 -61.72 3.03 50.45
C PHE Z 167 -60.46 3.26 49.64
N VAL Z 168 -59.35 3.46 50.34
CA VAL Z 168 -58.05 3.71 49.72
C VAL Z 168 -57.07 2.68 50.26
N ARG Z 169 -56.63 1.76 49.42
CA ARG Z 169 -55.65 0.77 49.85
C ARG Z 169 -54.24 1.36 49.83
N ARG Z 170 -53.26 0.52 50.14
CA ARG Z 170 -51.90 0.98 50.34
C ARG Z 170 -50.91 0.13 49.55
N LYS Z 171 -49.74 0.73 49.32
CA LYS Z 171 -48.66 0.18 48.50
C LYS Z 171 -47.40 0.32 49.36
N GLU Z 172 -47.07 -0.70 50.14
CA GLU Z 172 -46.01 -0.55 51.12
C GLU Z 172 -44.62 -0.55 50.48
N GLY Z 173 -44.10 0.64 50.20
CA GLY Z 173 -42.75 0.76 49.71
C GLY Z 173 -41.72 0.40 50.77
N LYS Z 174 -40.51 0.09 50.32
CA LYS Z 174 -39.48 -0.40 51.21
C LYS Z 174 -38.84 0.76 51.98
N THR Z 175 -37.82 0.42 52.76
CA THR Z 175 -36.97 1.40 53.42
C THR Z 175 -35.70 1.62 52.60
N GLY Z 176 -35.84 2.40 51.54
CA GLY Z 176 -34.76 2.62 50.59
C GLY Z 176 -33.56 3.38 51.14
N MET AA 1 -76.84 56.78 -27.82
CA MET AA 1 -77.14 56.25 -29.15
C MET AA 1 -78.55 55.71 -29.19
N ARG AA 2 -79.03 55.23 -28.05
CA ARG AA 2 -80.40 54.79 -27.91
C ARG AA 2 -80.91 55.27 -26.56
N THR AA 3 -82.01 54.68 -26.12
CA THR AA 3 -82.78 55.20 -24.99
C THR AA 3 -82.70 54.23 -23.81
N THR AA 4 -81.87 54.56 -22.84
CA THR AA 4 -81.85 53.90 -21.53
C THR AA 4 -81.70 55.00 -20.49
N TYR AA 5 -81.37 54.63 -19.26
CA TYR AA 5 -81.17 55.59 -18.19
C TYR AA 5 -79.70 55.95 -18.02
N MET AA 6 -79.45 57.24 -17.82
CA MET AA 6 -78.17 57.73 -17.31
C MET AA 6 -78.53 58.65 -16.15
N ALA AA 7 -78.69 58.06 -14.98
CA ALA AA 7 -79.02 58.84 -13.79
C ALA AA 7 -77.83 59.69 -13.38
N LYS AA 8 -78.10 60.92 -12.98
CA LYS AA 8 -77.06 61.87 -12.62
C LYS AA 8 -76.95 61.96 -11.11
N ALA AA 9 -76.14 62.91 -10.63
CA ALA AA 9 -75.83 62.97 -9.21
C ALA AA 9 -77.02 63.48 -8.41
N GLY AA 10 -77.47 64.70 -8.70
CA GLY AA 10 -78.57 65.27 -7.94
C GLY AA 10 -79.93 64.69 -8.25
N GLU AA 11 -80.04 63.87 -9.29
CA GLU AA 11 -81.32 63.25 -9.62
C GLU AA 11 -81.71 62.21 -8.58
N VAL AA 12 -80.74 61.65 -7.89
CA VAL AA 12 -80.98 60.57 -6.94
C VAL AA 12 -81.51 61.15 -5.63
N GLU AA 13 -82.51 60.49 -5.06
CA GLU AA 13 -82.94 60.78 -3.71
C GLU AA 13 -82.59 59.61 -2.79
N ARG AA 14 -82.57 59.89 -1.49
CA ARG AA 14 -82.10 58.95 -0.49
C ARG AA 14 -83.13 58.87 0.63
N LYS AA 15 -83.04 57.81 1.43
CA LYS AA 15 -83.94 57.61 2.56
C LYS AA 15 -83.14 57.08 3.73
N TRP AA 16 -83.80 56.91 4.87
CA TRP AA 16 -83.13 56.47 6.09
C TRP AA 16 -83.91 55.32 6.70
N TYR AA 17 -83.25 54.18 6.88
CA TYR AA 17 -83.91 52.96 7.31
C TYR AA 17 -83.30 52.46 8.61
N VAL AA 18 -84.11 51.76 9.39
CA VAL AA 18 -83.71 51.24 10.70
C VAL AA 18 -84.16 49.78 10.80
N VAL AA 19 -83.21 48.90 11.15
CA VAL AA 19 -83.44 47.47 11.23
C VAL AA 19 -82.93 46.96 12.56
N ASP AA 20 -83.76 46.19 13.28
CA ASP AA 20 -83.31 45.53 14.49
C ASP AA 20 -82.43 44.34 14.17
N ALA AA 21 -81.55 44.02 15.12
CA ALA AA 21 -80.53 42.99 14.96
C ALA AA 21 -80.61 41.98 16.09
N THR AA 22 -81.80 41.48 16.34
CA THR AA 22 -82.01 40.51 17.40
C THR AA 22 -82.30 39.14 16.79
N ASP AA 23 -81.54 38.13 17.23
CA ASP AA 23 -81.77 36.72 16.94
C ASP AA 23 -81.68 36.38 15.45
N VAL AA 24 -80.89 37.17 14.71
CA VAL AA 24 -80.64 36.92 13.30
C VAL AA 24 -79.12 36.84 13.15
N PRO AA 25 -78.59 35.86 12.44
CA PRO AA 25 -77.13 35.76 12.27
C PRO AA 25 -76.57 36.90 11.45
N LEU AA 26 -75.24 36.99 11.46
CA LEU AA 26 -74.56 38.08 10.77
C LEU AA 26 -74.75 38.03 9.28
N GLY AA 27 -74.66 36.84 8.69
CA GLY AA 27 -74.60 36.71 7.25
C GLY AA 27 -75.83 37.21 6.54
N ARG AA 28 -76.99 37.03 7.15
CA ARG AA 28 -78.23 37.40 6.48
C ARG AA 28 -78.56 38.86 6.70
N LEU AA 29 -78.22 39.40 7.87
CA LEU AA 29 -78.29 40.84 8.08
C LEU AA 29 -77.34 41.56 7.13
N SER AA 30 -76.11 41.05 7.03
CA SER AA 30 -75.14 41.64 6.12
C SER AA 30 -75.61 41.53 4.68
N ALA AA 31 -76.25 40.42 4.33
CA ALA AA 31 -76.73 40.22 2.97
C ALA AA 31 -77.82 41.22 2.61
N VAL AA 32 -78.83 41.35 3.47
CA VAL AA 32 -79.93 42.25 3.16
C VAL AA 32 -79.48 43.70 3.18
N VAL AA 33 -78.66 44.06 4.15
CA VAL AA 33 -78.17 45.44 4.22
C VAL AA 33 -77.26 45.75 3.04
N ALA AA 34 -76.45 44.78 2.62
CA ALA AA 34 -75.58 44.99 1.48
C ALA AA 34 -76.38 45.04 0.19
N SER AA 35 -77.51 44.36 0.13
CA SER AA 35 -78.41 44.51 -1.01
C SER AA 35 -79.00 45.90 -1.01
N VAL AA 36 -79.27 46.46 0.16
CA VAL AA 36 -79.87 47.77 0.25
C VAL AA 36 -78.88 48.85 -0.20
N LEU AA 37 -77.64 48.78 0.28
CA LEU AA 37 -76.71 49.88 0.09
C LEU AA 37 -76.22 50.04 -1.34
N ARG AA 38 -76.30 49.00 -2.17
CA ARG AA 38 -75.93 49.20 -3.58
C ARG AA 38 -77.00 50.00 -4.29
N GLY AA 39 -78.23 49.92 -3.82
CA GLY AA 39 -79.35 50.47 -4.53
C GLY AA 39 -80.25 49.44 -5.16
N LYS AA 40 -80.12 48.17 -4.78
CA LYS AA 40 -81.06 47.19 -5.27
C LYS AA 40 -82.45 47.46 -4.71
N ASN AA 41 -83.44 46.94 -5.44
CA ASN AA 41 -84.89 47.15 -5.35
C ASN AA 41 -85.30 48.57 -5.77
N LYS AA 42 -84.35 49.41 -6.02
CA LYS AA 42 -84.61 50.61 -6.78
C LYS AA 42 -84.36 50.33 -8.25
N PRO AA 43 -85.23 50.74 -9.12
CA PRO AA 43 -85.07 50.38 -10.54
C PRO AA 43 -84.11 51.30 -11.28
N THR AA 44 -83.28 52.03 -10.56
CA THR AA 44 -82.51 53.13 -11.10
C THR AA 44 -81.02 52.92 -10.86
N PHE AA 45 -80.49 51.78 -11.28
CA PHE AA 45 -79.06 51.56 -11.15
C PHE AA 45 -78.23 52.51 -11.98
N THR AA 46 -77.02 52.72 -11.51
CA THR AA 46 -75.87 53.07 -12.31
C THR AA 46 -74.79 52.12 -11.84
N PRO AA 47 -73.68 52.05 -12.53
CA PRO AA 47 -72.46 51.59 -11.89
C PRO AA 47 -71.62 52.75 -11.43
N HIS AA 48 -72.19 53.95 -11.39
CA HIS AA 48 -71.38 55.12 -11.06
C HIS AA 48 -71.95 55.98 -9.94
N VAL AA 49 -73.26 56.16 -9.89
CA VAL AA 49 -73.87 57.09 -8.95
C VAL AA 49 -74.42 56.28 -7.80
N ASP AA 50 -74.29 56.82 -6.60
CA ASP AA 50 -74.47 56.04 -5.38
C ASP AA 50 -75.94 56.03 -5.02
N THR AA 51 -76.69 55.18 -5.72
CA THR AA 51 -78.14 55.21 -5.61
C THR AA 51 -78.65 54.34 -4.47
N GLY AA 52 -77.83 54.16 -3.43
CA GLY AA 52 -78.22 53.34 -2.31
C GLY AA 52 -79.13 54.06 -1.34
N ASP AA 53 -78.90 53.83 -0.06
CA ASP AA 53 -79.78 54.34 1.01
C ASP AA 53 -78.91 54.72 2.20
N PHE AA 54 -79.57 54.84 3.34
CA PHE AA 54 -78.90 54.94 4.62
C PHE AA 54 -79.44 53.83 5.51
N VAL AA 55 -78.55 53.14 6.21
CA VAL AA 55 -78.92 52.01 7.05
C VAL AA 55 -78.46 52.29 8.47
N ILE AA 56 -79.38 52.16 9.42
CA ILE AA 56 -79.08 52.31 10.83
C ILE AA 56 -79.45 51.02 11.54
N VAL AA 57 -78.55 50.50 12.37
CA VAL AA 57 -78.70 49.20 13.01
C VAL AA 57 -78.85 49.39 14.51
N ILE AA 58 -79.82 48.71 15.10
CA ILE AA 58 -80.12 48.81 16.51
C ILE AA 58 -79.92 47.46 17.17
N ASN AA 59 -79.33 47.47 18.38
CA ASN AA 59 -79.23 46.31 19.28
C ASN AA 59 -78.41 45.20 18.64
N ALA AA 60 -77.13 45.48 18.51
CA ALA AA 60 -76.16 44.53 18.01
C ALA AA 60 -75.65 43.58 19.09
N ASP AA 61 -76.43 43.34 20.15
CA ASP AA 61 -75.98 42.48 21.23
C ASP AA 61 -76.82 41.23 21.38
N LYS AA 62 -77.84 41.05 20.56
CA LYS AA 62 -78.54 39.79 20.48
C LYS AA 62 -78.53 39.26 19.05
N VAL AA 63 -77.48 39.62 18.31
CA VAL AA 63 -77.15 38.94 17.07
C VAL AA 63 -76.72 37.53 17.40
N LYS AA 64 -77.42 36.54 16.85
CA LYS AA 64 -77.06 35.15 17.10
C LYS AA 64 -75.84 34.74 16.29
N LEU AA 65 -75.09 33.80 16.83
CA LEU AA 65 -74.16 32.99 16.05
C LEU AA 65 -74.61 31.55 16.21
N THR AA 66 -74.75 30.86 15.08
CA THR AA 66 -75.55 29.63 15.03
C THR AA 66 -74.76 28.46 15.59
N GLY AA 67 -75.34 27.78 16.58
CA GLY AA 67 -74.69 26.66 17.23
C GLY AA 67 -73.46 27.08 17.99
N LYS AA 68 -72.31 26.74 17.43
CA LYS AA 68 -71.03 27.25 17.88
C LYS AA 68 -70.73 28.52 17.11
N LYS AA 69 -69.43 28.83 16.94
CA LYS AA 69 -68.77 30.02 16.36
C LYS AA 69 -68.60 31.13 17.38
N ALA AA 70 -69.08 30.97 18.61
CA ALA AA 70 -68.76 31.96 19.64
C ALA AA 70 -67.33 31.83 20.12
N THR AA 71 -66.64 30.75 19.76
CA THR AA 71 -65.25 30.57 20.04
C THR AA 71 -64.41 30.43 18.78
N ASP AA 72 -65.03 30.47 17.61
CA ASP AA 72 -64.44 29.81 16.46
C ASP AA 72 -64.06 30.74 15.33
N LYS AA 73 -64.91 31.70 14.96
CA LYS AA 73 -64.61 32.55 13.82
C LYS AA 73 -63.53 33.55 14.20
N ILE AA 74 -62.30 33.07 14.20
CA ILE AA 74 -61.17 33.85 14.68
C ILE AA 74 -60.74 34.77 13.55
N TYR AA 75 -60.92 36.07 13.73
CA TYR AA 75 -60.39 37.00 12.76
C TYR AA 75 -58.89 37.13 12.93
N TYR AA 76 -58.24 37.83 12.01
CA TYR AA 76 -56.80 37.97 12.09
C TYR AA 76 -56.38 39.33 11.54
N ARG AA 77 -55.31 39.85 12.09
CA ARG AA 77 -54.67 41.05 11.58
C ARG AA 77 -53.29 40.68 11.08
N HIS AA 78 -52.58 41.66 10.56
CA HIS AA 78 -51.14 41.54 10.46
C HIS AA 78 -50.56 42.94 10.46
N SER AA 79 -49.39 43.06 11.07
CA SER AA 79 -48.88 44.37 11.42
C SER AA 79 -47.84 44.89 10.45
N MET AA 80 -47.56 44.15 9.37
CA MET AA 80 -46.45 44.40 8.45
C MET AA 80 -45.13 44.39 9.22
N TYR AA 81 -45.01 43.47 10.16
CA TYR AA 81 -43.79 43.28 10.94
C TYR AA 81 -43.60 41.79 11.10
N PRO AA 82 -42.38 41.34 11.42
CA PRO AA 82 -42.20 39.95 11.82
C PRO AA 82 -43.01 39.64 13.08
N GLY AA 83 -43.65 38.49 13.06
CA GLY AA 83 -44.58 38.14 14.12
C GLY AA 83 -45.84 38.97 14.06
N GLY AA 84 -46.30 39.27 12.87
CA GLY AA 84 -47.36 40.24 12.73
C GLY AA 84 -48.74 39.77 13.10
N LEU AA 85 -48.94 38.47 13.30
CA LEU AA 85 -50.28 37.98 13.58
C LEU AA 85 -50.77 38.40 14.95
N LYS AA 86 -52.05 38.74 15.02
CA LYS AA 86 -52.75 38.99 16.27
C LYS AA 86 -54.09 38.31 16.14
N SER AA 87 -54.30 37.25 16.90
CA SER AA 87 -55.38 36.30 16.71
C SER AA 87 -56.58 36.63 17.56
N VAL AA 88 -56.86 37.93 17.64
CA VAL AA 88 -57.49 38.56 18.78
C VAL AA 88 -58.88 37.98 19.04
N THR AA 89 -59.60 37.66 17.99
CA THR AA 89 -61.03 37.60 18.15
C THR AA 89 -61.51 36.23 18.56
N ALA AA 90 -62.77 36.22 18.98
CA ALA AA 90 -63.63 35.07 19.12
C ALA AA 90 -65.03 35.61 18.90
N GLY AA 91 -66.05 34.91 19.40
CA GLY AA 91 -67.31 35.61 19.56
C GLY AA 91 -67.34 36.65 20.67
N GLU AA 92 -66.23 36.82 21.41
CA GLU AA 92 -66.15 37.76 22.52
C GLU AA 92 -66.16 39.22 22.09
N LEU AA 93 -66.02 39.52 20.80
CA LEU AA 93 -66.22 40.91 20.42
C LEU AA 93 -67.68 41.27 20.22
N ARG AA 94 -68.59 40.33 20.47
CA ARG AA 94 -69.96 40.73 20.77
C ARG AA 94 -69.99 41.69 21.95
N ASP AA 95 -69.26 41.35 23.00
CA ASP AA 95 -69.29 42.11 24.24
C ASP AA 95 -68.45 43.37 24.18
N LYS AA 96 -67.50 43.45 23.26
CA LYS AA 96 -66.63 44.60 23.11
C LYS AA 96 -66.56 44.94 21.63
N ASN AA 97 -67.05 46.12 21.27
CA ASN AA 97 -67.26 46.53 19.88
C ASN AA 97 -68.12 45.51 19.13
N SER AA 98 -69.37 45.43 19.55
CA SER AA 98 -70.36 44.82 18.69
C SER AA 98 -70.60 45.65 17.44
N ARG AA 99 -70.18 46.92 17.44
CA ARG AA 99 -70.06 47.71 16.23
C ARG AA 99 -69.12 47.06 15.21
N ARG AA 100 -67.93 46.66 15.66
CA ARG AA 100 -66.86 46.26 14.76
C ARG AA 100 -67.18 44.99 13.99
N LEU AA 101 -67.89 44.05 14.64
CA LEU AA 101 -68.24 42.79 14.00
C LEU AA 101 -69.09 43.01 12.76
N ILE AA 102 -70.11 43.86 12.90
CA ILE AA 102 -70.95 44.13 11.75
C ILE AA 102 -70.24 45.04 10.77
N GLU AA 103 -69.43 45.98 11.27
CA GLU AA 103 -68.75 46.85 10.32
C GLU AA 103 -67.58 46.17 9.61
N THR AA 104 -67.24 44.93 9.95
CA THR AA 104 -66.38 44.14 9.07
C THR AA 104 -67.17 43.14 8.24
N SER AA 105 -68.07 42.38 8.85
CA SER AA 105 -68.78 41.35 8.10
C SER AA 105 -69.82 41.91 7.13
N VAL AA 106 -70.05 43.22 7.14
CA VAL AA 106 -70.73 43.86 6.03
C VAL AA 106 -69.72 44.41 5.03
N LYS AA 107 -68.55 44.82 5.53
CA LYS AA 107 -67.53 45.40 4.67
C LYS AA 107 -66.99 44.36 3.69
N GLY AA 108 -67.05 43.08 4.04
CA GLY AA 108 -66.61 42.05 3.12
C GLY AA 108 -67.71 41.56 2.20
N MET AA 109 -68.53 42.48 1.73
CA MET AA 109 -69.63 42.17 0.84
C MET AA 109 -69.69 43.10 -0.36
N LEU AA 110 -69.01 44.22 -0.30
CA LEU AA 110 -69.00 45.29 -1.29
C LEU AA 110 -67.85 45.11 -2.26
N PRO AA 111 -67.97 45.64 -3.47
CA PRO AA 111 -66.80 45.75 -4.35
C PRO AA 111 -65.79 46.72 -3.77
N LYS AA 112 -64.55 46.53 -4.16
CA LYS AA 112 -63.46 47.28 -3.57
C LYS AA 112 -63.01 48.40 -4.48
N ASN AA 113 -63.98 49.03 -5.13
CA ASN AA 113 -63.77 50.29 -5.83
C ASN AA 113 -63.79 51.43 -4.82
N THR AA 114 -63.76 52.67 -5.31
CA THR AA 114 -64.02 53.79 -4.43
C THR AA 114 -65.50 53.93 -4.11
N LEU AA 115 -66.37 53.35 -4.94
CA LEU AA 115 -67.80 53.46 -4.73
C LEU AA 115 -68.25 52.67 -3.53
N GLY AA 116 -67.56 51.56 -3.21
CA GLY AA 116 -67.89 50.84 -2.00
C GLY AA 116 -67.54 51.60 -0.75
N ARG AA 117 -66.59 52.52 -0.83
CA ARG AA 117 -66.23 53.34 0.31
C ARG AA 117 -67.35 54.31 0.64
N LYS AA 118 -67.86 55.01 -0.36
CA LYS AA 118 -68.99 55.89 -0.11
C LYS AA 118 -70.30 55.13 0.03
N GLN AA 119 -70.32 53.86 -0.38
CA GLN AA 119 -71.41 52.98 0.04
C GLN AA 119 -71.15 52.36 1.38
N PHE AA 120 -70.03 52.68 2.03
CA PHE AA 120 -69.72 52.17 3.34
C PHE AA 120 -69.77 53.22 4.43
N THR AA 121 -69.43 54.47 4.13
CA THR AA 121 -69.57 55.53 5.12
C THR AA 121 -71.01 55.80 5.48
N LYS AA 122 -71.95 55.44 4.61
CA LYS AA 122 -73.37 55.60 4.90
C LYS AA 122 -73.89 54.61 5.93
N LEU AA 123 -73.07 53.71 6.44
CA LEU AA 123 -73.50 52.90 7.56
C LEU AA 123 -73.61 53.70 8.83
N ASN AA 124 -74.49 53.22 9.70
CA ASN AA 124 -74.56 53.65 11.09
C ASN AA 124 -74.91 52.43 11.92
N VAL AA 125 -74.05 52.07 12.85
CA VAL AA 125 -74.22 50.87 13.65
C VAL AA 125 -74.28 51.26 15.12
N TYR AA 126 -75.32 50.80 15.80
CA TYR AA 126 -75.43 51.03 17.24
C TYR AA 126 -75.86 49.75 17.93
N GLY AA 127 -75.03 49.28 18.86
CA GLY AA 127 -75.43 48.18 19.70
C GLY AA 127 -76.47 48.55 20.72
N GLY AA 128 -76.69 49.84 20.96
CA GLY AA 128 -77.74 50.31 21.84
C GLY AA 128 -79.08 50.35 21.12
N ALA AA 129 -79.91 51.33 21.50
CA ALA AA 129 -81.23 51.43 20.91
C ALA AA 129 -81.66 52.88 20.68
N GLU AA 130 -80.72 53.77 20.40
CA GLU AA 130 -81.09 55.18 20.27
C GLU AA 130 -80.44 55.80 19.05
N HIS AA 131 -80.99 56.94 18.65
CA HIS AA 131 -80.52 57.68 17.49
C HIS AA 131 -80.04 59.05 17.90
N PRO AA 132 -78.75 59.35 17.80
CA PRO AA 132 -78.34 60.74 17.64
C PRO AA 132 -78.79 61.32 16.31
N HIS AA 133 -79.09 60.46 15.33
CA HIS AA 133 -79.61 60.85 14.04
C HIS AA 133 -81.12 60.89 14.01
N ALA AA 134 -81.76 61.02 15.18
CA ALA AA 134 -83.21 61.01 15.25
C ALA AA 134 -83.83 62.22 14.59
N ALA AA 135 -83.06 63.29 14.39
CA ALA AA 135 -83.56 64.48 13.73
C ALA AA 135 -83.83 64.28 12.25
N GLN AA 136 -83.34 63.21 11.65
CA GLN AA 136 -83.46 63.04 10.21
C GLN AA 136 -84.52 62.04 9.81
N GLN AA 137 -85.37 61.65 10.75
CA GLN AA 137 -86.62 60.93 10.54
C GLN AA 137 -86.43 59.61 9.80
N PRO AA 138 -85.84 58.60 10.42
CA PRO AA 138 -85.61 57.33 9.73
C PRO AA 138 -86.89 56.50 9.68
N GLU AA 139 -86.81 55.40 8.93
CA GLU AA 139 -87.92 54.49 8.73
C GLU AA 139 -87.50 53.08 9.13
N VAL AA 140 -88.47 52.17 9.14
CA VAL AA 140 -88.25 50.82 9.68
C VAL AA 140 -88.52 49.80 8.59
N LEU AA 141 -87.57 48.90 8.39
CA LEU AA 141 -87.76 47.75 7.52
C LEU AA 141 -88.25 46.55 8.32
N ASP AA 142 -88.72 45.54 7.60
CA ASP AA 142 -89.42 44.41 8.20
C ASP AA 142 -88.84 43.13 7.62
N ILE AA 143 -87.95 42.47 8.35
CA ILE AA 143 -87.29 41.29 7.83
C ILE AA 143 -88.24 40.10 7.94
N THR AA 144 -88.77 39.67 6.81
CA THR AA 144 -89.31 38.33 6.62
C THR AA 144 -88.56 37.65 5.49
N ASN AA 145 -87.29 37.99 5.33
CA ASN AA 145 -86.48 37.48 4.23
C ASN AA 145 -85.79 36.19 4.63
N MET BA 1 -10.84 43.23 36.09
CA MET BA 1 -10.22 43.03 34.80
C MET BA 1 -9.20 41.91 34.86
N ILE BA 2 -9.70 40.70 35.07
CA ILE BA 2 -8.92 39.48 35.00
C ILE BA 2 -9.69 38.45 34.19
N GLN BA 3 -9.05 37.91 33.15
CA GLN BA 3 -9.68 36.98 32.24
C GLN BA 3 -8.86 35.70 32.12
N GLN BA 4 -9.19 34.90 31.11
CA GLN BA 4 -8.25 33.89 30.63
C GLN BA 4 -7.08 34.60 29.95
N GLU BA 5 -5.98 33.86 29.78
CA GLU BA 5 -4.68 34.40 29.38
C GLU BA 5 -4.27 35.56 30.30
N SER BA 6 -4.04 35.21 31.55
CA SER BA 6 -3.52 36.14 32.55
C SER BA 6 -2.82 35.33 33.62
N ARG BA 7 -1.76 35.90 34.18
CA ARG BA 7 -0.87 35.15 35.05
C ARG BA 7 -0.92 35.68 36.47
N LEU BA 8 -1.31 34.82 37.40
CA LEU BA 8 -1.41 35.15 38.81
C LEU BA 8 -0.03 34.98 39.44
N ARG BA 9 0.03 35.07 40.76
CA ARG BA 9 1.21 34.66 41.52
C ARG BA 9 0.79 33.95 42.79
N VAL BA 10 1.56 32.93 43.16
CA VAL BA 10 1.35 32.27 44.43
C VAL BA 10 2.02 33.10 45.51
N ALA BA 11 1.28 33.41 46.56
CA ALA BA 11 1.82 34.18 47.68
C ALA BA 11 2.23 33.28 48.84
N ASP BA 12 2.53 32.01 48.58
CA ASP BA 12 2.92 31.07 49.61
C ASP BA 12 4.23 30.40 49.25
N ASN BA 13 4.75 29.63 50.20
CA ASN BA 13 5.68 28.55 49.90
C ASN BA 13 4.93 27.24 49.84
N SER BA 14 3.93 27.19 48.98
CA SER BA 14 3.14 25.99 48.77
C SER BA 14 3.55 25.25 47.51
N GLY BA 15 4.65 25.65 46.87
CA GLY BA 15 5.19 24.88 45.78
C GLY BA 15 5.24 25.58 44.44
N ALA BA 16 4.19 26.31 44.11
CA ALA BA 16 4.03 26.92 42.79
C ALA BA 16 4.39 28.39 42.81
N ARG BA 17 4.58 28.95 41.62
CA ARG BA 17 4.70 30.40 41.48
C ARG BA 17 3.61 31.00 40.59
N GLU BA 18 3.52 30.58 39.34
CA GLU BA 18 2.84 31.33 38.30
C GLU BA 18 1.80 30.44 37.66
N ILE BA 19 0.64 30.99 37.38
CA ILE BA 19 -0.54 30.21 37.07
C ILE BA 19 -1.30 30.88 35.94
N LEU BA 20 -1.71 30.10 34.92
CA LEU BA 20 -2.55 30.60 33.84
C LEU BA 20 -4.01 30.39 34.19
N THR BA 21 -4.79 31.47 34.16
CA THR BA 21 -6.19 31.42 34.52
C THR BA 21 -6.98 30.63 33.50
N ILE BA 22 -8.03 29.97 33.96
CA ILE BA 22 -8.82 29.16 33.06
C ILE BA 22 -10.29 29.57 33.12
N LYS BA 23 -10.89 29.57 34.30
CA LYS BA 23 -12.29 29.97 34.36
C LYS BA 23 -12.55 30.88 35.55
N VAL BA 24 -13.74 31.46 35.53
CA VAL BA 24 -14.17 32.53 36.42
C VAL BA 24 -15.44 32.05 37.10
N LEU BA 25 -15.39 30.82 37.64
CA LEU BA 25 -16.50 29.96 38.04
C LEU BA 25 -17.76 30.60 38.60
N GLY BA 26 -18.90 30.09 38.18
CA GLY BA 26 -20.18 30.55 38.66
C GLY BA 26 -20.80 31.52 37.68
N GLY BA 27 -21.70 31.01 36.85
CA GLY BA 27 -22.36 31.83 35.86
C GLY BA 27 -22.32 31.18 34.50
N SER BA 28 -22.78 31.94 33.50
CA SER BA 28 -22.91 31.48 32.13
C SER BA 28 -22.20 32.45 31.21
N GLY BA 29 -20.94 32.74 31.52
CA GLY BA 29 -20.16 33.57 30.63
C GLY BA 29 -19.48 34.74 31.30
N ARG BA 30 -19.19 34.62 32.59
CA ARG BA 30 -18.45 35.67 33.28
C ARG BA 30 -17.03 35.71 32.78
N LYS BA 31 -16.55 36.89 32.44
CA LYS BA 31 -15.21 37.05 31.91
C LYS BA 31 -14.27 37.83 32.81
N THR BA 32 -14.79 38.60 33.76
CA THR BA 32 -13.96 39.44 34.61
C THR BA 32 -13.98 38.90 36.04
N ALA BA 33 -12.94 39.25 36.78
CA ALA BA 33 -12.81 38.76 38.15
C ALA BA 33 -12.16 39.83 39.01
N ASN BA 34 -12.55 39.88 40.27
CA ASN BA 34 -11.95 40.80 41.22
C ASN BA 34 -11.46 40.06 42.46
N ILE BA 35 -11.04 40.80 43.49
CA ILE BA 35 -10.48 40.19 44.70
C ILE BA 35 -11.55 39.42 45.43
N GLY BA 36 -11.28 38.15 45.72
CA GLY BA 36 -12.25 37.32 46.38
C GLY BA 36 -13.10 36.51 45.44
N ASP BA 37 -12.54 36.06 44.32
CA ASP BA 37 -13.26 35.26 43.35
C ASP BA 37 -12.50 33.96 43.13
N VAL BA 38 -13.24 32.88 42.86
CA VAL BA 38 -12.66 31.55 42.79
C VAL BA 38 -12.29 31.22 41.35
N ILE BA 39 -11.04 30.82 41.13
CA ILE BA 39 -10.54 30.53 39.80
C ILE BA 39 -10.14 29.06 39.74
N VAL BA 40 -10.71 28.31 38.81
CA VAL BA 40 -10.10 27.06 38.37
C VAL BA 40 -8.96 27.41 37.43
N ALA BA 41 -7.76 26.90 37.72
CA ALA BA 41 -6.60 27.20 36.89
C ALA BA 41 -5.51 26.18 37.14
N THR BA 42 -4.43 26.27 36.37
CA THR BA 42 -3.34 25.29 36.42
C THR BA 42 -1.97 25.98 36.43
N VAL BA 43 -0.97 25.19 36.80
CA VAL BA 43 0.37 25.68 37.08
C VAL BA 43 1.10 26.01 35.78
N LYS BA 44 2.02 26.96 35.84
CA LYS BA 44 3.10 27.02 34.87
C LYS BA 44 4.45 26.67 35.49
N GLN BA 45 4.91 27.44 36.47
CA GLN BA 45 6.19 27.15 37.06
C GLN BA 45 6.02 26.80 38.53
N ALA BA 46 7.05 26.18 39.09
CA ALA BA 46 7.01 25.73 40.46
C ALA BA 46 8.42 25.68 41.02
N THR BA 47 8.56 26.03 42.29
CA THR BA 47 9.80 25.80 42.99
C THR BA 47 10.02 24.29 43.16
N PRO BA 48 11.27 23.85 43.18
CA PRO BA 48 11.53 22.42 43.36
C PRO BA 48 11.10 21.93 44.73
N GLY BA 49 10.67 20.68 44.77
CA GLY BA 49 10.06 20.22 45.98
C GLY BA 49 8.64 20.75 46.07
N GLY BA 50 8.07 20.63 47.25
CA GLY BA 50 6.71 21.05 47.49
C GLY BA 50 5.71 20.02 47.02
N VAL BA 51 4.47 20.20 47.48
CA VAL BA 51 3.41 19.28 47.10
C VAL BA 51 2.91 19.58 45.70
N VAL BA 52 2.80 20.86 45.36
CA VAL BA 52 2.18 21.28 44.10
C VAL BA 52 3.17 21.12 42.96
N LYS BA 53 2.79 20.34 41.95
CA LYS BA 53 3.62 20.07 40.79
C LYS BA 53 3.11 20.86 39.59
N LYS BA 54 3.84 20.78 38.48
CA LYS BA 54 3.41 21.45 37.26
C LYS BA 54 2.20 20.75 36.66
N GLY BA 55 1.25 21.55 36.19
CA GLY BA 55 0.11 21.03 35.47
C GLY BA 55 -0.88 20.26 36.32
N GLU BA 56 -1.58 20.95 37.22
CA GLU BA 56 -2.67 20.33 37.95
C GLU BA 56 -3.86 21.27 37.99
N VAL BA 57 -5.05 20.68 37.95
CA VAL BA 57 -6.31 21.37 38.15
C VAL BA 57 -6.34 21.92 39.56
N VAL BA 58 -6.32 23.24 39.69
CA VAL BA 58 -6.21 23.90 40.98
C VAL BA 58 -7.32 24.94 41.10
N LYS BA 59 -8.06 24.89 42.20
CA LYS BA 59 -8.90 26.01 42.58
C LYS BA 59 -8.11 26.98 43.43
N ALA BA 60 -8.30 28.27 43.19
CA ALA BA 60 -7.62 29.30 43.97
C ALA BA 60 -8.50 30.54 43.99
N VAL BA 61 -8.22 31.42 44.96
CA VAL BA 61 -8.97 32.67 45.09
C VAL BA 61 -7.99 33.82 45.04
N ILE BA 62 -8.34 34.85 44.28
CA ILE BA 62 -7.45 35.95 43.99
C ILE BA 62 -7.20 36.77 45.25
N VAL BA 63 -5.98 37.28 45.37
CA VAL BA 63 -5.63 38.31 46.33
C VAL BA 63 -4.97 39.43 45.56
N ARG BA 64 -5.36 40.68 45.84
CA ARG BA 64 -4.67 41.92 45.48
C ARG BA 64 -4.46 42.06 43.96
N THR BA 65 -5.58 42.31 43.29
CA THR BA 65 -5.52 42.68 41.88
C THR BA 65 -4.95 44.08 41.71
N LYS BA 66 -4.78 44.47 40.45
CA LYS BA 66 -4.53 45.87 40.14
C LYS BA 66 -5.81 46.62 39.82
N SER BA 67 -6.94 46.09 40.23
CA SER BA 67 -8.22 46.80 40.14
C SER BA 67 -8.96 46.48 41.43
N GLY BA 68 -8.75 47.31 42.46
CA GLY BA 68 -9.28 47.03 43.76
C GLY BA 68 -10.76 47.33 43.87
N ALA BA 69 -11.26 47.21 45.08
CA ALA BA 69 -12.68 47.34 45.33
C ALA BA 69 -13.01 48.70 45.89
N ARG BA 70 -14.05 49.31 45.35
CA ARG BA 70 -14.64 50.52 45.90
C ARG BA 70 -15.21 50.21 47.27
N ARG BA 71 -14.58 50.69 48.32
CA ARG BA 71 -15.22 50.61 49.61
C ARG BA 71 -16.37 51.61 49.67
N ALA BA 72 -17.37 51.29 50.49
CA ALA BA 72 -18.57 52.12 50.58
C ALA BA 72 -18.28 53.49 51.20
N ASP BA 73 -17.14 53.66 51.84
CA ASP BA 73 -16.68 54.97 52.28
C ASP BA 73 -16.49 55.89 51.09
N GLY BA 74 -15.97 55.36 50.00
CA GLY BA 74 -15.50 56.20 48.94
C GLY BA 74 -13.99 56.16 48.93
N SER BA 75 -13.44 55.00 49.25
CA SER BA 75 -12.01 54.78 49.22
C SER BA 75 -11.70 53.64 48.27
N TYR BA 76 -10.63 53.80 47.51
CA TYR BA 76 -10.19 52.79 46.57
C TYR BA 76 -8.85 52.25 47.00
N ILE BA 77 -8.55 51.01 46.60
CA ILE BA 77 -7.28 50.37 46.86
C ILE BA 77 -6.70 49.95 45.52
N LYS BA 78 -5.41 50.21 45.31
CA LYS BA 78 -4.75 49.77 44.09
C LYS BA 78 -3.41 49.17 44.44
N PHE BA 79 -3.17 47.94 44.00
CA PHE BA 79 -1.94 47.22 44.29
C PHE BA 79 -0.96 47.36 43.14
N ASP BA 80 0.12 46.60 43.18
CA ASP BA 80 1.11 46.63 42.11
C ASP BA 80 1.35 45.25 41.51
N GLU BA 81 0.60 44.24 41.92
CA GLU BA 81 0.82 42.87 41.48
C GLU BA 81 -0.53 42.19 41.35
N ASN BA 82 -0.49 40.86 41.24
CA ASN BA 82 -1.67 40.01 41.26
C ASN BA 82 -1.28 38.75 42.04
N ALA BA 83 -2.24 38.17 42.76
CA ALA BA 83 -1.88 37.03 43.57
C ALA BA 83 -3.07 36.14 43.82
N ALA BA 84 -2.78 34.91 44.26
CA ALA BA 84 -3.79 33.97 44.69
C ALA BA 84 -3.15 32.94 45.61
N VAL BA 85 -4.00 32.11 46.22
CA VAL BA 85 -3.58 31.09 47.18
C VAL BA 85 -4.31 29.80 46.85
N ILE BA 86 -3.56 28.70 46.76
CA ILE BA 86 -4.13 27.41 46.42
C ILE BA 86 -4.97 26.89 47.58
N ILE BA 87 -6.17 26.43 47.27
CA ILE BA 87 -7.20 26.17 48.27
C ILE BA 87 -7.70 24.74 48.16
N ARG BA 88 -7.72 24.04 49.29
CA ARG BA 88 -8.12 22.65 49.38
C ARG BA 88 -9.63 22.45 49.43
N ASP BA 89 -10.41 23.50 49.15
CA ASP BA 89 -11.86 23.48 49.04
C ASP BA 89 -12.57 23.11 50.35
N ASP BA 90 -11.89 23.32 51.48
CA ASP BA 90 -12.55 23.38 52.77
C ASP BA 90 -12.67 24.81 53.25
N LYS BA 91 -12.58 25.76 52.31
CA LYS BA 91 -12.11 27.12 52.55
C LYS BA 91 -10.88 27.08 53.45
N SER BA 92 -9.87 26.37 52.94
CA SER BA 92 -8.68 26.12 53.69
C SER BA 92 -7.50 26.22 52.73
N PRO BA 93 -6.51 27.03 53.05
CA PRO BA 93 -5.32 27.12 52.18
C PRO BA 93 -4.47 25.87 52.30
N ARG BA 94 -3.50 25.76 51.40
CA ARG BA 94 -2.71 24.54 51.31
C ARG BA 94 -1.33 24.68 51.94
N GLY BA 95 -0.63 25.77 51.67
CA GLY BA 95 0.69 25.96 52.26
C GLY BA 95 0.69 26.33 53.73
N THR BA 96 1.75 27.00 54.18
CA THR BA 96 1.83 27.42 55.57
C THR BA 96 1.82 28.93 55.71
N ARG BA 97 2.78 29.61 55.10
CA ARG BA 97 2.82 31.06 55.19
C ARG BA 97 1.88 31.70 54.18
N ILE BA 98 1.81 33.02 54.24
CA ILE BA 98 1.22 33.87 53.20
C ILE BA 98 2.10 35.10 53.10
N PHE BA 99 2.64 35.36 51.93
CA PHE BA 99 3.41 36.57 51.76
C PHE BA 99 2.49 37.70 51.29
N GLY BA 100 2.86 38.93 51.62
CA GLY BA 100 2.21 40.10 51.07
C GLY BA 100 0.87 40.42 51.71
N PRO BA 101 0.43 41.66 51.57
CA PRO BA 101 -0.84 42.07 52.17
C PRO BA 101 -2.03 41.49 51.43
N VAL BA 102 -3.18 41.51 52.10
CA VAL BA 102 -4.42 40.95 51.60
C VAL BA 102 -5.53 41.96 51.86
N ALA BA 103 -6.39 42.18 50.87
CA ALA BA 103 -7.55 43.03 51.06
C ALA BA 103 -8.55 42.37 52.01
N ARG BA 104 -9.32 43.20 52.71
CA ARG BA 104 -10.15 42.79 53.83
C ARG BA 104 -11.34 41.95 53.45
N GLU BA 105 -11.72 41.91 52.18
CA GLU BA 105 -13.06 41.50 51.86
C GLU BA 105 -13.23 39.99 51.79
N LEU BA 106 -12.17 39.24 52.09
CA LEU BA 106 -12.31 37.81 52.30
C LEU BA 106 -13.05 37.50 53.59
N ARG BA 107 -13.10 38.46 54.52
CA ARG BA 107 -13.92 38.34 55.71
C ARG BA 107 -15.39 38.19 55.37
N GLU BA 108 -15.81 38.82 54.27
CA GLU BA 108 -17.15 38.61 53.76
C GLU BA 108 -17.34 37.22 53.21
N ASN BA 109 -16.25 36.51 52.90
CA ASN BA 109 -16.32 35.24 52.21
C ASN BA 109 -15.66 34.12 52.99
N ASN BA 110 -15.59 34.27 54.31
CA ASN BA 110 -15.31 33.19 55.27
C ASN BA 110 -13.93 32.58 55.11
N PHE BA 111 -12.97 33.30 54.53
CA PHE BA 111 -11.62 32.75 54.41
C PHE BA 111 -10.77 33.20 55.60
N MET BA 112 -11.25 32.83 56.79
CA MET BA 112 -10.81 33.48 58.01
C MET BA 112 -9.40 33.05 58.41
N LYS BA 113 -9.03 31.80 58.10
CA LYS BA 113 -7.66 31.39 58.31
C LYS BA 113 -6.72 32.16 57.41
N ILE BA 114 -7.16 32.42 56.19
CA ILE BA 114 -6.33 33.14 55.23
C ILE BA 114 -6.19 34.59 55.64
N VAL BA 115 -7.25 35.17 56.22
CA VAL BA 115 -7.15 36.51 56.78
C VAL BA 115 -6.19 36.51 57.96
N SER BA 116 -6.26 35.48 58.79
CA SER BA 116 -5.51 35.46 60.04
C SER BA 116 -4.01 35.33 59.79
N LEU BA 117 -3.62 34.61 58.75
CA LEU BA 117 -2.20 34.36 58.56
C LEU BA 117 -1.50 35.48 57.81
N ALA BA 118 -2.21 36.52 57.40
CA ALA BA 118 -1.59 37.57 56.62
C ALA BA 118 -0.68 38.42 57.51
N PRO BA 119 0.40 38.97 56.94
CA PRO BA 119 1.20 39.93 57.70
C PRO BA 119 0.50 41.26 57.90
N GLU BA 120 -0.43 41.63 57.01
CA GLU BA 120 -1.14 42.90 57.13
C GLU BA 120 -2.43 42.82 56.34
N VAL BA 121 -3.57 42.82 57.02
CA VAL BA 121 -4.86 42.71 56.37
C VAL BA 121 -5.31 44.11 56.01
N LEU BA 122 -5.12 44.50 54.76
CA LEU BA 122 -5.62 45.77 54.28
C LEU BA 122 -6.82 45.54 53.39
N MET CA 1 -56.25 50.04 -83.71
CA MET CA 1 -55.10 49.79 -82.85
C MET CA 1 -53.87 50.53 -83.34
N LYS CA 2 -53.31 51.35 -82.46
CA LYS CA 2 -52.07 52.04 -82.76
C LYS CA 2 -51.32 52.24 -81.44
N LEU CA 3 -50.34 53.15 -81.44
CA LEU CA 3 -49.32 53.23 -80.40
C LEU CA 3 -49.91 53.48 -79.03
N HIS CA 4 -50.83 54.44 -78.92
CA HIS CA 4 -51.40 54.72 -77.62
C HIS CA 4 -52.48 53.75 -77.19
N GLU CA 5 -52.83 52.75 -78.01
CA GLU CA 5 -53.86 51.80 -77.63
C GLU CA 5 -53.44 50.38 -77.98
N LEU CA 6 -52.23 50.01 -77.57
CA LEU CA 6 -51.74 48.66 -77.80
C LEU CA 6 -52.50 47.64 -76.96
N LYS CA 7 -52.41 46.38 -77.38
CA LYS CA 7 -53.09 45.27 -76.71
C LYS CA 7 -52.34 43.96 -76.84
N PRO CA 8 -51.98 43.31 -75.73
CA PRO CA 8 -51.55 41.92 -75.81
C PRO CA 8 -52.74 40.99 -76.03
N ALA CA 9 -52.43 39.78 -76.42
CA ALA CA 9 -53.44 38.75 -76.45
C ALA CA 9 -53.80 38.35 -75.03
N GLU CA 10 -54.96 37.73 -74.88
CA GLU CA 10 -55.30 37.21 -73.57
C GLU CA 10 -54.49 35.95 -73.29
N GLY CA 11 -54.31 35.66 -72.00
CA GLY CA 11 -53.57 34.50 -71.55
C GLY CA 11 -52.15 34.46 -72.03
N SER CA 12 -51.51 35.62 -72.19
CA SER CA 12 -50.28 35.70 -72.95
C SER CA 12 -49.11 36.26 -72.17
N ARG CA 13 -49.29 36.65 -70.91
CA ARG CA 13 -48.17 37.20 -70.14
C ARG CA 13 -48.49 37.09 -68.66
N GLN CA 14 -47.61 36.43 -67.90
CA GLN CA 14 -47.80 36.22 -66.48
C GLN CA 14 -47.05 37.30 -65.71
N VAL CA 15 -47.15 37.28 -64.38
CA VAL CA 15 -46.86 38.52 -63.66
C VAL CA 15 -45.43 38.57 -63.12
N ARG CA 16 -45.16 37.84 -62.01
CA ARG CA 16 -43.92 37.28 -61.46
C ARG CA 16 -44.26 36.73 -60.08
N ASN CA 17 -43.29 36.15 -59.38
CA ASN CA 17 -43.34 36.04 -57.92
C ASN CA 17 -42.16 36.81 -57.33
N ARG CA 18 -42.46 37.90 -56.63
CA ARG CA 18 -41.46 38.62 -55.86
C ARG CA 18 -41.49 38.03 -54.45
N VAL CA 19 -40.35 37.49 -54.02
CA VAL CA 19 -40.30 36.63 -52.84
C VAL CA 19 -39.42 37.30 -51.80
N GLY CA 20 -39.90 37.40 -50.58
CA GLY CA 20 -39.23 38.12 -49.54
C GLY CA 20 -39.76 39.52 -49.33
N ARG CA 21 -41.03 39.76 -49.64
CA ARG CA 21 -41.58 41.10 -49.66
N GLY CA 22 -42.97 40.67 -47.73
CA GLY CA 22 -44.19 41.00 -46.98
C GLY CA 22 -44.97 39.77 -46.56
N THR CA 23 -45.33 39.76 -45.27
CA THR CA 23 -45.75 38.53 -44.62
C THR CA 23 -47.13 38.08 -45.03
N SER CA 24 -47.99 39.00 -45.44
CA SER CA 24 -49.32 38.57 -45.83
C SER CA 24 -49.38 38.17 -47.29
N SER CA 25 -48.36 38.49 -48.08
CA SER CA 25 -48.34 38.06 -49.46
C SER CA 25 -48.17 36.55 -49.58
N GLY CA 26 -47.45 35.94 -48.65
CA GLY CA 26 -47.25 34.51 -48.64
C GLY CA 26 -45.83 34.06 -48.87
N ASN CA 27 -44.93 34.94 -49.28
CA ASN CA 27 -43.56 34.55 -49.59
C ASN CA 27 -42.56 35.46 -48.91
N GLY CA 28 -42.75 35.66 -47.61
CA GLY CA 28 -41.73 36.28 -46.78
C GLY CA 28 -41.54 35.46 -45.53
N LYS CA 29 -40.43 35.74 -44.84
CA LYS CA 29 -39.95 34.95 -43.69
C LYS CA 29 -39.75 33.50 -44.09
N THR CA 30 -38.59 33.23 -44.71
CA THR CA 30 -38.16 31.93 -45.25
C THR CA 30 -38.92 31.58 -46.51
N ALA CA 31 -39.09 32.58 -47.38
CA ALA CA 31 -39.10 32.52 -48.84
C ALA CA 31 -39.78 31.30 -49.45
N GLY CA 32 -40.90 30.88 -48.88
CA GLY CA 32 -41.54 29.67 -49.34
C GLY CA 32 -40.76 28.43 -49.04
N ARG CA 33 -39.95 28.45 -47.97
CA ARG CA 33 -38.97 27.40 -47.75
C ARG CA 33 -39.18 26.62 -46.45
N GLY CA 34 -40.03 27.09 -45.56
CA GLY CA 34 -40.27 26.35 -44.34
C GLY CA 34 -39.18 26.54 -43.30
N GLN CA 35 -38.99 25.51 -42.49
CA GLN CA 35 -38.03 25.56 -41.39
C GLN CA 35 -36.67 25.03 -41.82
N LYS CA 36 -35.82 24.76 -40.82
CA LYS CA 36 -34.40 24.57 -40.98
C LYS CA 36 -34.06 23.33 -41.82
N GLY CA 37 -32.80 23.23 -42.18
CA GLY CA 37 -32.33 22.15 -43.02
C GLY CA 37 -31.28 22.66 -43.98
N GLN CA 38 -30.52 21.77 -44.61
CA GLN CA 38 -29.51 22.28 -45.52
C GLN CA 38 -30.07 22.65 -46.88
N LYS CA 39 -31.34 22.36 -47.15
CA LYS CA 39 -31.98 22.98 -48.30
C LYS CA 39 -32.31 24.43 -48.05
N ALA CA 40 -32.43 24.82 -46.79
CA ALA CA 40 -32.80 26.19 -46.48
C ALA CA 40 -31.66 27.17 -46.67
N ARG CA 41 -30.42 26.71 -46.61
CA ARG CA 41 -29.30 27.62 -46.49
C ARG CA 41 -29.00 28.33 -47.81
N SER CA 42 -27.94 29.12 -47.79
CA SER CA 42 -27.52 29.92 -48.94
C SER CA 42 -26.82 29.03 -49.96
N GLY CA 43 -27.58 28.56 -50.94
CA GLY CA 43 -27.00 27.70 -51.95
C GLY CA 43 -26.86 26.26 -51.54
N GLY CA 44 -27.78 25.75 -50.74
CA GLY CA 44 -27.72 24.40 -50.26
C GLY CA 44 -28.51 23.44 -51.12
N GLY CA 45 -28.30 22.15 -50.87
CA GLY CA 45 -28.89 21.11 -51.68
C GLY CA 45 -27.85 20.11 -52.14
N VAL CA 46 -28.22 18.84 -52.17
CA VAL CA 46 -27.30 17.78 -52.58
C VAL CA 46 -27.16 17.81 -54.09
N ARG CA 47 -26.19 17.06 -54.61
CA ARG CA 47 -26.10 16.87 -56.04
C ARG CA 47 -27.23 15.96 -56.50
N LEU CA 48 -27.49 16.01 -57.80
CA LEU CA 48 -28.59 15.25 -58.38
C LEU CA 48 -28.28 13.77 -58.32
N GLY CA 49 -29.29 12.97 -58.00
CA GLY CA 49 -29.12 11.54 -57.89
C GLY CA 49 -28.43 11.07 -56.64
N PHE CA 50 -27.97 11.99 -55.80
CA PHE CA 50 -27.45 11.61 -54.50
C PHE CA 50 -28.59 11.13 -53.62
N GLU CA 51 -28.42 9.97 -53.02
CA GLU CA 51 -29.49 9.37 -52.24
C GLU CA 51 -29.01 9.09 -50.83
N GLY CA 52 -28.38 10.08 -50.22
CA GLY CA 52 -27.78 9.80 -48.94
C GLY CA 52 -26.55 8.94 -49.15
N GLY CA 53 -26.16 8.26 -48.09
CA GLY CA 53 -25.08 7.32 -48.27
C GLY CA 53 -25.51 5.94 -48.66
N GLN CA 54 -26.81 5.73 -48.84
CA GLN CA 54 -27.32 4.48 -49.40
C GLN CA 54 -26.72 4.30 -50.79
N THR CA 55 -26.25 3.08 -51.07
CA THR CA 55 -25.54 2.76 -52.31
C THR CA 55 -26.47 2.99 -53.48
N PRO CA 56 -26.26 4.04 -54.25
CA PRO CA 56 -27.30 4.53 -55.16
C PRO CA 56 -27.50 3.59 -56.32
N LEU CA 57 -28.57 3.84 -57.05
CA LEU CA 57 -29.05 2.85 -58.00
C LEU CA 57 -28.17 2.77 -59.24
N PHE CA 58 -27.38 3.79 -59.54
CA PHE CA 58 -26.52 3.68 -60.70
C PHE CA 58 -25.26 2.87 -60.38
N ARG CA 59 -25.04 2.51 -59.13
CA ARG CA 59 -23.96 1.60 -58.77
C ARG CA 59 -24.49 0.31 -58.18
N ARG CA 60 -25.80 0.15 -58.13
CA ARG CA 60 -26.40 -1.03 -57.56
C ARG CA 60 -26.53 -2.14 -58.58
N LEU CA 61 -26.43 -1.81 -59.87
CA LEU CA 61 -26.76 -2.67 -60.99
C LEU CA 61 -25.63 -2.66 -62.02
N PRO CA 62 -25.43 -3.76 -62.75
CA PRO CA 62 -24.17 -3.93 -63.48
C PRO CA 62 -24.08 -3.15 -64.77
N LYS CA 63 -22.85 -2.80 -65.12
CA LYS CA 63 -22.52 -2.26 -66.42
C LYS CA 63 -22.79 -3.32 -67.49
N ARG CA 64 -23.20 -2.88 -68.68
CA ARG CA 64 -23.55 -3.83 -69.74
C ARG CA 64 -23.50 -3.17 -71.12
N GLY CA 65 -22.84 -3.84 -72.06
CA GLY CA 65 -22.96 -3.51 -73.46
C GLY CA 65 -21.74 -2.77 -74.00
N PHE CA 66 -21.58 -2.83 -75.33
CA PHE CA 66 -20.54 -2.06 -75.98
C PHE CA 66 -21.10 -1.47 -77.26
N THR CA 67 -20.26 -0.73 -77.95
CA THR CA 67 -20.66 0.01 -79.13
C THR CA 67 -19.80 -0.42 -80.30
N ASN CA 68 -20.46 -0.73 -81.42
CA ASN CA 68 -19.76 -0.93 -82.68
C ASN CA 68 -19.02 0.34 -83.06
N ILE CA 69 -17.84 0.16 -83.63
CA ILE CA 69 -17.17 1.31 -84.21
C ILE CA 69 -17.83 1.71 -85.51
N ASN CA 70 -18.50 0.78 -86.19
CA ASN CA 70 -19.01 1.04 -87.52
C ASN CA 70 -20.43 0.51 -87.66
N ARG CA 71 -21.30 0.88 -86.73
CA ARG CA 71 -22.72 0.59 -86.93
C ARG CA 71 -23.23 1.40 -88.09
N LYS CA 72 -23.55 0.69 -89.16
CA LYS CA 72 -24.01 1.30 -90.40
C LYS CA 72 -25.54 1.33 -90.36
N ASP CA 73 -26.10 2.52 -90.25
CA ASP CA 73 -27.55 2.70 -90.19
C ASP CA 73 -28.00 3.71 -91.23
N TYR CA 74 -29.16 3.45 -91.81
CA TYR CA 74 -29.62 4.13 -93.01
C TYR CA 74 -30.49 5.33 -92.66
N ALA CA 75 -31.26 5.81 -93.64
CA ALA CA 75 -32.11 7.00 -93.55
C ALA CA 75 -33.55 6.65 -93.95
N VAL CA 76 -34.10 5.66 -93.26
CA VAL CA 76 -35.29 4.89 -93.69
C VAL CA 76 -36.51 5.76 -93.93
N VAL CA 77 -37.15 5.55 -95.09
CA VAL CA 77 -38.53 5.97 -95.37
C VAL CA 77 -39.35 4.69 -95.55
N ASN CA 78 -40.62 4.70 -95.11
CA ASN CA 78 -41.25 3.40 -95.05
C ASN CA 78 -41.83 2.97 -96.39
N LEU CA 79 -43.04 3.42 -96.76
CA LEU CA 79 -43.48 3.15 -98.13
C LEU CA 79 -44.43 4.18 -98.70
N ASP CA 80 -45.20 4.85 -97.84
CA ASP CA 80 -46.39 5.52 -98.32
C ASP CA 80 -46.16 6.97 -98.66
N THR CA 81 -44.98 7.49 -98.34
CA THR CA 81 -44.57 8.79 -98.84
C THR CA 81 -44.49 8.77 -100.37
N LEU CA 82 -44.11 7.62 -100.94
CA LEU CA 82 -43.96 7.50 -102.39
C LEU CA 82 -45.27 7.57 -103.14
N ASN CA 83 -46.41 7.36 -102.47
CA ASN CA 83 -47.66 7.17 -103.20
C ASN CA 83 -48.29 8.51 -103.60
N ARG CA 84 -47.50 9.40 -104.19
CA ARG CA 84 -48.04 10.59 -104.83
C ARG CA 84 -47.22 10.99 -106.06
N PHE CA 85 -46.55 10.05 -106.70
CA PHE CA 85 -45.51 10.32 -107.68
C PHE CA 85 -45.85 9.74 -109.04
N GLU CA 86 -47.10 9.89 -109.45
CA GLU CA 86 -47.93 8.83 -110.05
C GLU CA 86 -47.26 7.77 -110.94
N ASP CA 87 -46.64 8.09 -112.07
CA ASP CA 87 -46.21 7.00 -112.94
C ASP CA 87 -44.94 7.41 -113.69
N GLY CA 88 -43.81 7.09 -113.10
CA GLY CA 88 -42.54 7.03 -113.80
C GLY CA 88 -41.79 8.34 -113.65
N THR CA 89 -40.96 8.42 -112.63
CA THR CA 89 -40.15 9.61 -112.38
C THR CA 89 -38.76 9.28 -111.85
N GLU CA 90 -38.39 7.99 -111.76
CA GLU CA 90 -37.13 7.52 -111.19
C GLU CA 90 -36.92 7.98 -109.76
N VAL CA 91 -37.63 7.36 -108.82
CA VAL CA 91 -37.36 7.54 -107.39
C VAL CA 91 -35.87 7.32 -107.11
N THR CA 92 -35.26 8.26 -106.40
CA THR CA 92 -33.82 8.48 -106.47
C THR CA 92 -33.37 9.21 -105.21
N PRO CA 93 -32.08 9.17 -104.88
CA PRO CA 93 -31.56 10.00 -103.77
C PRO CA 93 -31.35 11.47 -104.10
N VAL CA 94 -31.87 11.93 -105.23
CA VAL CA 94 -32.00 13.32 -105.62
C VAL CA 94 -33.50 13.40 -105.78
N VAL CA 95 -34.02 14.25 -106.66
CA VAL CA 95 -35.26 15.04 -106.62
C VAL CA 95 -36.40 14.57 -105.71
N LEU CA 96 -36.52 13.26 -105.48
CA LEU CA 96 -37.30 12.73 -104.34
C LEU CA 96 -37.02 13.45 -103.03
N LYS CA 97 -35.75 13.81 -102.76
CA LYS CA 97 -35.54 14.47 -101.48
C LYS CA 97 -36.05 15.91 -101.49
N GLU CA 98 -35.28 16.90 -101.96
CA GLU CA 98 -35.61 18.10 -102.77
C GLU CA 98 -37.03 18.63 -102.77
N ALA CA 99 -37.84 18.30 -101.79
CA ALA CA 99 -39.12 18.95 -101.54
C ALA CA 99 -39.48 18.92 -100.07
N GLY CA 100 -38.61 18.44 -99.20
CA GLY CA 100 -38.96 18.23 -97.81
C GLY CA 100 -39.41 16.82 -97.55
N ILE CA 101 -38.58 15.84 -97.89
CA ILE CA 101 -38.91 14.45 -97.60
C ILE CA 101 -37.81 13.81 -96.77
N VAL CA 102 -36.59 13.79 -97.29
CA VAL CA 102 -35.42 13.26 -96.59
C VAL CA 102 -34.30 14.26 -96.78
N LYS CA 103 -33.94 14.96 -95.72
CA LYS CA 103 -32.85 15.93 -95.78
C LYS CA 103 -31.64 15.35 -95.08
N ASN CA 104 -30.50 15.35 -95.79
CA ASN CA 104 -29.17 14.99 -95.27
C ASN CA 104 -29.15 13.56 -94.71
N GLU CA 105 -29.25 12.61 -95.65
CA GLU CA 105 -29.40 11.20 -95.34
C GLU CA 105 -28.17 10.65 -94.62
N LYS CA 106 -28.34 9.46 -94.05
CA LYS CA 106 -27.30 8.87 -93.22
C LYS CA 106 -26.40 7.91 -94.00
N ALA CA 107 -26.97 6.87 -94.58
CA ALA CA 107 -26.13 5.90 -95.30
C ALA CA 107 -26.80 5.39 -96.55
N GLY CA 108 -27.62 6.21 -97.21
CA GLY CA 108 -28.39 5.73 -98.32
C GLY CA 108 -29.75 5.27 -97.83
N ILE CA 109 -30.77 5.43 -98.65
CA ILE CA 109 -32.13 5.23 -98.17
C ILE CA 109 -32.48 3.75 -98.24
N LYS CA 110 -32.86 3.20 -97.10
CA LYS CA 110 -33.49 1.90 -97.03
C LYS CA 110 -35.00 2.11 -97.06
N VAL CA 111 -35.72 1.15 -97.61
CA VAL CA 111 -37.16 1.26 -97.80
C VAL CA 111 -37.83 0.09 -97.10
N LEU CA 112 -38.73 0.37 -96.19
CA LEU CA 112 -39.46 -0.67 -95.50
C LEU CA 112 -40.76 -0.96 -96.26
N ALA CA 113 -41.68 -1.66 -95.62
CA ALA CA 113 -42.88 -2.16 -96.26
C ALA CA 113 -44.12 -1.71 -95.52
N ASP CA 114 -44.21 -0.42 -95.23
CA ASP CA 114 -45.36 0.10 -94.50
C ASP CA 114 -45.90 1.33 -95.22
N GLY CA 115 -47.11 1.21 -95.77
CA GLY CA 115 -47.81 -0.04 -95.90
C GLY CA 115 -48.53 -0.38 -97.20
N GLU CA 116 -48.82 0.60 -98.05
CA GLU CA 116 -49.62 0.36 -99.25
C GLU CA 116 -49.24 1.33 -100.35
N LEU CA 117 -49.21 0.84 -101.59
CA LEU CA 117 -48.98 1.70 -102.73
C LEU CA 117 -49.53 1.02 -103.98
N THR CA 118 -50.17 1.82 -104.84
CA THR CA 118 -50.68 1.36 -106.13
C THR CA 118 -50.20 2.33 -107.21
N LYS CA 119 -48.96 2.16 -107.66
CA LYS CA 119 -48.41 2.92 -108.80
C LYS CA 119 -47.54 1.95 -109.61
N LYS CA 120 -46.74 2.50 -110.53
CA LYS CA 120 -45.81 1.70 -111.33
C LYS CA 120 -44.47 2.43 -111.39
N LEU CA 121 -43.92 2.76 -110.23
CA LEU CA 121 -42.76 3.65 -110.23
C LEU CA 121 -41.47 2.87 -110.51
N THR CA 122 -40.35 3.59 -110.46
CA THR CA 122 -39.03 2.99 -110.53
C THR CA 122 -38.14 3.63 -109.47
N VAL CA 123 -37.52 2.78 -108.65
CA VAL CA 123 -36.92 3.16 -107.38
C VAL CA 123 -35.43 2.85 -107.43
N LYS CA 124 -34.61 3.85 -107.15
CA LYS CA 124 -33.17 3.65 -107.02
C LYS CA 124 -32.81 3.85 -105.55
N ALA CA 125 -32.85 2.76 -104.79
CA ALA CA 125 -32.50 2.79 -103.38
C ALA CA 125 -31.24 1.98 -103.14
N ALA CA 126 -30.77 2.02 -101.90
CA ALA CA 126 -29.56 1.30 -101.52
C ALA CA 126 -29.86 0.00 -100.80
N LYS CA 127 -31.11 -0.24 -100.41
CA LYS CA 127 -31.48 -1.47 -99.73
C LYS CA 127 -32.98 -1.61 -99.87
N PHE CA 128 -33.46 -2.84 -99.76
CA PHE CA 128 -34.89 -3.10 -99.72
C PHE CA 128 -35.17 -4.18 -98.69
N SER CA 129 -36.36 -4.13 -98.11
CA SER CA 129 -36.77 -5.24 -97.28
C SER CA 129 -37.24 -6.37 -98.16
N LYS CA 130 -37.42 -7.55 -97.55
CA LYS CA 130 -37.85 -8.70 -98.32
C LYS CA 130 -39.30 -8.59 -98.75
N SER CA 131 -40.11 -7.82 -98.04
CA SER CA 131 -41.45 -7.51 -98.51
C SER CA 131 -41.48 -6.32 -99.46
N ALA CA 132 -40.40 -5.53 -99.51
CA ALA CA 132 -40.38 -4.33 -100.33
C ALA CA 132 -40.42 -4.66 -101.81
N GLN CA 133 -39.57 -5.60 -102.24
CA GLN CA 133 -39.53 -5.96 -103.65
C GLN CA 133 -40.80 -6.66 -104.08
N GLU CA 134 -41.40 -7.46 -103.21
CA GLU CA 134 -42.66 -8.09 -103.56
C GLU CA 134 -43.78 -7.06 -103.65
N ALA CA 135 -43.73 -6.03 -102.80
CA ALA CA 135 -44.76 -5.00 -102.85
C ALA CA 135 -44.62 -4.13 -104.09
N ILE CA 136 -43.39 -3.80 -104.48
CA ILE CA 136 -43.22 -2.91 -105.63
C ILE CA 136 -43.43 -3.67 -106.93
N GLU CA 137 -42.78 -4.83 -107.08
CA GLU CA 137 -42.95 -5.64 -108.28
C GLU CA 137 -44.35 -6.21 -108.40
N ALA CA 138 -45.07 -6.37 -107.28
CA ALA CA 138 -46.47 -6.78 -107.37
C ALA CA 138 -47.32 -5.69 -108.01
N ALA CA 139 -46.92 -4.44 -107.88
CA ALA CA 139 -47.50 -3.35 -108.64
C ALA CA 139 -46.74 -3.07 -109.92
N GLY CA 140 -45.82 -3.94 -110.31
CA GLY CA 140 -45.10 -3.81 -111.56
C GLY CA 140 -43.95 -2.84 -111.54
N GLY CA 141 -43.59 -2.31 -110.39
CA GLY CA 141 -42.49 -1.37 -110.33
C GLY CA 141 -41.15 -2.05 -110.47
N SER CA 142 -40.23 -1.37 -111.15
CA SER CA 142 -38.91 -1.92 -111.43
C SER CA 142 -37.94 -1.50 -110.34
N ILE CA 143 -37.48 -2.45 -109.55
CA ILE CA 143 -36.58 -2.18 -108.43
C ILE CA 143 -35.14 -2.28 -108.89
N GLU CA 144 -34.26 -1.56 -108.21
CA GLU CA 144 -32.82 -1.67 -108.46
C GLU CA 144 -32.07 -1.19 -107.22
N VAL CA 145 -30.89 -1.77 -107.02
CA VAL CA 145 -30.03 -1.44 -105.89
C VAL CA 145 -28.78 -0.82 -106.48
N ILE CA 146 -28.69 0.51 -106.43
CA ILE CA 146 -27.53 1.18 -106.99
C ILE CA 146 -26.87 2.05 -105.93
N MET DA 1 -34.16 -14.01 6.15
CA MET DA 1 -34.87 -14.42 4.96
C MET DA 1 -35.51 -15.80 5.16
N LEU DA 2 -36.67 -15.82 5.81
CA LEU DA 2 -37.38 -17.06 6.15
C LEU DA 2 -38.46 -17.31 5.11
N VAL DA 3 -38.08 -17.93 3.99
CA VAL DA 3 -38.99 -18.21 2.89
C VAL DA 3 -39.46 -19.66 3.04
N PRO DA 4 -40.73 -19.91 3.26
CA PRO DA 4 -41.15 -21.28 3.56
C PRO DA 4 -41.30 -22.16 2.33
N LYS DA 5 -41.78 -21.57 1.23
CA LYS DA 5 -42.52 -22.31 0.21
C LYS DA 5 -42.06 -21.83 -1.15
N ARG DA 6 -41.41 -22.70 -1.92
CA ARG DA 6 -40.92 -22.27 -3.21
C ARG DA 6 -41.34 -23.25 -4.29
N VAL DA 7 -40.87 -22.96 -5.49
CA VAL DA 7 -41.28 -23.61 -6.71
C VAL DA 7 -40.03 -24.22 -7.32
N LYS DA 8 -40.21 -25.26 -8.11
CA LYS DA 8 -39.20 -25.75 -9.03
C LYS DA 8 -39.47 -25.09 -10.38
N HIS DA 9 -38.47 -24.37 -10.90
CA HIS DA 9 -38.70 -23.19 -11.72
C HIS DA 9 -39.38 -23.33 -13.07
N ARG DA 10 -38.61 -23.82 -14.06
CA ARG DA 10 -38.78 -23.86 -15.52
C ARG DA 10 -39.01 -22.49 -16.17
N ARG DA 11 -39.01 -21.41 -15.39
CA ARG DA 11 -38.90 -20.02 -15.84
C ARG DA 11 -38.11 -19.29 -14.77
N GLU DA 12 -37.68 -18.06 -15.06
CA GLU DA 12 -37.04 -17.26 -14.03
C GLU DA 12 -37.89 -16.07 -13.62
N PHE DA 13 -38.21 -15.19 -14.54
CA PHE DA 13 -38.89 -13.94 -14.27
C PHE DA 13 -40.36 -14.08 -14.68
N ARG DA 14 -41.20 -13.24 -14.11
CA ARG DA 14 -42.57 -13.12 -14.60
C ARG DA 14 -42.93 -11.66 -14.75
N GLY DA 15 -43.96 -11.39 -15.54
CA GLY DA 15 -44.45 -10.04 -15.69
C GLY DA 15 -45.10 -9.55 -14.41
N LYS DA 16 -45.00 -8.24 -14.18
CA LYS DA 16 -45.69 -7.64 -13.06
C LYS DA 16 -47.18 -7.66 -13.35
N MET DA 17 -47.92 -8.38 -12.52
CA MET DA 17 -49.22 -8.92 -12.91
C MET DA 17 -50.33 -7.88 -12.80
N ARG DA 18 -51.57 -8.35 -12.89
CA ARG DA 18 -52.75 -7.50 -12.85
C ARG DA 18 -53.85 -8.26 -12.15
N GLY DA 19 -54.61 -7.57 -11.29
CA GLY DA 19 -55.67 -8.24 -10.56
C GLY DA 19 -56.97 -7.47 -10.53
N GLU DA 20 -58.09 -8.13 -10.84
CA GLU DA 20 -59.38 -7.47 -10.78
C GLU DA 20 -60.32 -8.04 -9.74
N ALA DA 21 -60.72 -9.31 -9.86
CA ALA DA 21 -61.77 -9.91 -9.04
C ALA DA 21 -61.77 -11.40 -9.28
N LYS DA 22 -62.30 -12.16 -8.33
CA LYS DA 22 -62.47 -13.60 -8.49
C LYS DA 22 -63.81 -14.00 -7.90
N GLY DA 23 -63.97 -15.31 -7.67
CA GLY DA 23 -65.25 -15.83 -7.25
C GLY DA 23 -65.15 -17.26 -6.75
N GLY DA 24 -66.09 -17.61 -5.87
CA GLY DA 24 -66.25 -18.99 -5.44
C GLY DA 24 -65.16 -19.45 -4.49
N LYS DA 25 -64.80 -20.74 -4.62
CA LYS DA 25 -63.61 -21.36 -4.03
C LYS DA 25 -63.64 -21.32 -2.50
N GLU DA 26 -64.65 -22.01 -1.97
CA GLU DA 26 -65.13 -21.89 -0.60
C GLU DA 26 -64.67 -23.04 0.29
N VAL DA 27 -65.29 -23.13 1.48
CA VAL DA 27 -64.84 -23.99 2.58
C VAL DA 27 -64.90 -25.45 2.18
N ALA DA 28 -63.77 -26.14 2.29
CA ALA DA 28 -63.63 -27.52 1.83
C ALA DA 28 -63.46 -28.51 2.97
N PHE DA 29 -62.54 -28.25 3.91
CA PHE DA 29 -62.21 -29.25 4.91
C PHE DA 29 -62.41 -28.78 6.33
N GLY DA 30 -62.05 -27.54 6.64
CA GLY DA 30 -62.20 -27.04 7.99
C GLY DA 30 -63.65 -26.72 8.33
N GLU DA 31 -63.87 -26.48 9.61
CA GLU DA 31 -65.18 -26.08 10.10
C GLU DA 31 -65.31 -24.57 10.21
N TRP DA 32 -64.22 -23.84 10.01
CA TRP DA 32 -64.21 -22.40 10.10
C TRP DA 32 -63.13 -21.87 9.17
N GLY DA 33 -63.39 -20.72 8.56
CA GLY DA 33 -62.42 -20.14 7.64
C GLY DA 33 -62.62 -18.65 7.46
N LEU DA 34 -61.60 -18.02 6.89
CA LEU DA 34 -61.64 -16.61 6.58
C LEU DA 34 -62.26 -16.37 5.22
N GLN DA 35 -62.47 -15.09 4.90
CA GLN DA 35 -62.68 -14.63 3.53
C GLN DA 35 -61.95 -13.31 3.39
N ALA DA 36 -61.01 -13.24 2.47
CA ALA DA 36 -60.42 -11.95 2.15
C ALA DA 36 -61.44 -11.09 1.41
N THR DA 37 -61.32 -9.77 1.58
CA THR DA 37 -62.25 -8.83 0.98
C THR DA 37 -61.52 -7.78 0.13
N GLU DA 38 -60.25 -7.99 -0.13
CA GLU DA 38 -59.39 -7.02 -0.79
C GLU DA 38 -58.77 -7.63 -2.02
N SER DA 39 -57.74 -6.99 -2.55
CA SER DA 39 -57.01 -7.56 -3.67
C SER DA 39 -55.59 -7.01 -3.61
N HIS DA 40 -54.64 -7.83 -3.16
CA HIS DA 40 -53.27 -7.40 -3.05
C HIS DA 40 -52.36 -8.58 -3.33
N TRP DA 41 -51.08 -8.36 -3.08
CA TRP DA 41 -50.12 -9.43 -2.98
C TRP DA 41 -50.18 -10.02 -1.58
N ILE DA 42 -49.65 -11.23 -1.44
CA ILE DA 42 -49.35 -11.85 -0.15
C ILE DA 42 -47.98 -12.51 -0.27
N THR DA 43 -47.02 -12.04 0.50
CA THR DA 43 -45.66 -12.49 0.31
C THR DA 43 -45.40 -13.77 1.11
N ASN DA 44 -44.14 -14.16 1.22
CA ASN DA 44 -43.75 -15.39 1.91
C ASN DA 44 -44.03 -15.31 3.39
N ARG DA 45 -43.43 -14.33 4.06
CA ARG DA 45 -43.29 -14.30 5.50
C ARG DA 45 -44.62 -14.14 6.20
N GLN DA 46 -45.61 -13.57 5.52
CA GLN DA 46 -46.91 -13.35 6.16
C GLN DA 46 -47.61 -14.65 6.42
N ILE DA 47 -47.37 -15.65 5.58
CA ILE DA 47 -47.96 -16.94 5.85
C ILE DA 47 -47.22 -17.66 6.97
N GLU DA 48 -45.93 -17.38 7.19
CA GLU DA 48 -45.25 -17.95 8.34
C GLU DA 48 -45.70 -17.29 9.64
N ALA DA 49 -45.93 -15.98 9.59
CA ALA DA 49 -46.53 -15.33 10.75
C ALA DA 49 -47.93 -15.86 11.01
N ALA DA 50 -48.64 -16.20 9.93
CA ALA DA 50 -49.93 -16.87 10.07
C ALA DA 50 -49.77 -18.24 10.72
N ARG DA 51 -48.72 -18.98 10.34
CA ARG DA 51 -48.41 -20.27 10.95
C ARG DA 51 -48.21 -20.15 12.45
N ILE DA 52 -47.36 -19.20 12.86
CA ILE DA 52 -47.04 -19.06 14.27
C ILE DA 52 -48.25 -18.59 15.06
N ALA DA 53 -48.99 -17.62 14.53
CA ALA DA 53 -50.18 -17.12 15.20
C ALA DA 53 -51.30 -18.15 15.22
N MET DA 54 -51.32 -19.09 14.27
CA MET DA 54 -52.15 -20.27 14.42
C MET DA 54 -51.65 -21.13 15.57
N THR DA 55 -50.43 -21.62 15.44
CA THR DA 55 -49.98 -22.78 16.19
C THR DA 55 -49.76 -22.48 17.67
N ARG DA 56 -49.33 -21.27 18.02
CA ARG DA 56 -49.08 -20.97 19.43
C ARG DA 56 -50.38 -20.96 20.23
N TYR DA 57 -51.34 -20.14 19.83
CA TYR DA 57 -52.58 -20.09 20.57
C TYR DA 57 -53.64 -21.01 19.99
N MET DA 58 -53.24 -21.99 19.17
CA MET DA 58 -53.96 -23.25 19.03
C MET DA 58 -53.17 -24.27 19.86
N LYS DA 59 -53.45 -24.30 21.15
CA LYS DA 59 -52.73 -25.20 22.02
C LYS DA 59 -53.28 -26.60 21.89
N ARG DA 60 -52.37 -27.57 21.74
CA ARG DA 60 -52.65 -29.00 21.79
C ARG DA 60 -53.63 -29.43 20.69
N GLY DA 61 -53.17 -29.31 19.46
CA GLY DA 61 -53.87 -29.89 18.34
C GLY DA 61 -54.84 -28.95 17.67
N GLY DA 62 -55.81 -29.54 16.98
CA GLY DA 62 -56.72 -28.78 16.15
C GLY DA 62 -56.09 -28.59 14.79
N LYS DA 63 -56.78 -28.99 13.73
CA LYS DA 63 -56.11 -29.08 12.45
C LYS DA 63 -56.04 -27.73 11.75
N VAL DA 64 -54.98 -27.58 10.96
CA VAL DA 64 -54.69 -26.40 10.18
C VAL DA 64 -54.88 -26.77 8.72
N TRP DA 65 -55.33 -25.82 7.92
CA TRP DA 65 -55.37 -26.01 6.48
C TRP DA 65 -54.72 -24.81 5.82
N ILE DA 66 -53.41 -24.89 5.63
CA ILE DA 66 -52.76 -23.97 4.72
C ILE DA 66 -53.21 -24.29 3.31
N LYS DA 67 -53.70 -23.29 2.59
CA LYS DA 67 -54.32 -23.57 1.31
C LYS DA 67 -53.68 -22.85 0.14
N ILE DA 68 -52.79 -21.90 0.37
CA ILE DA 68 -52.34 -20.99 -0.68
C ILE DA 68 -50.82 -20.94 -0.68
N PHE DA 69 -50.24 -21.34 -1.77
CA PHE DA 69 -48.80 -21.18 -1.83
C PHE DA 69 -48.42 -19.92 -2.59
N PRO DA 70 -47.26 -19.35 -2.30
CA PRO DA 70 -46.62 -18.50 -3.29
C PRO DA 70 -46.23 -19.30 -4.51
N HIS DA 71 -46.30 -18.66 -5.67
CA HIS DA 71 -45.84 -19.30 -6.90
C HIS DA 71 -44.90 -18.39 -7.67
N LYS DA 72 -45.23 -17.11 -7.69
CA LYS DA 72 -44.61 -16.16 -8.60
C LYS DA 72 -43.37 -15.55 -7.98
N SER DA 73 -42.39 -15.24 -8.83
CA SER DA 73 -41.19 -14.59 -8.36
C SER DA 73 -41.34 -13.08 -8.44
N TYR DA 74 -40.94 -12.40 -7.37
CA TYR DA 74 -40.62 -11.00 -7.52
C TYR DA 74 -39.26 -10.81 -8.15
N THR DA 75 -38.95 -9.56 -8.46
CA THR DA 75 -37.60 -9.05 -8.55
C THR DA 75 -37.56 -7.69 -7.88
N SER DA 76 -36.41 -7.05 -8.02
CA SER DA 76 -36.12 -5.72 -7.52
C SER DA 76 -34.81 -5.30 -8.16
N LYS DA 77 -34.62 -3.99 -8.26
CA LYS DA 77 -33.37 -3.48 -8.82
C LYS DA 77 -32.26 -3.50 -7.78
N ALA DA 78 -31.16 -2.84 -8.11
CA ALA DA 78 -30.09 -2.55 -7.18
C ALA DA 78 -30.05 -1.05 -6.92
N ILE DA 79 -29.72 -0.69 -5.68
CA ILE DA 79 -29.74 0.71 -5.26
C ILE DA 79 -28.57 1.44 -5.90
N GLY DA 80 -28.84 2.61 -6.46
CA GLY DA 80 -27.82 3.37 -7.14
C GLY DA 80 -27.69 3.07 -8.61
N VAL DA 81 -28.70 2.44 -9.21
CA VAL DA 81 -28.68 2.05 -10.60
C VAL DA 81 -29.79 2.81 -11.31
N ARG DA 82 -29.45 3.43 -12.44
CA ARG DA 82 -30.39 4.21 -13.24
C ARG DA 82 -31.47 3.31 -13.83
N MET DA 83 -32.52 3.94 -14.34
CA MET DA 83 -33.44 3.23 -15.21
C MET DA 83 -32.71 2.83 -16.48
N GLY DA 84 -33.19 1.77 -17.12
CA GLY DA 84 -32.33 1.12 -18.08
C GLY DA 84 -32.38 -0.39 -18.10
N LYS DA 85 -31.27 -1.03 -17.70
CA LYS DA 85 -30.94 -2.43 -17.96
C LYS DA 85 -31.91 -3.44 -17.37
N GLY DA 86 -31.68 -4.72 -17.63
CA GLY DA 86 -32.64 -5.79 -17.42
C GLY DA 86 -33.13 -6.03 -16.01
N LYS DA 87 -34.04 -7.00 -15.87
CA LYS DA 87 -34.68 -7.27 -14.58
C LYS DA 87 -33.65 -7.74 -13.56
N GLY DA 88 -33.82 -7.29 -12.32
CA GLY DA 88 -32.88 -7.55 -11.27
C GLY DA 88 -32.97 -8.97 -10.73
N ALA DA 89 -32.40 -9.17 -9.56
CA ALA DA 89 -32.35 -10.50 -8.96
C ALA DA 89 -33.75 -10.90 -8.49
N PRO DA 90 -34.11 -12.17 -8.61
CA PRO DA 90 -35.40 -12.62 -8.09
C PRO DA 90 -35.45 -12.63 -6.57
N GLU DA 91 -36.16 -11.66 -5.99
CA GLU DA 91 -36.17 -11.45 -4.54
C GLU DA 91 -37.62 -11.41 -4.09
N GLY DA 92 -38.20 -12.58 -3.83
CA GLY DA 92 -39.56 -12.62 -3.38
C GLY DA 92 -40.34 -13.75 -4.01
N TRP DA 93 -41.18 -14.41 -3.22
CA TRP DA 93 -42.07 -15.45 -3.72
C TRP DA 93 -43.46 -15.10 -3.23
N VAL DA 94 -44.23 -14.51 -4.13
CA VAL DA 94 -45.40 -13.72 -3.76
C VAL DA 94 -46.55 -14.15 -4.65
N SER DA 95 -47.65 -14.58 -4.04
CA SER DA 95 -48.84 -14.93 -4.82
C SER DA 95 -50.02 -14.09 -4.39
N PRO DA 96 -50.76 -13.51 -5.33
CA PRO DA 96 -51.86 -12.61 -4.95
C PRO DA 96 -53.10 -13.40 -4.58
N VAL DA 97 -53.97 -12.72 -3.83
CA VAL DA 97 -55.29 -13.20 -3.45
C VAL DA 97 -56.26 -12.03 -3.59
N LYS DA 98 -57.40 -12.28 -4.23
CA LYS DA 98 -58.44 -11.28 -4.39
C LYS DA 98 -59.55 -11.58 -3.39
N ARG DA 99 -60.66 -10.85 -3.51
CA ARG DA 99 -61.76 -11.05 -2.57
C ARG DA 99 -62.44 -12.38 -2.84
N GLY DA 100 -62.90 -13.02 -1.78
CA GLY DA 100 -63.66 -14.25 -1.88
C GLY DA 100 -62.88 -15.53 -1.66
N LYS DA 101 -61.55 -15.50 -1.73
CA LYS DA 101 -60.79 -16.70 -1.44
C LYS DA 101 -60.79 -16.99 0.05
N ILE DA 102 -60.20 -18.12 0.41
CA ILE DA 102 -60.00 -18.49 1.80
C ILE DA 102 -58.52 -18.69 2.03
N MET DA 103 -57.97 -17.97 3.00
CA MET DA 103 -56.59 -18.22 3.37
C MET DA 103 -56.47 -19.57 4.07
N PHE DA 104 -57.22 -19.77 5.15
CA PHE DA 104 -57.05 -20.97 5.95
C PHE DA 104 -58.39 -21.53 6.38
N GLU DA 105 -58.46 -22.85 6.43
CA GLU DA 105 -59.59 -23.57 7.00
C GLU DA 105 -59.15 -24.17 8.33
N ILE DA 106 -60.10 -24.27 9.27
CA ILE DA 106 -59.82 -24.71 10.63
C ILE DA 106 -60.93 -25.65 11.08
N ALA DA 107 -60.56 -26.80 11.65
CA ALA DA 107 -61.51 -27.69 12.28
C ALA DA 107 -60.86 -28.36 13.49
N GLY DA 108 -61.70 -28.93 14.35
CA GLY DA 108 -61.25 -29.77 15.45
C GLY DA 108 -61.34 -29.14 16.83
N VAL DA 109 -61.57 -27.83 16.93
CA VAL DA 109 -61.57 -27.12 18.20
C VAL DA 109 -62.79 -26.20 18.23
N PRO DA 110 -63.53 -26.11 19.36
CA PRO DA 110 -64.68 -25.19 19.43
C PRO DA 110 -64.34 -23.71 19.25
N GLU DA 111 -65.39 -22.89 19.18
CA GLU DA 111 -65.37 -21.64 18.43
C GLU DA 111 -64.53 -20.55 19.09
N GLU DA 112 -64.28 -20.67 20.39
CA GLU DA 112 -63.59 -19.63 21.14
C GLU DA 112 -62.18 -19.44 20.64
N VAL DA 113 -61.39 -20.52 20.73
CA VAL DA 113 -59.99 -20.53 20.32
C VAL DA 113 -59.88 -20.28 18.83
N ALA DA 114 -60.91 -20.69 18.08
CA ALA DA 114 -60.98 -20.45 16.65
C ALA DA 114 -60.96 -18.96 16.35
N ARG DA 115 -61.93 -18.22 16.92
CA ARG DA 115 -62.01 -16.81 16.64
C ARG DA 115 -60.84 -16.04 17.23
N GLU DA 116 -60.29 -16.54 18.35
CA GLU DA 116 -59.04 -16.04 18.89
C GLU DA 116 -57.92 -16.06 17.87
N ALA DA 117 -57.52 -17.27 17.47
CA ALA DA 117 -56.35 -17.42 16.59
C ALA DA 117 -56.61 -16.83 15.21
N LEU DA 118 -57.86 -16.78 14.77
CA LEU DA 118 -58.16 -16.12 13.52
C LEU DA 118 -57.97 -14.62 13.62
N ARG DA 119 -58.34 -14.03 14.76
CA ARG DA 119 -57.99 -12.62 14.96
C ARG DA 119 -56.48 -12.46 15.09
N LEU DA 120 -55.82 -13.43 15.71
CA LEU DA 120 -54.39 -13.33 15.96
C LEU DA 120 -53.57 -13.43 14.69
N ALA DA 121 -54.08 -14.12 13.68
CA ALA DA 121 -53.37 -14.14 12.41
C ALA DA 121 -53.72 -12.95 11.54
N SER DA 122 -54.93 -12.42 11.70
CA SER DA 122 -55.42 -11.37 10.81
C SER DA 122 -54.70 -10.05 11.01
N HIS DA 123 -54.12 -9.81 12.19
CA HIS DA 123 -53.36 -8.58 12.39
C HIS DA 123 -52.04 -8.60 11.64
N LYS DA 124 -51.55 -9.77 11.27
CA LYS DA 124 -50.28 -9.88 10.58
C LYS DA 124 -50.48 -10.18 9.10
N LEU DA 125 -51.64 -9.76 8.58
CA LEU DA 125 -52.01 -9.71 7.19
C LEU DA 125 -52.63 -8.35 6.92
N PRO DA 126 -52.36 -7.73 5.76
CA PRO DA 126 -52.89 -6.39 5.51
C PRO DA 126 -54.31 -6.41 4.99
N VAL DA 127 -55.03 -7.51 5.20
CA VAL DA 127 -56.32 -7.74 4.57
C VAL DA 127 -57.38 -7.83 5.66
N LYS DA 128 -58.44 -7.03 5.51
CA LYS DA 128 -59.62 -7.16 6.34
C LYS DA 128 -60.32 -8.47 6.02
N THR DA 129 -60.68 -9.21 7.04
CA THR DA 129 -61.24 -10.55 6.81
C THR DA 129 -62.69 -10.59 7.26
N LYS DA 130 -63.29 -11.76 7.07
CA LYS DA 130 -64.51 -12.19 7.74
C LYS DA 130 -64.23 -13.57 8.30
N ILE DA 131 -65.19 -14.12 9.05
CA ILE DA 131 -65.01 -15.43 9.67
C ILE DA 131 -66.21 -16.29 9.30
N VAL DA 132 -65.96 -17.35 8.54
CA VAL DA 132 -67.04 -18.14 7.95
C VAL DA 132 -66.86 -19.59 8.35
N LYS DA 133 -67.97 -20.23 8.74
CA LYS DA 133 -68.07 -21.68 8.90
C LYS DA 133 -68.21 -22.39 7.56
N ARG DA 134 -68.66 -23.64 7.63
CA ARG DA 134 -69.63 -24.17 6.67
C ARG DA 134 -71.00 -23.63 7.05
N GLU DA 135 -71.20 -22.34 6.78
CA GLU DA 135 -72.41 -21.65 7.24
C GLU DA 135 -73.62 -22.09 6.42
N GLU DA 136 -73.60 -21.80 5.13
CA GLU DA 136 -74.68 -22.17 4.23
C GLU DA 136 -74.29 -23.48 3.55
N MET DA 137 -75.09 -24.51 3.76
CA MET DA 137 -74.74 -25.88 3.39
C MET DA 137 -75.92 -26.54 2.70
N GLY DA 138 -75.68 -27.09 1.52
CA GLY DA 138 -76.65 -27.92 0.82
C GLY DA 138 -76.64 -29.36 1.25
N GLY DA 139 -75.85 -29.72 2.25
CA GLY DA 139 -75.81 -31.07 2.79
C GLY DA 139 -75.33 -31.08 4.22
N GLU DA 140 -75.92 -31.93 5.06
CA GLU DA 140 -75.63 -31.95 6.49
C GLU DA 140 -74.57 -32.98 6.86
N SER DA 141 -73.58 -33.17 5.98
CA SER DA 141 -72.47 -34.11 6.13
C SER DA 141 -72.91 -35.55 6.37
N ARG EA 1 -14.50 77.25 18.87
CA ARG EA 1 -13.38 77.20 17.95
C ARG EA 1 -13.81 77.19 16.51
N LYS EA 2 -12.88 77.50 15.60
CA LYS EA 2 -13.16 77.47 14.17
C LYS EA 2 -12.02 76.82 13.42
N LEU EA 3 -12.32 76.38 12.22
CA LEU EA 3 -11.38 75.60 11.42
C LEU EA 3 -11.41 76.13 10.00
N GLY EA 4 -10.25 76.41 9.43
CA GLY EA 4 -10.19 76.70 8.00
C GLY EA 4 -9.17 75.88 7.25
N ARG EA 5 -8.14 75.45 7.96
CA ARG EA 5 -6.92 74.85 7.41
C ARG EA 5 -6.39 73.87 8.46
N THR EA 6 -5.10 73.57 8.41
CA THR EA 6 -4.50 72.69 9.41
C THR EA 6 -4.22 73.41 10.73
N SER EA 7 -3.43 72.77 11.59
CA SER EA 7 -3.16 73.31 12.91
C SER EA 7 -2.32 74.58 12.87
N SER EA 8 -1.08 74.47 12.38
CA SER EA 8 -0.17 75.59 12.46
C SER EA 8 -0.45 76.66 11.43
N GLN EA 9 -1.21 76.33 10.38
CA GLN EA 9 -1.49 77.33 9.36
C GLN EA 9 -2.44 78.40 9.87
N ARG EA 10 -3.26 78.11 10.88
CA ARG EA 10 -4.10 79.16 11.45
C ARG EA 10 -3.25 80.20 12.15
N LYS EA 11 -2.26 79.75 12.92
CA LYS EA 11 -1.33 80.70 13.55
C LYS EA 11 -0.55 81.47 12.50
N ALA EA 12 -0.22 80.81 11.39
CA ALA EA 12 0.40 81.50 10.26
C ALA EA 12 -0.51 82.60 9.73
N MET EA 13 -1.76 82.27 9.44
CA MET EA 13 -2.71 83.22 8.87
C MET EA 13 -2.99 84.39 9.80
N LEU EA 14 -3.07 84.11 11.09
CA LEU EA 14 -3.38 85.19 12.01
C LEU EA 14 -2.17 86.04 12.31
N ARG EA 15 -0.96 85.54 12.11
CA ARG EA 15 0.15 86.49 12.07
C ARG EA 15 0.15 87.27 10.76
N ASP EA 16 -0.38 86.67 9.70
CA ASP EA 16 -0.30 87.29 8.37
C ASP EA 16 -1.24 88.47 8.23
N ILE EA 17 -2.52 88.26 8.55
CA ILE EA 17 -3.52 89.32 8.39
C ILE EA 17 -3.25 90.46 9.36
N THR EA 18 -3.05 90.11 10.62
CA THR EA 18 -3.18 91.09 11.69
C THR EA 18 -1.98 92.00 11.84
N THR EA 19 -1.10 92.11 10.86
CA THR EA 19 -0.23 93.27 10.83
C THR EA 19 -0.86 94.43 10.09
N ASP EA 20 -1.89 94.17 9.32
CA ASP EA 20 -2.86 95.19 8.99
C ASP EA 20 -4.05 94.99 9.90
N LEU EA 21 -4.76 96.10 10.14
CA LEU EA 21 -5.40 96.54 11.38
C LEU EA 21 -4.35 96.93 12.40
N ILE EA 22 -3.07 96.89 12.04
CA ILE EA 22 -2.05 97.65 12.74
C ILE EA 22 -1.55 98.78 11.86
N ILE EA 23 -1.59 98.63 10.54
CA ILE EA 23 -1.10 99.66 9.64
C ILE EA 23 -2.23 100.33 8.88
N ASN EA 24 -3.16 99.56 8.33
CA ASN EA 24 -4.16 100.18 7.46
C ASN EA 24 -5.44 100.53 8.19
N GLU EA 25 -5.89 99.64 9.07
CA GLU EA 25 -7.18 99.64 9.76
C GLU EA 25 -8.35 99.46 8.82
N ARG EA 26 -8.11 98.99 7.60
CA ARG EA 26 -9.14 98.55 6.68
C ARG EA 26 -8.67 97.28 6.01
N ILE EA 27 -9.50 96.24 6.08
CA ILE EA 27 -9.20 94.95 5.47
C ILE EA 27 -10.49 94.44 4.83
N VAL EA 28 -10.37 93.90 3.63
CA VAL EA 28 -11.52 93.39 2.88
C VAL EA 28 -11.37 91.88 2.79
N THR EA 29 -12.01 91.13 3.67
CA THR EA 29 -11.96 89.66 3.64
C THR EA 29 -13.35 89.11 3.94
N THR EA 30 -13.39 87.82 4.29
CA THR EA 30 -14.61 87.02 4.32
C THR EA 30 -15.23 87.02 5.72
N GLU EA 31 -16.16 86.08 5.97
CA GLU EA 31 -16.77 85.95 7.28
C GLU EA 31 -15.79 85.47 8.35
N ALA EA 32 -15.28 84.24 8.18
CA ALA EA 32 -14.66 83.55 9.29
C ALA EA 32 -13.33 84.17 9.67
N ARG EA 33 -12.59 84.66 8.66
CA ARG EA 33 -11.37 85.40 8.92
C ARG EA 33 -11.64 86.64 9.75
N ALA EA 34 -12.79 87.28 9.52
CA ALA EA 34 -13.15 88.47 10.27
C ALA EA 34 -13.41 88.15 11.74
N LYS EA 35 -14.07 87.04 12.03
CA LYS EA 35 -14.42 86.76 13.41
C LYS EA 35 -13.20 86.27 14.19
N GLU EA 36 -12.31 85.55 13.54
CA GLU EA 36 -11.08 85.20 14.26
C GLU EA 36 -10.20 86.42 14.49
N VAL EA 37 -10.19 87.35 13.54
CA VAL EA 37 -9.37 88.53 13.77
C VAL EA 37 -10.02 89.49 14.78
N ARG EA 38 -11.36 89.46 14.91
CA ARG EA 38 -12.06 90.06 16.05
C ARG EA 38 -11.45 89.62 17.36
N SER EA 39 -11.46 88.30 17.60
CA SER EA 39 -11.00 87.78 18.89
C SER EA 39 -9.54 88.11 19.14
N THR EA 40 -8.69 87.96 18.12
CA THR EA 40 -7.27 88.18 18.34
C THR EA 40 -6.92 89.65 18.56
N VAL EA 41 -7.56 90.56 17.82
CA VAL EA 41 -7.18 91.95 18.02
C VAL EA 41 -7.87 92.52 19.28
N GLU EA 42 -9.05 91.99 19.65
CA GLU EA 42 -9.61 92.28 20.97
C GLU EA 42 -8.68 91.85 22.10
N LYS EA 43 -7.93 90.77 21.90
CA LYS EA 43 -6.83 90.51 22.83
C LYS EA 43 -5.73 91.55 22.67
N MET EA 44 -5.15 91.65 21.49
CA MET EA 44 -3.85 92.30 21.33
C MET EA 44 -3.92 93.82 21.28
N ILE EA 45 -5.07 94.40 21.54
CA ILE EA 45 -5.07 95.82 21.88
C ILE EA 45 -4.79 95.99 23.37
N THR EA 46 -5.37 95.12 24.20
CA THR EA 46 -5.29 95.27 25.64
C THR EA 46 -3.88 95.12 26.16
N LEU EA 47 -3.05 94.37 25.45
CA LEU EA 47 -1.63 94.33 25.78
C LEU EA 47 -0.85 95.47 25.16
N GLY EA 48 -1.53 96.44 24.56
CA GLY EA 48 -0.92 97.70 24.20
C GLY EA 48 -1.24 98.82 25.17
N LYS EA 49 -1.90 98.51 26.28
CA LYS EA 49 -2.18 99.49 27.32
C LYS EA 49 -1.18 99.44 28.46
N ARG EA 50 -0.64 98.26 28.77
CA ARG EA 50 0.19 98.10 29.95
C ARG EA 50 1.55 98.79 29.79
N GLY EA 51 2.32 98.40 28.80
CA GLY EA 51 3.67 98.88 28.67
C GLY EA 51 4.68 98.10 29.47
N ASP EA 52 4.30 96.99 30.07
CA ASP EA 52 5.18 96.18 30.89
C ASP EA 52 6.23 95.50 30.03
N LEU EA 53 7.29 95.02 30.68
CA LEU EA 53 8.22 94.16 29.97
C LEU EA 53 7.67 92.77 29.73
N HIS EA 54 6.51 92.44 30.28
CA HIS EA 54 5.72 91.37 29.71
C HIS EA 54 4.92 91.81 28.49
N ALA EA 55 4.61 93.10 28.36
CA ALA EA 55 3.87 93.52 27.18
C ALA EA 55 4.76 93.61 25.96
N ARG EA 56 6.00 94.08 26.12
CA ARG EA 56 6.96 94.06 25.03
C ARG EA 56 7.32 92.65 24.64
N ARG EA 57 7.29 91.74 25.61
CA ARG EA 57 7.75 90.36 25.42
C ARG EA 57 6.59 89.38 25.42
N GLN EA 58 5.38 89.84 25.11
CA GLN EA 58 4.38 89.00 24.50
C GLN EA 58 3.83 89.60 23.22
N ALA EA 59 4.23 90.82 22.86
CA ALA EA 59 3.85 91.36 21.57
C ALA EA 59 4.64 90.73 20.44
N ALA EA 60 5.75 90.07 20.74
CA ALA EA 60 6.59 89.48 19.73
C ALA EA 60 6.12 88.11 19.30
N THR EA 61 4.84 87.77 19.48
CA THR EA 61 4.30 86.52 18.98
C THR EA 61 3.25 86.73 17.90
N PHE EA 62 2.16 87.44 18.20
CA PHE EA 62 1.13 87.72 17.20
C PHE EA 62 1.43 88.92 16.35
N VAL EA 63 2.67 89.39 16.30
CA VAL EA 63 3.06 90.47 15.42
C VAL EA 63 4.25 89.99 14.63
N ARG EA 64 4.21 90.19 13.31
CA ARG EA 64 5.37 89.93 12.48
C ARG EA 64 6.54 90.81 12.90
N ASN EA 65 7.74 90.29 12.67
CA ASN EA 65 8.90 90.73 13.44
C ASN EA 65 9.30 92.16 13.09
N GLU EA 66 9.54 92.44 11.82
CA GLU EA 66 9.88 93.80 11.41
C GLU EA 66 9.10 94.16 10.17
N VAL EA 67 8.07 95.01 10.33
CA VAL EA 67 7.25 95.49 9.24
C VAL EA 67 7.27 97.00 9.29
N ALA EA 68 7.77 97.63 8.23
CA ALA EA 68 7.91 99.07 8.27
C ALA EA 68 6.58 99.77 8.01
N SER EA 69 6.48 101.01 8.53
CA SER EA 69 5.45 101.96 8.10
C SER EA 69 6.03 103.36 8.30
N VAL EA 70 6.64 103.91 7.25
CA VAL EA 70 7.41 105.14 7.38
C VAL EA 70 6.74 106.25 6.58
N ARG EA 71 5.90 107.04 7.23
CA ARG EA 71 5.55 108.36 6.71
C ARG EA 71 5.67 109.35 7.87
N GLU EA 72 6.92 109.74 8.14
CA GLU EA 72 7.32 110.78 9.08
C GLU EA 72 8.83 110.91 8.97
N GLU EA 73 9.34 112.13 9.15
CA GLU EA 73 10.71 112.35 9.61
C GLU EA 73 10.80 113.77 10.14
N ASP EA 74 11.92 114.05 10.80
CA ASP EA 74 12.35 115.42 11.04
C ASP EA 74 13.58 115.72 10.20
N GLU EA 75 14.66 114.98 10.39
CA GLU EA 75 15.66 114.72 9.37
C GLU EA 75 16.20 113.34 9.71
N SER EA 76 15.54 112.31 9.18
CA SER EA 76 15.69 110.95 9.67
C SER EA 76 14.91 110.03 8.75
N ILE EA 77 14.86 108.76 9.12
CA ILE EA 77 13.88 107.80 8.60
C ILE EA 77 13.35 107.08 9.84
N VAL EA 78 12.24 107.57 10.40
CA VAL EA 78 11.67 106.96 11.58
C VAL EA 78 10.72 105.84 11.16
N VAL EA 79 10.98 104.65 11.65
CA VAL EA 79 10.33 103.44 11.16
C VAL EA 79 9.31 103.02 12.21
N GLU EA 80 8.06 103.40 12.01
CA GLU EA 80 6.99 102.94 12.88
C GLU EA 80 6.79 101.46 12.58
N SER EA 81 7.37 100.62 13.44
CA SER EA 81 7.65 99.22 13.11
C SER EA 81 6.57 98.29 13.63
N ALA EA 82 5.30 98.73 13.62
CA ALA EA 82 4.11 97.93 13.83
C ALA EA 82 3.99 97.25 15.19
N LEU EA 83 4.91 97.53 16.07
CA LEU EA 83 4.92 97.21 17.48
C LEU EA 83 5.22 98.45 18.30
N GLN EA 84 6.12 99.30 17.80
CA GLN EA 84 6.22 100.64 18.34
C GLN EA 84 4.96 101.42 18.04
N LYS EA 85 4.28 101.09 16.94
CA LYS EA 85 3.00 101.72 16.65
C LYS EA 85 1.93 101.28 17.65
N LEU EA 86 1.97 100.00 18.07
CA LEU EA 86 1.16 99.54 19.19
C LEU EA 86 1.42 100.38 20.44
N PHE EA 87 2.66 100.34 20.94
CA PHE EA 87 2.99 100.96 22.20
C PHE EA 87 3.13 102.47 22.13
N ASN EA 88 2.84 103.08 21.00
CA ASN EA 88 2.79 104.53 20.93
C ASN EA 88 1.46 105.06 20.41
N ASP EA 89 0.54 104.20 20.00
CA ASP EA 89 -0.78 104.71 19.61
C ASP EA 89 -1.92 104.08 20.36
N LEU EA 90 -1.90 102.76 20.57
CA LEU EA 90 -3.17 102.09 20.82
C LEU EA 90 -3.58 102.17 22.27
N GLY EA 91 -2.62 102.16 23.18
CA GLY EA 91 -2.82 102.70 24.50
C GLY EA 91 -3.37 104.10 24.44
N PRO EA 92 -2.58 105.05 23.92
CA PRO EA 92 -3.05 106.44 23.85
C PRO EA 92 -4.12 106.73 22.80
N ARG EA 93 -4.70 105.70 22.18
CA ARG EA 93 -6.02 105.89 21.59
C ARG EA 93 -7.13 105.29 22.43
N PHE EA 94 -6.83 104.24 23.18
CA PHE EA 94 -7.90 103.58 23.91
C PHE EA 94 -7.68 103.70 25.39
N ALA EA 95 -7.37 104.91 25.85
CA ALA EA 95 -7.09 105.15 27.25
C ALA EA 95 -8.30 104.89 28.13
N GLU EA 96 -9.50 105.18 27.63
CA GLU EA 96 -10.71 104.98 28.40
C GLU EA 96 -11.69 104.03 27.73
N ARG EA 97 -11.47 103.68 26.48
CA ARG EA 97 -12.36 102.76 25.80
C ARG EA 97 -12.23 101.37 26.41
N GLN EA 98 -13.37 100.77 26.74
CA GLN EA 98 -13.43 99.40 27.21
C GLN EA 98 -13.44 98.45 26.01
N GLY EA 99 -13.85 97.21 26.19
CA GLY EA 99 -13.80 96.22 25.11
C GLY EA 99 -14.64 96.60 23.89
N GLY EA 100 -14.54 95.77 22.86
CA GLY EA 100 -15.28 96.05 21.64
C GLY EA 100 -14.74 97.21 20.85
N TYR EA 101 -13.58 97.03 20.23
CA TYR EA 101 -12.83 98.10 19.60
C TYR EA 101 -13.02 98.18 18.09
N THR EA 102 -13.71 97.22 17.48
CA THR EA 102 -13.72 97.07 16.03
C THR EA 102 -15.15 96.94 15.51
N ARG EA 103 -15.29 97.11 14.18
CA ARG EA 103 -16.59 96.95 13.53
C ARG EA 103 -16.48 96.17 12.23
N ILE EA 104 -17.49 95.32 12.00
CA ILE EA 104 -17.57 94.41 10.88
C ILE EA 104 -18.73 94.82 9.98
N LEU EA 105 -18.49 94.89 8.69
CA LEU EA 105 -19.50 95.24 7.70
C LEU EA 105 -19.85 94.03 6.85
N LYS EA 106 -20.94 94.16 6.08
CA LYS EA 106 -21.43 93.08 5.21
C LYS EA 106 -21.68 93.69 3.83
N THR EA 107 -20.70 93.62 2.93
CA THR EA 107 -20.88 94.32 1.67
C THR EA 107 -21.42 93.46 0.54
N GLU EA 108 -20.63 92.50 0.08
CA GLU EA 108 -20.83 91.92 -1.25
C GLU EA 108 -20.36 90.47 -1.25
N PRO EA 109 -20.94 89.64 -2.11
CA PRO EA 109 -20.30 88.38 -2.46
C PRO EA 109 -19.21 88.61 -3.50
N ARG EA 110 -18.45 87.56 -3.76
CA ARG EA 110 -17.28 87.67 -4.61
C ARG EA 110 -17.61 87.19 -6.02
N ARG EA 111 -16.99 87.83 -7.01
CA ARG EA 111 -17.18 87.47 -8.40
C ARG EA 111 -16.66 86.07 -8.69
N GLY EA 112 -15.59 85.66 -8.04
CA GLY EA 112 -14.98 84.39 -8.37
C GLY EA 112 -15.59 83.17 -7.72
N ASP EA 113 -15.58 83.11 -6.39
CA ASP EA 113 -15.94 81.89 -5.71
C ASP EA 113 -17.00 82.12 -4.65
N ALA EA 114 -17.86 83.11 -4.87
CA ALA EA 114 -19.06 83.38 -4.06
C ALA EA 114 -18.71 83.64 -2.60
N ALA EA 115 -17.63 84.36 -2.36
CA ALA EA 115 -17.19 84.65 -1.00
C ALA EA 115 -17.85 85.93 -0.50
N PRO EA 116 -18.71 85.88 0.50
CA PRO EA 116 -19.28 87.12 1.03
C PRO EA 116 -18.23 87.88 1.82
N MET EA 117 -18.22 89.19 1.64
CA MET EA 117 -17.07 89.97 2.04
C MET EA 117 -17.39 90.88 3.21
N VAL EA 118 -16.33 91.33 3.88
CA VAL EA 118 -16.42 92.04 5.15
C VAL EA 118 -15.34 93.11 5.17
N VAL EA 119 -15.70 94.33 5.56
CA VAL EA 119 -14.74 95.38 5.89
C VAL EA 119 -14.58 95.37 7.41
N ILE EA 120 -13.34 95.51 7.88
CA ILE EA 120 -13.07 95.69 9.30
C ILE EA 120 -12.38 97.03 9.50
N GLU EA 121 -12.94 97.85 10.38
CA GLU EA 121 -12.29 99.07 10.83
C GLU EA 121 -12.46 99.13 12.33
N PHE EA 122 -11.69 100.02 12.97
CA PHE EA 122 -11.75 100.08 14.43
C PHE EA 122 -12.93 100.92 14.94
N VAL EA 123 -12.85 102.22 14.76
CA VAL EA 123 -13.60 103.12 15.61
C VAL EA 123 -14.99 103.37 15.07
N ILE FA 1 -53.05 -65.93 -27.78
CA ILE FA 1 -53.00 -65.24 -29.07
C ILE FA 1 -54.33 -65.30 -29.80
N THR FA 2 -54.87 -64.14 -30.11
CA THR FA 2 -55.98 -64.04 -31.04
C THR FA 2 -55.44 -64.00 -32.46
N LYS FA 3 -56.12 -64.69 -33.36
CA LYS FA 3 -55.82 -64.59 -34.78
C LYS FA 3 -56.17 -63.19 -35.24
N PRO FA 4 -55.23 -62.43 -35.79
CA PRO FA 4 -55.60 -61.14 -36.38
C PRO FA 4 -56.40 -61.36 -37.64
N ASP FA 5 -57.40 -60.51 -37.83
CA ASP FA 5 -58.22 -60.67 -39.02
C ASP FA 5 -57.48 -60.14 -40.23
N LYS FA 6 -57.94 -60.58 -41.40
CA LYS FA 6 -57.23 -60.33 -42.64
C LYS FA 6 -57.90 -59.28 -43.51
N ASN FA 7 -59.22 -59.29 -43.59
CA ASN FA 7 -59.95 -58.36 -44.44
C ASN FA 7 -59.83 -56.93 -43.97
N LYS FA 8 -59.50 -56.73 -42.69
CA LYS FA 8 -59.27 -55.40 -42.16
C LYS FA 8 -58.08 -54.75 -42.85
N THR FA 9 -56.97 -55.48 -42.97
CA THR FA 9 -55.80 -54.96 -43.66
C THR FA 9 -56.07 -54.75 -45.14
N ARG FA 10 -56.88 -55.63 -45.74
CA ARG FA 10 -57.22 -55.51 -47.14
C ARG FA 10 -58.01 -54.24 -47.42
N GLN FA 11 -58.97 -53.94 -46.54
CA GLN FA 11 -59.75 -52.73 -46.69
C GLN FA 11 -58.96 -51.50 -46.29
N LYS FA 12 -57.96 -51.65 -45.42
CA LYS FA 12 -57.01 -50.56 -45.19
C LYS FA 12 -56.24 -50.22 -46.45
N ARG FA 13 -55.77 -51.25 -47.16
CA ARG FA 13 -55.04 -50.98 -48.40
C ARG FA 13 -55.95 -50.43 -49.49
N HIS FA 14 -57.21 -50.88 -49.52
CA HIS FA 14 -58.24 -50.21 -50.32
C HIS FA 14 -58.32 -48.74 -50.00
N ARG FA 15 -58.37 -48.40 -48.71
CA ARG FA 15 -58.45 -47.00 -48.29
C ARG FA 15 -57.24 -46.21 -48.75
N ARG FA 16 -56.06 -46.82 -48.68
CA ARG FA 16 -54.85 -46.11 -49.11
C ARG FA 16 -54.84 -45.90 -50.61
N VAL FA 17 -55.36 -46.86 -51.37
CA VAL FA 17 -55.33 -46.70 -52.82
C VAL FA 17 -56.41 -45.72 -53.28
N ARG FA 18 -57.60 -45.79 -52.71
CA ARG FA 18 -58.66 -44.85 -53.05
C ARG FA 18 -58.31 -43.45 -52.64
N ASN FA 19 -57.73 -43.31 -51.45
CA ASN FA 19 -57.23 -42.01 -51.04
C ASN FA 19 -55.99 -41.63 -51.83
N LYS FA 20 -55.26 -42.59 -52.39
CA LYS FA 20 -54.35 -42.17 -53.45
C LYS FA 20 -55.17 -41.79 -54.66
N ILE FA 21 -55.84 -42.77 -55.27
CA ILE FA 21 -56.53 -42.54 -56.54
C ILE FA 21 -57.83 -43.33 -56.58
N SER FA 22 -58.95 -42.62 -56.70
CA SER FA 22 -60.12 -43.18 -57.37
C SER FA 22 -60.48 -42.38 -58.61
N GLY FA 23 -60.84 -41.11 -58.45
CA GLY FA 23 -61.11 -40.19 -59.55
C GLY FA 23 -62.19 -40.63 -60.53
N THR FA 24 -63.14 -41.45 -60.10
CA THR FA 24 -64.00 -42.17 -61.03
C THR FA 24 -65.22 -41.33 -61.39
N ALA FA 25 -65.07 -40.46 -62.39
CA ALA FA 25 -66.18 -39.66 -62.90
C ALA FA 25 -66.84 -40.31 -64.12
N GLU FA 26 -66.11 -40.44 -65.21
CA GLU FA 26 -66.54 -41.22 -66.36
C GLU FA 26 -65.69 -42.46 -66.56
N CYS FA 27 -64.65 -42.61 -65.76
CA CYS FA 27 -63.74 -43.75 -65.81
C CYS FA 27 -63.91 -44.49 -64.50
N PRO FA 28 -64.87 -45.41 -64.42
CA PRO FA 28 -65.23 -45.99 -63.13
C PRO FA 28 -64.21 -46.97 -62.59
N ARG FA 29 -64.58 -47.66 -61.52
CA ARG FA 29 -63.70 -48.62 -60.91
C ARG FA 29 -63.86 -49.99 -61.56
N LEU FA 30 -62.73 -50.64 -61.82
CA LEU FA 30 -62.77 -52.09 -61.76
C LEU FA 30 -62.68 -52.55 -60.33
N ASN FA 31 -62.93 -53.83 -60.11
CA ASN FA 31 -63.14 -54.35 -58.78
C ASN FA 31 -62.61 -55.77 -58.69
N ILE FA 32 -61.85 -56.03 -57.63
CA ILE FA 32 -61.15 -57.28 -57.44
C ILE FA 32 -61.50 -57.76 -56.05
N PHE FA 33 -62.35 -58.78 -55.94
CA PHE FA 33 -62.78 -59.25 -54.64
C PHE FA 33 -62.59 -60.75 -54.52
N ARG FA 34 -61.82 -61.16 -53.50
CA ARG FA 34 -61.55 -62.56 -53.23
C ARG FA 34 -62.54 -63.15 -52.23
N SER FA 35 -62.52 -64.47 -52.18
CA SER FA 35 -62.94 -65.24 -51.03
C SER FA 35 -62.14 -66.53 -51.09
N ASN FA 36 -62.61 -67.56 -50.39
CA ASN FA 36 -62.01 -68.87 -50.55
C ASN FA 36 -62.29 -69.43 -51.95
N LYS FA 37 -63.56 -69.65 -52.26
CA LYS FA 37 -63.94 -70.45 -53.41
C LYS FA 37 -64.61 -69.61 -54.49
N ASN FA 38 -64.45 -68.30 -54.45
CA ASN FA 38 -65.19 -67.43 -55.36
C ASN FA 38 -64.34 -66.24 -55.75
N ILE FA 39 -64.66 -65.68 -56.91
CA ILE FA 39 -64.10 -64.42 -57.38
C ILE FA 39 -65.27 -63.51 -57.73
N TYR FA 40 -65.34 -62.37 -57.08
CA TYR FA 40 -66.33 -61.38 -57.41
C TYR FA 40 -65.65 -60.17 -58.00
N ALA FA 41 -66.24 -59.62 -59.04
CA ALA FA 41 -65.73 -58.45 -59.72
C ALA FA 41 -66.91 -57.63 -60.18
N GLN FA 42 -66.87 -56.32 -59.95
CA GLN FA 42 -67.96 -55.43 -60.32
C GLN FA 42 -67.39 -54.23 -61.05
N VAL FA 43 -68.27 -53.32 -61.45
CA VAL FA 43 -67.85 -52.01 -61.98
C VAL FA 43 -68.67 -50.98 -61.24
N ILE FA 44 -68.05 -50.30 -60.28
CA ILE FA 44 -68.74 -49.43 -59.34
C ILE FA 44 -68.31 -48.00 -59.60
N ASP FA 45 -69.26 -47.08 -59.50
CA ASP FA 45 -69.08 -45.72 -59.97
C ASP FA 45 -69.04 -44.73 -58.82
N ASP FA 46 -68.54 -43.54 -59.14
CA ASP FA 46 -68.79 -42.32 -58.40
C ASP FA 46 -69.42 -41.36 -59.40
N VAL FA 47 -70.30 -40.45 -58.94
CA VAL FA 47 -70.54 -40.05 -57.56
C VAL FA 47 -71.65 -40.88 -56.91
N ALA FA 48 -72.59 -41.34 -57.74
CA ALA FA 48 -73.83 -41.94 -57.25
C ALA FA 48 -73.63 -43.25 -56.51
N GLY FA 49 -72.54 -43.96 -56.75
CA GLY FA 49 -72.30 -45.22 -56.07
C GLY FA 49 -73.13 -46.36 -56.58
N VAL FA 50 -73.43 -46.39 -57.88
CA VAL FA 50 -74.23 -47.43 -58.50
C VAL FA 50 -73.29 -48.31 -59.29
N THR FA 51 -73.52 -49.62 -59.25
CA THR FA 51 -72.74 -50.53 -60.07
C THR FA 51 -73.08 -50.35 -61.56
N LEU FA 52 -72.19 -50.86 -62.40
CA LEU FA 52 -72.44 -50.94 -63.84
C LEU FA 52 -72.60 -52.38 -64.31
N ALA FA 53 -71.62 -53.23 -64.06
CA ALA FA 53 -71.68 -54.61 -64.51
C ALA FA 53 -70.78 -55.43 -63.60
N SER FA 54 -71.06 -56.73 -63.57
CA SER FA 54 -70.33 -57.64 -62.70
C SER FA 54 -70.07 -58.94 -63.46
N ALA FA 55 -69.47 -59.90 -62.76
CA ALA FA 55 -69.26 -61.24 -63.29
C ALA FA 55 -69.18 -62.20 -62.11
N SER FA 56 -70.23 -62.99 -61.94
CA SER FA 56 -70.38 -63.84 -60.77
C SER FA 56 -69.42 -65.01 -60.83
N ALA FA 57 -69.15 -65.57 -59.65
CA ALA FA 57 -68.24 -66.71 -59.58
C ALA FA 57 -68.97 -68.03 -59.86
N LEU FA 58 -69.88 -68.42 -58.98
CA LEU FA 58 -70.53 -69.71 -59.08
C LEU FA 58 -72.02 -69.58 -59.36
N ASP FA 59 -72.38 -68.57 -60.15
CA ASP FA 59 -73.74 -68.42 -60.63
C ASP FA 59 -73.83 -68.56 -62.15
N LYS FA 60 -72.68 -68.61 -62.82
CA LYS FA 60 -72.57 -68.40 -64.25
C LYS FA 60 -71.43 -69.28 -64.78
N GLU FA 61 -70.86 -68.87 -65.91
CA GLU FA 61 -70.50 -69.72 -67.04
C GLU FA 61 -69.85 -71.07 -66.78
N ILE FA 62 -68.59 -71.10 -66.34
CA ILE FA 62 -67.83 -72.35 -66.26
C ILE FA 62 -66.91 -72.32 -65.05
N SER FA 63 -66.11 -73.39 -64.93
CA SER FA 63 -65.09 -73.60 -63.93
C SER FA 63 -64.22 -74.76 -64.39
N GLY FA 64 -62.90 -74.68 -64.21
CA GLY FA 64 -62.21 -73.57 -63.57
C GLY FA 64 -61.29 -74.02 -62.44
N GLY FA 65 -61.13 -73.16 -61.45
CA GLY FA 65 -60.40 -73.48 -60.23
C GLY FA 65 -59.99 -72.19 -59.52
N THR FA 66 -58.98 -72.32 -58.66
CA THR FA 66 -58.32 -71.15 -58.07
C THR FA 66 -57.22 -70.65 -58.99
N LYS FA 67 -57.63 -70.35 -60.21
CA LYS FA 67 -56.76 -70.36 -61.35
C LYS FA 67 -56.97 -69.08 -62.14
N THR FA 68 -56.31 -69.02 -63.28
CA THR FA 68 -56.61 -67.97 -64.24
C THR FA 68 -57.93 -68.22 -64.94
N GLU FA 69 -58.39 -69.47 -64.92
CA GLU FA 69 -59.44 -69.93 -65.83
C GLU FA 69 -60.77 -69.28 -65.48
N THR FA 70 -61.18 -69.40 -64.22
CA THR FA 70 -62.27 -68.60 -63.69
C THR FA 70 -62.02 -67.13 -63.89
N ALA FA 71 -60.78 -66.70 -63.65
CA ALA FA 71 -60.46 -65.28 -63.74
C ALA FA 71 -60.49 -64.77 -65.17
N ALA FA 72 -60.01 -65.57 -66.12
CA ALA FA 72 -60.11 -65.17 -67.52
C ALA FA 72 -61.57 -65.15 -67.97
N ALA FA 73 -62.37 -66.10 -67.45
CA ALA FA 73 -63.80 -66.09 -67.75
C ALA FA 73 -64.46 -64.82 -67.23
N VAL FA 74 -64.10 -64.43 -66.02
CA VAL FA 74 -64.61 -63.21 -65.42
C VAL FA 74 -64.16 -62.00 -66.23
N GLY FA 75 -62.91 -62.00 -66.69
CA GLY FA 75 -62.40 -60.87 -67.46
C GLY FA 75 -63.08 -60.73 -68.80
N LYS FA 76 -63.38 -61.86 -69.45
CA LYS FA 76 -64.15 -61.87 -70.68
C LYS FA 76 -65.55 -61.30 -70.45
N LEU FA 77 -66.22 -61.77 -69.39
CA LEU FA 77 -67.58 -61.31 -69.11
C LEU FA 77 -67.62 -59.84 -68.78
N VAL FA 78 -66.62 -59.36 -68.04
CA VAL FA 78 -66.57 -57.96 -67.64
C VAL FA 78 -66.30 -57.07 -68.84
N ALA FA 79 -65.34 -57.46 -69.69
CA ALA FA 79 -65.04 -56.64 -70.86
C ALA FA 79 -66.19 -56.63 -71.85
N GLU FA 80 -66.90 -57.74 -71.98
CA GLU FA 80 -68.05 -57.75 -72.90
C GLU FA 80 -69.20 -56.92 -72.35
N ARG FA 81 -69.44 -56.99 -71.04
CA ARG FA 81 -70.50 -56.18 -70.46
C ARG FA 81 -70.11 -54.71 -70.35
N ALA FA 82 -68.82 -54.40 -70.44
CA ALA FA 82 -68.39 -53.01 -70.59
C ALA FA 82 -68.59 -52.54 -72.02
N ALA FA 83 -68.35 -53.43 -72.98
CA ALA FA 83 -68.59 -53.11 -74.38
C ALA FA 83 -70.08 -52.97 -74.67
N GLU FA 84 -70.94 -53.57 -73.86
CA GLU FA 84 -72.38 -53.37 -73.98
C GLU FA 84 -72.74 -51.89 -73.79
N LYS FA 85 -72.19 -51.27 -72.77
CA LYS FA 85 -72.50 -49.88 -72.47
C LYS FA 85 -71.55 -48.92 -73.16
N GLY FA 86 -70.54 -49.43 -73.88
CA GLY FA 86 -69.63 -48.57 -74.60
C GLY FA 86 -68.69 -47.83 -73.66
N ILE FA 87 -67.86 -48.57 -72.94
CA ILE FA 87 -66.95 -48.03 -71.95
C ILE FA 87 -65.58 -48.64 -72.19
N LYS FA 88 -64.55 -47.80 -72.33
CA LYS FA 88 -63.24 -48.31 -72.64
C LYS FA 88 -62.10 -47.84 -71.74
N LYS FA 89 -62.30 -46.89 -70.84
CA LYS FA 89 -61.14 -46.41 -70.11
C LYS FA 89 -61.29 -46.51 -68.60
N VAL FA 90 -61.67 -47.69 -68.12
CA VAL FA 90 -61.88 -47.93 -66.69
C VAL FA 90 -60.55 -47.80 -65.92
N VAL FA 91 -60.66 -47.50 -64.63
CA VAL FA 91 -59.52 -47.43 -63.72
C VAL FA 91 -59.60 -48.61 -62.77
N PHE FA 92 -58.48 -49.30 -62.58
CA PHE FA 92 -58.44 -50.50 -61.77
C PHE FA 92 -58.61 -50.18 -60.28
N ASP FA 93 -58.93 -51.21 -59.52
CA ASP FA 93 -58.58 -51.28 -58.11
C ASP FA 93 -57.36 -52.17 -57.97
N ARG FA 94 -57.03 -52.53 -56.74
CA ARG FA 94 -55.91 -53.43 -56.53
C ARG FA 94 -56.22 -54.45 -55.46
N GLY FA 95 -57.42 -54.47 -54.91
CA GLY FA 95 -57.73 -55.36 -53.81
C GLY FA 95 -56.96 -55.00 -52.56
N GLY FA 96 -56.01 -55.85 -52.18
CA GLY FA 96 -55.07 -55.56 -51.13
C GLY FA 96 -53.70 -56.13 -51.44
N TYR FA 97 -53.39 -56.29 -52.72
CA TYR FA 97 -52.32 -57.21 -53.07
C TYR FA 97 -51.28 -56.56 -53.94
N LEU FA 98 -50.39 -57.38 -54.48
CA LEU FA 98 -49.59 -57.05 -55.64
C LEU FA 98 -50.27 -57.65 -56.87
N TYR FA 99 -49.58 -57.65 -58.01
CA TYR FA 99 -50.13 -58.27 -59.20
C TYR FA 99 -49.57 -59.68 -59.43
N HIS FA 100 -49.84 -60.58 -58.50
CA HIS FA 100 -49.32 -61.95 -58.61
C HIS FA 100 -50.33 -62.90 -58.00
N GLY FA 101 -51.00 -63.68 -58.83
CA GLY FA 101 -51.82 -64.76 -58.33
C GLY FA 101 -53.24 -64.30 -58.11
N ARG FA 102 -54.14 -64.78 -58.99
CA ARG FA 102 -55.55 -64.33 -59.08
C ARG FA 102 -55.64 -62.81 -59.28
N VAL FA 103 -54.62 -62.19 -59.87
CA VAL FA 103 -54.67 -60.75 -60.06
C VAL FA 103 -54.44 -60.41 -61.52
N GLN FA 104 -53.23 -60.70 -62.03
CA GLN FA 104 -52.95 -60.47 -63.44
C GLN FA 104 -53.76 -61.40 -64.33
N ALA FA 105 -54.17 -62.54 -63.78
CA ALA FA 105 -55.20 -63.36 -64.39
C ALA FA 105 -56.46 -62.55 -64.68
N LEU FA 106 -56.90 -61.75 -63.69
CA LEU FA 106 -58.01 -60.85 -63.95
C LEU FA 106 -57.58 -59.65 -64.75
N ALA FA 107 -56.38 -59.14 -64.47
CA ALA FA 107 -55.95 -57.85 -65.00
C ALA FA 107 -55.80 -57.90 -66.52
N GLU FA 108 -54.93 -58.78 -67.02
CA GLU FA 108 -54.69 -58.80 -68.46
C GLU FA 108 -55.84 -59.41 -69.24
N ALA FA 109 -56.68 -60.23 -68.60
CA ALA FA 109 -57.92 -60.64 -69.25
C ALA FA 109 -58.88 -59.47 -69.38
N ALA FA 110 -58.79 -58.50 -68.47
CA ALA FA 110 -59.53 -57.28 -68.69
C ALA FA 110 -58.82 -56.36 -69.68
N ARG FA 111 -57.50 -56.46 -69.79
CA ARG FA 111 -56.75 -55.53 -70.62
C ARG FA 111 -56.97 -55.81 -72.10
N GLU FA 112 -56.59 -57.00 -72.55
CA GLU FA 112 -56.53 -57.28 -73.97
C GLU FA 112 -57.82 -57.86 -74.51
N ASN FA 113 -58.90 -57.87 -73.72
CA ASN FA 113 -60.21 -58.17 -74.26
C ASN FA 113 -60.95 -56.91 -74.70
N GLY FA 114 -60.22 -55.82 -74.92
CA GLY FA 114 -60.82 -54.64 -75.53
C GLY FA 114 -61.11 -53.50 -74.58
N LEU FA 115 -60.31 -53.36 -73.52
CA LEU FA 115 -60.45 -52.27 -72.58
C LEU FA 115 -59.13 -51.53 -72.50
N GLU FA 116 -59.16 -50.23 -72.80
CA GLU FA 116 -57.95 -49.44 -72.85
C GLU FA 116 -57.41 -49.21 -71.44
N PHE FA 117 -56.12 -49.46 -71.25
CA PHE FA 117 -55.47 -49.07 -70.01
C PHE FA 117 -54.11 -48.45 -70.28
N ASN GA 1 -22.40 75.94 39.29
CA ASN GA 1 -21.47 76.30 40.37
C ASN GA 1 -21.98 77.22 41.51
N PRO GA 2 -22.51 78.43 41.22
CA PRO GA 2 -22.72 79.37 42.34
C PRO GA 2 -23.87 78.99 43.23
N LEU GA 3 -24.74 78.08 42.81
CA LEU GA 3 -25.66 77.46 43.75
C LEU GA 3 -24.97 76.35 44.53
N ILE GA 4 -24.06 75.65 43.86
CA ILE GA 4 -23.54 74.40 44.38
C ILE GA 4 -22.65 74.63 45.58
N GLN GA 5 -21.81 75.67 45.52
CA GLN GA 5 -21.03 76.07 46.68
C GLN GA 5 -21.95 76.50 47.81
N GLU GA 6 -23.01 77.24 47.49
CA GLU GA 6 -23.98 77.62 48.50
C GLU GA 6 -24.69 76.39 49.05
N LEU GA 7 -24.97 75.42 48.20
CA LEU GA 7 -25.65 74.22 48.66
C LEU GA 7 -24.74 73.25 49.37
N THR GA 8 -23.43 73.50 49.39
CA THR GA 8 -22.50 72.55 49.98
C THR GA 8 -21.56 73.17 51.00
N GLN GA 9 -21.92 74.30 51.60
CA GLN GA 9 -21.14 74.82 52.71
C GLN GA 9 -21.60 74.27 54.06
N GLU GA 10 -22.35 73.18 54.05
CA GLU GA 10 -22.75 72.53 55.29
C GLU GA 10 -21.83 71.39 55.68
N GLN GA 11 -21.15 70.76 54.74
CA GLN GA 11 -20.40 69.55 55.02
C GLN GA 11 -18.95 69.68 54.56
N LEU GA 12 -18.36 70.84 54.76
CA LEU GA 12 -16.92 71.00 54.54
C LEU GA 12 -16.16 70.59 55.80
N ARG GA 13 -14.88 70.96 55.85
CA ARG GA 13 -14.06 70.74 57.03
C ARG GA 13 -12.91 71.73 56.97
N THR GA 14 -12.89 72.67 57.91
CA THR GA 14 -11.84 73.68 57.99
C THR GA 14 -10.67 73.22 58.85
N ASP GA 15 -10.49 71.91 59.01
CA ASP GA 15 -9.59 71.34 60.00
C ASP GA 15 -8.47 70.54 59.36
N ILE GA 16 -8.13 70.86 58.12
CA ILE GA 16 -7.21 70.08 57.31
C ILE GA 16 -6.10 71.02 56.85
N PRO GA 17 -4.85 70.74 57.17
CA PRO GA 17 -3.77 71.71 56.91
C PRO GA 17 -3.39 71.76 55.45
N ALA GA 18 -2.49 72.68 55.15
CA ALA GA 18 -2.02 72.89 53.79
C ALA GA 18 -0.87 71.96 53.51
N PHE GA 19 -0.96 71.24 52.38
CA PHE GA 19 0.10 70.30 52.01
C PHE GA 19 0.15 70.19 50.49
N ARG GA 20 1.27 70.26 50.01
CA ARG GA 20 1.61 70.11 48.61
C ARG GA 20 1.78 68.64 48.29
N PRO GA 21 1.50 68.20 47.06
CA PRO GA 21 1.60 66.77 46.74
C PRO GA 21 3.05 66.32 46.72
N GLY GA 22 3.37 65.38 47.59
CA GLY GA 22 4.73 64.93 47.70
C GLY GA 22 5.31 65.06 49.08
N ASP GA 23 4.48 65.08 50.11
CA ASP GA 23 4.96 65.20 51.47
C ASP GA 23 4.33 64.14 52.36
N THR GA 24 5.10 63.68 53.34
CA THR GA 24 4.73 62.52 54.12
C THR GA 24 3.65 62.82 55.14
N VAL GA 25 2.62 61.97 55.15
CA VAL GA 25 1.37 62.25 55.84
C VAL GA 25 0.95 61.01 56.62
N ARG GA 26 0.72 61.18 57.91
CA ARG GA 26 0.07 60.13 58.68
C ARG GA 26 -1.44 60.26 58.50
N VAL GA 27 -2.10 59.13 58.30
CA VAL GA 27 -3.52 59.12 58.00
C VAL GA 27 -4.21 58.18 58.97
N HIS GA 28 -5.12 58.72 59.76
CA HIS GA 28 -5.99 57.93 60.59
C HIS GA 28 -7.21 57.51 59.77
N ALA GA 29 -7.95 56.55 60.32
CA ALA GA 29 -9.16 56.07 59.64
C ALA GA 29 -10.05 55.39 60.65
N LYS GA 30 -11.32 55.22 60.28
CA LYS GA 30 -12.25 54.44 61.08
C LYS GA 30 -12.38 53.07 60.45
N VAL GA 31 -11.95 52.05 61.17
CA VAL GA 31 -11.80 50.70 60.63
C VAL GA 31 -12.91 49.86 61.25
N VAL GA 32 -14.01 49.70 60.53
CA VAL GA 32 -15.14 48.92 61.05
C VAL GA 32 -14.79 47.44 60.94
N GLU GA 33 -14.65 46.76 62.08
CA GLU GA 33 -14.32 45.34 62.13
C GLU GA 33 -15.38 44.66 62.98
N GLY GA 34 -16.49 44.28 62.36
CA GLY GA 34 -17.60 43.77 63.14
C GLY GA 34 -18.30 44.89 63.87
N THR GA 35 -18.12 44.96 65.20
CA THR GA 35 -18.71 46.03 66.00
C THR GA 35 -17.69 47.01 66.55
N ARG GA 36 -16.39 46.70 66.50
CA ARG GA 36 -15.37 47.63 66.95
C ARG GA 36 -15.17 48.74 65.91
N GLU GA 37 -14.35 49.71 66.27
CA GLU GA 37 -13.62 50.50 65.29
C GLU GA 37 -12.20 50.72 65.81
N ARG GA 38 -11.23 50.10 65.15
CA ARG GA 38 -9.84 50.42 65.37
C ARG GA 38 -9.49 51.76 64.74
N ILE GA 39 -8.22 52.11 64.83
CA ILE GA 39 -7.65 53.21 64.06
C ILE GA 39 -6.34 52.70 63.47
N GLN GA 40 -6.32 52.45 62.16
CA GLN GA 40 -5.07 52.10 61.53
C GLN GA 40 -4.27 53.36 61.22
N LEU GA 41 -3.13 53.17 60.57
CA LEU GA 41 -2.31 54.29 60.11
C LEU GA 41 -1.67 53.94 58.78
N PHE GA 42 -1.89 54.77 57.78
CA PHE GA 42 -1.02 54.83 56.61
C PHE GA 42 -0.06 55.98 56.73
N GLU GA 43 1.19 55.74 56.37
CA GLU GA 43 2.22 56.79 56.37
C GLU GA 43 2.95 56.67 55.04
N GLY GA 44 2.69 57.58 54.13
CA GLY GA 44 3.18 57.46 52.77
C GLY GA 44 3.54 58.77 52.13
N VAL GA 45 3.31 58.87 50.82
CA VAL GA 45 3.64 60.06 50.05
C VAL GA 45 2.39 60.46 49.27
N VAL GA 46 2.20 61.77 49.11
CA VAL GA 46 1.02 62.33 48.48
C VAL GA 46 1.27 62.53 47.00
N ILE GA 47 0.41 61.95 46.16
CA ILE GA 47 0.57 62.10 44.72
C ILE GA 47 -0.43 63.09 44.15
N LYS GA 48 -1.73 62.86 44.40
CA LYS GA 48 -2.78 63.60 43.71
C LYS GA 48 -3.39 64.71 44.56
N ARG GA 49 -3.83 65.75 43.86
CA ARG GA 49 -4.89 66.61 44.35
C ARG GA 49 -5.64 67.12 43.11
N ARG GA 50 -6.74 66.46 42.76
CA ARG GA 50 -7.70 67.06 41.86
C ARG GA 50 -8.35 68.22 42.58
N GLY GA 51 -7.96 69.45 42.25
CA GLY GA 51 -8.66 70.59 42.78
C GLY GA 51 -10.07 70.57 42.25
N ALA GA 52 -10.99 70.31 43.16
CA ALA GA 52 -12.38 70.08 42.81
C ALA GA 52 -13.36 70.74 43.76
N GLY GA 53 -12.90 71.39 44.82
CA GLY GA 53 -13.84 71.99 45.74
C GLY GA 53 -14.32 70.99 46.77
N ILE GA 54 -15.48 70.40 46.47
CA ILE GA 54 -16.17 69.56 47.45
C ILE GA 54 -15.48 68.21 47.58
N SER GA 55 -15.06 67.63 46.47
CA SER GA 55 -14.72 66.21 46.47
C SER GA 55 -13.31 65.97 45.95
N GLU GA 56 -12.33 66.66 46.51
CA GLU GA 56 -10.95 66.56 46.03
C GLU GA 56 -10.32 65.24 46.48
N THR GA 57 -9.05 65.03 46.13
CA THR GA 57 -8.47 63.69 46.10
C THR GA 57 -7.21 63.55 46.93
N TYR GA 58 -7.09 62.38 47.58
CA TYR GA 58 -5.90 61.96 48.30
C TYR GA 58 -5.32 60.72 47.66
N THR GA 59 -4.00 60.60 47.70
CA THR GA 59 -3.29 59.41 47.22
C THR GA 59 -2.09 59.16 48.11
N VAL GA 60 -1.98 57.95 48.65
CA VAL GA 60 -0.92 57.57 49.58
C VAL GA 60 -0.31 56.28 49.08
N ARG GA 61 1.01 56.27 48.90
CA ARG GA 61 1.70 55.02 48.61
C ARG GA 61 2.19 54.38 49.91
N LYS GA 62 2.55 53.11 49.81
CA LYS GA 62 3.40 52.46 50.79
C LYS GA 62 4.27 51.45 50.06
N VAL GA 63 5.17 50.83 50.81
CA VAL GA 63 5.83 49.60 50.39
C VAL GA 63 5.68 48.65 51.57
N SER GA 64 4.63 47.85 51.55
CA SER GA 64 4.34 46.93 52.66
C SER GA 64 4.84 45.55 52.27
N ASN GA 65 5.95 45.14 52.91
CA ASN GA 65 6.61 43.86 52.69
C ASN GA 65 6.98 43.66 51.23
N GLY GA 66 7.62 44.68 50.66
CA GLY GA 66 8.03 44.69 49.27
C GLY GA 66 6.95 45.15 48.31
N VAL GA 67 5.71 44.74 48.55
CA VAL GA 67 4.61 45.09 47.67
C VAL GA 67 4.23 46.55 47.91
N GLY GA 68 4.11 47.32 46.83
CA GLY GA 68 3.61 48.67 46.94
C GLY GA 68 2.09 48.72 46.90
N VAL GA 69 1.47 49.26 47.95
CA VAL GA 69 0.02 49.33 48.06
C VAL GA 69 -0.38 50.78 48.16
N GLU GA 70 -1.45 51.15 47.44
CA GLU GA 70 -1.90 52.53 47.36
C GLU GA 70 -3.39 52.62 47.66
N ARG GA 71 -3.77 53.61 48.47
CA ARG GA 71 -5.17 53.82 48.85
C ARG GA 71 -5.51 55.29 48.71
N THR GA 72 -6.72 55.57 48.23
CA THR GA 72 -7.18 56.93 47.95
C THR GA 72 -8.33 57.32 48.86
N PHE GA 73 -8.45 58.63 49.10
CA PHE GA 73 -9.50 59.18 49.94
C PHE GA 73 -9.97 60.51 49.37
N PRO GA 74 -11.17 60.92 49.72
CA PRO GA 74 -11.55 62.31 49.52
C PRO GA 74 -11.28 63.12 50.78
N LEU GA 75 -11.45 64.44 50.65
CA LEU GA 75 -11.14 65.37 51.74
C LEU GA 75 -12.08 65.17 52.91
N HIS GA 76 -13.37 65.26 52.65
CA HIS GA 76 -14.33 65.65 53.68
C HIS GA 76 -15.06 64.47 54.29
N THR GA 77 -14.39 63.34 54.45
CA THR GA 77 -15.04 62.20 55.04
C THR GA 77 -15.22 62.43 56.54
N PRO GA 78 -16.32 61.97 57.13
CA PRO GA 78 -16.39 61.88 58.59
C PRO GA 78 -15.69 60.65 59.13
N ARG GA 79 -15.15 59.78 58.28
CA ARG GA 79 -14.45 58.60 58.73
C ARG GA 79 -12.95 58.72 58.51
N VAL GA 80 -12.43 59.93 58.60
CA VAL GA 80 -11.01 60.19 58.80
C VAL GA 80 -10.87 61.15 59.96
N ALA GA 81 -10.17 60.74 61.01
CA ALA GA 81 -10.04 61.57 62.19
C ALA GA 81 -9.15 62.77 61.91
N GLN GA 82 -7.90 62.55 61.57
CA GLN GA 82 -6.95 63.64 61.39
C GLN GA 82 -6.02 63.36 60.24
N ILE GA 83 -5.12 64.32 60.03
CA ILE GA 83 -4.05 64.26 59.05
C ILE GA 83 -2.83 64.89 59.67
N GLU GA 84 -1.72 64.19 59.67
CA GLU GA 84 -0.53 64.59 60.41
C GLU GA 84 0.62 64.73 59.42
N VAL GA 85 0.85 65.96 58.98
CA VAL GA 85 1.93 66.26 58.04
C VAL GA 85 3.27 66.08 58.73
N VAL GA 86 4.21 65.42 58.05
CA VAL GA 86 5.50 65.06 58.65
C VAL GA 86 6.65 65.83 58.02
N ARG GA 87 6.81 65.76 56.71
CA ARG GA 87 7.98 66.36 56.07
C ARG GA 87 7.56 67.31 54.97
N TYR GA 88 8.56 67.94 54.34
CA TYR GA 88 8.36 68.89 53.25
C TYR GA 88 9.52 68.74 52.28
N GLY GA 89 9.24 68.62 50.99
CA GLY GA 89 10.29 68.25 50.05
C GLY GA 89 10.19 68.84 48.66
N LYS GA 90 11.35 68.89 47.99
CA LYS GA 90 11.46 69.39 46.62
C LYS GA 90 10.71 68.48 45.66
N VAL GA 91 9.57 68.95 45.18
CA VAL GA 91 8.81 68.28 44.16
C VAL GA 91 8.63 69.30 43.03
N ARG GA 92 8.66 68.86 41.78
CA ARG GA 92 8.37 69.79 40.70
C ARG GA 92 7.26 69.33 39.76
N ARG GA 93 6.47 68.34 40.14
CA ARG GA 93 5.37 67.91 39.28
C ARG GA 93 4.09 67.93 40.09
N ALA GA 94 2.97 67.96 39.39
CA ALA GA 94 1.69 67.86 40.06
C ALA GA 94 1.51 66.46 40.60
N LYS GA 95 1.54 65.47 39.73
CA LYS GA 95 1.19 64.12 40.09
C LYS GA 95 2.34 63.21 39.67
N LEU GA 96 2.86 62.46 40.64
CA LEU GA 96 4.18 61.84 40.56
C LEU GA 96 4.06 60.38 40.13
N TYR GA 97 3.42 60.17 38.98
CA TYR GA 97 3.22 58.80 38.51
C TYR GA 97 4.51 58.15 38.06
N TYR GA 98 5.55 58.93 37.81
CA TYR GA 98 6.83 58.43 37.32
C TYR GA 98 7.67 57.80 38.41
N LEU GA 99 7.11 57.48 39.56
CA LEU GA 99 7.87 56.89 40.63
C LEU GA 99 7.42 55.48 40.96
N ARG GA 100 6.39 54.96 40.28
CA ARG GA 100 5.93 53.61 40.57
C ARG GA 100 6.95 52.56 40.16
N ALA GA 101 7.72 52.84 39.12
CA ALA GA 101 8.76 51.92 38.72
C ALA GA 101 10.04 52.09 39.50
N LEU GA 102 10.10 53.08 40.39
CA LEU GA 102 11.34 53.38 41.08
C LEU GA 102 11.27 52.88 42.52
N HIS GA 103 12.44 52.57 43.08
CA HIS GA 103 12.49 51.83 44.33
C HIS GA 103 13.55 52.37 45.28
N GLY GA 104 13.16 52.49 46.55
CA GLY GA 104 14.05 52.54 47.69
C GLY GA 104 15.11 53.62 47.69
N LYS GA 105 16.36 53.19 47.55
CA LYS GA 105 17.49 54.11 47.63
C LYS GA 105 17.64 54.95 46.38
N ALA GA 106 16.85 54.70 45.35
CA ALA GA 106 16.80 55.56 44.17
C ALA GA 106 15.44 56.25 44.04
N ALA GA 107 14.65 56.30 45.11
CA ALA GA 107 13.30 56.85 45.07
C ALA GA 107 13.05 57.76 46.26
N ARG GA 108 13.95 58.70 46.50
CA ARG GA 108 13.90 59.51 47.70
C ARG GA 108 13.52 60.96 47.38
N ILE GA 109 13.19 61.69 48.45
CA ILE GA 109 12.72 63.06 48.38
C ILE GA 109 13.53 63.89 49.36
N LYS GA 110 14.29 64.86 48.86
CA LYS GA 110 15.13 65.69 49.73
C LYS GA 110 14.26 66.62 50.55
N GLU GA 111 14.56 66.74 51.84
CA GLU GA 111 13.71 67.50 52.76
C GLU GA 111 13.90 69.01 52.61
N ILE GA 112 12.85 69.75 52.94
CA ILE GA 112 12.89 71.21 53.10
C ILE GA 112 12.17 71.51 54.41
N ARG GA 113 12.51 72.64 55.03
CA ARG GA 113 11.77 73.12 56.19
C ARG GA 113 10.67 74.10 55.78
N ARG GA 114 9.77 73.66 54.91
CA ARG GA 114 8.67 74.54 54.51
C ARG GA 114 7.32 73.83 54.58
N ALA HA 1 -32.35 52.80 -62.96
CA ALA HA 1 -33.62 52.51 -62.34
C ALA HA 1 -33.52 52.66 -60.82
N ARG HA 2 -32.85 53.71 -60.36
CA ARG HA 2 -32.73 53.95 -58.93
C ARG HA 2 -34.07 54.43 -58.37
N VAL HA 3 -34.62 53.68 -57.42
CA VAL HA 3 -35.93 53.98 -56.85
C VAL HA 3 -35.74 54.27 -55.37
N LYS HA 4 -36.10 55.49 -54.95
CA LYS HA 4 -36.08 55.88 -53.54
C LYS HA 4 -37.42 55.58 -52.90
N GLY HA 5 -37.64 56.13 -51.71
CA GLY HA 5 -38.92 55.97 -51.05
C GLY HA 5 -39.35 57.20 -50.29
N GLY HA 6 -38.81 58.36 -50.67
CA GLY HA 6 -38.92 59.60 -49.92
C GLY HA 6 -40.31 60.22 -49.84
N THR HA 7 -41.35 59.54 -50.31
CA THR HA 7 -42.72 59.96 -50.10
C THR HA 7 -43.60 58.86 -49.53
N VAL HA 8 -43.03 57.75 -49.08
CA VAL HA 8 -43.84 56.58 -48.79
C VAL HA 8 -43.99 56.37 -47.29
N THR HA 9 -42.87 56.13 -46.59
CA THR HA 9 -42.92 55.73 -45.19
C THR HA 9 -43.40 56.85 -44.30
N ARG HA 10 -43.10 58.09 -44.69
CA ARG HA 10 -43.78 59.28 -44.18
C ARG HA 10 -45.28 59.06 -44.08
N LYS HA 11 -45.91 58.72 -45.20
CA LYS HA 11 -47.35 58.65 -45.23
C LYS HA 11 -47.85 57.42 -44.50
N ARG HA 12 -47.07 56.34 -44.51
CA ARG HA 12 -47.34 55.16 -43.69
C ARG HA 12 -47.46 55.53 -42.21
N ARG HA 13 -46.37 56.01 -41.64
CA ARG HA 13 -46.31 56.18 -40.21
C ARG HA 13 -47.13 57.36 -39.74
N LYS HA 18 -52.01 59.44 -36.83
CA LYS HA 18 -53.32 60.06 -36.71
C LYS HA 18 -54.36 59.13 -36.10
N LEU HA 19 -54.06 57.83 -36.03
CA LEU HA 19 -54.87 56.91 -35.24
C LEU HA 19 -54.37 56.80 -33.83
N ALA HA 20 -53.59 57.76 -33.36
CA ALA HA 20 -52.85 57.56 -32.11
C ALA HA 20 -52.82 58.76 -31.18
N LYS HA 21 -53.59 59.80 -31.45
CA LYS HA 21 -53.60 60.96 -30.56
C LYS HA 21 -54.33 60.63 -29.27
N GLY HA 22 -53.71 60.94 -28.14
CA GLY HA 22 -54.34 60.74 -26.86
C GLY HA 22 -53.90 59.46 -26.16
N TYR HA 23 -52.61 59.22 -26.14
CA TYR HA 23 -52.02 58.09 -25.44
C TYR HA 23 -51.21 58.58 -24.26
N TYR HA 24 -50.86 57.65 -23.38
CA TYR HA 24 -50.41 58.01 -22.04
C TYR HA 24 -48.92 58.29 -21.97
N GLY HA 25 -48.40 59.17 -22.81
CA GLY HA 25 -47.02 59.57 -22.63
C GLY HA 25 -46.12 59.43 -23.84
N SER HA 26 -45.16 58.52 -23.78
CA SER HA 26 -44.20 58.33 -24.86
C SER HA 26 -44.79 57.58 -26.05
N LYS HA 27 -46.07 57.24 -26.02
CA LYS HA 27 -46.73 56.57 -27.11
C LYS HA 27 -47.41 57.55 -28.05
N HIS HA 28 -46.88 58.77 -28.15
CA HIS HA 28 -47.20 59.73 -29.19
C HIS HA 28 -46.11 59.81 -30.25
N THR HA 29 -44.86 59.56 -29.88
CA THR HA 29 -43.74 59.64 -30.80
C THR HA 29 -42.86 58.41 -30.70
N LEU HA 30 -43.48 57.23 -30.58
CA LEU HA 30 -42.82 55.96 -30.85
C LEU HA 30 -43.68 55.18 -31.84
N PHE HA 31 -43.26 55.18 -33.10
CA PHE HA 31 -43.88 54.34 -34.12
C PHE HA 31 -43.78 52.89 -33.71
N LYS HA 32 -42.64 52.53 -33.15
CA LYS HA 32 -42.43 51.21 -32.59
C LYS HA 32 -43.24 50.94 -31.33
N SER HA 33 -44.08 51.88 -30.88
CA SER HA 33 -45.11 51.56 -29.90
C SER HA 33 -46.48 52.03 -30.33
N ALA HA 34 -46.56 53.04 -31.20
CA ALA HA 34 -47.84 53.44 -31.76
C ALA HA 34 -48.46 52.28 -32.49
N LYS HA 35 -47.66 51.62 -33.31
CA LYS HA 35 -48.08 50.40 -33.97
C LYS HA 35 -48.30 49.26 -32.99
N GLU HA 36 -47.77 49.34 -31.77
CA GLU HA 36 -48.06 48.30 -30.80
C GLU HA 36 -49.45 48.45 -30.21
N GLN HA 37 -49.80 49.65 -29.75
CA GLN HA 37 -51.05 49.81 -29.01
C GLN HA 37 -52.28 49.57 -29.86
N VAL HA 38 -52.21 49.97 -31.12
CA VAL HA 38 -53.40 50.04 -31.93
C VAL HA 38 -53.93 48.64 -32.22
N MET HA 39 -53.01 47.68 -32.37
CA MET HA 39 -53.27 46.26 -32.33
C MET HA 39 -54.19 45.85 -31.19
N ASN HA 40 -53.73 46.16 -29.98
CA ASN HA 40 -54.43 45.73 -28.78
C ASN HA 40 -55.77 46.42 -28.65
N SER HA 41 -55.82 47.66 -29.13
CA SER HA 41 -57.07 48.39 -29.15
C SER HA 41 -58.07 47.70 -30.05
N TYR HA 42 -57.60 47.18 -31.19
CA TYR HA 42 -58.52 46.45 -32.06
C TYR HA 42 -59.00 45.16 -31.42
N TYR HA 43 -58.13 44.50 -30.66
CA TYR HA 43 -58.57 43.33 -29.88
C TYR HA 43 -59.71 43.70 -28.95
N TYR HA 44 -59.52 44.78 -28.18
CA TYR HA 44 -60.57 45.13 -27.23
C TYR HA 44 -61.80 45.68 -27.93
N ALA HA 45 -61.66 46.21 -29.14
CA ALA HA 45 -62.81 46.59 -29.94
C ALA HA 45 -63.66 45.37 -30.28
N PHE HA 46 -63.01 44.32 -30.80
CA PHE HA 46 -63.70 43.07 -31.09
C PHE HA 46 -64.41 42.50 -29.87
N ARG HA 47 -63.74 42.54 -28.73
CA ARG HA 47 -64.35 41.89 -27.58
C ARG HA 47 -65.50 42.73 -27.03
N ASP HA 48 -65.37 44.05 -27.09
CA ASP HA 48 -66.41 44.87 -26.51
C ASP HA 48 -67.64 45.00 -27.41
N ARG HA 49 -67.50 44.77 -28.72
CA ARG HA 49 -68.68 44.79 -29.57
C ARG HA 49 -69.59 43.59 -29.33
N ARG HA 50 -69.11 42.57 -28.62
CA ARG HA 50 -69.97 41.54 -28.05
C ARG HA 50 -70.26 41.79 -26.58
N GLN HA 51 -69.37 42.49 -25.87
CA GLN HA 51 -69.65 42.77 -24.48
C GLN HA 51 -70.73 43.81 -24.28
N LYS HA 52 -71.07 44.58 -25.31
CA LYS HA 52 -72.29 45.39 -25.26
C LYS HA 52 -73.52 44.53 -25.02
N LYS HA 53 -73.72 43.56 -25.91
CA LYS HA 53 -74.84 42.66 -25.82
C LYS HA 53 -74.71 41.75 -24.61
N ARG HA 54 -73.51 41.58 -24.09
CA ARG HA 54 -73.40 41.00 -22.75
C ARG HA 54 -74.04 41.91 -21.71
N ASP HA 55 -73.57 43.16 -21.62
CA ASP HA 55 -73.84 44.02 -20.46
C ASP HA 55 -75.29 44.38 -20.33
N PHE HA 56 -75.92 44.78 -21.44
CA PHE HA 56 -77.24 45.36 -21.29
C PHE HA 56 -78.31 44.34 -20.95
N ARG HA 57 -78.07 43.06 -21.28
CA ARG HA 57 -78.89 41.97 -20.75
C ARG HA 57 -79.02 42.05 -19.24
N LYS HA 58 -77.88 42.05 -18.55
CA LYS HA 58 -77.92 41.99 -17.10
C LYS HA 58 -78.40 43.30 -16.50
N LEU HA 59 -78.09 44.43 -17.12
CA LEU HA 59 -78.59 45.71 -16.63
C LEU HA 59 -80.11 45.76 -16.66
N TRP HA 60 -80.69 45.43 -17.81
CA TRP HA 60 -82.13 45.51 -17.89
C TRP HA 60 -82.79 44.42 -17.07
N ILE HA 61 -82.13 43.25 -16.92
CA ILE HA 61 -82.68 42.20 -16.08
C ILE HA 61 -82.72 42.64 -14.63
N ALA HA 62 -81.64 43.26 -14.14
CA ALA HA 62 -81.60 43.71 -12.75
C ALA HA 62 -82.61 44.81 -12.48
N ARG HA 63 -82.82 45.69 -13.45
CA ARG HA 63 -83.83 46.72 -13.22
C ARG HA 63 -85.24 46.15 -13.28
N ILE HA 64 -85.47 45.15 -14.12
CA ILE HA 64 -86.71 44.38 -14.11
C ILE HA 64 -86.90 43.73 -12.75
N ASN HA 65 -85.81 43.23 -12.16
CA ASN HA 65 -85.90 42.58 -10.86
C ASN HA 65 -86.32 43.56 -9.79
N ALA HA 66 -85.73 44.75 -9.83
CA ALA HA 66 -86.05 45.78 -8.85
C ALA HA 66 -87.52 46.19 -8.94
N ALA HA 67 -87.99 46.46 -10.16
CA ALA HA 67 -89.39 46.86 -10.30
C ALA HA 67 -90.35 45.70 -10.04
N ALA HA 68 -89.92 44.46 -10.26
CA ALA HA 68 -90.77 43.32 -10.04
C ALA HA 68 -90.94 43.06 -8.56
N ARG HA 69 -89.86 43.24 -7.80
CA ARG HA 69 -89.96 43.12 -6.37
C ARG HA 69 -90.68 44.32 -5.78
N MET HA 70 -90.70 45.46 -6.49
CA MET HA 70 -91.54 46.57 -6.06
C MET HA 70 -93.03 46.22 -6.11
N ASN HA 71 -93.43 45.39 -7.06
CA ASN HA 71 -94.78 44.83 -7.03
C ASN HA 71 -94.84 43.50 -6.32
N GLY HA 72 -93.73 43.06 -5.73
CA GLY HA 72 -93.75 41.83 -4.95
C GLY HA 72 -93.94 40.59 -5.79
N LEU HA 73 -93.38 40.58 -6.99
CA LEU HA 73 -93.38 39.39 -7.83
C LEU HA 73 -91.95 39.02 -8.15
N SER HA 74 -91.66 37.73 -8.13
CA SER HA 74 -90.30 37.27 -8.27
C SER HA 74 -89.83 37.43 -9.71
N TYR HA 75 -88.54 37.19 -9.90
CA TYR HA 75 -87.85 37.69 -11.08
C TYR HA 75 -88.04 36.73 -12.23
N SER HA 76 -88.32 35.48 -11.90
CA SER HA 76 -88.54 34.46 -12.89
C SER HA 76 -90.01 34.27 -13.16
N LYS HA 77 -90.86 34.45 -12.14
CA LYS HA 77 -92.26 34.14 -12.32
C LYS HA 77 -92.96 35.14 -13.22
N LEU HA 78 -92.44 36.36 -13.31
CA LEU HA 78 -92.90 37.25 -14.38
C LEU HA 78 -92.59 36.69 -15.75
N MET HA 79 -91.35 36.21 -15.95
CA MET HA 79 -90.96 35.66 -17.24
C MET HA 79 -91.85 34.48 -17.62
N HIS HA 80 -92.06 33.56 -16.67
CA HIS HA 80 -92.83 32.37 -16.97
C HIS HA 80 -94.31 32.68 -17.13
N GLY HA 81 -94.84 33.60 -16.32
CA GLY HA 81 -96.23 33.96 -16.45
C GLY HA 81 -96.53 34.70 -17.73
N LEU HA 82 -95.63 35.60 -18.13
CA LEU HA 82 -95.84 36.33 -19.36
C LEU HA 82 -95.64 35.44 -20.58
N LYS HA 83 -94.78 34.43 -20.48
CA LYS HA 83 -94.70 33.50 -21.58
C LYS HA 83 -95.80 32.46 -21.56
N LEU HA 84 -96.56 32.36 -20.46
CA LEU HA 84 -97.84 31.67 -20.59
C LEU HA 84 -98.87 32.56 -21.26
N ALA HA 85 -98.98 33.80 -20.83
CA ALA HA 85 -99.96 34.73 -21.37
C ALA HA 85 -99.51 35.37 -22.67
N GLU HA 86 -98.36 34.95 -23.20
CA GLU HA 86 -97.90 35.28 -24.54
C GLU HA 86 -97.66 36.78 -24.69
N ILE HA 87 -97.01 37.35 -23.70
CA ILE HA 87 -96.70 38.78 -23.67
C ILE HA 87 -95.19 38.90 -23.77
N ASP HA 88 -94.73 39.45 -24.89
CA ASP HA 88 -93.45 39.04 -25.48
C ASP HA 88 -92.58 40.25 -25.74
N ILE HA 89 -92.41 41.07 -24.75
CA ILE HA 89 -91.72 42.34 -24.92
C ILE HA 89 -90.21 42.12 -24.85
N ASN HA 90 -89.46 42.88 -25.64
CA ASN HA 90 -88.02 42.91 -25.41
C ASN HA 90 -87.70 43.72 -24.18
N ARG HA 91 -86.63 43.30 -23.52
CA ARG HA 91 -86.50 43.54 -22.09
C ARG HA 91 -86.06 44.96 -21.76
N LYS HA 92 -85.53 45.69 -22.73
CA LYS HA 92 -85.26 47.09 -22.42
C LYS HA 92 -86.55 47.89 -22.41
N MET HA 93 -87.53 47.49 -23.20
CA MET HA 93 -88.84 48.12 -23.07
C MET HA 93 -89.51 47.72 -21.77
N LEU HA 94 -89.31 46.49 -21.31
CA LEU HA 94 -89.78 46.12 -19.97
C LEU HA 94 -89.07 46.94 -18.91
N ALA HA 95 -87.80 47.24 -19.12
CA ALA HA 95 -87.06 48.05 -18.16
C ALA HA 95 -87.61 49.47 -18.07
N ASP HA 96 -87.70 50.14 -19.21
CA ASP HA 96 -88.13 51.53 -19.18
C ASP HA 96 -89.60 51.68 -18.85
N LEU HA 97 -90.44 50.73 -19.24
CA LEU HA 97 -91.84 50.84 -18.86
C LEU HA 97 -92.04 50.47 -17.40
N ALA HA 98 -91.27 49.50 -16.90
CA ALA HA 98 -91.30 49.13 -15.49
C ALA HA 98 -90.86 50.27 -14.61
N VAL HA 99 -89.98 51.13 -15.09
CA VAL HA 99 -89.67 52.32 -14.31
C VAL HA 99 -90.75 53.37 -14.48
N ASN HA 100 -91.00 53.83 -15.72
CA ASN HA 100 -91.84 54.99 -15.91
C ASN HA 100 -93.32 54.68 -15.74
N ASP HA 101 -93.88 53.84 -16.59
CA ASP HA 101 -95.32 53.62 -16.58
C ASP HA 101 -95.65 52.61 -15.49
N ALA HA 102 -95.76 53.13 -14.27
CA ALA HA 102 -95.97 52.28 -13.11
C ALA HA 102 -97.32 51.60 -13.17
N ALA HA 103 -98.36 52.31 -13.60
CA ALA HA 103 -99.69 51.73 -13.68
C ALA HA 103 -99.75 50.64 -14.75
N ALA HA 104 -99.11 50.87 -15.89
CA ALA HA 104 -99.06 49.85 -16.93
C ALA HA 104 -98.29 48.63 -16.48
N PHE HA 105 -97.21 48.86 -15.73
CA PHE HA 105 -96.41 47.74 -15.30
C PHE HA 105 -97.11 46.92 -14.22
N THR HA 106 -97.88 47.58 -13.36
CA THR HA 106 -98.71 46.85 -12.42
C THR HA 106 -99.85 46.12 -13.14
N ALA HA 107 -100.34 46.68 -14.25
CA ALA HA 107 -101.34 45.98 -15.04
C ALA HA 107 -100.76 44.69 -15.61
N LEU HA 108 -99.54 44.76 -16.11
CA LEU HA 108 -98.83 43.56 -16.54
C LEU HA 108 -98.63 42.60 -15.38
N ALA HA 109 -98.35 43.15 -14.20
CA ALA HA 109 -98.14 42.32 -13.03
C ALA HA 109 -99.41 41.56 -12.66
N GLU HA 110 -100.56 42.22 -12.72
CA GLU HA 110 -101.81 41.53 -12.42
C GLU HA 110 -102.18 40.55 -13.51
N GLN HA 111 -101.85 40.86 -14.76
CA GLN HA 111 -102.05 39.90 -15.85
C GLN HA 111 -101.21 38.66 -15.63
N ALA HA 112 -99.98 38.83 -15.17
CA ALA HA 112 -99.11 37.69 -14.95
C ALA HA 112 -99.54 36.90 -13.73
N LYS HA 113 -100.07 37.58 -12.70
CA LYS HA 113 -100.63 36.88 -11.55
C LYS HA 113 -101.84 36.06 -11.96
N ASP HA 114 -102.64 36.58 -12.90
CA ASP HA 114 -103.74 35.81 -13.44
C ASP HA 114 -103.24 34.68 -14.34
N ALA HA 115 -102.06 34.86 -14.93
CA ALA HA 115 -101.58 33.91 -15.93
C ALA HA 115 -101.18 32.58 -15.29
N LEU HA 116 -100.33 32.62 -14.28
CA LEU HA 116 -99.86 31.41 -13.64
C LEU HA 116 -100.75 30.97 -12.48
N SER HA 117 -101.97 31.48 -12.41
CA SER HA 117 -102.96 31.01 -11.44
C SER HA 117 -104.03 30.14 -12.08
N LYS HA 118 -103.92 29.87 -13.38
CA LYS HA 118 -104.94 29.13 -14.09
C LYS HA 118 -104.96 27.66 -13.69
N MET IA 1 -97.60 59.68 -27.22
CA MET IA 1 -98.29 58.41 -27.02
C MET IA 1 -97.36 57.23 -27.28
N TYR IA 2 -97.55 56.16 -26.54
CA TYR IA 2 -96.63 55.04 -26.61
C TYR IA 2 -96.95 54.10 -27.75
N ALA IA 3 -95.90 53.64 -28.41
CA ALA IA 3 -96.03 52.63 -29.44
C ALA IA 3 -94.75 51.82 -29.45
N ILE IA 4 -94.90 50.50 -29.45
CA ILE IA 4 -93.77 49.58 -29.47
C ILE IA 4 -93.87 48.77 -30.75
N ILE IA 5 -92.95 49.01 -31.67
CA ILE IA 5 -93.09 48.55 -33.05
C ILE IA 5 -91.91 47.65 -33.38
N LYS IA 6 -92.21 46.47 -33.92
CA LYS IA 6 -91.20 45.51 -34.35
C LYS IA 6 -90.74 45.86 -35.76
N THR IA 7 -89.51 46.34 -35.89
CA THR IA 7 -88.89 46.59 -37.18
C THR IA 7 -87.57 45.85 -37.24
N GLY IA 8 -87.27 45.27 -38.39
CA GLY IA 8 -86.07 44.46 -38.53
C GLY IA 8 -86.18 43.22 -37.67
N GLY IA 9 -85.48 43.22 -36.55
CA GLY IA 9 -85.67 42.21 -35.54
C GLY IA 9 -85.62 42.82 -34.16
N LYS IA 10 -85.95 44.10 -34.05
CA LYS IA 10 -85.79 44.88 -32.83
C LYS IA 10 -87.15 45.44 -32.44
N GLN IA 11 -87.19 46.21 -31.34
CA GLN IA 11 -88.41 46.88 -30.91
C GLN IA 11 -88.10 48.30 -30.48
N VAL IA 12 -88.91 49.25 -30.96
CA VAL IA 12 -88.64 50.68 -30.81
C VAL IA 12 -89.82 51.35 -30.14
N LYS IA 13 -89.54 52.18 -29.13
CA LYS IA 13 -90.54 53.10 -28.61
C LYS IA 13 -90.80 54.21 -29.61
N VAL IA 14 -92.07 54.45 -29.93
CA VAL IA 14 -92.43 55.35 -31.02
C VAL IA 14 -93.41 56.40 -30.50
N GLU IA 15 -93.19 57.66 -30.91
CA GLU IA 15 -94.13 58.75 -30.69
C GLU IA 15 -94.31 59.57 -31.97
N VAL IA 16 -94.94 60.73 -31.87
CA VAL IA 16 -95.33 61.53 -33.02
C VAL IA 16 -94.37 62.69 -33.18
N GLY IA 17 -93.96 62.95 -34.42
CA GLY IA 17 -93.12 64.10 -34.69
C GLY IA 17 -91.66 63.85 -34.45
N GLN IA 18 -91.23 62.62 -34.59
CA GLN IA 18 -89.90 62.20 -34.20
C GLN IA 18 -89.24 61.44 -35.34
N ALA IA 19 -87.93 61.36 -35.29
CA ALA IA 19 -87.16 60.57 -36.25
C ALA IA 19 -86.74 59.26 -35.60
N ILE IA 20 -86.83 58.18 -36.37
CA ILE IA 20 -86.50 56.84 -35.88
C ILE IA 20 -85.54 56.21 -36.87
N TYR IA 21 -84.47 55.62 -36.35
CA TYR IA 21 -83.38 55.10 -37.17
C TYR IA 21 -83.62 53.62 -37.42
N VAL IA 22 -84.05 53.29 -38.64
CA VAL IA 22 -84.49 51.96 -38.99
C VAL IA 22 -83.60 51.46 -40.12
N GLU IA 23 -83.51 50.13 -40.23
CA GLU IA 23 -82.76 49.42 -41.26
C GLU IA 23 -83.36 49.66 -42.64
N LYS IA 24 -82.75 49.06 -43.67
CA LYS IA 24 -83.26 49.23 -45.03
C LYS IA 24 -84.58 48.50 -45.24
N LEU IA 25 -85.45 49.10 -46.05
CA LEU IA 25 -86.76 48.53 -46.32
C LEU IA 25 -87.16 48.60 -47.78
N ASN IA 26 -86.24 48.96 -48.69
CA ASN IA 26 -86.43 48.93 -50.15
C ASN IA 26 -87.53 49.87 -50.61
N VAL IA 27 -87.60 51.05 -49.99
CA VAL IA 27 -88.64 52.03 -50.28
C VAL IA 27 -87.96 53.33 -50.70
N GLU IA 28 -88.52 53.99 -51.73
CA GLU IA 28 -87.97 55.21 -52.29
C GLU IA 28 -88.02 56.36 -51.29
N ALA IA 29 -87.23 57.40 -51.59
CA ALA IA 29 -86.96 58.50 -50.66
C ALA IA 29 -88.18 59.41 -50.57
N GLY IA 30 -89.12 59.01 -49.73
CA GLY IA 30 -90.22 59.89 -49.42
C GLY IA 30 -91.61 59.28 -49.59
N GLU IA 31 -91.68 57.96 -49.65
CA GLU IA 31 -92.98 57.31 -49.77
C GLU IA 31 -93.56 57.10 -48.37
N LYS IA 32 -94.69 56.42 -48.28
CA LYS IA 32 -95.40 56.28 -47.01
C LYS IA 32 -95.26 54.85 -46.50
N VAL IA 33 -94.46 54.69 -45.47
CA VAL IA 33 -94.21 53.40 -44.82
C VAL IA 33 -95.29 53.21 -43.76
N VAL IA 34 -95.84 52.01 -43.68
CA VAL IA 34 -96.87 51.69 -42.70
C VAL IA 34 -96.38 50.48 -41.91
N PHE IA 35 -95.79 50.72 -40.74
CA PHE IA 35 -95.42 49.63 -39.87
C PHE IA 35 -96.68 49.09 -39.19
N ASP IA 36 -96.77 47.77 -39.06
CA ASP IA 36 -98.03 47.15 -38.71
C ASP IA 36 -97.87 46.04 -37.69
N GLU IA 37 -96.98 46.22 -36.72
CA GLU IA 37 -96.88 45.34 -35.55
C GLU IA 37 -96.66 46.20 -34.31
N VAL IA 38 -97.74 46.45 -33.58
CA VAL IA 38 -97.68 47.28 -32.38
C VAL IA 38 -98.11 46.44 -31.20
N ILE IA 39 -97.21 46.24 -30.25
CA ILE IA 39 -97.56 45.48 -29.07
C ILE IA 39 -98.38 46.33 -28.11
N LEU IA 40 -97.90 47.52 -27.77
CA LEU IA 40 -98.55 48.32 -26.73
C LEU IA 40 -98.85 49.73 -27.23
N VAL IA 41 -100.01 50.22 -26.82
CA VAL IA 41 -100.41 51.61 -27.02
C VAL IA 41 -100.70 52.18 -25.64
N GLY IA 42 -99.86 53.09 -25.18
CA GLY IA 42 -99.94 53.58 -23.82
C GLY IA 42 -100.98 54.64 -23.60
N GLY IA 43 -100.59 55.73 -22.93
CA GLY IA 43 -101.49 56.83 -22.68
C GLY IA 43 -102.23 56.71 -21.36
N GLU IA 44 -103.49 56.29 -21.41
CA GLU IA 44 -104.28 56.11 -20.21
C GLU IA 44 -104.63 54.64 -19.98
N SER IA 45 -105.34 54.03 -20.92
CA SER IA 45 -105.65 52.62 -20.87
C SER IA 45 -104.64 51.95 -21.79
N THR IA 46 -103.60 51.39 -21.20
CA THR IA 46 -102.54 50.80 -21.98
C THR IA 46 -103.03 49.50 -22.62
N LYS IA 47 -103.06 49.50 -23.95
CA LYS IA 47 -103.64 48.41 -24.72
C LYS IA 47 -102.69 47.23 -24.73
N VAL IA 48 -103.02 46.20 -23.97
CA VAL IA 48 -102.16 45.03 -23.78
C VAL IA 48 -102.89 43.81 -24.31
N GLY IA 49 -102.21 42.99 -25.09
CA GLY IA 49 -102.81 41.73 -25.47
C GLY IA 49 -101.76 40.73 -25.90
N ALA IA 50 -102.26 39.54 -26.26
CA ALA IA 50 -101.48 38.61 -27.07
C ALA IA 50 -101.00 39.34 -28.32
N PRO IA 51 -99.74 39.13 -28.73
CA PRO IA 51 -98.94 40.23 -29.28
C PRO IA 51 -99.47 40.81 -30.58
N THR IA 52 -99.08 42.06 -30.83
CA THR IA 52 -99.53 42.88 -31.97
C THR IA 52 -101.06 43.02 -31.94
N VAL IA 53 -101.51 43.79 -30.95
CA VAL IA 53 -102.93 44.09 -30.78
C VAL IA 53 -103.49 44.74 -32.03
N ALA IA 54 -104.64 44.23 -32.49
CA ALA IA 54 -105.13 44.44 -33.84
C ALA IA 54 -105.60 45.88 -34.07
N GLY IA 55 -105.59 46.26 -35.33
CA GLY IA 55 -106.02 47.59 -35.72
C GLY IA 55 -105.03 48.65 -35.32
N ALA IA 56 -103.78 48.50 -35.71
CA ALA IA 56 -102.72 49.42 -35.32
C ALA IA 56 -101.81 49.67 -36.51
N THR IA 57 -102.10 50.71 -37.27
CA THR IA 57 -101.28 51.08 -38.42
C THR IA 57 -100.59 52.40 -38.11
N VAL IA 58 -99.26 52.34 -38.05
CA VAL IA 58 -98.46 53.51 -37.74
C VAL IA 58 -97.74 53.92 -39.01
N GLU IA 59 -97.98 55.15 -39.46
CA GLU IA 59 -97.45 55.60 -40.73
C GLU IA 59 -96.14 56.34 -40.55
N GLY IA 60 -95.66 56.94 -41.63
CA GLY IA 60 -94.43 57.69 -41.59
C GLY IA 60 -93.70 57.61 -42.91
N THR IA 61 -92.83 58.58 -43.12
CA THR IA 61 -92.07 58.72 -44.36
C THR IA 61 -90.58 58.64 -44.06
N VAL IA 62 -89.78 58.70 -45.13
CA VAL IA 62 -88.35 58.42 -45.07
C VAL IA 62 -87.57 59.64 -45.52
N GLU IA 63 -86.59 60.06 -44.71
CA GLU IA 63 -85.76 61.20 -45.08
C GLU IA 63 -84.73 60.82 -46.12
N LYS IA 64 -83.82 59.92 -45.76
CA LYS IA 64 -82.67 59.59 -46.60
C LYS IA 64 -82.41 58.11 -46.53
N HIS IA 65 -81.23 57.71 -46.98
CA HIS IA 65 -80.68 56.38 -46.76
C HIS IA 65 -79.41 56.55 -45.94
N GLY IA 66 -79.50 56.30 -44.64
CA GLY IA 66 -78.49 56.72 -43.69
C GLY IA 66 -77.36 55.76 -43.41
N LYS IA 67 -76.23 55.96 -44.08
CA LYS IA 67 -75.03 55.19 -43.80
C LYS IA 67 -74.31 55.74 -42.58
N GLN IA 68 -73.77 54.84 -41.77
CA GLN IA 68 -73.08 55.18 -40.54
C GLN IA 68 -71.58 55.34 -40.81
N LYS IA 69 -70.77 55.32 -39.74
CA LYS IA 69 -69.32 55.42 -39.84
C LYS IA 69 -68.69 54.08 -40.21
N LYS IA 70 -67.37 53.95 -40.04
CA LYS IA 70 -66.69 52.71 -40.38
C LYS IA 70 -66.33 51.91 -39.13
N VAL IA 71 -67.12 50.88 -38.84
CA VAL IA 71 -66.72 49.86 -37.87
C VAL IA 71 -65.55 49.09 -38.48
N VAL IA 72 -64.38 49.26 -37.91
CA VAL IA 72 -63.15 48.70 -38.45
C VAL IA 72 -62.86 47.40 -37.70
N THR IA 73 -62.62 46.33 -38.46
CA THR IA 73 -62.42 45.00 -37.89
C THR IA 73 -61.10 44.46 -38.41
N PHE IA 74 -60.06 44.49 -37.59
CA PHE IA 74 -58.73 44.00 -37.96
C PHE IA 74 -58.35 42.87 -37.00
N GLN IA 75 -58.68 41.63 -37.34
CA GLN IA 75 -58.20 40.52 -36.52
C GLN IA 75 -56.70 40.31 -36.69
N TYR IA 76 -56.07 39.93 -35.59
CA TYR IA 76 -54.69 39.50 -35.60
C TYR IA 76 -54.58 38.39 -34.59
N LYS IA 77 -53.54 37.57 -34.73
CA LYS IA 77 -53.20 36.64 -33.67
C LYS IA 77 -51.71 36.72 -33.43
N PRO IA 78 -51.27 36.73 -32.18
CA PRO IA 78 -49.94 37.23 -31.85
C PRO IA 78 -48.84 36.26 -32.23
N LYS IA 79 -47.67 36.82 -32.53
CA LYS IA 79 -46.39 36.14 -32.78
C LYS IA 79 -46.37 35.27 -34.03
N LYS IA 80 -47.47 35.20 -34.79
CA LYS IA 80 -47.59 34.38 -35.97
C LYS IA 80 -48.18 35.27 -37.05
N HIS IA 81 -47.47 35.43 -38.16
CA HIS IA 81 -47.77 36.48 -39.13
C HIS IA 81 -49.13 36.27 -39.79
N SER IA 82 -50.01 37.25 -39.64
CA SER IA 82 -51.38 37.22 -40.16
C SER IA 82 -51.98 38.61 -40.07
N HIS IA 83 -52.79 38.98 -41.06
CA HIS IA 83 -53.51 40.25 -41.07
C HIS IA 83 -54.82 40.05 -41.80
N ARG IA 84 -55.90 40.57 -41.23
CA ARG IA 84 -57.15 40.71 -41.96
C ARG IA 84 -57.60 42.15 -41.82
N LYS IA 85 -58.04 42.77 -42.92
CA LYS IA 85 -58.45 44.16 -42.88
C LYS IA 85 -59.76 44.35 -43.65
N GLN IA 86 -60.82 44.71 -42.93
CA GLN IA 86 -62.13 44.87 -43.52
C GLN IA 86 -62.62 46.31 -43.39
N GLY IA 87 -63.91 46.50 -43.63
CA GLY IA 87 -64.56 47.77 -43.36
C GLY IA 87 -66.05 47.59 -43.49
N HIS IA 88 -66.77 48.60 -43.00
CA HIS IA 88 -68.22 48.65 -43.13
C HIS IA 88 -68.69 50.08 -43.23
N ARG IA 89 -69.83 50.26 -43.86
CA ARG IA 89 -70.57 51.50 -43.77
C ARG IA 89 -72.03 51.11 -43.96
N GLN IA 90 -72.71 50.83 -42.85
CA GLN IA 90 -73.99 50.19 -43.14
C GLN IA 90 -75.11 51.22 -43.20
N PRO IA 91 -76.03 51.07 -44.15
CA PRO IA 91 -77.06 52.08 -44.34
C PRO IA 91 -78.26 51.84 -43.45
N TYR IA 92 -78.96 52.94 -43.20
CA TYR IA 92 -80.19 52.91 -42.44
C TYR IA 92 -81.17 53.86 -43.08
N THR IA 93 -82.36 53.94 -42.51
CA THR IA 93 -83.43 54.76 -43.06
C THR IA 93 -83.88 55.74 -41.98
N LYS IA 94 -83.59 57.01 -42.19
CA LYS IA 94 -84.09 58.05 -41.28
C LYS IA 94 -85.59 58.18 -41.50
N VAL IA 95 -86.37 57.79 -40.50
CA VAL IA 95 -87.81 57.66 -40.66
C VAL IA 95 -88.49 58.63 -39.70
N MET IA 96 -89.06 59.71 -40.26
CA MET IA 96 -90.04 60.49 -39.53
C MET IA 96 -91.35 59.73 -39.50
N ILE IA 97 -92.04 59.81 -38.36
CA ILE IA 97 -93.27 59.05 -38.17
C ILE IA 97 -94.38 59.96 -37.69
N GLU IA 98 -95.51 59.89 -38.36
CA GLU IA 98 -96.77 60.46 -37.95
C GLU IA 98 -97.78 59.34 -37.91
N ALA IA 99 -99.02 59.72 -37.58
CA ALA IA 99 -100.22 58.87 -37.69
C ALA IA 99 -100.09 57.58 -36.90
N ILE IA 100 -99.98 57.74 -35.59
CA ILE IA 100 -100.14 56.62 -34.69
C ILE IA 100 -101.63 56.46 -34.40
N ASN IA 101 -102.21 55.41 -34.96
CA ASN IA 101 -103.65 55.25 -34.88
C ASN IA 101 -104.04 54.70 -33.52
N ALA IA 102 -105.33 54.51 -33.34
CA ALA IA 102 -105.85 53.97 -32.09
C ALA IA 102 -105.62 52.46 -32.02
N GLN JA 1 -49.14 104.49 -32.36
CA GLN JA 1 -47.92 103.71 -32.18
C GLN JA 1 -48.25 102.27 -31.82
N ILE JA 2 -47.22 101.46 -31.68
CA ILE JA 2 -47.39 100.08 -31.23
C ILE JA 2 -46.46 99.85 -30.06
N THR JA 3 -46.91 99.00 -29.15
CA THR JA 3 -46.18 98.71 -27.93
C THR JA 3 -45.26 97.52 -28.17
N SER JA 4 -44.72 96.96 -27.08
CA SER JA 4 -44.09 95.64 -27.01
C SER JA 4 -42.86 95.53 -27.92
N ALA JA 5 -41.82 96.31 -27.56
CA ALA JA 5 -40.52 96.11 -28.18
C ALA JA 5 -39.88 94.80 -27.69
N LYS JA 6 -38.87 94.34 -28.42
CA LYS JA 6 -38.16 93.11 -28.09
C LYS JA 6 -36.67 93.26 -28.35
N ALA JA 7 -35.89 92.33 -27.80
CA ALA JA 7 -34.46 92.26 -28.05
C ALA JA 7 -33.99 90.83 -27.82
N THR JA 8 -33.04 90.38 -28.64
CA THR JA 8 -32.62 88.98 -28.63
C THR JA 8 -31.13 88.88 -28.34
N ALA JA 9 -30.76 87.94 -27.49
CA ALA JA 9 -29.37 87.59 -27.26
C ALA JA 9 -29.09 86.28 -27.95
N LYS JA 10 -27.98 86.20 -28.69
CA LYS JA 10 -27.68 85.03 -29.49
C LYS JA 10 -26.30 84.48 -29.14
N THR JA 11 -26.20 83.14 -29.20
CA THR JA 11 -24.97 82.37 -28.94
C THR JA 11 -24.41 82.68 -27.56
N VAL JA 12 -25.19 82.33 -26.55
CA VAL JA 12 -24.85 82.61 -25.17
C VAL JA 12 -24.18 81.37 -24.61
N ARG JA 13 -22.92 81.51 -24.22
CA ARG JA 13 -22.06 80.35 -23.99
C ARG JA 13 -22.28 79.74 -22.60
N THR JA 14 -23.51 79.31 -22.36
CA THR JA 14 -23.90 78.59 -21.15
C THR JA 14 -24.90 77.51 -21.53
N SER JA 15 -25.60 76.99 -20.54
CA SER JA 15 -26.55 75.91 -20.75
C SER JA 15 -27.96 76.49 -20.79
N PRO JA 16 -28.98 75.70 -21.05
CA PRO JA 16 -30.32 76.13 -20.69
C PRO JA 16 -30.71 75.78 -19.26
N ARG JA 17 -30.14 74.73 -18.66
CA ARG JA 17 -30.50 74.41 -17.27
C ARG JA 17 -30.11 75.52 -16.32
N LYS JA 18 -28.96 76.15 -16.56
CA LYS JA 18 -28.46 77.19 -15.68
C LYS JA 18 -29.04 78.56 -16.02
N ALA JA 19 -29.93 78.63 -17.00
CA ALA JA 19 -30.55 79.88 -17.38
C ALA JA 19 -32.04 79.91 -17.14
N ARG JA 20 -32.73 78.78 -17.29
CA ARG JA 20 -34.17 78.74 -17.01
C ARG JA 20 -34.46 78.90 -15.53
N LEU JA 21 -33.47 78.68 -14.67
CA LEU JA 21 -33.63 79.00 -13.25
C LEU JA 21 -33.84 80.48 -13.05
N VAL JA 22 -33.04 81.29 -13.73
CA VAL JA 22 -33.07 82.74 -13.52
C VAL JA 22 -34.35 83.34 -14.03
N ILE JA 23 -34.89 82.79 -15.12
CA ILE JA 23 -36.09 83.35 -15.73
C ILE JA 23 -37.26 82.52 -15.23
N ASP JA 24 -37.09 81.93 -14.06
CA ASP JA 24 -38.23 81.74 -13.18
C ASP JA 24 -38.51 83.02 -12.39
N LEU JA 25 -37.49 83.83 -12.17
CA LEU JA 25 -37.55 84.93 -11.23
C LEU JA 25 -37.67 86.29 -11.89
N ILE JA 26 -38.15 86.35 -13.12
CA ILE JA 26 -38.34 87.64 -13.78
C ILE JA 26 -39.77 87.78 -14.27
N ARG JA 27 -40.30 86.73 -14.91
CA ARG JA 27 -41.60 86.80 -15.57
C ARG JA 27 -42.72 87.09 -14.57
N GLY JA 28 -43.36 88.23 -14.77
CA GLY JA 28 -44.45 88.65 -13.91
C GLY JA 28 -44.13 89.91 -13.14
N LYS JA 29 -42.99 90.54 -13.44
CA LYS JA 29 -42.52 91.68 -12.68
C LYS JA 29 -42.16 92.82 -13.61
N SER JA 30 -42.11 94.02 -13.04
CA SER JA 30 -41.85 95.21 -13.81
C SER JA 30 -40.35 95.39 -14.01
N VAL JA 31 -40.00 96.51 -14.66
CA VAL JA 31 -38.61 96.81 -14.95
C VAL JA 31 -37.85 97.15 -13.67
N ALA JA 32 -38.48 97.93 -12.80
CA ALA JA 32 -37.83 98.32 -11.54
C ALA JA 32 -37.63 97.12 -10.63
N ASP JA 33 -38.51 96.12 -10.70
CA ASP JA 33 -38.26 94.88 -10.01
C ASP JA 33 -37.11 94.11 -10.64
N ALA JA 34 -36.97 94.25 -11.96
CA ALA JA 34 -36.13 93.34 -12.72
C ALA JA 34 -34.65 93.58 -12.46
N ILE JA 35 -34.19 94.82 -12.66
CA ILE JA 35 -32.78 95.12 -12.46
C ILE JA 35 -32.42 95.00 -10.99
N SER JA 36 -33.38 95.26 -10.11
CA SER JA 36 -33.16 95.11 -8.68
C SER JA 36 -32.90 93.65 -8.32
N ILE JA 37 -33.69 92.72 -8.87
CA ILE JA 37 -33.45 91.31 -8.58
C ILE JA 37 -32.16 90.85 -9.23
N LEU JA 38 -31.89 91.31 -10.45
CA LEU JA 38 -30.73 90.82 -11.15
C LEU JA 38 -29.41 91.36 -10.61
N LYS JA 39 -29.42 92.45 -9.86
CA LYS JA 39 -28.15 92.91 -9.32
C LYS JA 39 -27.61 92.03 -8.20
N PHE JA 40 -28.47 91.23 -7.56
CA PHE JA 40 -28.03 90.51 -6.37
C PHE JA 40 -28.02 89.01 -6.63
N THR JA 41 -27.46 88.61 -7.75
CA THR JA 41 -27.45 87.20 -8.07
C THR JA 41 -26.03 86.66 -8.05
N PRO JA 42 -25.82 85.50 -7.46
CA PRO JA 42 -24.51 84.83 -7.56
C PRO JA 42 -24.45 83.82 -8.70
N ASN JA 43 -24.63 84.28 -9.93
CA ASN JA 43 -24.73 83.37 -11.07
C ASN JA 43 -24.08 83.99 -12.30
N LYS JA 44 -24.06 83.24 -13.40
CA LYS JA 44 -23.56 83.80 -14.65
C LYS JA 44 -24.56 84.67 -15.37
N SER JA 45 -25.85 84.56 -15.06
CA SER JA 45 -26.86 85.30 -15.83
C SER JA 45 -26.83 86.79 -15.57
N ALA JA 46 -26.11 87.24 -14.55
CA ALA JA 46 -26.12 88.64 -14.14
C ALA JA 46 -25.56 89.54 -15.24
N GLY JA 47 -24.43 89.15 -15.83
CA GLY JA 47 -23.88 89.95 -16.91
C GLY JA 47 -24.70 89.91 -18.18
N ILE JA 48 -25.59 88.93 -18.30
CA ILE JA 48 -26.27 88.66 -19.56
C ILE JA 48 -27.62 89.35 -19.62
N ILE JA 49 -28.52 88.91 -18.74
CA ILE JA 49 -29.92 89.29 -18.84
C ILE JA 49 -30.11 90.76 -18.48
N GLU JA 50 -29.19 91.32 -17.69
CA GLU JA 50 -29.20 92.75 -17.45
C GLU JA 50 -28.97 93.54 -18.73
N LYS JA 51 -27.96 93.17 -19.52
CA LYS JA 51 -27.73 93.90 -20.76
C LYS JA 51 -28.82 93.64 -21.77
N VAL JA 52 -29.45 92.46 -21.71
CA VAL JA 52 -30.63 92.21 -22.53
C VAL JA 52 -31.75 93.18 -22.16
N LEU JA 53 -31.98 93.39 -20.87
CA LEU JA 53 -33.02 94.34 -20.47
C LEU JA 53 -32.65 95.77 -20.81
N MET JA 54 -31.38 96.11 -20.74
CA MET JA 54 -30.97 97.47 -21.08
C MET JA 54 -31.18 97.75 -22.56
N SER JA 55 -30.89 96.77 -23.41
CA SER JA 55 -31.19 96.92 -24.82
C SER JA 55 -32.67 96.95 -25.07
N ALA JA 56 -33.45 96.21 -24.28
CA ALA JA 56 -34.90 96.25 -24.43
C ALA JA 56 -35.45 97.63 -24.07
N VAL JA 57 -34.86 98.26 -23.05
CA VAL JA 57 -35.26 99.60 -22.66
C VAL JA 57 -34.88 100.61 -23.74
N ALA JA 58 -33.68 100.47 -24.31
CA ALA JA 58 -33.27 101.41 -25.34
C ALA JA 58 -34.08 101.24 -26.62
N ASN JA 59 -34.52 100.02 -26.93
CA ASN JA 59 -35.39 99.84 -28.07
C ASN JA 59 -36.79 100.33 -27.79
N ALA JA 60 -37.21 100.30 -26.53
CA ALA JA 60 -38.49 100.91 -26.20
C ALA JA 60 -38.41 102.43 -26.28
N GLU JA 61 -37.24 103.01 -26.02
CA GLU JA 61 -37.13 104.47 -26.10
C GLU JA 61 -36.92 104.97 -27.52
N ASN JA 62 -35.80 104.59 -28.14
CA ASN JA 62 -35.32 105.21 -29.36
C ASN JA 62 -36.18 104.93 -30.57
N ASN JA 63 -37.06 103.98 -30.49
CA ASN JA 63 -37.73 103.59 -31.72
C ASN JA 63 -39.24 103.59 -31.61
N PHE JA 64 -39.79 103.19 -30.46
CA PHE JA 64 -41.23 103.00 -30.38
C PHE JA 64 -41.90 103.90 -29.36
N ASP JA 65 -41.55 103.77 -28.09
CA ASP JA 65 -42.48 104.11 -27.02
C ASP JA 65 -41.90 105.15 -26.09
N LEU JA 66 -42.72 105.50 -25.11
CA LEU JA 66 -42.35 106.36 -24.00
C LEU JA 66 -42.72 105.61 -22.74
N ASP JA 67 -42.73 106.30 -21.60
CA ASP JA 67 -43.17 105.77 -20.30
C ASP JA 67 -42.33 104.55 -19.90
N VAL JA 68 -41.04 104.82 -19.69
CA VAL JA 68 -40.05 103.78 -19.44
C VAL JA 68 -40.35 103.07 -18.14
N GLU JA 69 -40.86 103.79 -17.16
CA GLU JA 69 -41.09 103.22 -15.85
C GLU JA 69 -42.35 102.39 -15.76
N SER JA 70 -43.17 102.37 -16.80
CA SER JA 70 -44.43 101.64 -16.77
C SER JA 70 -44.40 100.49 -17.77
N LEU JA 71 -43.29 99.75 -17.79
CA LEU JA 71 -43.09 98.66 -18.73
C LEU JA 71 -42.99 97.34 -17.97
N VAL JA 72 -43.58 96.29 -18.53
CA VAL JA 72 -43.70 95.01 -17.86
C VAL JA 72 -43.03 93.96 -18.73
N VAL JA 73 -42.15 93.15 -18.14
CA VAL JA 73 -41.58 92.00 -18.83
C VAL JA 73 -42.68 90.96 -18.96
N SER JA 74 -43.22 90.84 -20.17
CA SER JA 74 -44.35 89.94 -20.38
C SER JA 74 -43.89 88.49 -20.45
N GLU JA 75 -43.02 88.18 -21.43
CA GLU JA 75 -42.45 86.83 -21.51
C GLU JA 75 -40.98 86.92 -21.86
N ALA JA 76 -40.33 85.77 -21.81
CA ALA JA 76 -38.92 85.66 -22.18
C ALA JA 76 -38.66 84.21 -22.56
N PHE JA 77 -37.48 83.98 -23.14
CA PHE JA 77 -37.13 82.63 -23.56
C PHE JA 77 -35.65 82.36 -23.36
N VAL JA 78 -35.35 81.10 -23.11
CA VAL JA 78 -34.02 80.55 -23.27
C VAL JA 78 -34.14 79.33 -24.17
N ASN JA 79 -33.44 79.35 -25.31
CA ASN JA 79 -33.55 78.27 -26.27
C ASN JA 79 -32.18 77.71 -26.59
N GLU JA 80 -32.19 76.44 -27.02
CA GLU JA 80 -31.00 75.60 -27.09
C GLU JA 80 -30.17 75.91 -28.32
N GLY JA 81 -29.06 76.63 -28.13
CA GLY JA 81 -28.20 76.99 -29.23
C GLY JA 81 -27.36 75.81 -29.70
N PRO JA 82 -26.55 76.04 -30.73
CA PRO JA 82 -25.75 74.95 -31.29
C PRO JA 82 -24.59 74.58 -30.36
N THR JA 83 -24.35 73.28 -30.23
CA THR JA 83 -23.40 72.80 -29.24
C THR JA 83 -21.99 72.85 -29.79
N MET JA 84 -21.04 72.44 -28.95
CA MET JA 84 -19.64 72.34 -29.33
C MET JA 84 -19.12 71.03 -28.75
N LYS JA 85 -18.38 70.28 -29.55
CA LYS JA 85 -18.05 68.91 -29.21
C LYS JA 85 -16.54 68.73 -29.18
N ARG JA 86 -16.00 68.40 -28.01
CA ARG JA 86 -14.59 68.12 -27.83
C ARG JA 86 -14.46 66.92 -26.90
N PHE JA 87 -13.25 66.41 -26.76
CA PHE JA 87 -13.03 65.20 -25.98
C PHE JA 87 -11.91 65.37 -24.96
N ARG JA 88 -11.82 64.38 -24.08
CA ARG JA 88 -10.84 64.31 -23.02
C ARG JA 88 -10.39 62.87 -22.90
N PRO JA 89 -9.10 62.64 -22.75
CA PRO JA 89 -8.64 61.27 -22.50
C PRO JA 89 -9.03 60.77 -21.12
N ARG JA 90 -10.01 59.89 -21.08
CA ARG JA 90 -10.26 59.11 -19.88
C ARG JA 90 -9.17 58.05 -19.75
N ALA JA 91 -9.07 57.42 -18.58
CA ALA JA 91 -8.00 56.48 -18.30
C ALA JA 91 -8.15 55.18 -19.11
N LYS JA 92 -7.08 54.39 -19.08
CA LYS JA 92 -6.91 53.15 -19.86
C LYS JA 92 -6.99 53.39 -21.36
N GLY JA 93 -6.54 54.55 -21.83
CA GLY JA 93 -6.32 54.76 -23.24
C GLY JA 93 -7.53 55.03 -24.11
N SER JA 94 -8.75 54.91 -23.58
CA SER JA 94 -9.94 55.11 -24.40
C SER JA 94 -10.50 56.51 -24.18
N ALA JA 95 -11.50 56.85 -24.97
CA ALA JA 95 -12.04 58.20 -25.01
C ALA JA 95 -13.40 58.26 -24.32
N SER JA 96 -13.98 59.47 -24.31
CA SER JA 96 -15.21 59.78 -23.59
C SER JA 96 -15.80 61.11 -24.03
N PRO JA 97 -17.10 61.17 -24.32
CA PRO JA 97 -17.70 62.40 -24.84
C PRO JA 97 -18.04 63.42 -23.76
N ILE JA 98 -17.69 64.67 -24.03
CA ILE JA 98 -17.96 65.78 -23.12
C ILE JA 98 -18.45 66.96 -23.94
N ASN JA 99 -19.64 67.45 -23.63
CA ASN JA 99 -20.26 68.49 -24.42
C ASN JA 99 -19.73 69.86 -24.04
N LYS JA 100 -20.04 70.82 -24.90
CA LYS JA 100 -20.09 72.22 -24.53
C LYS JA 100 -21.34 72.76 -25.21
N ARG JA 101 -22.02 73.70 -24.58
CA ARG JA 101 -23.28 74.16 -25.14
C ARG JA 101 -23.34 75.67 -25.20
N THR JA 102 -24.28 76.15 -26.00
CA THR JA 102 -24.63 77.57 -26.08
C THR JA 102 -26.14 77.69 -25.89
N SER JA 103 -26.64 78.92 -25.98
CA SER JA 103 -28.08 79.13 -25.91
C SER JA 103 -28.46 80.41 -26.65
N HIS JA 104 -29.71 80.46 -27.08
CA HIS JA 104 -30.30 81.67 -27.64
C HIS JA 104 -31.40 82.15 -26.73
N ILE JA 105 -31.36 83.44 -26.38
CA ILE JA 105 -32.16 83.99 -25.29
C ILE JA 105 -32.88 85.24 -25.79
N THR JA 106 -34.19 85.27 -25.64
CA THR JA 106 -35.00 86.43 -25.96
C THR JA 106 -35.84 86.83 -24.76
N VAL JA 107 -36.22 88.11 -24.69
CA VAL JA 107 -37.00 88.71 -23.60
C VAL JA 107 -38.02 89.66 -24.21
N VAL JA 108 -39.30 89.47 -23.89
CA VAL JA 108 -40.38 90.27 -24.44
C VAL JA 108 -40.83 91.30 -23.40
N VAL JA 109 -40.89 92.56 -23.81
CA VAL JA 109 -41.21 93.66 -22.91
C VAL JA 109 -42.42 94.39 -23.47
N THR JA 110 -43.60 94.13 -22.90
CA THR JA 110 -44.77 94.91 -23.23
C THR JA 110 -44.85 96.15 -22.36
N GLU JA 111 -45.84 97.02 -22.62
CA GLU JA 111 -46.00 98.18 -21.73
C GLU JA 111 -46.76 97.78 -20.48
N LYS JA 112 -48.06 97.53 -20.64
CA LYS JA 112 -48.97 97.10 -19.58
C LYS JA 112 -50.17 96.40 -20.19
N GLU KA 1 28.75 84.99 -63.21
CA GLU KA 1 28.31 84.96 -61.82
C GLU KA 1 28.90 86.06 -60.98
N LEU KA 2 29.76 86.88 -61.57
CA LEU KA 2 30.46 87.87 -60.77
C LEU KA 2 29.62 89.08 -60.43
N LEU KA 3 28.36 89.14 -60.87
CA LEU KA 3 27.41 90.08 -60.30
C LEU KA 3 26.04 89.45 -60.16
N ASP KA 4 25.96 88.13 -60.22
CA ASP KA 4 24.67 87.47 -60.09
C ASP KA 4 24.27 87.26 -58.64
N VAL KA 5 25.16 87.54 -57.69
CA VAL KA 5 25.05 86.99 -56.35
C VAL KA 5 24.13 87.80 -55.47
N ILE KA 6 24.51 89.06 -55.25
CA ILE KA 6 23.87 89.88 -54.23
C ILE KA 6 22.47 90.28 -54.70
N LYS KA 7 21.51 90.30 -53.78
CA LYS KA 7 20.13 90.56 -54.17
C LYS KA 7 19.58 91.87 -53.61
N ARG KA 8 19.56 92.03 -52.30
CA ARG KA 8 18.95 93.17 -51.62
C ARG KA 8 19.92 93.69 -50.59
N PRO KA 9 19.62 94.82 -49.96
CA PRO KA 9 20.17 95.05 -48.62
C PRO KA 9 19.18 94.65 -47.54
N VAL KA 10 19.65 94.07 -46.44
CA VAL KA 10 18.79 93.80 -45.30
C VAL KA 10 18.72 95.07 -44.46
N ILE KA 11 17.51 95.56 -44.22
CA ILE KA 11 17.31 96.80 -43.51
C ILE KA 11 16.45 96.50 -42.29
N THR KA 12 17.07 96.40 -41.12
CA THR KA 12 16.37 96.17 -39.86
C THR KA 12 16.97 97.05 -38.78
N GLU KA 13 16.61 96.72 -37.56
CA GLU KA 13 17.07 97.47 -36.40
C GLU KA 13 18.56 97.29 -36.17
N LYS KA 14 19.04 96.04 -36.29
CA LYS KA 14 20.46 95.78 -36.16
C LYS KA 14 21.24 96.36 -37.32
N SER KA 15 20.61 96.42 -38.49
CA SER KA 15 21.28 96.95 -39.67
C SER KA 15 21.59 98.43 -39.49
N MET KA 16 20.69 99.16 -38.83
CA MET KA 16 20.98 100.55 -38.50
C MET KA 16 22.16 100.66 -37.58
N LEU KA 17 22.32 99.72 -36.67
CA LEU KA 17 23.51 99.68 -35.84
C LEU KA 17 24.69 99.08 -36.57
N ALA KA 18 24.43 98.32 -37.64
CA ALA KA 18 25.54 97.87 -38.47
C ALA KA 18 26.15 99.03 -39.23
N MET KA 19 25.31 99.98 -39.65
CA MET KA 19 25.75 101.11 -40.47
C MET KA 19 26.72 102.02 -39.74
N ASP KA 20 26.73 101.99 -38.41
CA ASP KA 20 27.52 102.93 -37.64
C ASP KA 20 29.01 102.64 -37.73
N GLU KA 21 29.37 101.37 -37.87
CA GLU KA 21 30.78 100.97 -37.90
C GLU KA 21 31.07 100.17 -39.16
N LYS KA 22 30.59 100.68 -40.29
CA LYS KA 22 30.94 100.20 -41.64
C LYS KA 22 30.51 98.76 -41.88
N LYS KA 23 29.44 98.32 -41.22
CA LYS KA 23 28.91 96.98 -41.43
C LYS KA 23 27.62 97.08 -42.22
N TYR KA 24 27.42 96.14 -43.15
CA TYR KA 24 26.39 96.27 -44.17
C TYR KA 24 25.74 94.93 -44.41
N THR KA 25 24.41 94.89 -44.42
CA THR KA 25 23.67 93.64 -44.44
C THR KA 25 22.96 93.46 -45.78
N PHE KA 26 23.41 92.48 -46.58
CA PHE KA 26 22.83 92.14 -47.88
C PHE KA 26 22.15 90.78 -47.82
N GLU KA 27 21.71 90.29 -48.98
CA GLU KA 27 21.35 88.88 -49.10
C GLU KA 27 22.09 88.21 -50.25
N VAL KA 28 22.47 86.96 -50.02
CA VAL KA 28 23.37 86.20 -50.87
C VAL KA 28 22.68 84.92 -51.30
N ASP KA 29 22.88 84.54 -52.56
CA ASP KA 29 22.39 83.27 -53.08
C ASP KA 29 23.06 82.10 -52.37
N THR KA 30 22.36 80.97 -52.30
CA THR KA 30 22.91 79.78 -51.68
C THR KA 30 24.08 79.27 -52.50
N ARG KA 31 24.99 78.57 -51.81
CA ARG KA 31 26.25 78.08 -52.35
C ARG KA 31 27.06 79.24 -52.97
N ALA KA 32 27.50 80.13 -52.08
CA ALA KA 32 28.44 81.17 -52.48
C ALA KA 32 29.51 81.30 -51.39
N ASN KA 33 30.77 81.31 -51.82
CA ASN KA 33 31.90 81.37 -50.91
C ASN KA 33 32.06 82.75 -50.31
N LYS KA 34 32.99 82.85 -49.36
CA LYS KA 34 33.39 84.17 -48.91
C LYS KA 34 34.12 84.92 -50.01
N THR KA 35 34.77 84.20 -50.91
CA THR KA 35 35.67 84.84 -51.87
C THR KA 35 34.90 85.57 -52.96
N LEU KA 36 33.79 84.99 -53.44
CA LEU KA 36 33.01 85.67 -54.47
C LEU KA 36 32.34 86.92 -53.95
N VAL KA 37 31.93 86.93 -52.68
CA VAL KA 37 31.33 88.12 -52.09
C VAL KA 37 32.34 89.24 -52.03
N LYS KA 38 33.57 88.91 -51.64
CA LYS KA 38 34.66 89.87 -51.65
C LYS KA 38 34.91 90.39 -53.05
N GLN KA 39 34.92 89.51 -54.03
CA GLN KA 39 35.19 89.92 -55.40
C GLN KA 39 34.06 90.78 -55.96
N ALA KA 40 32.82 90.46 -55.61
CA ALA KA 40 31.69 91.21 -56.13
C ALA KA 40 31.64 92.60 -55.52
N VAL KA 41 31.99 92.72 -54.24
CA VAL KA 41 31.96 94.05 -53.65
C VAL KA 41 33.20 94.84 -54.07
N GLU KA 42 34.30 94.16 -54.37
CA GLU KA 42 35.42 94.81 -55.06
C GLU KA 42 35.00 95.33 -56.43
CA SER KA 43 33.64 95.08 -58.40
C SER KA 43 32.71 96.28 -58.26
N ALA KA 44 31.75 96.20 -57.35
CA ALA KA 44 30.58 97.07 -57.44
C ALA KA 44 30.84 98.48 -56.88
N PHE KA 45 31.09 98.60 -55.58
CA PHE KA 45 30.94 99.88 -54.93
C PHE KA 45 32.28 100.49 -54.53
N ASP KA 46 33.38 100.03 -55.13
CA ASP KA 46 34.74 100.53 -54.91
C ASP KA 46 35.17 100.40 -53.44
N VAL KA 47 35.08 99.18 -52.91
CA VAL KA 47 35.30 98.93 -51.49
C VAL KA 47 36.46 97.94 -51.41
N LYS KA 48 36.82 97.49 -50.21
CA LYS KA 48 37.97 96.64 -49.99
C LYS KA 48 37.65 95.59 -48.93
N VAL KA 49 38.72 95.02 -48.38
CA VAL KA 49 38.84 93.99 -47.35
C VAL KA 49 38.40 94.58 -45.99
N ALA KA 50 38.68 93.87 -44.88
CA ALA KA 50 37.92 93.62 -43.65
C ALA KA 50 36.87 92.55 -43.84
N ASN KA 51 37.35 91.30 -43.78
CA ASN KA 51 36.65 90.03 -43.97
C ASN KA 51 35.27 89.94 -43.35
N VAL KA 52 34.39 89.13 -43.98
CA VAL KA 52 32.93 89.21 -43.91
C VAL KA 52 32.38 87.88 -43.41
N ASN KA 53 31.23 87.92 -42.73
CA ASN KA 53 30.61 86.71 -42.23
C ASN KA 53 29.26 86.43 -42.91
N ILE KA 54 28.77 85.22 -42.70
CA ILE KA 54 27.69 84.60 -43.48
C ILE KA 54 26.82 83.79 -42.54
N LEU KA 55 25.50 83.89 -42.70
CA LEU KA 55 24.61 82.95 -42.02
C LEU KA 55 23.60 82.28 -42.91
N ASN KA 56 22.71 81.49 -42.33
CA ASN KA 56 21.59 80.86 -43.02
C ASN KA 56 20.41 80.79 -42.07
N VAL KA 57 19.31 80.22 -42.56
CA VAL KA 57 17.99 80.42 -41.97
C VAL KA 57 17.16 79.16 -42.12
N ARG KA 58 16.50 78.71 -41.04
CA ARG KA 58 15.48 77.69 -41.22
C ARG KA 58 14.14 78.33 -41.59
N PRO KA 59 13.34 77.73 -42.45
CA PRO KA 59 12.02 78.29 -42.76
C PRO KA 59 10.97 78.01 -41.70
N LYS KA 60 9.73 78.38 -41.97
CA LYS KA 60 8.73 78.68 -40.94
C LYS KA 60 7.39 78.08 -41.36
N PHE KA 61 6.31 78.54 -40.73
CA PHE KA 61 4.97 78.47 -41.29
C PHE KA 61 4.40 79.84 -41.59
N LYS KA 62 3.44 79.84 -42.51
CA LYS KA 62 2.39 80.85 -42.62
C LYS KA 62 1.13 80.13 -43.07
N ARG KA 63 -0.02 80.73 -42.79
CA ARG KA 63 -1.29 80.18 -43.24
C ARG KA 63 -2.19 81.30 -43.75
N MET KA 64 -2.62 81.16 -45.01
CA MET KA 64 -3.51 82.12 -45.67
C MET KA 64 -4.80 81.49 -46.13
N GLY KA 65 -4.73 80.34 -46.78
CA GLY KA 65 -5.89 79.66 -47.31
C GLY KA 65 -5.96 78.21 -46.88
N LYS KA 66 -5.63 77.97 -45.59
CA LYS KA 66 -5.46 76.64 -44.98
C LYS KA 66 -4.30 75.89 -45.60
N TYR KA 67 -3.30 76.61 -46.12
CA TYR KA 67 -2.19 75.99 -46.81
C TYR KA 67 -0.97 75.97 -45.90
N ALA KA 68 -0.47 74.77 -45.61
CA ALA KA 68 0.74 74.59 -44.82
C ALA KA 68 1.95 74.87 -45.70
N GLY KA 69 2.22 76.16 -45.90
CA GLY KA 69 3.24 76.60 -46.82
C GLY KA 69 4.46 77.13 -46.09
N TYR KA 70 5.62 76.82 -46.63
CA TYR KA 70 6.86 77.30 -46.04
C TYR KA 70 7.21 78.67 -46.60
N THR KA 71 8.38 79.14 -46.22
CA THR KA 71 9.00 80.32 -46.77
C THR KA 71 10.32 79.89 -47.40
N LYS KA 72 11.12 80.87 -47.78
CA LYS KA 72 12.33 80.59 -48.54
C LYS KA 72 13.47 80.19 -47.62
N LYS KA 73 14.66 80.17 -48.19
CA LYS KA 73 15.92 79.98 -47.50
C LYS KA 73 16.72 81.26 -47.67
N ARG KA 74 17.45 81.65 -46.65
CA ARG KA 74 18.13 82.94 -46.70
C ARG KA 74 19.61 82.78 -46.41
N ARG KA 75 20.35 83.84 -46.73
CA ARG KA 75 21.78 83.90 -46.41
C ARG KA 75 22.16 85.35 -46.23
N LYS KA 76 22.25 85.79 -44.97
CA LYS KA 76 22.65 87.14 -44.67
C LYS KA 76 24.14 87.31 -44.95
N ALA KA 77 24.56 88.57 -44.98
CA ALA KA 77 25.96 88.88 -45.22
C ALA KA 77 26.26 90.23 -44.60
N ILE KA 78 27.12 90.25 -43.59
CA ILE KA 78 27.43 91.46 -42.85
C ILE KA 78 28.85 91.87 -43.21
N VAL KA 79 28.98 92.97 -43.93
CA VAL KA 79 30.22 93.29 -44.64
C VAL KA 79 30.91 94.46 -43.96
N THR KA 80 32.10 94.21 -43.45
CA THR KA 80 32.95 95.20 -42.79
C THR KA 80 33.91 95.84 -43.79
N LEU KA 81 34.37 97.04 -43.46
CA LEU KA 81 35.23 97.78 -44.36
C LEU KA 81 36.47 98.24 -43.59
N THR KA 82 37.43 98.85 -44.29
CA THR KA 82 38.58 99.44 -43.61
C THR KA 82 38.62 100.95 -43.73
N GLU KA 83 38.75 101.47 -44.96
CA GLU KA 83 38.75 102.91 -45.22
C GLU KA 83 38.12 103.11 -46.59
N ASP KA 84 36.81 103.28 -46.60
CA ASP KA 84 35.98 103.30 -47.80
C ASP KA 84 34.71 104.07 -47.45
N SER KA 85 33.71 103.99 -48.33
CA SER KA 85 32.43 104.67 -48.08
C SER KA 85 31.35 104.01 -48.92
N LYS KA 86 30.47 103.22 -48.28
CA LYS KA 86 29.23 102.79 -48.94
C LYS KA 86 28.10 103.73 -48.58
N GLU KA 87 28.33 105.02 -48.76
CA GLU KA 87 27.49 106.05 -48.16
C GLU KA 87 26.49 106.52 -49.21
N ILE KA 88 25.46 105.68 -49.40
CA ILE KA 88 24.55 105.80 -50.53
C ILE KA 88 23.12 105.88 -50.03
N GLN KA 89 22.74 104.89 -49.25
CA GLN KA 89 21.35 104.63 -48.90
C GLN KA 89 20.79 105.64 -47.92
N MET LA 1 -18.47 89.46 -82.46
CA MET LA 1 -18.33 90.11 -81.16
C MET LA 1 -19.64 90.77 -80.76
N PHE LA 2 -20.37 91.26 -81.75
CA PHE LA 2 -21.77 91.71 -81.72
C PHE LA 2 -21.95 93.06 -81.04
N VAL LA 3 -20.92 93.61 -80.40
CA VAL LA 3 -20.94 94.97 -79.87
C VAL LA 3 -19.47 95.40 -79.71
N LYS LA 4 -19.23 96.71 -79.68
CA LYS LA 4 -17.88 97.23 -79.44
C LYS LA 4 -17.95 98.37 -78.44
N LYS LA 5 -16.85 99.10 -78.29
CA LYS LA 5 -16.72 100.11 -77.24
C LYS LA 5 -17.61 101.31 -77.48
N GLY LA 6 -17.44 101.99 -78.61
CA GLY LA 6 -18.29 103.11 -78.91
C GLY LA 6 -19.46 102.71 -79.77
N ASP LA 7 -20.61 102.42 -79.16
CA ASP LA 7 -21.78 101.98 -79.89
C ASP LA 7 -23.02 102.64 -79.32
N LYS LA 8 -24.15 102.30 -79.92
CA LYS LA 8 -25.45 102.68 -79.42
C LYS LA 8 -26.35 101.47 -79.51
N VAL LA 9 -27.17 101.26 -78.49
CA VAL LA 9 -27.84 99.99 -78.27
C VAL LA 9 -29.30 100.24 -77.97
N LYS LA 10 -30.19 99.49 -78.62
CA LYS LA 10 -31.55 99.39 -78.11
C LYS LA 10 -31.71 98.18 -77.20
N VAL LA 11 -32.58 98.35 -76.21
CA VAL LA 11 -32.83 97.35 -75.19
C VAL LA 11 -34.27 96.89 -75.35
N ILE LA 12 -34.51 95.61 -75.12
CA ILE LA 12 -35.80 94.98 -75.37
C ILE LA 12 -36.51 94.64 -74.06
N THR LA 13 -35.86 93.92 -73.16
CA THR LA 13 -36.48 93.32 -71.99
C THR LA 13 -35.87 93.84 -70.69
N GLY LA 14 -36.57 93.57 -69.59
CA GLY LA 14 -36.04 93.83 -68.26
C GLY LA 14 -36.29 95.23 -67.72
N LYS LA 15 -37.57 95.61 -67.62
CA LYS LA 15 -38.07 96.91 -67.14
C LYS LA 15 -37.61 98.09 -67.97
N ASP LA 16 -36.90 97.87 -69.07
CA ASP LA 16 -36.10 98.89 -69.73
C ASP LA 16 -36.35 98.85 -71.24
N LYS LA 17 -37.61 98.84 -71.62
CA LYS LA 17 -37.99 98.75 -73.02
C LYS LA 17 -37.59 100.01 -73.77
N ASN LA 18 -36.84 99.81 -74.85
CA ASN LA 18 -36.53 100.81 -75.87
C ASN LA 18 -35.68 101.95 -75.37
N LYS LA 19 -34.98 101.75 -74.25
CA LYS LA 19 -33.98 102.71 -73.84
C LYS LA 19 -32.81 102.71 -74.81
N GLU LA 20 -32.12 103.83 -74.86
CA GLU LA 20 -30.94 103.95 -75.71
C GLU LA 20 -29.75 104.26 -74.81
N GLY LA 21 -28.62 104.53 -75.44
CA GLY LA 21 -27.44 104.90 -74.70
C GLY LA 21 -26.18 104.58 -75.47
N VAL LA 22 -25.05 104.79 -74.80
CA VAL LA 22 -23.73 104.53 -75.34
C VAL LA 22 -23.08 103.45 -74.50
N VAL LA 23 -22.41 102.50 -75.18
CA VAL LA 23 -21.71 101.41 -74.50
C VAL LA 23 -20.57 101.97 -73.67
N LEU LA 24 -20.60 101.71 -72.37
CA LEU LA 24 -19.53 102.18 -71.49
C LEU LA 24 -18.41 101.15 -71.38
N ALA LA 25 -18.73 99.97 -70.87
CA ALA LA 25 -17.73 98.95 -70.57
C ALA LA 25 -18.03 97.72 -71.39
N ALA LA 26 -17.11 97.38 -72.29
CA ALA LA 26 -17.26 96.22 -73.17
C ALA LA 26 -16.46 95.08 -72.58
N PHE LA 27 -17.07 94.39 -71.64
CA PHE LA 27 -16.38 93.21 -71.15
C PHE LA 27 -16.67 92.03 -72.06
N PRO LA 28 -15.67 91.33 -72.52
CA PRO LA 28 -15.92 90.02 -73.09
C PRO LA 28 -16.03 88.97 -72.01
N LYS LA 29 -16.10 87.71 -72.42
CA LYS LA 29 -15.82 86.52 -71.61
C LYS LA 29 -16.95 86.19 -70.61
N GLN LA 30 -17.90 87.10 -70.41
CA GLN LA 30 -19.02 86.74 -69.55
C GLN LA 30 -20.34 87.34 -70.01
N ASP LA 31 -20.44 87.75 -71.27
CA ASP LA 31 -21.67 88.22 -71.92
C ASP LA 31 -22.25 89.46 -71.24
N LYS LA 32 -21.39 90.31 -70.70
CA LYS LA 32 -21.85 91.42 -69.87
C LYS LA 32 -21.20 92.70 -70.33
N VAL LA 33 -22.04 93.69 -70.63
CA VAL LA 33 -21.62 94.99 -71.15
C VAL LA 33 -22.41 96.07 -70.43
N ILE LA 34 -21.72 97.12 -69.97
CA ILE LA 34 -22.34 98.21 -69.21
C ILE LA 34 -22.69 99.34 -70.16
N VAL LA 35 -23.97 99.76 -70.14
CA VAL LA 35 -24.50 100.81 -70.99
C VAL LA 35 -25.30 101.77 -70.11
N GLU LA 36 -25.23 103.07 -70.41
CA GLU LA 36 -25.83 104.14 -69.62
C GLU LA 36 -27.33 103.98 -69.45
N GLY LA 37 -27.83 104.47 -68.32
CA GLY LA 37 -29.25 104.68 -68.12
C GLY LA 37 -30.09 103.45 -67.88
N VAL LA 38 -29.48 102.32 -67.49
CA VAL LA 38 -30.19 101.06 -67.40
C VAL LA 38 -30.18 100.48 -65.99
N ASN LA 39 -29.04 100.53 -65.31
CA ASN LA 39 -28.84 99.80 -64.06
C ASN LA 39 -28.45 100.68 -62.89
N VAL LA 40 -29.27 101.66 -62.55
CA VAL LA 40 -29.13 102.39 -61.30
C VAL LA 40 -29.08 101.39 -60.14
N VAL LA 41 -27.95 101.36 -59.44
CA VAL LA 41 -27.72 100.41 -58.36
C VAL LA 41 -27.28 101.19 -57.14
N LYS LA 42 -27.94 100.95 -56.01
CA LYS LA 42 -27.68 101.65 -54.76
C LYS LA 42 -26.89 100.73 -53.83
N LYS LA 43 -25.68 101.14 -53.46
CA LYS LA 43 -24.83 100.34 -52.59
C LYS LA 43 -24.61 101.04 -51.26
N HIS LA 44 -24.81 100.31 -50.17
CA HIS LA 44 -24.70 100.86 -48.82
C HIS LA 44 -23.23 101.03 -48.45
N GLN LA 45 -22.60 102.01 -49.08
CA GLN LA 45 -21.16 102.14 -48.99
C GLN LA 45 -20.77 102.97 -47.77
N LYS LA 46 -19.71 102.54 -47.10
CA LYS LA 46 -19.22 103.19 -45.91
C LYS LA 46 -18.57 104.53 -46.25
N PRO LA 47 -18.24 105.34 -45.23
CA PRO LA 47 -17.28 106.42 -45.45
C PRO LA 47 -15.90 105.86 -45.73
N ASN LA 48 -15.67 105.52 -46.98
CA ASN LA 48 -14.56 104.67 -47.40
C ASN LA 48 -13.25 105.44 -47.36
N GLN LA 49 -12.17 104.82 -47.86
CA GLN LA 49 -10.90 105.52 -47.96
C GLN LA 49 -10.95 106.62 -49.01
N ALA LA 50 -11.72 106.43 -50.08
CA ALA LA 50 -12.10 107.49 -50.99
C ALA LA 50 -13.55 107.84 -50.72
N ALA LA 51 -13.90 109.11 -50.98
CA ALA LA 51 -15.18 109.73 -50.64
C ALA LA 51 -15.51 109.52 -49.16
N PRO LA 52 -14.88 110.28 -48.25
CA PRO LA 52 -14.98 110.00 -46.81
C PRO LA 52 -16.34 110.23 -46.17
N GLN LA 53 -17.35 110.54 -46.99
CA GLN LA 53 -18.74 110.50 -46.57
C GLN LA 53 -19.39 109.28 -47.22
N GLY LA 54 -20.09 108.50 -46.42
CA GLY LA 54 -20.67 107.27 -46.92
C GLY LA 54 -22.04 107.42 -47.51
N GLY LA 55 -22.15 108.22 -48.56
CA GLY LA 55 -23.42 108.37 -49.24
C GLY LA 55 -23.73 107.15 -50.09
N ILE LA 56 -25.03 106.87 -50.23
CA ILE LA 56 -25.49 105.83 -51.12
C ILE LA 56 -25.25 106.29 -52.56
N LEU LA 57 -24.51 105.50 -53.32
CA LEU LA 57 -24.11 105.90 -54.65
C LEU LA 57 -24.83 105.10 -55.72
N GLU LA 58 -24.78 105.61 -56.94
CA GLU LA 58 -25.52 105.07 -58.08
C GLU LA 58 -24.60 104.94 -59.29
N VAL LA 59 -24.06 103.75 -59.51
CA VAL LA 59 -23.29 103.48 -60.73
C VAL LA 59 -24.05 102.31 -61.37
N GLU LA 60 -23.54 101.77 -62.48
CA GLU LA 60 -24.29 100.84 -63.31
C GLU LA 60 -23.65 99.45 -63.35
N ALA LA 61 -24.51 98.44 -63.26
CA ALA LA 61 -24.39 97.00 -63.34
C ALA LA 61 -24.49 96.56 -64.81
N PRO LA 62 -23.77 95.52 -65.22
CA PRO LA 62 -23.75 95.16 -66.64
C PRO LA 62 -25.03 94.46 -67.09
N ILE LA 63 -25.18 94.40 -68.41
CA ILE LA 63 -26.36 93.91 -69.09
C ILE LA 63 -25.93 92.77 -70.01
N HIS LA 64 -26.84 91.83 -70.26
CA HIS LA 64 -26.59 90.77 -71.22
C HIS LA 64 -26.39 91.29 -72.62
N VAL LA 65 -25.62 90.53 -73.39
CA VAL LA 65 -25.55 90.79 -74.82
C VAL LA 65 -26.84 90.34 -75.50
N SER LA 66 -27.57 89.41 -74.89
CA SER LA 66 -28.85 88.95 -75.42
C SER LA 66 -30.01 89.90 -75.12
N ASN LA 67 -29.73 91.14 -74.76
CA ASN LA 67 -30.69 92.22 -74.82
C ASN LA 67 -30.16 93.40 -75.64
N VAL LA 68 -28.97 93.26 -76.20
CA VAL LA 68 -28.29 94.32 -76.91
C VAL LA 68 -28.70 94.30 -78.37
N MET LA 69 -29.16 95.45 -78.87
CA MET LA 69 -29.24 95.70 -80.30
C MET LA 69 -28.09 96.62 -80.71
N VAL LA 70 -27.89 96.77 -82.01
CA VAL LA 70 -26.87 97.68 -82.51
C VAL LA 70 -27.55 98.77 -83.33
N ILE LA 71 -27.47 100.00 -82.84
CA ILE LA 71 -28.12 101.12 -83.51
C ILE LA 71 -27.29 101.50 -84.72
N ASP LA 72 -28.01 101.79 -85.81
CA ASP LA 72 -27.74 102.11 -87.21
C ASP LA 72 -27.01 103.40 -87.54
N PRO LA 73 -26.67 104.26 -86.58
CA PRO LA 73 -27.15 105.66 -86.56
C PRO LA 73 -27.36 106.46 -87.84
N SER LA 74 -26.80 106.06 -88.99
CA SER LA 74 -27.16 106.69 -90.26
C SER LA 74 -28.66 106.59 -90.57
N ASN LA 75 -29.34 105.55 -90.05
CA ASN LA 75 -30.79 105.60 -89.89
C ASN LA 75 -31.25 105.57 -88.45
N GLY LA 76 -30.43 105.07 -87.54
CA GLY LA 76 -30.78 104.98 -86.13
C GLY LA 76 -31.96 104.10 -85.80
N GLU LA 77 -31.88 102.81 -86.15
CA GLU LA 77 -32.94 101.86 -85.84
C GLU LA 77 -32.28 100.58 -85.31
N ALA LA 78 -33.08 99.51 -85.21
CA ALA LA 78 -32.66 98.25 -84.61
C ALA LA 78 -32.72 97.16 -85.67
N THR LA 79 -31.55 96.65 -86.07
CA THR LA 79 -31.43 95.66 -87.13
C THR LA 79 -30.73 94.41 -86.64
N LYS LA 80 -31.21 93.26 -87.08
CA LYS LA 80 -30.39 92.06 -87.02
C LYS LA 80 -29.19 92.25 -87.94
N VAL LA 81 -28.07 91.64 -87.59
CA VAL LA 81 -26.81 91.92 -88.26
C VAL LA 81 -26.42 90.72 -89.12
N ALA LA 82 -25.95 90.99 -90.33
CA ALA LA 82 -25.31 89.99 -91.17
C ALA LA 82 -23.87 90.39 -91.44
N PHE LA 83 -23.11 89.42 -91.93
CA PHE LA 83 -21.70 89.61 -92.27
C PHE LA 83 -21.56 89.24 -93.74
N LYS LA 84 -21.58 90.22 -94.62
CA LYS LA 84 -21.45 89.98 -96.06
C LYS LA 84 -19.98 89.77 -96.40
N GLU LA 85 -19.67 89.78 -97.69
CA GLU LA 85 -18.26 89.78 -98.07
C GLU LA 85 -17.74 91.20 -97.92
N VAL LA 86 -17.27 91.49 -96.71
CA VAL LA 86 -16.76 92.81 -96.36
C VAL LA 86 -15.31 92.83 -96.84
N ASP LA 87 -14.69 94.01 -96.90
CA ASP LA 87 -13.27 94.16 -97.20
C ASP LA 87 -12.42 93.81 -95.99
N GLY LA 88 -11.14 94.21 -96.02
CA GLY LA 88 -10.10 93.81 -95.10
C GLY LA 88 -10.36 93.86 -93.60
N LYS LA 89 -11.40 94.57 -93.18
CA LYS LA 89 -11.93 94.47 -91.83
C LYS LA 89 -13.43 94.30 -91.93
N LYS LA 90 -13.97 93.25 -91.29
CA LYS LA 90 -15.37 92.88 -91.46
C LYS LA 90 -16.26 93.82 -90.64
N VAL LA 91 -16.44 95.02 -91.18
CA VAL LA 91 -17.41 95.95 -90.63
C VAL LA 91 -18.80 95.45 -90.99
N ARG LA 92 -19.74 95.61 -90.06
CA ARG LA 92 -21.04 94.99 -90.17
C ARG LA 92 -21.89 95.68 -91.23
N VAL LA 93 -22.76 94.90 -91.86
CA VAL LA 93 -23.80 95.42 -92.75
C VAL LA 93 -25.12 94.84 -92.30
N SER LA 94 -26.12 95.69 -92.12
CA SER LA 94 -27.35 95.29 -91.47
C SER LA 94 -28.21 94.41 -92.37
N LYS LA 95 -28.91 93.47 -91.75
CA LYS LA 95 -30.14 92.94 -92.30
C LYS LA 95 -31.25 93.94 -92.04
N LYS LA 96 -32.46 93.63 -92.56
CA LYS LA 96 -33.67 94.41 -92.33
C LYS LA 96 -33.47 95.86 -92.79
N THR LA 97 -33.38 95.99 -94.12
CA THR LA 97 -33.15 97.25 -94.88
C THR LA 97 -31.72 97.76 -94.76
N GLY LA 98 -30.75 96.84 -94.71
CA GLY LA 98 -29.47 96.98 -95.38
C GLY LA 98 -28.59 98.22 -95.31
N GLU LA 99 -27.96 98.51 -94.17
CA GLU LA 99 -26.92 99.52 -94.12
C GLU LA 99 -25.66 98.97 -93.48
N VAL LA 100 -24.53 99.56 -93.87
CA VAL LA 100 -23.26 99.34 -93.17
C VAL LA 100 -23.36 99.91 -91.77
N LEU LA 101 -23.04 99.09 -90.78
CA LEU LA 101 -23.12 99.56 -89.39
C LEU LA 101 -21.72 99.81 -88.84
N VAL MA 1 -95.65 -24.93 -1.03
CA VAL MA 1 -97.07 -24.95 -0.72
C VAL MA 1 -97.60 -23.53 -0.80
N GLN MA 2 -96.82 -22.58 -0.26
CA GLN MA 2 -97.15 -21.15 -0.34
C GLN MA 2 -95.84 -20.42 -0.62
N LEU MA 3 -95.51 -20.25 -1.91
CA LEU MA 3 -94.21 -19.73 -2.29
C LEU MA 3 -94.35 -18.60 -3.31
N GLU MA 4 -93.20 -18.13 -3.80
CA GLU MA 4 -93.09 -16.97 -4.68
C GLU MA 4 -92.69 -17.46 -6.07
N VAL MA 5 -93.53 -17.22 -7.06
CA VAL MA 5 -93.20 -17.52 -8.45
C VAL MA 5 -93.35 -16.24 -9.24
N LYS MA 6 -92.22 -15.64 -9.62
CA LYS MA 6 -92.21 -14.57 -10.61
C LYS MA 6 -91.85 -15.16 -11.96
N GLU MA 7 -91.76 -14.29 -12.97
CA GLU MA 7 -91.41 -14.70 -14.32
C GLU MA 7 -90.41 -13.70 -14.88
N ARG MA 8 -89.69 -14.10 -15.92
CA ARG MA 8 -88.69 -13.20 -16.52
C ARG MA 8 -88.81 -13.19 -18.05
N ALA MA 9 -87.87 -12.54 -18.72
CA ALA MA 9 -87.80 -12.51 -20.17
C ALA MA 9 -86.76 -13.51 -20.66
N ILE MA 10 -86.64 -13.62 -21.99
CA ILE MA 10 -85.59 -14.45 -22.59
C ILE MA 10 -84.23 -13.86 -22.26
N ARG MA 11 -83.98 -12.64 -22.73
CA ARG MA 11 -82.89 -11.82 -22.21
C ARG MA 11 -83.48 -10.55 -21.62
N PRO MA 12 -83.68 -10.50 -20.31
CA PRO MA 12 -83.53 -9.22 -19.63
C PRO MA 12 -82.08 -8.80 -19.77
N ARG MA 13 -81.89 -7.58 -20.27
CA ARG MA 13 -80.59 -7.11 -20.71
C ARG MA 13 -79.69 -6.71 -19.55
N SER MA 14 -78.68 -5.88 -19.82
CA SER MA 14 -77.71 -5.42 -18.84
C SER MA 14 -78.27 -4.44 -17.79
N LEU MA 15 -79.61 -4.37 -17.67
CA LEU MA 15 -80.27 -4.01 -16.41
C LEU MA 15 -79.95 -4.95 -15.26
N ARG MA 16 -79.42 -6.16 -15.52
CA ARG MA 16 -79.12 -7.14 -14.48
C ARG MA 16 -78.11 -6.67 -13.46
N ASN MA 17 -77.28 -5.67 -13.80
CA ASN MA 17 -76.35 -5.10 -12.83
C ASN MA 17 -77.09 -4.44 -11.68
N GLN MA 18 -78.23 -3.81 -11.96
CA GLN MA 18 -78.94 -3.07 -10.91
C GLN MA 18 -79.66 -3.99 -9.94
CA LEU MA 19 -81.04 -5.99 -9.60
C LEU MA 19 -80.29 -6.59 -8.42
N ARG MA 20 -78.97 -6.74 -8.55
CA ARG MA 20 -78.16 -7.28 -7.46
C ARG MA 20 -78.03 -6.27 -6.32
N HIS MA 21 -78.08 -4.98 -6.64
CA HIS MA 21 -78.06 -3.95 -5.63
C HIS MA 21 -79.45 -3.67 -5.03
N GLU MA 22 -80.48 -4.39 -5.50
CA GLU MA 22 -81.83 -4.26 -4.96
C GLU MA 22 -82.22 -5.38 -4.03
N GLY MA 23 -81.66 -6.58 -4.23
CA GLY MA 23 -82.13 -7.78 -3.55
C GLY MA 23 -82.98 -8.69 -4.42
N LYS MA 24 -82.50 -8.98 -5.63
CA LYS MA 24 -83.15 -9.88 -6.56
C LYS MA 24 -82.33 -11.16 -6.72
N VAL MA 25 -82.98 -12.19 -7.27
CA VAL MA 25 -82.36 -13.49 -7.48
C VAL MA 25 -82.46 -13.85 -8.96
N PRO MA 26 -81.39 -13.68 -9.72
CA PRO MA 26 -81.35 -14.22 -11.09
C PRO MA 26 -80.76 -15.63 -11.17
N ALA MA 27 -81.41 -16.55 -11.87
CA ALA MA 27 -81.11 -17.97 -11.70
C ALA MA 27 -81.50 -18.78 -12.93
N ILE MA 28 -81.49 -20.10 -12.78
CA ILE MA 28 -81.82 -21.08 -13.80
C ILE MA 28 -82.81 -22.08 -13.20
N VAL MA 29 -83.85 -22.44 -13.94
CA VAL MA 29 -84.62 -23.64 -13.58
C VAL MA 29 -84.87 -24.45 -14.86
N TYR MA 30 -84.45 -25.73 -14.83
CA TYR MA 30 -84.81 -26.69 -15.86
C TYR MA 30 -85.23 -28.00 -15.20
N GLY MA 31 -86.28 -28.60 -15.74
CA GLY MA 31 -86.98 -29.68 -15.05
C GLY MA 31 -87.33 -30.85 -15.94
N TYR MA 32 -88.37 -31.59 -15.54
CA TYR MA 32 -88.69 -32.90 -16.11
C TYR MA 32 -89.87 -32.88 -17.08
N GLN MA 33 -91.05 -32.48 -16.61
CA GLN MA 33 -92.22 -32.45 -17.49
C GLN MA 33 -92.36 -31.10 -18.17
N ILE MA 34 -92.53 -30.04 -17.37
CA ILE MA 34 -92.29 -28.69 -17.87
C ILE MA 34 -90.78 -28.52 -17.94
N GLU MA 35 -90.27 -28.20 -19.13
CA GLU MA 35 -88.83 -28.19 -19.34
C GLU MA 35 -88.10 -27.14 -18.53
N SER MA 36 -88.27 -25.86 -18.87
CA SER MA 36 -87.29 -24.86 -18.46
C SER MA 36 -87.72 -23.42 -18.68
N THR MA 37 -87.68 -22.62 -17.62
CA THR MA 37 -88.01 -21.19 -17.63
C THR MA 37 -86.95 -20.41 -16.90
N PRO MA 38 -87.01 -19.08 -16.94
CA PRO MA 38 -86.46 -18.28 -15.83
C PRO MA 38 -87.54 -17.83 -14.84
N ILE MA 39 -87.24 -17.87 -13.54
CA ILE MA 39 -88.19 -17.52 -12.47
C ILE MA 39 -87.42 -16.88 -11.31
N TYR MA 40 -87.88 -15.71 -10.85
CA TYR MA 40 -87.24 -15.07 -9.70
C TYR MA 40 -87.59 -15.75 -8.39
N PHE MA 41 -86.75 -15.51 -7.38
CA PHE MA 41 -87.06 -15.75 -5.98
C PHE MA 41 -86.52 -14.59 -5.17
N GLU MA 42 -86.61 -14.73 -3.85
CA GLU MA 42 -86.08 -13.75 -2.92
C GLU MA 42 -85.21 -14.47 -1.89
N GLU MA 43 -84.37 -13.71 -1.20
CA GLU MA 43 -83.32 -14.29 -0.36
C GLU MA 43 -83.83 -14.68 1.02
N LYS MA 44 -84.72 -13.88 1.61
CA LYS MA 44 -85.20 -14.09 2.96
C LYS MA 44 -86.33 -15.11 3.06
N ASP MA 45 -86.52 -15.96 2.05
CA ASP MA 45 -87.46 -17.06 2.14
C ASP MA 45 -86.80 -18.41 1.92
N LEU MA 46 -85.73 -18.48 1.13
CA LEU MA 46 -85.00 -19.73 0.97
C LEU MA 46 -84.32 -20.14 2.27
N SER MA 47 -83.84 -19.17 3.05
CA SER MA 47 -83.29 -19.45 4.37
C SER MA 47 -84.37 -19.79 5.39
N LYS MA 48 -85.63 -19.39 5.15
CA LYS MA 48 -86.73 -19.84 6.00
C LYS MA 48 -87.24 -21.20 5.58
N ILE MA 49 -86.96 -21.61 4.34
CA ILE MA 49 -87.13 -23.01 3.96
C ILE MA 49 -85.99 -23.86 4.53
N LEU MA 50 -84.80 -23.26 4.74
CA LEU MA 50 -83.69 -23.97 5.38
C LEU MA 50 -84.00 -24.33 6.84
N ARG MA 51 -84.85 -23.57 7.52
CA ARG MA 51 -85.27 -23.92 8.86
C ARG MA 51 -86.59 -24.70 8.90
N GLU MA 52 -87.21 -24.95 7.74
CA GLU MA 52 -88.44 -25.74 7.70
C GLU MA 52 -88.12 -27.22 7.95
N HIS MA 53 -87.33 -27.82 7.06
CA HIS MA 53 -86.72 -29.11 7.31
C HIS MA 53 -85.20 -29.03 7.28
N GLY MA 54 -84.63 -28.47 6.22
CA GLY MA 54 -83.19 -28.41 6.09
C GLY MA 54 -82.72 -28.09 4.69
N ALA MA 55 -81.77 -28.86 4.18
CA ALA MA 55 -81.16 -28.60 2.89
C ALA MA 55 -81.63 -29.55 1.80
N ASN MA 56 -82.57 -30.44 2.09
CA ASN MA 56 -83.08 -31.39 1.12
C ASN MA 56 -84.60 -31.46 1.19
N THR MA 57 -85.24 -30.29 1.18
CA THR MA 57 -86.68 -30.19 1.43
C THR MA 57 -87.47 -30.52 0.15
N VAL MA 58 -88.77 -30.27 0.19
CA VAL MA 58 -89.68 -30.53 -0.92
C VAL MA 58 -90.23 -29.18 -1.38
N ILE MA 59 -90.01 -28.87 -2.66
CA ILE MA 59 -90.34 -27.57 -3.22
C ILE MA 59 -91.58 -27.70 -4.09
N LYS MA 60 -92.56 -26.81 -3.88
CA LYS MA 60 -93.83 -26.83 -4.57
C LYS MA 60 -94.14 -25.44 -5.12
N MET MA 61 -94.07 -25.28 -6.44
CA MET MA 61 -94.17 -23.96 -7.08
C MET MA 61 -95.63 -23.50 -7.12
N THR MA 62 -95.88 -22.26 -6.67
CA THR MA 62 -97.22 -21.75 -6.44
C THR MA 62 -97.49 -20.55 -7.34
N VAL MA 63 -98.28 -20.78 -8.39
CA VAL MA 63 -98.93 -19.69 -9.11
C VAL MA 63 -100.41 -19.97 -8.86
N ASP MA 64 -100.69 -20.45 -7.63
CA ASP MA 64 -101.98 -21.06 -7.23
C ASP MA 64 -102.30 -22.27 -8.10
N GLY MA 65 -101.28 -23.06 -8.43
CA GLY MA 65 -101.45 -24.23 -9.26
C GLY MA 65 -100.65 -25.43 -8.78
N LYS MA 66 -100.41 -26.40 -9.66
CA LYS MA 66 -99.68 -27.60 -9.30
C LYS MA 66 -98.18 -27.31 -9.22
N ASN MA 67 -97.40 -28.36 -8.99
CA ASN MA 67 -96.10 -28.23 -8.38
C ASN MA 67 -94.96 -28.71 -9.28
N ILE MA 68 -93.80 -28.09 -9.12
CA ILE MA 68 -92.58 -28.47 -9.81
C ILE MA 68 -91.60 -28.90 -8.72
N ASN MA 69 -91.53 -30.20 -8.45
CA ASN MA 69 -90.82 -30.75 -7.29
C ASN MA 69 -89.31 -30.67 -7.51
N THR MA 70 -88.76 -29.47 -7.35
CA THR MA 70 -87.34 -29.28 -7.58
C THR MA 70 -86.53 -29.63 -6.34
N LEU MA 71 -85.29 -30.06 -6.58
CA LEU MA 71 -84.45 -30.73 -5.61
C LEU MA 71 -83.02 -30.19 -5.68
N MET MA 72 -82.84 -28.90 -5.35
CA MET MA 72 -81.75 -27.98 -5.70
C MET MA 72 -80.39 -28.57 -6.06
N SER MA 73 -79.86 -28.18 -7.22
CA SER MA 73 -78.68 -28.84 -7.76
C SER MA 73 -77.38 -28.14 -7.33
N LYS MA 74 -77.22 -26.87 -7.69
CA LYS MA 74 -76.02 -26.13 -7.35
C LYS MA 74 -76.33 -24.85 -6.61
N ALA MA 75 -75.35 -24.42 -5.80
CA ALA MA 75 -75.32 -23.07 -5.25
C ALA MA 75 -73.87 -22.74 -4.95
N GLN MA 76 -73.20 -22.04 -5.87
CA GLN MA 76 -71.94 -21.38 -5.56
C GLN MA 76 -72.12 -19.88 -5.73
N LEU MA 77 -71.54 -19.11 -4.80
CA LEU MA 77 -72.08 -17.79 -4.51
C LEU MA 77 -71.07 -16.65 -4.60
N ASP MA 78 -71.48 -15.49 -4.11
CA ASP MA 78 -70.76 -14.24 -4.28
C ASP MA 78 -69.58 -14.16 -3.32
N THR MA 79 -68.56 -13.42 -3.75
CA THR MA 79 -67.52 -12.97 -2.84
C THR MA 79 -68.05 -11.90 -1.92
N PHE MA 80 -67.26 -11.61 -0.88
CA PHE MA 80 -67.22 -10.32 -0.19
C PHE MA 80 -68.45 -10.04 0.67
N THR MA 81 -69.54 -10.74 0.45
CA THR MA 81 -70.72 -10.85 1.30
C THR MA 81 -71.16 -12.29 1.47
N GLY MA 82 -71.04 -13.12 0.43
CA GLY MA 82 -71.53 -14.47 0.50
C GLY MA 82 -73.04 -14.57 0.53
N GLN MA 83 -73.71 -14.26 -0.58
CA GLN MA 83 -75.16 -14.35 -0.62
C GLN MA 83 -75.60 -14.90 -1.97
N MET MA 84 -76.92 -14.91 -2.18
CA MET MA 84 -77.59 -15.83 -3.10
C MET MA 84 -77.51 -15.34 -4.55
N LEU MA 85 -76.91 -16.15 -5.42
CA LEU MA 85 -76.96 -16.01 -6.87
C LEU MA 85 -76.90 -17.40 -7.50
N HIS MA 86 -77.45 -17.50 -8.73
CA HIS MA 86 -77.35 -18.67 -9.60
C HIS MA 86 -77.96 -19.91 -8.94
N VAL MA 87 -79.27 -19.85 -8.76
CA VAL MA 87 -80.01 -20.84 -7.99
C VAL MA 87 -80.59 -21.83 -9.01
N GLU MA 88 -79.81 -22.87 -9.33
CA GLU MA 88 -80.24 -23.89 -10.29
C GLU MA 88 -81.11 -24.94 -9.59
N PHE MA 89 -82.22 -25.28 -10.23
CA PHE MA 89 -83.16 -26.28 -9.75
C PHE MA 89 -83.09 -27.52 -10.65
N LEU MA 90 -83.80 -28.57 -10.24
CA LEU MA 90 -83.97 -29.78 -11.03
C LEU MA 90 -85.14 -30.56 -10.47
N SER MA 91 -86.16 -30.81 -11.28
CA SER MA 91 -87.40 -31.40 -10.77
C SER MA 91 -87.39 -32.92 -10.98
N VAL MA 92 -86.53 -33.59 -10.23
CA VAL MA 92 -86.54 -35.04 -10.20
C VAL MA 92 -87.74 -35.48 -9.35
N ASN MA 93 -88.83 -35.86 -10.02
CA ASN MA 93 -90.13 -35.95 -9.38
C ASN MA 93 -90.31 -37.30 -8.68
N MET MA 94 -91.56 -37.60 -8.32
CA MET MA 94 -91.95 -38.86 -7.67
C MET MA 94 -91.61 -40.10 -8.50
N SER NA 1 -25.77 -5.10 -20.63
CA SER NA 1 -26.89 -5.58 -21.43
C SER NA 1 -27.36 -6.92 -20.93
N THR NA 2 -28.42 -7.43 -21.54
CA THR NA 2 -28.86 -8.79 -21.31
C THR NA 2 -28.69 -9.59 -22.59
N SER NA 3 -29.00 -10.88 -22.51
CA SER NA 3 -28.83 -11.77 -23.65
C SER NA 3 -29.98 -11.69 -24.64
N ASN NA 4 -30.99 -10.87 -24.39
CA ASN NA 4 -32.07 -10.68 -25.34
C ASN NA 4 -31.64 -9.65 -26.38
N GLY NA 5 -32.56 -9.34 -27.29
CA GLY NA 5 -32.21 -8.54 -28.45
C GLY NA 5 -32.06 -9.44 -29.66
N ARG NA 6 -32.95 -10.42 -29.78
CA ARG NA 6 -32.87 -11.45 -30.81
C ARG NA 6 -34.28 -11.75 -31.31
N ASP NA 7 -34.69 -11.12 -32.41
CA ASP NA 7 -35.94 -11.46 -33.08
C ASP NA 7 -35.78 -11.46 -34.59
N SER NA 8 -36.76 -12.09 -35.22
CA SER NA 8 -36.79 -12.32 -36.65
C SER NA 8 -37.56 -11.18 -37.32
N GLU NA 9 -37.97 -11.39 -38.57
CA GLU NA 9 -38.83 -10.47 -39.29
C GLU NA 9 -40.21 -11.09 -39.45
N SER NA 10 -41.24 -10.27 -39.39
CA SER NA 10 -42.60 -10.76 -39.50
C SER NA 10 -42.90 -11.17 -40.94
N LYS NA 11 -43.17 -12.45 -41.15
CA LYS NA 11 -43.24 -13.00 -42.50
C LYS NA 11 -44.66 -13.06 -43.05
N ARG NA 12 -45.61 -12.46 -42.34
CA ARG NA 12 -46.84 -11.93 -42.92
C ARG NA 12 -47.73 -13.00 -43.53
N LEU NA 13 -48.20 -13.89 -42.66
CA LEU NA 13 -49.04 -15.01 -43.04
C LEU NA 13 -50.49 -14.57 -43.15
N GLY NA 14 -51.41 -15.53 -43.16
CA GLY NA 14 -52.82 -15.22 -43.10
C GLY NA 14 -53.49 -15.19 -44.46
N ALA NA 15 -54.81 -15.30 -44.45
CA ALA NA 15 -55.56 -15.44 -45.69
C ALA NA 15 -55.62 -14.11 -46.42
N LYS NA 16 -55.55 -14.16 -47.74
CA LYS NA 16 -55.45 -12.95 -48.54
C LYS NA 16 -56.57 -12.85 -49.55
N SER NA 17 -57.61 -13.65 -49.37
CA SER NA 17 -58.81 -13.63 -50.21
C SER NA 17 -59.88 -14.40 -49.45
N ALA NA 18 -61.00 -13.76 -49.18
CA ALA NA 18 -62.03 -14.39 -48.37
C ALA NA 18 -63.03 -15.10 -49.27
N ASP NA 19 -64.16 -15.51 -48.70
CA ASP NA 19 -65.16 -16.27 -49.43
C ASP NA 19 -65.87 -15.40 -50.45
N GLY NA 20 -66.64 -16.08 -51.31
CA GLY NA 20 -67.50 -15.42 -52.27
C GLY NA 20 -66.79 -14.61 -53.33
N GLN NA 21 -65.50 -14.85 -53.55
CA GLN NA 21 -64.74 -14.04 -54.48
C GLN NA 21 -64.50 -14.80 -55.78
N THR NA 22 -63.79 -14.13 -56.69
CA THR NA 22 -63.37 -14.70 -57.96
C THR NA 22 -61.88 -14.52 -58.08
N VAL NA 23 -61.20 -15.55 -58.58
CA VAL NA 23 -59.75 -15.68 -58.48
C VAL NA 23 -59.17 -15.84 -59.89
N THR NA 24 -57.98 -15.29 -60.11
CA THR NA 24 -57.27 -15.47 -61.37
C THR NA 24 -56.69 -16.87 -61.45
N GLY NA 25 -55.84 -17.10 -62.44
CA GLY NA 25 -55.25 -18.42 -62.56
C GLY NA 25 -54.15 -18.66 -61.56
N GLY NA 26 -54.47 -19.43 -60.52
CA GLY NA 26 -53.48 -19.85 -59.55
C GLY NA 26 -52.92 -18.79 -58.63
N SER NA 27 -53.70 -18.29 -57.68
CA SER NA 27 -53.16 -17.36 -56.71
C SER NA 27 -53.31 -17.91 -55.30
N ILE NA 28 -52.71 -17.20 -54.36
CA ILE NA 28 -52.53 -17.66 -52.99
C ILE NA 28 -53.85 -17.51 -52.25
N LEU NA 29 -54.11 -18.41 -51.31
CA LEU NA 29 -55.35 -18.38 -50.53
C LEU NA 29 -55.12 -18.12 -49.05
N TYR NA 30 -54.33 -18.96 -48.38
CA TYR NA 30 -54.11 -18.81 -46.94
C TYR NA 30 -52.74 -19.40 -46.67
N ARG NA 31 -51.72 -18.54 -46.64
CA ARG NA 31 -50.34 -18.99 -46.54
C ARG NA 31 -50.03 -19.56 -45.17
N GLN NA 32 -49.83 -20.87 -45.11
CA GLN NA 32 -49.56 -21.58 -43.86
C GLN NA 32 -48.09 -21.88 -43.69
N ARG NA 33 -47.76 -22.42 -42.52
CA ARG NA 33 -46.65 -23.35 -42.36
C ARG NA 33 -47.16 -24.48 -41.48
N GLY NA 34 -47.04 -25.70 -41.96
CA GLY NA 34 -47.74 -26.81 -41.34
C GLY NA 34 -49.16 -26.87 -41.83
N THR NA 35 -49.61 -28.05 -42.23
CA THR NA 35 -50.92 -28.19 -42.87
C THR NA 35 -52.00 -27.99 -41.81
N LYS NA 36 -52.55 -26.78 -41.78
CA LYS NA 36 -53.71 -26.52 -40.94
C LYS NA 36 -55.01 -26.67 -41.70
N ILE NA 37 -54.98 -26.61 -43.02
CA ILE NA 37 -56.17 -26.78 -43.84
C ILE NA 37 -55.81 -27.71 -44.99
N TYR NA 38 -56.48 -28.84 -45.06
CA TYR NA 38 -56.27 -29.73 -46.18
C TYR NA 38 -56.96 -29.20 -47.42
N PRO NA 39 -56.45 -29.49 -48.61
CA PRO NA 39 -57.03 -28.93 -49.83
C PRO NA 39 -58.33 -29.61 -50.20
N GLY NA 40 -58.98 -29.04 -51.21
CA GLY NA 40 -60.21 -29.57 -51.75
C GLY NA 40 -60.25 -29.46 -53.26
N VAL NA 41 -61.43 -29.15 -53.80
CA VAL NA 41 -61.64 -29.18 -55.24
C VAL NA 41 -60.85 -28.07 -55.91
N ASN NA 42 -60.03 -28.45 -56.89
CA ASN NA 42 -59.22 -27.60 -57.75
C ASN NA 42 -58.11 -26.89 -56.99
N VAL NA 43 -57.70 -27.41 -55.85
CA VAL NA 43 -56.74 -26.73 -54.98
C VAL NA 43 -55.38 -27.38 -55.17
N GLY NA 44 -54.36 -26.55 -55.39
CA GLY NA 44 -52.99 -27.02 -55.36
C GLY NA 44 -52.29 -26.59 -54.09
N ILE NA 45 -51.23 -27.30 -53.74
CA ILE NA 45 -50.37 -26.95 -52.62
C ILE NA 45 -48.96 -26.78 -53.14
N GLY NA 46 -48.40 -25.60 -52.95
CA GLY NA 46 -47.06 -25.31 -53.40
C GLY NA 46 -45.99 -25.84 -52.47
N GLY NA 47 -44.78 -25.35 -52.67
CA GLY NA 47 -43.64 -25.77 -51.90
C GLY NA 47 -43.52 -25.19 -50.52
N ASP NA 48 -44.39 -24.27 -50.14
CA ASP NA 48 -44.37 -23.64 -48.83
C ASP NA 48 -45.74 -23.70 -48.17
N ASP NA 49 -46.50 -24.76 -48.46
CA ASP NA 49 -47.88 -24.97 -48.00
C ASP NA 49 -48.85 -23.86 -48.39
N THR NA 50 -48.50 -23.05 -49.38
CA THR NA 50 -49.43 -22.08 -49.92
C THR NA 50 -50.51 -22.81 -50.70
N LEU NA 51 -51.64 -22.14 -50.92
CA LEU NA 51 -52.80 -22.80 -51.47
C LEU NA 51 -53.20 -22.16 -52.80
N PHE NA 52 -53.68 -23.00 -53.72
CA PHE NA 52 -53.97 -22.57 -55.08
C PHE NA 52 -55.45 -22.63 -55.42
N ALA NA 53 -55.83 -21.82 -56.39
CA ALA NA 53 -57.13 -21.92 -57.03
C ALA NA 53 -56.90 -22.04 -58.53
N LYS NA 54 -57.11 -23.25 -59.07
CA LYS NA 54 -56.82 -23.51 -60.48
C LYS NA 54 -57.95 -22.99 -61.37
N VAL NA 55 -59.12 -23.58 -61.24
CA VAL NA 55 -60.30 -23.12 -61.96
C VAL NA 55 -60.76 -21.81 -61.34
N ASP NA 56 -61.02 -20.82 -62.18
CA ASP NA 56 -61.42 -19.52 -61.67
C ASP NA 56 -62.84 -19.60 -61.13
N GLY NA 57 -62.97 -19.63 -59.82
CA GLY NA 57 -64.25 -19.84 -59.17
C GLY NA 57 -64.38 -19.13 -57.84
N VAL NA 58 -65.11 -19.75 -56.91
CA VAL NA 58 -65.52 -19.12 -55.67
C VAL NA 58 -64.89 -19.88 -54.51
N VAL NA 59 -64.08 -19.18 -53.72
CA VAL NA 59 -63.42 -19.80 -52.58
C VAL NA 59 -64.44 -20.01 -51.48
N ARG NA 60 -64.57 -21.24 -51.00
CA ARG NA 60 -65.41 -21.54 -49.85
C ARG NA 60 -64.70 -22.53 -48.94
N PHE NA 61 -65.01 -22.45 -47.65
CA PHE NA 61 -64.37 -23.30 -46.65
C PHE NA 61 -65.37 -24.30 -46.08
N GLU NA 62 -64.84 -25.46 -45.70
CA GLU NA 62 -65.66 -26.63 -45.38
C GLU NA 62 -65.10 -27.29 -44.13
N ARG NA 63 -65.77 -28.36 -43.70
CA ARG NA 63 -65.25 -29.18 -42.62
C ARG NA 63 -64.36 -30.27 -43.20
N LYS NA 64 -63.81 -31.10 -42.31
CA LYS NA 64 -63.47 -32.48 -42.62
C LYS NA 64 -64.08 -33.27 -41.48
N GLY NA 65 -65.38 -33.54 -41.57
CA GLY NA 65 -66.11 -34.09 -40.45
C GLY NA 65 -66.01 -33.20 -39.22
N ARG NA 66 -65.24 -33.65 -38.23
CA ARG NA 66 -64.96 -32.85 -37.05
C ARG NA 66 -63.61 -32.13 -37.13
N ASP NA 67 -62.67 -32.66 -37.90
CA ASP NA 67 -61.27 -32.45 -37.58
C ASP NA 67 -60.73 -31.11 -38.05
N LYS NA 68 -60.66 -30.91 -39.36
CA LYS NA 68 -59.98 -29.74 -39.93
C LYS NA 68 -60.77 -29.29 -41.14
N LYS NA 69 -60.19 -28.39 -41.92
CA LYS NA 69 -60.94 -27.61 -42.90
C LYS NA 69 -60.52 -27.94 -44.32
N GLN NA 70 -61.36 -27.51 -45.26
CA GLN NA 70 -61.13 -27.70 -46.69
C GLN NA 70 -61.45 -26.42 -47.44
N VAL NA 71 -60.45 -25.89 -48.15
CA VAL NA 71 -60.71 -24.89 -49.18
C VAL NA 71 -61.50 -25.56 -50.29
N SER NA 72 -62.44 -24.84 -50.87
CA SER NA 72 -63.19 -25.40 -51.98
C SER NA 72 -63.49 -24.32 -52.99
N VAL NA 73 -63.14 -24.58 -54.24
CA VAL NA 73 -63.39 -23.67 -55.35
C VAL NA 73 -64.45 -24.31 -56.23
N TYR NA 74 -65.44 -23.52 -56.63
CA TYR NA 74 -66.46 -24.01 -57.54
C TYR NA 74 -66.59 -23.05 -58.72
N PRO NA 75 -66.63 -23.56 -59.94
CA PRO NA 75 -66.73 -22.67 -61.11
C PRO NA 75 -68.12 -22.08 -61.27
N VAL NA 76 -68.31 -21.31 -62.33
CA VAL NA 76 -69.57 -20.62 -62.54
C VAL NA 76 -70.66 -21.58 -62.99
N ALA OA 1 25.82 21.63 -63.39
CA ALA OA 1 26.23 23.02 -63.24
C ALA OA 1 25.23 23.97 -63.90
N LYS OA 2 25.65 25.22 -64.13
CA LYS OA 2 24.69 26.21 -64.62
C LYS OA 2 24.59 26.27 -66.14
N VAL OA 3 25.67 26.00 -66.87
CA VAL OA 3 25.73 26.25 -68.31
C VAL OA 3 26.24 25.02 -69.03
N CYS OA 4 26.03 25.01 -70.34
CA CYS OA 4 26.65 24.05 -71.24
C CYS OA 4 27.09 24.78 -72.50
N TYR OA 5 28.35 24.59 -72.87
CA TYR OA 5 28.93 25.41 -73.92
C TYR OA 5 28.53 24.89 -75.29
N PHE OA 6 28.94 23.66 -75.61
CA PHE OA 6 28.73 23.16 -76.96
C PHE OA 6 27.32 22.65 -77.15
N THR OA 7 26.91 21.67 -76.36
CA THR OA 7 25.49 21.39 -76.27
C THR OA 7 24.81 22.49 -75.47
N GLY OA 8 23.49 22.54 -75.56
CA GLY OA 8 22.77 23.57 -74.86
C GLY OA 8 22.03 23.04 -73.66
N ARG OA 9 22.64 22.12 -72.93
CA ARG OA 9 21.91 21.50 -71.83
C ARG OA 9 21.90 22.43 -70.61
N LYS OA 10 21.05 22.08 -69.67
CA LYS OA 10 20.81 22.86 -68.46
C LYS OA 10 19.98 21.98 -67.55
N THR OA 11 19.76 22.46 -66.33
CA THR OA 11 18.91 21.69 -65.45
C THR OA 11 17.44 21.88 -65.81
N SER OA 12 16.60 21.07 -65.18
CA SER OA 12 15.14 21.17 -65.30
C SER OA 12 14.55 20.49 -64.07
N SER OA 13 13.26 20.19 -64.13
CA SER OA 13 12.60 19.62 -62.97
C SER OA 13 11.42 18.77 -63.42
N GLY OA 14 11.02 17.86 -62.55
CA GLY OA 14 9.92 16.96 -62.86
C GLY OA 14 9.44 16.24 -61.62
N ASN OA 15 8.42 15.41 -61.83
CA ASN OA 15 7.71 14.77 -60.74
C ASN OA 15 8.54 13.66 -60.09
N ASN OA 16 7.92 13.02 -59.11
CA ASN OA 16 8.36 11.72 -58.61
C ASN OA 16 7.15 11.07 -57.95
N ARG OA 17 6.76 9.91 -58.45
CA ARG OA 17 5.64 9.16 -57.91
C ARG OA 17 6.09 7.74 -57.63
N SER OA 18 5.45 7.10 -56.66
CA SER OA 18 5.81 5.73 -56.32
C SER OA 18 4.62 5.07 -55.64
N HIS OA 19 3.97 4.13 -56.34
CA HIS OA 19 3.01 3.15 -55.82
C HIS OA 19 1.69 3.79 -55.35
N ALA OA 20 1.65 5.12 -55.42
CA ALA OA 20 0.52 5.97 -55.15
C ALA OA 20 0.96 7.32 -55.67
N MET OA 21 0.10 7.97 -56.46
CA MET OA 21 0.51 9.11 -57.28
C MET OA 21 0.63 10.34 -56.38
N ASN OA 22 1.72 10.37 -55.64
CA ASN OA 22 1.99 11.43 -54.66
C ASN OA 22 3.11 12.26 -55.26
N SER OA 23 2.74 13.34 -55.93
CA SER OA 23 3.68 14.09 -56.73
C SER OA 23 4.61 14.92 -55.84
N THR OA 24 5.91 14.84 -56.13
CA THR OA 24 6.88 15.75 -55.55
C THR OA 24 7.67 16.37 -56.68
N LYS OA 25 8.78 17.04 -56.38
CA LYS OA 25 9.60 17.65 -57.41
C LYS OA 25 10.99 17.05 -57.36
N ARG OA 26 11.55 16.79 -58.54
CA ARG OA 26 12.92 16.31 -58.67
C ARG OA 26 13.79 17.34 -59.36
N THR OA 27 15.10 17.13 -59.28
CA THR OA 27 16.09 17.97 -59.93
C THR OA 27 16.88 17.10 -60.88
N VAL OA 28 16.34 16.89 -62.07
CA VAL OA 28 17.05 16.16 -63.12
C VAL OA 28 18.09 17.09 -63.72
N LYS OA 29 19.35 16.67 -63.66
CA LYS OA 29 20.42 17.50 -64.15
C LYS OA 29 21.33 16.70 -65.07
N PRO OA 30 21.84 17.30 -66.14
CA PRO OA 30 22.68 16.56 -67.08
C PRO OA 30 24.05 16.29 -66.48
N ASN OA 31 24.61 15.13 -66.83
CA ASN OA 31 25.93 14.76 -66.39
C ASN OA 31 26.96 15.63 -67.09
N LEU OA 32 27.67 16.44 -66.33
CA LEU OA 32 28.58 17.42 -66.89
C LEU OA 32 29.95 17.26 -66.25
N GLN OA 33 30.98 17.56 -67.02
CA GLN OA 33 32.36 17.46 -66.56
C GLN OA 33 33.09 18.74 -66.91
N LYS OA 34 34.08 19.10 -66.08
CA LYS OA 34 34.96 20.22 -66.38
C LYS OA 34 36.16 19.68 -67.15
N VAL OA 35 36.17 19.88 -68.46
CA VAL OA 35 37.21 19.36 -69.33
C VAL OA 35 38.05 20.52 -69.81
N ARG OA 36 39.37 20.31 -69.90
CA ARG OA 36 40.24 21.32 -70.48
C ARG OA 36 40.00 21.39 -71.99
N VAL OA 37 39.32 22.44 -72.43
CA VAL OA 37 38.85 22.54 -73.80
C VAL OA 37 39.77 23.46 -74.59
N LEU OA 38 39.64 23.43 -75.91
CA LEU OA 38 40.58 24.07 -76.83
C LEU OA 38 39.80 25.05 -77.70
N ILE OA 39 39.96 26.34 -77.45
CA ILE OA 39 39.26 27.39 -78.20
C ILE OA 39 40.25 28.48 -78.54
N ASP OA 40 40.37 28.80 -79.85
CA ASP OA 40 41.08 29.97 -80.36
C ASP OA 40 42.56 29.95 -80.00
N GLY OA 41 43.15 28.76 -79.93
CA GLY OA 41 44.52 28.62 -79.51
C GLY OA 41 44.75 28.66 -78.01
N LYS OA 42 43.76 29.12 -77.23
CA LYS OA 42 43.92 29.15 -75.78
C LYS OA 42 43.23 27.94 -75.18
N PRO OA 43 43.96 27.03 -74.55
CA PRO OA 43 43.31 25.88 -73.91
C PRO OA 43 42.52 26.29 -72.69
N LYS OA 44 41.21 26.36 -72.81
CA LYS OA 44 40.35 26.85 -71.74
C LYS OA 44 39.75 25.67 -70.98
N LYS OA 45 38.87 25.98 -70.05
CA LYS OA 45 38.08 24.97 -69.37
C LYS OA 45 36.62 25.41 -69.37
N VAL OA 46 35.71 24.46 -69.57
CA VAL OA 46 34.28 24.76 -69.59
C VAL OA 46 33.54 23.47 -69.28
N TRP OA 47 32.30 23.60 -68.86
CA TRP OA 47 31.44 22.44 -68.61
C TRP OA 47 30.97 21.89 -69.94
N VAL OA 48 31.14 20.58 -70.14
CA VAL OA 48 30.82 19.90 -71.40
C VAL OA 48 29.96 18.69 -71.08
N SER OA 49 28.90 18.49 -71.86
CA SER OA 49 28.08 17.30 -71.70
C SER OA 49 28.83 16.05 -72.18
N ALA OA 50 28.32 14.90 -71.77
CA ALA OA 50 28.97 13.64 -72.14
C ALA OA 50 28.72 13.31 -73.61
N ARG OA 51 27.52 13.61 -74.11
CA ARG OA 51 27.15 13.21 -75.47
C ARG OA 51 27.85 14.05 -76.54
N ALA OA 52 28.54 15.12 -76.17
CA ALA OA 52 29.31 15.91 -77.12
C ALA OA 52 30.78 15.53 -77.11
N LEU OA 53 31.10 14.27 -76.79
CA LEU OA 53 32.46 13.78 -76.77
C LEU OA 53 32.64 12.60 -77.71
N LYS OA 54 31.82 12.53 -78.74
CA LYS OA 54 31.79 11.37 -79.61
C LYS OA 54 32.02 11.80 -81.05
N LYS PA 1 11.77 97.19 -80.94
CA LYS PA 1 11.51 96.03 -80.11
C LYS PA 1 12.54 94.93 -80.35
N VAL PA 2 12.30 94.14 -81.39
CA VAL PA 2 13.01 92.88 -81.59
C VAL PA 2 14.13 93.09 -82.57
N LYS PA 3 13.78 93.50 -83.78
CA LYS PA 3 14.74 93.56 -84.87
C LYS PA 3 15.69 94.72 -84.75
N GLU PA 4 15.37 95.70 -83.90
CA GLU PA 4 16.33 96.75 -83.57
C GLU PA 4 17.55 96.17 -82.87
N ILE PA 5 17.35 95.12 -82.09
CA ILE PA 5 18.46 94.43 -81.44
C ILE PA 5 19.30 93.72 -82.48
N ARG PA 6 18.66 93.23 -83.55
CA ARG PA 6 19.34 92.53 -84.62
C ARG PA 6 20.24 93.45 -85.45
N GLU PA 7 20.12 94.76 -85.26
CA GLU PA 7 20.87 95.78 -85.98
C GLU PA 7 22.22 96.08 -85.34
N LEU PA 8 22.70 95.25 -84.42
CA LEU PA 8 23.89 95.57 -83.66
C LEU PA 8 24.91 94.46 -83.78
N THR PA 9 26.18 94.86 -83.88
CA THR PA 9 27.27 93.89 -83.90
C THR PA 9 27.48 93.28 -82.52
N THR PA 10 28.20 92.17 -82.50
CA THR PA 10 28.20 91.27 -81.35
C THR PA 10 28.85 91.87 -80.12
N ALA PA 11 29.79 92.81 -80.30
CA ALA PA 11 30.37 93.48 -79.15
C ALA PA 11 29.34 94.37 -78.47
N GLU PA 12 28.57 95.12 -79.26
CA GLU PA 12 27.58 96.04 -78.73
C GLU PA 12 26.44 95.32 -78.04
N MET PA 13 26.13 94.11 -78.50
CA MET PA 13 25.15 93.26 -77.87
C MET PA 13 25.54 92.95 -76.43
N LEU PA 14 26.78 92.49 -76.24
CA LEU PA 14 27.28 92.16 -74.91
C LEU PA 14 27.38 93.40 -74.04
N ASP PA 15 27.76 94.53 -74.64
CA ASP PA 15 27.87 95.78 -73.89
C ASP PA 15 26.52 96.23 -73.36
N LYS PA 16 25.48 96.18 -74.21
CA LYS PA 16 24.17 96.59 -73.74
C LYS PA 16 23.60 95.59 -72.75
N GLU PA 17 23.96 94.31 -72.86
CA GLU PA 17 23.56 93.36 -71.83
C GLU PA 17 24.19 93.67 -70.47
N LYS PA 18 25.47 94.05 -70.47
CA LYS PA 18 26.12 94.40 -69.20
C LYS PA 18 25.55 95.68 -68.61
N GLN PA 19 25.19 96.64 -69.46
CA GLN PA 19 24.55 97.85 -68.98
C GLN PA 19 23.16 97.55 -68.42
N LEU PA 20 22.45 96.60 -69.02
CA LEU PA 20 21.17 96.17 -68.47
C LEU PA 20 21.35 95.43 -67.15
N LYS PA 21 22.47 94.72 -66.98
CA LYS PA 21 22.76 94.11 -65.69
C LYS PA 21 22.98 95.15 -64.61
N GLU PA 22 23.71 96.22 -64.95
CA GLU PA 22 23.94 97.32 -64.02
C GLU PA 22 22.63 97.99 -63.62
N GLU PA 23 21.75 98.20 -64.60
CA GLU PA 23 20.45 98.77 -64.27
C GLU PA 23 19.59 97.79 -63.51
N LEU PA 24 19.83 96.48 -63.67
CA LEU PA 24 19.15 95.52 -62.83
C LEU PA 24 19.61 95.61 -61.38
N PHE PA 25 20.89 95.89 -61.14
CA PHE PA 25 21.30 96.19 -59.76
C PHE PA 25 20.61 97.42 -59.21
N ASN PA 26 20.48 98.46 -60.04
CA ASN PA 26 19.80 99.67 -59.59
C ASN PA 26 18.32 99.43 -59.34
N LEU PA 27 17.75 98.45 -60.02
CA LEU PA 27 16.35 98.12 -59.75
C LEU PA 27 16.21 97.12 -58.62
N ARG PA 28 17.29 96.37 -58.33
CA ARG PA 28 17.27 95.46 -57.19
C ARG PA 28 17.30 96.22 -55.88
N PHE PA 29 18.33 97.04 -55.68
CA PHE PA 29 18.52 97.61 -54.35
C PHE PA 29 17.53 98.72 -54.03
N GLN PA 30 16.98 99.39 -55.03
CA GLN PA 30 16.01 100.44 -54.75
C GLN PA 30 14.62 99.92 -54.47
N LEU PA 31 14.40 98.60 -54.57
CA LEU PA 31 13.18 98.03 -54.02
C LEU PA 31 13.19 98.07 -52.51
N ALA PA 32 14.35 98.09 -51.87
CA ALA PA 32 14.39 98.04 -50.42
C ALA PA 32 14.09 99.40 -49.81
N THR PA 33 14.54 100.48 -50.44
CA THR PA 33 14.51 101.80 -49.81
C THR PA 33 13.27 102.58 -50.19
N GLY PA 34 12.15 101.91 -50.47
CA GLY PA 34 10.86 102.54 -50.68
C GLY PA 34 10.81 103.52 -51.82
N GLN PA 35 11.06 103.03 -53.03
CA GLN PA 35 11.33 103.88 -54.19
C GLN PA 35 10.72 103.16 -55.39
N LEU PA 36 11.23 103.48 -56.58
CA LEU PA 36 10.87 102.83 -57.85
C LEU PA 36 9.40 103.03 -58.19
N GLU PA 37 9.08 104.29 -58.50
CA GLU PA 37 7.74 104.65 -58.98
C GLU PA 37 7.36 103.89 -60.25
N ASN PA 38 8.32 103.66 -61.14
CA ASN PA 38 8.15 102.68 -62.19
C ASN PA 38 8.37 101.28 -61.63
N THR PA 39 7.37 100.43 -61.73
CA THR PA 39 7.52 99.05 -61.31
C THR PA 39 7.46 98.07 -62.47
N ALA PA 40 6.82 98.43 -63.57
CA ALA PA 40 6.71 97.52 -64.70
C ALA PA 40 7.99 97.43 -65.52
N ARG PA 41 9.02 98.16 -65.17
CA ARG PA 41 10.32 98.05 -65.82
C ARG PA 41 11.20 96.97 -65.22
N ILE PA 42 10.62 96.06 -64.44
CA ILE PA 42 11.37 94.86 -64.07
C ILE PA 42 11.25 93.81 -65.16
N LYS PA 43 10.04 93.62 -65.71
CA LYS PA 43 9.80 92.58 -66.71
C LYS PA 43 10.58 92.83 -67.97
N GLU PA 44 10.52 94.06 -68.48
CA GLU PA 44 11.01 94.33 -69.81
C GLU PA 44 12.53 94.31 -69.89
N VAL PA 45 13.22 94.52 -68.79
CA VAL PA 45 14.67 94.39 -68.83
C VAL PA 45 15.06 92.93 -68.91
N ARG PA 46 14.39 92.09 -68.13
CA ARG PA 46 14.55 90.63 -68.21
C ARG PA 46 14.30 90.14 -69.63
N GLN PA 47 13.15 90.49 -70.19
CA GLN PA 47 12.83 90.03 -71.53
C GLN PA 47 13.69 90.68 -72.60
N SER PA 48 14.23 91.87 -72.35
CA SER PA 48 15.16 92.48 -73.29
C SER PA 48 16.46 91.68 -73.35
N ILE PA 49 17.00 91.33 -72.19
CA ILE PA 49 18.20 90.51 -72.14
C ILE PA 49 17.93 89.14 -72.73
N ALA PA 50 16.72 88.62 -72.54
CA ALA PA 50 16.31 87.37 -73.16
C ALA PA 50 16.33 87.47 -74.69
N ARG PA 51 15.82 88.59 -75.22
CA ARG PA 51 15.87 88.84 -76.66
C ARG PA 51 17.30 88.88 -77.16
N ILE PA 52 18.18 89.56 -76.42
CA ILE PA 52 19.56 89.71 -76.89
C ILE PA 52 20.27 88.36 -76.88
N LYS PA 53 20.00 87.54 -75.87
CA LYS PA 53 20.64 86.22 -75.82
C LYS PA 53 20.12 85.30 -76.91
N THR PA 54 18.82 85.33 -77.19
CA THR PA 54 18.32 84.46 -78.26
C THR PA 54 18.80 84.93 -79.63
N VAL PA 55 18.96 86.23 -79.83
CA VAL PA 55 19.53 86.72 -81.08
C VAL PA 55 20.99 86.29 -81.22
N LEU PA 56 21.76 86.42 -80.15
CA LEU PA 56 23.17 86.05 -80.24
C LEU PA 56 23.37 84.56 -80.40
N ARG PA 57 22.46 83.75 -79.86
CA ARG PA 57 22.67 82.31 -80.00
C ARG PA 57 22.14 81.80 -81.32
N GLU PA 58 20.97 82.23 -81.76
CA GLU PA 58 20.42 81.66 -82.97
C GLU PA 58 20.98 82.27 -84.24
N GLN PA 59 21.40 83.53 -84.21
CA GLN PA 59 22.05 84.11 -85.39
C GLN PA 59 23.53 83.79 -85.46
N ALA PA 60 24.13 83.30 -84.38
CA ALA PA 60 25.43 82.66 -84.45
C ALA PA 60 25.21 81.19 -84.14
N ASN PA 61 24.79 80.46 -85.18
CA ASN PA 61 24.39 79.06 -85.14
C ASN PA 61 23.36 78.74 -84.05
N ALA QA 1 -92.21 3.91 -41.81
CA ALA QA 1 -92.71 5.27 -41.78
C ALA QA 1 -91.64 6.26 -42.21
N GLU QA 2 -91.73 7.47 -41.71
CA GLU QA 2 -90.69 8.47 -41.89
C GLU QA 2 -90.31 9.03 -40.53
N LEU QA 3 -89.12 9.61 -40.47
CA LEU QA 3 -88.59 10.11 -39.21
C LEU QA 3 -88.02 11.50 -39.43
N LYS QA 4 -87.86 12.24 -38.33
CA LYS QA 4 -87.30 13.59 -38.38
C LYS QA 4 -86.02 13.65 -37.57
N ILE QA 5 -84.89 13.79 -38.25
CA ILE QA 5 -83.58 13.75 -37.63
C ILE QA 5 -83.14 15.17 -37.33
N THR QA 6 -82.79 15.42 -36.08
CA THR QA 6 -82.48 16.76 -35.58
C THR QA 6 -81.15 16.74 -34.86
N LEU QA 7 -80.19 17.51 -35.34
CA LEU QA 7 -78.97 17.72 -34.58
C LEU QA 7 -79.25 18.47 -33.29
N LYS QA 8 -78.66 17.98 -32.20
CA LYS QA 8 -78.76 18.67 -30.92
C LYS QA 8 -77.44 18.89 -30.20
N ARG QA 9 -76.43 18.06 -30.41
CA ARG QA 9 -75.14 18.36 -29.82
C ARG QA 9 -74.12 18.56 -30.93
N SER QA 10 -72.86 18.68 -30.56
CA SER QA 10 -71.88 19.13 -31.52
C SER QA 10 -71.15 17.98 -32.17
N VAL QA 11 -70.47 18.31 -33.26
CA VAL QA 11 -69.63 17.35 -33.95
C VAL QA 11 -68.38 17.07 -33.13
N ILE QA 12 -67.83 18.12 -32.50
CA ILE QA 12 -66.41 18.19 -32.19
C ILE QA 12 -66.07 17.24 -31.05
N GLY QA 13 -64.89 16.62 -31.13
CA GLY QA 13 -64.39 15.78 -30.05
C GLY QA 13 -65.14 14.50 -29.84
N ARG QA 14 -65.33 13.71 -30.89
CA ARG QA 14 -66.12 12.51 -30.85
C ARG QA 14 -65.75 11.75 -32.11
N PRO QA 15 -65.48 10.43 -32.03
CA PRO QA 15 -64.65 9.79 -33.06
C PRO QA 15 -65.29 9.62 -34.43
N GLN QA 16 -64.52 9.02 -35.33
CA GLN QA 16 -64.72 9.08 -36.76
C GLN QA 16 -65.73 8.08 -37.30
N ASN QA 17 -66.40 7.32 -36.43
CA ASN QA 17 -67.63 6.68 -36.85
C ASN QA 17 -68.69 7.72 -37.11
N GLN QA 18 -68.91 8.57 -36.14
CA GLN QA 18 -70.14 9.33 -36.11
C GLN QA 18 -70.05 10.55 -37.01
N ARG QA 19 -68.84 11.05 -37.28
CA ARG QA 19 -68.64 12.01 -38.36
C ARG QA 19 -69.11 11.44 -39.68
N ALA QA 20 -68.74 10.20 -39.96
CA ALA QA 20 -69.07 9.60 -41.23
C ALA QA 20 -70.55 9.25 -41.30
N THR QA 21 -71.16 8.87 -40.18
CA THR QA 21 -72.59 8.62 -40.22
C THR QA 21 -73.39 9.90 -40.36
N VAL QA 22 -72.89 11.03 -39.84
CA VAL QA 22 -73.62 12.28 -39.99
C VAL QA 22 -73.50 12.81 -41.41
N LYS QA 23 -72.28 12.88 -41.95
CA LYS QA 23 -72.12 13.27 -43.34
C LYS QA 23 -72.77 12.29 -44.30
N ALA QA 24 -72.96 11.04 -43.87
CA ALA QA 24 -73.79 10.12 -44.64
C ALA QA 24 -75.23 10.60 -44.73
N LEU QA 25 -75.71 11.31 -43.71
CA LEU QA 25 -77.07 11.82 -43.74
C LEU QA 25 -77.15 13.27 -44.20
N GLY QA 26 -76.02 13.96 -44.33
CA GLY QA 26 -76.04 15.32 -44.83
C GLY QA 26 -76.53 16.36 -43.85
N LEU QA 27 -76.41 16.08 -42.55
CA LEU QA 27 -76.78 17.06 -41.53
C LEU QA 27 -75.76 18.19 -41.53
N GLY QA 28 -76.19 19.37 -41.96
CA GLY QA 28 -75.26 20.47 -42.12
C GLY QA 28 -74.73 21.03 -40.83
N LYS QA 29 -75.56 21.75 -40.08
CA LYS QA 29 -75.12 22.39 -38.84
C LYS QA 29 -76.23 22.25 -37.82
N VAL QA 30 -76.12 23.04 -36.75
CA VAL QA 30 -76.86 22.83 -35.51
C VAL QA 30 -78.34 23.02 -35.73
N ASN QA 31 -79.13 22.04 -35.28
CA ASN QA 31 -80.59 22.00 -35.33
C ASN QA 31 -81.12 21.95 -36.74
N SER QA 32 -80.28 21.63 -37.72
CA SER QA 32 -80.78 21.38 -39.05
C SER QA 32 -81.49 20.04 -39.09
N THR QA 33 -82.64 20.00 -39.76
CA THR QA 33 -83.52 18.85 -39.75
C THR QA 33 -83.57 18.21 -41.13
N VAL QA 34 -83.36 16.89 -41.16
CA VAL QA 34 -83.42 16.12 -42.40
C VAL QA 34 -84.35 14.94 -42.16
N THR QA 35 -85.36 14.80 -42.99
CA THR QA 35 -86.36 13.75 -42.86
C THR QA 35 -86.07 12.63 -43.84
N LYS QA 36 -86.06 11.40 -43.35
CA LYS QA 36 -85.84 10.25 -44.22
C LYS QA 36 -86.81 9.14 -43.88
N PRO QA 37 -87.23 8.35 -44.87
CA PRO QA 37 -88.18 7.26 -44.59
C PRO QA 37 -87.49 6.10 -43.90
N ALA QA 38 -88.30 5.32 -43.19
CA ALA QA 38 -87.77 4.31 -42.28
C ALA QA 38 -87.31 3.09 -43.06
N ASN QA 39 -86.01 2.98 -43.26
CA ASN QA 39 -85.40 1.72 -43.67
C ASN QA 39 -85.05 0.94 -42.42
N GLU QA 40 -84.25 -0.11 -42.58
CA GLU QA 40 -83.56 -0.69 -41.45
C GLU QA 40 -82.05 -0.51 -41.53
N ALA QA 41 -81.57 0.20 -42.55
CA ALA QA 41 -80.25 0.77 -42.46
C ALA QA 41 -80.27 2.01 -41.58
N ILE QA 42 -81.34 2.79 -41.69
CA ILE QA 42 -81.40 4.09 -41.02
C ILE QA 42 -81.66 3.93 -39.54
N LYS QA 43 -82.40 2.90 -39.14
CA LYS QA 43 -82.51 2.61 -37.71
C LYS QA 43 -81.17 2.15 -37.15
N GLY QA 44 -80.36 1.48 -37.96
CA GLY QA 44 -79.00 1.20 -37.57
C GLY QA 44 -78.14 2.44 -37.47
N MET QA 45 -78.43 3.46 -38.28
CA MET QA 45 -77.74 4.73 -38.13
C MET QA 45 -78.11 5.38 -36.79
N VAL QA 46 -79.40 5.33 -36.44
CA VAL QA 46 -79.86 5.91 -35.18
C VAL QA 46 -79.30 5.13 -33.99
N ASN QA 47 -79.07 3.83 -34.15
CA ASN QA 47 -78.49 3.04 -33.07
C ASN QA 47 -77.05 3.41 -32.74
N THR QA 48 -76.38 4.22 -33.55
CA THR QA 48 -75.12 4.80 -33.16
C THR QA 48 -75.17 6.30 -33.04
N ILE QA 49 -76.26 6.94 -33.45
CA ILE QA 49 -76.34 8.38 -33.23
C ILE QA 49 -77.48 8.63 -32.24
N SER QA 50 -77.69 7.67 -31.34
CA SER QA 50 -78.72 7.76 -30.30
C SER QA 50 -78.56 8.94 -29.38
N HIS QA 51 -77.38 9.52 -29.23
CA HIS QA 51 -77.21 10.60 -28.28
C HIS QA 51 -77.17 11.97 -28.92
N LEU QA 52 -76.67 12.11 -30.15
CA LEU QA 52 -76.58 13.43 -30.77
C LEU QA 52 -77.94 13.94 -31.21
N VAL QA 53 -78.85 13.05 -31.55
CA VAL QA 53 -80.01 13.39 -32.36
C VAL QA 53 -81.27 12.85 -31.73
N ASP QA 54 -82.26 13.72 -31.54
CA ASP QA 54 -83.61 13.27 -31.25
C ASP QA 54 -84.40 13.10 -32.53
N VAL QA 55 -85.31 12.12 -32.51
CA VAL QA 55 -85.99 11.66 -33.72
C VAL QA 55 -87.48 11.64 -33.45
N GLU QA 56 -88.23 12.34 -34.27
CA GLU QA 56 -89.68 12.26 -34.23
C GLU QA 56 -90.16 11.19 -35.19
N GLU QA 57 -91.40 10.75 -34.99
CA GLU QA 57 -92.04 9.77 -35.86
C GLU QA 57 -93.13 10.44 -36.69
N VAL QA 58 -92.96 10.45 -38.00
CA VAL QA 58 -93.97 11.00 -38.88
C VAL QA 58 -94.48 9.90 -39.81
N MET RA 1 -39.84 -72.27 -48.03
CA MET RA 1 -38.60 -72.70 -47.41
C MET RA 1 -37.40 -72.25 -48.21
N LYS RA 2 -36.65 -71.29 -47.66
CA LYS RA 2 -35.60 -70.60 -48.38
C LYS RA 2 -34.43 -71.54 -48.67
N GLN RA 3 -33.93 -71.44 -49.90
CA GLN RA 3 -32.95 -72.38 -50.40
C GLN RA 3 -31.57 -72.07 -49.84
N ASP RA 4 -30.74 -73.12 -49.76
CA ASP RA 4 -29.29 -73.06 -49.53
C ASP RA 4 -28.93 -72.58 -48.13
N ILE RA 5 -29.87 -72.61 -47.19
CA ILE RA 5 -29.60 -72.15 -45.83
C ILE RA 5 -29.87 -73.21 -44.79
N HIS RA 6 -30.29 -74.37 -45.17
CA HIS RA 6 -30.67 -75.28 -44.11
C HIS RA 6 -29.51 -76.15 -43.67
N PRO RA 7 -29.47 -76.53 -42.38
CA PRO RA 7 -28.54 -77.55 -41.90
C PRO RA 7 -28.94 -78.96 -42.32
N ASN RA 8 -28.22 -79.96 -41.83
CA ASN RA 8 -28.40 -81.33 -42.25
C ASN RA 8 -29.05 -82.16 -41.15
N TYR RA 9 -30.10 -82.89 -41.50
CA TYR RA 9 -30.83 -83.75 -40.59
C TYR RA 9 -31.70 -84.69 -41.41
N GLN RA 10 -32.00 -85.85 -40.84
CA GLN RA 10 -32.83 -86.90 -41.44
C GLN RA 10 -33.66 -87.54 -40.34
N PRO RA 11 -34.71 -88.34 -40.64
CA PRO RA 11 -35.41 -89.06 -39.57
C PRO RA 11 -34.58 -90.17 -38.96
N VAL RA 12 -33.71 -89.79 -38.03
CA VAL RA 12 -32.69 -90.67 -37.46
C VAL RA 12 -33.34 -91.66 -36.50
N VAL RA 13 -33.06 -92.94 -36.72
CA VAL RA 13 -33.45 -93.99 -35.78
C VAL RA 13 -32.79 -93.78 -34.42
N PHE RA 14 -33.60 -93.78 -33.36
CA PHE RA 14 -33.09 -93.65 -31.99
C PHE RA 14 -33.16 -94.99 -31.27
N MET RA 15 -32.03 -95.68 -31.20
CA MET RA 15 -31.92 -96.90 -30.41
C MET RA 15 -32.05 -96.60 -28.92
N ASP RA 16 -32.20 -97.66 -28.14
CA ASP RA 16 -32.32 -97.54 -26.70
C ASP RA 16 -31.91 -98.87 -26.08
N SER RA 17 -31.59 -98.84 -24.79
CA SER RA 17 -31.34 -100.09 -24.08
C SER RA 17 -32.61 -100.91 -23.94
N THR RA 18 -33.77 -100.26 -23.90
CA THR RA 18 -35.05 -100.96 -23.83
C THR RA 18 -35.93 -100.54 -25.01
N THR RA 19 -36.41 -101.54 -25.75
CA THR RA 19 -37.54 -101.49 -26.68
C THR RA 19 -37.33 -100.63 -27.93
N GLY RA 20 -36.23 -99.89 -28.02
CA GLY RA 20 -35.93 -99.19 -29.26
C GLY RA 20 -36.87 -98.06 -29.61
N PHE RA 21 -36.79 -96.93 -28.92
CA PHE RA 21 -37.65 -95.79 -29.22
C PHE RA 21 -37.25 -95.12 -30.53
N LYS RA 22 -37.41 -95.83 -31.65
CA LYS RA 22 -36.70 -95.57 -32.90
C LYS RA 22 -37.56 -94.78 -33.88
N PHE RA 23 -38.04 -93.60 -33.47
CA PHE RA 23 -39.12 -92.99 -34.24
C PHE RA 23 -38.95 -91.49 -34.47
N LEU RA 24 -37.73 -90.95 -34.40
CA LEU RA 24 -37.55 -89.50 -34.41
C LEU RA 24 -36.60 -89.04 -35.49
N SER RA 25 -36.15 -87.79 -35.41
CA SER RA 25 -35.14 -87.27 -36.32
C SER RA 25 -33.92 -86.80 -35.54
N GLY RA 26 -32.85 -86.50 -36.27
CA GLY RA 26 -31.63 -86.01 -35.65
C GLY RA 26 -30.74 -85.34 -36.66
N SER RA 27 -29.93 -84.39 -36.19
CA SER RA 27 -29.08 -83.64 -37.10
C SER RA 27 -27.86 -84.44 -37.50
N THR RA 28 -27.12 -84.96 -36.53
CA THR RA 28 -25.89 -85.70 -36.81
C THR RA 28 -26.22 -87.05 -37.42
N LYS RA 29 -25.26 -87.58 -38.17
CA LYS RA 29 -25.47 -88.72 -39.06
C LYS RA 29 -24.30 -89.69 -38.82
N GLY RA 30 -24.12 -90.65 -39.72
CA GLY RA 30 -23.11 -91.66 -39.47
C GLY RA 30 -23.05 -92.82 -40.44
N SER RA 31 -23.13 -94.04 -39.91
CA SER RA 31 -23.24 -95.26 -40.69
C SER RA 31 -24.68 -95.73 -40.71
N SER RA 32 -25.22 -95.93 -41.92
CA SER RA 32 -26.65 -96.20 -42.13
C SER RA 32 -26.87 -97.70 -41.95
N GLU RA 33 -27.40 -98.08 -40.81
CA GLU RA 33 -27.43 -99.48 -40.40
C GLU RA 33 -28.85 -100.03 -40.31
N THR RA 34 -29.70 -99.42 -39.48
CA THR RA 34 -31.08 -99.90 -39.34
C THR RA 34 -31.96 -99.17 -40.34
N VAL RA 35 -31.81 -99.57 -41.60
CA VAL RA 35 -32.67 -99.08 -42.67
C VAL RA 35 -33.92 -99.94 -42.62
N GLU RA 36 -34.89 -99.53 -41.80
CA GLU RA 36 -36.00 -100.39 -41.44
C GLU RA 36 -37.31 -99.69 -41.76
N TRP RA 37 -38.37 -100.48 -41.88
CA TRP RA 37 -39.63 -99.92 -42.36
C TRP RA 37 -40.45 -99.29 -41.26
N GLU RA 38 -40.54 -99.94 -40.10
CA GLU RA 38 -41.26 -99.42 -38.95
C GLU RA 38 -40.53 -98.24 -38.31
N ASP RA 39 -39.29 -97.99 -38.69
CA ASP RA 39 -38.44 -96.95 -38.19
C ASP RA 39 -37.97 -96.12 -39.37
N GLY RA 40 -36.99 -95.27 -39.14
CA GLY RA 40 -36.37 -94.56 -40.24
C GLY RA 40 -35.54 -95.47 -41.12
N ASN RA 41 -35.51 -95.16 -42.41
CA ASN RA 41 -34.54 -95.75 -43.33
C ASN RA 41 -33.25 -94.92 -43.36
N THR RA 42 -32.74 -94.62 -42.17
CA THR RA 42 -31.66 -93.67 -41.98
C THR RA 42 -30.71 -94.23 -40.93
N TYR RA 43 -29.91 -93.34 -40.37
CA TYR RA 43 -28.86 -93.73 -39.45
C TYR RA 43 -29.45 -94.09 -38.09
N PRO RA 44 -28.91 -95.09 -37.42
CA PRO RA 44 -29.38 -95.39 -36.06
C PRO RA 44 -28.52 -94.82 -34.95
N LEU RA 45 -27.36 -94.26 -35.32
CA LEU RA 45 -26.22 -94.18 -34.40
C LEU RA 45 -26.45 -93.28 -33.20
N LEU RA 46 -27.44 -92.40 -33.26
CA LEU RA 46 -27.88 -91.74 -32.04
C LEU RA 46 -28.63 -92.79 -31.23
N ARG RA 47 -27.94 -93.35 -30.25
CA ARG RA 47 -28.40 -94.54 -29.55
C ARG RA 47 -28.56 -94.27 -28.07
N VAL RA 48 -29.28 -93.19 -27.74
CA VAL RA 48 -29.46 -92.78 -26.35
C VAL RA 48 -30.27 -93.83 -25.62
N GLU RA 49 -29.67 -94.41 -24.59
CA GLU RA 49 -30.27 -95.52 -23.87
C GLU RA 49 -30.98 -95.07 -22.60
N VAL RA 50 -31.27 -93.77 -22.47
CA VAL RA 50 -32.19 -93.33 -21.42
C VAL RA 50 -33.60 -93.75 -21.82
N THR RA 51 -34.18 -94.64 -21.04
CA THR RA 51 -35.43 -95.28 -21.40
C THR RA 51 -36.65 -94.41 -21.08
N SER RA 52 -36.41 -93.22 -20.53
CA SER RA 52 -37.32 -92.31 -19.83
C SER RA 52 -37.77 -92.87 -18.48
N ASP RA 53 -37.40 -94.12 -18.19
CA ASP RA 53 -37.37 -94.69 -16.86
C ASP RA 53 -35.94 -94.97 -16.41
N SER RA 54 -34.95 -94.51 -17.17
CA SER RA 54 -33.59 -94.46 -16.67
C SER RA 54 -33.47 -93.44 -15.55
N HIS RA 55 -34.29 -92.39 -15.60
CA HIS RA 55 -34.56 -91.54 -14.45
C HIS RA 55 -36.06 -91.62 -14.25
N PRO RA 56 -36.54 -92.68 -13.61
CA PRO RA 56 -37.97 -93.05 -13.63
C PRO RA 56 -38.81 -92.14 -12.74
N PHE RA 57 -38.96 -90.91 -13.18
CA PHE RA 57 -39.94 -90.02 -12.58
C PHE RA 57 -41.34 -90.52 -12.87
N TYR RA 58 -41.52 -91.17 -14.01
CA TYR RA 58 -42.79 -91.76 -14.38
C TYR RA 58 -43.05 -93.08 -13.65
N THR RA 59 -42.00 -93.82 -13.27
CA THR RA 59 -42.19 -95.15 -12.70
C THR RA 59 -41.66 -95.27 -11.29
N GLY RA 60 -40.41 -94.88 -11.04
CA GLY RA 60 -39.79 -95.13 -9.76
C GLY RA 60 -38.93 -96.38 -9.80
N ALA SA 1 -26.96 49.82 -8.99
CA ALA SA 1 -26.38 49.03 -10.06
C ALA SA 1 -26.22 49.86 -11.31
N VAL SA 2 -27.19 49.71 -12.19
CA VAL SA 2 -27.26 50.37 -13.49
C VAL SA 2 -28.67 50.92 -13.57
N PRO SA 3 -28.87 52.12 -14.12
CA PRO SA 3 -30.23 52.58 -14.41
C PRO SA 3 -30.97 51.60 -15.32
N ALA SA 4 -32.07 51.06 -14.80
CA ALA SA 4 -32.77 49.99 -15.49
C ALA SA 4 -33.46 50.47 -16.76
N ARG SA 5 -33.93 51.71 -16.78
CA ARG SA 5 -34.46 52.33 -17.98
C ARG SA 5 -34.07 53.80 -18.01
N ARG SA 6 -34.42 54.47 -19.09
CA ARG SA 6 -34.42 55.92 -19.06
C ARG SA 6 -35.45 56.39 -18.06
N THR SA 7 -35.10 57.45 -17.33
CA THR SA 7 -36.10 58.15 -16.55
C THR SA 7 -37.12 58.75 -17.50
N SER SA 8 -38.37 58.37 -17.33
CA SER SA 8 -39.43 58.81 -18.22
C SER SA 8 -39.66 60.32 -18.06
N LYS SA 9 -40.42 60.89 -19.00
CA LYS SA 9 -40.56 62.34 -19.09
C LYS SA 9 -41.22 62.98 -17.88
N ALA SA 10 -41.98 62.20 -17.11
CA ALA SA 10 -42.59 62.75 -15.90
C ALA SA 10 -41.55 63.02 -14.84
N LYS SA 11 -40.59 62.13 -14.69
CA LYS SA 11 -39.78 62.22 -13.49
C LYS SA 11 -38.67 63.25 -13.60
N LYS SA 12 -38.39 63.80 -14.77
CA LYS SA 12 -37.48 64.93 -14.86
C LYS SA 12 -38.02 66.12 -14.09
N ALA SA 13 -39.25 66.51 -14.40
CA ALA SA 13 -39.88 67.60 -13.68
C ALA SA 13 -40.18 67.22 -12.25
N LYS SA 14 -40.67 65.99 -12.03
CA LYS SA 14 -41.06 65.62 -10.67
C LYS SA 14 -39.87 65.52 -9.73
N ARG SA 15 -38.66 65.27 -10.24
CA ARG SA 15 -37.48 65.60 -9.44
C ARG SA 15 -37.34 67.11 -9.31
N ARG SA 16 -37.25 67.81 -10.43
CA ARG SA 16 -36.73 69.18 -10.42
C ARG SA 16 -37.70 70.21 -9.87
N THR SA 17 -38.81 69.80 -9.25
CA THR SA 17 -39.63 70.71 -8.45
C THR SA 17 -38.84 71.41 -7.36
N HIS SA 18 -37.94 70.72 -6.68
CA HIS SA 18 -37.24 71.29 -5.55
C HIS SA 18 -35.90 71.85 -5.99
N TYR SA 19 -35.83 72.33 -7.23
CA TYR SA 19 -34.61 72.93 -7.74
C TYR SA 19 -34.85 74.38 -8.14
N LYS SA 20 -35.43 75.17 -7.25
CA LYS SA 20 -35.74 76.55 -7.58
C LYS SA 20 -34.59 77.46 -7.20
N LEU SA 21 -34.57 78.66 -7.75
CA LEU SA 21 -33.69 79.70 -7.27
C LEU SA 21 -34.49 80.72 -6.47
N THR SA 22 -33.94 81.14 -5.34
CA THR SA 22 -34.62 82.07 -4.45
C THR SA 22 -33.71 83.25 -4.12
N ILE SA 23 -34.26 84.45 -4.20
CA ILE SA 23 -33.61 85.67 -3.75
C ILE SA 23 -34.55 86.36 -2.79
N LYS SA 24 -34.07 86.64 -1.58
CA LYS SA 24 -34.92 87.14 -0.52
C LYS SA 24 -34.18 88.19 0.30
N GLY SA 25 -34.93 88.97 1.05
CA GLY SA 25 -34.35 90.02 1.86
C GLY SA 25 -33.85 91.19 1.05
N LEU SA 26 -34.76 91.95 0.45
CA LEU SA 26 -34.42 93.14 -0.32
C LEU SA 26 -35.26 94.30 0.16
N ASN SA 27 -34.61 95.43 0.45
CA ASN SA 27 -35.29 96.57 1.04
C ASN SA 27 -34.74 97.87 0.48
N ALA SA 28 -35.58 98.90 0.52
CA ALA SA 28 -35.22 100.20 -0.01
C ALA SA 28 -34.10 100.84 0.80
N CYS SA 29 -33.36 101.73 0.16
CA CYS SA 29 -32.31 102.46 0.83
C CYS SA 29 -32.88 103.47 1.81
N SER SA 30 -32.02 104.02 2.64
CA SER SA 30 -32.37 105.20 3.42
C SER SA 30 -32.11 106.47 2.65
N ASN SA 31 -31.55 106.37 1.45
CA ASN SA 31 -31.14 107.55 0.69
C ASN SA 31 -31.56 107.55 -0.76
N CYS SA 32 -31.82 106.38 -1.36
CA CYS SA 32 -32.24 106.35 -2.76
C CYS SA 32 -33.36 105.37 -3.03
N GLY SA 33 -33.84 104.63 -2.04
CA GLY SA 33 -34.98 103.77 -2.22
C GLY SA 33 -34.74 102.54 -3.07
N GLU SA 34 -33.49 102.16 -3.29
CA GLU SA 34 -33.17 101.04 -4.15
C GLU SA 34 -33.21 99.75 -3.34
N MET SA 35 -33.83 98.73 -3.92
CA MET SA 35 -34.22 97.56 -3.15
C MET SA 35 -33.02 96.70 -2.80
N LYS SA 36 -32.32 97.03 -1.73
CA LYS SA 36 -31.06 96.40 -1.40
C LYS SA 36 -31.20 95.52 -0.17
N LYS SA 37 -30.14 94.78 0.13
CA LYS SA 37 -30.21 93.76 1.15
C LYS SA 37 -30.21 94.36 2.54
N SER SA 38 -31.09 93.81 3.39
CA SER SA 38 -31.04 94.06 4.81
C SER SA 38 -29.71 93.60 5.36
N HIS SA 39 -29.21 94.35 6.33
CA HIS SA 39 -27.92 94.13 6.98
C HIS SA 39 -26.79 94.15 5.96
N HIS SA 40 -26.87 95.07 5.01
CA HIS SA 40 -25.82 95.17 4.00
C HIS SA 40 -25.60 96.59 3.55
N VAL SA 41 -24.33 96.88 3.26
CA VAL SA 41 -23.92 98.20 2.77
C VAL SA 41 -24.48 98.38 1.37
N CYS SA 42 -25.09 99.54 1.15
CA CYS SA 42 -25.57 99.88 -0.18
C CYS SA 42 -24.39 100.07 -1.12
N PRO SA 43 -24.37 99.39 -2.27
CA PRO SA 43 -23.27 99.60 -3.21
C PRO SA 43 -23.27 100.97 -3.86
N ALA SA 44 -24.43 101.59 -4.03
CA ALA SA 44 -24.50 102.92 -4.61
C ALA SA 44 -24.55 104.02 -3.56
N CYS SA 45 -25.36 103.86 -2.52
CA CYS SA 45 -25.39 104.85 -1.46
C CYS SA 45 -24.15 104.73 -0.58
N GLY SA 46 -23.96 103.58 0.05
CA GLY SA 46 -22.86 103.41 0.98
C GLY SA 46 -23.17 103.98 2.34
N HIS SA 47 -24.25 103.51 2.96
CA HIS SA 47 -24.73 104.13 4.18
C HIS SA 47 -25.34 103.09 5.11
N TYR SA 48 -25.10 103.27 6.40
CA TYR SA 48 -25.90 102.67 7.46
C TYR SA 48 -26.61 103.76 8.24
N ASP SA 49 -27.77 104.16 7.73
CA ASP SA 49 -28.60 105.22 8.28
C ASP SA 49 -27.80 106.52 8.42
N GLY SA 50 -27.43 107.06 7.28
CA GLY SA 50 -26.84 108.38 7.23
C GLY SA 50 -25.38 108.44 7.58
N LYS SA 51 -24.59 107.48 7.13
CA LYS SA 51 -23.17 107.46 7.43
C LYS SA 51 -22.42 107.35 6.11
N ASP SA 52 -21.42 108.19 5.90
CA ASP SA 52 -20.54 108.03 4.73
C ASP SA 52 -19.59 106.88 4.99
N VAL SA 53 -20.13 105.67 4.84
CA VAL SA 53 -19.38 104.47 5.21
C VAL SA 53 -18.28 104.23 4.19
N MET SA 54 -18.67 104.02 2.94
CA MET SA 54 -17.72 103.79 1.86
C MET SA 54 -17.26 105.15 1.35
N SER SA 55 -16.34 105.76 2.09
CA SER SA 55 -15.91 107.11 1.80
C SER SA 55 -14.51 107.32 2.33
N LYS SA 56 -13.80 108.25 1.73
CA LYS SA 56 -12.45 108.60 2.15
C LYS SA 56 -12.28 110.09 2.29
N MET TA 1 -14.21 -30.39 -46.63
CA MET TA 1 -15.11 -31.53 -46.72
C MET TA 1 -15.97 -31.47 -47.97
N ARG TA 2 -16.74 -30.40 -48.10
CA ARG TA 2 -17.63 -30.22 -49.23
C ARG TA 2 -17.13 -29.06 -50.07
N VAL TA 3 -16.96 -29.28 -51.36
CA VAL TA 3 -16.42 -28.31 -52.28
C VAL TA 3 -17.41 -28.13 -53.41
N ASN TA 4 -17.59 -26.89 -53.87
CA ASN TA 4 -18.39 -26.59 -55.05
C ASN TA 4 -17.85 -27.29 -56.28
N ILE TA 5 -18.64 -28.22 -56.83
CA ILE TA 5 -18.20 -29.10 -57.90
C ILE TA 5 -19.11 -28.88 -59.10
N THR TA 6 -18.53 -28.93 -60.30
CA THR TA 6 -19.27 -28.81 -61.54
C THR TA 6 -19.12 -30.09 -62.34
N LEU TA 7 -20.23 -30.57 -62.89
CA LEU TA 7 -20.19 -31.75 -63.74
C LEU TA 7 -19.61 -31.39 -65.09
N GLU TA 8 -18.78 -32.28 -65.62
CA GLU TA 8 -18.25 -32.16 -66.97
C GLU TA 8 -19.00 -33.10 -67.89
N CYS TA 9 -19.56 -32.55 -68.96
CA CYS TA 9 -20.11 -33.38 -70.02
C CYS TA 9 -18.95 -33.88 -70.86
N THR TA 10 -18.69 -35.18 -70.82
CA THR TA 10 -17.58 -35.76 -71.56
C THR TA 10 -17.87 -35.86 -73.04
N SER TA 11 -19.07 -35.52 -73.49
CA SER TA 11 -19.41 -35.56 -74.90
C SER TA 11 -19.19 -34.21 -75.58
N CYS TA 12 -19.90 -33.18 -75.14
CA CYS TA 12 -19.81 -31.89 -75.81
C CYS TA 12 -18.64 -31.05 -75.33
N LYS TA 13 -18.03 -31.42 -74.20
CA LYS TA 13 -16.96 -30.68 -73.53
C LYS TA 13 -17.39 -29.25 -73.19
N GLU TA 14 -18.38 -29.17 -72.30
CA GLU TA 14 -18.85 -27.90 -71.75
C GLU TA 14 -19.07 -28.04 -70.26
N ARG TA 15 -18.71 -27.00 -69.50
CA ARG TA 15 -18.81 -27.03 -68.05
C ARG TA 15 -20.26 -26.82 -67.63
N ASN TA 16 -21.07 -27.85 -67.84
CA ASN TA 16 -22.51 -27.62 -67.95
C ASN TA 16 -23.22 -27.54 -66.60
N TYR TA 17 -23.25 -28.64 -65.85
CA TYR TA 17 -24.00 -28.57 -64.61
C TYR TA 17 -23.12 -28.14 -63.45
N LEU TA 18 -23.72 -28.14 -62.25
CA LEU TA 18 -23.07 -27.75 -61.02
C LEU TA 18 -23.83 -28.40 -59.88
N THR TA 19 -23.10 -28.89 -58.88
CA THR TA 19 -23.68 -29.62 -57.76
C THR TA 19 -22.72 -29.57 -56.58
N ASN TA 20 -22.95 -30.42 -55.58
CA ASN TA 20 -22.12 -30.46 -54.38
C ASN TA 20 -22.03 -31.89 -53.87
N LYS TA 21 -20.84 -32.25 -53.42
CA LYS TA 21 -20.57 -33.56 -52.82
C LYS TA 21 -19.86 -33.36 -51.49
N ASN TA 22 -19.54 -34.47 -50.82
CA ASN TA 22 -18.68 -34.46 -49.63
C ASN TA 22 -17.54 -35.43 -49.88
N LYS TA 23 -16.32 -34.91 -49.93
CA LYS TA 23 -15.20 -35.73 -50.39
C LYS TA 23 -14.66 -36.67 -49.33
N ARG TA 24 -15.27 -36.72 -48.14
CA ARG TA 24 -14.94 -37.80 -47.21
C ARG TA 24 -15.62 -39.10 -47.62
N ASN TA 25 -16.75 -39.00 -48.30
CA ASN TA 25 -17.51 -40.17 -48.73
C ASN TA 25 -17.02 -40.71 -50.05
N ASN TA 26 -16.64 -39.82 -50.97
CA ASN TA 26 -16.42 -40.18 -52.36
C ASN TA 26 -15.13 -39.53 -52.83
N PRO TA 27 -14.04 -40.28 -52.88
CA PRO TA 27 -12.80 -39.73 -53.45
C PRO TA 27 -12.71 -39.93 -54.95
N ASP TA 28 -13.83 -40.22 -55.58
CA ASP TA 28 -13.89 -40.57 -56.99
C ASP TA 28 -14.20 -39.33 -57.83
N ARG TA 29 -14.50 -39.56 -59.09
CA ARG TA 29 -15.08 -38.54 -59.96
C ARG TA 29 -16.53 -38.90 -60.17
N LEU TA 30 -17.43 -37.95 -59.88
CA LEU TA 30 -18.85 -38.23 -59.85
C LEU TA 30 -19.39 -38.49 -61.24
N GLU TA 31 -20.07 -39.62 -61.41
CA GLU TA 31 -20.58 -40.01 -62.71
C GLU TA 31 -22.06 -40.34 -62.59
N LYS TA 32 -22.90 -39.54 -63.25
CA LYS TA 32 -24.33 -39.74 -63.29
C LYS TA 32 -24.82 -39.66 -64.71
N GLN TA 33 -26.10 -39.97 -64.88
CA GLN TA 33 -26.80 -39.89 -66.16
C GLN TA 33 -27.66 -38.64 -66.15
N LYS TA 34 -27.16 -37.58 -66.77
CA LYS TA 34 -27.86 -36.31 -66.79
C LYS TA 34 -28.13 -35.90 -68.23
N TYR TA 35 -28.92 -34.85 -68.38
CA TYR TA 35 -29.35 -34.34 -69.67
C TYR TA 35 -28.41 -33.24 -70.15
N CYS TA 36 -28.31 -33.10 -71.47
CA CYS TA 36 -27.59 -32.00 -72.06
C CYS TA 36 -28.49 -31.22 -73.00
N PRO TA 37 -28.47 -29.90 -72.97
CA PRO TA 37 -29.31 -29.12 -73.89
C PRO TA 37 -28.77 -29.10 -75.31
N ARG TA 38 -27.44 -29.03 -75.46
CA ARG TA 38 -26.84 -28.96 -76.79
C ARG TA 38 -26.94 -30.29 -77.52
N GLU TA 39 -27.12 -31.39 -76.79
CA GLU TA 39 -27.14 -32.71 -77.40
C GLU TA 39 -28.46 -33.45 -77.26
N ARG TA 40 -29.32 -33.04 -76.33
CA ARG TA 40 -30.72 -33.47 -76.21
C ARG TA 40 -30.85 -34.98 -75.99
N LYS TA 41 -29.91 -35.55 -75.25
CA LYS TA 41 -29.96 -36.97 -74.92
C LYS TA 41 -29.18 -37.18 -73.63
N VAL TA 42 -29.66 -38.15 -72.83
CA VAL TA 42 -29.05 -38.48 -71.54
C VAL TA 42 -27.61 -38.92 -71.75
N THR TA 43 -26.69 -38.23 -71.08
CA THR TA 43 -25.26 -38.37 -71.33
C THR TA 43 -24.56 -38.64 -70.02
N LEU TA 44 -23.59 -39.55 -70.05
CA LEU TA 44 -22.70 -39.77 -68.92
C LEU TA 44 -21.87 -38.52 -68.64
N HIS TA 45 -22.05 -37.95 -67.44
CA HIS TA 45 -21.34 -36.75 -67.03
C HIS TA 45 -20.34 -37.10 -65.95
N ARG TA 46 -19.11 -36.62 -66.09
CA ARG TA 46 -18.06 -36.88 -65.12
C ARG TA 46 -17.74 -35.61 -64.34
N GLU TA 47 -16.93 -35.77 -63.31
CA GLU TA 47 -16.35 -34.62 -62.62
C GLU TA 47 -15.35 -33.93 -63.54
N THR TA 48 -15.27 -32.60 -63.44
CA THR TA 48 -14.20 -31.87 -64.09
C THR TA 48 -12.85 -32.29 -63.53
N LYS TA 49 -11.84 -32.28 -64.40
CA LYS TA 49 -10.51 -32.73 -64.05
C LYS TA 49 -9.59 -31.55 -63.76
N MET UA 1 9.31 53.22 -16.81
CA MET UA 1 8.64 52.78 -18.02
C MET UA 1 9.45 53.13 -19.26
N LYS UA 2 9.62 52.17 -20.17
CA LYS UA 2 10.11 52.40 -21.51
C LYS UA 2 8.99 52.16 -22.51
N ARG UA 3 8.90 53.03 -23.52
CA ARG UA 3 7.97 52.83 -24.61
C ARG UA 3 8.70 52.94 -25.94
N THR UA 4 7.98 52.63 -27.01
CA THR UA 4 8.55 52.01 -28.20
C THR UA 4 9.14 53.00 -29.20
N TYR UA 5 8.33 53.91 -29.72
CA TYR UA 5 8.65 54.61 -30.96
C TYR UA 5 9.75 55.65 -30.79
N GLN UA 6 10.97 55.20 -30.58
CA GLN UA 6 11.97 56.16 -30.15
C GLN UA 6 12.76 56.70 -31.33
N PRO UA 7 13.06 57.99 -31.34
CA PRO UA 7 13.58 58.62 -32.55
C PRO UA 7 15.10 58.68 -32.63
N ASN UA 8 15.58 58.58 -33.87
CA ASN UA 8 16.94 58.96 -34.24
C ASN UA 8 16.91 59.54 -35.65
N LYS UA 9 18.08 59.99 -36.10
CA LYS UA 9 18.21 60.51 -37.45
C LYS UA 9 19.10 59.63 -38.31
N ARG UA 10 19.98 58.83 -37.72
CA ARG UA 10 20.66 57.84 -38.53
C ARG UA 10 19.78 56.62 -38.76
N LYS UA 11 19.10 56.13 -37.71
CA LYS UA 11 18.42 54.85 -37.80
C LYS UA 11 17.23 54.90 -38.76
N ARG UA 12 16.41 55.94 -38.65
CA ARG UA 12 15.28 56.09 -39.54
C ARG UA 12 15.64 56.75 -40.86
N GLN UA 13 16.93 56.74 -41.21
CA GLN UA 13 17.36 57.08 -42.55
C GLN UA 13 18.30 56.05 -43.16
N LYS UA 14 18.78 55.10 -42.37
CA LYS UA 14 19.47 53.93 -42.88
C LYS UA 14 18.68 52.65 -42.59
N VAL UA 15 17.39 52.77 -42.34
CA VAL UA 15 16.46 51.67 -42.52
C VAL UA 15 15.37 52.00 -43.52
N HIS UA 16 14.78 53.19 -43.39
CA HIS UA 16 13.72 53.60 -44.30
C HIS UA 16 14.17 54.71 -45.24
N GLY UA 17 15.48 54.87 -45.43
CA GLY UA 17 15.98 55.86 -46.34
C GLY UA 17 15.77 55.50 -47.79
N PHE UA 18 16.18 56.43 -48.66
CA PHE UA 18 15.87 56.29 -50.08
C PHE UA 18 16.75 55.25 -50.73
N ARG UA 19 18.03 55.22 -50.37
CA ARG UA 19 18.97 54.29 -50.96
C ARG UA 19 18.62 52.85 -50.64
N LYS UA 20 18.25 52.58 -49.40
CA LYS UA 20 17.96 51.22 -48.99
C LYS UA 20 16.54 50.80 -49.28
N ARG UA 21 15.88 51.45 -50.23
CA ARG UA 21 14.88 50.78 -51.02
C ARG UA 21 15.24 50.78 -52.48
N MET UA 22 16.40 51.33 -52.85
CA MET UA 22 16.93 51.20 -54.20
C MET UA 22 17.92 50.07 -54.36
N SER UA 23 18.56 49.64 -53.28
CA SER UA 23 19.65 48.68 -53.38
C SER UA 23 19.18 47.23 -53.49
N THR UA 24 17.87 46.99 -53.51
CA THR UA 24 17.37 45.61 -53.54
C THR UA 24 16.44 45.40 -54.72
N LYS UA 25 15.71 44.30 -54.71
CA LYS UA 25 14.57 44.13 -55.60
C LYS UA 25 13.35 43.65 -54.83
N ASN UA 26 13.16 44.17 -53.63
CA ASN UA 26 11.86 44.10 -52.98
C ASN UA 26 11.45 45.42 -52.38
N GLY UA 27 12.23 46.48 -52.58
CA GLY UA 27 11.78 47.82 -52.31
C GLY UA 27 11.31 48.44 -53.61
N ARG UA 28 11.81 47.90 -54.72
CA ARG UA 28 11.36 48.34 -56.03
C ARG UA 28 9.93 47.95 -56.29
N ARG UA 29 9.44 46.89 -55.66
CA ARG UA 29 8.01 46.66 -55.62
C ARG UA 29 7.32 47.79 -54.87
N VAL UA 30 7.91 48.22 -53.76
CA VAL UA 30 7.25 49.17 -52.87
C VAL UA 30 7.21 50.55 -53.52
N LEU UA 31 8.26 50.90 -54.27
CA LEU UA 31 8.33 52.18 -54.96
C LEU UA 31 7.22 52.31 -55.99
N ALA UA 32 7.14 51.34 -56.90
CA ALA UA 32 6.12 51.40 -57.93
C ALA UA 32 4.73 51.19 -57.37
N SER UA 33 4.62 50.42 -56.28
CA SER UA 33 3.30 50.19 -55.70
C SER UA 33 2.80 51.42 -54.97
N ARG UA 34 3.70 52.27 -54.49
CA ARG UA 34 3.23 53.52 -53.88
C ARG UA 34 3.03 54.60 -54.94
N ARG UA 35 3.87 54.63 -55.98
CA ARG UA 35 3.66 55.55 -57.10
C ARG UA 35 2.40 55.23 -57.88
N ARG UA 36 1.91 54.00 -57.81
CA ARG UA 36 0.60 53.64 -58.31
C ARG UA 36 -0.48 53.78 -57.26
N LYS UA 37 -0.23 54.52 -56.18
CA LYS UA 37 -1.26 54.94 -55.25
C LYS UA 37 -1.46 56.45 -55.23
N GLY UA 38 -0.51 57.23 -55.73
CA GLY UA 38 -0.63 58.67 -55.69
C GLY UA 38 -0.12 59.32 -54.42
N ARG UA 39 0.49 58.56 -53.53
CA ARG UA 39 0.97 59.09 -52.26
C ARG UA 39 2.31 59.78 -52.45
N LYS UA 40 2.45 60.98 -51.88
CA LYS UA 40 3.64 61.78 -52.09
C LYS UA 40 4.85 61.19 -51.38
N VAL UA 41 4.74 60.93 -50.08
CA VAL UA 41 5.88 60.56 -49.27
C VAL UA 41 6.29 59.13 -49.62
N ILE UA 42 7.39 59.02 -50.34
CA ILE UA 42 7.86 57.73 -50.82
C ILE UA 42 8.46 56.97 -49.64
N SER UA 43 9.55 57.49 -49.10
CA SER UA 43 10.19 57.02 -47.88
C SER UA 43 11.18 58.11 -47.48
N ALA UA 44 12.03 57.84 -46.50
CA ALA UA 44 13.00 58.83 -46.04
C ALA UA 44 14.21 58.89 -46.96
N PRO VA 1 -23.55 27.39 -69.85
CA PRO VA 1 -22.99 26.25 -70.57
C PRO VA 1 -24.08 25.29 -71.08
N LYS VA 2 -23.90 24.00 -70.83
CA LYS VA 2 -24.92 23.01 -71.11
C LYS VA 2 -25.08 22.16 -69.86
N GLN VA 3 -26.05 21.25 -69.89
CA GLN VA 3 -26.06 20.22 -68.86
C GLN VA 3 -24.93 19.21 -69.12
N LYS VA 4 -24.75 18.30 -68.17
CA LYS VA 4 -23.83 17.20 -68.37
C LYS VA 4 -24.53 15.88 -68.08
N THR VA 5 -24.18 14.88 -68.87
CA THR VA 5 -24.81 13.59 -68.86
C THR VA 5 -24.00 12.62 -68.01
N HIS VA 6 -24.69 11.87 -67.17
CA HIS VA 6 -24.05 11.00 -66.20
C HIS VA 6 -23.69 9.67 -66.85
N ARG VA 7 -22.40 9.47 -67.11
CA ARG VA 7 -21.94 8.27 -67.80
C ARG VA 7 -22.09 7.00 -66.98
N GLY VA 8 -22.39 7.11 -65.68
CA GLY VA 8 -22.82 5.93 -64.96
C GLY VA 8 -24.10 5.36 -65.51
N LEU VA 9 -24.98 6.23 -66.01
CA LEU VA 9 -26.23 5.79 -66.59
C LEU VA 9 -26.09 5.49 -68.07
N ALA VA 10 -25.16 6.14 -68.76
CA ALA VA 10 -24.96 5.90 -70.18
C ALA VA 10 -24.35 4.53 -70.46
N LYS VA 11 -23.83 3.87 -69.44
CA LYS VA 11 -23.22 2.56 -69.58
C LYS VA 11 -24.05 1.49 -68.91
N ARG VA 12 -25.25 1.82 -68.47
CA ARG VA 12 -26.08 0.85 -67.75
C ARG VA 12 -27.54 0.86 -68.14
N VAL VA 13 -28.04 1.87 -68.86
CA VAL VA 13 -29.47 2.07 -69.08
C VAL VA 13 -29.72 2.12 -70.57
N LYS VA 14 -30.86 1.58 -71.02
CA LYS VA 14 -31.31 1.79 -72.40
C LYS VA 14 -32.78 2.22 -72.44
N ARG VA 15 -33.08 3.09 -73.40
CA ARG VA 15 -34.35 3.77 -73.51
C ARG VA 15 -35.29 3.03 -74.44
N THR VA 16 -36.54 2.85 -74.01
CA THR VA 16 -37.54 2.21 -74.85
C THR VA 16 -38.16 3.23 -75.80
N GLY VA 17 -39.28 2.87 -76.42
CA GLY VA 17 -39.94 3.75 -77.36
C GLY VA 17 -40.97 4.64 -76.70
N GLY VA 18 -41.60 4.15 -75.64
CA GLY VA 18 -42.60 4.93 -74.94
C GLY VA 18 -42.04 5.70 -73.76
N GLY VA 19 -40.82 6.22 -73.90
CA GLY VA 19 -40.19 6.99 -72.86
C GLY VA 19 -39.53 6.19 -71.76
N GLY VA 20 -39.95 4.94 -71.54
CA GLY VA 20 -39.46 4.14 -70.43
C GLY VA 20 -38.02 3.67 -70.63
N LEU VA 21 -37.48 3.10 -69.56
CA LEU VA 21 -36.06 2.76 -69.49
C LEU VA 21 -35.90 1.30 -69.10
N LYS VA 22 -35.09 0.57 -69.87
CA LYS VA 22 -34.69 -0.77 -69.50
C LYS VA 22 -33.30 -0.75 -68.88
N ARG VA 23 -33.13 -1.58 -67.85
CA ARG VA 23 -31.84 -1.80 -67.22
C ARG VA 23 -31.69 -3.29 -66.93
N GLY VA 24 -30.47 -3.78 -67.08
CA GLY VA 24 -30.19 -5.19 -66.82
C GLY VA 24 -30.03 -5.45 -65.34
N ARG VA 25 -30.65 -6.53 -64.85
CA ARG VA 25 -30.87 -6.72 -63.44
C ARG VA 25 -29.57 -7.04 -62.70
N ALA VA 26 -29.71 -7.13 -61.38
CA ALA VA 26 -28.56 -7.27 -60.49
C ALA VA 26 -28.30 -8.73 -60.15
N PHE VA 27 -27.27 -8.95 -59.32
CA PHE VA 27 -26.86 -10.24 -58.78
C PHE VA 27 -26.47 -11.23 -59.88
N THR VA 28 -25.47 -10.85 -60.70
CA THR VA 28 -25.06 -11.69 -61.83
C THR VA 28 -23.56 -11.92 -61.90
N SER VA 29 -22.81 -11.63 -60.86
CA SER VA 29 -21.35 -11.76 -60.95
C SER VA 29 -20.77 -12.33 -59.67
N HIS VA 30 -21.37 -13.40 -59.15
CA HIS VA 30 -21.12 -13.76 -57.75
C HIS VA 30 -21.22 -15.24 -57.45
N ARG VA 31 -21.53 -15.52 -56.19
CA ARG VA 31 -21.75 -16.87 -55.67
C ARG VA 31 -23.04 -17.45 -56.25
N PHE VA 32 -22.92 -18.00 -57.45
CA PHE VA 32 -24.08 -18.66 -58.03
C PHE VA 32 -24.38 -19.98 -57.37
N HIS VA 33 -23.38 -20.62 -56.74
CA HIS VA 33 -23.60 -21.90 -56.09
C HIS VA 33 -24.50 -21.78 -54.88
N GLY VA 34 -24.52 -20.59 -54.26
CA GLY VA 34 -25.51 -20.33 -53.23
C GLY VA 34 -26.86 -19.98 -53.81
N LYS VA 35 -26.88 -19.45 -55.03
CA LYS VA 35 -28.14 -19.17 -55.69
C LYS VA 35 -28.74 -20.45 -56.23
N THR VA 36 -30.05 -20.45 -56.42
CA THR VA 36 -30.74 -21.68 -56.79
C THR VA 36 -30.86 -21.79 -58.31
N LYS VA 37 -31.64 -22.77 -58.76
CA LYS VA 37 -31.95 -22.91 -60.17
C LYS VA 37 -32.91 -21.80 -60.60
N LYS VA 38 -34.01 -21.65 -59.87
CA LYS VA 38 -35.08 -20.78 -60.32
C LYS VA 38 -34.71 -19.32 -60.19
N GLN VA 39 -33.90 -18.98 -59.18
CA GLN VA 39 -33.44 -17.60 -59.07
C GLN VA 39 -32.53 -17.23 -60.21
N ARG VA 40 -31.65 -18.13 -60.62
CA ARG VA 40 -30.76 -17.77 -61.72
C ARG VA 40 -31.43 -17.89 -63.07
N ARG VA 41 -32.54 -18.63 -63.17
CA ARG VA 41 -33.27 -18.65 -64.43
C ARG VA 41 -34.12 -17.39 -64.57
N GLN VA 42 -34.90 -17.07 -63.56
CA GLN VA 42 -35.75 -15.89 -63.68
C GLN VA 42 -35.01 -14.59 -63.53
N LEU VA 43 -33.67 -14.59 -63.46
CA LEU VA 43 -32.88 -13.37 -63.53
C LEU VA 43 -32.01 -13.32 -64.76
N ARG VA 44 -32.35 -14.06 -65.82
CA ARG VA 44 -31.69 -13.82 -67.09
C ARG VA 44 -32.27 -12.63 -67.82
N LYS VA 45 -33.40 -12.12 -67.38
CA LYS VA 45 -34.28 -11.31 -68.20
C LYS VA 45 -34.42 -9.94 -67.55
N ALA VA 46 -34.08 -8.90 -68.30
CA ALA VA 46 -34.06 -7.55 -67.76
C ALA VA 46 -35.47 -7.03 -67.50
N SER VA 47 -35.54 -5.86 -66.88
CA SER VA 47 -36.82 -5.25 -66.57
C SER VA 47 -36.63 -3.75 -66.48
N MET VA 48 -37.71 -3.06 -66.11
CA MET VA 48 -37.83 -1.62 -66.23
C MET VA 48 -37.35 -0.93 -64.95
N VAL VA 49 -37.67 0.35 -64.83
CA VAL VA 49 -37.40 1.16 -63.65
C VAL VA 49 -38.74 1.66 -63.13
N ALA VA 50 -38.94 1.57 -61.83
CA ALA VA 50 -40.18 2.09 -61.26
C ALA VA 50 -40.17 3.62 -61.24
N LYS VA 51 -41.38 4.19 -61.24
CA LYS VA 51 -41.51 5.65 -61.27
C LYS VA 51 -41.03 6.29 -59.98
N GLY VA 52 -41.15 5.57 -58.87
CA GLY VA 52 -40.80 6.10 -57.56
C GLY VA 52 -39.34 6.46 -57.39
N ASP VA 53 -38.46 5.92 -58.24
CA ASP VA 53 -37.07 6.35 -58.29
C ASP VA 53 -36.74 7.04 -59.60
N TYR VA 54 -37.65 6.99 -60.56
CA TYR VA 54 -37.46 7.67 -61.83
C TYR VA 54 -37.44 9.18 -61.69
N LYS VA 55 -38.06 9.71 -60.63
CA LYS VA 55 -38.29 11.15 -60.53
C LYS VA 55 -37.00 11.91 -60.24
N ARG VA 56 -35.99 11.26 -59.68
CA ARG VA 56 -34.76 11.99 -59.40
C ARG VA 56 -33.71 11.76 -60.48
N ILE VA 57 -34.00 10.87 -61.43
CA ILE VA 57 -32.99 10.56 -62.42
C ILE VA 57 -33.31 11.25 -63.73
N ARG VA 58 -34.55 11.70 -63.89
CA ARG VA 58 -35.09 12.12 -65.19
C ARG VA 58 -34.35 13.32 -65.76
N GLN VA 59 -33.81 14.17 -64.89
CA GLN VA 59 -33.11 15.36 -65.37
C GLN VA 59 -31.72 15.00 -65.88
N GLN VA 60 -31.09 14.00 -65.27
CA GLN VA 60 -29.68 13.70 -65.55
C GLN VA 60 -29.44 13.19 -66.96
N LEU VA 61 -30.46 12.65 -67.63
CA LEU VA 61 -30.30 12.06 -68.95
C LEU VA 61 -31.03 12.94 -69.95
N ALA VA 62 -30.28 13.86 -70.56
CA ALA VA 62 -30.87 14.74 -71.57
C ALA VA 62 -31.20 13.97 -72.82
N ARG VA 63 -30.19 13.36 -73.43
CA ARG VA 63 -30.37 12.68 -74.71
C ARG VA 63 -30.10 11.19 -74.61
N MET VA 64 -28.95 10.81 -74.09
CA MET VA 64 -28.67 9.42 -73.84
C MET VA 64 -28.36 9.24 -72.36
N MET WA 1 -50.11 9.04 31.86
CA MET WA 1 -51.34 8.63 31.19
C MET WA 1 -51.10 7.77 29.96
N LYS WA 2 -52.00 6.81 29.77
CA LYS WA 2 -51.99 5.99 28.57
C LYS WA 2 -53.03 6.57 27.63
N VAL WA 3 -52.58 7.39 26.71
CA VAL WA 3 -53.41 7.90 25.63
C VAL WA 3 -52.92 7.27 24.34
N ARG WA 4 -53.50 6.14 23.99
CA ARG WA 4 -53.26 5.24 22.87
C ARG WA 4 -54.32 5.45 21.81
N PRO WA 5 -54.00 5.25 20.54
CA PRO WA 5 -55.04 5.34 19.51
C PRO WA 5 -56.03 4.19 19.57
N SER WA 6 -55.56 2.95 19.73
CA SER WA 6 -56.49 1.88 20.00
C SER WA 6 -56.93 1.94 21.45
N VAL WA 7 -58.18 1.56 21.69
CA VAL WA 7 -58.80 1.65 23.00
C VAL WA 7 -59.54 0.35 23.30
N LYS WA 8 -59.24 -0.24 24.45
CA LYS WA 8 -59.78 -1.53 24.88
C LYS WA 8 -60.01 -1.52 26.38
N PRO WA 9 -61.04 -2.23 26.85
CA PRO WA 9 -61.20 -2.44 28.28
C PRO WA 9 -60.16 -3.41 28.82
N MET WA 10 -59.86 -3.28 30.12
CA MET WA 10 -58.86 -4.12 30.78
C MET WA 10 -59.42 -4.93 31.94
N CYS WA 11 -60.04 -4.28 32.93
CA CYS WA 11 -60.55 -4.99 34.10
C CYS WA 11 -61.90 -5.63 33.78
N GLU WA 12 -62.56 -6.14 34.81
CA GLU WA 12 -63.94 -6.59 34.67
C GLU WA 12 -64.93 -5.47 34.85
N HIS WA 13 -64.47 -4.28 35.19
CA HIS WA 13 -65.37 -3.21 35.58
C HIS WA 13 -65.02 -1.93 34.84
N CYS WA 14 -64.68 -2.08 33.57
CA CYS WA 14 -64.30 -0.95 32.76
C CYS WA 14 -65.54 -0.16 32.34
N LYS WA 15 -65.30 0.99 31.74
CA LYS WA 15 -66.38 1.83 31.26
C LYS WA 15 -65.98 2.45 29.93
N VAL WA 16 -66.99 2.86 29.18
CA VAL WA 16 -66.80 3.66 27.97
C VAL WA 16 -67.74 4.85 28.07
N ILE WA 17 -67.20 6.03 28.32
CA ILE WA 17 -67.98 7.22 28.55
C ILE WA 17 -67.44 8.32 27.65
N ARG WA 18 -68.33 9.11 27.07
CA ARG WA 18 -67.95 10.34 26.42
C ARG WA 18 -68.16 11.49 27.40
N ARG WA 19 -67.07 12.02 27.95
CA ARG WA 19 -67.11 13.25 28.74
C ARG WA 19 -66.64 14.44 27.94
N LYS WA 20 -66.46 14.27 26.64
CA LYS WA 20 -65.71 15.18 25.78
C LYS WA 20 -66.33 15.15 24.39
N GLY WA 21 -65.52 15.46 23.39
CA GLY WA 21 -65.73 14.90 22.08
C GLY WA 21 -64.89 13.65 21.89
N ARG WA 22 -64.63 12.93 22.97
CA ARG WA 22 -63.67 11.83 22.98
C ARG WA 22 -64.25 10.69 23.80
N VAL WA 23 -63.41 9.70 24.12
CA VAL WA 23 -63.86 8.45 24.74
C VAL WA 23 -63.03 8.19 26.00
N MET WA 24 -63.71 7.96 27.11
CA MET WA 24 -63.08 7.64 28.37
C MET WA 24 -63.10 6.15 28.60
N VAL WA 25 -62.06 5.64 29.26
CA VAL WA 25 -62.08 4.32 29.88
C VAL WA 25 -61.57 4.48 31.31
N ILE WA 26 -62.44 4.16 32.28
CA ILE WA 26 -62.17 4.42 33.69
C ILE WA 26 -62.45 3.13 34.46
N CYS WA 27 -61.44 2.67 35.22
CA CYS WA 27 -61.63 1.64 36.21
C CYS WA 27 -61.49 2.24 37.59
N PRO WA 28 -62.41 1.97 38.50
CA PRO WA 28 -62.18 2.34 39.90
C PRO WA 28 -61.19 1.42 40.58
N ALA WA 29 -60.85 0.28 39.98
CA ALA WA 29 -60.00 -0.69 40.65
C ALA WA 29 -58.54 -0.24 40.66
N ASN WA 30 -58.07 0.36 39.58
CA ASN WA 30 -56.69 0.78 39.48
C ASN WA 30 -56.62 2.17 38.88
N PRO WA 31 -55.51 2.86 39.06
CA PRO WA 31 -55.26 4.06 38.24
C PRO WA 31 -54.45 3.70 37.02
N LYS WA 32 -54.29 2.40 36.76
CA LYS WA 32 -53.56 1.91 35.60
C LYS WA 32 -54.44 1.72 34.38
N HIS WA 33 -55.60 2.36 34.34
CA HIS WA 33 -56.54 2.12 33.26
C HIS WA 33 -57.14 3.38 32.67
N LYS WA 34 -56.70 4.57 33.10
CA LYS WA 34 -57.24 5.81 32.57
C LYS WA 34 -56.83 5.94 31.10
N GLN WA 35 -57.77 5.72 30.20
CA GLN WA 35 -57.48 5.64 28.79
C GLN WA 35 -58.38 6.58 28.02
N ARG WA 36 -57.79 7.51 27.30
CA ARG WA 36 -58.51 8.44 26.43
C ARG WA 36 -57.97 8.30 25.01
N GLN WA 37 -58.81 8.60 24.03
CA GLN WA 37 -58.42 8.42 22.65
C GLN WA 37 -57.54 9.57 22.19
N GLY WA 38 -56.46 9.24 21.50
CA GLY WA 38 -55.54 10.23 20.98
C GLY WA 38 -54.11 9.77 20.95
ZN ZN XA . 18.99 -84.19 32.27
ZN ZN YA . -28.92 103.39 0.18
ZN ZN ZA . -24.16 -35.11 -73.52
ZN ZN AB . -58.76 -1.88 34.16
#